data_2KUI
#
_entry.id   2KUI
#
_entity_poly.entity_id   1
_entity_poly.type   'polypeptide(L)'
_entity_poly.pdbx_seq_one_letter_code
;GHMGITRDVQVPDVRGQSSADAIATLQNRGFKIRTLQKPDSTIPPDHVIGTDPAANTSVSAGDEITVNVSTGPEQREIPD
VSTLTYAEAVKKLTAAGFGRFKQANSPSTPELVGKVIGTNPPANQTSAITNVVIIIVGSGPATKDIPDVAGQTVDVAQKN
LNVYGFTKFSQASVDSPRPAGEVTGTNPPAGTTVPVDSVIELQVSKGNQFVMPDLSGMFWVDAEPRLRALGWTGMLDKGA
DVDAGGSQHNRVVYQNPPAGTGVNRDGIITLRFGQ
;
_entity_poly.pdbx_strand_id   A
#
# COMPACT_ATOMS: atom_id res chain seq x y z
N GLY A 4 -47.76 -69.00 15.10
CA GLY A 4 -47.16 -69.45 16.33
C GLY A 4 -45.78 -68.90 16.50
N ILE A 5 -44.79 -69.76 16.44
CA ILE A 5 -43.43 -69.37 16.60
C ILE A 5 -42.93 -68.69 15.32
N THR A 6 -42.33 -67.55 15.49
CA THR A 6 -41.84 -66.77 14.41
C THR A 6 -40.63 -67.44 13.75
N ARG A 7 -40.63 -67.49 12.43
CA ARG A 7 -39.51 -68.02 11.70
C ARG A 7 -38.48 -66.90 11.53
N ASP A 8 -38.91 -65.71 11.86
CA ASP A 8 -38.08 -64.53 11.92
C ASP A 8 -37.19 -64.72 13.13
N VAL A 9 -36.01 -64.17 13.12
CA VAL A 9 -35.07 -64.48 14.15
C VAL A 9 -34.79 -63.26 14.99
N GLN A 10 -34.64 -63.48 16.26
CA GLN A 10 -34.45 -62.42 17.19
C GLN A 10 -32.96 -62.29 17.36
N VAL A 11 -32.51 -61.10 17.17
CA VAL A 11 -31.11 -60.80 17.07
C VAL A 11 -30.54 -60.29 18.41
N PRO A 12 -29.51 -61.00 18.95
CA PRO A 12 -28.89 -60.66 20.24
C PRO A 12 -28.25 -59.29 20.19
N ASP A 13 -28.48 -58.53 21.22
CA ASP A 13 -28.00 -57.19 21.29
C ASP A 13 -26.81 -57.15 22.24
N VAL A 14 -25.91 -56.26 22.00
CA VAL A 14 -24.69 -56.15 22.78
C VAL A 14 -24.40 -54.70 23.16
N ARG A 15 -25.43 -53.85 23.09
CA ARG A 15 -25.34 -52.42 23.46
C ARG A 15 -24.75 -52.21 24.86
N GLY A 16 -24.02 -51.12 25.03
CA GLY A 16 -23.37 -50.82 26.28
C GLY A 16 -21.87 -51.07 26.22
N GLN A 17 -21.39 -51.50 25.08
CA GLN A 17 -19.98 -51.77 24.94
C GLN A 17 -19.31 -50.76 24.01
N SER A 18 -19.29 -51.05 22.74
CA SER A 18 -18.67 -50.16 21.79
C SER A 18 -19.32 -50.34 20.45
N SER A 19 -19.09 -49.41 19.55
CA SER A 19 -19.63 -49.46 18.22
C SER A 19 -19.08 -50.69 17.50
N ALA A 20 -17.77 -50.88 17.63
CA ALA A 20 -17.06 -51.97 16.98
C ALA A 20 -17.59 -53.31 17.41
N ASP A 21 -17.79 -53.50 18.69
CA ASP A 21 -18.27 -54.79 19.20
C ASP A 21 -19.70 -55.04 18.73
N ALA A 22 -20.52 -54.02 18.76
CA ALA A 22 -21.91 -54.13 18.35
C ALA A 22 -22.03 -54.43 16.87
N ILE A 23 -21.32 -53.67 16.06
CA ILE A 23 -21.31 -53.86 14.63
C ILE A 23 -20.71 -55.22 14.27
N ALA A 24 -19.67 -55.62 15.00
CA ALA A 24 -18.98 -56.89 14.81
C ALA A 24 -19.94 -58.06 14.96
N THR A 25 -20.80 -57.98 15.96
CA THR A 25 -21.75 -59.05 16.24
C THR A 25 -22.76 -59.19 15.09
N LEU A 26 -23.33 -58.07 14.68
CA LEU A 26 -24.30 -58.04 13.61
C LEU A 26 -23.68 -58.44 12.28
N GLN A 27 -22.49 -57.93 12.02
CA GLN A 27 -21.77 -58.19 10.77
C GLN A 27 -21.43 -59.67 10.66
N ASN A 28 -21.06 -60.28 11.79
CA ASN A 28 -20.76 -61.71 11.84
C ASN A 28 -21.95 -62.53 11.44
N ARG A 29 -23.12 -62.08 11.85
CA ARG A 29 -24.36 -62.78 11.58
C ARG A 29 -24.89 -62.49 10.20
N GLY A 30 -24.34 -61.48 9.56
CA GLY A 30 -24.74 -61.16 8.22
C GLY A 30 -25.67 -59.99 8.17
N PHE A 31 -25.88 -59.36 9.29
CA PHE A 31 -26.71 -58.19 9.36
C PHE A 31 -25.97 -56.96 8.94
N LYS A 32 -26.73 -55.96 8.58
CA LYS A 32 -26.20 -54.71 8.16
C LYS A 32 -26.62 -53.65 9.15
N ILE A 33 -25.95 -52.54 9.14
CA ILE A 33 -26.23 -51.49 10.08
C ILE A 33 -26.30 -50.16 9.39
N ARG A 34 -26.98 -49.23 10.00
CA ARG A 34 -26.95 -47.88 9.55
C ARG A 34 -26.42 -47.05 10.68
N THR A 35 -25.42 -46.28 10.41
CA THR A 35 -24.79 -45.48 11.42
C THR A 35 -25.14 -44.02 11.18
N LEU A 36 -25.68 -43.38 12.17
CA LEU A 36 -26.07 -41.99 12.06
C LEU A 36 -25.15 -41.15 12.92
N GLN A 37 -24.42 -40.21 12.32
CA GLN A 37 -23.50 -39.34 13.05
C GLN A 37 -24.18 -38.01 13.35
N LYS A 38 -23.95 -37.51 14.53
CA LYS A 38 -24.42 -36.20 14.96
C LYS A 38 -23.27 -35.46 15.58
N PRO A 39 -22.96 -34.25 15.14
CA PRO A 39 -21.88 -33.45 15.73
C PRO A 39 -22.18 -33.11 17.21
N ASP A 40 -21.10 -33.11 18.03
CA ASP A 40 -21.10 -32.81 19.49
C ASP A 40 -21.38 -34.08 20.29
N SER A 41 -20.81 -34.18 21.46
CA SER A 41 -20.94 -35.37 22.27
C SER A 41 -21.97 -35.15 23.41
N THR A 42 -22.73 -34.05 23.35
CA THR A 42 -23.78 -33.79 24.33
C THR A 42 -24.97 -34.75 24.05
N ILE A 43 -24.98 -35.27 22.85
CA ILE A 43 -25.92 -36.29 22.47
C ILE A 43 -25.17 -37.62 22.45
N PRO A 44 -25.89 -38.76 22.71
CA PRO A 44 -25.34 -40.13 22.83
C PRO A 44 -24.00 -40.38 22.13
N PRO A 45 -22.93 -40.67 22.91
CA PRO A 45 -21.56 -40.86 22.40
C PRO A 45 -21.48 -41.95 21.34
N ASP A 46 -20.41 -41.92 20.57
CA ASP A 46 -20.21 -42.86 19.44
C ASP A 46 -20.21 -44.32 19.86
N HIS A 47 -20.14 -44.57 21.15
CA HIS A 47 -20.17 -45.93 21.67
C HIS A 47 -21.59 -46.27 21.98
N VAL A 48 -21.95 -47.51 21.85
CA VAL A 48 -23.32 -47.84 21.95
C VAL A 48 -23.77 -47.86 23.40
N ILE A 49 -24.67 -46.99 23.71
CA ILE A 49 -25.30 -46.96 25.01
C ILE A 49 -26.71 -47.47 24.87
N GLY A 50 -27.27 -47.27 23.70
CA GLY A 50 -28.58 -47.69 23.41
C GLY A 50 -28.67 -48.07 21.97
N THR A 51 -29.63 -48.87 21.66
CA THR A 51 -29.84 -49.38 20.32
C THR A 51 -31.32 -49.34 19.99
N ASP A 52 -31.66 -49.80 18.83
CA ASP A 52 -33.05 -49.81 18.39
C ASP A 52 -33.57 -51.22 18.53
N PRO A 53 -34.76 -51.40 19.14
CA PRO A 53 -35.35 -52.72 19.41
C PRO A 53 -35.71 -53.56 18.17
N ALA A 54 -35.40 -53.06 16.98
CA ALA A 54 -35.60 -53.81 15.73
C ALA A 54 -34.93 -55.16 15.85
N ALA A 55 -33.68 -55.14 16.30
CA ALA A 55 -32.89 -56.36 16.46
C ALA A 55 -33.44 -57.21 17.60
N ASN A 56 -34.04 -56.54 18.57
CA ASN A 56 -34.55 -57.21 19.76
C ASN A 56 -35.92 -57.83 19.46
N THR A 57 -36.41 -57.54 18.29
CA THR A 57 -37.63 -58.10 17.79
C THR A 57 -37.24 -59.21 16.81
N SER A 58 -38.12 -60.13 16.51
CA SER A 58 -37.78 -61.15 15.58
C SER A 58 -37.84 -60.57 14.14
N VAL A 59 -36.69 -60.49 13.49
CA VAL A 59 -36.58 -59.94 12.14
C VAL A 59 -35.94 -60.96 11.19
N SER A 60 -35.97 -60.68 9.93
CA SER A 60 -35.36 -61.53 8.94
C SER A 60 -33.84 -61.37 9.01
N ALA A 61 -33.10 -62.45 8.86
CA ALA A 61 -31.66 -62.40 8.92
C ALA A 61 -31.10 -61.66 7.72
N GLY A 62 -30.60 -60.48 7.97
CA GLY A 62 -30.04 -59.64 6.93
C GLY A 62 -30.76 -58.30 6.85
N ASP A 63 -31.13 -57.75 7.99
CA ASP A 63 -31.82 -56.46 8.04
C ASP A 63 -30.77 -55.39 8.38
N GLU A 64 -31.16 -54.12 8.46
CA GLU A 64 -30.25 -53.03 8.76
C GLU A 64 -30.63 -52.38 10.06
N ILE A 65 -29.78 -52.49 11.04
CA ILE A 65 -30.06 -51.92 12.34
C ILE A 65 -29.38 -50.54 12.48
N THR A 66 -30.15 -49.58 12.88
CA THR A 66 -29.70 -48.23 13.05
C THR A 66 -28.93 -48.04 14.37
N VAL A 67 -27.79 -47.42 14.29
CA VAL A 67 -26.98 -47.14 15.43
C VAL A 67 -26.81 -45.63 15.55
N ASN A 68 -26.98 -45.13 16.74
CA ASN A 68 -26.91 -43.71 16.98
C ASN A 68 -25.50 -43.37 17.44
N VAL A 69 -24.86 -42.52 16.71
CA VAL A 69 -23.49 -42.14 16.97
C VAL A 69 -23.37 -40.61 17.02
N SER A 70 -22.46 -40.11 17.80
CA SER A 70 -22.17 -38.72 17.83
C SER A 70 -20.69 -38.51 17.61
N THR A 71 -20.39 -37.41 17.02
CA THR A 71 -19.07 -37.04 16.61
C THR A 71 -18.57 -36.00 17.62
N GLY A 72 -17.26 -35.84 17.74
CA GLY A 72 -16.67 -34.90 18.69
C GLY A 72 -17.19 -33.44 18.59
N PRO A 73 -16.67 -32.56 19.46
CA PRO A 73 -17.10 -31.16 19.58
C PRO A 73 -17.02 -30.39 18.27
N GLU A 74 -17.98 -29.53 18.05
CA GLU A 74 -18.10 -28.80 16.82
C GLU A 74 -17.18 -27.61 16.82
N GLN A 75 -16.40 -27.55 15.84
CA GLN A 75 -15.54 -26.43 15.58
C GLN A 75 -15.63 -26.13 14.11
N ARG A 76 -15.35 -24.93 13.74
CA ARG A 76 -15.40 -24.55 12.36
C ARG A 76 -14.10 -24.02 11.92
N GLU A 77 -13.76 -24.32 10.72
CA GLU A 77 -12.60 -23.74 10.12
C GLU A 77 -13.01 -22.43 9.53
N ILE A 78 -12.19 -21.43 9.68
CA ILE A 78 -12.57 -20.09 9.28
C ILE A 78 -12.45 -19.92 7.77
N PRO A 79 -13.57 -19.57 7.11
CA PRO A 79 -13.60 -19.31 5.68
C PRO A 79 -12.87 -18.01 5.33
N ASP A 80 -12.27 -17.99 4.17
CA ASP A 80 -11.57 -16.82 3.71
C ASP A 80 -12.53 -15.87 3.01
N VAL A 81 -12.31 -14.59 3.15
CA VAL A 81 -13.19 -13.57 2.61
C VAL A 81 -12.34 -12.38 2.13
N SER A 82 -12.84 -11.64 1.16
CA SER A 82 -12.17 -10.46 0.69
C SER A 82 -12.11 -9.41 1.82
N THR A 83 -10.97 -8.78 1.95
CA THR A 83 -10.63 -7.91 3.02
C THR A 83 -11.42 -6.61 2.97
N LEU A 84 -11.92 -6.31 1.83
CA LEU A 84 -12.69 -5.13 1.65
C LEU A 84 -14.16 -5.41 1.94
N THR A 85 -14.50 -6.66 2.07
CA THR A 85 -15.87 -7.04 2.25
C THR A 85 -16.12 -7.53 3.70
N TYR A 86 -16.00 -6.58 4.63
CA TYR A 86 -16.27 -6.79 6.06
C TYR A 86 -17.67 -7.38 6.30
N ALA A 87 -18.64 -6.92 5.53
CA ALA A 87 -20.02 -7.40 5.64
C ALA A 87 -20.10 -8.91 5.41
N GLU A 88 -19.37 -9.37 4.41
CA GLU A 88 -19.32 -10.80 4.10
C GLU A 88 -18.52 -11.53 5.20
N ALA A 89 -17.48 -10.89 5.72
CA ALA A 89 -16.65 -11.49 6.77
C ALA A 89 -17.48 -11.82 8.01
N VAL A 90 -18.20 -10.83 8.52
CA VAL A 90 -19.04 -11.01 9.71
C VAL A 90 -20.15 -12.03 9.44
N LYS A 91 -20.66 -11.99 8.22
CA LYS A 91 -21.66 -12.92 7.71
C LYS A 91 -21.12 -14.34 7.78
N LYS A 92 -19.90 -14.50 7.35
CA LYS A 92 -19.24 -15.77 7.35
C LYS A 92 -19.01 -16.33 8.74
N LEU A 93 -18.65 -15.50 9.71
CA LEU A 93 -18.52 -16.00 11.08
C LEU A 93 -19.88 -16.38 11.65
N THR A 94 -20.90 -15.67 11.24
CA THR A 94 -22.26 -15.92 11.69
C THR A 94 -22.77 -17.25 11.09
N ALA A 95 -22.49 -17.44 9.81
CA ALA A 95 -22.86 -18.67 9.11
C ALA A 95 -22.00 -19.83 9.59
N ALA A 96 -20.92 -19.52 10.26
CA ALA A 96 -20.04 -20.52 10.82
C ALA A 96 -20.50 -20.97 12.22
N GLY A 97 -21.61 -20.44 12.67
CA GLY A 97 -22.16 -20.85 13.95
C GLY A 97 -21.97 -19.82 15.00
N PHE A 98 -20.74 -19.72 15.51
CA PHE A 98 -20.36 -18.77 16.55
C PHE A 98 -20.86 -17.36 16.31
N GLY A 99 -20.51 -16.76 15.17
CA GLY A 99 -20.89 -15.39 14.88
C GLY A 99 -20.38 -14.41 15.91
N ARG A 100 -19.28 -14.75 16.51
CA ARG A 100 -18.70 -13.95 17.54
C ARG A 100 -17.50 -13.26 16.95
N PHE A 101 -17.60 -11.97 16.78
CA PHE A 101 -16.57 -11.23 16.16
C PHE A 101 -16.43 -9.84 16.78
N LYS A 102 -15.26 -9.28 16.61
CA LYS A 102 -14.94 -7.92 17.02
C LYS A 102 -14.29 -7.22 15.86
N GLN A 103 -14.48 -5.95 15.79
CA GLN A 103 -13.90 -5.13 14.76
C GLN A 103 -12.96 -4.13 15.40
N ALA A 104 -11.72 -4.20 15.05
CA ALA A 104 -10.73 -3.31 15.56
C ALA A 104 -10.11 -2.57 14.41
N ASN A 105 -9.80 -1.35 14.61
CA ASN A 105 -9.18 -0.54 13.60
C ASN A 105 -7.80 -0.24 14.07
N SER A 106 -6.85 -0.37 13.20
CA SER A 106 -5.49 -0.11 13.54
C SER A 106 -4.83 0.66 12.43
N PRO A 107 -4.06 1.70 12.75
CA PRO A 107 -3.31 2.43 11.75
C PRO A 107 -2.25 1.52 11.18
N SER A 108 -2.28 1.33 9.91
CA SER A 108 -1.40 0.36 9.32
C SER A 108 -0.69 0.95 8.11
N THR A 109 0.14 0.14 7.52
CA THR A 109 0.82 0.42 6.30
C THR A 109 -0.24 0.77 5.21
N PRO A 110 0.07 1.76 4.34
CA PRO A 110 -0.87 2.34 3.37
C PRO A 110 -1.61 1.33 2.50
N GLU A 111 -1.00 0.21 2.25
CA GLU A 111 -1.64 -0.81 1.43
C GLU A 111 -2.73 -1.58 2.18
N LEU A 112 -2.60 -1.67 3.49
CA LEU A 112 -3.58 -2.40 4.30
C LEU A 112 -4.66 -1.46 4.82
N VAL A 113 -4.37 -0.18 4.84
CA VAL A 113 -5.38 0.81 5.23
C VAL A 113 -6.56 0.74 4.25
N GLY A 114 -7.75 0.77 4.78
CA GLY A 114 -8.91 0.76 3.95
C GLY A 114 -9.58 -0.60 3.86
N LYS A 115 -8.88 -1.64 4.24
CA LYS A 115 -9.44 -2.97 4.17
C LYS A 115 -9.05 -3.78 5.38
N VAL A 116 -9.72 -4.89 5.55
CA VAL A 116 -9.47 -5.79 6.64
C VAL A 116 -8.09 -6.41 6.45
N ILE A 117 -7.37 -6.61 7.51
CA ILE A 117 -6.05 -7.17 7.41
C ILE A 117 -6.16 -8.66 7.70
N GLY A 118 -7.15 -8.99 8.49
CA GLY A 118 -7.42 -10.34 8.79
C GLY A 118 -8.03 -10.45 10.14
N THR A 119 -7.79 -11.55 10.75
CA THR A 119 -8.30 -11.85 12.04
C THR A 119 -7.07 -11.97 12.93
N ASN A 120 -7.20 -11.68 14.20
CA ASN A 120 -6.03 -11.85 15.07
C ASN A 120 -5.70 -13.35 15.26
N PRO A 121 -6.69 -14.23 15.63
CA PRO A 121 -6.45 -15.69 15.66
C PRO A 121 -6.27 -16.20 14.21
N PRO A 122 -5.69 -17.39 14.01
CA PRO A 122 -5.47 -17.94 12.66
C PRO A 122 -6.80 -18.15 11.90
N ALA A 123 -6.87 -17.60 10.69
CA ALA A 123 -8.10 -17.53 9.90
C ALA A 123 -8.29 -18.72 8.96
N ASN A 124 -7.40 -19.65 8.98
CA ASN A 124 -7.58 -20.84 8.15
C ASN A 124 -7.89 -22.02 9.02
N GLN A 125 -7.66 -21.83 10.28
CA GLN A 125 -7.73 -22.86 11.28
C GLN A 125 -9.11 -22.93 11.90
N THR A 126 -9.26 -23.77 12.89
CA THR A 126 -10.50 -24.00 13.51
C THR A 126 -10.72 -23.15 14.74
N SER A 127 -11.94 -22.70 14.89
CA SER A 127 -12.38 -21.96 16.02
C SER A 127 -13.64 -22.65 16.56
N ALA A 128 -13.84 -22.58 17.85
CA ALA A 128 -15.02 -23.17 18.47
C ALA A 128 -16.26 -22.32 18.21
N ILE A 129 -17.44 -22.88 18.42
CA ILE A 129 -18.70 -22.18 18.13
C ILE A 129 -19.03 -21.21 19.30
N THR A 130 -18.24 -21.25 20.33
CA THR A 130 -18.36 -20.35 21.43
C THR A 130 -17.15 -19.38 21.44
N ASN A 131 -16.32 -19.48 20.41
CA ASN A 131 -15.10 -18.69 20.34
C ASN A 131 -15.33 -17.40 19.58
N VAL A 132 -14.68 -16.34 20.02
CA VAL A 132 -14.83 -15.02 19.46
C VAL A 132 -13.58 -14.61 18.67
N VAL A 133 -13.77 -14.20 17.44
CA VAL A 133 -12.65 -13.78 16.62
C VAL A 133 -12.61 -12.25 16.47
N ILE A 134 -11.49 -11.68 16.81
CA ILE A 134 -11.30 -10.25 16.67
C ILE A 134 -10.67 -9.97 15.30
N ILE A 135 -11.32 -9.12 14.55
CA ILE A 135 -10.94 -8.77 13.21
C ILE A 135 -10.43 -7.35 13.14
N ILE A 136 -9.29 -7.19 12.56
CA ILE A 136 -8.60 -5.92 12.50
C ILE A 136 -8.57 -5.38 11.07
N VAL A 137 -9.01 -4.17 10.93
CA VAL A 137 -9.04 -3.46 9.67
C VAL A 137 -8.09 -2.25 9.73
N GLY A 138 -7.32 -2.08 8.66
CA GLY A 138 -6.38 -0.98 8.60
C GLY A 138 -7.09 0.31 8.40
N SER A 139 -6.84 1.26 9.25
CA SER A 139 -7.54 2.50 9.18
C SER A 139 -6.59 3.61 9.53
N GLY A 140 -6.77 4.77 8.94
CA GLY A 140 -5.92 5.90 9.27
C GLY A 140 -4.64 5.93 8.46
N PRO A 141 -4.65 6.54 7.27
CA PRO A 141 -3.46 6.68 6.46
C PRO A 141 -2.75 8.02 6.75
N ALA A 142 -1.44 8.02 6.66
CA ALA A 142 -0.67 9.25 6.79
C ALA A 142 0.27 9.34 5.63
N THR A 143 -0.13 8.68 4.62
CA THR A 143 0.60 8.54 3.42
C THR A 143 -0.28 8.95 2.25
N LYS A 144 0.30 9.56 1.27
CA LYS A 144 -0.39 9.95 0.05
C LYS A 144 0.59 9.87 -1.09
N ASP A 145 0.10 9.81 -2.27
CA ASP A 145 0.94 9.76 -3.44
C ASP A 145 1.15 11.17 -3.97
N ILE A 146 2.37 11.47 -4.30
CA ILE A 146 2.71 12.79 -4.80
C ILE A 146 2.37 12.93 -6.28
N PRO A 147 1.80 14.07 -6.67
CA PRO A 147 1.41 14.32 -8.04
C PRO A 147 2.59 14.73 -8.93
N ASP A 148 2.36 14.75 -10.23
CA ASP A 148 3.36 15.15 -11.21
C ASP A 148 3.54 16.66 -11.10
N VAL A 149 4.74 17.08 -10.84
CA VAL A 149 5.01 18.46 -10.70
C VAL A 149 6.32 18.83 -11.38
N ALA A 150 6.20 19.11 -12.63
CA ALA A 150 7.29 19.52 -13.45
C ALA A 150 6.76 20.51 -14.49
N GLY A 151 7.33 21.70 -14.52
CA GLY A 151 6.90 22.70 -15.46
C GLY A 151 6.24 23.83 -14.75
N GLN A 152 5.95 23.59 -13.49
CA GLN A 152 5.33 24.58 -12.67
C GLN A 152 6.39 25.34 -11.90
N THR A 153 5.99 26.41 -11.28
CA THR A 153 6.90 27.24 -10.53
C THR A 153 7.06 26.63 -9.12
N VAL A 154 8.17 26.93 -8.45
CA VAL A 154 8.46 26.43 -7.10
C VAL A 154 7.33 26.77 -6.13
N ASP A 155 6.83 27.99 -6.25
CA ASP A 155 5.76 28.50 -5.40
C ASP A 155 4.48 27.69 -5.59
N VAL A 156 4.21 27.34 -6.82
CA VAL A 156 3.03 26.56 -7.16
C VAL A 156 3.22 25.11 -6.72
N ALA A 157 4.43 24.63 -6.91
CA ALA A 157 4.78 23.26 -6.55
C ALA A 157 4.65 23.02 -5.06
N GLN A 158 5.22 23.92 -4.26
CA GLN A 158 5.16 23.80 -2.81
C GLN A 158 3.71 23.88 -2.36
N LYS A 159 2.94 24.73 -3.05
CA LYS A 159 1.56 24.92 -2.73
C LYS A 159 0.78 23.63 -2.97
N ASN A 160 1.04 22.98 -4.11
CA ASN A 160 0.37 21.72 -4.45
C ASN A 160 0.71 20.65 -3.43
N LEU A 161 1.98 20.58 -3.05
CA LEU A 161 2.41 19.61 -2.04
C LEU A 161 1.76 19.91 -0.68
N ASN A 162 1.70 21.18 -0.31
CA ASN A 162 1.08 21.58 0.96
C ASN A 162 -0.40 21.25 0.97
N VAL A 163 -1.05 21.41 -0.17
CA VAL A 163 -2.46 21.05 -0.33
C VAL A 163 -2.69 19.54 -0.06
N TYR A 164 -1.72 18.73 -0.43
CA TYR A 164 -1.79 17.29 -0.20
C TYR A 164 -1.44 16.94 1.23
N GLY A 165 -0.96 17.90 1.98
CA GLY A 165 -0.64 17.65 3.37
C GLY A 165 0.84 17.51 3.59
N PHE A 166 1.60 17.62 2.54
CA PHE A 166 3.04 17.55 2.65
C PHE A 166 3.53 18.94 3.02
N THR A 167 3.73 19.14 4.29
CA THR A 167 4.09 20.44 4.80
C THR A 167 5.59 20.69 4.79
N LYS A 168 6.36 19.66 4.59
CA LYS A 168 7.80 19.79 4.61
C LYS A 168 8.33 19.63 3.20
N PHE A 169 8.89 20.68 2.68
CA PHE A 169 9.46 20.67 1.37
C PHE A 169 10.85 21.28 1.38
N SER A 170 11.66 20.90 0.45
CA SER A 170 12.98 21.47 0.28
C SER A 170 13.24 21.59 -1.22
N GLN A 171 13.86 22.65 -1.64
CA GLN A 171 14.09 22.85 -3.04
C GLN A 171 15.57 22.88 -3.37
N ALA A 172 15.96 22.10 -4.33
CA ALA A 172 17.33 22.03 -4.77
C ALA A 172 17.44 22.61 -6.16
N SER A 173 18.14 23.68 -6.31
CA SER A 173 18.30 24.32 -7.59
C SER A 173 19.58 23.86 -8.29
N VAL A 174 19.43 23.36 -9.48
CA VAL A 174 20.56 22.94 -10.29
C VAL A 174 20.52 23.70 -11.60
N ASP A 175 21.66 23.93 -12.21
CA ASP A 175 21.69 24.66 -13.46
C ASP A 175 21.01 23.88 -14.54
N SER A 176 20.22 24.57 -15.28
CA SER A 176 19.47 23.98 -16.34
C SER A 176 19.35 25.00 -17.46
N PRO A 177 19.07 24.55 -18.71
CA PRO A 177 18.72 25.46 -19.80
C PRO A 177 17.34 26.04 -19.52
N ARG A 178 16.59 25.31 -18.69
CA ARG A 178 15.29 25.69 -18.23
C ARG A 178 15.44 26.87 -17.27
N PRO A 179 14.60 27.90 -17.41
CA PRO A 179 14.66 29.11 -16.58
C PRO A 179 14.53 28.85 -15.08
N ALA A 180 15.19 29.70 -14.28
CA ALA A 180 15.18 29.55 -12.83
C ALA A 180 13.79 29.74 -12.27
N GLY A 181 13.27 28.72 -11.66
CA GLY A 181 11.95 28.81 -11.08
C GLY A 181 11.07 27.67 -11.50
N GLU A 182 11.39 27.07 -12.63
CA GLU A 182 10.66 25.94 -13.13
C GLU A 182 11.08 24.70 -12.38
N VAL A 183 10.15 24.01 -11.82
CA VAL A 183 10.44 22.79 -11.13
C VAL A 183 10.77 21.69 -12.13
N THR A 184 11.98 21.18 -12.01
CA THR A 184 12.49 20.11 -12.82
C THR A 184 11.72 18.82 -12.53
N GLY A 185 11.42 18.62 -11.26
CA GLY A 185 10.72 17.46 -10.82
C GLY A 185 10.91 17.30 -9.35
N THR A 186 10.70 16.14 -8.86
CA THR A 186 10.83 15.86 -7.46
C THR A 186 11.76 14.69 -7.25
N ASN A 187 12.29 14.56 -6.04
CA ASN A 187 13.16 13.42 -5.70
C ASN A 187 12.43 12.08 -5.88
N PRO A 188 11.21 11.87 -5.29
CA PRO A 188 10.43 10.71 -5.61
C PRO A 188 9.56 11.00 -6.84
N PRO A 189 9.36 10.01 -7.72
CA PRO A 189 8.53 10.17 -8.90
C PRO A 189 7.03 10.29 -8.56
N ALA A 190 6.27 10.76 -9.50
CA ALA A 190 4.84 10.93 -9.34
C ALA A 190 4.17 9.58 -9.09
N GLY A 191 3.18 9.59 -8.25
CA GLY A 191 2.45 8.40 -7.95
C GLY A 191 3.07 7.64 -6.80
N THR A 192 4.22 8.08 -6.32
CA THR A 192 4.87 7.43 -5.22
C THR A 192 4.18 7.81 -3.92
N THR A 193 3.72 6.81 -3.20
CA THR A 193 3.06 7.03 -1.95
C THR A 193 4.13 7.24 -0.86
N VAL A 194 4.07 8.37 -0.21
CA VAL A 194 5.00 8.73 0.84
C VAL A 194 4.24 9.34 2.01
N PRO A 195 4.84 9.37 3.22
CA PRO A 195 4.20 9.97 4.39
C PRO A 195 4.07 11.49 4.25
N VAL A 196 2.95 12.03 4.70
CA VAL A 196 2.68 13.47 4.61
C VAL A 196 3.63 14.29 5.51
N ASP A 197 4.20 13.61 6.48
CA ASP A 197 5.11 14.21 7.43
C ASP A 197 6.57 14.13 6.95
N SER A 198 6.76 13.62 5.75
CA SER A 198 8.07 13.48 5.19
C SER A 198 8.49 14.81 4.54
N VAL A 199 9.77 14.95 4.26
CA VAL A 199 10.28 16.14 3.62
C VAL A 199 10.43 15.84 2.14
N ILE A 200 9.64 16.49 1.33
CA ILE A 200 9.66 16.27 -0.10
C ILE A 200 10.62 17.25 -0.77
N GLU A 201 11.41 16.76 -1.68
CA GLU A 201 12.37 17.57 -2.36
C GLU A 201 11.86 17.94 -3.74
N LEU A 202 11.79 19.22 -3.96
CA LEU A 202 11.42 19.82 -5.20
C LEU A 202 12.71 20.20 -5.89
N GLN A 203 12.98 19.61 -7.00
CA GLN A 203 14.18 19.91 -7.73
C GLN A 203 13.87 21.01 -8.72
N VAL A 204 14.59 22.08 -8.62
CA VAL A 204 14.29 23.29 -9.35
C VAL A 204 15.35 23.59 -10.40
N SER A 205 14.87 23.92 -11.58
CA SER A 205 15.70 24.35 -12.67
C SER A 205 16.23 25.75 -12.37
N LYS A 206 17.50 25.91 -12.48
CA LYS A 206 18.13 27.18 -12.32
C LYS A 206 18.79 27.58 -13.63
N GLY A 207 18.24 28.59 -14.26
CA GLY A 207 18.72 29.02 -15.55
C GLY A 207 20.03 29.71 -15.44
N ASN A 208 20.23 30.42 -14.31
CA ASN A 208 21.46 31.17 -13.93
C ASN A 208 22.04 31.97 -15.09
N GLN A 209 21.14 32.52 -15.88
CA GLN A 209 21.48 33.22 -17.09
C GLN A 209 20.55 34.45 -17.18
N PHE A 210 21.03 35.54 -17.73
CA PHE A 210 20.21 36.72 -17.97
C PHE A 210 20.71 37.41 -19.23
N VAL A 211 19.83 37.95 -20.04
CA VAL A 211 20.24 38.51 -21.32
C VAL A 211 20.89 39.89 -21.15
N MET A 212 22.06 40.03 -21.74
CA MET A 212 22.80 41.29 -21.68
C MET A 212 22.55 42.10 -22.97
N PRO A 213 22.24 43.42 -22.83
CA PRO A 213 22.05 44.32 -23.98
C PRO A 213 23.34 44.56 -24.78
N ASP A 214 23.19 45.19 -25.93
CA ASP A 214 24.29 45.50 -26.84
C ASP A 214 25.20 46.61 -26.33
N LEU A 215 26.50 46.37 -26.38
CA LEU A 215 27.51 47.33 -25.99
C LEU A 215 28.65 47.32 -27.03
N SER A 216 28.33 46.85 -28.23
CA SER A 216 29.33 46.65 -29.26
C SER A 216 29.77 47.98 -29.90
N GLY A 217 31.07 48.17 -29.98
CA GLY A 217 31.67 49.30 -30.68
C GLY A 217 31.36 50.65 -30.07
N MET A 218 31.16 50.71 -28.79
CA MET A 218 30.88 51.98 -28.15
C MET A 218 32.02 52.35 -27.26
N PHE A 219 31.95 53.48 -26.61
CA PHE A 219 32.99 53.88 -25.72
C PHE A 219 32.78 53.26 -24.36
N TRP A 220 33.84 53.08 -23.63
CA TRP A 220 33.79 52.54 -22.30
C TRP A 220 33.11 53.55 -21.36
N VAL A 221 33.08 54.82 -21.79
CA VAL A 221 32.39 55.86 -21.04
C VAL A 221 30.87 55.68 -21.14
N ASP A 222 30.43 54.84 -22.06
CA ASP A 222 29.02 54.49 -22.19
C ASP A 222 28.76 53.16 -21.56
N ALA A 223 29.67 52.23 -21.84
CA ALA A 223 29.58 50.86 -21.37
C ALA A 223 29.55 50.79 -19.85
N GLU A 224 30.45 51.52 -19.19
CA GLU A 224 30.54 51.49 -17.72
C GLU A 224 29.21 51.89 -17.03
N PRO A 225 28.66 53.13 -17.23
CA PRO A 225 27.44 53.53 -16.55
C PRO A 225 26.27 52.64 -16.87
N ARG A 226 26.20 52.16 -18.10
CA ARG A 226 25.13 51.27 -18.49
C ARG A 226 25.18 49.95 -17.74
N LEU A 227 26.36 49.38 -17.61
CA LEU A 227 26.47 48.12 -16.89
C LEU A 227 26.17 48.32 -15.40
N ARG A 228 26.67 49.42 -14.83
CA ARG A 228 26.44 49.73 -13.43
C ARG A 228 24.96 49.98 -13.18
N ALA A 229 24.32 50.68 -14.11
CA ALA A 229 22.92 51.03 -14.01
C ALA A 229 22.00 49.81 -14.02
N LEU A 230 22.36 48.80 -14.77
CA LEU A 230 21.52 47.61 -14.87
C LEU A 230 21.71 46.64 -13.69
N GLY A 231 22.56 47.01 -12.76
CA GLY A 231 22.76 46.20 -11.58
C GLY A 231 23.73 45.09 -11.82
N TRP A 232 24.77 45.40 -12.55
CA TRP A 232 25.81 44.44 -12.80
C TRP A 232 26.74 44.36 -11.59
N THR A 233 27.07 43.17 -11.18
CA THR A 233 28.03 42.97 -10.13
C THR A 233 28.79 41.66 -10.38
N GLY A 234 29.89 41.77 -11.07
CA GLY A 234 30.71 40.63 -11.36
C GLY A 234 32.16 41.00 -11.42
N MET A 235 32.83 40.57 -12.45
CA MET A 235 34.25 40.83 -12.62
C MET A 235 34.46 41.61 -13.90
N LEU A 236 35.13 42.73 -13.79
CA LEU A 236 35.38 43.62 -14.91
C LEU A 236 36.83 43.46 -15.32
N ASP A 237 37.08 43.27 -16.59
CA ASP A 237 38.44 43.14 -17.08
C ASP A 237 38.91 44.44 -17.71
N LYS A 238 39.69 45.18 -16.96
CA LYS A 238 40.29 46.38 -17.46
C LYS A 238 41.80 46.12 -17.52
N GLY A 239 42.33 46.05 -18.72
CA GLY A 239 43.75 45.81 -18.90
C GLY A 239 44.57 47.08 -19.02
N ALA A 240 45.64 46.99 -19.76
CA ALA A 240 46.54 48.10 -19.95
C ALA A 240 45.96 49.12 -20.93
N ASP A 241 46.25 50.37 -20.70
CA ASP A 241 45.81 51.45 -21.55
C ASP A 241 46.81 51.55 -22.66
N VAL A 242 46.35 51.48 -23.88
CA VAL A 242 47.23 51.38 -25.02
C VAL A 242 46.86 52.43 -26.04
N ASP A 243 47.75 53.33 -26.31
CA ASP A 243 47.49 54.31 -27.34
C ASP A 243 47.71 53.63 -28.68
N ALA A 244 46.64 53.38 -29.36
CA ALA A 244 46.71 52.68 -30.62
C ALA A 244 46.14 53.49 -31.74
N GLY A 245 45.58 54.62 -31.42
CA GLY A 245 45.03 55.47 -32.44
C GLY A 245 43.57 55.71 -32.24
N GLY A 246 42.99 56.45 -33.16
CA GLY A 246 41.60 56.87 -33.09
C GLY A 246 40.61 55.73 -33.02
N SER A 247 40.88 54.64 -33.72
CA SER A 247 39.98 53.50 -33.76
C SER A 247 39.87 52.83 -32.38
N GLN A 248 40.88 53.01 -31.56
CA GLN A 248 40.98 52.34 -30.29
C GLN A 248 40.75 53.27 -29.12
N HIS A 249 40.50 54.55 -29.37
CA HIS A 249 40.39 55.50 -28.25
C HIS A 249 39.10 55.25 -27.44
N ASN A 250 39.27 54.61 -26.27
CA ASN A 250 38.20 54.30 -25.29
C ASN A 250 37.04 53.41 -25.88
N ARG A 251 37.20 52.97 -27.11
CA ARG A 251 36.22 52.12 -27.78
C ARG A 251 36.36 50.69 -27.31
N VAL A 252 35.23 50.04 -27.12
CA VAL A 252 35.20 48.65 -26.79
C VAL A 252 35.65 47.87 -28.01
N VAL A 253 36.55 46.94 -27.82
CA VAL A 253 37.12 46.19 -28.92
C VAL A 253 36.27 44.99 -29.20
N TYR A 254 35.90 44.31 -28.16
CA TYR A 254 35.10 43.13 -28.26
C TYR A 254 34.40 42.94 -26.95
N GLN A 255 33.27 42.32 -26.98
CA GLN A 255 32.60 41.92 -25.79
C GLN A 255 32.52 40.39 -25.80
N ASN A 256 33.26 39.78 -24.87
CA ASN A 256 33.35 38.31 -24.77
C ASN A 256 31.97 37.59 -24.81
N PRO A 257 30.97 37.97 -23.97
CA PRO A 257 29.64 37.43 -24.09
C PRO A 257 28.87 38.19 -25.19
N PRO A 258 28.34 37.47 -26.19
CA PRO A 258 27.65 38.10 -27.31
C PRO A 258 26.36 38.81 -26.89
N ALA A 259 26.18 40.00 -27.41
CA ALA A 259 25.03 40.81 -27.11
C ALA A 259 23.79 40.15 -27.64
N GLY A 260 22.78 40.06 -26.81
CA GLY A 260 21.55 39.46 -27.23
C GLY A 260 21.34 38.06 -26.69
N THR A 261 22.35 37.49 -26.06
CA THR A 261 22.17 36.18 -25.49
C THR A 261 22.25 36.27 -23.96
N GLY A 262 22.01 35.16 -23.33
CA GLY A 262 22.06 35.08 -21.92
C GLY A 262 23.47 34.97 -21.41
N VAL A 263 23.81 35.82 -20.52
CA VAL A 263 25.09 35.85 -19.87
C VAL A 263 24.95 35.22 -18.50
N ASN A 264 25.99 34.52 -18.09
CA ASN A 264 26.06 33.83 -16.81
C ASN A 264 25.67 34.74 -15.65
N ARG A 265 25.17 34.14 -14.58
CA ARG A 265 24.72 34.85 -13.36
C ARG A 265 25.80 35.77 -12.79
N ASP A 266 27.05 35.45 -13.07
CA ASP A 266 28.19 36.24 -12.64
C ASP A 266 28.21 37.52 -13.44
N GLY A 267 27.86 37.43 -14.71
CA GLY A 267 27.82 38.58 -15.55
C GLY A 267 29.18 38.94 -16.08
N ILE A 268 30.08 38.00 -16.12
CA ILE A 268 31.46 38.35 -16.39
C ILE A 268 31.61 38.85 -17.84
N ILE A 269 32.04 40.08 -17.95
CA ILE A 269 32.19 40.75 -19.19
C ILE A 269 33.65 41.06 -19.43
N THR A 270 34.18 40.52 -20.48
CA THR A 270 35.50 40.83 -20.86
C THR A 270 35.39 41.75 -22.07
N LEU A 271 35.89 42.94 -21.90
CA LEU A 271 35.86 43.99 -22.88
C LEU A 271 37.18 44.66 -22.83
N ARG A 272 37.56 45.23 -23.90
CA ARG A 272 38.82 45.87 -23.96
C ARG A 272 38.63 47.17 -24.64
N PHE A 273 39.47 48.09 -24.36
CA PHE A 273 39.54 49.34 -25.03
C PHE A 273 40.99 49.64 -25.16
N GLY A 274 41.34 50.55 -26.02
CA GLY A 274 42.71 50.91 -26.15
C GLY A 274 43.10 51.90 -25.10
N GLN A 275 42.88 53.13 -25.39
CA GLN A 275 43.18 54.20 -24.46
C GLN A 275 42.19 55.30 -24.69
N GLY A 4 -24.48 -76.72 14.98
CA GLY A 4 -25.86 -77.19 15.08
C GLY A 4 -26.79 -76.02 15.17
N ILE A 5 -27.98 -76.23 15.70
CA ILE A 5 -28.92 -75.15 15.86
C ILE A 5 -28.50 -74.28 17.05
N THR A 6 -28.33 -73.02 16.81
CA THR A 6 -27.94 -72.14 17.85
C THR A 6 -29.18 -71.64 18.58
N ARG A 7 -29.07 -71.58 19.88
CA ARG A 7 -30.12 -71.08 20.75
C ARG A 7 -29.90 -69.59 20.95
N ASP A 8 -28.68 -69.17 20.67
CA ASP A 8 -28.35 -67.79 20.59
C ASP A 8 -28.90 -67.36 19.26
N VAL A 9 -29.48 -66.23 19.19
CA VAL A 9 -30.15 -65.86 17.97
C VAL A 9 -29.49 -64.66 17.37
N GLN A 10 -29.56 -64.54 16.09
CA GLN A 10 -28.94 -63.43 15.46
C GLN A 10 -30.01 -62.40 15.30
N VAL A 11 -29.68 -61.20 15.60
CA VAL A 11 -30.61 -60.14 15.63
C VAL A 11 -30.37 -59.15 14.47
N PRO A 12 -31.33 -58.99 13.57
CA PRO A 12 -31.26 -57.97 12.55
C PRO A 12 -31.71 -56.64 13.12
N ASP A 13 -30.87 -55.68 13.02
CA ASP A 13 -31.16 -54.40 13.61
C ASP A 13 -31.61 -53.43 12.57
N VAL A 14 -32.61 -52.69 12.92
CA VAL A 14 -33.28 -51.77 12.01
C VAL A 14 -32.55 -50.41 11.91
N ARG A 15 -31.22 -50.48 11.92
CA ARG A 15 -30.33 -49.33 11.76
C ARG A 15 -30.62 -48.59 10.42
N GLY A 16 -30.45 -47.29 10.42
CA GLY A 16 -30.73 -46.49 9.26
C GLY A 16 -32.01 -45.71 9.42
N GLN A 17 -32.62 -45.85 10.56
CA GLN A 17 -33.80 -45.10 10.87
C GLN A 17 -33.46 -44.11 11.96
N SER A 18 -34.42 -43.74 12.74
CA SER A 18 -34.21 -42.78 13.79
C SER A 18 -33.91 -43.51 15.07
N SER A 19 -33.47 -42.78 16.08
CA SER A 19 -33.21 -43.37 17.36
C SER A 19 -34.51 -43.92 17.95
N ALA A 20 -35.57 -43.11 17.89
CA ALA A 20 -36.85 -43.48 18.44
C ALA A 20 -37.46 -44.69 17.77
N ASP A 21 -37.46 -44.74 16.44
CA ASP A 21 -38.08 -45.87 15.73
C ASP A 21 -37.29 -47.15 15.99
N ALA A 22 -35.98 -47.04 15.89
CA ALA A 22 -35.11 -48.18 16.07
C ALA A 22 -35.15 -48.69 17.50
N ILE A 23 -35.05 -47.78 18.47
CA ILE A 23 -35.10 -48.14 19.88
C ILE A 23 -36.46 -48.72 20.24
N ALA A 24 -37.52 -48.15 19.66
CA ALA A 24 -38.86 -48.65 19.92
C ALA A 24 -38.99 -50.09 19.45
N THR A 25 -38.44 -50.37 18.27
CA THR A 25 -38.48 -51.70 17.71
C THR A 25 -37.70 -52.68 18.61
N LEU A 26 -36.48 -52.30 19.00
CA LEU A 26 -35.65 -53.16 19.84
C LEU A 26 -36.25 -53.38 21.21
N GLN A 27 -36.80 -52.32 21.80
CA GLN A 27 -37.40 -52.43 23.11
C GLN A 27 -38.66 -53.31 23.07
N ASN A 28 -39.44 -53.20 22.00
CA ASN A 28 -40.63 -54.04 21.84
C ASN A 28 -40.27 -55.48 21.56
N ARG A 29 -39.05 -55.70 21.08
CA ARG A 29 -38.54 -57.06 20.89
C ARG A 29 -38.03 -57.61 22.21
N GLY A 30 -37.86 -56.73 23.17
CA GLY A 30 -37.40 -57.13 24.47
C GLY A 30 -35.92 -56.88 24.67
N PHE A 31 -35.30 -56.25 23.71
CA PHE A 31 -33.90 -55.97 23.77
C PHE A 31 -33.65 -54.69 24.51
N LYS A 32 -32.54 -54.65 25.17
CA LYS A 32 -32.19 -53.53 25.97
C LYS A 32 -31.22 -52.69 25.20
N ILE A 33 -31.23 -51.42 25.41
CA ILE A 33 -30.34 -50.53 24.68
C ILE A 33 -29.70 -49.56 25.62
N ARG A 34 -28.59 -49.03 25.22
CA ARG A 34 -27.92 -48.01 25.95
C ARG A 34 -27.56 -46.94 24.97
N THR A 35 -27.94 -45.75 25.25
CA THR A 35 -27.69 -44.66 24.37
C THR A 35 -26.62 -43.77 25.00
N LEU A 36 -25.59 -43.50 24.28
CA LEU A 36 -24.51 -42.67 24.77
C LEU A 36 -24.50 -41.36 24.00
N GLN A 37 -24.65 -40.26 24.73
CA GLN A 37 -24.66 -38.95 24.12
C GLN A 37 -23.24 -38.41 24.07
N LYS A 38 -22.75 -38.09 22.90
CA LYS A 38 -21.43 -37.51 22.77
C LYS A 38 -21.47 -36.34 21.80
N PRO A 39 -21.01 -35.16 22.21
CA PRO A 39 -20.90 -34.04 21.31
C PRO A 39 -19.63 -34.18 20.48
N ASP A 40 -19.78 -34.08 19.18
CA ASP A 40 -18.68 -34.31 18.24
C ASP A 40 -19.27 -34.22 16.83
N SER A 41 -18.45 -33.97 15.84
CA SER A 41 -18.93 -33.81 14.50
C SER A 41 -18.69 -35.09 13.65
N THR A 42 -17.92 -36.01 14.17
CA THR A 42 -17.56 -37.21 13.44
C THR A 42 -18.27 -38.44 14.05
N ILE A 43 -19.07 -38.20 15.06
CA ILE A 43 -19.81 -39.26 15.71
C ILE A 43 -21.17 -39.43 15.01
N PRO A 44 -21.63 -40.70 14.84
CA PRO A 44 -22.94 -41.04 14.25
C PRO A 44 -24.07 -40.10 14.69
N PRO A 45 -24.86 -39.56 13.73
CA PRO A 45 -26.00 -38.67 14.01
C PRO A 45 -27.05 -39.32 14.93
N ASP A 46 -27.92 -38.50 15.55
CA ASP A 46 -29.01 -38.99 16.46
C ASP A 46 -29.98 -39.94 15.76
N HIS A 47 -29.83 -40.02 14.50
CA HIS A 47 -30.56 -40.96 13.70
C HIS A 47 -29.60 -42.06 13.41
N VAL A 48 -29.97 -43.25 13.77
CA VAL A 48 -29.05 -44.34 13.82
C VAL A 48 -28.55 -44.76 12.47
N ILE A 49 -27.27 -44.67 12.30
CA ILE A 49 -26.62 -45.12 11.10
C ILE A 49 -25.95 -46.47 11.43
N GLY A 50 -25.60 -46.61 12.69
CA GLY A 50 -24.93 -47.78 13.14
C GLY A 50 -25.34 -48.12 14.54
N THR A 51 -25.01 -49.29 14.94
CA THR A 51 -25.38 -49.91 16.19
C THR A 51 -24.23 -50.79 16.59
N ASP A 52 -24.37 -51.55 17.62
CA ASP A 52 -23.27 -52.37 18.08
C ASP A 52 -23.50 -53.77 17.54
N PRO A 53 -22.47 -54.33 16.84
CA PRO A 53 -22.54 -55.63 16.13
C PRO A 53 -22.93 -56.84 16.97
N ALA A 54 -23.09 -56.66 18.27
CA ALA A 54 -23.53 -57.72 19.16
C ALA A 54 -24.83 -58.29 18.66
N ALA A 55 -25.72 -57.42 18.19
CA ALA A 55 -27.02 -57.83 17.65
C ALA A 55 -26.83 -58.70 16.41
N ASN A 56 -25.88 -58.32 15.58
CA ASN A 56 -25.64 -59.01 14.31
C ASN A 56 -24.83 -60.26 14.53
N THR A 57 -24.42 -60.46 15.75
CA THR A 57 -23.76 -61.66 16.17
C THR A 57 -24.86 -62.51 16.83
N SER A 58 -24.66 -63.80 16.96
CA SER A 58 -25.68 -64.58 17.61
C SER A 58 -25.59 -64.36 19.13
N VAL A 59 -26.60 -63.73 19.69
CA VAL A 59 -26.64 -63.43 21.11
C VAL A 59 -27.93 -63.91 21.73
N SER A 60 -27.98 -63.87 23.04
CA SER A 60 -29.15 -64.25 23.75
C SER A 60 -30.20 -63.14 23.61
N ALA A 61 -31.45 -63.54 23.51
CA ALA A 61 -32.55 -62.61 23.36
C ALA A 61 -32.67 -61.70 24.58
N GLY A 62 -32.78 -60.41 24.33
CA GLY A 62 -32.91 -59.45 25.39
C GLY A 62 -31.58 -58.92 25.86
N ASP A 63 -30.61 -58.87 24.96
CA ASP A 63 -29.27 -58.38 25.31
C ASP A 63 -29.25 -56.83 25.24
N GLU A 64 -28.10 -56.22 25.44
CA GLU A 64 -27.96 -54.77 25.53
C GLU A 64 -27.20 -54.23 24.32
N ILE A 65 -27.86 -53.40 23.55
CA ILE A 65 -27.25 -52.80 22.37
C ILE A 65 -26.92 -51.32 22.64
N THR A 66 -25.66 -51.01 22.64
CA THR A 66 -25.17 -49.69 22.90
C THR A 66 -25.12 -48.85 21.60
N VAL A 67 -25.64 -47.67 21.65
CA VAL A 67 -25.66 -46.80 20.51
C VAL A 67 -25.00 -45.46 20.88
N ASN A 68 -24.14 -44.96 20.02
CA ASN A 68 -23.54 -43.66 20.28
C ASN A 68 -24.16 -42.61 19.40
N VAL A 69 -24.69 -41.60 20.03
CA VAL A 69 -25.41 -40.53 19.39
C VAL A 69 -24.63 -39.24 19.49
N SER A 70 -24.50 -38.54 18.38
CA SER A 70 -23.84 -37.27 18.40
C SER A 70 -24.83 -36.20 18.75
N THR A 71 -24.52 -35.44 19.74
CA THR A 71 -25.34 -34.34 20.07
C THR A 71 -24.57 -33.06 19.90
N GLY A 72 -24.88 -32.34 18.84
CA GLY A 72 -24.23 -31.10 18.55
C GLY A 72 -22.85 -31.26 17.94
N PRO A 73 -22.64 -30.71 16.72
CA PRO A 73 -21.30 -30.66 16.13
C PRO A 73 -20.42 -29.77 17.00
N GLU A 74 -19.14 -29.99 16.95
CA GLU A 74 -18.22 -29.24 17.76
C GLU A 74 -18.04 -27.86 17.20
N GLN A 75 -17.97 -26.90 18.04
CA GLN A 75 -17.76 -25.56 17.61
C GLN A 75 -16.30 -25.22 17.87
N ARG A 76 -15.70 -24.45 17.01
CA ARG A 76 -14.29 -24.19 17.13
C ARG A 76 -13.98 -22.75 17.26
N GLU A 77 -13.05 -22.48 18.12
CA GLU A 77 -12.60 -21.13 18.38
C GLU A 77 -11.55 -20.77 17.35
N ILE A 78 -11.68 -19.61 16.76
CA ILE A 78 -10.76 -19.19 15.74
C ILE A 78 -9.48 -18.63 16.39
N PRO A 79 -8.31 -19.19 16.03
CA PRO A 79 -7.03 -18.69 16.51
C PRO A 79 -6.72 -17.34 15.88
N ASP A 80 -6.05 -16.50 16.61
CA ASP A 80 -5.74 -15.18 16.11
C ASP A 80 -4.52 -15.24 15.22
N VAL A 81 -4.79 -15.20 13.96
CA VAL A 81 -3.76 -15.19 12.97
C VAL A 81 -3.53 -13.75 12.58
N SER A 82 -2.31 -13.38 12.38
CA SER A 82 -1.97 -12.04 12.01
C SER A 82 -2.54 -11.63 10.64
N THR A 83 -2.88 -10.36 10.52
CA THR A 83 -3.57 -9.79 9.39
C THR A 83 -2.80 -9.92 8.06
N LEU A 84 -1.50 -9.88 8.14
CA LEU A 84 -0.67 -10.03 6.97
C LEU A 84 -0.50 -11.50 6.58
N THR A 85 -0.91 -12.37 7.46
CA THR A 85 -0.81 -13.79 7.25
C THR A 85 -2.22 -14.36 6.94
N TYR A 86 -2.96 -13.60 6.12
CA TYR A 86 -4.32 -13.94 5.66
C TYR A 86 -4.39 -15.36 5.06
N ALA A 87 -3.36 -15.74 4.33
CA ALA A 87 -3.30 -17.08 3.74
C ALA A 87 -3.36 -18.18 4.80
N GLU A 88 -2.70 -17.94 5.92
CA GLU A 88 -2.71 -18.86 7.05
C GLU A 88 -4.08 -18.86 7.69
N ALA A 89 -4.69 -17.68 7.73
CA ALA A 89 -5.98 -17.49 8.35
C ALA A 89 -7.04 -18.34 7.66
N VAL A 90 -7.13 -18.25 6.34
CA VAL A 90 -8.11 -18.99 5.59
C VAL A 90 -7.91 -20.51 5.70
N LYS A 91 -6.65 -20.98 5.65
CA LYS A 91 -6.42 -22.41 5.79
C LYS A 91 -6.73 -22.91 7.19
N LYS A 92 -6.45 -22.08 8.19
CA LYS A 92 -6.75 -22.39 9.57
C LYS A 92 -8.25 -22.50 9.79
N LEU A 93 -8.99 -21.62 9.13
CA LEU A 93 -10.46 -21.64 9.20
C LEU A 93 -10.96 -22.95 8.61
N THR A 94 -10.32 -23.38 7.55
CA THR A 94 -10.65 -24.62 6.89
C THR A 94 -10.36 -25.83 7.80
N ALA A 95 -9.20 -25.82 8.43
CA ALA A 95 -8.79 -26.90 9.31
C ALA A 95 -9.64 -26.93 10.60
N ALA A 96 -10.33 -25.85 10.88
CA ALA A 96 -11.18 -25.75 12.04
C ALA A 96 -12.60 -26.26 11.75
N GLY A 97 -12.81 -26.77 10.55
CA GLY A 97 -14.08 -27.37 10.22
C GLY A 97 -14.81 -26.57 9.20
N PHE A 98 -15.33 -25.43 9.62
CA PHE A 98 -16.05 -24.48 8.77
C PHE A 98 -15.37 -24.21 7.44
N GLY A 99 -14.23 -23.54 7.49
CA GLY A 99 -13.56 -23.11 6.28
C GLY A 99 -14.45 -22.18 5.48
N ARG A 100 -15.31 -21.49 6.17
CA ARG A 100 -16.22 -20.60 5.53
C ARG A 100 -15.66 -19.22 5.70
N PHE A 101 -15.21 -18.65 4.64
CA PHE A 101 -14.61 -17.37 4.68
C PHE A 101 -14.98 -16.61 3.45
N LYS A 102 -15.10 -15.34 3.60
CA LYS A 102 -15.44 -14.48 2.50
C LYS A 102 -14.58 -13.25 2.58
N GLN A 103 -13.85 -12.99 1.54
CA GLN A 103 -12.99 -11.84 1.50
C GLN A 103 -13.75 -10.64 0.99
N ALA A 104 -13.73 -9.61 1.77
CA ALA A 104 -14.33 -8.36 1.42
C ALA A 104 -13.26 -7.33 1.45
N ASN A 105 -13.28 -6.40 0.55
CA ASN A 105 -12.26 -5.38 0.54
C ASN A 105 -12.89 -4.03 0.58
N SER A 106 -12.26 -3.14 1.28
CA SER A 106 -12.70 -1.78 1.34
C SER A 106 -11.47 -0.89 1.34
N PRO A 107 -11.49 0.23 0.61
CA PRO A 107 -10.34 1.12 0.55
C PRO A 107 -10.06 1.75 1.92
N SER A 108 -8.87 1.53 2.37
CA SER A 108 -8.46 1.93 3.68
C SER A 108 -7.08 2.56 3.60
N THR A 109 -6.57 2.99 4.75
CA THR A 109 -5.26 3.58 4.88
C THR A 109 -4.16 2.72 4.19
N PRO A 110 -3.28 3.39 3.41
CA PRO A 110 -2.20 2.75 2.63
C PRO A 110 -1.32 1.81 3.45
N GLU A 111 -1.16 2.09 4.73
CA GLU A 111 -0.32 1.27 5.57
C GLU A 111 -0.97 -0.09 5.93
N LEU A 112 -2.29 -0.15 5.87
CA LEU A 112 -3.00 -1.41 6.14
C LEU A 112 -3.43 -2.11 4.85
N VAL A 113 -3.21 -1.44 3.74
CA VAL A 113 -3.50 -2.01 2.43
C VAL A 113 -2.66 -3.28 2.23
N GLY A 114 -3.32 -4.35 1.86
CA GLY A 114 -2.64 -5.60 1.64
C GLY A 114 -2.72 -6.51 2.84
N LYS A 115 -3.30 -6.03 3.91
CA LYS A 115 -3.45 -6.81 5.11
C LYS A 115 -4.92 -6.90 5.45
N VAL A 116 -5.24 -7.80 6.33
CA VAL A 116 -6.59 -7.90 6.85
C VAL A 116 -6.81 -6.74 7.81
N ILE A 117 -8.02 -6.22 7.89
CA ILE A 117 -8.29 -5.12 8.82
C ILE A 117 -8.92 -5.73 10.06
N GLY A 118 -9.71 -6.74 9.83
CA GLY A 118 -10.39 -7.42 10.88
C GLY A 118 -11.52 -8.21 10.34
N THR A 119 -12.42 -8.58 11.17
CA THR A 119 -13.56 -9.34 10.77
C THR A 119 -14.82 -8.71 11.32
N ASN A 120 -15.94 -8.92 10.66
CA ASN A 120 -17.22 -8.48 11.21
C ASN A 120 -17.63 -9.43 12.36
N PRO A 121 -17.74 -10.78 12.13
CA PRO A 121 -17.98 -11.72 13.22
C PRO A 121 -16.67 -11.89 14.03
N PRO A 122 -16.72 -12.44 15.24
CA PRO A 122 -15.52 -12.56 16.06
C PRO A 122 -14.57 -13.64 15.52
N ALA A 123 -13.32 -13.26 15.32
CA ALA A 123 -12.31 -14.15 14.79
C ALA A 123 -11.45 -14.68 15.90
N ASN A 124 -11.75 -14.31 17.10
CA ASN A 124 -11.04 -14.84 18.23
C ASN A 124 -11.93 -15.75 19.05
N GLN A 125 -13.13 -16.00 18.55
CA GLN A 125 -14.10 -16.78 19.30
C GLN A 125 -14.54 -17.99 18.50
N THR A 126 -15.45 -18.72 19.07
CA THR A 126 -16.04 -19.90 18.50
C THR A 126 -16.98 -19.60 17.33
N SER A 127 -16.80 -20.33 16.25
CA SER A 127 -17.64 -20.26 15.09
C SER A 127 -18.05 -21.68 14.68
N ALA A 128 -19.27 -21.79 14.20
CA ALA A 128 -19.84 -23.05 13.74
C ALA A 128 -19.34 -23.39 12.34
N ILE A 129 -19.47 -24.65 11.97
CA ILE A 129 -18.99 -25.15 10.67
C ILE A 129 -19.85 -24.62 9.52
N THR A 130 -21.06 -24.28 9.83
CA THR A 130 -21.97 -23.79 8.83
C THR A 130 -21.92 -22.23 8.79
N ASN A 131 -21.24 -21.66 9.76
CA ASN A 131 -21.17 -20.21 9.94
C ASN A 131 -20.05 -19.63 9.08
N VAL A 132 -20.36 -18.60 8.31
CA VAL A 132 -19.41 -17.98 7.42
C VAL A 132 -18.79 -16.72 8.03
N VAL A 133 -17.48 -16.66 8.07
CA VAL A 133 -16.83 -15.50 8.59
C VAL A 133 -16.36 -14.59 7.45
N ILE A 134 -16.73 -13.35 7.53
CA ILE A 134 -16.33 -12.38 6.55
C ILE A 134 -15.07 -11.69 7.01
N ILE A 135 -14.08 -11.74 6.15
CA ILE A 135 -12.78 -11.21 6.39
C ILE A 135 -12.62 -9.96 5.54
N ILE A 136 -12.46 -8.83 6.16
CA ILE A 136 -12.31 -7.62 5.40
C ILE A 136 -10.83 -7.23 5.32
N VAL A 137 -10.37 -7.04 4.12
CA VAL A 137 -9.00 -6.71 3.85
C VAL A 137 -8.87 -5.28 3.36
N GLY A 138 -7.73 -4.70 3.64
CA GLY A 138 -7.45 -3.37 3.23
C GLY A 138 -7.02 -3.31 1.80
N SER A 139 -7.67 -2.47 1.05
CA SER A 139 -7.35 -2.26 -0.32
C SER A 139 -7.26 -0.77 -0.44
N GLY A 140 -6.63 -0.25 -1.44
CA GLY A 140 -6.60 1.17 -1.55
C GLY A 140 -5.45 1.70 -2.34
N PRO A 141 -5.71 2.19 -3.53
CA PRO A 141 -4.75 2.92 -4.28
C PRO A 141 -4.79 4.37 -3.87
N ALA A 142 -3.86 4.75 -3.06
CA ALA A 142 -3.77 6.12 -2.59
C ALA A 142 -2.92 6.89 -3.57
N THR A 143 -3.44 7.02 -4.75
CA THR A 143 -2.77 7.62 -5.85
C THR A 143 -3.50 8.87 -6.33
N LYS A 144 -2.75 9.84 -6.72
CA LYS A 144 -3.28 11.07 -7.26
C LYS A 144 -2.47 11.44 -8.48
N ASP A 145 -3.10 12.12 -9.39
CA ASP A 145 -2.43 12.60 -10.57
C ASP A 145 -1.79 13.93 -10.25
N ILE A 146 -0.55 14.05 -10.59
CA ILE A 146 0.17 15.26 -10.32
C ILE A 146 0.09 16.22 -11.49
N PRO A 147 -0.41 17.41 -11.26
CA PRO A 147 -0.47 18.44 -12.27
C PRO A 147 0.84 19.23 -12.32
N ASP A 148 0.86 20.37 -12.95
CA ASP A 148 2.06 21.15 -12.96
C ASP A 148 2.01 22.14 -11.82
N VAL A 149 3.14 22.40 -11.26
CA VAL A 149 3.25 23.30 -10.14
C VAL A 149 4.49 24.19 -10.38
N ALA A 150 4.92 24.17 -11.62
CA ALA A 150 6.11 24.81 -12.05
C ALA A 150 5.83 26.24 -12.41
N GLY A 151 6.78 27.08 -12.15
CA GLY A 151 6.66 28.48 -12.43
C GLY A 151 6.48 29.21 -11.15
N GLN A 152 6.27 28.44 -10.12
CA GLN A 152 6.09 28.96 -8.80
C GLN A 152 7.36 28.73 -8.02
N THR A 153 7.41 29.22 -6.82
CA THR A 153 8.56 29.06 -5.99
C THR A 153 8.51 27.75 -5.25
N VAL A 154 9.66 27.34 -4.72
CA VAL A 154 9.80 26.09 -3.99
C VAL A 154 8.80 25.99 -2.82
N ASP A 155 8.60 27.09 -2.08
CA ASP A 155 7.68 27.07 -0.95
C ASP A 155 6.26 26.85 -1.41
N VAL A 156 5.88 27.52 -2.48
CA VAL A 156 4.55 27.42 -3.03
C VAL A 156 4.32 26.02 -3.59
N ALA A 157 5.31 25.49 -4.27
CA ALA A 157 5.23 24.15 -4.83
C ALA A 157 5.09 23.11 -3.72
N GLN A 158 5.92 23.24 -2.69
CA GLN A 158 5.91 22.34 -1.53
C GLN A 158 4.55 22.38 -0.86
N LYS A 159 4.03 23.59 -0.73
CA LYS A 159 2.76 23.85 -0.09
C LYS A 159 1.65 23.11 -0.83
N ASN A 160 1.66 23.21 -2.16
CA ASN A 160 0.66 22.53 -3.00
C ASN A 160 0.76 21.03 -2.85
N LEU A 161 1.98 20.51 -2.90
CA LEU A 161 2.20 19.08 -2.73
C LEU A 161 1.72 18.59 -1.37
N ASN A 162 2.02 19.36 -0.33
CA ASN A 162 1.58 19.01 1.04
C ASN A 162 0.08 18.98 1.13
N VAL A 163 -0.57 19.91 0.47
CA VAL A 163 -2.03 19.98 0.43
C VAL A 163 -2.61 18.75 -0.30
N TYR A 164 -1.89 18.24 -1.28
CA TYR A 164 -2.38 17.09 -2.02
C TYR A 164 -2.03 15.77 -1.33
N GLY A 165 -1.40 15.85 -0.17
CA GLY A 165 -1.10 14.66 0.59
C GLY A 165 0.33 14.20 0.40
N PHE A 166 0.96 14.68 -0.66
CA PHE A 166 2.31 14.30 -1.01
C PHE A 166 3.26 14.87 0.02
N THR A 167 3.64 14.05 0.94
CA THR A 167 4.45 14.46 2.03
C THR A 167 5.88 13.93 1.93
N LYS A 168 6.23 13.38 0.78
CA LYS A 168 7.58 12.99 0.50
C LYS A 168 8.04 13.70 -0.77
N PHE A 169 8.99 14.58 -0.60
CA PHE A 169 9.51 15.35 -1.70
C PHE A 169 11.01 15.35 -1.72
N SER A 170 11.54 15.60 -2.85
CA SER A 170 12.94 15.78 -3.04
C SER A 170 13.11 16.97 -3.95
N GLN A 171 14.03 17.81 -3.63
CA GLN A 171 14.24 19.01 -4.37
C GLN A 171 15.62 18.99 -4.99
N ALA A 172 15.66 19.14 -6.26
CA ALA A 172 16.90 19.15 -6.98
C ALA A 172 17.16 20.53 -7.49
N SER A 173 18.29 21.07 -7.17
CA SER A 173 18.68 22.35 -7.65
C SER A 173 19.47 22.18 -8.94
N VAL A 174 18.99 22.77 -10.00
CA VAL A 174 19.61 22.61 -11.30
C VAL A 174 20.02 23.95 -11.85
N ASP A 175 21.05 23.93 -12.68
CA ASP A 175 21.56 25.16 -13.30
C ASP A 175 20.51 25.69 -14.26
N SER A 176 20.28 26.97 -14.21
CA SER A 176 19.26 27.57 -15.05
C SER A 176 19.57 29.04 -15.36
N PRO A 177 18.88 29.64 -16.34
CA PRO A 177 18.92 31.09 -16.55
C PRO A 177 17.80 31.76 -15.75
N ARG A 178 16.94 30.93 -15.18
CA ARG A 178 15.85 31.31 -14.36
C ARG A 178 16.37 31.56 -12.96
N PRO A 179 15.93 32.64 -12.31
CA PRO A 179 16.41 33.00 -10.97
C PRO A 179 16.16 31.91 -9.91
N ALA A 180 17.07 31.89 -8.95
CA ALA A 180 17.05 30.92 -7.89
C ALA A 180 15.79 31.01 -7.06
N GLY A 181 15.12 29.90 -6.92
CA GLY A 181 13.92 29.84 -6.13
C GLY A 181 12.73 29.41 -6.94
N GLU A 182 12.79 29.62 -8.25
CA GLU A 182 11.71 29.25 -9.13
C GLU A 182 11.78 27.77 -9.48
N VAL A 183 10.71 27.06 -9.25
CA VAL A 183 10.64 25.66 -9.61
C VAL A 183 10.45 25.57 -11.10
N THR A 184 11.44 25.05 -11.78
CA THR A 184 11.43 24.98 -13.22
C THR A 184 10.55 23.82 -13.70
N GLY A 185 10.30 22.88 -12.81
CA GLY A 185 9.47 21.77 -13.15
C GLY A 185 9.69 20.64 -12.23
N THR A 186 9.08 19.55 -12.52
CA THR A 186 9.24 18.38 -11.73
C THR A 186 9.86 17.31 -12.58
N ASN A 187 10.48 16.36 -11.95
CA ASN A 187 11.06 15.23 -12.68
C ASN A 187 9.92 14.32 -13.21
N PRO A 188 8.95 13.86 -12.36
CA PRO A 188 7.79 13.16 -12.87
C PRO A 188 6.93 14.11 -13.70
N PRO A 189 6.51 13.69 -14.92
CA PRO A 189 5.69 14.52 -15.81
C PRO A 189 4.31 14.82 -15.27
N ALA A 190 3.80 15.98 -15.59
CA ALA A 190 2.46 16.37 -15.22
C ALA A 190 1.45 15.43 -15.86
N GLY A 191 0.50 14.99 -15.09
CA GLY A 191 -0.50 14.08 -15.54
C GLY A 191 -0.29 12.70 -14.97
N THR A 192 0.93 12.44 -14.54
CA THR A 192 1.31 11.14 -14.02
C THR A 192 0.59 10.87 -12.69
N THR A 193 0.07 9.69 -12.56
CA THR A 193 -0.59 9.30 -11.36
C THR A 193 0.39 8.54 -10.48
N VAL A 194 0.60 9.02 -9.28
CA VAL A 194 1.54 8.43 -8.34
C VAL A 194 0.92 8.37 -6.95
N PRO A 195 1.37 7.45 -6.09
CA PRO A 195 0.90 7.37 -4.70
C PRO A 195 1.24 8.63 -3.90
N VAL A 196 0.39 8.98 -2.94
CA VAL A 196 0.63 10.15 -2.08
C VAL A 196 1.86 9.92 -1.18
N ASP A 197 2.20 8.66 -1.04
CA ASP A 197 3.33 8.23 -0.23
C ASP A 197 4.60 8.12 -1.11
N SER A 198 4.46 8.48 -2.37
CA SER A 198 5.57 8.45 -3.30
C SER A 198 6.37 9.72 -3.13
N VAL A 199 7.60 9.69 -3.56
CA VAL A 199 8.47 10.81 -3.43
C VAL A 199 8.46 11.59 -4.74
N ILE A 200 8.10 12.85 -4.67
CA ILE A 200 8.10 13.70 -5.84
C ILE A 200 9.35 14.56 -5.86
N GLU A 201 10.01 14.60 -6.98
CA GLU A 201 11.18 15.39 -7.12
C GLU A 201 10.84 16.65 -7.90
N LEU A 202 10.99 17.76 -7.23
CA LEU A 202 10.79 19.04 -7.83
C LEU A 202 12.13 19.72 -8.08
N GLN A 203 12.28 20.26 -9.25
CA GLN A 203 13.53 20.84 -9.66
C GLN A 203 13.46 22.35 -9.59
N VAL A 204 14.32 22.90 -8.79
CA VAL A 204 14.38 24.31 -8.56
C VAL A 204 15.50 24.90 -9.40
N SER A 205 15.25 26.02 -9.97
CA SER A 205 16.20 26.69 -10.81
C SER A 205 17.14 27.54 -9.98
N LYS A 206 18.39 27.55 -10.36
CA LYS A 206 19.33 28.51 -9.84
C LYS A 206 19.63 29.43 -10.99
N GLY A 207 19.89 30.67 -10.70
CA GLY A 207 20.14 31.62 -11.76
C GLY A 207 21.53 31.51 -12.31
N ASN A 208 22.43 30.98 -11.47
CA ASN A 208 23.88 30.91 -11.78
C ASN A 208 24.41 32.31 -12.01
N GLN A 209 23.91 33.24 -11.24
CA GLN A 209 24.21 34.64 -11.43
C GLN A 209 25.05 35.16 -10.30
N PHE A 210 25.98 36.01 -10.62
CA PHE A 210 26.86 36.60 -9.62
C PHE A 210 26.76 38.10 -9.72
N VAL A 211 26.89 38.77 -8.61
CA VAL A 211 26.76 40.22 -8.58
C VAL A 211 27.98 40.85 -9.22
N MET A 212 27.74 41.56 -10.29
CA MET A 212 28.80 42.22 -11.02
C MET A 212 28.90 43.67 -10.61
N PRO A 213 30.09 44.10 -10.20
CA PRO A 213 30.39 45.52 -9.95
C PRO A 213 30.22 46.37 -11.23
N ASP A 214 30.28 47.67 -11.05
CA ASP A 214 30.11 48.65 -12.13
C ASP A 214 31.18 48.48 -13.22
N LEU A 215 30.80 48.68 -14.47
CA LEU A 215 31.73 48.48 -15.58
C LEU A 215 31.86 49.76 -16.41
N SER A 216 30.74 50.39 -16.67
CA SER A 216 30.73 51.62 -17.41
C SER A 216 31.22 52.75 -16.48
N GLY A 217 31.93 53.69 -17.05
CA GLY A 217 32.50 54.75 -16.25
C GLY A 217 34.00 54.63 -16.18
N MET A 218 34.49 53.54 -16.69
CA MET A 218 35.88 53.22 -16.64
C MET A 218 36.48 53.21 -18.03
N PHE A 219 37.76 53.41 -18.09
CA PHE A 219 38.48 53.40 -19.32
C PHE A 219 38.85 51.98 -19.57
N TRP A 220 38.83 51.56 -20.81
CA TRP A 220 39.08 50.17 -21.20
C TRP A 220 40.37 49.59 -20.62
N VAL A 221 41.36 50.45 -20.42
CA VAL A 221 42.66 49.99 -19.94
C VAL A 221 42.63 49.75 -18.44
N ASP A 222 41.65 50.33 -17.78
CA ASP A 222 41.47 50.23 -16.34
C ASP A 222 40.37 49.20 -16.06
N ALA A 223 39.38 49.19 -16.95
CA ALA A 223 38.24 48.32 -16.87
C ALA A 223 38.62 46.88 -17.09
N GLU A 224 39.52 46.62 -18.03
CA GLU A 224 39.97 45.25 -18.33
C GLU A 224 40.49 44.49 -17.07
N PRO A 225 41.54 45.03 -16.33
CA PRO A 225 42.00 44.38 -15.10
C PRO A 225 40.90 44.28 -14.06
N ARG A 226 40.09 45.33 -13.95
CA ARG A 226 39.03 45.38 -12.97
C ARG A 226 37.96 44.30 -13.29
N LEU A 227 37.68 44.12 -14.57
CA LEU A 227 36.69 43.19 -15.05
C LEU A 227 37.11 41.75 -14.76
N ARG A 228 38.34 41.41 -15.09
CA ARG A 228 38.83 40.07 -14.80
C ARG A 228 38.94 39.84 -13.29
N ALA A 229 39.30 40.90 -12.56
CA ALA A 229 39.43 40.85 -11.10
C ALA A 229 38.09 40.61 -10.43
N LEU A 230 37.01 41.07 -11.06
CA LEU A 230 35.68 40.88 -10.50
C LEU A 230 35.14 39.48 -10.81
N GLY A 231 35.94 38.68 -11.49
CA GLY A 231 35.57 37.31 -11.74
C GLY A 231 34.88 37.11 -13.05
N TRP A 232 35.07 38.02 -13.96
CA TRP A 232 34.42 37.92 -15.23
C TRP A 232 35.17 36.94 -16.15
N THR A 233 34.42 36.12 -16.83
CA THR A 233 34.93 35.25 -17.86
C THR A 233 33.77 34.96 -18.81
N GLY A 234 33.75 35.63 -19.94
CA GLY A 234 32.71 35.44 -20.90
C GLY A 234 33.17 35.88 -22.25
N MET A 235 32.28 36.36 -23.07
CA MET A 235 32.67 36.80 -24.40
C MET A 235 32.94 38.29 -24.40
N LEU A 236 34.09 38.67 -24.86
CA LEU A 236 34.45 40.06 -25.00
C LEU A 236 34.29 40.41 -26.47
N ASP A 237 33.61 41.47 -26.77
CA ASP A 237 33.40 41.85 -28.15
C ASP A 237 34.42 42.87 -28.57
N LYS A 238 35.37 42.43 -29.33
CA LYS A 238 36.39 43.29 -29.85
C LYS A 238 35.93 43.73 -31.24
N GLY A 239 35.91 45.00 -31.45
CA GLY A 239 35.46 45.52 -32.70
C GLY A 239 36.51 46.32 -33.40
N ALA A 240 36.23 47.58 -33.58
CA ALA A 240 37.12 48.45 -34.28
C ALA A 240 37.21 49.77 -33.56
N ASP A 241 38.39 50.35 -33.57
CA ASP A 241 38.61 51.65 -32.96
C ASP A 241 38.12 52.71 -33.92
N VAL A 242 37.51 53.71 -33.38
CA VAL A 242 36.83 54.72 -34.16
C VAL A 242 37.14 56.08 -33.58
N ASP A 243 37.72 56.94 -34.37
CA ASP A 243 37.91 58.30 -33.93
C ASP A 243 36.55 58.99 -33.97
N ALA A 244 35.98 59.23 -32.79
CA ALA A 244 34.64 59.77 -32.69
C ALA A 244 34.50 60.83 -31.60
N GLY A 245 35.60 61.24 -31.04
CA GLY A 245 35.54 62.23 -29.99
C GLY A 245 36.08 61.68 -28.70
N GLY A 246 36.83 62.49 -27.99
CA GLY A 246 37.54 62.07 -26.79
C GLY A 246 36.67 61.44 -25.72
N SER A 247 35.44 61.90 -25.59
CA SER A 247 34.51 61.37 -24.60
C SER A 247 34.15 59.90 -24.88
N GLN A 248 34.27 59.49 -26.13
CA GLN A 248 33.94 58.13 -26.52
C GLN A 248 35.20 57.31 -26.60
N HIS A 249 36.33 57.97 -26.58
CA HIS A 249 37.61 57.32 -26.74
C HIS A 249 38.03 56.62 -25.49
N ASN A 250 38.55 55.40 -25.66
CA ASN A 250 39.06 54.50 -24.61
C ASN A 250 38.16 54.32 -23.37
N ARG A 251 36.92 54.76 -23.43
CA ARG A 251 36.02 54.64 -22.31
C ARG A 251 34.76 53.95 -22.77
N VAL A 252 34.15 53.17 -21.89
CA VAL A 252 32.96 52.39 -22.19
C VAL A 252 31.78 53.30 -22.61
N VAL A 253 31.12 52.97 -23.71
CA VAL A 253 30.00 53.77 -24.21
C VAL A 253 28.67 53.28 -23.62
N TYR A 254 28.52 51.98 -23.50
CA TYR A 254 27.30 51.41 -22.96
C TYR A 254 27.61 50.07 -22.30
N GLN A 255 26.69 49.62 -21.47
CA GLN A 255 26.87 48.40 -20.70
C GLN A 255 25.62 47.52 -20.84
N ASN A 256 25.82 46.27 -21.21
CA ASN A 256 24.70 45.33 -21.41
C ASN A 256 24.04 44.89 -20.06
N PRO A 257 24.76 44.21 -19.12
CA PRO A 257 24.16 43.79 -17.85
C PRO A 257 24.27 44.91 -16.80
N PRO A 258 23.19 45.20 -16.09
CA PRO A 258 23.16 46.29 -15.10
C PRO A 258 24.12 46.07 -13.91
N ALA A 259 24.79 47.15 -13.53
CA ALA A 259 25.75 47.15 -12.45
C ALA A 259 25.07 46.92 -11.13
N GLY A 260 25.57 46.01 -10.34
CA GLY A 260 24.99 45.73 -9.05
C GLY A 260 23.92 44.66 -9.11
N THR A 261 23.68 44.16 -10.29
CA THR A 261 22.69 43.13 -10.46
C THR A 261 23.42 41.78 -10.59
N GLY A 262 22.70 40.71 -10.30
CA GLY A 262 23.23 39.40 -10.50
C GLY A 262 23.27 39.10 -11.98
N VAL A 263 24.44 38.97 -12.50
CA VAL A 263 24.61 38.77 -13.90
C VAL A 263 24.75 37.31 -14.24
N ASN A 264 24.16 36.97 -15.36
CA ASN A 264 24.18 35.67 -15.98
C ASN A 264 25.61 35.12 -16.07
N ARG A 265 25.75 33.81 -15.84
CA ARG A 265 27.06 33.11 -15.79
C ARG A 265 27.93 33.30 -17.01
N ASP A 266 27.31 33.59 -18.13
CA ASP A 266 28.07 33.79 -19.35
C ASP A 266 28.71 35.16 -19.31
N GLY A 267 28.11 36.06 -18.53
CA GLY A 267 28.69 37.34 -18.27
C GLY A 267 28.75 38.22 -19.46
N ILE A 268 27.93 37.99 -20.46
CA ILE A 268 28.18 38.69 -21.70
C ILE A 268 27.89 40.21 -21.54
N ILE A 269 28.95 40.94 -21.75
CA ILE A 269 28.96 42.37 -21.66
C ILE A 269 29.16 42.94 -23.04
N THR A 270 28.23 43.69 -23.48
CA THR A 270 28.35 44.35 -24.71
C THR A 270 28.78 45.77 -24.38
N LEU A 271 29.94 46.10 -24.85
CA LEU A 271 30.55 47.38 -24.61
C LEU A 271 31.18 47.80 -25.90
N ARG A 272 31.43 49.05 -26.01
CA ARG A 272 32.07 49.59 -27.16
C ARG A 272 32.81 50.79 -26.68
N PHE A 273 33.87 51.12 -27.32
CA PHE A 273 34.60 52.31 -27.07
C PHE A 273 34.99 52.84 -28.42
N GLY A 274 35.32 54.10 -28.48
CA GLY A 274 35.71 54.69 -29.71
C GLY A 274 37.12 54.32 -30.06
N GLN A 275 38.01 55.19 -29.73
CA GLN A 275 39.40 54.96 -29.98
C GLN A 275 40.17 55.24 -28.70
N GLY A 4 -36.24 -80.58 19.65
CA GLY A 4 -37.47 -79.84 19.83
C GLY A 4 -37.35 -78.46 19.28
N ILE A 5 -38.37 -77.66 19.46
CA ILE A 5 -38.38 -76.29 18.99
C ILE A 5 -37.84 -75.36 20.09
N THR A 6 -37.27 -74.25 19.72
CA THR A 6 -36.82 -73.28 20.68
C THR A 6 -37.96 -72.25 20.91
N ARG A 7 -37.90 -71.53 21.99
CA ARG A 7 -38.92 -70.58 22.32
C ARG A 7 -38.40 -69.17 22.13
N ASP A 8 -38.43 -68.77 20.91
CA ASP A 8 -38.08 -67.42 20.50
C ASP A 8 -39.14 -66.47 21.03
N VAL A 9 -38.72 -65.44 21.70
CA VAL A 9 -39.62 -64.52 22.34
C VAL A 9 -39.49 -63.15 21.73
N GLN A 10 -40.42 -62.28 21.96
CA GLN A 10 -40.32 -60.99 21.38
C GLN A 10 -39.66 -60.13 22.40
N VAL A 11 -38.77 -59.32 21.95
CA VAL A 11 -37.89 -58.63 22.82
C VAL A 11 -38.44 -57.24 23.13
N PRO A 12 -38.69 -56.95 24.43
CA PRO A 12 -39.27 -55.69 24.85
C PRO A 12 -38.35 -54.51 24.58
N ASP A 13 -38.86 -53.60 23.84
CA ASP A 13 -38.14 -52.42 23.44
C ASP A 13 -38.72 -51.23 24.18
N VAL A 14 -37.90 -50.23 24.36
CA VAL A 14 -38.28 -49.00 25.04
C VAL A 14 -37.77 -47.80 24.25
N ARG A 15 -37.66 -47.98 22.93
CA ARG A 15 -37.21 -46.93 22.00
C ARG A 15 -38.10 -45.66 22.07
N GLY A 16 -37.48 -44.51 21.84
CA GLY A 16 -38.16 -43.23 21.96
C GLY A 16 -37.75 -42.47 23.19
N GLN A 17 -36.95 -43.11 24.02
CA GLN A 17 -36.50 -42.48 25.23
C GLN A 17 -35.03 -42.07 25.11
N SER A 18 -34.16 -42.99 25.40
CA SER A 18 -32.75 -42.74 25.36
C SER A 18 -32.04 -44.04 25.08
N SER A 19 -30.83 -43.97 24.57
CA SER A 19 -30.03 -45.14 24.37
C SER A 19 -29.73 -45.79 25.72
N ALA A 20 -29.53 -44.97 26.74
CA ALA A 20 -29.23 -45.46 28.09
C ALA A 20 -30.34 -46.30 28.66
N ASP A 21 -31.57 -45.84 28.54
CA ASP A 21 -32.70 -46.61 29.08
C ASP A 21 -32.90 -47.89 28.30
N ALA A 22 -32.72 -47.80 26.99
CA ALA A 22 -32.87 -48.94 26.10
C ALA A 22 -31.79 -49.98 26.37
N ILE A 23 -30.54 -49.54 26.37
CA ILE A 23 -29.40 -50.40 26.63
C ILE A 23 -29.51 -51.03 28.02
N ALA A 24 -29.90 -50.23 29.00
CA ALA A 24 -30.03 -50.70 30.37
C ALA A 24 -31.05 -51.83 30.45
N THR A 25 -32.20 -51.61 29.83
CA THR A 25 -33.29 -52.56 29.85
C THR A 25 -32.92 -53.85 29.09
N LEU A 26 -32.38 -53.70 27.90
CA LEU A 26 -31.99 -54.85 27.08
C LEU A 26 -30.89 -55.67 27.72
N GLN A 27 -29.94 -54.98 28.36
CA GLN A 27 -28.86 -55.64 29.08
C GLN A 27 -29.44 -56.45 30.23
N ASN A 28 -30.42 -55.87 30.93
CA ASN A 28 -31.09 -56.55 32.04
C ASN A 28 -31.92 -57.73 31.54
N ARG A 29 -32.28 -57.70 30.26
CA ARG A 29 -33.01 -58.81 29.65
C ARG A 29 -32.04 -59.91 29.27
N GLY A 30 -30.76 -59.58 29.26
CA GLY A 30 -29.75 -60.55 28.93
C GLY A 30 -29.33 -60.49 27.49
N PHE A 31 -29.67 -59.42 26.82
CA PHE A 31 -29.32 -59.25 25.45
C PHE A 31 -28.04 -58.48 25.32
N LYS A 32 -27.50 -58.49 24.14
CA LYS A 32 -26.29 -57.78 23.85
C LYS A 32 -26.69 -56.56 23.06
N ILE A 33 -26.04 -55.49 23.29
CA ILE A 33 -26.38 -54.26 22.61
C ILE A 33 -25.20 -53.67 21.90
N ARG A 34 -25.42 -53.31 20.68
CA ARG A 34 -24.41 -52.81 19.81
C ARG A 34 -24.70 -51.35 19.57
N THR A 35 -23.74 -50.51 19.74
CA THR A 35 -23.94 -49.09 19.60
C THR A 35 -23.00 -48.52 18.53
N LEU A 36 -23.55 -47.87 17.53
CA LEU A 36 -22.78 -47.31 16.45
C LEU A 36 -22.82 -45.80 16.53
N GLN A 37 -21.66 -45.18 16.62
CA GLN A 37 -21.56 -43.73 16.71
C GLN A 37 -21.14 -43.15 15.39
N LYS A 38 -21.89 -42.21 14.92
CA LYS A 38 -21.63 -41.57 13.66
C LYS A 38 -21.78 -40.07 13.78
N PRO A 39 -20.84 -39.29 13.20
CA PRO A 39 -20.89 -37.81 13.21
C PRO A 39 -22.15 -37.28 12.54
N ASP A 40 -22.63 -36.16 13.05
CA ASP A 40 -23.84 -35.44 12.62
C ASP A 40 -25.06 -36.02 13.35
N SER A 41 -26.21 -35.48 13.11
CA SER A 41 -27.39 -35.93 13.77
C SER A 41 -28.52 -36.15 12.76
N THR A 42 -28.14 -36.21 11.48
CA THR A 42 -29.06 -36.57 10.43
C THR A 42 -29.40 -38.07 10.61
N ILE A 43 -28.47 -38.79 11.17
CA ILE A 43 -28.64 -40.17 11.54
C ILE A 43 -29.23 -40.21 12.94
N PRO A 44 -30.00 -41.27 13.26
CA PRO A 44 -30.66 -41.48 14.56
C PRO A 44 -29.92 -40.85 15.77
N PRO A 45 -30.59 -39.88 16.44
CA PRO A 45 -30.04 -39.17 17.60
C PRO A 45 -29.68 -40.10 18.77
N ASP A 46 -28.84 -39.59 19.68
CA ASP A 46 -28.36 -40.33 20.88
C ASP A 46 -29.50 -40.82 21.79
N HIS A 47 -30.67 -40.36 21.48
CA HIS A 47 -31.87 -40.83 22.09
C HIS A 47 -32.54 -41.63 21.03
N VAL A 48 -32.76 -42.90 21.30
CA VAL A 48 -33.18 -43.82 20.28
C VAL A 48 -34.51 -43.45 19.70
N ILE A 49 -34.53 -43.17 18.42
CA ILE A 49 -35.75 -42.79 17.73
C ILE A 49 -36.45 -44.07 17.28
N GLY A 50 -35.66 -45.03 16.92
CA GLY A 50 -36.15 -46.28 16.48
C GLY A 50 -35.15 -47.34 16.76
N THR A 51 -35.61 -48.53 16.82
CA THR A 51 -34.78 -49.67 17.04
C THR A 51 -34.90 -50.58 15.83
N ASP A 52 -34.25 -51.69 15.83
CA ASP A 52 -34.31 -52.54 14.68
C ASP A 52 -35.26 -53.67 14.89
N PRO A 53 -35.94 -54.10 13.79
CA PRO A 53 -36.99 -55.13 13.78
C PRO A 53 -36.60 -56.44 14.48
N ALA A 54 -35.32 -56.62 14.71
CA ALA A 54 -34.80 -57.78 15.44
C ALA A 54 -35.45 -57.91 16.81
N ALA A 55 -35.77 -56.78 17.43
CA ALA A 55 -36.40 -56.78 18.75
C ALA A 55 -37.91 -57.01 18.65
N ASN A 56 -38.49 -56.56 17.56
CA ASN A 56 -39.94 -56.68 17.36
C ASN A 56 -40.29 -58.03 16.74
N THR A 57 -39.29 -58.80 16.47
CA THR A 57 -39.45 -60.12 15.97
C THR A 57 -39.09 -61.07 17.11
N SER A 58 -39.71 -62.22 17.17
CA SER A 58 -39.38 -63.16 18.20
C SER A 58 -38.04 -63.83 17.90
N VAL A 59 -37.06 -63.55 18.73
CA VAL A 59 -35.75 -64.13 18.61
C VAL A 59 -35.33 -64.71 19.97
N SER A 60 -34.26 -65.46 19.98
CA SER A 60 -33.77 -66.03 21.20
C SER A 60 -32.98 -64.95 21.97
N ALA A 61 -32.88 -65.12 23.27
CA ALA A 61 -32.20 -64.20 24.13
C ALA A 61 -30.69 -64.25 23.89
N GLY A 62 -30.05 -63.10 23.97
CA GLY A 62 -28.63 -63.04 23.78
C GLY A 62 -28.24 -62.54 22.42
N ASP A 63 -29.18 -62.01 21.67
CA ASP A 63 -28.89 -61.46 20.34
C ASP A 63 -28.30 -60.04 20.54
N GLU A 64 -27.87 -59.42 19.46
CA GLU A 64 -27.25 -58.11 19.53
C GLU A 64 -28.19 -57.09 18.90
N ILE A 65 -28.68 -56.18 19.69
CA ILE A 65 -29.58 -55.18 19.18
C ILE A 65 -28.79 -53.91 18.91
N THR A 66 -28.94 -53.40 17.70
CA THR A 66 -28.22 -52.26 17.25
C THR A 66 -28.89 -50.92 17.59
N VAL A 67 -28.08 -50.04 18.14
CA VAL A 67 -28.45 -48.69 18.49
C VAL A 67 -27.53 -47.72 17.81
N ASN A 68 -28.11 -46.70 17.26
CA ASN A 68 -27.36 -45.68 16.61
C ASN A 68 -27.34 -44.43 17.45
N VAL A 69 -26.16 -43.91 17.67
CA VAL A 69 -26.00 -42.71 18.45
C VAL A 69 -25.37 -41.61 17.58
N SER A 70 -25.97 -40.44 17.61
CA SER A 70 -25.50 -39.34 16.85
C SER A 70 -24.39 -38.60 17.59
N THR A 71 -23.29 -38.45 16.94
CA THR A 71 -22.15 -37.76 17.48
C THR A 71 -22.19 -36.33 16.92
N GLY A 72 -21.57 -35.36 17.60
CA GLY A 72 -21.58 -33.97 17.21
C GLY A 72 -21.37 -33.72 15.71
N PRO A 73 -21.98 -32.63 15.16
CA PRO A 73 -21.88 -32.26 13.74
C PRO A 73 -20.45 -32.16 13.26
N GLU A 74 -20.27 -32.40 12.00
CA GLU A 74 -18.95 -32.46 11.41
C GLU A 74 -18.38 -31.06 11.32
N GLN A 75 -17.09 -30.98 11.48
CA GLN A 75 -16.40 -29.72 11.42
C GLN A 75 -15.34 -29.81 10.35
N ARG A 76 -14.91 -28.71 9.83
CA ARG A 76 -13.92 -28.72 8.78
C ARG A 76 -12.72 -27.91 9.12
N GLU A 77 -11.66 -28.22 8.44
CA GLU A 77 -10.37 -27.61 8.63
C GLU A 77 -10.35 -26.32 7.86
N ILE A 78 -9.74 -25.30 8.42
CA ILE A 78 -9.70 -24.04 7.77
C ILE A 78 -8.64 -24.10 6.68
N PRO A 79 -8.99 -23.78 5.43
CA PRO A 79 -8.04 -23.80 4.34
C PRO A 79 -7.01 -22.68 4.48
N ASP A 80 -5.79 -22.99 4.17
CA ASP A 80 -4.74 -22.00 4.16
C ASP A 80 -4.63 -21.49 2.77
N VAL A 81 -4.63 -20.22 2.60
CA VAL A 81 -4.70 -19.67 1.29
C VAL A 81 -3.60 -18.63 1.10
N SER A 82 -3.15 -18.49 -0.12
CA SER A 82 -2.24 -17.45 -0.47
C SER A 82 -2.94 -16.12 -0.24
N THR A 83 -2.21 -15.18 0.32
CA THR A 83 -2.75 -13.92 0.77
C THR A 83 -3.39 -13.10 -0.37
N LEU A 84 -2.92 -13.28 -1.56
CA LEU A 84 -3.46 -12.56 -2.69
C LEU A 84 -4.64 -13.27 -3.37
N THR A 85 -4.89 -14.50 -2.98
CA THR A 85 -5.93 -15.29 -3.61
C THR A 85 -7.20 -15.36 -2.71
N TYR A 86 -7.65 -14.19 -2.25
CA TYR A 86 -8.86 -14.04 -1.44
C TYR A 86 -10.11 -14.71 -2.09
N ALA A 87 -10.22 -14.62 -3.41
CA ALA A 87 -11.34 -15.23 -4.13
C ALA A 87 -11.42 -16.75 -3.89
N GLU A 88 -10.25 -17.39 -3.87
CA GLU A 88 -10.17 -18.83 -3.63
C GLU A 88 -10.55 -19.09 -2.18
N ALA A 89 -10.17 -18.18 -1.31
CA ALA A 89 -10.41 -18.31 0.11
C ALA A 89 -11.91 -18.40 0.40
N VAL A 90 -12.66 -17.44 -0.13
CA VAL A 90 -14.08 -17.42 0.11
C VAL A 90 -14.78 -18.67 -0.43
N LYS A 91 -14.44 -19.07 -1.66
CA LYS A 91 -15.04 -20.25 -2.23
C LYS A 91 -14.60 -21.56 -1.52
N LYS A 92 -13.36 -21.61 -1.04
CA LYS A 92 -12.88 -22.75 -0.25
C LYS A 92 -13.62 -22.85 1.06
N LEU A 93 -13.82 -21.72 1.71
CA LEU A 93 -14.58 -21.67 2.96
C LEU A 93 -16.01 -22.10 2.72
N THR A 94 -16.54 -21.75 1.56
CA THR A 94 -17.89 -22.13 1.20
C THR A 94 -17.99 -23.66 0.99
N ALA A 95 -17.01 -24.23 0.30
CA ALA A 95 -16.97 -25.67 0.04
C ALA A 95 -16.74 -26.46 1.31
N ALA A 96 -16.18 -25.82 2.30
CA ALA A 96 -15.90 -26.44 3.58
C ALA A 96 -17.16 -26.51 4.47
N GLY A 97 -18.28 -26.10 3.93
CA GLY A 97 -19.53 -26.24 4.63
C GLY A 97 -19.99 -24.95 5.24
N PHE A 98 -19.18 -24.41 6.15
CA PHE A 98 -19.48 -23.15 6.80
C PHE A 98 -19.76 -22.04 5.81
N GLY A 99 -18.77 -21.68 5.01
CA GLY A 99 -18.91 -20.61 4.04
C GLY A 99 -19.24 -19.28 4.67
N ARG A 100 -18.90 -19.14 5.92
CA ARG A 100 -19.18 -17.93 6.62
C ARG A 100 -17.88 -17.23 6.83
N PHE A 101 -17.72 -16.14 6.16
CA PHE A 101 -16.50 -15.39 6.16
C PHE A 101 -16.78 -13.94 6.41
N LYS A 102 -15.88 -13.31 7.09
CA LYS A 102 -15.98 -11.91 7.42
C LYS A 102 -14.67 -11.24 7.07
N GLN A 103 -14.73 -10.12 6.39
CA GLN A 103 -13.54 -9.41 5.99
C GLN A 103 -13.29 -8.24 6.93
N ALA A 104 -12.11 -8.17 7.45
CA ALA A 104 -11.68 -7.07 8.28
C ALA A 104 -10.48 -6.45 7.62
N ASN A 105 -10.24 -5.19 7.84
CA ASN A 105 -9.08 -4.56 7.24
C ASN A 105 -8.27 -3.87 8.30
N SER A 106 -6.99 -3.88 8.15
CA SER A 106 -6.11 -3.23 9.06
C SER A 106 -4.99 -2.60 8.25
N PRO A 107 -4.50 -1.41 8.64
CA PRO A 107 -3.37 -0.78 7.97
C PRO A 107 -2.10 -1.62 8.16
N SER A 108 -1.33 -1.75 7.13
CA SER A 108 -0.11 -2.52 7.19
C SER A 108 0.89 -1.96 6.21
N THR A 109 2.09 -2.51 6.22
CA THR A 109 3.14 -2.18 5.30
C THR A 109 2.63 -2.32 3.84
N PRO A 110 2.99 -1.34 2.98
CA PRO A 110 2.51 -1.25 1.59
C PRO A 110 2.73 -2.53 0.79
N GLU A 111 3.76 -3.26 1.14
CA GLU A 111 4.09 -4.51 0.45
C GLU A 111 3.02 -5.58 0.69
N LEU A 112 2.34 -5.52 1.83
CA LEU A 112 1.28 -6.47 2.17
C LEU A 112 -0.11 -5.90 1.88
N VAL A 113 -0.17 -4.60 1.65
CA VAL A 113 -1.42 -3.90 1.34
C VAL A 113 -2.06 -4.48 0.08
N GLY A 114 -3.33 -4.79 0.18
CA GLY A 114 -4.05 -5.34 -0.94
C GLY A 114 -4.19 -6.83 -0.84
N LYS A 115 -3.48 -7.41 0.10
CA LYS A 115 -3.50 -8.84 0.29
C LYS A 115 -4.04 -9.19 1.65
N VAL A 116 -4.35 -10.45 1.83
CA VAL A 116 -4.80 -10.97 3.09
C VAL A 116 -3.61 -11.03 4.05
N ILE A 117 -3.83 -10.75 5.30
CA ILE A 117 -2.76 -10.81 6.27
C ILE A 117 -2.84 -12.14 7.00
N GLY A 118 -4.03 -12.69 7.06
CA GLY A 118 -4.22 -13.98 7.66
C GLY A 118 -5.64 -14.17 8.08
N THR A 119 -5.84 -15.11 8.95
CA THR A 119 -7.12 -15.44 9.47
C THR A 119 -7.10 -15.14 10.96
N ASN A 120 -8.19 -14.63 11.47
CA ASN A 120 -8.31 -14.37 12.90
C ASN A 120 -8.27 -15.70 13.68
N PRO A 121 -9.09 -16.73 13.30
CA PRO A 121 -8.97 -18.05 13.91
C PRO A 121 -7.73 -18.76 13.37
N PRO A 122 -7.14 -19.71 14.10
CA PRO A 122 -5.99 -20.43 13.60
C PRO A 122 -6.39 -21.23 12.34
N ALA A 123 -5.65 -21.03 11.27
CA ALA A 123 -5.98 -21.60 9.97
C ALA A 123 -5.70 -23.10 9.88
N ASN A 124 -5.20 -23.66 10.93
CA ASN A 124 -4.87 -25.09 10.94
C ASN A 124 -5.85 -25.83 11.83
N GLN A 125 -6.84 -25.12 12.34
CA GLN A 125 -7.79 -25.71 13.25
C GLN A 125 -9.07 -26.12 12.56
N THR A 126 -9.95 -26.74 13.30
CA THR A 126 -11.17 -27.26 12.80
C THR A 126 -12.34 -26.36 13.24
N SER A 127 -12.95 -25.69 12.31
CA SER A 127 -14.04 -24.80 12.59
C SER A 127 -15.38 -25.47 12.24
N ALA A 128 -16.38 -25.16 13.01
CA ALA A 128 -17.71 -25.70 12.83
C ALA A 128 -18.41 -25.04 11.63
N ILE A 129 -19.28 -25.78 10.99
CA ILE A 129 -20.02 -25.32 9.81
C ILE A 129 -21.02 -24.21 10.15
N THR A 130 -21.45 -24.19 11.38
CA THR A 130 -22.35 -23.17 11.85
C THR A 130 -21.54 -21.95 12.40
N ASN A 131 -20.22 -22.03 12.31
CA ASN A 131 -19.34 -21.02 12.87
C ASN A 131 -18.80 -20.10 11.76
N VAL A 132 -18.64 -18.84 12.10
CA VAL A 132 -18.19 -17.83 11.16
C VAL A 132 -16.75 -17.38 11.46
N VAL A 133 -15.91 -17.43 10.44
CA VAL A 133 -14.51 -17.08 10.58
C VAL A 133 -14.22 -15.70 9.96
N ILE A 134 -13.36 -14.95 10.60
CA ILE A 134 -13.01 -13.62 10.14
C ILE A 134 -11.58 -13.56 9.58
N ILE A 135 -11.47 -12.99 8.40
CA ILE A 135 -10.25 -12.84 7.67
C ILE A 135 -9.85 -11.36 7.53
N ILE A 136 -8.62 -11.08 7.86
CA ILE A 136 -8.11 -9.73 7.91
C ILE A 136 -7.19 -9.43 6.71
N VAL A 137 -7.49 -8.36 6.01
CA VAL A 137 -6.72 -7.91 4.86
C VAL A 137 -5.97 -6.61 5.20
N GLY A 138 -4.85 -6.41 4.55
CA GLY A 138 -4.05 -5.23 4.80
C GLY A 138 -4.43 -4.12 3.86
N SER A 139 -4.62 -2.94 4.39
CA SER A 139 -5.03 -1.82 3.59
C SER A 139 -4.20 -0.59 3.94
N GLY A 140 -4.17 0.38 3.05
CA GLY A 140 -3.46 1.61 3.31
C GLY A 140 -2.20 1.74 2.46
N PRO A 141 -2.30 2.15 1.18
CA PRO A 141 -1.13 2.32 0.31
C PRO A 141 -0.28 3.51 0.78
N ALA A 142 1.01 3.41 0.61
CA ALA A 142 1.91 4.45 1.09
C ALA A 142 2.57 5.18 -0.06
N THR A 143 1.90 5.17 -1.15
CA THR A 143 2.38 5.79 -2.35
C THR A 143 1.46 6.92 -2.78
N LYS A 144 2.05 7.96 -3.31
CA LYS A 144 1.33 9.09 -3.79
C LYS A 144 2.12 9.73 -4.92
N ASP A 145 1.44 10.29 -5.89
CA ASP A 145 2.10 10.90 -7.03
C ASP A 145 2.52 12.32 -6.77
N ILE A 146 3.74 12.61 -7.11
CA ILE A 146 4.33 13.92 -6.91
C ILE A 146 3.84 14.90 -7.97
N PRO A 147 3.52 16.14 -7.57
CA PRO A 147 3.07 17.16 -8.49
C PRO A 147 4.23 17.93 -9.13
N ASP A 148 3.90 18.80 -10.05
CA ASP A 148 4.87 19.63 -10.75
C ASP A 148 4.96 20.98 -10.09
N VAL A 149 6.16 21.44 -9.84
CA VAL A 149 6.35 22.68 -9.18
C VAL A 149 7.60 23.39 -9.72
N ALA A 150 7.36 24.39 -10.51
CA ALA A 150 8.39 25.19 -11.10
C ALA A 150 7.89 26.61 -11.25
N GLY A 151 8.72 27.58 -10.98
CA GLY A 151 8.32 28.96 -11.10
C GLY A 151 8.29 29.62 -9.78
N GLN A 152 8.25 28.81 -8.76
CA GLN A 152 8.24 29.28 -7.42
C GLN A 152 9.66 29.27 -6.88
N THR A 153 9.85 29.67 -5.65
CA THR A 153 11.17 29.63 -5.13
C THR A 153 11.37 28.28 -4.45
N VAL A 154 12.62 27.87 -4.33
CA VAL A 154 12.98 26.59 -3.75
C VAL A 154 12.38 26.39 -2.35
N ASP A 155 12.41 27.43 -1.54
CA ASP A 155 11.92 27.34 -0.16
C ASP A 155 10.41 27.09 -0.13
N VAL A 156 9.68 27.77 -1.01
CA VAL A 156 8.23 27.63 -1.08
C VAL A 156 7.86 26.27 -1.66
N ALA A 157 8.55 25.88 -2.72
CA ALA A 157 8.29 24.63 -3.40
C ALA A 157 8.53 23.44 -2.48
N GLN A 158 9.67 23.47 -1.82
CA GLN A 158 10.10 22.43 -0.89
C GLN A 158 9.09 22.30 0.25
N LYS A 159 8.66 23.44 0.73
CA LYS A 159 7.73 23.55 1.83
C LYS A 159 6.39 22.93 1.45
N ASN A 160 5.94 23.21 0.22
CA ASN A 160 4.68 22.66 -0.31
C ASN A 160 4.76 21.15 -0.38
N LEU A 161 5.90 20.66 -0.81
CA LEU A 161 6.13 19.24 -0.93
C LEU A 161 6.13 18.56 0.44
N ASN A 162 6.67 19.26 1.43
CA ASN A 162 6.67 18.76 2.80
C ASN A 162 5.25 18.66 3.32
N VAL A 163 4.42 19.62 2.93
CA VAL A 163 3.00 19.65 3.29
C VAL A 163 2.28 18.42 2.70
N TYR A 164 2.74 17.94 1.53
CA TYR A 164 2.12 16.79 0.90
C TYR A 164 2.55 15.50 1.59
N GLY A 165 3.48 15.60 2.52
CA GLY A 165 3.89 14.44 3.27
C GLY A 165 5.25 13.95 2.89
N PHE A 166 5.88 14.59 1.94
CA PHE A 166 7.18 14.19 1.48
C PHE A 166 8.20 14.91 2.31
N THR A 167 8.71 14.23 3.28
CA THR A 167 9.57 14.82 4.25
C THR A 167 11.06 14.72 3.84
N LYS A 168 11.34 13.94 2.83
CA LYS A 168 12.70 13.77 2.38
C LYS A 168 12.88 14.47 1.04
N PHE A 169 13.73 15.44 1.01
CA PHE A 169 13.97 16.25 -0.17
C PHE A 169 15.43 16.33 -0.49
N SER A 170 15.71 16.56 -1.72
CA SER A 170 17.01 16.74 -2.22
C SER A 170 16.96 17.83 -3.26
N GLN A 171 18.00 18.59 -3.39
CA GLN A 171 18.04 19.67 -4.32
C GLN A 171 19.32 19.65 -5.14
N ALA A 172 19.15 19.79 -6.42
CA ALA A 172 20.24 19.90 -7.34
C ALA A 172 20.18 21.30 -7.91
N SER A 173 21.30 21.92 -8.11
CA SER A 173 21.30 23.27 -8.59
C SER A 173 22.05 23.39 -9.90
N VAL A 174 21.42 24.01 -10.87
CA VAL A 174 22.04 24.19 -12.18
C VAL A 174 22.09 25.67 -12.49
N ASP A 175 22.84 26.06 -13.49
CA ASP A 175 22.84 27.44 -13.91
C ASP A 175 21.81 27.57 -15.00
N SER A 176 21.07 28.60 -14.95
CA SER A 176 19.95 28.77 -15.83
C SER A 176 19.88 30.24 -16.24
N PRO A 177 18.99 30.61 -17.18
CA PRO A 177 18.69 32.02 -17.43
C PRO A 177 17.73 32.54 -16.35
N ARG A 178 17.10 31.58 -15.68
CA ARG A 178 16.18 31.78 -14.59
C ARG A 178 16.97 32.34 -13.39
N PRO A 179 16.34 33.11 -12.49
CA PRO A 179 17.02 33.69 -11.33
C PRO A 179 17.40 32.63 -10.27
N ALA A 180 18.41 32.93 -9.48
CA ALA A 180 18.90 32.01 -8.46
C ALA A 180 17.90 31.87 -7.34
N GLY A 181 17.52 30.66 -7.06
CA GLY A 181 16.59 30.40 -5.98
C GLY A 181 15.23 30.02 -6.50
N GLU A 182 15.06 30.20 -7.77
CA GLU A 182 13.85 29.85 -8.46
C GLU A 182 13.92 28.36 -8.76
N VAL A 183 12.85 27.63 -8.60
CA VAL A 183 12.89 26.20 -8.83
C VAL A 183 12.43 25.89 -10.25
N THR A 184 13.31 25.31 -11.04
CA THR A 184 13.01 25.06 -12.43
C THR A 184 12.23 23.73 -12.61
N GLY A 185 11.96 23.06 -11.51
CA GLY A 185 11.15 21.87 -11.55
C GLY A 185 11.73 20.76 -10.73
N THR A 186 11.32 19.57 -11.00
CA THR A 186 11.82 18.43 -10.32
C THR A 186 12.51 17.51 -11.31
N ASN A 187 13.43 16.71 -10.85
CA ASN A 187 14.10 15.74 -11.72
C ASN A 187 13.18 14.55 -12.00
N PRO A 188 12.57 13.90 -10.96
CA PRO A 188 11.53 12.91 -11.22
C PRO A 188 10.30 13.62 -11.82
N PRO A 189 9.68 13.05 -12.87
CA PRO A 189 8.54 13.67 -13.54
C PRO A 189 7.31 13.77 -12.65
N ALA A 190 6.50 14.77 -12.90
CA ALA A 190 5.27 14.95 -12.20
C ALA A 190 4.34 13.81 -12.55
N GLY A 191 3.66 13.29 -11.57
CA GLY A 191 2.77 12.19 -11.79
C GLY A 191 3.39 10.89 -11.37
N THR A 192 4.67 10.91 -11.08
CA THR A 192 5.35 9.74 -10.64
C THR A 192 4.88 9.39 -9.22
N THR A 193 4.33 8.20 -9.06
CA THR A 193 3.88 7.76 -7.79
C THR A 193 5.04 7.12 -7.04
N VAL A 194 5.31 7.64 -5.88
CA VAL A 194 6.39 7.17 -5.05
C VAL A 194 5.89 7.06 -3.62
N PRO A 195 6.55 6.29 -2.77
CA PRO A 195 6.20 6.24 -1.36
C PRO A 195 6.37 7.60 -0.70
N VAL A 196 5.45 7.94 0.18
CA VAL A 196 5.46 9.24 0.90
C VAL A 196 6.73 9.42 1.75
N ASP A 197 7.38 8.31 2.03
CA ASP A 197 8.58 8.27 2.83
C ASP A 197 9.84 8.41 1.94
N SER A 198 9.65 8.50 0.64
CA SER A 198 10.77 8.63 -0.25
C SER A 198 11.22 10.08 -0.43
N VAL A 199 12.34 10.23 -1.12
CA VAL A 199 12.94 11.52 -1.35
C VAL A 199 12.60 12.05 -2.75
N ILE A 200 12.26 13.30 -2.84
CA ILE A 200 12.03 13.91 -4.13
C ILE A 200 13.17 14.87 -4.44
N GLU A 201 13.53 14.98 -5.69
CA GLU A 201 14.65 15.80 -6.07
C GLU A 201 14.19 17.04 -6.82
N LEU A 202 14.43 18.17 -6.20
CA LEU A 202 14.10 19.48 -6.73
C LEU A 202 15.31 20.05 -7.43
N GLN A 203 15.12 20.62 -8.59
CA GLN A 203 16.21 21.25 -9.27
C GLN A 203 16.02 22.76 -9.29
N VAL A 204 16.95 23.44 -8.67
CA VAL A 204 16.88 24.86 -8.47
C VAL A 204 17.70 25.58 -9.54
N SER A 205 17.20 26.68 -10.00
CA SER A 205 17.81 27.48 -10.99
C SER A 205 18.80 28.47 -10.35
N LYS A 206 19.83 28.77 -11.09
CA LYS A 206 20.80 29.76 -10.73
C LYS A 206 20.90 30.79 -11.83
N GLY A 207 20.82 32.06 -11.48
CA GLY A 207 20.82 33.11 -12.47
C GLY A 207 22.13 33.19 -13.17
N ASN A 208 23.20 33.08 -12.38
CA ASN A 208 24.61 33.06 -12.84
C ASN A 208 25.05 34.46 -13.32
N GLN A 209 24.08 35.33 -13.40
CA GLN A 209 24.22 36.70 -13.76
C GLN A 209 23.57 37.52 -12.69
N PHE A 210 23.98 38.73 -12.55
CA PHE A 210 23.40 39.64 -11.60
C PHE A 210 22.99 40.90 -12.32
N VAL A 211 21.92 41.51 -11.85
CA VAL A 211 21.40 42.73 -12.46
C VAL A 211 22.41 43.85 -12.35
N MET A 212 22.88 44.31 -13.48
CA MET A 212 23.86 45.37 -13.54
C MET A 212 23.24 46.71 -13.21
N PRO A 213 23.80 47.44 -12.20
CA PRO A 213 23.38 48.80 -11.87
C PRO A 213 23.73 49.76 -13.01
N ASP A 214 23.24 50.98 -12.96
CA ASP A 214 23.52 51.88 -14.06
C ASP A 214 24.79 52.65 -13.84
N LEU A 215 25.74 52.38 -14.69
CA LEU A 215 27.00 53.10 -14.74
C LEU A 215 27.19 53.59 -16.16
N SER A 216 26.20 53.25 -16.97
CA SER A 216 26.21 53.50 -18.38
C SER A 216 26.20 55.00 -18.71
N GLY A 217 26.77 55.33 -19.85
CA GLY A 217 26.91 56.71 -20.25
C GLY A 217 28.23 57.26 -19.77
N MET A 218 29.24 56.41 -19.78
CA MET A 218 30.54 56.75 -19.23
C MET A 218 31.59 56.72 -20.34
N PHE A 219 32.70 57.43 -20.14
CA PHE A 219 33.75 57.50 -21.12
C PHE A 219 34.68 56.32 -20.98
N TRP A 220 35.58 56.19 -21.93
CA TRP A 220 36.64 55.19 -21.84
C TRP A 220 37.53 55.51 -20.63
N VAL A 221 37.67 56.82 -20.36
CA VAL A 221 38.45 57.31 -19.22
C VAL A 221 37.71 57.05 -17.91
N ASP A 222 36.48 56.60 -18.00
CA ASP A 222 35.71 56.22 -16.84
C ASP A 222 35.72 54.73 -16.71
N ALA A 223 35.50 54.07 -17.83
CA ALA A 223 35.38 52.63 -17.90
C ALA A 223 36.63 51.93 -17.44
N GLU A 224 37.77 52.29 -18.02
CA GLU A 224 39.04 51.60 -17.76
C GLU A 224 39.41 51.64 -16.22
N PRO A 225 39.40 52.83 -15.54
CA PRO A 225 39.62 52.89 -14.08
C PRO A 225 38.59 52.04 -13.29
N ARG A 226 37.33 52.06 -13.74
CA ARG A 226 36.29 51.27 -13.07
C ARG A 226 36.51 49.79 -13.24
N LEU A 227 37.05 49.38 -14.38
CA LEU A 227 37.37 47.98 -14.63
C LEU A 227 38.36 47.50 -13.59
N ARG A 228 39.36 48.35 -13.34
CA ARG A 228 40.39 48.08 -12.34
C ARG A 228 39.74 48.02 -10.96
N ALA A 229 38.89 48.99 -10.69
CA ALA A 229 38.22 49.18 -9.40
C ALA A 229 37.31 48.02 -9.02
N LEU A 230 36.61 47.48 -9.99
CA LEU A 230 35.67 46.38 -9.75
C LEU A 230 36.33 45.03 -9.69
N GLY A 231 37.61 44.96 -10.03
CA GLY A 231 38.26 43.69 -10.11
C GLY A 231 37.71 42.91 -11.29
N TRP A 232 37.33 43.66 -12.31
CA TRP A 232 36.75 43.14 -13.52
C TRP A 232 37.73 42.19 -14.21
N THR A 233 37.24 41.06 -14.64
CA THR A 233 38.05 40.03 -15.23
C THR A 233 37.48 39.65 -16.60
N GLY A 234 36.65 40.52 -17.15
CA GLY A 234 35.97 40.23 -18.40
C GLY A 234 36.84 40.45 -19.63
N MET A 235 36.21 40.70 -20.75
CA MET A 235 36.89 40.90 -22.04
C MET A 235 36.46 42.24 -22.61
N LEU A 236 37.40 43.03 -23.06
CA LEU A 236 37.11 44.33 -23.65
C LEU A 236 37.31 44.26 -25.15
N ASP A 237 36.34 44.72 -25.89
CA ASP A 237 36.42 44.70 -27.34
C ASP A 237 36.47 46.12 -27.88
N LYS A 238 37.51 46.42 -28.60
CA LYS A 238 37.71 47.72 -29.16
C LYS A 238 37.43 47.70 -30.66
N GLY A 239 36.44 48.46 -31.07
CA GLY A 239 36.14 48.56 -32.48
C GLY A 239 36.95 49.66 -33.13
N ALA A 240 36.53 50.08 -34.30
CA ALA A 240 37.21 51.14 -35.01
C ALA A 240 37.06 52.47 -34.29
N ASP A 241 38.04 53.32 -34.39
CA ASP A 241 38.01 54.58 -33.69
C ASP A 241 37.46 55.67 -34.56
N VAL A 242 36.44 56.31 -34.07
CA VAL A 242 35.85 57.45 -34.72
C VAL A 242 36.09 58.63 -33.83
N ASP A 243 36.66 59.67 -34.32
CA ASP A 243 36.89 60.85 -33.52
C ASP A 243 35.86 61.89 -33.83
N ALA A 244 35.20 62.34 -32.81
CA ALA A 244 34.18 63.35 -32.94
C ALA A 244 34.37 64.43 -31.89
N GLY A 245 34.93 64.06 -30.76
CA GLY A 245 35.15 65.01 -29.71
C GLY A 245 34.64 64.47 -28.42
N GLY A 246 35.49 64.43 -27.43
CA GLY A 246 35.18 63.78 -26.16
C GLY A 246 33.93 64.29 -25.48
N SER A 247 33.67 65.57 -25.57
CA SER A 247 32.50 66.16 -24.93
C SER A 247 31.17 65.57 -25.48
N GLN A 248 31.16 65.21 -26.75
CA GLN A 248 29.97 64.67 -27.38
C GLN A 248 30.12 63.17 -27.68
N HIS A 249 31.28 62.62 -27.39
CA HIS A 249 31.59 61.28 -27.81
C HIS A 249 32.55 60.64 -26.78
N ASN A 250 33.45 59.73 -27.22
CA ASN A 250 34.47 59.02 -26.36
C ASN A 250 33.81 58.15 -25.27
N ARG A 251 32.53 58.12 -25.30
CA ARG A 251 31.74 57.40 -24.34
C ARG A 251 31.10 56.23 -25.01
N VAL A 252 30.48 55.39 -24.21
CA VAL A 252 29.76 54.24 -24.71
C VAL A 252 28.69 54.72 -25.71
N VAL A 253 28.65 54.10 -26.86
CA VAL A 253 27.73 54.55 -27.90
C VAL A 253 26.54 53.66 -27.92
N TYR A 254 26.80 52.41 -27.71
CA TYR A 254 25.81 51.42 -27.54
C TYR A 254 26.42 50.39 -26.66
N GLN A 255 25.60 49.72 -25.95
CA GLN A 255 26.04 48.69 -25.09
C GLN A 255 25.25 47.46 -25.39
N ASN A 256 25.89 46.34 -25.29
CA ASN A 256 25.25 45.08 -25.57
C ASN A 256 24.25 44.71 -24.46
N PRO A 257 24.65 44.71 -23.15
CA PRO A 257 23.70 44.56 -22.07
C PRO A 257 23.32 45.95 -21.49
N PRO A 258 22.07 46.40 -21.69
CA PRO A 258 21.60 47.67 -21.12
C PRO A 258 21.51 47.58 -19.60
N ALA A 259 21.53 48.71 -18.94
CA ALA A 259 21.45 48.73 -17.48
C ALA A 259 20.14 48.09 -17.03
N GLY A 260 20.23 47.22 -16.06
CA GLY A 260 19.07 46.50 -15.61
C GLY A 260 19.09 45.06 -16.09
N THR A 261 20.00 44.75 -16.99
CA THR A 261 20.14 43.41 -17.51
C THR A 261 21.14 42.65 -16.63
N GLY A 262 21.04 41.35 -16.64
CA GLY A 262 21.92 40.53 -15.88
C GLY A 262 23.23 40.33 -16.58
N VAL A 263 24.28 40.66 -15.90
CA VAL A 263 25.61 40.46 -16.40
C VAL A 263 26.23 39.30 -15.63
N ASN A 264 26.98 38.49 -16.32
CA ASN A 264 27.59 37.30 -15.74
C ASN A 264 28.59 37.66 -14.65
N ARG A 265 28.97 36.67 -13.84
CA ARG A 265 29.92 36.90 -12.73
C ARG A 265 31.28 37.37 -13.26
N ASP A 266 31.58 37.01 -14.50
CA ASP A 266 32.79 37.43 -15.19
C ASP A 266 32.71 38.94 -15.46
N GLY A 267 31.51 39.39 -15.78
CA GLY A 267 31.26 40.79 -15.96
C GLY A 267 31.48 41.27 -17.36
N ILE A 268 31.48 40.36 -18.32
CA ILE A 268 31.82 40.77 -19.67
C ILE A 268 30.68 41.64 -20.23
N ILE A 269 31.04 42.86 -20.54
CA ILE A 269 30.11 43.85 -20.99
C ILE A 269 30.67 44.46 -22.27
N THR A 270 29.87 44.51 -23.29
CA THR A 270 30.29 45.06 -24.53
C THR A 270 29.79 46.50 -24.65
N LEU A 271 30.72 47.40 -24.75
CA LEU A 271 30.51 48.80 -24.90
C LEU A 271 31.42 49.23 -25.98
N ARG A 272 31.06 50.21 -26.68
CA ARG A 272 31.85 50.66 -27.74
C ARG A 272 31.93 52.14 -27.62
N PHE A 273 33.08 52.67 -27.87
CA PHE A 273 33.35 54.07 -27.70
C PHE A 273 34.21 54.55 -28.83
N GLY A 274 34.27 55.82 -29.00
CA GLY A 274 35.14 56.41 -29.96
C GLY A 274 36.04 57.40 -29.29
N GLN A 275 36.30 58.49 -29.96
CA GLN A 275 37.11 59.55 -29.45
C GLN A 275 36.29 60.81 -29.45
N GLY A 4 -48.10 -66.47 32.31
CA GLY A 4 -47.60 -67.66 31.64
C GLY A 4 -46.11 -67.58 31.48
N ILE A 5 -45.48 -68.71 31.20
CA ILE A 5 -44.08 -68.75 30.98
C ILE A 5 -43.73 -68.26 29.57
N THR A 6 -42.88 -67.29 29.51
CA THR A 6 -42.49 -66.73 28.25
C THR A 6 -41.31 -67.54 27.69
N ARG A 7 -41.32 -67.77 26.41
CA ARG A 7 -40.22 -68.45 25.73
C ARG A 7 -39.18 -67.42 25.32
N ASP A 8 -39.58 -66.19 25.43
CA ASP A 8 -38.76 -65.04 25.15
C ASP A 8 -38.12 -64.63 26.45
N VAL A 9 -36.96 -64.07 26.38
CA VAL A 9 -36.23 -63.68 27.57
C VAL A 9 -36.04 -62.18 27.56
N GLN A 10 -35.77 -61.59 28.69
CA GLN A 10 -35.61 -60.17 28.70
C GLN A 10 -34.13 -59.86 28.57
N VAL A 11 -33.84 -58.91 27.76
CA VAL A 11 -32.48 -58.58 27.42
C VAL A 11 -31.98 -57.41 28.29
N PRO A 12 -30.82 -57.56 28.96
CA PRO A 12 -30.24 -56.50 29.79
C PRO A 12 -29.86 -55.30 28.95
N ASP A 13 -30.15 -54.12 29.46
CA ASP A 13 -29.86 -52.91 28.74
C ASP A 13 -28.40 -52.58 28.88
N VAL A 14 -27.79 -52.32 27.78
CA VAL A 14 -26.37 -52.04 27.72
C VAL A 14 -26.12 -50.54 27.42
N ARG A 15 -27.21 -49.79 27.39
CA ARG A 15 -27.17 -48.34 27.26
C ARG A 15 -26.43 -47.73 28.46
N GLY A 16 -25.73 -46.66 28.21
CA GLY A 16 -25.01 -45.97 29.25
C GLY A 16 -23.60 -46.46 29.38
N GLN A 17 -23.23 -47.41 28.56
CA GLN A 17 -21.91 -48.01 28.66
C GLN A 17 -21.00 -47.58 27.50
N SER A 18 -21.10 -48.22 26.35
CA SER A 18 -20.25 -47.87 25.22
C SER A 18 -20.93 -48.24 23.93
N SER A 19 -20.62 -47.51 22.88
CA SER A 19 -21.12 -47.77 21.56
C SER A 19 -20.62 -49.11 21.08
N ALA A 20 -19.34 -49.33 21.25
CA ALA A 20 -18.72 -50.55 20.84
C ALA A 20 -19.17 -51.69 21.69
N ASP A 21 -19.21 -51.50 23.01
CA ASP A 21 -19.58 -52.60 23.89
C ASP A 21 -21.06 -52.98 23.74
N ALA A 22 -21.91 -51.99 23.49
CA ALA A 22 -23.33 -52.24 23.29
C ALA A 22 -23.58 -53.01 22.01
N ILE A 23 -23.02 -52.51 20.92
CA ILE A 23 -23.18 -53.15 19.64
C ILE A 23 -22.51 -54.52 19.62
N ALA A 24 -21.35 -54.64 20.29
CA ALA A 24 -20.63 -55.92 20.38
C ALA A 24 -21.49 -57.00 21.01
N THR A 25 -22.13 -56.65 22.13
CA THR A 25 -22.99 -57.58 22.84
C THR A 25 -24.18 -57.99 21.94
N LEU A 26 -24.81 -57.01 21.34
CA LEU A 26 -25.95 -57.23 20.47
C LEU A 26 -25.59 -58.05 19.24
N GLN A 27 -24.43 -57.77 18.68
CA GLN A 27 -23.92 -58.49 17.51
C GLN A 27 -23.73 -59.97 17.83
N ASN A 28 -23.16 -60.25 19.00
CA ASN A 28 -22.93 -61.61 19.42
C ASN A 28 -24.23 -62.34 19.74
N ARG A 29 -25.28 -61.59 19.96
CA ARG A 29 -26.58 -62.19 20.22
C ARG A 29 -27.44 -62.28 18.96
N GLY A 30 -27.05 -61.57 17.93
CA GLY A 30 -27.79 -61.60 16.69
C GLY A 30 -28.82 -60.49 16.59
N PHE A 31 -28.69 -59.52 17.47
CA PHE A 31 -29.55 -58.39 17.47
C PHE A 31 -29.18 -57.44 16.37
N LYS A 32 -30.16 -56.91 15.75
CA LYS A 32 -29.99 -56.02 14.65
C LYS A 32 -29.79 -54.65 15.21
N ILE A 33 -28.83 -53.96 14.70
CA ILE A 33 -28.49 -52.68 15.21
C ILE A 33 -28.46 -51.68 14.11
N ARG A 34 -28.62 -50.45 14.46
CA ARG A 34 -28.47 -49.37 13.55
C ARG A 34 -27.65 -48.33 14.24
N THR A 35 -26.72 -47.75 13.56
CA THR A 35 -25.89 -46.77 14.16
C THR A 35 -25.76 -45.57 13.19
N LEU A 36 -26.24 -44.44 13.60
CA LEU A 36 -26.21 -43.26 12.76
C LEU A 36 -25.27 -42.24 13.38
N GLN A 37 -24.28 -41.80 12.65
CA GLN A 37 -23.33 -40.82 13.15
C GLN A 37 -23.82 -39.43 12.85
N LYS A 38 -23.94 -38.60 13.86
CA LYS A 38 -24.34 -37.22 13.66
C LYS A 38 -23.17 -36.33 14.07
N PRO A 39 -22.83 -35.33 13.26
CA PRO A 39 -21.83 -34.35 13.65
C PRO A 39 -22.50 -33.23 14.46
N ASP A 40 -21.96 -32.93 15.64
CA ASP A 40 -22.53 -31.94 16.60
C ASP A 40 -21.96 -32.28 17.96
N SER A 41 -21.99 -31.33 18.85
CA SER A 41 -21.52 -31.57 20.19
C SER A 41 -22.58 -31.19 21.20
N THR A 42 -23.82 -31.19 20.75
CA THR A 42 -24.93 -30.84 21.57
C THR A 42 -25.48 -32.11 22.24
N ILE A 43 -25.46 -33.18 21.49
CA ILE A 43 -25.89 -34.46 21.95
C ILE A 43 -24.65 -35.15 22.55
N PRO A 44 -24.81 -35.89 23.66
CA PRO A 44 -23.70 -36.61 24.32
C PRO A 44 -22.87 -37.50 23.34
N PRO A 45 -21.61 -37.88 23.75
CA PRO A 45 -20.66 -38.69 22.93
C PRO A 45 -21.24 -40.00 22.44
N ASP A 46 -20.56 -40.56 21.42
CA ASP A 46 -20.99 -41.75 20.65
C ASP A 46 -21.26 -42.98 21.52
N HIS A 47 -20.89 -42.91 22.78
CA HIS A 47 -21.17 -44.01 23.68
C HIS A 47 -22.66 -44.06 23.87
N VAL A 48 -23.22 -45.25 24.03
CA VAL A 48 -24.65 -45.35 24.02
C VAL A 48 -25.30 -44.59 25.14
N ILE A 49 -26.10 -43.63 24.78
CA ILE A 49 -26.80 -42.84 25.75
C ILE A 49 -28.10 -43.54 26.08
N GLY A 50 -28.68 -44.19 25.09
CA GLY A 50 -29.90 -44.89 25.29
C GLY A 50 -30.07 -45.97 24.25
N THR A 51 -30.87 -46.94 24.58
CA THR A 51 -31.22 -48.01 23.69
C THR A 51 -32.72 -48.09 23.62
N ASP A 52 -33.26 -49.03 22.90
CA ASP A 52 -34.70 -49.08 22.76
C ASP A 52 -35.24 -50.15 23.69
N PRO A 53 -36.41 -49.87 24.36
CA PRO A 53 -37.09 -50.81 25.29
C PRO A 53 -37.38 -52.20 24.74
N ALA A 54 -37.06 -52.45 23.48
CA ALA A 54 -37.15 -53.76 22.88
C ALA A 54 -36.36 -54.76 23.70
N ALA A 55 -35.21 -54.30 24.22
CA ALA A 55 -34.36 -55.12 25.06
C ALA A 55 -35.04 -55.38 26.40
N ASN A 56 -35.69 -54.35 26.92
CA ASN A 56 -36.36 -54.40 28.20
C ASN A 56 -37.71 -55.10 28.07
N THR A 57 -38.02 -55.51 26.87
CA THR A 57 -39.16 -56.33 26.61
C THR A 57 -38.65 -57.76 26.52
N SER A 58 -39.44 -58.71 26.93
CA SER A 58 -39.03 -60.06 26.76
C SER A 58 -39.17 -60.40 25.27
N VAL A 59 -38.06 -60.60 24.63
CA VAL A 59 -38.04 -60.88 23.22
C VAL A 59 -37.14 -62.05 22.91
N SER A 60 -37.20 -62.50 21.69
CA SER A 60 -36.34 -63.53 21.24
C SER A 60 -35.05 -62.85 20.80
N ALA A 61 -33.95 -63.58 20.83
CA ALA A 61 -32.67 -63.01 20.49
C ALA A 61 -32.62 -62.65 19.02
N GLY A 62 -32.64 -61.37 18.76
CA GLY A 62 -32.60 -60.88 17.42
C GLY A 62 -33.64 -59.83 17.16
N ASP A 63 -33.66 -58.79 17.96
CA ASP A 63 -34.60 -57.68 17.75
C ASP A 63 -33.81 -56.53 17.15
N GLU A 64 -34.40 -55.37 16.99
CA GLU A 64 -33.72 -54.24 16.33
C GLU A 64 -33.52 -53.08 17.32
N ILE A 65 -32.30 -52.63 17.46
CA ILE A 65 -31.96 -51.51 18.32
C ILE A 65 -31.26 -50.41 17.50
N THR A 66 -31.88 -49.25 17.44
CA THR A 66 -31.35 -48.12 16.73
C THR A 66 -30.57 -47.19 17.67
N VAL A 67 -29.35 -46.87 17.29
CA VAL A 67 -28.46 -46.05 18.08
C VAL A 67 -28.03 -44.81 17.34
N ASN A 68 -28.07 -43.69 18.02
CA ASN A 68 -27.57 -42.49 17.45
C ASN A 68 -26.28 -42.07 18.11
N VAL A 69 -25.32 -41.83 17.27
CA VAL A 69 -23.97 -41.50 17.65
C VAL A 69 -23.69 -40.03 17.41
N SER A 70 -22.90 -39.42 18.27
CA SER A 70 -22.52 -38.06 18.09
C SER A 70 -21.02 -37.97 17.95
N THR A 71 -20.59 -37.40 16.87
CA THR A 71 -19.22 -37.11 16.65
C THR A 71 -19.09 -35.61 16.78
N GLY A 72 -18.47 -35.19 17.87
CA GLY A 72 -18.42 -33.79 18.28
C GLY A 72 -18.12 -32.77 17.20
N PRO A 73 -16.83 -32.48 16.94
CA PRO A 73 -16.42 -31.41 16.05
C PRO A 73 -16.71 -31.68 14.58
N GLU A 74 -17.36 -30.71 13.98
CA GLU A 74 -17.64 -30.70 12.58
C GLU A 74 -16.63 -29.76 11.94
N GLN A 75 -16.06 -30.14 10.83
CA GLN A 75 -15.09 -29.31 10.19
C GLN A 75 -15.36 -29.20 8.70
N ARG A 76 -15.23 -28.00 8.17
CA ARG A 76 -15.49 -27.73 6.77
C ARG A 76 -14.34 -27.03 6.12
N GLU A 77 -14.30 -27.12 4.83
CA GLU A 77 -13.27 -26.50 4.00
C GLU A 77 -13.85 -25.26 3.34
N ILE A 78 -13.08 -24.19 3.28
CA ILE A 78 -13.59 -22.97 2.66
C ILE A 78 -13.26 -22.99 1.17
N PRO A 79 -14.28 -22.87 0.29
CA PRO A 79 -14.05 -22.82 -1.15
C PRO A 79 -13.30 -21.56 -1.56
N ASP A 80 -12.51 -21.66 -2.61
CA ASP A 80 -11.72 -20.53 -3.07
C ASP A 80 -12.59 -19.54 -3.81
N VAL A 81 -12.90 -18.47 -3.15
CA VAL A 81 -13.69 -17.41 -3.67
C VAL A 81 -12.74 -16.33 -4.14
N SER A 82 -13.12 -15.57 -5.15
CA SER A 82 -12.27 -14.55 -5.67
C SER A 82 -12.21 -13.34 -4.71
N THR A 83 -11.14 -12.59 -4.79
CA THR A 83 -10.86 -11.50 -3.91
C THR A 83 -11.83 -10.34 -4.10
N LEU A 84 -12.31 -10.18 -5.30
CA LEU A 84 -13.22 -9.11 -5.59
C LEU A 84 -14.66 -9.42 -5.15
N THR A 85 -14.92 -10.66 -4.81
CA THR A 85 -16.24 -11.07 -4.42
C THR A 85 -16.37 -11.39 -2.91
N TYR A 86 -16.19 -10.37 -2.09
CA TYR A 86 -16.33 -10.46 -0.62
C TYR A 86 -17.74 -10.93 -0.22
N ALA A 87 -18.76 -10.46 -0.93
CA ALA A 87 -20.15 -10.85 -0.65
C ALA A 87 -20.34 -12.35 -0.85
N GLU A 88 -19.66 -12.87 -1.86
CA GLU A 88 -19.68 -14.29 -2.16
C GLU A 88 -18.92 -15.04 -1.07
N ALA A 89 -17.81 -14.46 -0.64
CA ALA A 89 -16.97 -15.05 0.38
C ALA A 89 -17.72 -15.24 1.68
N VAL A 90 -18.36 -14.17 2.15
CA VAL A 90 -19.06 -14.21 3.40
C VAL A 90 -20.25 -15.18 3.38
N LYS A 91 -21.00 -15.23 2.26
CA LYS A 91 -22.13 -16.15 2.20
C LYS A 91 -21.63 -17.59 2.16
N LYS A 92 -20.52 -17.80 1.47
CA LYS A 92 -19.92 -19.11 1.36
C LYS A 92 -19.41 -19.60 2.70
N LEU A 93 -18.85 -18.68 3.48
CA LEU A 93 -18.41 -18.99 4.84
C LEU A 93 -19.60 -19.38 5.69
N THR A 94 -20.71 -18.73 5.44
CA THR A 94 -21.94 -18.99 6.15
C THR A 94 -22.51 -20.37 5.76
N ALA A 95 -22.49 -20.65 4.46
CA ALA A 95 -22.97 -21.92 3.92
C ALA A 95 -22.08 -23.09 4.36
N ALA A 96 -20.85 -22.77 4.73
CA ALA A 96 -19.90 -23.77 5.20
C ALA A 96 -20.09 -24.08 6.69
N GLY A 97 -21.12 -23.49 7.29
CA GLY A 97 -21.43 -23.80 8.64
C GLY A 97 -21.16 -22.64 9.54
N PHE A 98 -19.91 -22.54 9.98
CA PHE A 98 -19.42 -21.46 10.86
C PHE A 98 -20.00 -20.09 10.55
N GLY A 99 -19.77 -19.58 9.35
CA GLY A 99 -20.24 -18.27 8.97
C GLY A 99 -19.63 -17.19 9.83
N ARG A 100 -18.44 -17.44 10.29
CA ARG A 100 -17.77 -16.52 11.16
C ARG A 100 -16.71 -15.81 10.37
N PHE A 101 -16.93 -14.55 10.17
CA PHE A 101 -16.05 -13.75 9.38
C PHE A 101 -15.79 -12.41 10.03
N LYS A 102 -14.57 -11.99 9.93
CA LYS A 102 -14.11 -10.72 10.46
C LYS A 102 -13.33 -10.02 9.39
N GLN A 103 -13.50 -8.73 9.27
CA GLN A 103 -12.86 -7.97 8.22
C GLN A 103 -11.76 -7.06 8.78
N ALA A 104 -10.60 -7.15 8.18
CA ALA A 104 -9.47 -6.34 8.49
C ALA A 104 -9.08 -5.58 7.25
N ASN A 105 -8.53 -4.42 7.43
CA ASN A 105 -8.16 -3.58 6.31
C ASN A 105 -6.69 -3.30 6.38
N SER A 106 -6.03 -3.28 5.26
CA SER A 106 -4.64 -2.95 5.23
C SER A 106 -4.33 -2.18 3.95
N PRO A 107 -3.53 -1.13 4.04
CA PRO A 107 -3.11 -0.38 2.88
C PRO A 107 -2.12 -1.20 2.04
N SER A 108 -2.32 -1.22 0.76
CA SER A 108 -1.50 -1.98 -0.15
C SER A 108 -1.50 -1.34 -1.53
N THR A 109 -0.79 -1.96 -2.46
CA THR A 109 -0.76 -1.59 -3.85
C THR A 109 -2.18 -1.37 -4.39
N PRO A 110 -2.37 -0.30 -5.18
CA PRO A 110 -3.67 0.13 -5.72
C PRO A 110 -4.41 -0.97 -6.44
N GLU A 111 -3.69 -1.88 -7.05
CA GLU A 111 -4.32 -2.94 -7.80
C GLU A 111 -5.08 -3.93 -6.92
N LEU A 112 -4.67 -4.06 -5.67
CA LEU A 112 -5.34 -4.95 -4.72
C LEU A 112 -6.34 -4.18 -3.87
N VAL A 113 -6.21 -2.87 -3.88
CA VAL A 113 -7.15 -2.01 -3.17
C VAL A 113 -8.56 -2.20 -3.72
N GLY A 114 -9.49 -2.43 -2.81
CA GLY A 114 -10.85 -2.62 -3.18
C GLY A 114 -11.22 -4.08 -3.22
N LYS A 115 -10.23 -4.95 -3.15
CA LYS A 115 -10.44 -6.37 -3.18
C LYS A 115 -9.94 -6.98 -1.91
N VAL A 116 -10.30 -8.20 -1.69
CA VAL A 116 -9.81 -8.97 -0.59
C VAL A 116 -8.36 -9.38 -0.94
N ILE A 117 -7.52 -9.48 0.03
CA ILE A 117 -6.17 -9.93 -0.23
C ILE A 117 -6.11 -11.42 0.11
N GLY A 118 -6.86 -11.78 1.11
CA GLY A 118 -6.97 -13.13 1.52
C GLY A 118 -7.46 -13.19 2.93
N THR A 119 -7.24 -14.27 3.55
CA THR A 119 -7.59 -14.46 4.92
C THR A 119 -6.30 -14.67 5.68
N ASN A 120 -6.24 -14.21 6.92
CA ASN A 120 -5.02 -14.42 7.72
C ASN A 120 -4.81 -15.93 7.98
N PRO A 121 -5.80 -16.66 8.59
CA PRO A 121 -5.71 -18.10 8.64
C PRO A 121 -6.17 -18.67 7.28
N PRO A 122 -5.65 -19.81 6.84
CA PRO A 122 -6.00 -20.34 5.52
C PRO A 122 -7.47 -20.73 5.40
N ALA A 123 -8.10 -20.19 4.38
CA ALA A 123 -9.48 -20.47 4.09
C ALA A 123 -9.55 -21.72 3.25
N ASN A 124 -8.56 -21.87 2.42
CA ASN A 124 -8.41 -23.00 1.49
C ASN A 124 -8.03 -24.29 2.22
N GLN A 125 -8.15 -24.27 3.53
CA GLN A 125 -7.93 -25.41 4.36
C GLN A 125 -9.22 -25.69 5.11
N THR A 126 -9.15 -26.50 6.12
CA THR A 126 -10.31 -26.84 6.86
C THR A 126 -10.37 -26.10 8.19
N SER A 127 -11.56 -25.67 8.55
CA SER A 127 -11.80 -25.00 9.79
C SER A 127 -13.09 -25.54 10.41
N ALA A 128 -13.07 -25.73 11.71
CA ALA A 128 -14.23 -26.18 12.46
C ALA A 128 -15.32 -25.11 12.47
N ILE A 129 -16.53 -25.50 12.84
CA ILE A 129 -17.69 -24.58 12.81
C ILE A 129 -17.55 -23.52 13.92
N THR A 130 -16.68 -23.77 14.85
CA THR A 130 -16.45 -22.84 15.90
C THR A 130 -15.29 -21.86 15.55
N ASN A 131 -14.76 -21.98 14.35
CA ASN A 131 -13.62 -21.16 13.94
C ASN A 131 -14.08 -19.90 13.24
N VAL A 132 -13.38 -18.83 13.53
CA VAL A 132 -13.62 -17.56 12.91
C VAL A 132 -12.49 -17.22 11.95
N VAL A 133 -12.85 -16.90 10.73
CA VAL A 133 -11.85 -16.54 9.75
C VAL A 133 -11.84 -15.03 9.52
N ILE A 134 -10.66 -14.48 9.53
CA ILE A 134 -10.47 -13.07 9.32
C ILE A 134 -10.00 -12.80 7.89
N ILE A 135 -10.75 -11.97 7.22
CA ILE A 135 -10.55 -11.57 5.85
C ILE A 135 -9.89 -10.20 5.84
N ILE A 136 -8.78 -10.09 5.17
CA ILE A 136 -8.08 -8.84 5.07
C ILE A 136 -8.25 -8.26 3.68
N VAL A 137 -8.71 -7.03 3.60
CA VAL A 137 -8.93 -6.37 2.33
C VAL A 137 -7.91 -5.26 2.12
N GLY A 138 -7.61 -4.98 0.88
CA GLY A 138 -6.72 -3.92 0.56
C GLY A 138 -7.47 -2.62 0.53
N SER A 139 -7.07 -1.69 1.34
CA SER A 139 -7.77 -0.45 1.43
C SER A 139 -6.75 0.67 1.57
N GLY A 140 -6.87 1.67 0.74
CA GLY A 140 -5.95 2.77 0.80
C GLY A 140 -4.65 2.50 0.02
N PRO A 141 -4.54 3.00 -1.21
CA PRO A 141 -3.33 2.85 -2.00
C PRO A 141 -2.26 3.84 -1.54
N ALA A 142 -1.02 3.41 -1.51
CA ALA A 142 0.10 4.27 -1.11
C ALA A 142 0.75 4.91 -2.32
N THR A 143 -0.03 5.05 -3.33
CA THR A 143 0.38 5.59 -4.59
C THR A 143 -0.40 6.84 -4.90
N LYS A 144 0.22 7.76 -5.56
CA LYS A 144 -0.41 8.98 -6.01
C LYS A 144 0.32 9.38 -7.29
N ASP A 145 -0.40 9.85 -8.26
CA ASP A 145 0.20 10.25 -9.52
C ASP A 145 0.63 11.70 -9.48
N ILE A 146 1.87 11.91 -9.81
CA ILE A 146 2.45 13.24 -9.79
C ILE A 146 2.00 14.05 -10.98
N PRO A 147 1.52 15.28 -10.75
CA PRO A 147 1.10 16.16 -11.81
C PRO A 147 2.31 16.94 -12.38
N ASP A 148 2.05 17.86 -13.28
CA ASP A 148 3.14 18.66 -13.83
C ASP A 148 3.46 19.76 -12.84
N VAL A 149 4.72 19.93 -12.57
CA VAL A 149 5.16 20.87 -11.55
C VAL A 149 6.31 21.77 -12.07
N ALA A 150 6.80 21.45 -13.25
CA ALA A 150 7.90 22.19 -13.84
C ALA A 150 7.45 23.57 -14.27
N GLY A 151 7.99 24.55 -13.63
CA GLY A 151 7.62 25.91 -13.87
C GLY A 151 7.33 26.59 -12.58
N GLN A 152 7.03 25.81 -11.58
CA GLN A 152 6.76 26.34 -10.28
C GLN A 152 8.06 26.48 -9.51
N THR A 153 8.02 27.15 -8.41
CA THR A 153 9.19 27.38 -7.62
C THR A 153 9.44 26.22 -6.70
N VAL A 154 10.65 26.11 -6.18
CA VAL A 154 11.04 25.07 -5.31
C VAL A 154 10.12 24.93 -4.09
N ASP A 155 9.72 26.05 -3.50
CA ASP A 155 8.87 26.00 -2.31
C ASP A 155 7.51 25.46 -2.65
N VAL A 156 6.98 25.92 -3.76
CA VAL A 156 5.67 25.50 -4.21
C VAL A 156 5.70 24.05 -4.66
N ALA A 157 6.76 23.65 -5.33
CA ALA A 157 6.91 22.29 -5.80
C ALA A 157 6.98 21.32 -4.63
N GLN A 158 7.83 21.62 -3.66
CA GLN A 158 7.98 20.77 -2.48
C GLN A 158 6.67 20.73 -1.69
N LYS A 159 5.97 21.86 -1.69
CA LYS A 159 4.68 22.01 -1.06
C LYS A 159 3.69 21.07 -1.74
N ASN A 160 3.72 21.03 -3.08
CA ASN A 160 2.83 20.18 -3.88
C ASN A 160 3.07 18.74 -3.54
N LEU A 161 4.33 18.34 -3.54
CA LEU A 161 4.68 16.97 -3.24
C LEU A 161 4.26 16.57 -1.82
N ASN A 162 4.58 17.42 -0.85
CA ASN A 162 4.29 17.11 0.55
C ASN A 162 2.81 17.06 0.83
N VAL A 163 2.05 17.96 0.22
CA VAL A 163 0.61 17.99 0.40
C VAL A 163 -0.05 16.74 -0.22
N TYR A 164 0.58 16.19 -1.25
CA TYR A 164 0.02 15.03 -1.91
C TYR A 164 0.45 13.74 -1.24
N GLY A 165 1.34 13.85 -0.27
CA GLY A 165 1.74 12.69 0.49
C GLY A 165 3.14 12.25 0.24
N PHE A 166 3.80 12.88 -0.70
CA PHE A 166 5.15 12.51 -1.04
C PHE A 166 6.08 13.07 -0.01
N THR A 167 6.77 12.19 0.65
CA THR A 167 7.59 12.55 1.74
C THR A 167 9.02 12.90 1.32
N LYS A 168 9.49 12.26 0.28
CA LYS A 168 10.87 12.42 -0.08
C LYS A 168 11.06 13.24 -1.35
N PHE A 169 11.75 14.34 -1.21
CA PHE A 169 12.06 15.23 -2.30
C PHE A 169 13.53 15.54 -2.29
N SER A 170 14.07 15.70 -3.43
CA SER A 170 15.44 16.09 -3.57
C SER A 170 15.54 17.07 -4.73
N GLN A 171 16.37 18.06 -4.62
CA GLN A 171 16.52 19.04 -5.66
C GLN A 171 17.93 19.00 -6.21
N ALA A 172 18.04 19.03 -7.50
CA ALA A 172 19.33 18.99 -8.18
C ALA A 172 19.43 20.20 -9.08
N SER A 173 20.42 21.02 -8.84
CA SER A 173 20.59 22.23 -9.59
C SER A 173 21.36 22.00 -10.90
N VAL A 174 20.80 22.52 -11.95
CA VAL A 174 21.42 22.53 -13.26
C VAL A 174 21.50 23.99 -13.68
N ASP A 175 22.46 24.37 -14.47
CA ASP A 175 22.54 25.76 -14.83
C ASP A 175 21.80 26.02 -16.11
N SER A 176 21.06 27.08 -16.12
CA SER A 176 20.31 27.48 -17.27
C SER A 176 20.22 29.01 -17.21
N PRO A 177 19.55 29.70 -18.14
CA PRO A 177 19.31 31.13 -18.00
C PRO A 177 18.01 31.39 -17.21
N ARG A 178 17.24 30.33 -17.00
CA ARG A 178 16.00 30.36 -16.28
C ARG A 178 16.30 30.62 -14.80
N PRO A 179 15.65 31.64 -14.19
CA PRO A 179 15.99 32.10 -12.83
C PRO A 179 15.94 31.00 -11.76
N ALA A 180 16.91 31.09 -10.85
CA ALA A 180 17.10 30.12 -9.79
C ALA A 180 15.88 30.03 -8.91
N GLY A 181 15.39 28.84 -8.76
CA GLY A 181 14.23 28.62 -7.96
C GLY A 181 13.15 27.95 -8.73
N GLU A 182 13.25 28.02 -10.04
CA GLU A 182 12.27 27.39 -10.91
C GLU A 182 12.60 25.91 -11.07
N VAL A 183 11.62 25.08 -10.86
CA VAL A 183 11.77 23.67 -11.10
C VAL A 183 11.65 23.43 -12.58
N THR A 184 12.75 23.07 -13.18
CA THR A 184 12.86 22.88 -14.59
C THR A 184 12.22 21.55 -15.03
N GLY A 185 12.32 20.54 -14.18
CA GLY A 185 11.76 19.26 -14.51
C GLY A 185 11.87 18.33 -13.34
N THR A 186 11.39 17.13 -13.49
CA THR A 186 11.45 16.14 -12.44
C THR A 186 12.07 14.86 -12.98
N ASN A 187 12.70 14.10 -12.12
CA ASN A 187 13.28 12.81 -12.54
C ASN A 187 12.19 11.85 -13.04
N PRO A 188 11.15 11.50 -12.21
CA PRO A 188 10.02 10.73 -12.71
C PRO A 188 9.11 11.64 -13.57
N PRO A 189 8.58 11.14 -14.69
CA PRO A 189 7.73 11.93 -15.58
C PRO A 189 6.33 12.20 -14.99
N ALA A 190 5.84 13.40 -15.26
CA ALA A 190 4.55 13.84 -14.76
C ALA A 190 3.42 13.00 -15.35
N GLY A 191 2.51 12.62 -14.51
CA GLY A 191 1.42 11.77 -14.91
C GLY A 191 1.57 10.37 -14.39
N THR A 192 2.79 10.03 -14.01
CA THR A 192 3.10 8.70 -13.55
C THR A 192 2.63 8.49 -12.10
N THR A 193 1.96 7.39 -11.86
CA THR A 193 1.53 7.03 -10.55
C THR A 193 2.72 6.39 -9.84
N VAL A 194 3.11 6.94 -8.72
CA VAL A 194 4.24 6.43 -7.97
C VAL A 194 3.88 6.36 -6.49
N PRO A 195 4.61 5.56 -5.69
CA PRO A 195 4.39 5.48 -4.26
C PRO A 195 4.78 6.79 -3.56
N VAL A 196 3.96 7.21 -2.61
CA VAL A 196 4.16 8.46 -1.86
C VAL A 196 5.45 8.44 -1.01
N ASP A 197 5.92 7.24 -0.77
CA ASP A 197 7.11 6.99 0.01
C ASP A 197 8.39 7.19 -0.83
N SER A 198 8.24 7.29 -2.13
CA SER A 198 9.41 7.35 -2.99
C SER A 198 9.99 8.78 -3.05
N VAL A 199 11.15 8.90 -3.69
CA VAL A 199 11.89 10.15 -3.79
C VAL A 199 11.63 10.80 -5.14
N ILE A 200 11.13 11.99 -5.11
CA ILE A 200 10.93 12.76 -6.30
C ILE A 200 12.06 13.79 -6.41
N GLU A 201 12.76 13.77 -7.50
CA GLU A 201 13.85 14.67 -7.71
C GLU A 201 13.42 15.79 -8.63
N LEU A 202 13.57 16.98 -8.14
CA LEU A 202 13.26 18.18 -8.86
C LEU A 202 14.55 18.75 -9.46
N GLN A 203 14.61 18.90 -10.76
CA GLN A 203 15.74 19.57 -11.37
C GLN A 203 15.47 21.04 -11.29
N VAL A 204 16.31 21.76 -10.64
CA VAL A 204 16.13 23.16 -10.44
C VAL A 204 17.18 23.93 -11.19
N SER A 205 16.79 24.88 -11.97
CA SER A 205 17.71 25.68 -12.70
C SER A 205 18.28 26.80 -11.84
N LYS A 206 19.52 27.14 -12.10
CA LYS A 206 20.07 28.35 -11.55
C LYS A 206 19.92 29.36 -12.66
N GLY A 207 19.81 30.63 -12.34
CA GLY A 207 19.63 31.60 -13.39
C GLY A 207 20.91 31.94 -14.05
N ASN A 208 21.99 31.90 -13.26
CA ASN A 208 23.38 32.12 -13.70
C ASN A 208 23.54 33.54 -14.26
N GLN A 209 22.59 34.39 -13.94
CA GLN A 209 22.56 35.75 -14.34
C GLN A 209 21.94 36.55 -13.20
N PHE A 210 22.21 37.82 -13.18
CA PHE A 210 21.64 38.71 -12.20
C PHE A 210 21.35 40.03 -12.88
N VAL A 211 20.34 40.72 -12.44
CA VAL A 211 20.02 42.00 -13.03
C VAL A 211 21.00 43.05 -12.52
N MET A 212 21.77 43.58 -13.41
CA MET A 212 22.79 44.53 -13.07
C MET A 212 22.26 45.96 -13.08
N PRO A 213 22.64 46.79 -12.08
CA PRO A 213 22.35 48.23 -12.06
C PRO A 213 23.02 48.96 -13.23
N ASP A 214 22.67 50.20 -13.43
CA ASP A 214 23.26 50.98 -14.50
C ASP A 214 24.58 51.60 -14.10
N LEU A 215 25.64 51.16 -14.76
CA LEU A 215 26.97 51.72 -14.52
C LEU A 215 27.58 52.19 -15.84
N SER A 216 26.88 51.93 -16.93
CA SER A 216 27.39 52.25 -18.23
C SER A 216 27.19 53.74 -18.51
N GLY A 217 28.11 54.32 -19.24
CA GLY A 217 28.02 55.72 -19.56
C GLY A 217 28.74 56.59 -18.55
N MET A 218 29.38 55.95 -17.60
CA MET A 218 30.13 56.66 -16.57
C MET A 218 31.59 56.59 -16.96
N PHE A 219 32.46 57.21 -16.20
CA PHE A 219 33.85 57.16 -16.53
C PHE A 219 34.44 55.86 -16.06
N TRP A 220 35.57 55.51 -16.63
CA TRP A 220 36.30 54.31 -16.25
C TRP A 220 36.75 54.47 -14.80
N VAL A 221 36.96 55.72 -14.40
CA VAL A 221 37.37 56.04 -13.03
C VAL A 221 36.19 55.93 -12.05
N ASP A 222 34.99 55.77 -12.59
CA ASP A 222 33.82 55.52 -11.77
C ASP A 222 33.59 54.05 -11.73
N ALA A 223 33.70 53.44 -12.91
CA ALA A 223 33.49 52.02 -13.11
C ALA A 223 34.38 51.18 -12.21
N GLU A 224 35.66 51.49 -12.21
CA GLU A 224 36.64 50.75 -11.42
C GLU A 224 36.24 50.56 -9.92
N PRO A 225 36.03 51.64 -9.12
CA PRO A 225 35.59 51.49 -7.73
C PRO A 225 34.23 50.81 -7.60
N ARG A 226 33.27 51.17 -8.48
CA ARG A 226 31.91 50.62 -8.42
C ARG A 226 31.93 49.10 -8.62
N LEU A 227 32.76 48.64 -9.56
CA LEU A 227 32.86 47.21 -9.84
C LEU A 227 33.44 46.45 -8.67
N ARG A 228 34.51 46.97 -8.12
CA ARG A 228 35.15 46.36 -6.97
C ARG A 228 34.22 46.39 -5.74
N ALA A 229 33.45 47.45 -5.62
CA ALA A 229 32.50 47.62 -4.52
C ALA A 229 31.36 46.60 -4.61
N LEU A 230 30.88 46.32 -5.82
CA LEU A 230 29.81 45.35 -5.98
C LEU A 230 30.36 43.90 -6.03
N GLY A 231 31.65 43.79 -5.87
CA GLY A 231 32.30 42.50 -5.75
C GLY A 231 32.60 41.86 -7.08
N TRP A 232 32.84 42.66 -8.08
CA TRP A 232 33.15 42.15 -9.39
C TRP A 232 34.61 41.76 -9.47
N THR A 233 34.85 40.55 -9.89
CA THR A 233 36.16 40.03 -10.12
C THR A 233 36.08 39.14 -11.35
N GLY A 234 36.31 39.71 -12.51
CA GLY A 234 36.25 38.96 -13.73
C GLY A 234 37.31 39.41 -14.69
N MET A 235 36.94 39.62 -15.92
CA MET A 235 37.87 40.09 -16.92
C MET A 235 37.30 41.33 -17.60
N LEU A 236 38.09 42.36 -17.63
CA LEU A 236 37.74 43.61 -18.26
C LEU A 236 38.42 43.64 -19.61
N ASP A 237 37.65 43.64 -20.67
CA ASP A 237 38.24 43.64 -21.98
C ASP A 237 37.83 44.86 -22.78
N LYS A 238 38.80 45.69 -23.03
CA LYS A 238 38.62 46.86 -23.84
C LYS A 238 38.87 46.43 -25.28
N GLY A 239 37.83 46.45 -26.08
CA GLY A 239 37.93 45.99 -27.45
C GLY A 239 38.53 46.99 -28.41
N ALA A 240 37.72 47.50 -29.31
CA ALA A 240 38.14 48.48 -30.28
C ALA A 240 38.52 49.78 -29.60
N ASP A 241 39.51 50.45 -30.10
CA ASP A 241 39.97 51.65 -29.46
C ASP A 241 39.75 52.83 -30.37
N VAL A 242 39.58 53.98 -29.79
CA VAL A 242 39.33 55.21 -30.52
C VAL A 242 40.15 56.31 -29.90
N ASP A 243 41.08 56.86 -30.66
CA ASP A 243 41.94 57.93 -30.20
C ASP A 243 41.18 59.24 -30.25
N ALA A 244 41.12 59.90 -29.12
CA ALA A 244 40.41 61.16 -29.02
C ALA A 244 40.90 62.05 -27.88
N GLY A 245 41.75 61.53 -27.02
CA GLY A 245 42.16 62.29 -25.84
C GLY A 245 41.47 61.74 -24.63
N GLY A 246 41.42 60.43 -24.61
CA GLY A 246 40.73 59.62 -23.63
C GLY A 246 41.13 59.86 -22.22
N SER A 247 42.36 60.21 -22.01
CA SER A 247 42.91 60.40 -20.69
C SER A 247 42.10 61.42 -19.83
N GLN A 248 41.39 62.33 -20.50
CA GLN A 248 40.55 63.30 -19.79
C GLN A 248 39.06 62.92 -19.83
N HIS A 249 38.70 61.96 -20.68
CA HIS A 249 37.29 61.63 -20.88
C HIS A 249 37.04 60.14 -21.11
N ASN A 250 37.79 59.32 -20.44
CA ASN A 250 37.66 57.87 -20.53
C ASN A 250 36.35 57.38 -19.93
N ARG A 251 35.36 57.32 -20.77
CA ARG A 251 34.01 56.98 -20.43
C ARG A 251 33.64 55.70 -21.12
N VAL A 252 32.86 54.88 -20.44
CA VAL A 252 32.37 53.65 -21.04
C VAL A 252 31.41 54.06 -22.14
N VAL A 253 31.59 53.50 -23.32
CA VAL A 253 30.77 53.91 -24.44
C VAL A 253 29.63 52.95 -24.59
N TYR A 254 29.97 51.72 -24.64
CA TYR A 254 29.05 50.66 -24.73
C TYR A 254 29.66 49.56 -23.92
N GLN A 255 28.89 48.64 -23.51
CA GLN A 255 29.38 47.47 -22.86
C GLN A 255 28.46 46.34 -23.23
N ASN A 256 29.01 45.19 -23.49
CA ASN A 256 28.20 44.04 -23.89
C ASN A 256 27.17 43.59 -22.85
N PRO A 257 27.51 43.52 -21.52
CA PRO A 257 26.50 43.30 -20.48
C PRO A 257 25.57 44.52 -20.37
N PRO A 258 24.31 44.43 -20.82
CA PRO A 258 23.40 45.56 -20.82
C PRO A 258 22.95 45.95 -19.41
N ALA A 259 22.98 47.24 -19.15
CA ALA A 259 22.56 47.77 -17.89
C ALA A 259 21.08 47.57 -17.71
N GLY A 260 20.69 47.12 -16.54
CA GLY A 260 19.31 46.91 -16.26
C GLY A 260 18.83 45.54 -16.68
N THR A 261 19.70 44.79 -17.28
CA THR A 261 19.35 43.49 -17.81
C THR A 261 20.05 42.40 -16.97
N GLY A 262 19.56 41.17 -17.08
CA GLY A 262 20.18 40.05 -16.44
C GLY A 262 21.46 39.71 -17.15
N VAL A 263 22.56 39.90 -16.47
CA VAL A 263 23.87 39.66 -17.02
C VAL A 263 24.48 38.44 -16.41
N ASN A 264 25.19 37.70 -17.24
CA ASN A 264 25.93 36.51 -16.85
C ASN A 264 26.66 36.69 -15.53
N ARG A 265 26.58 35.67 -14.72
CA ARG A 265 27.21 35.61 -13.42
C ARG A 265 28.73 35.78 -13.57
N ASP A 266 29.23 35.43 -14.75
CA ASP A 266 30.63 35.66 -15.12
C ASP A 266 30.97 37.12 -14.96
N GLY A 267 30.07 37.98 -15.44
CA GLY A 267 30.26 39.38 -15.35
C GLY A 267 31.33 39.88 -16.26
N ILE A 268 31.68 39.11 -17.27
CA ILE A 268 32.76 39.51 -18.14
C ILE A 268 32.29 40.73 -18.96
N ILE A 269 32.99 41.83 -18.80
CA ILE A 269 32.54 43.08 -19.34
C ILE A 269 33.51 43.60 -20.41
N THR A 270 32.98 43.75 -21.58
CA THR A 270 33.65 44.30 -22.70
C THR A 270 33.16 45.75 -22.94
N LEU A 271 34.09 46.67 -22.91
CA LEU A 271 33.80 48.11 -22.99
C LEU A 271 34.79 48.79 -23.88
N ARG A 272 34.46 49.97 -24.26
CA ARG A 272 35.31 50.82 -25.00
C ARG A 272 35.26 52.18 -24.38
N PHE A 273 36.40 52.80 -24.26
CA PHE A 273 36.55 54.14 -23.75
C PHE A 273 37.62 54.82 -24.57
N GLY A 274 37.59 56.14 -24.58
CA GLY A 274 38.51 56.94 -25.34
C GLY A 274 39.98 56.69 -25.03
N GLN A 275 40.80 56.91 -26.03
CA GLN A 275 42.23 56.78 -25.97
C GLN A 275 42.85 58.16 -26.10
N GLY A 4 -35.62 -76.17 9.10
CA GLY A 4 -34.53 -77.10 8.83
C GLY A 4 -33.30 -76.70 9.58
N ILE A 5 -32.18 -77.31 9.26
CA ILE A 5 -30.95 -76.98 9.91
C ILE A 5 -30.46 -75.63 9.40
N THR A 6 -30.20 -74.75 10.31
CA THR A 6 -29.80 -73.44 9.95
C THR A 6 -28.29 -73.33 10.07
N ARG A 7 -27.69 -72.56 9.20
CA ARG A 7 -26.26 -72.30 9.24
C ARG A 7 -25.99 -70.83 9.03
N ASP A 8 -26.83 -70.21 8.23
CA ASP A 8 -26.83 -68.77 8.09
C ASP A 8 -28.05 -68.30 8.79
N VAL A 9 -27.89 -67.45 9.74
CA VAL A 9 -28.96 -67.03 10.60
C VAL A 9 -29.19 -65.56 10.44
N GLN A 10 -30.31 -65.08 10.89
CA GLN A 10 -30.53 -63.73 10.86
C GLN A 10 -30.09 -63.20 12.17
N VAL A 11 -29.43 -62.14 12.10
CA VAL A 11 -28.77 -61.57 13.20
C VAL A 11 -29.64 -60.50 13.82
N PRO A 12 -29.99 -60.64 15.10
CA PRO A 12 -30.70 -59.62 15.80
C PRO A 12 -29.77 -58.51 16.18
N ASP A 13 -29.99 -57.39 15.61
CA ASP A 13 -29.15 -56.27 15.84
C ASP A 13 -29.80 -55.35 16.83
N VAL A 14 -28.98 -54.82 17.68
CA VAL A 14 -29.38 -54.02 18.84
C VAL A 14 -29.51 -52.52 18.48
N ARG A 15 -29.56 -52.26 17.20
CA ARG A 15 -29.76 -50.94 16.69
C ARG A 15 -31.14 -50.41 17.06
N GLY A 16 -31.22 -49.13 17.27
CA GLY A 16 -32.41 -48.49 17.80
C GLY A 16 -32.19 -48.04 19.24
N GLN A 17 -31.03 -48.40 19.78
CA GLN A 17 -30.58 -47.90 21.05
C GLN A 17 -29.38 -46.99 20.77
N SER A 18 -28.49 -46.83 21.70
CA SER A 18 -27.39 -45.90 21.49
C SER A 18 -26.30 -46.60 20.70
N SER A 19 -25.39 -45.83 20.13
CA SER A 19 -24.29 -46.40 19.38
C SER A 19 -23.48 -47.36 20.27
N ALA A 20 -23.17 -46.91 21.48
CA ALA A 20 -22.36 -47.68 22.42
C ALA A 20 -23.06 -48.95 22.86
N ASP A 21 -24.33 -48.86 23.21
CA ASP A 21 -25.06 -50.02 23.73
C ASP A 21 -25.23 -51.06 22.62
N ALA A 22 -25.55 -50.56 21.44
CA ALA A 22 -25.76 -51.39 20.29
C ALA A 22 -24.45 -52.07 19.89
N ILE A 23 -23.39 -51.28 19.74
CA ILE A 23 -22.06 -51.79 19.38
C ILE A 23 -21.56 -52.80 20.40
N ALA A 24 -21.74 -52.47 21.69
CA ALA A 24 -21.26 -53.31 22.76
C ALA A 24 -21.85 -54.71 22.67
N THR A 25 -23.13 -54.76 22.42
CA THR A 25 -23.81 -56.02 22.34
C THR A 25 -23.37 -56.83 21.10
N LEU A 26 -23.32 -56.17 19.91
CA LEU A 26 -22.89 -56.85 18.68
C LEU A 26 -21.47 -57.39 18.79
N GLN A 27 -20.60 -56.59 19.37
CA GLN A 27 -19.19 -56.94 19.53
C GLN A 27 -19.06 -58.14 20.46
N ASN A 28 -19.82 -58.14 21.55
CA ASN A 28 -19.80 -59.24 22.51
C ASN A 28 -20.40 -60.52 21.92
N ARG A 29 -21.16 -60.37 20.85
CA ARG A 29 -21.73 -61.53 20.17
C ARG A 29 -20.78 -62.03 19.09
N GLY A 30 -19.78 -61.25 18.79
CA GLY A 30 -18.80 -61.67 17.83
C GLY A 30 -19.03 -61.06 16.47
N PHE A 31 -19.94 -60.13 16.40
CA PHE A 31 -20.20 -59.44 15.20
C PHE A 31 -19.33 -58.21 15.12
N LYS A 32 -19.14 -57.71 13.95
CA LYS A 32 -18.33 -56.57 13.76
C LYS A 32 -19.21 -55.38 13.47
N ILE A 33 -18.70 -54.24 13.70
CA ILE A 33 -19.41 -53.04 13.43
C ILE A 33 -18.50 -52.12 12.69
N ARG A 34 -19.07 -51.30 11.90
CA ARG A 34 -18.33 -50.29 11.25
C ARG A 34 -18.91 -49.01 11.72
N THR A 35 -18.10 -48.15 12.22
CA THR A 35 -18.60 -46.94 12.84
C THR A 35 -18.07 -45.73 12.08
N LEU A 36 -18.94 -44.92 11.55
CA LEU A 36 -18.53 -43.71 10.86
C LEU A 36 -18.97 -42.53 11.65
N GLN A 37 -18.06 -41.64 11.99
CA GLN A 37 -18.43 -40.43 12.69
C GLN A 37 -18.50 -39.28 11.70
N LYS A 38 -19.64 -38.67 11.64
CA LYS A 38 -19.94 -37.65 10.64
C LYS A 38 -20.30 -36.34 11.33
N PRO A 39 -19.52 -35.29 11.11
CA PRO A 39 -19.83 -33.97 11.66
C PRO A 39 -20.73 -33.18 10.73
N ASP A 40 -21.82 -32.62 11.27
CA ASP A 40 -22.81 -31.88 10.46
C ASP A 40 -23.96 -31.44 11.33
N SER A 41 -24.72 -30.50 10.88
CA SER A 41 -25.77 -29.93 11.66
C SER A 41 -27.11 -30.68 11.51
N THR A 42 -27.28 -31.53 10.49
CA THR A 42 -28.58 -32.14 10.31
C THR A 42 -28.52 -33.70 10.32
N ILE A 43 -27.38 -34.25 10.66
CA ILE A 43 -27.26 -35.69 10.72
C ILE A 43 -27.66 -36.13 12.14
N PRO A 44 -28.50 -37.17 12.26
CA PRO A 44 -29.01 -37.67 13.55
C PRO A 44 -27.91 -37.99 14.59
N PRO A 45 -28.21 -37.75 15.89
CA PRO A 45 -27.32 -38.07 17.01
C PRO A 45 -26.92 -39.54 17.00
N ASP A 46 -25.86 -39.85 17.73
CA ASP A 46 -25.26 -41.21 17.79
C ASP A 46 -26.24 -42.29 18.25
N HIS A 47 -27.40 -41.89 18.68
CA HIS A 47 -28.43 -42.84 19.06
C HIS A 47 -29.04 -43.37 17.79
N VAL A 48 -29.02 -44.64 17.67
CA VAL A 48 -29.33 -45.28 16.43
C VAL A 48 -30.83 -45.28 16.16
N ILE A 49 -31.17 -44.90 14.96
CA ILE A 49 -32.56 -44.74 14.54
C ILE A 49 -33.10 -45.95 13.75
N GLY A 50 -32.22 -46.66 13.08
CA GLY A 50 -32.61 -47.73 12.19
C GLY A 50 -31.59 -48.83 12.21
N THR A 51 -31.84 -49.94 11.54
CA THR A 51 -30.96 -51.08 11.63
C THR A 51 -30.24 -51.33 10.31
N ASP A 52 -29.43 -52.37 10.28
CA ASP A 52 -28.63 -52.67 9.11
C ASP A 52 -29.15 -53.94 8.45
N PRO A 53 -29.41 -53.92 7.13
CA PRO A 53 -29.94 -55.07 6.37
C PRO A 53 -29.08 -56.32 6.49
N ALA A 54 -27.80 -56.12 6.73
CA ALA A 54 -26.83 -57.21 6.86
C ALA A 54 -27.27 -58.17 7.95
N ALA A 55 -27.74 -57.62 9.04
CA ALA A 55 -28.17 -58.42 10.16
C ALA A 55 -29.56 -58.98 9.92
N ASN A 56 -30.35 -58.23 9.19
CA ASN A 56 -31.74 -58.58 9.00
C ASN A 56 -31.90 -59.55 7.84
N THR A 57 -30.80 -59.94 7.26
CA THR A 57 -30.75 -60.99 6.26
C THR A 57 -30.06 -62.19 6.92
N SER A 58 -30.34 -63.41 6.47
CA SER A 58 -29.66 -64.56 7.05
C SER A 58 -28.23 -64.60 6.54
N VAL A 59 -27.29 -64.39 7.41
CA VAL A 59 -25.89 -64.41 7.07
C VAL A 59 -25.12 -65.30 8.02
N SER A 60 -23.88 -65.58 7.68
CA SER A 60 -23.03 -66.32 8.56
C SER A 60 -22.69 -65.45 9.78
N ALA A 61 -22.59 -66.04 10.95
CA ALA A 61 -22.33 -65.28 12.15
C ALA A 61 -20.92 -64.70 12.12
N GLY A 62 -20.85 -63.40 11.96
CA GLY A 62 -19.61 -62.69 11.91
C GLY A 62 -19.57 -61.79 10.70
N ASP A 63 -20.38 -60.75 10.73
CA ASP A 63 -20.49 -59.82 9.61
C ASP A 63 -20.36 -58.40 10.17
N GLU A 64 -20.52 -57.38 9.36
CA GLU A 64 -20.34 -56.00 9.77
C GLU A 64 -21.64 -55.23 9.71
N ILE A 65 -21.91 -54.51 10.77
CA ILE A 65 -23.09 -53.66 10.87
C ILE A 65 -22.59 -52.20 10.88
N THR A 66 -22.93 -51.43 9.86
CA THR A 66 -22.38 -50.10 9.70
C THR A 66 -23.27 -49.02 10.37
N VAL A 67 -22.70 -48.33 11.34
CA VAL A 67 -23.37 -47.35 12.14
C VAL A 67 -22.87 -45.94 11.83
N ASN A 68 -23.80 -45.03 11.71
CA ASN A 68 -23.47 -43.65 11.48
C ASN A 68 -23.64 -42.89 12.78
N VAL A 69 -22.56 -42.37 13.27
CA VAL A 69 -22.52 -41.60 14.48
C VAL A 69 -22.27 -40.17 14.06
N SER A 70 -23.02 -39.25 14.57
CA SER A 70 -22.84 -37.90 14.15
C SER A 70 -22.48 -37.00 15.29
N THR A 71 -21.53 -36.16 15.04
CA THR A 71 -21.19 -35.11 15.92
C THR A 71 -21.94 -33.88 15.43
N GLY A 72 -22.18 -32.91 16.30
CA GLY A 72 -23.03 -31.78 15.96
C GLY A 72 -22.48 -30.83 14.87
N PRO A 73 -23.06 -29.60 14.81
CA PRO A 73 -22.67 -28.58 13.84
C PRO A 73 -21.20 -28.26 13.93
N GLU A 74 -20.58 -28.12 12.80
CA GLU A 74 -19.18 -27.87 12.76
C GLU A 74 -18.87 -26.46 13.12
N GLN A 75 -17.77 -26.31 13.76
CA GLN A 75 -17.28 -25.06 14.17
C GLN A 75 -15.83 -25.02 13.82
N ARG A 76 -15.36 -23.90 13.40
CA ARG A 76 -13.98 -23.78 13.03
C ARG A 76 -13.34 -22.70 13.81
N GLU A 77 -12.11 -22.91 14.06
CA GLU A 77 -11.30 -21.97 14.79
C GLU A 77 -10.83 -20.93 13.82
N ILE A 78 -10.93 -19.69 14.19
CA ILE A 78 -10.58 -18.63 13.30
C ILE A 78 -9.06 -18.45 13.29
N PRO A 79 -8.43 -18.51 12.11
CA PRO A 79 -7.00 -18.30 11.97
C PRO A 79 -6.64 -16.85 12.22
N ASP A 80 -5.48 -16.63 12.79
CA ASP A 80 -5.03 -15.28 13.04
C ASP A 80 -4.48 -14.71 11.74
N VAL A 81 -4.70 -13.45 11.54
CA VAL A 81 -4.32 -12.79 10.32
C VAL A 81 -3.83 -11.39 10.66
N SER A 82 -3.10 -10.80 9.75
CA SER A 82 -2.66 -9.44 9.88
C SER A 82 -3.88 -8.52 9.75
N THR A 83 -3.96 -7.51 10.59
CA THR A 83 -5.08 -6.62 10.65
C THR A 83 -5.17 -5.75 9.40
N LEU A 84 -4.04 -5.46 8.80
CA LEU A 84 -4.03 -4.68 7.59
C LEU A 84 -4.37 -5.54 6.36
N THR A 85 -4.41 -6.84 6.54
CA THR A 85 -4.70 -7.75 5.49
C THR A 85 -6.14 -8.33 5.64
N TYR A 86 -7.13 -7.43 5.66
CA TYR A 86 -8.57 -7.75 5.70
C TYR A 86 -8.97 -8.73 4.59
N ALA A 87 -8.39 -8.55 3.42
CA ALA A 87 -8.69 -9.40 2.27
C ALA A 87 -8.40 -10.86 2.58
N GLU A 88 -7.29 -11.11 3.24
CA GLU A 88 -6.93 -12.44 3.64
C GLU A 88 -7.83 -12.94 4.77
N ALA A 89 -8.22 -12.03 5.67
CA ALA A 89 -9.12 -12.36 6.78
C ALA A 89 -10.45 -12.91 6.26
N VAL A 90 -11.09 -12.19 5.35
CA VAL A 90 -12.34 -12.64 4.77
C VAL A 90 -12.15 -13.93 3.96
N LYS A 91 -11.01 -14.03 3.27
CA LYS A 91 -10.63 -15.22 2.52
C LYS A 91 -10.55 -16.41 3.48
N LYS A 92 -9.89 -16.22 4.59
CA LYS A 92 -9.73 -17.22 5.60
C LYS A 92 -11.05 -17.61 6.23
N LEU A 93 -11.93 -16.64 6.44
CA LEU A 93 -13.26 -16.94 6.95
C LEU A 93 -14.02 -17.80 5.96
N THR A 94 -13.82 -17.54 4.69
CA THR A 94 -14.45 -18.30 3.62
C THR A 94 -13.90 -19.73 3.60
N ALA A 95 -12.60 -19.83 3.72
CA ALA A 95 -11.89 -21.11 3.70
C ALA A 95 -12.14 -21.94 4.97
N ALA A 96 -12.64 -21.28 5.99
CA ALA A 96 -12.93 -21.93 7.27
C ALA A 96 -14.33 -22.53 7.30
N GLY A 97 -15.01 -22.49 6.18
CA GLY A 97 -16.30 -23.13 6.11
C GLY A 97 -17.41 -22.13 6.08
N PHE A 98 -17.67 -21.51 7.24
CA PHE A 98 -18.68 -20.45 7.37
C PHE A 98 -18.65 -19.44 6.23
N GLY A 99 -17.57 -18.69 6.12
CA GLY A 99 -17.48 -17.66 5.11
C GLY A 99 -18.51 -16.57 5.29
N ARG A 100 -19.09 -16.51 6.46
CA ARG A 100 -20.09 -15.54 6.78
C ARG A 100 -19.37 -14.38 7.40
N PHE A 101 -19.32 -13.29 6.73
CA PHE A 101 -18.61 -12.15 7.20
C PHE A 101 -19.33 -10.88 6.90
N LYS A 102 -19.13 -9.93 7.75
CA LYS A 102 -19.69 -8.61 7.61
C LYS A 102 -18.60 -7.62 7.84
N GLN A 103 -18.36 -6.78 6.89
CA GLN A 103 -17.35 -5.76 7.03
C GLN A 103 -17.99 -4.52 7.62
N ALA A 104 -17.36 -3.97 8.60
CA ALA A 104 -17.79 -2.77 9.21
C ALA A 104 -16.63 -1.83 9.36
N ASN A 105 -16.81 -0.60 9.01
CA ASN A 105 -15.79 0.39 9.22
C ASN A 105 -16.28 1.46 10.13
N SER A 106 -15.43 1.88 11.01
CA SER A 106 -15.77 2.92 11.94
C SER A 106 -14.60 3.89 12.00
N PRO A 107 -14.87 5.20 12.13
CA PRO A 107 -13.81 6.19 12.33
C PRO A 107 -13.13 5.94 13.67
N SER A 108 -11.85 5.92 13.65
CA SER A 108 -11.04 5.64 14.80
C SER A 108 -9.72 6.35 14.63
N THR A 109 -8.84 6.20 15.62
CA THR A 109 -7.50 6.76 15.57
C THR A 109 -6.79 6.47 14.23
N PRO A 110 -6.09 7.50 13.69
CA PRO A 110 -5.41 7.45 12.38
C PRO A 110 -4.48 6.24 12.22
N GLU A 111 -3.92 5.77 13.32
CA GLU A 111 -2.99 4.65 13.31
C GLU A 111 -3.68 3.35 12.83
N LEU A 112 -4.98 3.24 13.08
CA LEU A 112 -5.73 2.04 12.75
C LEU A 112 -6.40 2.13 11.40
N VAL A 113 -6.05 3.14 10.61
CA VAL A 113 -6.66 3.28 9.30
C VAL A 113 -6.35 2.04 8.45
N GLY A 114 -7.39 1.45 7.91
CA GLY A 114 -7.24 0.30 7.03
C GLY A 114 -6.94 -0.98 7.77
N LYS A 115 -6.90 -0.92 9.08
CA LYS A 115 -6.59 -2.08 9.83
C LYS A 115 -7.81 -2.58 10.54
N VAL A 116 -7.92 -3.87 10.54
CA VAL A 116 -8.94 -4.56 11.26
C VAL A 116 -8.65 -4.37 12.75
N ILE A 117 -9.66 -4.05 13.50
CA ILE A 117 -9.48 -3.77 14.91
C ILE A 117 -9.80 -5.04 15.69
N GLY A 118 -10.66 -5.84 15.12
CA GLY A 118 -11.01 -7.07 15.72
C GLY A 118 -12.31 -7.57 15.18
N THR A 119 -12.88 -8.49 15.87
CA THR A 119 -14.12 -9.07 15.53
C THR A 119 -14.93 -9.16 16.80
N ASN A 120 -16.25 -8.99 16.74
CA ASN A 120 -17.07 -9.13 17.95
C ASN A 120 -16.99 -10.58 18.49
N PRO A 121 -17.24 -11.63 17.66
CA PRO A 121 -16.92 -13.00 18.06
C PRO A 121 -15.39 -13.11 18.08
N PRO A 122 -14.79 -13.71 19.11
CA PRO A 122 -13.32 -13.77 19.22
C PRO A 122 -12.67 -14.54 18.05
N ALA A 123 -11.71 -13.90 17.42
CA ALA A 123 -11.07 -14.36 16.18
C ALA A 123 -10.06 -15.47 16.40
N ASN A 124 -9.81 -15.82 17.61
CA ASN A 124 -8.92 -16.96 17.87
C ASN A 124 -9.70 -18.12 18.42
N GLN A 125 -10.99 -17.94 18.56
CA GLN A 125 -11.84 -18.95 19.14
C GLN A 125 -12.56 -19.73 18.06
N THR A 126 -13.41 -20.63 18.46
CA THR A 126 -14.16 -21.46 17.57
C THR A 126 -15.50 -20.76 17.21
N SER A 127 -15.80 -20.68 15.95
CA SER A 127 -17.02 -20.09 15.45
C SER A 127 -17.74 -21.12 14.59
N ALA A 128 -19.05 -21.15 14.67
CA ALA A 128 -19.83 -22.12 13.89
C ALA A 128 -19.88 -21.77 12.40
N ILE A 129 -20.06 -22.80 11.56
CA ILE A 129 -20.13 -22.64 10.09
C ILE A 129 -21.37 -21.81 9.69
N THR A 130 -22.36 -21.83 10.51
CA THR A 130 -23.55 -21.09 10.24
C THR A 130 -23.56 -19.73 10.94
N ASN A 131 -22.44 -19.41 11.57
CA ASN A 131 -22.33 -18.20 12.38
C ASN A 131 -21.62 -17.09 11.61
N VAL A 132 -22.04 -15.86 11.84
CA VAL A 132 -21.50 -14.70 11.14
C VAL A 132 -20.37 -14.02 11.92
N VAL A 133 -19.25 -13.82 11.25
CA VAL A 133 -18.12 -13.15 11.82
C VAL A 133 -18.09 -11.70 11.29
N ILE A 134 -18.16 -10.75 12.19
CA ILE A 134 -18.15 -9.34 11.81
C ILE A 134 -16.74 -8.77 11.95
N ILE A 135 -16.24 -8.24 10.86
CA ILE A 135 -14.92 -7.68 10.73
C ILE A 135 -15.00 -6.15 10.84
N ILE A 136 -14.50 -5.59 11.91
CA ILE A 136 -14.50 -4.14 12.06
C ILE A 136 -13.09 -3.60 11.71
N VAL A 137 -13.07 -2.66 10.81
CA VAL A 137 -11.85 -2.03 10.36
C VAL A 137 -11.94 -0.53 10.65
N GLY A 138 -10.84 0.05 11.04
CA GLY A 138 -10.83 1.43 11.41
C GLY A 138 -10.55 2.37 10.25
N SER A 139 -11.22 3.49 10.26
CA SER A 139 -10.98 4.51 9.29
C SER A 139 -10.43 5.69 10.07
N GLY A 140 -9.33 6.25 9.65
CA GLY A 140 -8.76 7.34 10.39
C GLY A 140 -7.88 8.23 9.55
N PRO A 141 -8.44 9.28 8.95
CA PRO A 141 -7.67 10.27 8.18
C PRO A 141 -6.67 11.07 9.03
N ALA A 142 -5.58 11.45 8.40
CA ALA A 142 -4.49 12.24 9.00
C ALA A 142 -3.92 13.11 7.90
N THR A 143 -4.80 13.56 7.08
CA THR A 143 -4.51 14.21 5.85
C THR A 143 -4.98 15.68 5.81
N LYS A 144 -4.21 16.50 5.13
CA LYS A 144 -4.46 17.92 4.98
C LYS A 144 -4.07 18.33 3.55
N ASP A 145 -4.78 19.29 3.00
CA ASP A 145 -4.47 19.85 1.68
C ASP A 145 -3.36 20.84 1.82
N ILE A 146 -2.37 20.73 0.99
CA ILE A 146 -1.27 21.67 1.03
C ILE A 146 -1.65 23.00 0.38
N PRO A 147 -1.38 24.11 1.07
CA PRO A 147 -1.60 25.45 0.52
C PRO A 147 -0.60 25.74 -0.59
N ASP A 148 -0.87 26.78 -1.34
CA ASP A 148 -0.06 27.15 -2.46
C ASP A 148 1.00 28.16 -2.05
N VAL A 149 2.12 28.08 -2.70
CA VAL A 149 3.19 29.02 -2.51
C VAL A 149 4.18 28.96 -3.67
N ALA A 150 3.91 29.73 -4.68
CA ALA A 150 4.75 29.80 -5.85
C ALA A 150 4.90 31.24 -6.25
N GLY A 151 6.10 31.76 -6.17
CA GLY A 151 6.32 33.13 -6.53
C GLY A 151 6.40 33.97 -5.31
N GLN A 152 6.61 33.31 -4.19
CA GLN A 152 6.72 33.97 -2.93
C GLN A 152 8.04 33.58 -2.31
N THR A 153 8.40 34.17 -1.20
CA THR A 153 9.69 33.88 -0.62
C THR A 153 9.59 32.72 0.39
N VAL A 154 10.75 32.21 0.80
CA VAL A 154 10.89 31.09 1.75
C VAL A 154 10.05 31.30 3.01
N ASP A 155 10.06 32.52 3.49
CA ASP A 155 9.34 32.90 4.72
C ASP A 155 7.86 32.60 4.60
N VAL A 156 7.32 32.86 3.43
CA VAL A 156 5.91 32.69 3.21
C VAL A 156 5.56 31.23 3.10
N ALA A 157 6.43 30.47 2.46
CA ALA A 157 6.19 29.06 2.23
C ALA A 157 6.10 28.30 3.56
N GLN A 158 7.07 28.51 4.42
CA GLN A 158 7.08 27.85 5.72
C GLN A 158 5.91 28.29 6.58
N LYS A 159 5.56 29.57 6.45
CA LYS A 159 4.48 30.16 7.20
C LYS A 159 3.16 29.50 6.80
N ASN A 160 2.89 29.42 5.49
CA ASN A 160 1.63 28.86 5.01
C ASN A 160 1.47 27.43 5.42
N LEU A 161 2.51 26.66 5.21
CA LEU A 161 2.48 25.26 5.56
C LEU A 161 2.31 25.05 7.06
N ASN A 162 3.04 25.83 7.88
CA ASN A 162 2.97 25.74 9.29
C ASN A 162 1.55 26.02 9.79
N VAL A 163 0.94 27.04 9.22
CA VAL A 163 -0.43 27.45 9.56
C VAL A 163 -1.44 26.32 9.33
N TYR A 164 -1.18 25.48 8.34
CA TYR A 164 -2.08 24.38 8.03
C TYR A 164 -1.80 23.15 8.87
N GLY A 165 -0.75 23.22 9.66
CA GLY A 165 -0.46 22.13 10.56
C GLY A 165 0.85 21.44 10.27
N PHE A 166 1.45 21.74 9.14
CA PHE A 166 2.68 21.06 8.77
C PHE A 166 3.87 21.54 9.59
N THR A 167 4.54 20.60 10.20
CA THR A 167 5.66 20.89 11.05
C THR A 167 7.00 20.56 10.37
N LYS A 168 6.97 19.66 9.41
CA LYS A 168 8.19 19.25 8.77
C LYS A 168 8.23 19.74 7.34
N PHE A 169 9.17 20.62 7.06
CA PHE A 169 9.32 21.23 5.78
C PHE A 169 10.64 20.77 5.20
N SER A 170 10.63 20.36 3.99
CA SER A 170 11.85 20.04 3.31
C SER A 170 12.01 21.01 2.17
N GLN A 171 13.16 21.55 2.02
CA GLN A 171 13.40 22.55 1.04
C GLN A 171 14.41 22.04 0.05
N ALA A 172 14.00 21.99 -1.18
CA ALA A 172 14.85 21.51 -2.24
C ALA A 172 15.31 22.67 -3.10
N SER A 173 16.56 22.66 -3.48
CA SER A 173 17.08 23.68 -4.33
C SER A 173 16.97 23.24 -5.78
N VAL A 174 16.31 24.04 -6.57
CA VAL A 174 16.14 23.75 -7.97
C VAL A 174 16.76 24.91 -8.73
N ASP A 175 17.29 24.64 -9.89
CA ASP A 175 17.94 25.67 -10.68
C ASP A 175 16.95 26.54 -11.37
N SER A 176 17.20 27.82 -11.32
CA SER A 176 16.40 28.78 -12.02
C SER A 176 17.30 29.98 -12.27
N PRO A 177 16.87 30.99 -13.03
CA PRO A 177 17.56 32.27 -13.10
C PRO A 177 17.00 33.24 -12.04
N ARG A 178 16.01 32.74 -11.30
CA ARG A 178 15.35 33.47 -10.22
C ARG A 178 16.24 33.43 -8.98
N PRO A 179 16.46 34.59 -8.32
CA PRO A 179 17.38 34.70 -7.18
C PRO A 179 17.06 33.73 -6.03
N ALA A 180 18.12 33.22 -5.40
CA ALA A 180 18.01 32.27 -4.32
C ALA A 180 17.14 32.82 -3.20
N GLY A 181 16.23 32.01 -2.74
CA GLY A 181 15.31 32.42 -1.72
C GLY A 181 13.92 32.55 -2.28
N GLU A 182 13.84 32.45 -3.59
CA GLU A 182 12.59 32.52 -4.29
C GLU A 182 11.97 31.13 -4.24
N VAL A 183 10.77 31.02 -3.77
CA VAL A 183 10.12 29.74 -3.77
C VAL A 183 9.40 29.60 -5.09
N THR A 184 9.90 28.73 -5.92
CA THR A 184 9.35 28.57 -7.24
C THR A 184 8.06 27.75 -7.18
N GLY A 185 7.81 27.13 -6.05
CA GLY A 185 6.60 26.39 -5.87
C GLY A 185 6.78 25.27 -4.89
N THR A 186 5.90 24.34 -4.96
CA THR A 186 5.97 23.16 -4.16
C THR A 186 6.13 21.98 -5.08
N ASN A 187 6.82 20.95 -4.63
CA ASN A 187 7.01 19.76 -5.47
C ASN A 187 5.68 19.03 -5.73
N PRO A 188 4.85 18.72 -4.70
CA PRO A 188 3.50 18.22 -4.93
C PRO A 188 2.62 19.41 -5.36
N PRO A 189 1.70 19.24 -6.31
CA PRO A 189 0.82 20.33 -6.76
C PRO A 189 -0.07 20.85 -5.60
N ALA A 190 -0.30 22.15 -5.59
CA ALA A 190 -1.06 22.79 -4.54
C ALA A 190 -2.50 22.28 -4.49
N GLY A 191 -2.98 22.06 -3.29
CA GLY A 191 -4.33 21.58 -3.11
C GLY A 191 -4.39 20.08 -2.94
N THR A 192 -3.29 19.42 -3.18
CA THR A 192 -3.22 17.99 -3.01
C THR A 192 -3.26 17.65 -1.52
N THR A 193 -4.07 16.68 -1.18
CA THR A 193 -4.20 16.25 0.18
C THR A 193 -3.08 15.24 0.49
N VAL A 194 -2.30 15.53 1.50
CA VAL A 194 -1.22 14.66 1.93
C VAL A 194 -1.31 14.49 3.45
N PRO A 195 -0.74 13.42 4.02
CA PRO A 195 -0.73 13.23 5.46
C PRO A 195 0.18 14.26 6.13
N VAL A 196 -0.24 14.75 7.29
CA VAL A 196 0.54 15.73 8.06
C VAL A 196 1.85 15.11 8.54
N ASP A 197 1.86 13.79 8.57
CA ASP A 197 3.01 13.01 8.98
C ASP A 197 4.08 13.03 7.89
N SER A 198 3.69 13.36 6.69
CA SER A 198 4.61 13.37 5.59
C SER A 198 5.29 14.75 5.55
N VAL A 199 6.50 14.79 5.06
CA VAL A 199 7.21 16.04 4.96
C VAL A 199 6.87 16.66 3.61
N ILE A 200 6.59 17.94 3.59
CA ILE A 200 6.28 18.57 2.33
C ILE A 200 7.52 19.20 1.76
N GLU A 201 7.63 19.19 0.47
CA GLU A 201 8.81 19.67 -0.15
C GLU A 201 8.53 20.97 -0.88
N LEU A 202 9.17 21.99 -0.40
CA LEU A 202 9.11 23.32 -0.98
C LEU A 202 10.29 23.43 -1.89
N GLN A 203 10.11 23.92 -3.07
CA GLN A 203 11.20 23.99 -3.99
C GLN A 203 11.62 25.44 -4.17
N VAL A 204 12.82 25.70 -3.77
CA VAL A 204 13.38 27.01 -3.77
C VAL A 204 14.33 27.12 -4.94
N SER A 205 14.30 28.24 -5.58
CA SER A 205 15.13 28.50 -6.70
C SER A 205 16.53 28.95 -6.30
N LYS A 206 17.46 28.37 -6.99
CA LYS A 206 18.83 28.77 -7.02
C LYS A 206 18.90 29.87 -8.06
N GLY A 207 19.65 30.93 -7.81
CA GLY A 207 19.64 32.04 -8.72
C GLY A 207 20.54 31.87 -9.88
N ASN A 208 21.76 31.37 -9.62
CA ASN A 208 22.74 31.03 -10.68
C ASN A 208 23.19 32.23 -11.45
N GLN A 209 23.01 33.39 -10.90
CA GLN A 209 23.19 34.58 -11.65
C GLN A 209 24.19 35.49 -10.94
N PHE A 210 24.98 36.20 -11.73
CA PHE A 210 25.89 37.21 -11.22
C PHE A 210 25.85 38.43 -12.15
N VAL A 211 26.15 39.61 -11.64
CA VAL A 211 26.00 40.83 -12.42
C VAL A 211 27.17 41.03 -13.42
N MET A 212 26.83 41.21 -14.68
CA MET A 212 27.82 41.42 -15.71
C MET A 212 28.00 42.90 -16.02
N PRO A 213 29.25 43.38 -16.06
CA PRO A 213 29.57 44.74 -16.46
C PRO A 213 29.44 44.93 -17.98
N ASP A 214 29.51 46.16 -18.43
CA ASP A 214 29.44 46.47 -19.85
C ASP A 214 30.69 45.99 -20.57
N LEU A 215 30.50 45.11 -21.52
CA LEU A 215 31.59 44.53 -22.28
C LEU A 215 31.66 45.16 -23.67
N SER A 216 30.67 45.97 -23.97
CA SER A 216 30.59 46.64 -25.24
C SER A 216 31.73 47.65 -25.37
N GLY A 217 32.43 47.62 -26.48
CA GLY A 217 33.51 48.55 -26.69
C GLY A 217 34.85 47.97 -26.29
N MET A 218 34.83 46.86 -25.61
CA MET A 218 36.05 46.23 -25.18
C MET A 218 36.60 45.38 -26.30
N PHE A 219 37.90 45.31 -26.38
CA PHE A 219 38.55 44.51 -27.36
C PHE A 219 38.80 43.18 -26.74
N TRP A 220 38.57 42.13 -27.50
CA TRP A 220 38.75 40.77 -27.01
C TRP A 220 40.18 40.53 -26.52
N VAL A 221 41.14 41.28 -27.04
CA VAL A 221 42.53 41.10 -26.66
C VAL A 221 42.74 41.43 -25.16
N ASP A 222 41.93 42.33 -24.64
CA ASP A 222 42.01 42.72 -23.25
C ASP A 222 40.92 42.02 -22.45
N ALA A 223 39.78 41.84 -23.11
CA ALA A 223 38.63 41.19 -22.51
C ALA A 223 38.92 39.74 -22.14
N GLU A 224 39.64 39.04 -23.01
CA GLU A 224 39.99 37.62 -22.81
C GLU A 224 40.63 37.37 -21.40
N PRO A 225 41.79 38.02 -21.04
CA PRO A 225 42.36 37.87 -19.70
C PRO A 225 41.41 38.37 -18.60
N ARG A 226 40.64 39.44 -18.87
CA ARG A 226 39.72 39.96 -17.86
C ARG A 226 38.60 38.98 -17.57
N LEU A 227 38.08 38.34 -18.60
CA LEU A 227 36.97 37.40 -18.47
C LEU A 227 37.37 36.20 -17.64
N ARG A 228 38.54 35.67 -17.90
CA ARG A 228 39.02 34.50 -17.18
C ARG A 228 39.21 34.85 -15.72
N ALA A 229 39.70 36.06 -15.48
CA ALA A 229 39.93 36.57 -14.14
C ALA A 229 38.61 36.75 -13.39
N LEU A 230 37.54 37.06 -14.12
CA LEU A 230 36.23 37.26 -13.52
C LEU A 230 35.51 35.94 -13.27
N GLY A 231 36.09 34.86 -13.75
CA GLY A 231 35.48 33.56 -13.57
C GLY A 231 34.49 33.25 -14.68
N TRP A 232 34.78 33.71 -15.86
CA TRP A 232 33.94 33.46 -17.00
C TRP A 232 34.32 32.12 -17.64
N THR A 233 33.36 31.27 -17.82
CA THR A 233 33.59 29.96 -18.40
C THR A 233 32.50 29.72 -19.49
N GLY A 234 32.04 30.82 -20.06
CA GLY A 234 31.02 30.75 -21.08
C GLY A 234 31.61 30.46 -22.44
N MET A 235 30.84 30.69 -23.46
CA MET A 235 31.28 30.40 -24.81
C MET A 235 31.53 31.68 -25.58
N LEU A 236 32.66 31.75 -26.20
CA LEU A 236 33.02 32.87 -27.04
C LEU A 236 32.55 32.55 -28.46
N ASP A 237 31.64 33.31 -28.97
CA ASP A 237 31.09 33.03 -30.28
C ASP A 237 31.59 34.02 -31.31
N LYS A 238 32.44 33.57 -32.16
CA LYS A 238 32.89 34.37 -33.26
C LYS A 238 32.37 33.73 -34.53
N GLY A 239 31.67 34.51 -35.31
CA GLY A 239 31.13 34.02 -36.54
C GLY A 239 32.13 34.20 -37.65
N ALA A 240 31.76 34.93 -38.64
CA ALA A 240 32.66 35.23 -39.71
C ALA A 240 33.54 36.39 -39.29
N ASP A 241 34.82 36.26 -39.51
CA ASP A 241 35.74 37.33 -39.20
C ASP A 241 35.66 38.36 -40.29
N VAL A 242 35.39 39.57 -39.91
CA VAL A 242 35.17 40.62 -40.87
C VAL A 242 36.15 41.74 -40.68
N ASP A 243 36.98 41.96 -41.65
CA ASP A 243 37.90 43.06 -41.57
C ASP A 243 37.23 44.27 -42.19
N ALA A 244 36.84 45.20 -41.37
CA ALA A 244 36.14 46.37 -41.88
C ALA A 244 36.74 47.64 -41.33
N GLY A 245 37.80 47.51 -40.59
CA GLY A 245 38.42 48.66 -40.01
C GLY A 245 38.35 48.63 -38.52
N GLY A 246 38.84 49.69 -37.89
CA GLY A 246 38.93 49.80 -36.45
C GLY A 246 37.61 49.65 -35.72
N SER A 247 36.53 50.11 -36.34
CA SER A 247 35.20 50.03 -35.76
C SER A 247 34.75 48.56 -35.58
N GLN A 248 35.25 47.67 -36.41
CA GLN A 248 34.91 46.26 -36.33
C GLN A 248 36.08 45.42 -35.82
N HIS A 249 37.18 46.07 -35.57
CA HIS A 249 38.40 45.38 -35.22
C HIS A 249 38.43 44.99 -33.74
N ASN A 250 38.39 43.68 -33.51
CA ASN A 250 38.55 43.01 -32.19
C ASN A 250 37.55 43.46 -31.08
N ARG A 251 36.67 44.41 -31.36
CA ARG A 251 35.83 44.92 -30.28
C ARG A 251 34.48 44.26 -30.28
N VAL A 252 33.95 44.09 -29.09
CA VAL A 252 32.61 43.57 -28.92
C VAL A 252 31.66 44.62 -29.52
N VAL A 253 30.75 44.19 -30.37
CA VAL A 253 29.88 45.14 -31.05
C VAL A 253 28.64 45.38 -30.23
N TYR A 254 28.12 44.33 -29.67
CA TYR A 254 26.97 44.40 -28.85
C TYR A 254 27.03 43.28 -27.86
N GLN A 255 26.35 43.44 -26.78
CA GLN A 255 26.24 42.43 -25.79
C GLN A 255 24.79 42.06 -25.67
N ASN A 256 24.50 40.79 -25.78
CA ASN A 256 23.14 40.29 -25.69
C ASN A 256 22.42 40.75 -24.40
N PRO A 257 22.93 40.44 -23.17
CA PRO A 257 22.33 40.95 -21.95
C PRO A 257 22.89 42.36 -21.66
N PRO A 258 22.04 43.32 -21.26
CA PRO A 258 22.48 44.69 -20.95
C PRO A 258 23.43 44.73 -19.75
N ALA A 259 24.20 45.77 -19.65
CA ALA A 259 25.13 45.94 -18.56
C ALA A 259 24.39 46.15 -17.27
N GLY A 260 24.77 45.40 -16.27
CA GLY A 260 24.10 45.50 -15.00
C GLY A 260 23.07 44.40 -14.83
N THR A 261 22.92 43.60 -15.85
CA THR A 261 21.98 42.50 -15.83
C THR A 261 22.71 41.26 -15.35
N GLY A 262 21.97 40.33 -14.81
CA GLY A 262 22.55 39.12 -14.33
C GLY A 262 22.79 38.14 -15.45
N VAL A 263 23.95 37.57 -15.44
CA VAL A 263 24.32 36.53 -16.36
C VAL A 263 24.44 35.22 -15.64
N ASN A 264 24.03 34.19 -16.32
CA ASN A 264 24.01 32.81 -15.84
C ASN A 264 25.37 32.32 -15.34
N ARG A 265 25.38 31.12 -14.75
CA ARG A 265 26.59 30.52 -14.08
C ARG A 265 27.84 30.59 -14.95
N ASP A 266 27.67 30.29 -16.23
CA ASP A 266 28.79 30.29 -17.15
C ASP A 266 29.02 31.66 -17.72
N GLY A 267 28.03 32.52 -17.63
CA GLY A 267 28.21 33.89 -18.02
C GLY A 267 28.10 34.12 -19.49
N ILE A 268 27.44 33.23 -20.20
CA ILE A 268 27.47 33.31 -21.65
C ILE A 268 26.72 34.56 -22.13
N ILE A 269 27.49 35.37 -22.79
CA ILE A 269 27.09 36.60 -23.34
C ILE A 269 27.28 36.48 -24.83
N THR A 270 26.30 36.86 -25.60
CA THR A 270 26.42 36.75 -27.02
C THR A 270 26.88 38.08 -27.58
N LEU A 271 28.01 38.01 -28.20
CA LEU A 271 28.72 39.12 -28.75
C LEU A 271 29.11 38.80 -30.15
N ARG A 272 29.48 39.79 -30.86
CA ARG A 272 29.98 39.63 -32.17
C ARG A 272 31.08 40.63 -32.31
N PHE A 273 32.14 40.23 -32.94
CA PHE A 273 33.26 41.09 -33.21
C PHE A 273 33.74 40.79 -34.60
N GLY A 274 34.28 41.80 -35.26
CA GLY A 274 34.66 41.68 -36.64
C GLY A 274 35.92 40.89 -36.84
N GLN A 275 37.01 41.58 -37.01
CA GLN A 275 38.27 40.92 -37.21
C GLN A 275 38.90 40.66 -35.87
N GLY A 4 -46.36 -72.92 16.22
CA GLY A 4 -45.77 -73.30 17.50
C GLY A 4 -44.93 -72.17 18.05
N ILE A 5 -43.77 -72.48 18.56
CA ILE A 5 -42.89 -71.49 19.09
C ILE A 5 -42.00 -70.94 17.97
N THR A 6 -41.71 -69.67 18.04
CA THR A 6 -40.79 -69.06 17.12
C THR A 6 -39.54 -68.71 17.92
N ARG A 7 -38.41 -68.67 17.29
CA ARG A 7 -37.19 -68.40 18.01
C ARG A 7 -36.73 -66.99 17.88
N ASP A 8 -37.46 -66.14 18.53
CA ASP A 8 -37.15 -64.74 18.59
C ASP A 8 -36.41 -64.54 19.86
N VAL A 9 -35.46 -63.68 19.85
CA VAL A 9 -34.69 -63.40 21.01
C VAL A 9 -34.89 -61.96 21.40
N GLN A 10 -35.06 -61.71 22.65
CA GLN A 10 -35.23 -60.37 23.12
C GLN A 10 -33.87 -59.95 23.60
N VAL A 11 -33.37 -58.91 23.05
CA VAL A 11 -32.00 -58.54 23.19
C VAL A 11 -31.80 -57.48 24.30
N PRO A 12 -30.95 -57.80 25.31
CA PRO A 12 -30.66 -56.90 26.42
C PRO A 12 -29.95 -55.64 25.96
N ASP A 13 -30.32 -54.54 26.54
CA ASP A 13 -29.74 -53.28 26.22
C ASP A 13 -28.56 -53.01 27.12
N VAL A 14 -27.54 -52.42 26.54
CA VAL A 14 -26.27 -52.17 27.22
C VAL A 14 -26.00 -50.63 27.23
N ARG A 15 -27.08 -49.88 27.17
CA ARG A 15 -27.01 -48.40 27.18
C ARG A 15 -26.42 -47.83 28.47
N GLY A 16 -25.68 -46.75 28.36
CA GLY A 16 -25.13 -46.10 29.53
C GLY A 16 -23.75 -46.62 29.89
N GLN A 17 -23.24 -47.55 29.11
CA GLN A 17 -21.95 -48.11 29.37
C GLN A 17 -20.93 -47.55 28.42
N SER A 18 -20.86 -48.12 27.23
CA SER A 18 -19.92 -47.68 26.26
C SER A 18 -20.28 -48.31 24.97
N SER A 19 -19.75 -47.79 23.90
CA SER A 19 -19.96 -48.35 22.61
C SER A 19 -19.32 -49.74 22.57
N ALA A 20 -18.14 -49.87 23.17
CA ALA A 20 -17.42 -51.12 23.21
C ALA A 20 -18.19 -52.18 23.95
N ASP A 21 -18.73 -51.85 25.11
CA ASP A 21 -19.49 -52.81 25.90
C ASP A 21 -20.74 -53.24 25.17
N ALA A 22 -21.42 -52.28 24.59
CA ALA A 22 -22.66 -52.55 23.89
C ALA A 22 -22.39 -53.39 22.64
N ILE A 23 -21.42 -53.00 21.86
CA ILE A 23 -21.08 -53.72 20.64
C ILE A 23 -20.53 -55.11 20.95
N ALA A 24 -19.69 -55.22 21.97
CA ALA A 24 -19.06 -56.50 22.33
C ALA A 24 -20.07 -57.56 22.71
N THR A 25 -21.08 -57.16 23.47
CA THR A 25 -22.10 -58.06 23.93
C THR A 25 -22.94 -58.55 22.73
N LEU A 26 -23.36 -57.60 21.89
CA LEU A 26 -24.14 -57.91 20.69
C LEU A 26 -23.33 -58.74 19.70
N GLN A 27 -22.05 -58.43 19.59
CA GLN A 27 -21.12 -59.12 18.71
C GLN A 27 -21.05 -60.60 19.09
N ASN A 28 -20.96 -60.87 20.38
CA ASN A 28 -20.92 -62.23 20.89
C ASN A 28 -22.24 -62.94 20.73
N ARG A 29 -23.31 -62.19 20.60
CA ARG A 29 -24.61 -62.78 20.34
C ARG A 29 -24.79 -63.01 18.84
N GLY A 30 -23.92 -62.40 18.05
CA GLY A 30 -23.96 -62.60 16.62
C GLY A 30 -24.72 -61.50 15.90
N PHE A 31 -25.09 -60.47 16.63
CA PHE A 31 -25.86 -59.40 16.08
C PHE A 31 -25.03 -58.44 15.26
N LYS A 32 -25.69 -57.74 14.40
CA LYS A 32 -25.10 -56.73 13.58
C LYS A 32 -25.32 -55.39 14.21
N ILE A 33 -24.41 -54.51 13.95
CA ILE A 33 -24.51 -53.20 14.47
C ILE A 33 -24.32 -52.20 13.35
N ARG A 34 -25.14 -51.20 13.34
CA ARG A 34 -25.06 -50.15 12.37
C ARG A 34 -24.56 -48.95 13.12
N THR A 35 -23.52 -48.36 12.66
CA THR A 35 -22.88 -47.33 13.42
C THR A 35 -23.17 -45.96 12.83
N LEU A 36 -23.81 -45.11 13.59
CA LEU A 36 -24.14 -43.80 13.13
C LEU A 36 -23.48 -42.79 14.05
N GLN A 37 -22.77 -41.82 13.50
CA GLN A 37 -22.09 -40.82 14.30
C GLN A 37 -22.86 -39.51 14.25
N LYS A 38 -22.90 -38.80 15.34
CA LYS A 38 -23.50 -37.49 15.39
C LYS A 38 -22.50 -36.50 15.97
N PRO A 39 -22.06 -35.51 15.19
CA PRO A 39 -21.19 -34.47 15.69
C PRO A 39 -21.95 -33.19 16.05
N ASP A 40 -21.71 -32.66 17.25
CA ASP A 40 -22.29 -31.36 17.71
C ASP A 40 -21.94 -31.14 19.17
N SER A 41 -22.01 -29.91 19.62
CA SER A 41 -21.76 -29.58 21.00
C SER A 41 -22.95 -29.99 21.88
N THR A 42 -24.12 -30.08 21.27
CA THR A 42 -25.36 -30.45 21.96
C THR A 42 -25.43 -31.98 22.07
N ILE A 43 -24.47 -32.62 21.45
CA ILE A 43 -24.37 -34.04 21.41
C ILE A 43 -23.58 -34.56 22.63
N PRO A 44 -24.10 -35.62 23.27
CA PRO A 44 -23.54 -36.23 24.51
C PRO A 44 -22.13 -36.92 24.33
N PRO A 45 -21.60 -37.63 25.39
CA PRO A 45 -20.34 -38.39 25.29
C PRO A 45 -20.37 -39.48 24.21
N ASP A 46 -19.16 -39.88 23.80
CA ASP A 46 -18.86 -40.90 22.72
C ASP A 46 -19.49 -42.27 22.98
N HIS A 47 -20.02 -42.44 24.16
CA HIS A 47 -20.58 -43.71 24.56
C HIS A 47 -22.05 -43.79 24.23
N VAL A 48 -22.67 -44.92 24.50
CA VAL A 48 -24.03 -45.12 24.17
C VAL A 48 -24.94 -44.52 25.23
N ILE A 49 -25.75 -43.57 24.84
CA ILE A 49 -26.70 -42.99 25.77
C ILE A 49 -27.97 -43.79 25.79
N GLY A 50 -28.29 -44.36 24.67
CA GLY A 50 -29.46 -45.13 24.54
C GLY A 50 -29.26 -46.22 23.57
N THR A 51 -30.19 -47.10 23.51
CA THR A 51 -30.15 -48.19 22.59
C THR A 51 -31.29 -48.09 21.59
N ASP A 52 -31.37 -49.04 20.71
CA ASP A 52 -32.38 -49.04 19.69
C ASP A 52 -33.46 -50.02 20.11
N PRO A 53 -34.75 -49.59 20.08
CA PRO A 53 -35.90 -50.39 20.57
C PRO A 53 -36.06 -51.76 19.92
N ALA A 54 -35.43 -51.94 18.78
CA ALA A 54 -35.47 -53.20 18.07
C ALA A 54 -34.88 -54.30 18.94
N ALA A 55 -33.87 -53.95 19.73
CA ALA A 55 -33.23 -54.88 20.62
C ALA A 55 -34.17 -55.25 21.76
N ASN A 56 -34.91 -54.26 22.25
CA ASN A 56 -35.84 -54.47 23.38
C ASN A 56 -37.10 -55.19 22.91
N THR A 57 -37.20 -55.36 21.63
CA THR A 57 -38.26 -56.12 21.05
C THR A 57 -37.70 -57.51 20.76
N SER A 58 -38.54 -58.52 20.71
CA SER A 58 -38.04 -59.82 20.37
C SER A 58 -37.78 -59.88 18.84
N VAL A 59 -36.53 -59.98 18.47
CA VAL A 59 -36.13 -60.04 17.08
C VAL A 59 -35.38 -61.32 16.82
N SER A 60 -35.12 -61.62 15.59
CA SER A 60 -34.37 -62.79 15.27
C SER A 60 -32.88 -62.56 15.53
N ALA A 61 -32.19 -63.61 15.91
CA ALA A 61 -30.78 -63.55 16.21
C ALA A 61 -29.99 -63.14 14.98
N GLY A 62 -29.19 -62.11 15.14
CA GLY A 62 -28.42 -61.61 14.03
C GLY A 62 -29.09 -60.45 13.37
N ASP A 63 -29.89 -59.69 14.12
CA ASP A 63 -30.55 -58.54 13.54
C ASP A 63 -29.57 -57.36 13.57
N GLU A 64 -29.96 -56.24 13.05
CA GLU A 64 -29.08 -55.11 12.92
C GLU A 64 -29.51 -54.01 13.86
N ILE A 65 -28.73 -53.81 14.88
CA ILE A 65 -29.01 -52.82 15.88
C ILE A 65 -28.12 -51.60 15.63
N THR A 66 -28.72 -50.46 15.59
CA THR A 66 -28.02 -49.24 15.33
C THR A 66 -27.42 -48.65 16.62
N VAL A 67 -26.15 -48.33 16.57
CA VAL A 67 -25.42 -47.74 17.64
C VAL A 67 -25.10 -46.30 17.24
N ASN A 68 -25.29 -45.38 18.13
CA ASN A 68 -25.01 -43.98 17.86
C ASN A 68 -23.82 -43.50 18.64
N VAL A 69 -22.84 -43.04 17.93
CA VAL A 69 -21.61 -42.53 18.50
C VAL A 69 -21.66 -41.03 18.46
N SER A 70 -21.36 -40.45 19.56
CA SER A 70 -21.41 -39.04 19.72
C SER A 70 -20.03 -38.44 19.56
N THR A 71 -19.91 -37.50 18.67
CA THR A 71 -18.69 -36.78 18.47
C THR A 71 -18.87 -35.35 18.95
N GLY A 72 -17.79 -34.75 19.41
CA GLY A 72 -17.83 -33.43 20.04
C GLY A 72 -18.26 -32.27 19.15
N PRO A 73 -17.97 -31.02 19.59
CA PRO A 73 -18.35 -29.80 18.86
C PRO A 73 -17.82 -29.82 17.45
N GLU A 74 -18.62 -29.35 16.53
CA GLU A 74 -18.31 -29.45 15.15
C GLU A 74 -17.24 -28.51 14.70
N GLN A 75 -16.50 -29.00 13.75
CA GLN A 75 -15.52 -28.25 13.06
C GLN A 75 -15.74 -28.50 11.59
N ARG A 76 -15.40 -27.56 10.78
CA ARG A 76 -15.55 -27.67 9.36
C ARG A 76 -14.32 -27.22 8.67
N GLU A 77 -14.03 -27.86 7.61
CA GLU A 77 -12.91 -27.51 6.77
C GLU A 77 -13.35 -26.40 5.84
N ILE A 78 -12.55 -25.38 5.72
CA ILE A 78 -12.94 -24.20 4.98
C ILE A 78 -12.75 -24.39 3.46
N PRO A 79 -13.78 -24.08 2.65
CA PRO A 79 -13.66 -24.10 1.20
C PRO A 79 -12.79 -22.93 0.69
N ASP A 80 -12.07 -23.15 -0.39
CA ASP A 80 -11.24 -22.10 -0.97
C ASP A 80 -12.08 -21.21 -1.87
N VAL A 81 -12.38 -20.04 -1.38
CA VAL A 81 -13.17 -19.07 -2.09
C VAL A 81 -12.21 -18.12 -2.83
N SER A 82 -12.70 -17.41 -3.81
CA SER A 82 -11.89 -16.46 -4.51
C SER A 82 -11.88 -15.14 -3.72
N THR A 83 -10.86 -14.34 -3.94
CA THR A 83 -10.60 -13.16 -3.18
C THR A 83 -11.61 -12.05 -3.45
N LEU A 84 -12.18 -12.05 -4.61
CA LEU A 84 -13.18 -11.05 -4.95
C LEU A 84 -14.57 -11.49 -4.51
N THR A 85 -14.69 -12.75 -4.19
CA THR A 85 -15.95 -13.35 -3.85
C THR A 85 -16.18 -13.29 -2.32
N TYR A 86 -15.83 -12.14 -1.72
CA TYR A 86 -15.99 -11.88 -0.28
C TYR A 86 -17.43 -12.13 0.20
N ALA A 87 -18.40 -11.75 -0.61
CA ALA A 87 -19.80 -11.94 -0.24
C ALA A 87 -20.14 -13.43 -0.13
N GLU A 88 -19.62 -14.23 -1.05
CA GLU A 88 -19.80 -15.66 -0.97
C GLU A 88 -18.98 -16.24 0.19
N ALA A 89 -17.80 -15.68 0.43
CA ALA A 89 -16.92 -16.15 1.50
C ALA A 89 -17.61 -16.08 2.85
N VAL A 90 -18.18 -14.92 3.19
CA VAL A 90 -18.91 -14.78 4.44
C VAL A 90 -20.12 -15.75 4.46
N LYS A 91 -20.76 -15.91 3.31
CA LYS A 91 -21.86 -16.85 3.11
C LYS A 91 -21.40 -18.31 3.40
N LYS A 92 -20.27 -18.68 2.84
CA LYS A 92 -19.71 -20.01 2.99
C LYS A 92 -19.32 -20.27 4.43
N LEU A 93 -18.79 -19.25 5.09
CA LEU A 93 -18.45 -19.35 6.50
C LEU A 93 -19.71 -19.57 7.32
N THR A 94 -20.78 -18.93 6.92
CA THR A 94 -22.06 -19.06 7.58
C THR A 94 -22.64 -20.47 7.33
N ALA A 95 -22.55 -20.93 6.10
CA ALA A 95 -23.05 -22.24 5.70
C ALA A 95 -22.27 -23.36 6.39
N ALA A 96 -21.02 -23.06 6.76
CA ALA A 96 -20.15 -24.01 7.43
C ALA A 96 -20.45 -24.08 8.95
N GLY A 97 -21.47 -23.38 9.38
CA GLY A 97 -21.88 -23.48 10.76
C GLY A 97 -21.54 -22.26 11.55
N PHE A 98 -20.25 -22.03 11.77
CA PHE A 98 -19.77 -20.87 12.52
C PHE A 98 -20.36 -19.55 12.06
N GLY A 99 -20.12 -19.20 10.82
CA GLY A 99 -20.57 -17.93 10.29
C GLY A 99 -19.98 -16.76 11.03
N ARG A 100 -18.86 -16.99 11.64
CA ARG A 100 -18.21 -15.99 12.40
C ARG A 100 -17.03 -15.49 11.64
N PHE A 101 -17.15 -14.28 11.21
CA PHE A 101 -16.17 -13.65 10.42
C PHE A 101 -15.86 -12.28 10.96
N LYS A 102 -14.63 -11.93 10.88
CA LYS A 102 -14.15 -10.66 11.33
C LYS A 102 -13.25 -10.10 10.26
N GLN A 103 -13.55 -8.94 9.78
CA GLN A 103 -12.82 -8.36 8.67
C GLN A 103 -11.81 -7.31 9.15
N ALA A 104 -10.62 -7.42 8.63
CA ALA A 104 -9.56 -6.50 8.87
C ALA A 104 -9.16 -5.87 7.57
N ASN A 105 -8.78 -4.63 7.61
CA ASN A 105 -8.36 -3.93 6.42
C ASN A 105 -6.91 -3.57 6.56
N SER A 106 -6.14 -3.77 5.53
CA SER A 106 -4.75 -3.40 5.54
C SER A 106 -4.31 -2.98 4.14
N PRO A 107 -3.45 -1.96 4.00
CA PRO A 107 -2.97 -1.51 2.70
C PRO A 107 -2.04 -2.53 2.07
N SER A 108 -2.28 -2.83 0.83
CA SER A 108 -1.50 -3.78 0.08
C SER A 108 -1.53 -3.37 -1.39
N THR A 109 -0.87 -4.14 -2.25
CA THR A 109 -0.77 -3.88 -3.68
C THR A 109 -2.15 -3.51 -4.30
N PRO A 110 -2.16 -2.46 -5.17
CA PRO A 110 -3.37 -1.93 -5.80
C PRO A 110 -4.22 -2.99 -6.48
N GLU A 111 -3.58 -4.03 -6.98
CA GLU A 111 -4.27 -5.09 -7.71
C GLU A 111 -5.14 -5.96 -6.78
N LEU A 112 -4.80 -6.00 -5.50
CA LEU A 112 -5.57 -6.78 -4.54
C LEU A 112 -6.53 -5.91 -3.77
N VAL A 113 -6.43 -4.61 -3.97
CA VAL A 113 -7.31 -3.66 -3.32
C VAL A 113 -8.77 -3.91 -3.72
N GLY A 114 -9.61 -4.04 -2.72
CA GLY A 114 -11.01 -4.31 -2.97
C GLY A 114 -11.30 -5.79 -2.97
N LYS A 115 -10.26 -6.58 -2.84
CA LYS A 115 -10.36 -8.01 -2.81
C LYS A 115 -9.85 -8.49 -1.47
N VAL A 116 -10.14 -9.72 -1.18
CA VAL A 116 -9.67 -10.35 0.02
C VAL A 116 -8.18 -10.70 -0.18
N ILE A 117 -7.41 -10.62 0.87
CA ILE A 117 -6.01 -11.00 0.79
C ILE A 117 -5.91 -12.41 1.31
N GLY A 118 -6.72 -12.71 2.29
CA GLY A 118 -6.78 -14.03 2.82
C GLY A 118 -7.37 -14.03 4.19
N THR A 119 -7.23 -15.12 4.86
CA THR A 119 -7.70 -15.30 6.18
C THR A 119 -6.47 -15.52 7.08
N ASN A 120 -6.47 -15.02 8.31
CA ASN A 120 -5.30 -15.26 9.18
C ASN A 120 -5.18 -16.75 9.53
N PRO A 121 -6.23 -17.39 10.16
CA PRO A 121 -6.22 -18.84 10.26
C PRO A 121 -6.42 -19.37 8.85
N PRO A 122 -5.60 -20.32 8.38
CA PRO A 122 -5.64 -20.74 6.99
C PRO A 122 -6.97 -21.34 6.59
N ALA A 123 -7.43 -20.99 5.41
CA ALA A 123 -8.73 -21.43 4.88
C ALA A 123 -8.68 -22.88 4.41
N ASN A 124 -7.62 -23.55 4.75
CA ASN A 124 -7.46 -24.95 4.44
C ASN A 124 -7.55 -25.76 5.71
N GLN A 125 -7.74 -25.07 6.82
CA GLN A 125 -7.81 -25.72 8.11
C GLN A 125 -9.23 -26.02 8.51
N THR A 126 -9.37 -26.73 9.59
CA THR A 126 -10.64 -27.13 10.09
C THR A 126 -11.02 -26.18 11.24
N SER A 127 -11.97 -25.32 11.00
CA SER A 127 -12.37 -24.32 11.96
C SER A 127 -13.62 -24.75 12.68
N ALA A 128 -13.65 -24.51 13.97
CA ALA A 128 -14.78 -24.88 14.80
C ALA A 128 -15.92 -23.90 14.63
N ILE A 129 -17.11 -24.39 14.89
CA ILE A 129 -18.32 -23.57 14.82
C ILE A 129 -18.33 -22.46 15.90
N THR A 130 -17.60 -22.68 16.96
CA THR A 130 -17.46 -21.71 18.01
C THR A 130 -16.22 -20.80 17.80
N ASN A 131 -15.57 -20.98 16.68
CA ASN A 131 -14.34 -20.28 16.36
C ASN A 131 -14.57 -19.21 15.28
N VAL A 132 -14.06 -18.01 15.54
CA VAL A 132 -14.22 -16.87 14.65
C VAL A 132 -13.03 -16.75 13.71
N VAL A 133 -13.28 -16.68 12.43
CA VAL A 133 -12.20 -16.53 11.48
C VAL A 133 -12.04 -15.06 11.06
N ILE A 134 -10.81 -14.60 11.05
CA ILE A 134 -10.51 -13.23 10.69
C ILE A 134 -10.02 -13.18 9.24
N ILE A 135 -10.63 -12.31 8.48
CA ILE A 135 -10.38 -12.14 7.08
C ILE A 135 -9.84 -10.74 6.81
N ILE A 136 -8.73 -10.68 6.10
CA ILE A 136 -8.08 -9.42 5.82
C ILE A 136 -8.25 -9.05 4.34
N VAL A 137 -8.73 -7.85 4.11
CA VAL A 137 -8.95 -7.36 2.75
C VAL A 137 -7.97 -6.24 2.42
N GLY A 138 -7.66 -6.10 1.15
CA GLY A 138 -6.69 -5.13 0.72
C GLY A 138 -7.26 -3.74 0.55
N SER A 139 -6.68 -2.81 1.25
CA SER A 139 -7.06 -1.43 1.16
C SER A 139 -6.03 -0.72 0.28
N GLY A 140 -6.44 0.35 -0.35
CA GLY A 140 -5.58 1.05 -1.27
C GLY A 140 -4.79 2.17 -0.64
N PRO A 141 -3.96 2.86 -1.42
CA PRO A 141 -3.17 3.97 -0.94
C PRO A 141 -4.00 5.24 -0.85
N ALA A 142 -3.47 6.21 -0.17
CA ALA A 142 -4.11 7.45 0.00
C ALA A 142 -3.68 8.33 -1.13
N THR A 143 -4.61 8.77 -1.87
CA THR A 143 -4.33 9.60 -3.01
C THR A 143 -4.98 10.95 -2.80
N LYS A 144 -4.32 11.98 -3.23
CA LYS A 144 -4.88 13.29 -3.15
C LYS A 144 -4.31 14.11 -4.29
N ASP A 145 -4.94 15.22 -4.55
CA ASP A 145 -4.48 16.14 -5.57
C ASP A 145 -3.36 16.97 -5.02
N ILE A 146 -2.32 17.15 -5.81
CA ILE A 146 -1.21 17.97 -5.39
C ILE A 146 -1.61 19.44 -5.47
N PRO A 147 -1.35 20.21 -4.39
CA PRO A 147 -1.77 21.62 -4.27
C PRO A 147 -1.28 22.53 -5.40
N ASP A 148 -2.23 23.09 -6.14
CA ASP A 148 -1.89 24.01 -7.22
C ASP A 148 -1.72 25.38 -6.66
N VAL A 149 -0.50 25.72 -6.37
CA VAL A 149 -0.17 27.03 -5.89
C VAL A 149 1.31 27.34 -6.10
N ALA A 150 1.59 27.97 -7.20
CA ALA A 150 2.91 28.38 -7.55
C ALA A 150 2.98 29.87 -7.41
N GLY A 151 4.17 30.40 -7.34
CA GLY A 151 4.33 31.81 -7.17
C GLY A 151 4.57 32.10 -5.74
N GLN A 152 5.06 31.10 -5.06
CA GLN A 152 5.38 31.18 -3.68
C GLN A 152 6.74 30.68 -3.47
N THR A 153 7.28 30.96 -2.35
CA THR A 153 8.64 30.62 -2.10
C THR A 153 8.75 29.20 -1.54
N VAL A 154 9.93 28.58 -1.73
CA VAL A 154 10.19 27.19 -1.37
C VAL A 154 9.78 26.84 0.07
N ASP A 155 10.05 27.73 0.99
CA ASP A 155 9.73 27.49 2.40
C ASP A 155 8.21 27.45 2.60
N VAL A 156 7.54 28.33 1.91
CA VAL A 156 6.08 28.44 1.97
C VAL A 156 5.45 27.23 1.27
N ALA A 157 6.02 26.89 0.13
CA ALA A 157 5.54 25.78 -0.69
C ALA A 157 5.65 24.46 0.03
N GLN A 158 6.79 24.18 0.65
CA GLN A 158 7.01 22.92 1.36
C GLN A 158 6.05 22.80 2.54
N LYS A 159 5.79 23.93 3.19
CA LYS A 159 4.83 23.99 4.28
C LYS A 159 3.46 23.54 3.80
N ASN A 160 3.01 24.16 2.74
CA ASN A 160 1.71 23.87 2.15
C ASN A 160 1.64 22.44 1.66
N LEU A 161 2.71 22.00 1.04
CA LEU A 161 2.82 20.66 0.50
C LEU A 161 2.71 19.62 1.63
N ASN A 162 3.45 19.84 2.71
CA ASN A 162 3.44 18.91 3.85
C ASN A 162 2.10 18.90 4.56
N VAL A 163 1.49 20.07 4.66
CA VAL A 163 0.16 20.21 5.25
C VAL A 163 -0.89 19.43 4.46
N TYR A 164 -0.70 19.33 3.15
CA TYR A 164 -1.66 18.67 2.31
C TYR A 164 -1.47 17.16 2.21
N GLY A 165 -0.65 16.59 3.07
CA GLY A 165 -0.55 15.15 3.16
C GLY A 165 0.66 14.58 2.49
N PHE A 166 1.35 15.38 1.73
CA PHE A 166 2.49 14.90 1.01
C PHE A 166 3.73 15.10 1.85
N THR A 167 4.40 14.02 2.13
CA THR A 167 5.53 14.05 3.03
C THR A 167 6.87 14.11 2.30
N LYS A 168 6.88 13.84 1.01
CA LYS A 168 8.12 13.73 0.29
C LYS A 168 8.18 14.68 -0.89
N PHE A 169 9.12 15.59 -0.84
CA PHE A 169 9.31 16.58 -1.89
C PHE A 169 10.77 16.67 -2.33
N SER A 170 10.98 16.97 -3.58
CA SER A 170 12.28 17.23 -4.14
C SER A 170 12.18 18.49 -4.95
N GLN A 171 13.18 19.34 -4.89
CA GLN A 171 13.11 20.57 -5.63
C GLN A 171 14.21 20.66 -6.67
N ALA A 172 13.81 20.96 -7.88
CA ALA A 172 14.69 21.10 -9.01
C ALA A 172 14.73 22.56 -9.42
N SER A 173 15.86 23.05 -9.85
CA SER A 173 15.95 24.45 -10.21
C SER A 173 15.79 24.69 -11.74
N VAL A 174 15.07 25.74 -12.06
CA VAL A 174 14.81 26.17 -13.43
C VAL A 174 15.32 27.61 -13.55
N ASP A 175 15.58 28.09 -14.75
CA ASP A 175 16.03 29.46 -14.92
C ASP A 175 14.82 30.33 -14.98
N SER A 176 14.82 31.44 -14.27
CA SER A 176 13.69 32.34 -14.32
C SER A 176 14.17 33.76 -14.00
N PRO A 177 13.26 34.79 -14.01
CA PRO A 177 13.59 36.12 -13.52
C PRO A 177 13.28 36.25 -12.01
N ARG A 178 12.64 35.23 -11.47
CA ARG A 178 12.33 35.16 -10.04
C ARG A 178 13.56 34.65 -9.31
N PRO A 179 13.85 35.18 -8.10
CA PRO A 179 15.06 34.80 -7.35
C PRO A 179 15.10 33.34 -6.95
N ALA A 180 16.31 32.87 -6.65
CA ALA A 180 16.54 31.51 -6.23
C ALA A 180 15.74 31.20 -4.97
N GLY A 181 14.86 30.25 -5.09
CA GLY A 181 14.05 29.87 -3.96
C GLY A 181 12.58 30.02 -4.23
N GLU A 182 12.24 30.69 -5.31
CA GLU A 182 10.84 30.88 -5.65
C GLU A 182 10.34 29.64 -6.40
N VAL A 183 9.21 29.12 -6.00
CA VAL A 183 8.63 27.95 -6.64
C VAL A 183 7.71 28.41 -7.74
N THR A 184 8.09 28.13 -8.96
CA THR A 184 7.32 28.62 -10.08
C THR A 184 6.60 27.45 -10.83
N GLY A 185 6.54 26.31 -10.19
CA GLY A 185 5.77 25.22 -10.73
C GLY A 185 6.13 23.91 -10.12
N THR A 186 5.57 22.86 -10.64
CA THR A 186 5.87 21.52 -10.23
C THR A 186 6.16 20.71 -11.47
N ASN A 187 6.93 19.66 -11.34
CA ASN A 187 7.25 18.80 -12.48
C ASN A 187 6.00 18.03 -12.96
N PRO A 188 5.28 17.26 -12.07
CA PRO A 188 3.99 16.69 -12.45
C PRO A 188 2.96 17.83 -12.45
N PRO A 189 1.86 17.75 -13.24
CA PRO A 189 0.90 18.84 -13.29
C PRO A 189 0.18 19.00 -11.97
N ALA A 190 0.02 20.24 -11.56
CA ALA A 190 -0.62 20.55 -10.32
C ALA A 190 -2.10 20.24 -10.39
N GLY A 191 -2.62 19.66 -9.34
CA GLY A 191 -4.01 19.29 -9.34
C GLY A 191 -4.19 17.81 -9.60
N THR A 192 -3.14 17.17 -10.07
CA THR A 192 -3.19 15.75 -10.37
C THR A 192 -3.20 14.96 -9.05
N THR A 193 -4.03 13.94 -8.98
CA THR A 193 -4.11 13.12 -7.81
C THR A 193 -3.07 11.99 -7.89
N VAL A 194 -2.28 11.90 -6.86
CA VAL A 194 -1.25 10.89 -6.75
C VAL A 194 -1.25 10.38 -5.33
N PRO A 195 -0.64 9.20 -5.05
CA PRO A 195 -0.49 8.71 -3.70
C PRO A 195 0.34 9.70 -2.86
N VAL A 196 -0.11 10.00 -1.67
CA VAL A 196 0.52 11.02 -0.79
C VAL A 196 1.96 10.67 -0.37
N ASP A 197 2.30 9.41 -0.46
CA ASP A 197 3.64 8.94 -0.12
C ASP A 197 4.63 9.12 -1.29
N SER A 198 4.11 9.57 -2.42
CA SER A 198 4.94 9.80 -3.60
C SER A 198 5.79 11.06 -3.39
N VAL A 199 6.84 11.18 -4.14
CA VAL A 199 7.72 12.31 -4.01
C VAL A 199 7.38 13.35 -5.06
N ILE A 200 6.92 14.49 -4.61
CA ILE A 200 6.57 15.58 -5.50
C ILE A 200 7.81 16.37 -5.84
N GLU A 201 8.01 16.63 -7.09
CA GLU A 201 9.11 17.43 -7.51
C GLU A 201 8.59 18.82 -7.83
N LEU A 202 9.05 19.78 -7.08
CA LEU A 202 8.67 21.16 -7.27
C LEU A 202 9.81 21.89 -7.93
N GLN A 203 9.50 22.67 -8.92
CA GLN A 203 10.51 23.34 -9.67
C GLN A 203 10.65 24.79 -9.26
N VAL A 204 11.80 25.07 -8.78
CA VAL A 204 12.14 26.31 -8.18
C VAL A 204 13.01 27.13 -9.12
N SER A 205 12.71 28.36 -9.19
CA SER A 205 13.40 29.30 -10.02
C SER A 205 14.75 29.72 -9.45
N LYS A 206 15.65 30.02 -10.36
CA LYS A 206 16.87 30.71 -10.05
C LYS A 206 16.70 32.08 -10.64
N GLY A 207 17.41 33.05 -10.12
CA GLY A 207 17.26 34.41 -10.60
C GLY A 207 17.85 34.58 -11.97
N ASN A 208 18.86 33.74 -12.27
CA ASN A 208 19.48 33.66 -13.62
C ASN A 208 20.03 35.05 -14.03
N GLN A 209 20.40 35.80 -13.04
CA GLN A 209 20.85 37.14 -13.18
C GLN A 209 21.91 37.34 -12.11
N PHE A 210 22.82 38.26 -12.31
CA PHE A 210 23.81 38.54 -11.30
C PHE A 210 24.11 40.02 -11.27
N VAL A 211 24.58 40.50 -10.14
CA VAL A 211 24.93 41.89 -9.98
C VAL A 211 26.29 42.12 -10.61
N MET A 212 26.34 42.98 -11.59
CA MET A 212 27.57 43.22 -12.32
C MET A 212 28.38 44.35 -11.69
N PRO A 213 29.69 44.11 -11.44
CA PRO A 213 30.62 45.14 -10.94
C PRO A 213 30.91 46.21 -12.00
N ASP A 214 31.55 47.29 -11.61
CA ASP A 214 31.92 48.36 -12.55
C ASP A 214 33.13 47.90 -13.36
N LEU A 215 33.13 48.19 -14.63
CA LEU A 215 34.21 47.78 -15.51
C LEU A 215 34.55 48.95 -16.47
N SER A 216 34.04 50.13 -16.17
CA SER A 216 34.29 51.29 -17.00
C SER A 216 35.66 51.91 -16.72
N GLY A 217 36.29 52.49 -17.74
CA GLY A 217 37.58 53.14 -17.55
C GLY A 217 38.73 52.16 -17.46
N MET A 218 38.47 50.91 -17.72
CA MET A 218 39.49 49.88 -17.66
C MET A 218 40.16 49.80 -19.01
N PHE A 219 41.43 49.55 -19.03
CA PHE A 219 42.19 49.47 -20.26
C PHE A 219 42.17 48.05 -20.78
N TRP A 220 42.76 47.83 -21.95
CA TRP A 220 42.84 46.50 -22.56
C TRP A 220 43.62 45.59 -21.60
N VAL A 221 44.59 46.21 -20.93
CA VAL A 221 45.47 45.50 -19.99
C VAL A 221 44.74 45.16 -18.69
N ASP A 222 43.54 45.67 -18.56
CA ASP A 222 42.67 45.35 -17.45
C ASP A 222 41.66 44.34 -17.89
N ALA A 223 41.11 44.59 -19.07
CA ALA A 223 40.03 43.78 -19.64
C ALA A 223 40.34 42.29 -19.70
N GLU A 224 41.46 41.93 -20.31
CA GLU A 224 41.79 40.50 -20.44
C GLU A 224 42.05 39.81 -19.07
N PRO A 225 42.97 40.32 -18.20
CA PRO A 225 43.22 39.72 -16.88
C PRO A 225 41.97 39.72 -16.01
N ARG A 226 41.20 40.78 -16.07
CA ARG A 226 39.97 40.86 -15.30
C ARG A 226 38.90 39.91 -15.76
N LEU A 227 38.83 39.66 -17.07
CA LEU A 227 37.85 38.74 -17.64
C LEU A 227 38.02 37.39 -16.98
N ARG A 228 39.24 36.91 -16.97
CA ARG A 228 39.59 35.68 -16.33
C ARG A 228 39.46 35.73 -14.81
N ALA A 229 39.95 36.80 -14.20
CA ALA A 229 39.99 36.93 -12.75
C ALA A 229 38.61 36.95 -12.10
N LEU A 230 37.66 37.64 -12.70
CA LEU A 230 36.33 37.66 -12.12
C LEU A 230 35.40 36.59 -12.67
N GLY A 231 35.92 35.78 -13.60
CA GLY A 231 35.16 34.69 -14.15
C GLY A 231 34.06 35.17 -15.06
N TRP A 232 34.39 36.14 -15.90
CA TRP A 232 33.43 36.67 -16.84
C TRP A 232 33.20 35.65 -17.96
N THR A 233 31.95 35.33 -18.19
CA THR A 233 31.58 34.31 -19.15
C THR A 233 30.99 34.97 -20.42
N GLY A 234 30.96 36.28 -20.45
CA GLY A 234 30.35 36.98 -21.54
C GLY A 234 31.31 37.30 -22.63
N MET A 235 30.80 37.80 -23.71
CA MET A 235 31.59 38.14 -24.86
C MET A 235 32.00 39.58 -24.84
N LEU A 236 33.24 39.78 -25.18
CA LEU A 236 33.82 41.10 -25.25
C LEU A 236 33.46 41.70 -26.61
N ASP A 237 32.92 42.89 -26.59
CA ASP A 237 32.48 43.54 -27.79
C ASP A 237 33.56 44.47 -28.30
N LYS A 238 34.24 44.04 -29.32
CA LYS A 238 35.24 44.83 -29.97
C LYS A 238 34.76 45.18 -31.36
N GLY A 239 34.48 46.43 -31.57
CA GLY A 239 34.05 46.88 -32.85
C GLY A 239 35.21 47.34 -33.71
N ALA A 240 35.19 48.59 -34.05
CA ALA A 240 36.20 49.20 -34.91
C ALA A 240 37.42 49.62 -34.11
N ASP A 241 38.55 49.71 -34.77
CA ASP A 241 39.78 50.17 -34.14
C ASP A 241 39.93 51.65 -34.36
N VAL A 242 40.07 52.37 -33.30
CA VAL A 242 40.29 53.81 -33.37
C VAL A 242 41.54 54.12 -32.57
N ASP A 243 42.48 54.82 -33.15
CA ASP A 243 43.66 55.20 -32.40
C ASP A 243 43.29 56.30 -31.44
N ALA A 244 43.50 56.03 -30.18
CA ALA A 244 43.11 56.95 -29.13
C ALA A 244 44.33 57.40 -28.35
N GLY A 245 45.24 56.46 -28.13
CA GLY A 245 46.42 56.71 -27.39
C GLY A 245 46.11 57.16 -26.00
N GLY A 246 47.04 57.84 -25.41
CA GLY A 246 46.84 58.43 -24.12
C GLY A 246 45.78 59.51 -24.15
N SER A 247 45.83 60.32 -25.21
CA SER A 247 45.01 61.53 -25.34
C SER A 247 43.50 61.25 -25.25
N GLN A 248 43.06 60.18 -25.87
CA GLN A 248 41.67 59.81 -25.80
C GLN A 248 41.45 58.59 -24.96
N HIS A 249 42.56 58.00 -24.49
CA HIS A 249 42.56 56.79 -23.67
C HIS A 249 41.84 55.60 -24.31
N ASN A 250 42.59 54.66 -24.85
CA ASN A 250 41.95 53.45 -25.33
C ASN A 250 41.62 52.54 -24.15
N ARG A 251 40.53 52.88 -23.53
CA ARG A 251 40.00 52.24 -22.37
C ARG A 251 38.53 52.06 -22.62
N VAL A 252 37.86 51.34 -21.76
CA VAL A 252 36.44 51.22 -21.83
C VAL A 252 35.85 52.62 -21.64
N VAL A 253 34.97 52.99 -22.52
CA VAL A 253 34.42 54.34 -22.51
C VAL A 253 33.23 54.38 -21.60
N TYR A 254 32.36 53.46 -21.81
CA TYR A 254 31.17 53.34 -21.04
C TYR A 254 30.81 51.89 -21.00
N GLN A 255 30.07 51.51 -20.02
CA GLN A 255 29.56 50.18 -19.97
C GLN A 255 28.07 50.25 -20.21
N ASN A 256 27.63 49.53 -21.22
CA ASN A 256 26.21 49.51 -21.63
C ASN A 256 25.22 49.31 -20.45
N PRO A 257 25.35 48.25 -19.62
CA PRO A 257 24.52 48.12 -18.43
C PRO A 257 25.24 48.79 -17.23
N PRO A 258 24.50 49.52 -16.39
CA PRO A 258 25.07 50.19 -15.24
C PRO A 258 25.58 49.22 -14.16
N ALA A 259 26.64 49.63 -13.48
CA ALA A 259 27.25 48.83 -12.45
C ALA A 259 26.32 48.71 -11.25
N GLY A 260 26.18 47.51 -10.75
CA GLY A 260 25.32 47.29 -9.61
C GLY A 260 23.95 46.82 -10.03
N THR A 261 23.69 46.84 -11.31
CA THR A 261 22.43 46.39 -11.81
C THR A 261 22.53 44.90 -12.16
N GLY A 262 21.40 44.22 -12.21
CA GLY A 262 21.36 42.83 -12.53
C GLY A 262 21.53 42.61 -14.01
N VAL A 263 22.45 41.75 -14.34
CA VAL A 263 22.76 41.41 -15.70
C VAL A 263 22.59 39.91 -15.90
N ASN A 264 22.13 39.57 -17.09
CA ASN A 264 21.97 38.21 -17.59
C ASN A 264 23.15 37.31 -17.19
N ARG A 265 22.87 36.04 -16.91
CA ARG A 265 23.89 35.05 -16.46
C ARG A 265 25.05 34.99 -17.45
N ASP A 266 24.73 35.27 -18.70
CA ASP A 266 25.66 35.26 -19.80
C ASP A 266 26.78 36.25 -19.53
N GLY A 267 26.39 37.40 -19.03
CA GLY A 267 27.31 38.40 -18.66
C GLY A 267 27.70 39.30 -19.76
N ILE A 268 27.00 39.27 -20.88
CA ILE A 268 27.41 40.11 -21.99
C ILE A 268 27.16 41.58 -21.64
N ILE A 269 28.24 42.30 -21.64
CA ILE A 269 28.29 43.68 -21.37
C ILE A 269 28.95 44.36 -22.55
N THR A 270 28.38 45.43 -23.04
CA THR A 270 28.95 46.09 -24.17
C THR A 270 29.80 47.26 -23.70
N LEU A 271 31.03 47.20 -24.10
CA LEU A 271 32.06 48.14 -23.76
C LEU A 271 32.52 48.69 -25.05
N ARG A 272 32.98 49.87 -25.04
CA ARG A 272 33.52 50.44 -26.22
C ARG A 272 34.85 50.97 -25.86
N PHE A 273 35.80 50.72 -26.69
CA PHE A 273 37.13 51.24 -26.53
C PHE A 273 37.68 51.56 -27.88
N GLY A 274 38.74 52.33 -27.92
CA GLY A 274 39.31 52.74 -29.17
C GLY A 274 40.11 51.65 -29.83
N GLN A 275 41.33 51.53 -29.40
CA GLN A 275 42.23 50.59 -29.96
C GLN A 275 42.28 49.38 -29.07
N GLY A 4 -23.81 -80.14 7.68
CA GLY A 4 -25.12 -80.15 8.30
C GLY A 4 -25.37 -78.85 8.98
N ILE A 5 -26.58 -78.63 9.43
CA ILE A 5 -26.91 -77.37 10.02
C ILE A 5 -26.41 -77.28 11.47
N THR A 6 -25.86 -76.15 11.79
CA THR A 6 -25.51 -75.81 13.13
C THR A 6 -26.31 -74.57 13.43
N ARG A 7 -26.71 -74.39 14.64
CA ARG A 7 -27.60 -73.35 14.95
C ARG A 7 -26.95 -72.06 15.38
N ASP A 8 -26.45 -71.39 14.38
CA ASP A 8 -26.03 -70.01 14.54
C ASP A 8 -27.31 -69.22 14.70
N VAL A 9 -27.28 -68.16 15.42
CA VAL A 9 -28.51 -67.49 15.78
C VAL A 9 -28.55 -66.11 15.18
N GLN A 10 -29.71 -65.58 15.09
CA GLN A 10 -29.88 -64.32 14.47
C GLN A 10 -29.84 -63.22 15.48
N VAL A 11 -29.20 -62.17 15.12
CA VAL A 11 -28.98 -61.05 15.94
C VAL A 11 -30.11 -60.05 15.62
N PRO A 12 -30.67 -59.36 16.61
CA PRO A 12 -31.71 -58.41 16.35
C PRO A 12 -31.18 -57.17 15.68
N ASP A 13 -31.66 -56.92 14.52
CA ASP A 13 -31.29 -55.75 13.76
C ASP A 13 -32.27 -54.67 14.16
N VAL A 14 -31.97 -54.05 15.27
CA VAL A 14 -32.85 -53.11 15.96
C VAL A 14 -32.61 -51.65 15.56
N ARG A 15 -32.20 -51.47 14.34
CA ARG A 15 -32.01 -50.15 13.70
C ARG A 15 -33.27 -49.27 13.80
N GLY A 16 -33.05 -47.99 13.93
CA GLY A 16 -34.13 -47.04 13.96
C GLY A 16 -34.44 -46.55 15.33
N GLN A 17 -33.72 -47.04 16.29
CA GLN A 17 -33.89 -46.63 17.65
C GLN A 17 -32.64 -45.86 18.07
N SER A 18 -32.38 -45.84 19.32
CA SER A 18 -31.23 -45.14 19.83
C SER A 18 -30.09 -46.12 19.97
N SER A 19 -28.87 -45.63 20.07
CA SER A 19 -27.74 -46.51 20.25
C SER A 19 -27.86 -47.25 21.57
N ALA A 20 -28.32 -46.53 22.59
CA ALA A 20 -28.47 -47.11 23.92
C ALA A 20 -29.48 -48.24 23.94
N ASP A 21 -30.64 -48.03 23.31
CA ASP A 21 -31.68 -49.07 23.28
C ASP A 21 -31.24 -50.26 22.42
N ALA A 22 -30.68 -49.93 21.26
CA ALA A 22 -30.24 -50.94 20.32
C ALA A 22 -29.10 -51.78 20.90
N ILE A 23 -28.14 -51.11 21.53
CA ILE A 23 -27.03 -51.80 22.18
C ILE A 23 -27.50 -52.56 23.42
N ALA A 24 -28.46 -52.00 24.16
CA ALA A 24 -29.00 -52.66 25.36
C ALA A 24 -29.59 -54.00 24.98
N THR A 25 -30.32 -54.01 23.89
CA THR A 25 -30.90 -55.22 23.37
C THR A 25 -29.79 -56.19 22.91
N LEU A 26 -28.85 -55.64 22.16
CA LEU A 26 -27.75 -56.38 21.57
C LEU A 26 -26.87 -57.05 22.65
N GLN A 27 -26.63 -56.33 23.73
CA GLN A 27 -25.83 -56.81 24.84
C GLN A 27 -26.59 -57.91 25.60
N ASN A 28 -27.90 -57.75 25.72
CA ASN A 28 -28.75 -58.75 26.37
C ASN A 28 -28.83 -60.02 25.57
N ARG A 29 -28.50 -59.93 24.30
CA ARG A 29 -28.47 -61.08 23.43
C ARG A 29 -27.10 -61.73 23.46
N GLY A 30 -26.16 -61.06 24.10
CA GLY A 30 -24.84 -61.61 24.28
C GLY A 30 -23.92 -61.38 23.11
N PHE A 31 -24.28 -60.46 22.24
CA PHE A 31 -23.44 -60.19 21.12
C PHE A 31 -22.36 -59.17 21.46
N LYS A 32 -21.33 -59.13 20.65
CA LYS A 32 -20.24 -58.23 20.87
C LYS A 32 -20.55 -56.97 20.13
N ILE A 33 -20.26 -55.87 20.73
CA ILE A 33 -20.61 -54.63 20.12
C ILE A 33 -19.37 -53.84 19.84
N ARG A 34 -19.35 -53.19 18.73
CA ARG A 34 -18.26 -52.37 18.38
C ARG A 34 -18.82 -51.06 17.93
N THR A 35 -18.12 -50.02 18.17
CA THR A 35 -18.59 -48.73 17.82
C THR A 35 -17.46 -47.95 17.15
N LEU A 36 -17.79 -47.36 16.05
CA LEU A 36 -16.89 -46.50 15.35
C LEU A 36 -17.46 -45.12 15.48
N GLN A 37 -16.73 -44.22 16.07
CA GLN A 37 -17.26 -42.90 16.27
C GLN A 37 -16.34 -41.85 15.70
N LYS A 38 -16.91 -40.92 15.01
CA LYS A 38 -16.19 -39.85 14.37
C LYS A 38 -16.91 -38.54 14.61
N PRO A 39 -16.21 -37.47 14.98
CA PRO A 39 -16.80 -36.14 14.95
C PRO A 39 -16.96 -35.79 13.48
N ASP A 40 -18.14 -35.40 13.08
CA ASP A 40 -18.49 -35.24 11.67
C ASP A 40 -20.02 -35.05 11.64
N SER A 41 -20.62 -35.17 10.49
CA SER A 41 -22.04 -35.11 10.38
C SER A 41 -22.54 -35.95 9.16
N THR A 42 -21.61 -36.56 8.40
CA THR A 42 -22.00 -37.24 7.17
C THR A 42 -22.23 -38.77 7.40
N ILE A 43 -21.90 -39.25 8.57
CA ILE A 43 -22.16 -40.64 8.90
C ILE A 43 -23.25 -40.68 9.95
N PRO A 44 -24.04 -41.78 10.01
CA PRO A 44 -25.15 -41.98 10.96
C PRO A 44 -25.03 -41.29 12.34
N PRO A 45 -26.12 -40.64 12.77
CA PRO A 45 -26.23 -39.98 14.08
C PRO A 45 -26.16 -41.00 15.23
N ASP A 46 -25.91 -40.51 16.45
CA ASP A 46 -25.82 -41.36 17.69
C ASP A 46 -27.11 -42.18 17.93
N HIS A 47 -28.10 -41.90 17.15
CA HIS A 47 -29.32 -42.68 17.14
C HIS A 47 -29.25 -43.49 15.88
N VAL A 48 -29.35 -44.79 16.01
CA VAL A 48 -29.06 -45.64 14.91
C VAL A 48 -30.15 -45.56 13.85
N ILE A 49 -29.77 -45.14 12.68
CA ILE A 49 -30.70 -45.08 11.59
C ILE A 49 -30.71 -46.45 10.92
N GLY A 50 -29.55 -47.05 10.87
CA GLY A 50 -29.39 -48.32 10.29
C GLY A 50 -28.32 -49.07 11.03
N THR A 51 -28.37 -50.34 10.94
CA THR A 51 -27.40 -51.21 11.52
C THR A 51 -26.86 -52.09 10.41
N ASP A 52 -26.00 -53.01 10.69
CA ASP A 52 -25.39 -53.76 9.61
C ASP A 52 -26.09 -55.09 9.50
N PRO A 53 -26.44 -55.50 8.23
CA PRO A 53 -27.13 -56.78 7.91
C PRO A 53 -26.52 -58.04 8.55
N ALA A 54 -25.33 -57.89 9.11
CA ALA A 54 -24.67 -58.93 9.89
C ALA A 54 -25.58 -59.38 11.02
N ALA A 55 -26.41 -58.46 11.49
CA ALA A 55 -27.36 -58.76 12.53
C ALA A 55 -28.43 -59.75 12.05
N ASN A 56 -29.05 -59.47 10.90
CA ASN A 56 -30.09 -60.34 10.34
C ASN A 56 -29.51 -61.61 9.79
N THR A 57 -28.21 -61.65 9.72
CA THR A 57 -27.51 -62.80 9.34
C THR A 57 -27.35 -63.65 10.60
N SER A 58 -27.66 -64.91 10.54
CA SER A 58 -27.51 -65.69 11.70
C SER A 58 -26.02 -65.97 11.92
N VAL A 59 -25.48 -65.42 12.97
CA VAL A 59 -24.08 -65.59 13.28
C VAL A 59 -23.93 -66.38 14.56
N SER A 60 -22.73 -66.77 14.83
CA SER A 60 -22.42 -67.47 16.04
C SER A 60 -22.66 -66.54 17.23
N ALA A 61 -23.29 -67.07 18.28
CA ALA A 61 -23.66 -66.29 19.44
C ALA A 61 -22.45 -65.63 20.09
N GLY A 62 -22.39 -64.31 19.95
CA GLY A 62 -21.31 -63.57 20.52
C GLY A 62 -20.31 -63.08 19.47
N ASP A 63 -20.81 -62.71 18.30
CA ASP A 63 -19.94 -62.22 17.22
C ASP A 63 -19.93 -60.68 17.24
N GLU A 64 -19.11 -60.05 16.40
CA GLU A 64 -18.89 -58.60 16.42
C GLU A 64 -19.92 -57.86 15.59
N ILE A 65 -20.65 -57.00 16.21
CA ILE A 65 -21.60 -56.16 15.52
C ILE A 65 -21.13 -54.70 15.61
N THR A 66 -20.74 -54.16 14.48
CA THR A 66 -20.18 -52.82 14.39
C THR A 66 -21.25 -51.75 14.13
N VAL A 67 -21.22 -50.69 14.92
CA VAL A 67 -22.12 -49.56 14.74
C VAL A 67 -21.29 -48.29 14.53
N ASN A 68 -21.65 -47.49 13.57
CA ASN A 68 -20.92 -46.25 13.33
C ASN A 68 -21.78 -45.07 13.75
N VAL A 69 -21.20 -44.23 14.57
CA VAL A 69 -21.86 -43.10 15.19
C VAL A 69 -21.09 -41.79 14.93
N SER A 70 -21.82 -40.74 14.63
CA SER A 70 -21.20 -39.45 14.46
C SER A 70 -21.37 -38.68 15.76
N THR A 71 -20.28 -38.28 16.36
CA THR A 71 -20.31 -37.55 17.60
C THR A 71 -19.64 -36.16 17.47
N GLY A 72 -20.41 -35.11 17.48
CA GLY A 72 -19.81 -33.80 17.44
C GLY A 72 -19.89 -33.15 16.08
N PRO A 73 -20.39 -31.89 16.00
CA PRO A 73 -20.50 -31.16 14.73
C PRO A 73 -19.15 -30.87 14.11
N GLU A 74 -19.18 -30.64 12.83
CA GLU A 74 -17.99 -30.39 12.07
C GLU A 74 -17.45 -28.99 12.32
N GLN A 75 -16.18 -28.84 12.08
CA GLN A 75 -15.55 -27.56 12.14
C GLN A 75 -15.66 -26.96 10.77
N ARG A 76 -15.78 -25.67 10.66
CA ARG A 76 -15.88 -25.07 9.37
C ARG A 76 -14.79 -24.07 9.18
N GLU A 77 -14.48 -23.86 7.96
CA GLU A 77 -13.43 -22.97 7.56
C GLU A 77 -13.97 -21.57 7.47
N ILE A 78 -13.18 -20.64 7.89
CA ILE A 78 -13.60 -19.26 7.82
C ILE A 78 -13.44 -18.85 6.37
N PRO A 79 -14.50 -18.31 5.76
CA PRO A 79 -14.47 -17.95 4.36
C PRO A 79 -13.50 -16.82 4.07
N ASP A 80 -12.84 -16.93 2.97
CA ASP A 80 -11.92 -15.92 2.51
C ASP A 80 -12.70 -14.90 1.72
N VAL A 81 -12.41 -13.66 1.94
CA VAL A 81 -13.14 -12.60 1.32
C VAL A 81 -12.24 -11.37 1.18
N SER A 82 -12.60 -10.47 0.27
CA SER A 82 -11.87 -9.25 0.08
C SER A 82 -12.24 -8.25 1.20
N THR A 83 -11.34 -7.36 1.51
CA THR A 83 -11.47 -6.44 2.61
C THR A 83 -12.56 -5.37 2.39
N LEU A 84 -12.87 -5.05 1.17
CA LEU A 84 -13.91 -4.08 0.89
C LEU A 84 -15.26 -4.75 0.74
N THR A 85 -15.24 -6.06 0.69
CA THR A 85 -16.41 -6.86 0.48
C THR A 85 -16.93 -7.44 1.84
N TYR A 86 -16.92 -6.59 2.89
CA TYR A 86 -17.38 -6.96 4.25
C TYR A 86 -18.82 -7.56 4.27
N ALA A 87 -19.71 -7.04 3.45
CA ALA A 87 -21.08 -7.57 3.35
C ALA A 87 -21.07 -9.03 2.89
N GLU A 88 -20.14 -9.36 2.01
CA GLU A 88 -19.98 -10.71 1.56
C GLU A 88 -19.43 -11.57 2.69
N ALA A 89 -18.54 -10.98 3.48
CA ALA A 89 -17.90 -11.67 4.60
C ALA A 89 -18.92 -12.14 5.60
N VAL A 90 -19.79 -11.23 6.04
CA VAL A 90 -20.79 -11.55 7.02
C VAL A 90 -21.79 -12.62 6.52
N LYS A 91 -22.23 -12.51 5.24
CA LYS A 91 -23.17 -13.51 4.72
C LYS A 91 -22.49 -14.88 4.57
N LYS A 92 -21.25 -14.87 4.09
CA LYS A 92 -20.47 -16.07 3.90
C LYS A 92 -20.17 -16.74 5.21
N LEU A 93 -19.90 -15.93 6.21
CA LEU A 93 -19.61 -16.41 7.53
C LEU A 93 -20.85 -17.14 8.08
N THR A 94 -22.02 -16.61 7.74
CA THR A 94 -23.28 -17.18 8.15
C THR A 94 -23.52 -18.53 7.43
N ALA A 95 -23.14 -18.58 6.15
CA ALA A 95 -23.29 -19.78 5.34
C ALA A 95 -22.29 -20.86 5.78
N ALA A 96 -21.29 -20.45 6.53
CA ALA A 96 -20.29 -21.36 7.06
C ALA A 96 -20.73 -21.94 8.41
N GLY A 97 -21.94 -21.62 8.82
CA GLY A 97 -22.49 -22.19 10.02
C GLY A 97 -22.58 -21.18 11.10
N PHE A 98 -21.47 -21.06 11.86
CA PHE A 98 -21.32 -20.07 12.94
C PHE A 98 -21.99 -18.72 12.67
N GLY A 99 -21.55 -18.02 11.64
CA GLY A 99 -22.09 -16.71 11.34
C GLY A 99 -22.04 -15.72 12.49
N ARG A 100 -21.05 -15.83 13.34
CA ARG A 100 -20.97 -14.96 14.49
C ARG A 100 -19.86 -13.96 14.25
N PHE A 101 -20.23 -12.72 14.08
CA PHE A 101 -19.31 -11.68 13.72
C PHE A 101 -19.49 -10.44 14.57
N LYS A 102 -18.41 -9.75 14.76
CA LYS A 102 -18.37 -8.48 15.48
C LYS A 102 -17.50 -7.51 14.72
N GLN A 103 -18.00 -6.35 14.42
CA GLN A 103 -17.22 -5.34 13.71
C GLN A 103 -16.56 -4.37 14.70
N ALA A 104 -15.28 -4.18 14.55
CA ALA A 104 -14.52 -3.26 15.36
C ALA A 104 -13.73 -2.36 14.45
N ASN A 105 -13.32 -1.22 14.92
CA ASN A 105 -12.57 -0.28 14.10
C ASN A 105 -11.29 0.12 14.79
N SER A 106 -10.28 0.38 14.02
CA SER A 106 -8.99 0.79 14.54
C SER A 106 -8.30 1.63 13.47
N PRO A 107 -7.49 2.63 13.85
CA PRO A 107 -6.76 3.46 12.90
C PRO A 107 -5.72 2.65 12.13
N SER A 108 -5.66 2.85 10.84
CA SER A 108 -4.75 2.11 9.99
C SER A 108 -4.40 2.99 8.78
N THR A 109 -3.54 2.48 7.88
CA THR A 109 -3.16 3.16 6.66
C THR A 109 -4.40 3.70 5.92
N PRO A 110 -4.32 4.97 5.47
CA PRO A 110 -5.43 5.71 4.86
C PRO A 110 -6.11 4.96 3.71
N GLU A 111 -5.34 4.16 3.01
CA GLU A 111 -5.87 3.44 1.87
C GLU A 111 -6.78 2.27 2.29
N LEU A 112 -6.55 1.73 3.48
CA LEU A 112 -7.37 0.63 3.98
C LEU A 112 -8.49 1.12 4.85
N VAL A 113 -8.53 2.42 5.06
CA VAL A 113 -9.63 3.04 5.78
C VAL A 113 -10.93 2.76 5.03
N GLY A 114 -11.90 2.25 5.73
CA GLY A 114 -13.16 1.90 5.14
C GLY A 114 -13.19 0.46 4.68
N LYS A 115 -12.08 -0.22 4.81
CA LYS A 115 -11.98 -1.61 4.44
C LYS A 115 -11.64 -2.43 5.66
N VAL A 116 -11.79 -3.72 5.54
CA VAL A 116 -11.47 -4.64 6.59
C VAL A 116 -9.93 -4.81 6.68
N ILE A 117 -9.44 -4.98 7.88
CA ILE A 117 -8.02 -5.21 8.10
C ILE A 117 -7.82 -6.71 8.27
N GLY A 118 -8.83 -7.36 8.77
CA GLY A 118 -8.81 -8.78 8.86
C GLY A 118 -9.76 -9.29 9.89
N THR A 119 -9.63 -10.53 10.16
CA THR A 119 -10.40 -11.22 11.11
C THR A 119 -9.44 -11.66 12.22
N ASN A 120 -9.90 -11.67 13.47
CA ASN A 120 -9.06 -12.08 14.61
C ASN A 120 -8.41 -13.48 14.40
N PRO A 121 -9.19 -14.55 14.07
CA PRO A 121 -8.60 -15.81 13.67
C PRO A 121 -8.32 -15.76 12.17
N PRO A 122 -7.27 -16.42 11.67
CA PRO A 122 -6.95 -16.39 10.25
C PRO A 122 -8.07 -17.00 9.42
N ALA A 123 -8.47 -16.31 8.37
CA ALA A 123 -9.58 -16.70 7.50
C ALA A 123 -9.21 -17.88 6.57
N ASN A 124 -8.16 -18.56 6.91
CA ASN A 124 -7.74 -19.77 6.25
C ASN A 124 -7.95 -20.97 7.14
N GLN A 125 -8.24 -20.71 8.41
CA GLN A 125 -8.33 -21.76 9.40
C GLN A 125 -9.77 -22.13 9.71
N THR A 126 -9.92 -23.14 10.52
CA THR A 126 -11.20 -23.64 10.95
C THR A 126 -11.63 -23.02 12.28
N SER A 127 -12.90 -22.83 12.42
CA SER A 127 -13.49 -22.33 13.62
C SER A 127 -14.75 -23.13 13.93
N ALA A 128 -15.06 -23.26 15.20
CA ALA A 128 -16.24 -24.00 15.64
C ALA A 128 -17.53 -23.26 15.24
N ILE A 129 -18.66 -23.93 15.29
CA ILE A 129 -19.92 -23.30 14.91
C ILE A 129 -20.40 -22.32 16.00
N THR A 130 -19.84 -22.44 17.19
CA THR A 130 -20.17 -21.51 18.25
C THR A 130 -19.07 -20.40 18.34
N ASN A 131 -18.14 -20.44 17.39
CA ASN A 131 -16.99 -19.53 17.41
C ASN A 131 -17.40 -18.16 16.93
N VAL A 132 -17.01 -17.15 17.66
CA VAL A 132 -17.32 -15.78 17.31
C VAL A 132 -16.08 -15.13 16.76
N VAL A 133 -16.18 -14.55 15.60
CA VAL A 133 -15.03 -13.89 15.02
C VAL A 133 -15.21 -12.37 15.04
N ILE A 134 -14.24 -11.71 15.60
CA ILE A 134 -14.23 -10.28 15.62
C ILE A 134 -13.43 -9.78 14.43
N ILE A 135 -14.03 -8.87 13.69
CA ILE A 135 -13.48 -8.33 12.49
C ILE A 135 -13.16 -6.86 12.68
N ILE A 136 -11.95 -6.52 12.37
CA ILE A 136 -11.43 -5.20 12.58
C ILE A 136 -11.29 -4.45 11.24
N VAL A 137 -11.87 -3.29 11.16
CA VAL A 137 -11.82 -2.45 9.96
C VAL A 137 -10.93 -1.22 10.23
N GLY A 138 -10.32 -0.71 9.18
CA GLY A 138 -9.47 0.45 9.31
C GLY A 138 -10.28 1.71 9.30
N SER A 139 -10.13 2.52 10.32
CA SER A 139 -10.87 3.75 10.41
C SER A 139 -10.02 4.85 11.03
N GLY A 140 -9.98 5.98 10.39
CA GLY A 140 -9.23 7.11 10.91
C GLY A 140 -7.95 7.41 10.16
N PRO A 141 -8.04 8.13 9.03
CA PRO A 141 -6.85 8.55 8.31
C PRO A 141 -6.37 9.95 8.76
N ALA A 142 -5.13 10.26 8.47
CA ALA A 142 -4.58 11.58 8.75
C ALA A 142 -4.03 12.15 7.45
N THR A 143 -4.89 12.24 6.49
CA THR A 143 -4.55 12.69 5.17
C THR A 143 -5.30 13.97 4.82
N LYS A 144 -4.64 14.85 4.10
CA LYS A 144 -5.20 16.10 3.62
C LYS A 144 -4.71 16.35 2.21
N ASP A 145 -5.36 17.26 1.51
CA ASP A 145 -5.03 17.53 0.12
C ASP A 145 -4.13 18.74 0.08
N ILE A 146 -2.99 18.63 -0.57
CA ILE A 146 -2.03 19.73 -0.61
C ILE A 146 -2.41 20.82 -1.62
N PRO A 147 -2.45 22.08 -1.17
CA PRO A 147 -2.58 23.22 -2.05
C PRO A 147 -1.18 23.82 -2.33
N ASP A 148 -1.02 24.51 -3.43
CA ASP A 148 0.29 25.04 -3.80
C ASP A 148 0.24 26.54 -4.01
N VAL A 149 1.41 27.15 -4.02
CA VAL A 149 1.55 28.57 -4.27
C VAL A 149 2.93 28.87 -4.91
N ALA A 150 2.94 28.96 -6.22
CA ALA A 150 4.15 29.18 -6.97
C ALA A 150 4.25 30.63 -7.42
N GLY A 151 5.03 31.39 -6.71
CA GLY A 151 5.20 32.79 -7.00
C GLY A 151 5.55 33.55 -5.75
N GLN A 152 6.51 33.02 -5.03
CA GLN A 152 6.97 33.54 -3.75
C GLN A 152 8.37 33.05 -3.56
N THR A 153 8.97 33.36 -2.47
CA THR A 153 10.27 32.84 -2.20
C THR A 153 10.13 31.53 -1.46
N VAL A 154 11.17 30.74 -1.49
CA VAL A 154 11.22 29.47 -0.82
C VAL A 154 10.85 29.59 0.66
N ASP A 155 11.37 30.62 1.34
CA ASP A 155 11.08 30.80 2.78
C ASP A 155 9.59 31.04 3.02
N VAL A 156 8.99 31.85 2.17
CA VAL A 156 7.59 32.17 2.31
C VAL A 156 6.73 30.98 1.89
N ALA A 157 7.16 30.27 0.88
CA ALA A 157 6.46 29.09 0.41
C ALA A 157 6.45 27.99 1.48
N GLN A 158 7.61 27.77 2.11
CA GLN A 158 7.74 26.79 3.20
C GLN A 158 6.83 27.17 4.36
N LYS A 159 6.78 28.46 4.64
CA LYS A 159 5.94 29.03 5.67
C LYS A 159 4.48 28.70 5.39
N ASN A 160 4.05 28.96 4.16
CA ASN A 160 2.68 28.74 3.73
C ASN A 160 2.32 27.28 3.81
N LEU A 161 3.25 26.42 3.42
CA LEU A 161 3.04 24.98 3.49
C LEU A 161 2.81 24.56 4.94
N ASN A 162 3.59 25.15 5.84
CA ASN A 162 3.47 24.84 7.25
C ASN A 162 2.14 25.29 7.78
N VAL A 163 1.67 26.42 7.30
CA VAL A 163 0.37 26.95 7.67
C VAL A 163 -0.76 26.03 7.15
N TYR A 164 -0.49 25.33 6.04
CA TYR A 164 -1.46 24.39 5.47
C TYR A 164 -1.54 23.10 6.29
N GLY A 165 -0.68 22.98 7.29
CA GLY A 165 -0.72 21.84 8.18
C GLY A 165 0.40 20.87 7.93
N PHE A 166 1.11 21.06 6.85
CA PHE A 166 2.18 20.17 6.48
C PHE A 166 3.49 20.75 6.98
N THR A 167 4.10 20.07 7.90
CA THR A 167 5.29 20.55 8.53
C THR A 167 6.58 20.18 7.80
N LYS A 168 6.52 19.20 6.92
CA LYS A 168 7.73 18.70 6.29
C LYS A 168 7.86 19.09 4.84
N PHE A 169 8.91 19.81 4.56
CA PHE A 169 9.22 20.29 3.24
C PHE A 169 10.66 19.97 2.87
N SER A 170 10.89 19.85 1.61
CA SER A 170 12.20 19.74 1.07
C SER A 170 12.20 20.51 -0.25
N GLN A 171 13.35 20.94 -0.69
CA GLN A 171 13.43 21.71 -1.89
C GLN A 171 14.24 20.99 -2.94
N ALA A 172 13.88 21.22 -4.16
CA ALA A 172 14.58 20.71 -5.30
C ALA A 172 15.04 21.89 -6.10
N SER A 173 16.33 22.01 -6.26
CA SER A 173 16.89 23.13 -6.95
C SER A 173 16.94 22.86 -8.46
N VAL A 174 16.33 23.74 -9.21
CA VAL A 174 16.32 23.65 -10.65
C VAL A 174 16.94 24.94 -11.15
N ASP A 175 17.61 24.93 -12.27
CA ASP A 175 18.20 26.15 -12.76
C ASP A 175 17.33 26.71 -13.87
N SER A 176 17.12 27.99 -13.84
CA SER A 176 16.26 28.67 -14.79
C SER A 176 16.71 30.13 -14.89
N PRO A 177 16.03 31.01 -15.66
CA PRO A 177 16.36 32.45 -15.66
C PRO A 177 15.62 33.24 -14.55
N ARG A 178 14.87 32.53 -13.72
CA ARG A 178 14.10 33.16 -12.64
C ARG A 178 14.96 33.20 -11.40
N PRO A 179 15.03 34.35 -10.68
CA PRO A 179 15.98 34.57 -9.57
C PRO A 179 15.93 33.50 -8.48
N ALA A 180 17.12 33.17 -7.97
CA ALA A 180 17.31 32.12 -7.00
C ALA A 180 16.56 32.42 -5.72
N GLY A 181 15.58 31.60 -5.45
CA GLY A 181 14.79 31.79 -4.27
C GLY A 181 13.34 31.69 -4.62
N GLU A 182 13.05 31.87 -5.89
CA GLU A 182 11.71 31.77 -6.42
C GLU A 182 11.26 30.32 -6.39
N VAL A 183 10.08 30.08 -5.88
CA VAL A 183 9.51 28.77 -5.92
C VAL A 183 8.79 28.58 -7.25
N THR A 184 9.38 27.83 -8.14
CA THR A 184 8.85 27.69 -9.47
C THR A 184 7.67 26.72 -9.50
N GLY A 185 7.53 25.93 -8.45
CA GLY A 185 6.44 25.01 -8.37
C GLY A 185 6.70 23.97 -7.33
N THR A 186 5.93 22.94 -7.35
CA THR A 186 6.07 21.86 -6.43
C THR A 186 6.11 20.58 -7.24
N ASN A 187 6.81 19.60 -6.75
CA ASN A 187 6.90 18.33 -7.46
C ASN A 187 5.57 17.55 -7.40
N PRO A 188 4.96 17.39 -6.19
CA PRO A 188 3.61 16.89 -6.12
C PRO A 188 2.61 18.05 -6.37
N PRO A 189 1.69 17.89 -7.33
CA PRO A 189 0.72 18.93 -7.68
C PRO A 189 -0.39 19.09 -6.62
N ALA A 190 -1.05 20.23 -6.67
CA ALA A 190 -2.14 20.54 -5.77
C ALA A 190 -3.28 19.59 -5.99
N GLY A 191 -3.89 19.18 -4.92
CA GLY A 191 -4.98 18.25 -5.00
C GLY A 191 -4.57 16.87 -4.58
N THR A 192 -3.26 16.64 -4.56
CA THR A 192 -2.75 15.36 -4.13
C THR A 192 -3.01 15.17 -2.63
N THR A 193 -3.69 14.11 -2.30
CA THR A 193 -3.99 13.80 -0.93
C THR A 193 -2.78 13.09 -0.33
N VAL A 194 -2.24 13.63 0.73
CA VAL A 194 -1.09 13.05 1.39
C VAL A 194 -1.32 13.08 2.89
N PRO A 195 -0.68 12.19 3.63
CA PRO A 195 -0.71 12.24 5.10
C PRO A 195 -0.10 13.55 5.59
N VAL A 196 -0.61 14.06 6.69
CA VAL A 196 -0.19 15.36 7.25
C VAL A 196 1.31 15.41 7.63
N ASP A 197 1.91 14.26 7.81
CA ASP A 197 3.32 14.19 8.21
C ASP A 197 4.20 13.94 6.98
N SER A 198 3.60 13.91 5.80
CA SER A 198 4.31 13.65 4.57
C SER A 198 5.22 14.84 4.23
N VAL A 199 6.27 14.56 3.48
CA VAL A 199 7.22 15.57 3.07
C VAL A 199 6.83 16.07 1.69
N ILE A 200 6.70 17.37 1.53
CA ILE A 200 6.36 17.96 0.25
C ILE A 200 7.63 18.60 -0.35
N GLU A 201 7.84 18.37 -1.63
CA GLU A 201 9.00 18.90 -2.31
C GLU A 201 8.64 20.12 -3.15
N LEU A 202 9.26 21.21 -2.81
CA LEU A 202 9.09 22.48 -3.49
C LEU A 202 10.25 22.68 -4.43
N GLN A 203 9.98 23.07 -5.63
CA GLN A 203 11.03 23.28 -6.60
C GLN A 203 11.38 24.74 -6.67
N VAL A 204 12.62 25.01 -6.41
CA VAL A 204 13.12 26.36 -6.35
C VAL A 204 14.02 26.61 -7.54
N SER A 205 13.82 27.71 -8.18
CA SER A 205 14.58 28.04 -9.34
C SER A 205 15.80 28.90 -9.00
N LYS A 206 16.91 28.52 -9.55
CA LYS A 206 18.11 29.31 -9.53
C LYS A 206 18.02 30.27 -10.70
N GLY A 207 18.56 31.48 -10.53
CA GLY A 207 18.40 32.52 -11.51
C GLY A 207 19.35 32.40 -12.63
N ASN A 208 20.52 31.82 -12.35
CA ASN A 208 21.59 31.57 -13.33
C ASN A 208 22.28 32.81 -13.80
N GLN A 209 21.56 33.88 -13.93
CA GLN A 209 22.07 35.08 -14.49
C GLN A 209 21.88 36.25 -13.57
N PHE A 210 22.82 37.15 -13.62
CA PHE A 210 22.80 38.36 -12.86
C PHE A 210 22.93 39.55 -13.80
N VAL A 211 22.17 40.59 -13.54
CA VAL A 211 22.11 41.79 -14.39
C VAL A 211 23.47 42.49 -14.51
N MET A 212 23.95 42.61 -15.72
CA MET A 212 25.23 43.23 -16.01
C MET A 212 25.06 44.71 -16.41
N PRO A 213 25.87 45.62 -15.82
CA PRO A 213 25.93 47.03 -16.24
C PRO A 213 26.67 47.18 -17.57
N ASP A 214 26.64 48.35 -18.17
CA ASP A 214 27.29 48.56 -19.45
C ASP A 214 28.80 48.64 -19.30
N LEU A 215 29.47 47.70 -19.87
CA LEU A 215 30.93 47.68 -19.91
C LEU A 215 31.36 47.84 -21.36
N SER A 216 30.37 48.11 -22.17
CA SER A 216 30.50 48.30 -23.56
C SER A 216 31.00 49.71 -23.89
N GLY A 217 31.67 49.84 -25.02
CA GLY A 217 32.16 51.11 -25.45
C GLY A 217 33.55 51.40 -24.94
N MET A 218 34.21 50.40 -24.44
CA MET A 218 35.51 50.57 -23.83
C MET A 218 36.57 49.99 -24.72
N PHE A 219 37.80 50.47 -24.58
CA PHE A 219 38.88 49.96 -25.33
C PHE A 219 39.27 48.63 -24.74
N TRP A 220 39.85 47.78 -25.52
CA TRP A 220 40.26 46.46 -25.06
C TRP A 220 41.40 46.60 -24.06
N VAL A 221 42.10 47.72 -24.14
CA VAL A 221 43.21 48.01 -23.27
C VAL A 221 42.68 48.39 -21.87
N ASP A 222 41.39 48.72 -21.81
CA ASP A 222 40.73 49.01 -20.56
C ASP A 222 39.91 47.82 -20.12
N ALA A 223 39.20 47.25 -21.08
CA ALA A 223 38.28 46.14 -20.84
C ALA A 223 38.97 44.94 -20.23
N GLU A 224 40.06 44.48 -20.85
CA GLU A 224 40.73 43.30 -20.34
C GLU A 224 41.25 43.46 -18.89
N PRO A 225 42.02 44.53 -18.55
CA PRO A 225 42.45 44.74 -17.16
C PRO A 225 41.27 44.86 -16.20
N ARG A 226 40.20 45.48 -16.64
CA ARG A 226 39.04 45.62 -15.79
C ARG A 226 38.32 44.31 -15.55
N LEU A 227 38.25 43.44 -16.55
CA LEU A 227 37.62 42.14 -16.35
C LEU A 227 38.45 41.29 -15.39
N ARG A 228 39.75 41.40 -15.51
CA ARG A 228 40.69 40.73 -14.62
C ARG A 228 40.52 41.25 -13.19
N ALA A 229 40.42 42.56 -13.07
CA ALA A 229 40.25 43.25 -11.79
C ALA A 229 38.90 42.93 -11.16
N LEU A 230 37.91 42.66 -11.98
CA LEU A 230 36.59 42.36 -11.55
C LEU A 230 36.50 40.90 -11.13
N GLY A 231 37.57 40.15 -11.37
CA GLY A 231 37.62 38.77 -10.98
C GLY A 231 36.85 37.91 -11.92
N TRP A 232 36.80 38.33 -13.16
CA TRP A 232 36.12 37.59 -14.16
C TRP A 232 37.07 36.57 -14.75
N THR A 233 36.55 35.41 -15.02
CA THR A 233 37.30 34.39 -15.65
C THR A 233 36.47 33.78 -16.78
N GLY A 234 35.20 33.41 -16.46
CA GLY A 234 34.23 32.81 -17.38
C GLY A 234 34.84 32.01 -18.49
N MET A 235 34.48 32.33 -19.68
CA MET A 235 35.08 31.80 -20.84
C MET A 235 35.23 32.96 -21.78
N LEU A 236 36.42 33.21 -22.25
CA LEU A 236 36.62 34.33 -23.14
C LEU A 236 36.64 33.81 -24.53
N ASP A 237 35.81 34.37 -25.34
CA ASP A 237 35.74 33.97 -26.72
C ASP A 237 36.39 35.02 -27.58
N LYS A 238 37.60 34.76 -27.99
CA LYS A 238 38.30 35.65 -28.83
C LYS A 238 38.19 35.10 -30.24
N GLY A 239 37.45 35.77 -31.04
CA GLY A 239 37.31 35.35 -32.40
C GLY A 239 38.12 36.22 -33.30
N ALA A 240 37.48 36.84 -34.23
CA ALA A 240 38.17 37.70 -35.13
C ALA A 240 38.27 39.09 -34.56
N ASP A 241 39.50 39.55 -34.39
CA ASP A 241 39.74 40.93 -34.07
C ASP A 241 39.58 41.68 -35.37
N VAL A 242 39.21 42.91 -35.34
CA VAL A 242 38.85 43.55 -36.57
C VAL A 242 39.93 44.48 -37.06
N ASP A 243 40.46 44.13 -38.20
CA ASP A 243 41.44 44.96 -38.84
C ASP A 243 40.70 46.00 -39.66
N ALA A 244 40.73 47.21 -39.18
CA ALA A 244 40.09 48.32 -39.85
C ALA A 244 41.00 49.52 -39.73
N GLY A 245 42.25 49.23 -39.43
CA GLY A 245 43.19 50.26 -39.22
C GLY A 245 43.38 50.54 -37.76
N GLY A 246 44.60 50.86 -37.38
CA GLY A 246 44.95 51.17 -36.00
C GLY A 246 44.13 52.31 -35.44
N SER A 247 43.76 53.23 -36.30
CA SER A 247 42.98 54.40 -35.95
C SER A 247 41.60 54.04 -35.35
N GLN A 248 41.09 52.85 -35.64
CA GLN A 248 39.78 52.44 -35.09
C GLN A 248 39.96 51.81 -33.72
N HIS A 249 41.21 51.48 -33.40
CA HIS A 249 41.62 50.90 -32.12
C HIS A 249 40.92 49.60 -31.75
N ASN A 250 41.53 48.90 -30.84
CA ASN A 250 40.93 47.73 -30.25
C ASN A 250 39.94 48.15 -29.20
N ARG A 251 38.73 48.34 -29.64
CA ARG A 251 37.62 48.69 -28.80
C ARG A 251 36.63 47.56 -28.90
N VAL A 252 35.90 47.32 -27.83
CA VAL A 252 34.89 46.27 -27.83
C VAL A 252 33.84 46.61 -28.89
N VAL A 253 33.51 45.66 -29.74
CA VAL A 253 32.62 45.93 -30.84
C VAL A 253 31.20 45.75 -30.38
N TYR A 254 30.97 44.68 -29.69
CA TYR A 254 29.68 44.41 -29.17
C TYR A 254 29.85 43.49 -28.01
N GLN A 255 28.84 43.40 -27.23
CA GLN A 255 28.77 42.49 -26.16
C GLN A 255 27.52 41.65 -26.36
N ASN A 256 27.53 40.43 -25.89
CA ASN A 256 26.44 39.51 -26.20
C ASN A 256 25.09 39.88 -25.50
N PRO A 257 24.83 39.58 -24.19
CA PRO A 257 23.59 40.06 -23.56
C PRO A 257 23.70 41.55 -23.31
N PRO A 258 22.73 42.37 -23.77
CA PRO A 258 22.80 43.82 -23.67
C PRO A 258 22.85 44.31 -22.21
N ALA A 259 23.31 45.53 -22.02
CA ALA A 259 23.43 46.10 -20.71
C ALA A 259 22.07 46.20 -20.07
N GLY A 260 21.94 45.66 -18.89
CA GLY A 260 20.66 45.62 -18.24
C GLY A 260 20.08 44.22 -18.28
N THR A 261 20.66 43.36 -19.08
CA THR A 261 20.26 41.99 -19.16
C THR A 261 21.20 41.16 -18.26
N GLY A 262 20.84 39.94 -17.94
CA GLY A 262 21.63 39.12 -17.09
C GLY A 262 22.66 38.30 -17.82
N VAL A 263 23.80 38.16 -17.20
CA VAL A 263 24.86 37.31 -17.68
C VAL A 263 24.93 36.09 -16.76
N ASN A 264 25.18 34.94 -17.34
CA ASN A 264 25.19 33.67 -16.60
C ASN A 264 26.24 33.59 -15.50
N ARG A 265 26.06 32.62 -14.62
CA ARG A 265 26.94 32.33 -13.50
C ARG A 265 28.40 32.12 -13.87
N ASP A 266 28.64 31.69 -15.09
CA ASP A 266 29.99 31.55 -15.58
C ASP A 266 30.48 32.93 -15.88
N GLY A 267 29.61 33.70 -16.51
CA GLY A 267 29.95 35.04 -16.84
C GLY A 267 30.42 35.14 -18.24
N ILE A 268 30.08 34.16 -19.06
CA ILE A 268 30.65 34.11 -20.39
C ILE A 268 30.08 35.25 -21.24
N ILE A 269 30.99 36.06 -21.72
CA ILE A 269 30.66 37.19 -22.51
C ILE A 269 31.34 37.07 -23.87
N THR A 270 30.60 37.29 -24.93
CA THR A 270 31.17 37.22 -26.25
C THR A 270 31.51 38.64 -26.69
N LEU A 271 32.77 38.87 -26.97
CA LEU A 271 33.30 40.18 -27.33
C LEU A 271 34.15 40.05 -28.57
N ARG A 272 34.24 41.12 -29.27
CA ARG A 272 35.09 41.28 -30.40
C ARG A 272 35.69 42.63 -30.23
N PHE A 273 36.83 42.85 -30.80
CA PHE A 273 37.49 44.11 -30.66
C PHE A 273 38.13 44.52 -31.95
N GLY A 274 38.41 45.78 -32.08
CA GLY A 274 39.09 46.30 -33.25
C GLY A 274 40.56 45.95 -33.30
N GLN A 275 41.32 46.80 -33.93
CA GLN A 275 42.71 46.56 -34.15
C GLN A 275 43.56 47.48 -33.27
N GLY A 4 -54.83 -58.55 12.92
CA GLY A 4 -55.99 -58.66 13.79
C GLY A 4 -55.58 -58.81 15.23
N ILE A 5 -55.43 -60.04 15.67
CA ILE A 5 -54.98 -60.31 17.00
C ILE A 5 -53.49 -60.05 17.10
N THR A 6 -53.12 -59.24 18.03
CA THR A 6 -51.80 -58.86 18.22
C THR A 6 -50.95 -59.99 18.77
N ARG A 7 -49.73 -60.06 18.27
CA ARG A 7 -48.78 -61.07 18.65
C ARG A 7 -47.37 -60.50 18.63
N ASP A 8 -47.02 -59.92 19.74
CA ASP A 8 -45.75 -59.26 19.90
C ASP A 8 -44.86 -60.08 20.81
N VAL A 9 -43.57 -60.02 20.58
CA VAL A 9 -42.60 -60.80 21.33
C VAL A 9 -41.49 -59.90 21.83
N GLN A 10 -40.73 -60.36 22.78
CA GLN A 10 -39.65 -59.60 23.27
C GLN A 10 -38.42 -59.98 22.54
N VAL A 11 -37.69 -59.00 22.20
CA VAL A 11 -36.54 -59.13 21.39
C VAL A 11 -35.28 -59.17 22.25
N PRO A 12 -34.34 -60.11 21.98
CA PRO A 12 -33.10 -60.19 22.72
C PRO A 12 -32.19 -59.03 22.35
N ASP A 13 -31.70 -58.33 23.32
CA ASP A 13 -30.88 -57.18 23.05
C ASP A 13 -29.45 -57.48 23.41
N VAL A 14 -28.57 -56.74 22.83
CA VAL A 14 -27.14 -56.86 23.07
C VAL A 14 -26.57 -55.48 23.32
N ARG A 15 -27.43 -54.60 23.81
CA ARG A 15 -27.06 -53.22 24.13
C ARG A 15 -26.06 -53.22 25.30
N GLY A 16 -25.17 -52.25 25.33
CA GLY A 16 -24.09 -52.24 26.31
C GLY A 16 -22.76 -52.57 25.68
N GLN A 17 -22.79 -52.81 24.38
CA GLN A 17 -21.61 -53.05 23.61
C GLN A 17 -21.41 -51.88 22.63
N SER A 18 -20.88 -52.16 21.49
CA SER A 18 -20.61 -51.14 20.53
C SER A 18 -21.84 -50.96 19.67
N SER A 19 -21.96 -49.84 18.99
CA SER A 19 -23.07 -49.65 18.11
C SER A 19 -23.03 -50.65 16.97
N ALA A 20 -21.83 -51.00 16.52
CA ALA A 20 -21.66 -51.94 15.43
C ALA A 20 -22.13 -53.33 15.79
N ASP A 21 -21.73 -53.83 16.96
CA ASP A 21 -22.14 -55.19 17.36
C ASP A 21 -23.63 -55.21 17.60
N ALA A 22 -24.08 -54.18 18.27
CA ALA A 22 -25.44 -54.04 18.65
C ALA A 22 -26.37 -53.90 17.42
N ILE A 23 -25.96 -53.10 16.47
CA ILE A 23 -26.70 -52.93 15.23
C ILE A 23 -26.65 -54.18 14.39
N ALA A 24 -25.46 -54.76 14.26
CA ALA A 24 -25.24 -55.94 13.45
C ALA A 24 -26.12 -57.11 13.91
N THR A 25 -26.17 -57.32 15.21
CA THR A 25 -26.95 -58.39 15.77
C THR A 25 -28.46 -58.15 15.52
N LEU A 26 -28.93 -56.93 15.78
CA LEU A 26 -30.34 -56.58 15.53
C LEU A 26 -30.71 -56.70 14.06
N GLN A 27 -29.79 -56.29 13.19
CA GLN A 27 -29.98 -56.38 11.76
C GLN A 27 -30.12 -57.85 11.33
N ASN A 28 -29.35 -58.71 11.96
CA ASN A 28 -29.42 -60.15 11.70
C ASN A 28 -30.72 -60.75 12.24
N ARG A 29 -31.33 -60.05 13.18
CA ARG A 29 -32.63 -60.47 13.73
C ARG A 29 -33.75 -60.00 12.81
N GLY A 30 -33.41 -59.09 11.90
CA GLY A 30 -34.38 -58.57 10.96
C GLY A 30 -34.94 -57.25 11.42
N PHE A 31 -34.39 -56.75 12.50
CA PHE A 31 -34.83 -55.54 13.06
C PHE A 31 -34.12 -54.38 12.48
N LYS A 32 -34.81 -53.29 12.42
CA LYS A 32 -34.30 -52.11 11.86
C LYS A 32 -33.77 -51.26 12.99
N ILE A 33 -32.85 -50.41 12.69
CA ILE A 33 -32.24 -49.59 13.69
C ILE A 33 -32.27 -48.16 13.24
N ARG A 34 -32.49 -47.27 14.15
CA ARG A 34 -32.48 -45.89 13.83
C ARG A 34 -31.52 -45.21 14.75
N THR A 35 -30.62 -44.47 14.20
CA THR A 35 -29.55 -43.86 14.96
C THR A 35 -29.66 -42.34 14.93
N LEU A 36 -29.73 -41.74 16.08
CA LEU A 36 -29.73 -40.31 16.21
C LEU A 36 -28.43 -39.92 16.87
N GLN A 37 -27.72 -38.96 16.33
CA GLN A 37 -26.47 -38.57 16.93
C GLN A 37 -26.45 -37.12 17.29
N LYS A 38 -25.84 -36.82 18.39
CA LYS A 38 -25.72 -35.46 18.86
C LYS A 38 -24.27 -35.22 19.26
N PRO A 39 -23.67 -34.12 18.80
CA PRO A 39 -22.32 -33.78 19.19
C PRO A 39 -22.30 -33.03 20.53
N ASP A 40 -21.45 -33.52 21.43
CA ASP A 40 -21.19 -33.00 22.80
C ASP A 40 -20.60 -34.19 23.54
N SER A 41 -20.66 -34.22 24.85
CA SER A 41 -20.16 -35.34 25.59
C SER A 41 -21.15 -35.72 26.72
N THR A 42 -22.26 -35.02 26.79
CA THR A 42 -23.27 -35.25 27.80
C THR A 42 -24.19 -36.41 27.46
N ILE A 43 -24.36 -36.64 26.21
CA ILE A 43 -25.26 -37.66 25.75
C ILE A 43 -24.49 -38.98 25.55
N PRO A 44 -25.20 -40.15 25.69
CA PRO A 44 -24.59 -41.49 25.56
C PRO A 44 -23.62 -41.65 24.37
N PRO A 45 -22.40 -42.18 24.63
CA PRO A 45 -21.34 -42.37 23.62
C PRO A 45 -21.76 -43.30 22.46
N ASP A 46 -21.03 -43.23 21.34
CA ASP A 46 -21.30 -44.09 20.14
C ASP A 46 -21.20 -45.60 20.45
N HIS A 47 -20.74 -45.91 21.63
CA HIS A 47 -20.75 -47.26 22.13
C HIS A 47 -21.96 -47.30 22.98
N VAL A 48 -22.85 -48.19 22.69
CA VAL A 48 -24.16 -48.04 23.22
C VAL A 48 -24.28 -48.45 24.67
N ILE A 49 -24.62 -47.49 25.48
CA ILE A 49 -24.89 -47.70 26.87
C ILE A 49 -26.38 -47.67 27.08
N GLY A 50 -27.04 -46.94 26.20
CA GLY A 50 -28.45 -46.84 26.26
C GLY A 50 -29.04 -46.73 24.96
N THR A 51 -30.24 -47.10 24.93
CA THR A 51 -31.01 -47.25 23.80
C THR A 51 -32.44 -47.10 24.27
N ASP A 52 -33.37 -47.25 23.43
CA ASP A 52 -34.74 -47.22 23.82
C ASP A 52 -35.16 -48.64 23.94
N PRO A 53 -35.81 -49.00 25.07
CA PRO A 53 -36.16 -50.39 25.44
C PRO A 53 -37.19 -51.07 24.54
N ALA A 54 -37.27 -50.62 23.31
CA ALA A 54 -38.20 -51.15 22.32
C ALA A 54 -38.00 -52.64 22.14
N ALA A 55 -36.76 -53.09 22.22
CA ALA A 55 -36.43 -54.50 22.08
C ALA A 55 -36.92 -55.30 23.29
N ASN A 56 -36.88 -54.68 24.45
CA ASN A 56 -37.25 -55.34 25.69
C ASN A 56 -38.74 -55.17 25.91
N THR A 57 -39.35 -54.48 25.00
CA THR A 57 -40.77 -54.35 24.98
C THR A 57 -41.24 -55.41 24.02
N SER A 58 -42.40 -55.96 24.23
CA SER A 58 -42.87 -56.90 23.30
C SER A 58 -43.34 -56.18 22.05
N VAL A 59 -42.62 -56.37 20.97
CA VAL A 59 -42.93 -55.76 19.72
C VAL A 59 -43.10 -56.81 18.64
N SER A 60 -43.63 -56.40 17.54
CA SER A 60 -43.82 -57.28 16.45
C SER A 60 -42.49 -57.51 15.76
N ALA A 61 -42.29 -58.69 15.22
CA ALA A 61 -41.04 -59.04 14.60
C ALA A 61 -40.78 -58.19 13.36
N GLY A 62 -39.81 -57.30 13.47
CA GLY A 62 -39.44 -56.46 12.36
C GLY A 62 -39.79 -55.00 12.59
N ASP A 63 -39.35 -54.45 13.70
CA ASP A 63 -39.63 -53.04 14.03
C ASP A 63 -38.28 -52.29 14.06
N GLU A 64 -38.28 -51.07 14.58
CA GLU A 64 -37.10 -50.24 14.59
C GLU A 64 -36.64 -50.00 16.01
N ILE A 65 -35.36 -50.08 16.20
CA ILE A 65 -34.75 -49.83 17.48
C ILE A 65 -33.97 -48.52 17.42
N THR A 66 -34.45 -47.52 18.11
CA THR A 66 -33.88 -46.21 18.11
C THR A 66 -32.72 -46.09 19.12
N VAL A 67 -31.61 -45.56 18.66
CA VAL A 67 -30.45 -45.37 19.46
C VAL A 67 -29.96 -43.93 19.39
N ASN A 68 -29.63 -43.38 20.53
CA ASN A 68 -28.99 -42.07 20.57
C ASN A 68 -27.53 -42.25 20.89
N VAL A 69 -26.71 -41.73 20.03
CA VAL A 69 -25.31 -41.82 20.17
C VAL A 69 -24.68 -40.45 20.11
N SER A 70 -23.56 -40.32 20.74
CA SER A 70 -22.85 -39.10 20.79
C SER A 70 -21.74 -39.11 19.77
N THR A 71 -21.71 -38.07 19.01
CA THR A 71 -20.60 -37.76 18.22
C THR A 71 -19.76 -36.82 19.05
N GLY A 72 -18.48 -36.70 18.74
CA GLY A 72 -17.54 -35.90 19.53
C GLY A 72 -17.90 -34.39 19.72
N PRO A 73 -16.90 -33.51 19.69
CA PRO A 73 -17.13 -32.11 20.00
C PRO A 73 -17.91 -31.37 18.94
N GLU A 74 -18.56 -30.32 19.38
CA GLU A 74 -19.30 -29.48 18.50
C GLU A 74 -18.37 -28.62 17.70
N GLN A 75 -18.91 -28.02 16.69
CA GLN A 75 -18.17 -27.15 15.84
C GLN A 75 -18.73 -25.76 16.06
N ARG A 76 -17.98 -24.76 15.76
CA ARG A 76 -18.49 -23.43 15.95
C ARG A 76 -18.46 -22.66 14.68
N GLU A 77 -19.35 -21.75 14.60
CA GLU A 77 -19.52 -20.94 13.44
C GLU A 77 -18.53 -19.80 13.48
N ILE A 78 -17.94 -19.49 12.36
CA ILE A 78 -17.03 -18.40 12.32
C ILE A 78 -17.86 -17.13 12.12
N PRO A 79 -17.74 -16.16 13.02
CA PRO A 79 -18.44 -14.89 12.87
C PRO A 79 -17.83 -14.06 11.73
N ASP A 80 -18.64 -13.26 11.11
CA ASP A 80 -18.16 -12.41 10.04
C ASP A 80 -17.50 -11.21 10.65
N VAL A 81 -16.32 -10.92 10.21
CA VAL A 81 -15.54 -9.82 10.73
C VAL A 81 -15.12 -8.97 9.55
N SER A 82 -14.91 -7.70 9.77
CA SER A 82 -14.44 -6.81 8.75
C SER A 82 -12.99 -7.14 8.44
N THR A 83 -12.64 -7.02 7.19
CA THR A 83 -11.34 -7.39 6.69
C THR A 83 -10.25 -6.46 7.24
N LEU A 84 -10.62 -5.24 7.54
CA LEU A 84 -9.66 -4.30 8.09
C LEU A 84 -9.43 -4.54 9.59
N THR A 85 -10.30 -5.33 10.19
CA THR A 85 -10.15 -5.66 11.58
C THR A 85 -9.60 -7.07 11.79
N TYR A 86 -8.39 -7.27 11.32
CA TYR A 86 -7.64 -8.51 11.49
C TYR A 86 -7.49 -8.86 12.99
N ALA A 87 -7.27 -7.84 13.80
CA ALA A 87 -7.13 -8.01 15.24
C ALA A 87 -8.41 -8.63 15.82
N GLU A 88 -9.54 -8.13 15.35
CA GLU A 88 -10.82 -8.62 15.76
C GLU A 88 -11.05 -10.03 15.20
N ALA A 89 -10.56 -10.28 13.99
CA ALA A 89 -10.72 -11.58 13.35
C ALA A 89 -10.06 -12.68 14.18
N VAL A 90 -8.81 -12.50 14.56
CA VAL A 90 -8.10 -13.46 15.38
C VAL A 90 -8.77 -13.59 16.76
N LYS A 91 -9.26 -12.45 17.25
CA LYS A 91 -10.00 -12.37 18.50
C LYS A 91 -11.27 -13.23 18.42
N LYS A 92 -11.98 -13.08 17.34
CA LYS A 92 -13.21 -13.79 17.10
C LYS A 92 -13.02 -15.28 16.93
N LEU A 93 -11.95 -15.67 16.26
CA LEU A 93 -11.61 -17.09 16.16
C LEU A 93 -11.30 -17.66 17.54
N THR A 94 -10.69 -16.84 18.37
CA THR A 94 -10.37 -17.19 19.75
C THR A 94 -11.66 -17.34 20.58
N ALA A 95 -12.59 -16.42 20.39
CA ALA A 95 -13.86 -16.41 21.10
C ALA A 95 -14.78 -17.55 20.66
N ALA A 96 -14.52 -18.08 19.48
CA ALA A 96 -15.34 -19.15 18.95
C ALA A 96 -14.82 -20.54 19.34
N GLY A 97 -13.78 -20.60 20.15
CA GLY A 97 -13.31 -21.90 20.62
C GLY A 97 -12.00 -22.29 20.04
N PHE A 98 -12.01 -22.70 18.76
CA PHE A 98 -10.80 -23.07 18.01
C PHE A 98 -9.62 -22.15 18.26
N GLY A 99 -9.76 -20.89 17.92
CA GLY A 99 -8.68 -19.94 18.08
C GLY A 99 -7.45 -20.32 17.28
N ARG A 100 -7.66 -21.09 16.24
CA ARG A 100 -6.58 -21.56 15.42
C ARG A 100 -6.50 -20.67 14.21
N PHE A 101 -5.46 -19.90 14.13
CA PHE A 101 -5.30 -18.98 13.06
C PHE A 101 -3.89 -18.97 12.54
N LYS A 102 -3.77 -18.69 11.27
CA LYS A 102 -2.52 -18.60 10.58
C LYS A 102 -2.58 -17.37 9.70
N GLN A 103 -1.50 -16.65 9.58
CA GLN A 103 -1.45 -15.46 8.78
C GLN A 103 -0.56 -15.65 7.57
N ALA A 104 -1.10 -15.38 6.42
CA ALA A 104 -0.34 -15.43 5.18
C ALA A 104 -0.46 -14.08 4.53
N ASN A 105 0.62 -13.57 4.02
CA ASN A 105 0.60 -12.30 3.35
C ASN A 105 0.91 -12.54 1.91
N SER A 106 0.25 -11.83 1.05
CA SER A 106 0.51 -11.93 -0.36
C SER A 106 0.35 -10.57 -1.02
N PRO A 107 1.23 -10.22 -1.98
CA PRO A 107 1.10 -8.97 -2.71
C PRO A 107 -0.17 -9.02 -3.54
N SER A 108 -1.01 -8.07 -3.31
CA SER A 108 -2.32 -8.07 -3.88
C SER A 108 -2.66 -6.70 -4.41
N THR A 109 -3.84 -6.58 -4.97
CA THR A 109 -4.38 -5.35 -5.42
C THR A 109 -4.47 -4.37 -4.24
N PRO A 110 -4.14 -3.09 -4.47
CA PRO A 110 -4.08 -2.03 -3.45
C PRO A 110 -5.35 -1.93 -2.60
N GLU A 111 -6.47 -2.30 -3.18
CA GLU A 111 -7.73 -2.26 -2.46
C GLU A 111 -7.76 -3.25 -1.29
N LEU A 112 -7.16 -4.42 -1.47
CA LEU A 112 -7.13 -5.41 -0.40
C LEU A 112 -5.90 -5.25 0.46
N VAL A 113 -4.94 -4.47 -0.01
CA VAL A 113 -3.73 -4.20 0.76
C VAL A 113 -4.09 -3.51 2.07
N GLY A 114 -3.58 -4.07 3.16
CA GLY A 114 -3.84 -3.52 4.47
C GLY A 114 -5.00 -4.20 5.16
N LYS A 115 -5.74 -4.98 4.42
CA LYS A 115 -6.89 -5.67 4.95
C LYS A 115 -6.74 -7.14 4.74
N VAL A 116 -7.57 -7.88 5.39
CA VAL A 116 -7.68 -9.28 5.18
C VAL A 116 -8.38 -9.49 3.83
N ILE A 117 -7.98 -10.50 3.10
CA ILE A 117 -8.59 -10.78 1.84
C ILE A 117 -9.64 -11.85 2.06
N GLY A 118 -9.34 -12.71 2.98
CA GLY A 118 -10.25 -13.75 3.34
C GLY A 118 -9.53 -14.81 4.09
N THR A 119 -10.23 -15.86 4.34
CA THR A 119 -9.72 -17.00 4.98
C THR A 119 -9.80 -18.12 3.97
N ASN A 120 -8.90 -19.06 4.00
CA ASN A 120 -9.01 -20.16 3.04
C ASN A 120 -10.21 -21.06 3.37
N PRO A 121 -10.38 -21.53 4.65
CA PRO A 121 -11.64 -22.12 5.06
C PRO A 121 -12.63 -20.94 5.24
N PRO A 122 -13.80 -20.97 4.59
CA PRO A 122 -14.73 -19.82 4.58
C PRO A 122 -15.25 -19.44 5.97
N ALA A 123 -15.21 -18.15 6.28
CA ALA A 123 -15.61 -17.60 7.59
C ALA A 123 -17.13 -17.57 7.77
N ASN A 124 -17.81 -18.31 6.96
CA ASN A 124 -19.25 -18.44 7.03
C ASN A 124 -19.61 -19.83 7.51
N GLN A 125 -18.62 -20.69 7.53
CA GLN A 125 -18.82 -22.09 7.83
C GLN A 125 -18.71 -22.39 9.31
N THR A 126 -18.96 -23.63 9.65
CA THR A 126 -18.86 -24.10 11.00
C THR A 126 -17.60 -24.97 11.09
N SER A 127 -16.64 -24.55 11.83
CA SER A 127 -15.39 -25.26 11.93
C SER A 127 -15.19 -25.86 13.32
N ALA A 128 -14.52 -26.99 13.36
CA ALA A 128 -14.20 -27.66 14.62
C ALA A 128 -13.19 -26.85 15.45
N ILE A 129 -13.13 -27.11 16.74
CA ILE A 129 -12.23 -26.39 17.67
C ILE A 129 -10.73 -26.70 17.38
N THR A 130 -10.48 -27.73 16.63
CA THR A 130 -9.13 -28.06 16.24
C THR A 130 -8.85 -27.65 14.79
N ASN A 131 -9.80 -26.99 14.17
CA ASN A 131 -9.71 -26.61 12.77
C ASN A 131 -8.95 -25.29 12.67
N VAL A 132 -7.94 -25.27 11.82
CA VAL A 132 -7.08 -24.12 11.63
C VAL A 132 -7.61 -23.24 10.53
N VAL A 133 -7.79 -21.98 10.82
CA VAL A 133 -8.23 -21.08 9.80
C VAL A 133 -7.07 -20.19 9.38
N ILE A 134 -6.72 -20.27 8.12
CA ILE A 134 -5.65 -19.47 7.59
C ILE A 134 -6.21 -18.18 6.95
N ILE A 135 -5.71 -17.07 7.43
CA ILE A 135 -6.09 -15.74 7.01
C ILE A 135 -5.01 -15.20 6.09
N ILE A 136 -5.40 -14.74 4.94
CA ILE A 136 -4.49 -14.12 4.00
C ILE A 136 -4.76 -12.62 3.94
N VAL A 137 -3.73 -11.83 4.14
CA VAL A 137 -3.83 -10.38 4.10
C VAL A 137 -3.14 -9.84 2.87
N GLY A 138 -3.61 -8.71 2.38
CA GLY A 138 -3.04 -8.12 1.21
C GLY A 138 -1.90 -7.20 1.54
N SER A 139 -0.80 -7.35 0.85
CA SER A 139 0.35 -6.50 1.02
C SER A 139 0.71 -5.88 -0.33
N GLY A 140 1.38 -4.74 -0.33
CA GLY A 140 1.77 -4.11 -1.57
C GLY A 140 1.50 -2.61 -1.56
N PRO A 141 2.47 -1.78 -1.12
CA PRO A 141 2.28 -0.33 -1.07
C PRO A 141 2.43 0.34 -2.45
N ALA A 142 1.76 1.46 -2.64
CA ALA A 142 1.82 2.21 -3.88
C ALA A 142 3.03 3.14 -3.88
N THR A 143 4.18 2.54 -3.91
CA THR A 143 5.42 3.24 -3.87
C THR A 143 6.21 2.97 -5.14
N LYS A 144 7.07 3.89 -5.49
CA LYS A 144 7.94 3.77 -6.65
C LYS A 144 9.23 4.55 -6.37
N ASP A 145 10.29 4.10 -6.96
CA ASP A 145 11.60 4.72 -6.84
C ASP A 145 11.74 5.89 -7.79
N ILE A 146 12.33 6.95 -7.31
CA ILE A 146 12.58 8.12 -8.13
C ILE A 146 13.99 8.04 -8.77
N PRO A 147 14.07 8.01 -10.10
CA PRO A 147 15.34 8.03 -10.80
C PRO A 147 15.75 9.48 -11.18
N ASP A 148 17.04 9.78 -11.18
CA ASP A 148 17.45 11.11 -11.55
C ASP A 148 17.54 11.23 -13.06
N VAL A 149 16.48 11.74 -13.62
CA VAL A 149 16.36 11.98 -15.04
C VAL A 149 16.61 13.48 -15.27
N ALA A 150 17.30 14.06 -14.31
CA ALA A 150 17.64 15.44 -14.26
C ALA A 150 18.78 15.73 -15.21
N GLY A 151 19.05 16.98 -15.37
CA GLY A 151 20.06 17.40 -16.28
C GLY A 151 19.41 17.78 -17.56
N GLN A 152 18.14 18.09 -17.45
CA GLN A 152 17.32 18.46 -18.57
C GLN A 152 16.52 19.69 -18.20
N THR A 153 15.80 20.25 -19.13
CA THR A 153 15.08 21.48 -18.87
C THR A 153 13.82 21.21 -18.08
N VAL A 154 13.25 22.27 -17.50
CA VAL A 154 12.08 22.19 -16.69
C VAL A 154 10.94 21.44 -17.36
N ASP A 155 10.70 21.72 -18.64
CA ASP A 155 9.58 21.09 -19.36
C ASP A 155 9.85 19.61 -19.55
N VAL A 156 11.07 19.29 -19.90
CA VAL A 156 11.45 17.95 -20.21
C VAL A 156 11.51 17.07 -18.96
N ALA A 157 12.13 17.58 -17.91
CA ALA A 157 12.22 16.85 -16.66
C ALA A 157 10.84 16.62 -16.05
N GLN A 158 9.98 17.65 -16.13
CA GLN A 158 8.62 17.59 -15.61
C GLN A 158 7.86 16.48 -16.31
N LYS A 159 8.04 16.41 -17.62
CA LYS A 159 7.43 15.42 -18.48
C LYS A 159 7.83 14.02 -18.01
N ASN A 160 9.12 13.83 -17.84
CA ASN A 160 9.67 12.53 -17.43
C ASN A 160 9.19 12.12 -16.05
N LEU A 161 9.22 13.04 -15.08
CA LEU A 161 8.71 12.74 -13.73
C LEU A 161 7.25 12.36 -13.78
N ASN A 162 6.49 13.07 -14.61
CA ASN A 162 5.06 12.80 -14.75
C ASN A 162 4.82 11.42 -15.33
N VAL A 163 5.66 11.02 -16.27
CA VAL A 163 5.58 9.69 -16.89
C VAL A 163 5.79 8.59 -15.85
N TYR A 164 6.59 8.87 -14.83
CA TYR A 164 6.84 7.90 -13.77
C TYR A 164 5.74 7.91 -12.72
N GLY A 165 4.68 8.63 -13.00
CA GLY A 165 3.53 8.65 -12.12
C GLY A 165 3.60 9.79 -11.16
N PHE A 166 4.74 10.44 -11.10
CA PHE A 166 4.92 11.53 -10.20
C PHE A 166 4.45 12.81 -10.84
N THR A 167 3.16 13.01 -10.79
CA THR A 167 2.55 14.18 -11.33
C THR A 167 2.47 15.30 -10.30
N LYS A 168 3.02 15.04 -9.14
CA LYS A 168 3.05 16.00 -8.09
C LYS A 168 4.46 16.49 -7.94
N PHE A 169 4.65 17.73 -8.24
CA PHE A 169 5.94 18.33 -8.27
C PHE A 169 5.96 19.64 -7.52
N SER A 170 7.11 20.01 -7.10
CA SER A 170 7.39 21.29 -6.53
C SER A 170 8.70 21.73 -7.12
N GLN A 171 8.87 23.00 -7.35
CA GLN A 171 10.04 23.51 -7.97
C GLN A 171 10.78 24.42 -7.04
N ALA A 172 12.06 24.22 -6.94
CA ALA A 172 12.92 25.06 -6.15
C ALA A 172 14.03 25.58 -7.05
N SER A 173 14.41 26.82 -6.87
CA SER A 173 15.45 27.41 -7.68
C SER A 173 16.68 27.62 -6.79
N VAL A 174 17.79 27.02 -7.15
CA VAL A 174 19.00 27.07 -6.34
C VAL A 174 20.14 27.68 -7.13
N ASP A 175 21.20 28.09 -6.45
CA ASP A 175 22.31 28.72 -7.14
C ASP A 175 23.34 27.72 -7.56
N SER A 176 23.80 27.85 -8.79
CA SER A 176 24.86 27.01 -9.35
C SER A 176 25.48 27.72 -10.57
N PRO A 177 26.49 27.13 -11.27
CA PRO A 177 26.98 27.68 -12.54
C PRO A 177 26.14 27.19 -13.72
N ARG A 178 25.42 26.10 -13.50
CA ARG A 178 24.61 25.45 -14.50
C ARG A 178 23.42 26.34 -14.84
N PRO A 179 23.08 26.46 -16.13
CA PRO A 179 22.10 27.42 -16.64
C PRO A 179 20.71 27.33 -16.01
N ALA A 180 20.11 28.50 -15.86
CA ALA A 180 18.80 28.62 -15.30
C ALA A 180 17.78 28.02 -16.23
N GLY A 181 17.15 26.98 -15.77
CA GLY A 181 16.18 26.30 -16.56
C GLY A 181 16.39 24.81 -16.50
N GLU A 182 17.59 24.41 -16.15
CA GLU A 182 17.89 23.02 -16.02
C GLU A 182 17.47 22.50 -14.65
N VAL A 183 16.73 21.43 -14.65
CA VAL A 183 16.42 20.76 -13.44
C VAL A 183 17.62 19.87 -13.18
N THR A 184 18.43 20.24 -12.24
CA THR A 184 19.67 19.57 -11.99
C THR A 184 19.49 18.33 -11.09
N GLY A 185 18.37 18.25 -10.43
CA GLY A 185 18.13 17.12 -9.56
C GLY A 185 16.88 17.31 -8.77
N THR A 186 16.74 16.55 -7.73
CA THR A 186 15.61 16.66 -6.84
C THR A 186 16.12 16.82 -5.42
N ASN A 187 15.28 17.32 -4.55
CA ASN A 187 15.65 17.45 -3.15
C ASN A 187 15.68 16.07 -2.47
N PRO A 188 14.58 15.23 -2.59
CA PRO A 188 14.65 13.85 -2.13
C PRO A 188 15.64 13.09 -3.03
N PRO A 189 16.59 12.35 -2.46
CA PRO A 189 17.63 11.66 -3.22
C PRO A 189 17.09 10.60 -4.19
N ALA A 190 17.73 10.53 -5.35
CA ALA A 190 17.38 9.56 -6.36
C ALA A 190 17.68 8.17 -5.87
N GLY A 191 16.81 7.25 -6.20
CA GLY A 191 16.94 5.89 -5.74
C GLY A 191 16.02 5.62 -4.59
N THR A 192 15.60 6.68 -3.93
CA THR A 192 14.72 6.57 -2.82
C THR A 192 13.29 6.29 -3.30
N THR A 193 12.65 5.39 -2.62
CA THR A 193 11.34 4.96 -2.97
C THR A 193 10.30 5.77 -2.19
N VAL A 194 9.40 6.40 -2.90
CA VAL A 194 8.37 7.23 -2.31
C VAL A 194 7.00 6.81 -2.86
N PRO A 195 5.90 7.12 -2.15
CA PRO A 195 4.56 6.85 -2.66
C PRO A 195 4.25 7.70 -3.89
N VAL A 196 3.54 7.15 -4.84
CA VAL A 196 3.18 7.86 -6.09
C VAL A 196 2.24 9.05 -5.81
N ASP A 197 1.61 9.01 -4.66
CA ASP A 197 0.67 10.05 -4.21
C ASP A 197 1.44 11.17 -3.47
N SER A 198 2.73 11.00 -3.32
CA SER A 198 3.55 11.96 -2.64
C SER A 198 4.07 13.01 -3.64
N VAL A 199 4.43 14.17 -3.13
CA VAL A 199 4.93 15.27 -3.95
C VAL A 199 6.45 15.24 -3.94
N ILE A 200 7.06 15.43 -5.10
CA ILE A 200 8.52 15.47 -5.22
C ILE A 200 8.97 16.88 -5.62
N GLU A 201 10.05 17.36 -5.02
CA GLU A 201 10.57 18.67 -5.33
C GLU A 201 11.78 18.56 -6.25
N LEU A 202 11.65 19.17 -7.39
CA LEU A 202 12.66 19.24 -8.40
C LEU A 202 13.43 20.54 -8.21
N GLN A 203 14.72 20.45 -8.22
CA GLN A 203 15.53 21.60 -8.01
C GLN A 203 16.19 22.06 -9.30
N VAL A 204 15.87 23.26 -9.66
CA VAL A 204 16.35 23.89 -10.85
C VAL A 204 17.50 24.80 -10.48
N SER A 205 18.53 24.75 -11.25
CA SER A 205 19.66 25.58 -10.99
C SER A 205 19.53 26.90 -11.73
N LYS A 206 20.09 27.92 -11.15
CA LYS A 206 20.19 29.19 -11.81
C LYS A 206 21.63 29.31 -12.20
N GLY A 207 21.90 29.95 -13.30
CA GLY A 207 23.26 30.06 -13.73
C GLY A 207 23.98 31.20 -13.08
N ASN A 208 23.19 32.21 -12.64
CA ASN A 208 23.68 33.46 -12.02
C ASN A 208 24.37 34.34 -13.04
N GLN A 209 24.31 33.91 -14.27
CA GLN A 209 25.05 34.50 -15.33
C GLN A 209 24.22 34.34 -16.60
N PHE A 210 24.22 35.33 -17.45
CA PHE A 210 23.53 35.25 -18.72
C PHE A 210 24.34 35.99 -19.77
N VAL A 211 24.29 35.57 -21.01
CA VAL A 211 25.09 36.20 -22.04
C VAL A 211 24.41 37.48 -22.56
N MET A 212 25.10 38.59 -22.41
CA MET A 212 24.61 39.87 -22.89
C MET A 212 25.24 40.17 -24.23
N PRO A 213 24.47 40.61 -25.24
CA PRO A 213 25.00 40.97 -26.57
C PRO A 213 25.96 42.16 -26.52
N ASP A 214 26.65 42.41 -27.61
CA ASP A 214 27.63 43.47 -27.67
C ASP A 214 27.04 44.87 -27.61
N LEU A 215 27.62 45.66 -26.74
CA LEU A 215 27.28 47.06 -26.53
C LEU A 215 28.57 47.80 -26.13
N SER A 216 29.71 47.23 -26.51
CA SER A 216 31.01 47.76 -26.11
C SER A 216 31.40 48.96 -27.00
N GLY A 217 32.09 49.93 -26.43
CA GLY A 217 32.61 51.04 -27.22
C GLY A 217 31.57 52.10 -27.44
N MET A 218 30.73 52.27 -26.47
CA MET A 218 29.67 53.22 -26.55
C MET A 218 29.95 54.40 -25.65
N PHE A 219 29.01 55.29 -25.58
CA PHE A 219 29.15 56.48 -24.82
C PHE A 219 28.26 56.42 -23.61
N TRP A 220 28.59 57.16 -22.59
CA TRP A 220 27.79 57.20 -21.36
C TRP A 220 26.36 57.69 -21.64
N VAL A 221 26.23 58.55 -22.64
CA VAL A 221 24.92 59.09 -23.05
C VAL A 221 23.98 57.96 -23.57
N ASP A 222 24.60 56.86 -23.98
CA ASP A 222 23.87 55.70 -24.48
C ASP A 222 23.78 54.63 -23.39
N ALA A 223 24.90 54.44 -22.70
CA ALA A 223 25.01 53.41 -21.65
C ALA A 223 24.06 53.63 -20.47
N GLU A 224 23.99 54.87 -19.98
CA GLU A 224 23.14 55.20 -18.82
C GLU A 224 21.65 54.77 -19.08
N PRO A 225 20.98 55.22 -20.21
CA PRO A 225 19.65 54.78 -20.56
C PRO A 225 19.53 53.26 -20.83
N ARG A 226 20.62 52.60 -21.29
CA ARG A 226 20.59 51.14 -21.54
C ARG A 226 20.21 50.41 -20.28
N LEU A 227 20.86 50.78 -19.19
CA LEU A 227 20.62 50.17 -17.89
C LEU A 227 19.17 50.39 -17.45
N ARG A 228 18.65 51.57 -17.70
CA ARG A 228 17.28 51.91 -17.36
C ARG A 228 16.31 51.04 -18.16
N ALA A 229 16.55 50.95 -19.46
CA ALA A 229 15.70 50.22 -20.38
C ALA A 229 15.72 48.71 -20.14
N LEU A 230 16.87 48.19 -19.75
CA LEU A 230 17.02 46.75 -19.57
C LEU A 230 16.49 46.27 -18.23
N GLY A 231 16.12 47.19 -17.35
CA GLY A 231 15.64 46.80 -16.04
C GLY A 231 16.78 46.35 -15.18
N TRP A 232 17.86 47.05 -15.30
CA TRP A 232 19.07 46.77 -14.59
C TRP A 232 18.94 47.13 -13.11
N THR A 233 19.43 46.25 -12.26
CA THR A 233 19.45 46.51 -10.84
C THR A 233 20.68 45.83 -10.22
N GLY A 234 21.73 46.60 -10.08
CA GLY A 234 22.96 46.14 -9.49
C GLY A 234 23.77 47.33 -9.07
N MET A 235 25.08 47.25 -9.17
CA MET A 235 25.92 48.38 -8.84
C MET A 235 26.59 48.95 -10.08
N LEU A 236 26.53 50.24 -10.19
CA LEU A 236 27.10 50.96 -11.29
C LEU A 236 28.22 51.80 -10.77
N ASP A 237 29.36 51.71 -11.37
CA ASP A 237 30.45 52.57 -10.94
C ASP A 237 30.57 53.71 -11.90
N LYS A 238 30.04 54.83 -11.51
CA LYS A 238 30.16 56.03 -12.24
C LYS A 238 30.97 57.02 -11.43
N GLY A 239 32.16 57.31 -11.90
CA GLY A 239 33.03 58.21 -11.19
C GLY A 239 32.87 59.64 -11.63
N ALA A 240 33.93 60.39 -11.51
CA ALA A 240 33.94 61.79 -11.84
C ALA A 240 34.55 62.00 -13.21
N ASP A 241 34.17 63.08 -13.85
CA ASP A 241 34.65 63.41 -15.17
C ASP A 241 36.09 63.89 -15.10
N VAL A 242 36.82 63.64 -16.15
CA VAL A 242 38.22 63.98 -16.24
C VAL A 242 38.53 64.53 -17.62
N ASP A 243 39.19 65.67 -17.67
CA ASP A 243 39.64 66.20 -18.94
C ASP A 243 40.87 65.42 -19.34
N ALA A 244 40.72 64.58 -20.31
CA ALA A 244 41.80 63.76 -20.78
C ALA A 244 42.00 63.91 -22.27
N GLY A 245 41.00 64.38 -22.94
CA GLY A 245 41.06 64.51 -24.37
C GLY A 245 39.87 63.86 -25.01
N GLY A 246 39.54 64.27 -26.23
CA GLY A 246 38.34 63.82 -26.91
C GLY A 246 38.24 62.31 -27.05
N SER A 247 39.36 61.66 -27.26
CA SER A 247 39.41 60.21 -27.43
C SER A 247 38.90 59.47 -26.16
N GLN A 248 39.00 60.13 -25.01
CA GLN A 248 38.60 59.51 -23.76
C GLN A 248 37.29 60.10 -23.24
N HIS A 249 36.85 61.19 -23.82
CA HIS A 249 35.65 61.88 -23.34
C HIS A 249 34.39 61.17 -23.80
N ASN A 250 33.46 60.99 -22.85
CA ASN A 250 32.10 60.42 -23.07
C ASN A 250 32.09 58.90 -23.41
N ARG A 251 33.20 58.38 -23.89
CA ARG A 251 33.29 56.98 -24.31
C ARG A 251 33.75 56.08 -23.16
N VAL A 252 33.30 54.82 -23.17
CA VAL A 252 33.73 53.82 -22.22
C VAL A 252 35.25 53.56 -22.36
N VAL A 253 35.96 53.52 -21.26
CA VAL A 253 37.39 53.26 -21.31
C VAL A 253 37.60 51.77 -21.19
N TYR A 254 36.94 51.21 -20.22
CA TYR A 254 36.98 49.80 -19.99
C TYR A 254 35.69 49.43 -19.34
N GLN A 255 35.27 48.23 -19.52
CA GLN A 255 34.09 47.75 -18.89
C GLN A 255 34.41 46.48 -18.14
N ASN A 256 33.84 46.35 -16.97
CA ASN A 256 34.06 45.20 -16.09
C ASN A 256 33.74 43.86 -16.79
N PRO A 257 32.46 43.54 -17.16
CA PRO A 257 32.20 42.35 -17.94
C PRO A 257 32.19 42.68 -19.44
N PRO A 258 32.87 41.89 -20.28
CA PRO A 258 32.87 42.13 -21.71
C PRO A 258 31.50 41.81 -22.31
N ALA A 259 31.02 42.69 -23.16
CA ALA A 259 29.78 42.45 -23.84
C ALA A 259 29.98 41.33 -24.84
N GLY A 260 29.12 40.36 -24.81
CA GLY A 260 29.31 39.17 -25.60
C GLY A 260 29.75 38.02 -24.71
N THR A 261 29.93 38.34 -23.45
CA THR A 261 30.29 37.38 -22.45
C THR A 261 29.15 37.35 -21.39
N GLY A 262 29.16 36.36 -20.52
CA GLY A 262 28.17 36.23 -19.50
C GLY A 262 28.30 37.27 -18.41
N VAL A 263 27.24 37.96 -18.17
CA VAL A 263 27.14 38.97 -17.14
C VAL A 263 26.31 38.42 -16.00
N ASN A 264 26.65 38.75 -14.77
CA ASN A 264 25.97 38.22 -13.61
C ASN A 264 24.54 38.72 -13.53
N ARG A 265 23.72 38.01 -12.74
CA ARG A 265 22.30 38.37 -12.53
C ARG A 265 22.15 39.83 -12.05
N ASP A 266 23.15 40.33 -11.34
CA ASP A 266 23.14 41.71 -10.86
C ASP A 266 23.35 42.68 -11.99
N GLY A 267 24.21 42.30 -12.94
CA GLY A 267 24.44 43.21 -14.03
C GLY A 267 25.49 44.22 -13.69
N ILE A 268 26.35 43.92 -12.74
CA ILE A 268 27.25 44.92 -12.18
C ILE A 268 28.27 45.35 -13.25
N ILE A 269 28.26 46.64 -13.52
CA ILE A 269 29.03 47.21 -14.56
C ILE A 269 29.90 48.35 -14.04
N THR A 270 31.15 48.22 -14.25
CA THR A 270 32.09 49.23 -13.96
C THR A 270 32.69 49.70 -15.26
N LEU A 271 32.56 50.96 -15.52
CA LEU A 271 33.05 51.61 -16.71
C LEU A 271 33.62 52.90 -16.29
N ARG A 272 34.45 53.43 -17.08
CA ARG A 272 35.02 54.69 -16.80
C ARG A 272 34.97 55.47 -18.07
N PHE A 273 34.85 56.74 -17.96
CA PHE A 273 34.84 57.62 -19.09
C PHE A 273 35.61 58.83 -18.70
N GLY A 274 36.04 59.60 -19.65
CA GLY A 274 36.73 60.81 -19.34
C GLY A 274 35.76 61.87 -18.94
N GLN A 275 35.46 62.75 -19.83
CA GLN A 275 34.47 63.74 -19.60
C GLN A 275 33.38 63.61 -20.66
N GLY A 4 -37.97 -76.58 12.84
CA GLY A 4 -36.80 -76.58 11.98
C GLY A 4 -35.70 -75.78 12.61
N ILE A 5 -34.52 -75.90 12.09
CA ILE A 5 -33.41 -75.15 12.61
C ILE A 5 -33.53 -73.70 12.14
N THR A 6 -33.33 -72.77 13.04
CA THR A 6 -33.41 -71.38 12.69
C THR A 6 -32.17 -71.01 11.89
N ARG A 7 -32.40 -70.42 10.77
CA ARG A 7 -31.35 -70.05 9.84
C ARG A 7 -30.91 -68.62 10.12
N ASP A 8 -31.68 -67.95 10.94
CA ASP A 8 -31.43 -66.60 11.37
C ASP A 8 -31.11 -66.63 12.83
N VAL A 9 -30.30 -65.72 13.29
CA VAL A 9 -29.87 -65.69 14.67
C VAL A 9 -30.34 -64.40 15.34
N GLN A 10 -30.42 -64.42 16.64
CA GLN A 10 -30.81 -63.24 17.38
C GLN A 10 -29.54 -62.55 17.79
N VAL A 11 -29.40 -61.32 17.41
CA VAL A 11 -28.15 -60.61 17.56
C VAL A 11 -28.16 -59.76 18.84
N PRO A 12 -27.09 -59.82 19.64
CA PRO A 12 -27.00 -59.03 20.85
C PRO A 12 -26.86 -57.54 20.54
N ASP A 13 -27.72 -56.75 21.13
CA ASP A 13 -27.70 -55.32 20.94
C ASP A 13 -26.66 -54.69 21.84
N VAL A 14 -25.54 -54.40 21.23
CA VAL A 14 -24.32 -53.90 21.87
C VAL A 14 -24.39 -52.42 22.31
N ARG A 15 -25.57 -51.85 22.22
CA ARG A 15 -25.82 -50.48 22.65
C ARG A 15 -25.58 -50.32 24.16
N GLY A 16 -25.07 -49.18 24.55
CA GLY A 16 -24.76 -48.92 25.93
C GLY A 16 -23.28 -49.00 26.21
N GLN A 17 -22.50 -49.27 25.19
CA GLN A 17 -21.07 -49.29 25.28
C GLN A 17 -20.55 -48.11 24.46
N SER A 18 -19.31 -48.17 24.10
CA SER A 18 -18.74 -47.15 23.27
C SER A 18 -18.91 -47.61 21.83
N SER A 19 -18.71 -46.73 20.87
CA SER A 19 -18.81 -47.12 19.47
C SER A 19 -17.78 -48.20 19.16
N ALA A 20 -16.57 -48.01 19.68
CA ALA A 20 -15.48 -48.93 19.44
C ALA A 20 -15.74 -50.29 20.05
N ASP A 21 -16.19 -50.32 21.31
CA ASP A 21 -16.47 -51.59 21.97
C ASP A 21 -17.62 -52.30 21.33
N ALA A 22 -18.66 -51.56 21.04
CA ALA A 22 -19.87 -52.10 20.44
C ALA A 22 -19.57 -52.71 19.07
N ILE A 23 -18.87 -51.95 18.24
CA ILE A 23 -18.51 -52.39 16.91
C ILE A 23 -17.51 -53.55 16.99
N ALA A 24 -16.57 -53.46 17.91
CA ALA A 24 -15.56 -54.50 18.07
C ALA A 24 -16.19 -55.83 18.43
N THR A 25 -17.21 -55.79 19.29
CA THR A 25 -17.94 -56.98 19.67
C THR A 25 -18.65 -57.59 18.45
N LEU A 26 -19.36 -56.76 17.70
CA LEU A 26 -20.09 -57.22 16.52
C LEU A 26 -19.15 -57.77 15.47
N GLN A 27 -18.01 -57.11 15.32
CA GLN A 27 -17.02 -57.49 14.34
C GLN A 27 -16.46 -58.88 14.65
N ASN A 28 -16.16 -59.16 15.94
CA ASN A 28 -15.63 -60.46 16.33
C ASN A 28 -16.64 -61.56 16.16
N ARG A 29 -17.91 -61.18 16.16
CA ARG A 29 -18.99 -62.13 15.96
C ARG A 29 -19.25 -62.35 14.48
N GLY A 30 -18.70 -61.48 13.65
CA GLY A 30 -18.87 -61.63 12.23
C GLY A 30 -20.03 -60.84 11.69
N PHE A 31 -20.51 -59.90 12.47
CA PHE A 31 -21.57 -59.05 12.05
C PHE A 31 -21.06 -57.88 11.23
N LYS A 32 -21.97 -57.11 10.69
CA LYS A 32 -21.64 -55.97 9.88
C LYS A 32 -22.16 -54.75 10.60
N ILE A 33 -21.53 -53.64 10.44
CA ILE A 33 -21.95 -52.45 11.12
C ILE A 33 -22.15 -51.32 10.15
N ARG A 34 -23.17 -50.56 10.39
CA ARG A 34 -23.42 -49.38 9.63
C ARG A 34 -23.31 -48.24 10.58
N THR A 35 -22.53 -47.27 10.27
CA THR A 35 -22.31 -46.21 11.19
C THR A 35 -22.93 -44.92 10.69
N LEU A 36 -23.66 -44.26 11.55
CA LEU A 36 -24.25 -42.99 11.24
C LEU A 36 -23.50 -42.00 12.11
N GLN A 37 -22.83 -41.03 11.49
CA GLN A 37 -22.04 -40.08 12.25
C GLN A 37 -22.37 -38.65 11.85
N LYS A 38 -22.76 -37.86 12.82
CA LYS A 38 -23.13 -36.45 12.58
C LYS A 38 -22.58 -35.54 13.69
N PRO A 39 -22.04 -34.36 13.34
CA PRO A 39 -21.70 -33.33 14.32
C PRO A 39 -22.95 -32.59 14.77
N ASP A 40 -23.12 -32.44 16.09
CA ASP A 40 -24.30 -31.81 16.71
C ASP A 40 -24.24 -32.07 18.19
N SER A 41 -24.54 -31.08 18.97
CA SER A 41 -24.39 -31.18 20.39
C SER A 41 -25.70 -31.61 21.10
N THR A 42 -26.73 -31.91 20.35
CA THR A 42 -28.00 -32.33 20.92
C THR A 42 -28.12 -33.87 20.86
N ILE A 43 -27.51 -34.44 19.85
CA ILE A 43 -27.56 -35.87 19.68
C ILE A 43 -26.43 -36.54 20.46
N PRO A 44 -26.67 -37.76 20.92
CA PRO A 44 -25.77 -38.50 21.82
C PRO A 44 -24.33 -38.68 21.30
N PRO A 45 -23.33 -38.52 22.21
CA PRO A 45 -21.89 -38.73 21.95
C PRO A 45 -21.60 -40.12 21.42
N ASP A 46 -20.41 -40.31 20.84
CA ASP A 46 -19.99 -41.60 20.22
C ASP A 46 -20.11 -42.80 21.18
N HIS A 47 -20.39 -42.54 22.43
CA HIS A 47 -20.73 -43.62 23.35
C HIS A 47 -22.17 -43.96 23.02
N VAL A 48 -22.35 -45.10 22.49
CA VAL A 48 -23.59 -45.45 21.84
C VAL A 48 -24.70 -45.79 22.81
N ILE A 49 -25.78 -45.08 22.70
CA ILE A 49 -26.94 -45.36 23.52
C ILE A 49 -27.84 -46.36 22.81
N GLY A 50 -27.79 -46.35 21.49
CA GLY A 50 -28.67 -47.18 20.75
C GLY A 50 -28.08 -47.75 19.49
N THR A 51 -28.73 -48.77 19.02
CA THR A 51 -28.39 -49.56 17.86
C THR A 51 -29.72 -49.88 17.19
N ASP A 52 -29.72 -50.65 16.13
CA ASP A 52 -30.96 -50.89 15.44
C ASP A 52 -31.54 -52.23 15.86
N PRO A 53 -32.87 -52.25 16.15
CA PRO A 53 -33.61 -53.44 16.63
C PRO A 53 -33.59 -54.65 15.70
N ALA A 54 -32.93 -54.52 14.55
CA ALA A 54 -32.70 -55.65 13.66
C ALA A 54 -31.90 -56.68 14.42
N ALA A 55 -31.09 -56.19 15.35
CA ALA A 55 -30.32 -57.04 16.21
C ALA A 55 -31.25 -57.89 17.06
N ASN A 56 -32.27 -57.25 17.59
CA ASN A 56 -33.22 -57.87 18.50
C ASN A 56 -34.26 -58.68 17.76
N THR A 57 -34.19 -58.63 16.48
CA THR A 57 -35.01 -59.43 15.65
C THR A 57 -34.13 -60.62 15.24
N SER A 58 -34.70 -61.78 14.97
CA SER A 58 -33.84 -62.83 14.51
C SER A 58 -33.52 -62.52 13.04
N VAL A 59 -32.29 -62.21 12.75
CA VAL A 59 -31.90 -61.85 11.41
C VAL A 59 -30.77 -62.70 10.92
N SER A 60 -30.50 -62.60 9.66
CA SER A 60 -29.44 -63.33 9.05
C SER A 60 -28.09 -62.86 9.62
N ALA A 61 -27.24 -63.82 9.93
CA ALA A 61 -25.97 -63.55 10.55
C ALA A 61 -25.09 -62.77 9.60
N GLY A 62 -24.55 -61.69 10.09
CA GLY A 62 -23.75 -60.84 9.26
C GLY A 62 -24.59 -59.81 8.56
N ASP A 63 -25.45 -59.15 9.31
CA ASP A 63 -26.29 -58.12 8.75
C ASP A 63 -25.76 -56.78 9.23
N GLU A 64 -26.12 -55.70 8.57
CA GLU A 64 -25.59 -54.38 8.90
C GLU A 64 -26.42 -53.74 9.98
N ILE A 65 -25.85 -53.64 11.13
CA ILE A 65 -26.53 -53.05 12.25
C ILE A 65 -26.08 -51.60 12.36
N THR A 66 -27.01 -50.70 12.27
CA THR A 66 -26.73 -49.29 12.29
C THR A 66 -26.48 -48.80 13.73
N VAL A 67 -25.39 -48.12 13.90
CA VAL A 67 -24.96 -47.58 15.15
C VAL A 67 -24.93 -46.04 15.03
N ASN A 68 -25.44 -45.36 16.02
CA ASN A 68 -25.45 -43.91 15.98
C ASN A 68 -24.26 -43.34 16.73
N VAL A 69 -23.47 -42.57 16.02
CA VAL A 69 -22.28 -41.95 16.54
C VAL A 69 -22.35 -40.45 16.24
N SER A 70 -22.10 -39.63 17.21
CA SER A 70 -22.13 -38.23 16.96
C SER A 70 -20.89 -37.59 17.52
N THR A 71 -20.38 -36.62 16.83
CA THR A 71 -19.30 -35.84 17.35
C THR A 71 -19.94 -34.59 17.90
N GLY A 72 -19.80 -34.38 19.19
CA GLY A 72 -20.51 -33.33 19.91
C GLY A 72 -20.42 -31.92 19.31
N PRO A 73 -19.39 -31.15 19.67
CA PRO A 73 -19.28 -29.76 19.23
C PRO A 73 -18.98 -29.63 17.75
N GLU A 74 -19.74 -28.77 17.11
CA GLU A 74 -19.54 -28.50 15.73
C GLU A 74 -18.67 -27.29 15.62
N GLN A 75 -17.62 -27.41 14.96
CA GLN A 75 -16.77 -26.31 14.70
C GLN A 75 -16.51 -26.29 13.24
N ARG A 76 -16.45 -25.14 12.67
CA ARG A 76 -16.27 -25.05 11.27
C ARG A 76 -15.09 -24.28 10.92
N GLU A 77 -14.54 -24.64 9.82
CA GLU A 77 -13.38 -24.03 9.28
C GLU A 77 -13.80 -22.79 8.51
N ILE A 78 -13.07 -21.74 8.65
CA ILE A 78 -13.37 -20.56 7.92
C ILE A 78 -12.46 -20.51 6.70
N PRO A 79 -13.01 -20.38 5.49
CA PRO A 79 -12.21 -20.22 4.27
C PRO A 79 -11.55 -18.85 4.25
N ASP A 80 -10.32 -18.78 3.76
CA ASP A 80 -9.61 -17.52 3.72
C ASP A 80 -10.25 -16.57 2.73
N VAL A 81 -10.74 -15.49 3.23
CA VAL A 81 -11.41 -14.51 2.42
C VAL A 81 -10.53 -13.28 2.29
N SER A 82 -10.50 -12.70 1.10
CA SER A 82 -9.69 -11.54 0.83
C SER A 82 -10.24 -10.29 1.59
N THR A 83 -9.38 -9.31 1.80
CA THR A 83 -9.67 -8.18 2.62
C THR A 83 -10.72 -7.22 2.04
N LEU A 84 -10.82 -7.14 0.74
CA LEU A 84 -11.84 -6.30 0.12
C LEU A 84 -13.15 -7.04 -0.07
N THR A 85 -13.10 -8.33 0.11
CA THR A 85 -14.22 -9.19 -0.13
C THR A 85 -15.04 -9.41 1.18
N TYR A 86 -15.23 -8.32 1.95
CA TYR A 86 -16.00 -8.33 3.22
C TYR A 86 -17.41 -8.92 3.05
N ALA A 87 -18.06 -8.63 1.92
CA ALA A 87 -19.39 -9.16 1.64
C ALA A 87 -19.36 -10.69 1.58
N GLU A 88 -18.34 -11.23 0.96
CA GLU A 88 -18.17 -12.67 0.88
C GLU A 88 -17.80 -13.22 2.26
N ALA A 89 -17.03 -12.46 3.02
CA ALA A 89 -16.60 -12.89 4.36
C ALA A 89 -17.79 -13.14 5.26
N VAL A 90 -18.72 -12.18 5.35
CA VAL A 90 -19.90 -12.36 6.18
C VAL A 90 -20.75 -13.54 5.66
N LYS A 91 -20.81 -13.66 4.34
CA LYS A 91 -21.50 -14.74 3.64
C LYS A 91 -20.89 -16.11 4.01
N LYS A 92 -19.57 -16.19 3.97
CA LYS A 92 -18.85 -17.41 4.28
C LYS A 92 -19.02 -17.79 5.73
N LEU A 93 -19.02 -16.79 6.59
CA LEU A 93 -19.22 -17.00 8.01
C LEU A 93 -20.62 -17.55 8.26
N THR A 94 -21.57 -17.07 7.49
CA THR A 94 -22.94 -17.52 7.61
C THR A 94 -23.09 -18.96 7.11
N ALA A 95 -22.45 -19.25 5.98
CA ALA A 95 -22.47 -20.59 5.37
C ALA A 95 -21.71 -21.59 6.24
N ALA A 96 -20.88 -21.09 7.13
CA ALA A 96 -20.10 -21.91 8.01
C ALA A 96 -20.85 -22.21 9.33
N GLY A 97 -22.09 -21.78 9.42
CA GLY A 97 -22.87 -22.09 10.60
C GLY A 97 -23.12 -20.89 11.44
N PHE A 98 -22.13 -20.59 12.29
CA PHE A 98 -22.14 -19.41 13.18
C PHE A 98 -22.75 -18.16 12.58
N GLY A 99 -22.17 -17.65 11.50
CA GLY A 99 -22.64 -16.41 10.91
C GLY A 99 -22.54 -15.27 11.89
N ARG A 100 -21.60 -15.38 12.80
CA ARG A 100 -21.42 -14.41 13.84
C ARG A 100 -20.26 -13.52 13.50
N PHE A 101 -20.55 -12.29 13.21
CA PHE A 101 -19.57 -11.34 12.81
C PHE A 101 -19.86 -9.99 13.45
N LYS A 102 -18.82 -9.23 13.65
CA LYS A 102 -18.91 -7.91 14.24
C LYS A 102 -17.91 -7.02 13.54
N GLN A 103 -18.35 -5.93 12.97
CA GLN A 103 -17.47 -5.04 12.23
C GLN A 103 -17.00 -3.87 13.10
N ALA A 104 -15.70 -3.64 13.09
CA ALA A 104 -15.08 -2.52 13.77
C ALA A 104 -14.07 -1.87 12.85
N ASN A 105 -13.85 -0.58 12.99
CA ASN A 105 -12.87 0.08 12.14
C ASN A 105 -11.82 0.77 12.98
N SER A 106 -10.64 0.85 12.45
CA SER A 106 -9.50 1.49 13.06
C SER A 106 -8.61 2.01 11.95
N PRO A 107 -7.84 3.08 12.17
CA PRO A 107 -6.99 3.65 11.12
C PRO A 107 -5.90 2.70 10.69
N SER A 108 -5.58 2.73 9.43
CA SER A 108 -4.56 1.91 8.86
C SER A 108 -4.03 2.65 7.64
N THR A 109 -3.07 2.06 6.99
CA THR A 109 -2.48 2.59 5.79
C THR A 109 -3.56 2.85 4.72
N PRO A 110 -3.42 3.94 3.95
CA PRO A 110 -4.37 4.35 2.89
C PRO A 110 -4.71 3.23 1.92
N GLU A 111 -3.76 2.33 1.71
CA GLU A 111 -3.93 1.23 0.78
C GLU A 111 -4.89 0.14 1.33
N LEU A 112 -5.09 0.14 2.64
CA LEU A 112 -6.01 -0.82 3.26
C LEU A 112 -7.28 -0.15 3.74
N VAL A 113 -7.39 1.16 3.57
CA VAL A 113 -8.60 1.86 3.95
C VAL A 113 -9.77 1.31 3.14
N GLY A 114 -10.82 0.92 3.83
CA GLY A 114 -11.97 0.34 3.18
C GLY A 114 -11.90 -1.17 3.12
N LYS A 115 -10.73 -1.71 3.41
CA LYS A 115 -10.51 -3.13 3.35
C LYS A 115 -10.34 -3.69 4.75
N VAL A 116 -10.57 -4.97 4.87
CA VAL A 116 -10.46 -5.65 6.12
C VAL A 116 -8.98 -5.78 6.51
N ILE A 117 -8.69 -5.73 7.79
CA ILE A 117 -7.35 -5.91 8.26
C ILE A 117 -7.21 -7.35 8.72
N GLY A 118 -8.29 -7.87 9.30
CA GLY A 118 -8.31 -9.23 9.71
C GLY A 118 -9.45 -9.52 10.65
N THR A 119 -9.46 -10.72 11.15
CA THR A 119 -10.44 -11.19 12.07
C THR A 119 -9.71 -11.48 13.39
N ASN A 120 -10.33 -11.18 14.52
CA ASN A 120 -9.69 -11.48 15.80
C ASN A 120 -9.50 -13.00 16.01
N PRO A 121 -10.57 -13.86 15.96
CA PRO A 121 -10.37 -15.30 15.88
C PRO A 121 -9.91 -15.63 14.47
N PRO A 122 -8.94 -16.52 14.28
CA PRO A 122 -8.36 -16.78 12.98
C PRO A 122 -9.36 -17.35 11.96
N ALA A 123 -9.46 -16.67 10.83
CA ALA A 123 -10.38 -17.03 9.76
C ALA A 123 -9.78 -18.08 8.84
N ASN A 124 -8.70 -18.62 9.26
CA ASN A 124 -8.04 -19.70 8.55
C ASN A 124 -8.15 -21.00 9.32
N GLN A 125 -8.79 -20.93 10.47
CA GLN A 125 -8.84 -22.06 11.37
C GLN A 125 -10.29 -22.41 11.70
N THR A 126 -10.45 -23.25 12.69
CA THR A 126 -11.73 -23.75 13.10
C THR A 126 -12.35 -22.82 14.17
N SER A 127 -13.60 -22.45 13.99
CA SER A 127 -14.32 -21.62 14.93
C SER A 127 -15.65 -22.28 15.29
N ALA A 128 -16.09 -22.06 16.51
CA ALA A 128 -17.33 -22.65 17.02
C ALA A 128 -18.54 -21.89 16.49
N ILE A 129 -19.71 -22.55 16.51
CA ILE A 129 -20.95 -21.98 15.94
C ILE A 129 -21.49 -20.86 16.85
N THR A 130 -21.13 -20.90 18.08
CA THR A 130 -21.59 -19.89 19.01
C THR A 130 -20.52 -18.76 19.15
N ASN A 131 -19.45 -18.90 18.41
CA ASN A 131 -18.31 -17.99 18.49
C ASN A 131 -18.45 -16.85 17.47
N VAL A 132 -18.29 -15.63 17.94
CA VAL A 132 -18.43 -14.45 17.10
C VAL A 132 -17.06 -13.91 16.67
N VAL A 133 -16.88 -13.74 15.38
CA VAL A 133 -15.65 -13.20 14.89
C VAL A 133 -15.78 -11.69 14.66
N ILE A 134 -14.95 -10.95 15.31
CA ILE A 134 -14.93 -9.52 15.16
C ILE A 134 -13.92 -9.19 14.07
N ILE A 135 -14.36 -8.40 13.14
CA ILE A 135 -13.62 -8.04 11.97
C ILE A 135 -13.31 -6.57 12.00
N ILE A 136 -12.05 -6.27 11.90
CA ILE A 136 -11.59 -4.92 11.93
C ILE A 136 -11.20 -4.48 10.51
N VAL A 137 -11.76 -3.38 10.08
CA VAL A 137 -11.52 -2.79 8.76
C VAL A 137 -10.74 -1.47 8.93
N GLY A 138 -9.86 -1.17 7.99
CA GLY A 138 -9.07 0.04 8.06
C GLY A 138 -9.86 1.25 7.60
N SER A 139 -9.96 2.26 8.43
CA SER A 139 -10.67 3.46 8.09
C SER A 139 -9.93 4.65 8.66
N GLY A 140 -9.73 5.66 7.86
CA GLY A 140 -8.98 6.81 8.29
C GLY A 140 -8.06 7.27 7.19
N PRO A 141 -8.36 8.39 6.52
CA PRO A 141 -7.53 8.87 5.42
C PRO A 141 -6.19 9.43 5.90
N ALA A 142 -5.15 9.19 5.13
CA ALA A 142 -3.83 9.71 5.47
C ALA A 142 -3.15 10.27 4.26
N THR A 143 -3.94 10.60 3.31
CA THR A 143 -3.48 11.13 2.05
C THR A 143 -4.23 12.39 1.69
N LYS A 144 -3.58 13.25 0.95
CA LYS A 144 -4.16 14.47 0.44
C LYS A 144 -3.56 14.80 -0.90
N ASP A 145 -4.21 15.68 -1.60
CA ASP A 145 -3.81 16.05 -2.95
C ASP A 145 -2.97 17.27 -2.93
N ILE A 146 -1.93 17.27 -3.70
CA ILE A 146 -1.10 18.43 -3.84
C ILE A 146 -1.59 19.26 -5.03
N PRO A 147 -2.03 20.49 -4.80
CA PRO A 147 -2.52 21.35 -5.87
C PRO A 147 -1.37 21.99 -6.67
N ASP A 148 -1.72 22.79 -7.64
CA ASP A 148 -0.73 23.49 -8.44
C ASP A 148 -0.26 24.70 -7.67
N VAL A 149 0.97 24.66 -7.26
CA VAL A 149 1.54 25.72 -6.46
C VAL A 149 2.63 26.44 -7.28
N ALA A 150 2.58 26.26 -8.58
CA ALA A 150 3.57 26.83 -9.46
C ALA A 150 3.22 28.26 -9.80
N GLY A 151 4.11 29.17 -9.44
CA GLY A 151 3.91 30.55 -9.75
C GLY A 151 3.86 31.42 -8.53
N GLN A 152 4.42 30.95 -7.46
CA GLN A 152 4.46 31.71 -6.24
C GLN A 152 5.81 31.61 -5.59
N THR A 153 5.96 32.11 -4.39
CA THR A 153 7.29 32.15 -3.81
C THR A 153 7.54 30.87 -3.00
N VAL A 154 8.82 30.51 -2.86
CA VAL A 154 9.24 29.31 -2.14
C VAL A 154 8.76 29.30 -0.68
N ASP A 155 8.84 30.44 -0.03
CA ASP A 155 8.39 30.60 1.36
C ASP A 155 6.92 30.27 1.46
N VAL A 156 6.17 30.70 0.46
CA VAL A 156 4.75 30.52 0.44
C VAL A 156 4.41 29.05 0.16
N ALA A 157 5.21 28.42 -0.71
CA ALA A 157 5.01 27.03 -1.08
C ALA A 157 5.17 26.10 0.11
N GLN A 158 6.27 26.26 0.84
CA GLN A 158 6.53 25.42 2.00
C GLN A 158 5.46 25.62 3.08
N LYS A 159 4.99 26.86 3.17
CA LYS A 159 3.93 27.24 4.07
C LYS A 159 2.66 26.48 3.72
N ASN A 160 2.26 26.57 2.44
CA ASN A 160 1.02 25.96 1.98
C ASN A 160 1.03 24.48 2.14
N LEU A 161 2.14 23.85 1.78
CA LEU A 161 2.27 22.42 1.92
C LEU A 161 2.15 21.99 3.38
N ASN A 162 2.82 22.73 4.28
CA ASN A 162 2.75 22.39 5.71
C ASN A 162 1.34 22.55 6.23
N VAL A 163 0.66 23.58 5.77
CA VAL A 163 -0.73 23.83 6.14
C VAL A 163 -1.64 22.69 5.70
N TYR A 164 -1.35 22.08 4.56
CA TYR A 164 -2.19 21.00 4.03
C TYR A 164 -1.97 19.71 4.83
N GLY A 165 -0.91 19.68 5.60
CA GLY A 165 -0.64 18.52 6.42
C GLY A 165 0.63 17.83 6.02
N PHE A 166 1.28 18.33 5.00
CA PHE A 166 2.50 17.74 4.52
C PHE A 166 3.65 18.31 5.33
N THR A 167 4.21 17.50 6.16
CA THR A 167 5.21 17.93 7.10
C THR A 167 6.64 17.90 6.54
N LYS A 168 6.83 17.21 5.44
CA LYS A 168 8.16 17.06 4.89
C LYS A 168 8.27 17.68 3.51
N PHE A 169 9.19 18.60 3.38
CA PHE A 169 9.44 19.27 2.12
C PHE A 169 10.91 19.25 1.75
N SER A 170 11.17 19.31 0.49
CA SER A 170 12.51 19.42 -0.04
C SER A 170 12.46 20.40 -1.19
N GLN A 171 13.53 21.07 -1.46
CA GLN A 171 13.57 22.01 -2.54
C GLN A 171 14.68 21.67 -3.52
N ALA A 172 14.37 21.76 -4.77
CA ALA A 172 15.33 21.54 -5.82
C ALA A 172 15.23 22.66 -6.81
N SER A 173 16.33 23.25 -7.16
CA SER A 173 16.35 24.35 -8.06
C SER A 173 16.63 23.87 -9.49
N VAL A 174 15.84 24.33 -10.42
CA VAL A 174 16.01 23.97 -11.82
C VAL A 174 16.23 25.25 -12.61
N ASP A 175 16.96 25.18 -13.69
CA ASP A 175 17.33 26.38 -14.42
C ASP A 175 16.16 26.91 -15.22
N SER A 176 15.97 28.21 -15.16
CA SER A 176 14.93 28.92 -15.88
C SER A 176 15.31 30.41 -16.00
N PRO A 177 14.55 31.26 -16.73
CA PRO A 177 14.81 32.69 -16.78
C PRO A 177 14.05 33.43 -15.66
N ARG A 178 13.27 32.67 -14.92
CA ARG A 178 12.49 33.18 -13.81
C ARG A 178 13.40 33.32 -12.63
N PRO A 179 13.35 34.47 -11.93
CA PRO A 179 14.25 34.77 -10.81
C PRO A 179 14.22 33.71 -9.71
N ALA A 180 15.40 33.49 -9.13
CA ALA A 180 15.57 32.52 -8.07
C ALA A 180 14.66 32.83 -6.89
N GLY A 181 13.72 31.96 -6.65
CA GLY A 181 12.79 32.15 -5.57
C GLY A 181 11.40 31.77 -5.97
N GLU A 182 11.12 31.88 -7.26
CA GLU A 182 9.82 31.51 -7.79
C GLU A 182 9.72 29.99 -7.87
N VAL A 183 8.67 29.45 -7.31
CA VAL A 183 8.43 28.03 -7.40
C VAL A 183 7.83 27.74 -8.74
N THR A 184 8.53 26.96 -9.52
CA THR A 184 8.12 26.66 -10.86
C THR A 184 7.25 25.38 -10.89
N GLY A 185 7.07 24.78 -9.74
CA GLY A 185 6.23 23.61 -9.66
C GLY A 185 6.67 22.68 -8.58
N THR A 186 6.17 21.49 -8.60
CA THR A 186 6.53 20.50 -7.64
C THR A 186 7.14 19.32 -8.35
N ASN A 187 7.91 18.54 -7.63
CA ASN A 187 8.53 17.34 -8.20
C ASN A 187 7.45 16.31 -8.58
N PRO A 188 6.51 15.91 -7.67
CA PRO A 188 5.41 15.07 -8.07
C PRO A 188 4.36 15.95 -8.75
N PRO A 189 3.70 15.46 -9.81
CA PRO A 189 2.72 16.25 -10.57
C PRO A 189 1.55 16.74 -9.70
N ALA A 190 1.07 17.93 -10.01
CA ALA A 190 -0.04 18.51 -9.29
C ALA A 190 -1.29 17.66 -9.53
N GLY A 191 -2.04 17.44 -8.48
CA GLY A 191 -3.22 16.64 -8.58
C GLY A 191 -3.01 15.24 -8.03
N THR A 192 -1.76 14.89 -7.80
CA THR A 192 -1.44 13.58 -7.27
C THR A 192 -1.79 13.52 -5.79
N THR A 193 -2.50 12.50 -5.40
CA THR A 193 -2.83 12.29 -4.03
C THR A 193 -1.65 11.56 -3.37
N VAL A 194 -1.10 12.14 -2.34
CA VAL A 194 0.07 11.58 -1.67
C VAL A 194 -0.16 11.55 -0.15
N PRO A 195 0.55 10.69 0.60
CA PRO A 195 0.44 10.64 2.06
C PRO A 195 0.94 11.93 2.70
N VAL A 196 0.24 12.38 3.74
CA VAL A 196 0.60 13.62 4.45
C VAL A 196 1.98 13.51 5.14
N ASP A 197 2.41 12.27 5.34
CA ASP A 197 3.66 11.97 5.99
C ASP A 197 4.83 11.92 4.99
N SER A 198 4.52 11.94 3.69
CA SER A 198 5.58 11.83 2.70
C SER A 198 6.26 13.18 2.43
N VAL A 199 7.29 13.14 1.59
CA VAL A 199 8.10 14.31 1.31
C VAL A 199 7.72 14.92 -0.02
N ILE A 200 7.28 16.15 0.02
CA ILE A 200 6.94 16.87 -1.17
C ILE A 200 8.07 17.81 -1.53
N GLU A 201 8.56 17.69 -2.72
CA GLU A 201 9.64 18.49 -3.17
C GLU A 201 9.14 19.60 -4.09
N LEU A 202 9.54 20.80 -3.77
CA LEU A 202 9.20 21.97 -4.54
C LEU A 202 10.33 22.22 -5.55
N GLN A 203 9.97 22.48 -6.77
CA GLN A 203 10.95 22.82 -7.76
C GLN A 203 11.03 24.34 -7.83
N VAL A 204 12.13 24.87 -7.44
CA VAL A 204 12.32 26.30 -7.41
C VAL A 204 13.09 26.71 -8.65
N SER A 205 12.72 27.82 -9.20
CA SER A 205 13.36 28.32 -10.37
C SER A 205 14.69 28.98 -10.04
N LYS A 206 15.71 28.58 -10.76
CA LYS A 206 16.97 29.22 -10.75
C LYS A 206 16.97 30.20 -11.89
N GLY A 207 17.18 31.45 -11.58
CA GLY A 207 17.13 32.47 -12.61
C GLY A 207 18.41 32.54 -13.37
N ASN A 208 19.49 32.09 -12.73
CA ASN A 208 20.86 31.95 -13.26
C ASN A 208 21.47 33.25 -13.77
N GLN A 209 20.81 34.35 -13.56
CA GLN A 209 21.26 35.60 -14.11
C GLN A 209 21.22 36.73 -13.11
N PHE A 210 21.79 37.83 -13.51
CA PHE A 210 21.76 39.08 -12.81
C PHE A 210 21.74 40.17 -13.87
N VAL A 211 21.10 41.28 -13.57
CA VAL A 211 21.02 42.37 -14.54
C VAL A 211 22.38 43.04 -14.71
N MET A 212 22.82 43.16 -15.94
CA MET A 212 24.08 43.80 -16.23
C MET A 212 23.83 45.25 -16.60
N PRO A 213 24.32 46.20 -15.79
CA PRO A 213 24.17 47.61 -16.09
C PRO A 213 24.94 47.98 -17.35
N ASP A 214 24.53 49.02 -18.00
CA ASP A 214 25.17 49.41 -19.23
C ASP A 214 26.50 50.10 -18.95
N LEU A 215 27.52 49.47 -19.45
CA LEU A 215 28.90 49.91 -19.32
C LEU A 215 29.57 49.72 -20.67
N SER A 216 28.80 49.91 -21.69
CA SER A 216 29.22 49.69 -23.05
C SER A 216 30.23 50.75 -23.50
N GLY A 217 31.31 50.32 -24.11
CA GLY A 217 32.27 51.23 -24.67
C GLY A 217 33.48 51.45 -23.80
N MET A 218 33.94 50.42 -23.16
CA MET A 218 35.09 50.53 -22.29
C MET A 218 36.26 49.83 -22.93
N PHE A 219 37.47 50.24 -22.56
CA PHE A 219 38.63 49.58 -23.04
C PHE A 219 38.74 48.28 -22.30
N TRP A 220 39.31 47.30 -22.93
CA TRP A 220 39.42 45.99 -22.34
C TRP A 220 40.23 46.05 -21.05
N VAL A 221 41.17 46.99 -20.98
CA VAL A 221 42.06 47.09 -19.81
C VAL A 221 41.37 47.80 -18.66
N ASP A 222 40.23 48.35 -18.94
CA ASP A 222 39.43 49.05 -17.95
C ASP A 222 38.29 48.12 -17.52
N ALA A 223 37.87 47.32 -18.48
CA ALA A 223 36.85 46.32 -18.28
C ALA A 223 37.37 45.20 -17.38
N GLU A 224 38.67 44.85 -17.55
CA GLU A 224 39.32 43.84 -16.70
C GLU A 224 39.12 44.12 -15.19
N PRO A 225 39.54 45.33 -14.65
CA PRO A 225 39.28 45.67 -13.24
C PRO A 225 37.81 45.62 -12.89
N ARG A 226 36.93 46.09 -13.80
CA ARG A 226 35.48 46.01 -13.51
C ARG A 226 35.01 44.58 -13.29
N LEU A 227 35.48 43.67 -14.12
CA LEU A 227 35.06 42.27 -14.03
C LEU A 227 35.56 41.66 -12.73
N ARG A 228 36.81 41.90 -12.44
CA ARG A 228 37.45 41.34 -11.26
C ARG A 228 36.83 41.90 -9.97
N ALA A 229 36.44 43.17 -10.01
CA ALA A 229 35.81 43.83 -8.88
C ALA A 229 34.40 43.31 -8.60
N LEU A 230 33.67 42.92 -9.64
CA LEU A 230 32.29 42.48 -9.45
C LEU A 230 32.17 40.99 -9.16
N GLY A 231 33.28 40.28 -9.19
CA GLY A 231 33.25 38.87 -8.89
C GLY A 231 32.92 38.04 -10.12
N TRP A 232 33.45 38.47 -11.23
CA TRP A 232 33.26 37.79 -12.51
C TRP A 232 34.04 36.48 -12.55
N THR A 233 33.38 35.40 -12.89
CA THR A 233 34.05 34.14 -13.07
C THR A 233 33.48 33.42 -14.31
N GLY A 234 33.76 34.00 -15.45
CA GLY A 234 33.32 33.46 -16.70
C GLY A 234 34.50 33.25 -17.61
N MET A 235 34.28 33.35 -18.89
CA MET A 235 35.35 33.16 -19.87
C MET A 235 35.45 34.40 -20.73
N LEU A 236 36.66 34.81 -21.02
CA LEU A 236 36.89 35.91 -21.94
C LEU A 236 37.29 35.28 -23.26
N ASP A 237 36.61 35.66 -24.32
CA ASP A 237 36.87 35.04 -25.61
C ASP A 237 37.81 35.87 -26.44
N LYS A 238 39.06 35.50 -26.46
CA LYS A 238 39.96 36.09 -27.36
C LYS A 238 40.42 35.04 -28.35
N GLY A 239 39.98 35.18 -29.56
CA GLY A 239 40.34 34.25 -30.59
C GLY A 239 40.49 34.99 -31.85
N ALA A 240 39.41 35.56 -32.29
CA ALA A 240 39.42 36.43 -33.43
C ALA A 240 39.69 37.84 -32.95
N ASP A 241 40.54 38.53 -33.65
CA ASP A 241 40.84 39.91 -33.34
C ASP A 241 40.41 40.78 -34.46
N VAL A 242 40.17 42.04 -34.18
CA VAL A 242 39.71 42.94 -35.21
C VAL A 242 40.81 43.90 -35.61
N ASP A 243 41.02 44.05 -36.90
CA ASP A 243 42.07 44.90 -37.43
C ASP A 243 41.74 46.37 -37.30
N ALA A 244 42.51 47.04 -36.44
CA ALA A 244 42.42 48.50 -36.23
C ALA A 244 43.48 48.98 -35.25
N GLY A 245 44.52 48.19 -35.08
CA GLY A 245 45.51 48.50 -34.10
C GLY A 245 45.08 48.01 -32.74
N GLY A 246 45.93 47.26 -32.08
CA GLY A 246 45.56 46.69 -30.80
C GLY A 246 45.27 47.74 -29.76
N SER A 247 46.15 48.70 -29.61
CA SER A 247 45.99 49.76 -28.61
C SER A 247 44.88 50.73 -29.00
N GLN A 248 44.61 50.80 -30.28
CA GLN A 248 43.64 51.73 -30.80
C GLN A 248 42.24 51.13 -30.83
N HIS A 249 42.13 49.85 -30.56
CA HIS A 249 40.84 49.19 -30.63
C HIS A 249 40.75 48.11 -29.55
N ASN A 250 41.48 48.33 -28.46
CA ASN A 250 41.48 47.39 -27.34
C ASN A 250 40.31 47.73 -26.42
N ARG A 251 39.15 47.60 -26.95
CA ARG A 251 37.92 47.92 -26.30
C ARG A 251 36.91 46.92 -26.72
N VAL A 252 35.76 46.95 -26.09
CA VAL A 252 34.69 46.10 -26.52
C VAL A 252 34.31 46.52 -27.97
N VAL A 253 34.23 45.56 -28.88
CA VAL A 253 33.83 45.89 -30.24
C VAL A 253 32.34 45.66 -30.40
N TYR A 254 31.88 44.63 -29.74
CA TYR A 254 30.52 44.25 -29.74
C TYR A 254 30.30 43.48 -28.46
N GLN A 255 29.10 43.39 -28.01
CA GLN A 255 28.81 42.61 -26.85
C GLN A 255 27.68 41.66 -27.14
N ASN A 256 27.93 40.39 -26.91
CA ASN A 256 26.94 39.34 -27.19
C ASN A 256 25.61 39.53 -26.42
N PRO A 257 25.64 39.75 -25.07
CA PRO A 257 24.42 40.08 -24.33
C PRO A 257 24.21 41.62 -24.27
N PRO A 258 23.06 42.12 -24.71
CA PRO A 258 22.76 43.56 -24.66
C PRO A 258 22.69 44.08 -23.22
N ALA A 259 23.25 45.24 -23.02
CA ALA A 259 23.30 45.86 -21.72
C ALA A 259 21.90 46.16 -21.22
N GLY A 260 21.67 45.92 -19.96
CA GLY A 260 20.37 46.11 -19.39
C GLY A 260 19.62 44.80 -19.28
N THR A 261 20.20 43.74 -19.81
CA THR A 261 19.58 42.44 -19.81
C THR A 261 20.19 41.61 -18.68
N GLY A 262 19.49 40.56 -18.27
CA GLY A 262 20.03 39.66 -17.31
C GLY A 262 21.06 38.78 -17.97
N VAL A 263 22.22 38.75 -17.41
CA VAL A 263 23.29 37.94 -17.91
C VAL A 263 23.59 36.86 -16.91
N ASN A 264 23.90 35.68 -17.39
CA ASN A 264 24.27 34.53 -16.57
C ASN A 264 25.23 34.86 -15.42
N ARG A 265 25.14 34.07 -14.36
CA ARG A 265 25.95 34.20 -13.17
C ARG A 265 27.44 34.16 -13.47
N ASP A 266 27.80 33.50 -14.58
CA ASP A 266 29.20 33.44 -15.03
C ASP A 266 29.63 34.83 -15.38
N GLY A 267 28.74 35.52 -16.05
CA GLY A 267 29.00 36.84 -16.51
C GLY A 267 29.77 36.77 -17.79
N ILE A 268 29.72 35.62 -18.44
CA ILE A 268 30.50 35.43 -19.62
C ILE A 268 29.91 36.28 -20.74
N ILE A 269 30.72 37.20 -21.18
CA ILE A 269 30.33 38.12 -22.19
C ILE A 269 31.21 37.83 -23.36
N THR A 270 30.65 37.67 -24.51
CA THR A 270 31.50 37.50 -25.61
C THR A 270 31.66 38.85 -26.27
N LEU A 271 32.87 39.29 -26.20
CA LEU A 271 33.31 40.50 -26.80
C LEU A 271 34.67 40.21 -27.32
N ARG A 272 35.04 40.85 -28.35
CA ARG A 272 36.35 40.72 -28.87
C ARG A 272 36.89 42.07 -29.15
N PHE A 273 38.20 42.17 -29.19
CA PHE A 273 38.89 43.43 -29.31
C PHE A 273 39.97 43.36 -30.36
N GLY A 274 40.47 44.52 -30.73
CA GLY A 274 41.45 44.65 -31.77
C GLY A 274 42.81 44.04 -31.45
N GLN A 275 43.36 43.40 -32.50
CA GLN A 275 44.69 42.77 -32.53
C GLN A 275 45.15 42.09 -31.22
N GLY A 4 -40.11 -75.22 9.93
CA GLY A 4 -40.26 -74.25 8.86
C GLY A 4 -39.89 -72.88 9.33
N ILE A 5 -38.66 -72.51 9.11
CA ILE A 5 -38.17 -71.21 9.45
C ILE A 5 -38.48 -70.25 8.31
N THR A 6 -38.75 -69.01 8.62
CA THR A 6 -39.01 -68.03 7.62
C THR A 6 -37.66 -67.42 7.24
N ARG A 7 -37.54 -66.88 6.04
CA ARG A 7 -36.29 -66.28 5.64
C ARG A 7 -36.08 -64.97 6.38
N ASP A 8 -37.17 -64.38 6.83
CA ASP A 8 -37.07 -63.26 7.71
C ASP A 8 -36.91 -63.81 9.09
N VAL A 9 -35.91 -63.37 9.77
CA VAL A 9 -35.61 -63.87 11.07
C VAL A 9 -35.61 -62.72 12.05
N GLN A 10 -35.69 -63.03 13.30
CA GLN A 10 -35.67 -62.02 14.31
C GLN A 10 -34.25 -61.85 14.73
N VAL A 11 -33.82 -60.64 14.74
CA VAL A 11 -32.44 -60.34 14.97
C VAL A 11 -32.24 -59.98 16.44
N PRO A 12 -31.24 -60.60 17.10
CA PRO A 12 -30.96 -60.34 18.51
C PRO A 12 -30.41 -58.94 18.73
N ASP A 13 -31.02 -58.22 19.63
CA ASP A 13 -30.59 -56.90 19.94
C ASP A 13 -29.55 -56.95 21.02
N VAL A 14 -28.61 -56.07 20.92
CA VAL A 14 -27.46 -56.04 21.81
C VAL A 14 -27.28 -54.66 22.47
N ARG A 15 -28.36 -53.92 22.50
CA ARG A 15 -28.43 -52.61 23.18
C ARG A 15 -28.02 -52.68 24.65
N GLY A 16 -27.37 -51.63 25.11
CA GLY A 16 -26.91 -51.55 26.48
C GLY A 16 -25.43 -51.80 26.60
N GLN A 17 -24.79 -52.04 25.48
CA GLN A 17 -23.36 -52.23 25.42
C GLN A 17 -22.76 -51.04 24.68
N SER A 18 -21.66 -51.25 24.02
CA SER A 18 -21.03 -50.18 23.28
C SER A 18 -21.45 -50.33 21.84
N SER A 19 -21.30 -49.29 21.05
CA SER A 19 -21.65 -49.37 19.66
C SER A 19 -20.77 -50.39 18.95
N ALA A 20 -19.50 -50.43 19.33
CA ALA A 20 -18.55 -51.36 18.72
C ALA A 20 -18.92 -52.80 18.97
N ASP A 21 -19.27 -53.14 20.21
CA ASP A 21 -19.61 -54.53 20.55
C ASP A 21 -20.94 -54.89 19.89
N ALA A 22 -21.85 -53.94 19.94
CA ALA A 22 -23.17 -54.12 19.39
C ALA A 22 -23.11 -54.33 17.87
N ILE A 23 -22.41 -53.45 17.19
CA ILE A 23 -22.24 -53.53 15.74
C ILE A 23 -21.46 -54.78 15.36
N ALA A 24 -20.43 -55.12 16.15
CA ALA A 24 -19.60 -56.29 15.88
C ALA A 24 -20.44 -57.57 15.87
N THR A 25 -21.40 -57.63 16.76
CA THR A 25 -22.30 -58.77 16.85
C THR A 25 -23.16 -58.86 15.57
N LEU A 26 -23.75 -57.74 15.16
CA LEU A 26 -24.55 -57.69 13.95
C LEU A 26 -23.74 -57.99 12.70
N GLN A 27 -22.49 -57.53 12.66
CA GLN A 27 -21.59 -57.82 11.56
C GLN A 27 -21.32 -59.31 11.48
N ASN A 28 -21.21 -59.96 12.63
CA ASN A 28 -21.03 -61.42 12.70
C ASN A 28 -22.27 -62.15 12.24
N ARG A 29 -23.39 -61.47 12.29
CA ARG A 29 -24.63 -62.00 11.77
C ARG A 29 -24.76 -61.70 10.29
N GLY A 30 -23.92 -60.80 9.81
CA GLY A 30 -23.91 -60.49 8.40
C GLY A 30 -24.74 -59.29 8.06
N PHE A 31 -25.18 -58.60 9.07
CA PHE A 31 -25.98 -57.43 8.89
C PHE A 31 -25.12 -56.21 8.62
N LYS A 32 -25.72 -55.26 7.96
CA LYS A 32 -25.07 -54.04 7.63
C LYS A 32 -25.53 -53.02 8.63
N ILE A 33 -24.64 -52.29 9.19
CA ILE A 33 -25.05 -51.30 10.12
C ILE A 33 -24.61 -49.96 9.59
N ARG A 34 -25.38 -49.00 9.86
CA ARG A 34 -25.14 -47.67 9.51
C ARG A 34 -24.87 -46.93 10.78
N THR A 35 -23.82 -46.23 10.85
CA THR A 35 -23.51 -45.48 12.02
C THR A 35 -23.57 -44.01 11.64
N LEU A 36 -24.46 -43.29 12.24
CA LEU A 36 -24.63 -41.90 11.90
C LEU A 36 -24.17 -41.05 13.10
N GLN A 37 -23.17 -40.21 12.88
CA GLN A 37 -22.63 -39.37 13.93
C GLN A 37 -23.31 -38.02 13.89
N LYS A 38 -23.92 -37.63 14.98
CA LYS A 38 -24.54 -36.33 15.06
C LYS A 38 -24.03 -35.56 16.25
N PRO A 39 -23.42 -34.41 16.01
CA PRO A 39 -23.04 -33.49 17.07
C PRO A 39 -24.30 -32.89 17.67
N ASP A 40 -24.43 -32.97 19.00
CA ASP A 40 -25.61 -32.55 19.82
C ASP A 40 -25.70 -33.60 20.95
N SER A 41 -26.75 -33.58 21.73
CA SER A 41 -26.96 -34.53 22.80
C SER A 41 -28.40 -35.11 22.70
N THR A 42 -29.12 -34.71 21.66
CA THR A 42 -30.52 -35.13 21.45
C THR A 42 -30.60 -36.57 20.88
N ILE A 43 -29.46 -37.13 20.56
CA ILE A 43 -29.39 -38.45 19.96
C ILE A 43 -28.70 -39.41 20.91
N PRO A 44 -29.03 -40.73 20.84
CA PRO A 44 -28.44 -41.79 21.69
C PRO A 44 -26.91 -41.67 21.87
N PRO A 45 -26.42 -41.89 23.11
CA PRO A 45 -24.99 -41.82 23.44
C PRO A 45 -24.14 -42.81 22.64
N ASP A 46 -22.83 -42.56 22.58
CA ASP A 46 -21.85 -43.43 21.84
C ASP A 46 -21.87 -44.89 22.29
N HIS A 47 -22.58 -45.15 23.34
CA HIS A 47 -22.84 -46.50 23.79
C HIS A 47 -24.29 -46.72 23.57
N VAL A 48 -24.60 -47.82 22.96
CA VAL A 48 -25.93 -48.06 22.49
C VAL A 48 -26.89 -48.21 23.64
N ILE A 49 -27.86 -47.36 23.69
CA ILE A 49 -28.85 -47.44 24.71
C ILE A 49 -30.04 -48.22 24.17
N GLY A 50 -30.22 -48.13 22.88
CA GLY A 50 -31.30 -48.78 22.24
C GLY A 50 -30.90 -49.21 20.88
N THR A 51 -31.73 -49.98 20.27
CA THR A 51 -31.55 -50.44 18.92
C THR A 51 -32.74 -49.98 18.12
N ASP A 52 -32.77 -50.30 16.88
CA ASP A 52 -33.91 -49.94 16.09
C ASP A 52 -34.78 -51.16 15.93
N PRO A 53 -36.12 -51.02 16.12
CA PRO A 53 -37.10 -52.13 16.05
C PRO A 53 -37.02 -52.99 14.81
N ALA A 54 -36.30 -52.54 13.79
CA ALA A 54 -36.09 -53.32 12.57
C ALA A 54 -35.49 -54.68 12.92
N ALA A 55 -34.57 -54.68 13.89
CA ALA A 55 -33.92 -55.92 14.34
C ALA A 55 -34.91 -56.77 15.13
N ASN A 56 -35.80 -56.09 15.83
CA ASN A 56 -36.78 -56.74 16.68
C ASN A 56 -38.02 -57.13 15.88
N THR A 57 -37.95 -56.89 14.61
CA THR A 57 -38.93 -57.34 13.67
C THR A 57 -38.23 -58.44 12.86
N SER A 58 -38.97 -59.36 12.30
CA SER A 58 -38.35 -60.37 11.49
C SER A 58 -37.94 -59.77 10.14
N VAL A 59 -36.64 -59.68 9.92
CA VAL A 59 -36.11 -59.16 8.68
C VAL A 59 -35.17 -60.16 8.06
N SER A 60 -34.85 -59.97 6.82
CA SER A 60 -33.97 -60.86 6.12
C SER A 60 -32.52 -60.67 6.61
N ALA A 61 -31.75 -61.74 6.63
CA ALA A 61 -30.38 -61.67 7.06
C ALA A 61 -29.57 -60.83 6.08
N GLY A 62 -28.80 -59.91 6.61
CA GLY A 62 -28.00 -59.05 5.77
C GLY A 62 -28.75 -57.79 5.38
N ASP A 63 -29.51 -57.25 6.32
CA ASP A 63 -30.28 -56.03 6.08
C ASP A 63 -29.49 -54.87 6.71
N GLU A 64 -30.03 -53.67 6.70
CA GLU A 64 -29.35 -52.50 7.22
C GLU A 64 -30.00 -52.03 8.51
N ILE A 65 -29.22 -51.95 9.54
CA ILE A 65 -29.65 -51.43 10.82
C ILE A 65 -28.91 -50.12 11.04
N THR A 66 -29.57 -49.11 11.51
CA THR A 66 -28.93 -47.81 11.63
C THR A 66 -28.85 -47.37 13.11
N VAL A 67 -27.68 -46.92 13.53
CA VAL A 67 -27.44 -46.49 14.88
C VAL A 67 -27.10 -44.98 14.88
N ASN A 68 -27.69 -44.26 15.77
CA ASN A 68 -27.45 -42.84 15.88
C ASN A 68 -26.53 -42.58 17.04
N VAL A 69 -25.36 -42.07 16.74
CA VAL A 69 -24.34 -41.84 17.74
C VAL A 69 -24.23 -40.37 18.07
N SER A 70 -24.24 -40.06 19.35
CA SER A 70 -24.11 -38.73 19.83
C SER A 70 -22.63 -38.37 19.95
N THR A 71 -22.26 -37.32 19.30
CA THR A 71 -20.97 -36.75 19.45
C THR A 71 -21.18 -35.37 20.03
N GLY A 72 -20.35 -34.97 20.96
CA GLY A 72 -20.56 -33.73 21.71
C GLY A 72 -20.71 -32.44 20.88
N PRO A 73 -19.60 -31.73 20.65
CA PRO A 73 -19.62 -30.39 20.04
C PRO A 73 -20.11 -30.33 18.62
N GLU A 74 -21.03 -29.43 18.40
CA GLU A 74 -21.63 -29.18 17.14
C GLU A 74 -20.67 -28.47 16.20
N GLN A 75 -20.94 -28.60 14.92
CA GLN A 75 -20.18 -27.95 13.91
C GLN A 75 -20.87 -26.62 13.63
N ARG A 76 -20.13 -25.55 13.55
CA ARG A 76 -20.70 -24.23 13.32
C ARG A 76 -20.14 -23.66 12.07
N GLU A 77 -20.75 -22.65 11.59
CA GLU A 77 -20.37 -21.98 10.40
C GLU A 77 -19.95 -20.57 10.76
N ILE A 78 -18.93 -20.05 10.11
CA ILE A 78 -18.40 -18.74 10.46
C ILE A 78 -19.35 -17.65 9.89
N PRO A 79 -19.91 -16.78 10.77
CA PRO A 79 -20.86 -15.73 10.38
C PRO A 79 -20.26 -14.60 9.53
N ASP A 80 -21.12 -13.87 8.83
CA ASP A 80 -20.71 -12.73 8.00
C ASP A 80 -20.46 -11.53 8.89
N VAL A 81 -19.64 -10.62 8.42
CA VAL A 81 -19.32 -9.42 9.14
C VAL A 81 -18.68 -8.39 8.21
N SER A 82 -18.97 -7.13 8.44
CA SER A 82 -18.40 -6.07 7.67
C SER A 82 -16.98 -5.83 8.15
N THR A 83 -16.13 -5.37 7.26
CA THR A 83 -14.75 -5.17 7.53
C THR A 83 -14.52 -4.06 8.53
N LEU A 84 -15.46 -3.17 8.64
CA LEU A 84 -15.33 -2.09 9.55
C LEU A 84 -15.81 -2.43 10.95
N THR A 85 -16.48 -3.55 11.12
CA THR A 85 -16.98 -3.93 12.41
C THR A 85 -16.31 -5.18 12.99
N TYR A 86 -15.05 -5.07 13.37
CA TYR A 86 -14.32 -6.14 14.03
C TYR A 86 -14.99 -6.49 15.36
N ALA A 87 -15.48 -5.48 16.06
CA ALA A 87 -16.19 -5.69 17.32
C ALA A 87 -17.43 -6.60 17.11
N GLU A 88 -18.10 -6.44 15.97
CA GLU A 88 -19.25 -7.27 15.61
C GLU A 88 -18.77 -8.70 15.36
N ALA A 89 -17.59 -8.82 14.78
CA ALA A 89 -16.99 -10.11 14.52
C ALA A 89 -16.72 -10.84 15.82
N VAL A 90 -16.19 -10.09 16.78
CA VAL A 90 -15.87 -10.63 18.11
C VAL A 90 -17.12 -11.20 18.77
N LYS A 91 -18.20 -10.43 18.80
CA LYS A 91 -19.42 -10.89 19.41
C LYS A 91 -20.11 -12.02 18.63
N LYS A 92 -20.00 -12.00 17.30
CA LYS A 92 -20.55 -13.08 16.45
C LYS A 92 -19.86 -14.39 16.75
N LEU A 93 -18.53 -14.36 16.80
CA LEU A 93 -17.74 -15.55 17.08
C LEU A 93 -17.98 -16.06 18.49
N THR A 94 -18.23 -15.17 19.41
CA THR A 94 -18.50 -15.53 20.79
C THR A 94 -19.85 -16.25 20.91
N ALA A 95 -20.87 -15.69 20.28
CA ALA A 95 -22.22 -16.27 20.30
C ALA A 95 -22.28 -17.55 19.48
N ALA A 96 -21.28 -17.75 18.65
CA ALA A 96 -21.20 -18.94 17.82
C ALA A 96 -20.67 -20.14 18.62
N GLY A 97 -20.37 -19.92 19.90
CA GLY A 97 -19.93 -21.01 20.75
C GLY A 97 -18.51 -20.82 21.19
N PHE A 98 -17.59 -21.24 20.33
CA PHE A 98 -16.14 -21.09 20.50
C PHE A 98 -15.71 -19.73 21.07
N GLY A 99 -15.98 -18.66 20.35
CA GLY A 99 -15.56 -17.35 20.77
C GLY A 99 -14.05 -17.19 20.74
N ARG A 100 -13.42 -17.90 19.84
CA ARG A 100 -12.00 -17.82 19.69
C ARG A 100 -11.68 -17.05 18.44
N PHE A 101 -11.14 -15.90 18.63
CA PHE A 101 -10.78 -15.00 17.59
C PHE A 101 -9.37 -14.55 17.79
N LYS A 102 -8.76 -14.07 16.78
CA LYS A 102 -7.42 -13.56 16.86
C LYS A 102 -7.26 -12.51 15.78
N GLN A 103 -6.65 -11.41 16.13
CA GLN A 103 -6.44 -10.32 15.22
C GLN A 103 -5.00 -10.31 14.75
N ALA A 104 -4.83 -10.28 13.47
CA ALA A 104 -3.53 -10.16 12.87
C ALA A 104 -3.54 -8.90 12.04
N ASN A 105 -2.43 -8.25 11.91
CA ASN A 105 -2.37 -7.05 11.09
C ASN A 105 -1.29 -7.19 10.05
N SER A 106 -1.59 -6.73 8.88
CA SER A 106 -0.67 -6.77 7.79
C SER A 106 -0.58 -5.39 7.19
N PRO A 107 0.60 -4.95 6.76
CA PRO A 107 0.73 -3.68 6.12
C PRO A 107 0.21 -3.77 4.69
N SER A 108 -0.73 -2.96 4.38
CA SER A 108 -1.36 -2.96 3.10
C SER A 108 -1.71 -1.53 2.73
N THR A 109 -2.28 -1.35 1.55
CA THR A 109 -2.68 -0.06 1.05
C THR A 109 -3.51 0.73 2.09
N PRO A 110 -3.17 2.04 2.27
CA PRO A 110 -3.79 2.93 3.26
C PRO A 110 -5.32 2.93 3.23
N GLU A 111 -5.88 2.71 2.06
CA GLU A 111 -7.34 2.74 1.91
C GLU A 111 -8.06 1.60 2.68
N LEU A 112 -7.33 0.52 2.98
CA LEU A 112 -7.91 -0.60 3.75
C LEU A 112 -7.51 -0.53 5.22
N VAL A 113 -6.62 0.38 5.54
CA VAL A 113 -6.12 0.55 6.90
C VAL A 113 -7.24 0.89 7.88
N GLY A 114 -7.27 0.17 8.99
CA GLY A 114 -8.25 0.43 10.02
C GLY A 114 -9.45 -0.47 9.91
N LYS A 115 -9.55 -1.18 8.81
CA LYS A 115 -10.62 -2.08 8.60
C LYS A 115 -10.09 -3.48 8.45
N VAL A 116 -10.96 -4.43 8.54
CA VAL A 116 -10.63 -5.81 8.41
C VAL A 116 -10.44 -6.13 6.93
N ILE A 117 -9.52 -7.01 6.60
CA ILE A 117 -9.33 -7.40 5.22
C ILE A 117 -10.09 -8.71 5.01
N GLY A 118 -10.26 -9.43 6.09
CA GLY A 118 -11.04 -10.62 6.06
C GLY A 118 -10.62 -11.55 7.15
N THR A 119 -11.09 -12.74 7.05
CA THR A 119 -10.77 -13.79 7.93
C THR A 119 -10.03 -14.80 7.09
N ASN A 120 -8.95 -15.37 7.61
CA ASN A 120 -8.17 -16.30 6.80
C ASN A 120 -8.98 -17.57 6.51
N PRO A 121 -9.56 -18.27 7.54
CA PRO A 121 -10.52 -19.30 7.28
C PRO A 121 -11.79 -18.61 6.75
N PRO A 122 -12.29 -19.00 5.58
CA PRO A 122 -13.42 -18.32 4.96
C PRO A 122 -14.70 -18.38 5.79
N ALA A 123 -15.47 -17.32 5.74
CA ALA A 123 -16.80 -17.21 6.38
C ALA A 123 -17.83 -18.14 5.69
N ASN A 124 -17.33 -19.00 4.86
CA ASN A 124 -18.12 -19.95 4.12
C ASN A 124 -17.85 -21.33 4.67
N GLN A 125 -16.84 -21.42 5.52
CA GLN A 125 -16.44 -22.68 6.08
C GLN A 125 -17.00 -22.89 7.45
N THR A 126 -16.83 -24.07 7.94
CA THR A 126 -17.35 -24.47 9.17
C THR A 126 -16.26 -24.53 10.26
N SER A 127 -16.54 -23.92 11.36
CA SER A 127 -15.66 -23.85 12.47
C SER A 127 -16.20 -24.73 13.62
N ALA A 128 -15.31 -25.29 14.39
CA ALA A 128 -15.69 -26.10 15.54
C ALA A 128 -15.82 -25.20 16.78
N ILE A 129 -16.25 -25.77 17.90
CA ILE A 129 -16.46 -24.97 19.13
C ILE A 129 -15.11 -24.75 19.86
N THR A 130 -14.10 -25.39 19.36
CA THR A 130 -12.76 -25.20 19.89
C THR A 130 -11.89 -24.49 18.80
N ASN A 131 -12.52 -24.13 17.70
CA ASN A 131 -11.82 -23.59 16.56
C ASN A 131 -11.49 -22.11 16.74
N VAL A 132 -10.28 -21.74 16.41
CA VAL A 132 -9.84 -20.37 16.51
C VAL A 132 -9.88 -19.70 15.14
N VAL A 133 -10.56 -18.58 15.06
CA VAL A 133 -10.68 -17.86 13.80
C VAL A 133 -9.70 -16.68 13.79
N ILE A 134 -8.81 -16.67 12.83
CA ILE A 134 -7.84 -15.61 12.69
C ILE A 134 -8.34 -14.57 11.67
N ILE A 135 -8.50 -13.38 12.15
CA ILE A 135 -8.99 -12.27 11.39
C ILE A 135 -7.88 -11.24 11.19
N ILE A 136 -7.68 -10.85 9.97
CA ILE A 136 -6.59 -10.00 9.60
C ILE A 136 -7.06 -8.59 9.18
N VAL A 137 -6.48 -7.59 9.81
CA VAL A 137 -6.82 -6.18 9.57
C VAL A 137 -5.69 -5.47 8.83
N GLY A 138 -6.04 -4.46 8.08
CA GLY A 138 -5.07 -3.72 7.32
C GLY A 138 -4.45 -2.60 8.11
N SER A 139 -3.16 -2.50 8.05
CA SER A 139 -2.42 -1.45 8.69
C SER A 139 -1.43 -0.91 7.67
N GLY A 140 -0.93 0.27 7.88
CA GLY A 140 0.00 0.84 6.94
C GLY A 140 -0.09 2.34 6.96
N PRO A 141 1.01 3.04 6.68
CA PRO A 141 1.04 4.48 6.72
C PRO A 141 0.71 5.16 5.38
N ALA A 142 0.38 6.41 5.45
CA ALA A 142 0.11 7.24 4.30
C ALA A 142 1.32 8.14 4.08
N THR A 143 2.47 7.53 4.25
CA THR A 143 3.71 8.21 4.15
C THR A 143 4.50 7.64 3.01
N LYS A 144 5.38 8.42 2.45
CA LYS A 144 6.18 7.98 1.37
C LYS A 144 7.51 8.73 1.45
N ASP A 145 8.55 8.14 0.96
CA ASP A 145 9.86 8.73 0.90
C ASP A 145 9.93 9.66 -0.29
N ILE A 146 10.53 10.81 -0.10
CA ILE A 146 10.70 11.77 -1.17
C ILE A 146 11.97 11.47 -1.98
N PRO A 147 11.89 11.56 -3.31
CA PRO A 147 13.04 11.34 -4.18
C PRO A 147 13.83 12.63 -4.43
N ASP A 148 14.89 12.51 -5.21
CA ASP A 148 15.68 13.66 -5.59
C ASP A 148 15.03 14.29 -6.78
N VAL A 149 15.05 15.58 -6.84
CA VAL A 149 14.42 16.28 -7.93
C VAL A 149 15.30 17.46 -8.38
N ALA A 150 16.57 17.40 -8.01
CA ALA A 150 17.51 18.45 -8.30
C ALA A 150 17.87 18.46 -9.78
N GLY A 151 17.48 19.52 -10.45
CA GLY A 151 17.81 19.67 -11.82
C GLY A 151 16.60 19.66 -12.68
N GLN A 152 15.49 19.36 -12.08
CA GLN A 152 14.26 19.36 -12.79
C GLN A 152 13.53 20.64 -12.48
N THR A 153 12.54 20.96 -13.23
CA THR A 153 11.88 22.22 -13.04
C THR A 153 10.69 22.05 -12.08
N VAL A 154 10.18 23.17 -11.56
CA VAL A 154 9.08 23.18 -10.57
C VAL A 154 7.88 22.40 -11.07
N ASP A 155 7.59 22.56 -12.35
CA ASP A 155 6.46 21.88 -12.99
C ASP A 155 6.58 20.38 -12.87
N VAL A 156 7.78 19.88 -13.07
CA VAL A 156 8.03 18.46 -13.02
C VAL A 156 8.04 17.99 -11.58
N ALA A 157 8.67 18.77 -10.73
CA ALA A 157 8.80 18.44 -9.32
C ALA A 157 7.45 18.34 -8.63
N GLN A 158 6.62 19.33 -8.83
CA GLN A 158 5.29 19.38 -8.21
C GLN A 158 4.43 18.26 -8.76
N LYS A 159 4.60 17.99 -10.04
CA LYS A 159 3.89 16.96 -10.75
C LYS A 159 4.24 15.57 -10.24
N ASN A 160 5.54 15.27 -10.11
CA ASN A 160 6.00 13.93 -9.68
C ASN A 160 5.51 13.61 -8.30
N LEU A 161 5.70 14.55 -7.40
CA LEU A 161 5.29 14.38 -6.03
C LEU A 161 3.77 14.26 -5.92
N ASN A 162 3.05 15.01 -6.76
CA ASN A 162 1.59 14.98 -6.80
C ASN A 162 1.10 13.61 -7.17
N VAL A 163 1.79 12.97 -8.10
CA VAL A 163 1.50 11.62 -8.54
C VAL A 163 1.57 10.63 -7.37
N TYR A 164 2.52 10.86 -6.48
CA TYR A 164 2.70 9.96 -5.34
C TYR A 164 1.67 10.26 -4.25
N GLY A 165 1.13 11.47 -4.28
CA GLY A 165 0.12 11.83 -3.33
C GLY A 165 0.41 13.11 -2.58
N PHE A 166 1.54 13.70 -2.83
CA PHE A 166 1.95 14.88 -2.11
C PHE A 166 1.29 16.05 -2.77
N THR A 167 0.44 16.74 -2.05
CA THR A 167 -0.30 17.78 -2.69
C THR A 167 -0.01 19.16 -2.06
N LYS A 168 0.78 19.20 -1.00
CA LYS A 168 1.08 20.47 -0.36
C LYS A 168 2.54 20.84 -0.55
N PHE A 169 2.78 21.93 -1.25
CA PHE A 169 4.12 22.36 -1.62
C PHE A 169 4.37 23.79 -1.20
N SER A 170 5.62 24.09 -0.99
CA SER A 170 6.07 25.44 -0.75
C SER A 170 7.41 25.61 -1.47
N GLN A 171 7.64 26.75 -2.06
CA GLN A 171 8.85 26.98 -2.77
C GLN A 171 9.65 28.10 -2.13
N ALA A 172 10.93 27.91 -2.05
CA ALA A 172 11.84 28.90 -1.53
C ALA A 172 12.91 29.15 -2.59
N SER A 173 12.96 30.35 -3.10
CA SER A 173 13.89 30.66 -4.15
C SER A 173 15.14 31.34 -3.60
N VAL A 174 16.30 30.91 -4.09
CA VAL A 174 17.58 31.49 -3.69
C VAL A 174 18.33 31.83 -4.97
N ASP A 175 19.16 32.87 -4.97
CA ASP A 175 19.91 33.21 -6.18
C ASP A 175 21.08 32.27 -6.32
N SER A 176 21.29 31.80 -7.50
CA SER A 176 22.31 30.83 -7.78
C SER A 176 22.74 31.00 -9.25
N PRO A 177 23.70 30.21 -9.76
CA PRO A 177 24.03 30.23 -11.19
C PRO A 177 23.09 29.30 -11.99
N ARG A 178 22.17 28.63 -11.30
CA ARG A 178 21.24 27.74 -11.90
C ARG A 178 20.01 28.54 -12.31
N PRO A 179 19.42 28.27 -13.49
CA PRO A 179 18.27 29.04 -14.02
C PRO A 179 17.06 29.11 -13.08
N ALA A 180 16.28 30.17 -13.23
CA ALA A 180 15.15 30.42 -12.38
C ALA A 180 14.02 29.48 -12.73
N GLY A 181 13.66 28.64 -11.80
CA GLY A 181 12.59 27.71 -12.03
C GLY A 181 13.06 26.31 -11.94
N GLU A 182 14.35 26.15 -11.82
CA GLU A 182 14.92 24.85 -11.62
C GLU A 182 14.85 24.53 -10.13
N VAL A 183 14.55 23.32 -9.81
CA VAL A 183 14.50 22.93 -8.45
C VAL A 183 15.88 22.47 -8.05
N THR A 184 16.42 23.16 -7.10
CA THR A 184 17.73 22.88 -6.59
C THR A 184 17.68 21.68 -5.63
N GLY A 185 16.51 21.45 -5.08
CA GLY A 185 16.30 20.35 -4.21
C GLY A 185 15.19 20.63 -3.25
N THR A 186 15.10 19.87 -2.23
CA THR A 186 14.09 20.03 -1.24
C THR A 186 14.74 20.34 0.09
N ASN A 187 13.98 20.93 0.99
CA ASN A 187 14.48 21.23 2.32
C ASN A 187 14.83 19.93 3.07
N PRO A 188 13.90 18.96 3.24
CA PRO A 188 14.26 17.67 3.78
C PRO A 188 15.02 16.87 2.69
N PRO A 189 16.17 16.25 3.03
CA PRO A 189 16.96 15.47 2.05
C PRO A 189 16.18 14.27 1.50
N ALA A 190 16.60 13.82 0.33
CA ALA A 190 15.97 12.69 -0.34
C ALA A 190 16.00 11.45 0.54
N GLY A 191 14.94 10.71 0.50
CA GLY A 191 14.83 9.53 1.31
C GLY A 191 13.98 9.77 2.54
N THR A 192 13.77 11.04 2.87
CA THR A 192 12.97 11.40 4.01
C THR A 192 11.51 10.98 3.80
N THR A 193 11.02 10.20 4.71
CA THR A 193 9.68 9.74 4.68
C THR A 193 8.76 10.74 5.38
N VAL A 194 7.77 11.22 4.67
CA VAL A 194 6.79 12.13 5.20
C VAL A 194 5.41 11.70 4.70
N PRO A 195 4.33 12.03 5.41
CA PRO A 195 2.96 11.77 4.94
C PRO A 195 2.70 12.50 3.65
N VAL A 196 1.95 11.87 2.75
CA VAL A 196 1.62 12.44 1.45
C VAL A 196 0.80 13.73 1.58
N ASP A 197 0.19 13.88 2.72
CA ASP A 197 -0.65 15.03 3.00
C ASP A 197 0.18 16.18 3.64
N SER A 198 1.42 15.91 3.94
CA SER A 198 2.25 16.91 4.54
C SER A 198 2.85 17.86 3.49
N VAL A 199 3.40 18.96 3.96
CA VAL A 199 3.93 19.98 3.09
C VAL A 199 5.43 19.75 2.87
N ILE A 200 5.82 19.76 1.63
CA ILE A 200 7.22 19.67 1.30
C ILE A 200 7.70 20.99 0.70
N GLU A 201 8.84 21.43 1.15
CA GLU A 201 9.41 22.67 0.74
C GLU A 201 10.52 22.43 -0.25
N LEU A 202 10.38 22.98 -1.42
CA LEU A 202 11.33 22.85 -2.50
C LEU A 202 12.12 24.14 -2.65
N GLN A 203 13.42 24.02 -2.79
CA GLN A 203 14.26 25.16 -3.06
C GLN A 203 14.38 25.33 -4.56
N VAL A 204 14.02 26.47 -5.01
CA VAL A 204 14.04 26.79 -6.41
C VAL A 204 15.16 27.76 -6.68
N SER A 205 15.97 27.46 -7.62
CA SER A 205 17.03 28.31 -7.99
C SER A 205 16.57 29.50 -8.81
N LYS A 206 17.17 30.63 -8.52
CA LYS A 206 17.05 31.80 -9.30
C LYS A 206 18.34 31.95 -10.08
N GLY A 207 18.23 32.20 -11.38
CA GLY A 207 19.41 32.30 -12.22
C GLY A 207 20.20 33.52 -11.92
N ASN A 208 19.48 34.56 -11.48
CA ASN A 208 20.04 35.83 -11.00
C ASN A 208 20.63 36.61 -12.17
N GLN A 209 20.36 36.13 -13.33
CA GLN A 209 20.87 36.71 -14.52
C GLN A 209 19.74 37.11 -15.44
N PHE A 210 19.94 38.18 -16.13
CA PHE A 210 18.98 38.68 -17.07
C PHE A 210 19.66 38.79 -18.41
N VAL A 211 18.90 38.59 -19.47
CA VAL A 211 19.44 38.52 -20.81
C VAL A 211 19.93 39.87 -21.31
N MET A 212 21.20 39.94 -21.65
CA MET A 212 21.81 41.15 -22.14
C MET A 212 21.88 41.15 -23.68
N PRO A 213 21.47 42.26 -24.32
CA PRO A 213 21.59 42.46 -25.78
C PRO A 213 23.08 42.55 -26.21
N ASP A 214 23.32 42.53 -27.50
CA ASP A 214 24.66 42.62 -28.03
C ASP A 214 25.21 44.03 -27.87
N LEU A 215 26.41 44.11 -27.38
CA LEU A 215 27.13 45.35 -27.21
C LEU A 215 28.42 45.29 -28.02
N SER A 216 28.65 44.14 -28.59
CA SER A 216 29.82 43.88 -29.38
C SER A 216 29.63 44.47 -30.80
N GLY A 217 30.74 44.87 -31.40
CA GLY A 217 30.69 45.44 -32.73
C GLY A 217 30.11 46.83 -32.71
N MET A 218 30.48 47.59 -31.71
CA MET A 218 30.00 48.94 -31.52
C MET A 218 31.12 49.71 -30.93
N PHE A 219 31.11 51.01 -31.05
CA PHE A 219 32.15 51.79 -30.48
C PHE A 219 31.85 52.06 -29.04
N TRP A 220 32.88 52.32 -28.25
CA TRP A 220 32.71 52.57 -26.84
C TRP A 220 31.93 53.86 -26.63
N VAL A 221 31.96 54.73 -27.64
CA VAL A 221 31.23 55.97 -27.60
C VAL A 221 29.72 55.72 -27.77
N ASP A 222 29.39 54.50 -28.16
CA ASP A 222 28.01 54.06 -28.27
C ASP A 222 27.67 53.23 -27.06
N ALA A 223 28.63 52.41 -26.65
CA ALA A 223 28.49 51.55 -25.49
C ALA A 223 28.25 52.35 -24.21
N GLU A 224 28.97 53.47 -24.10
CA GLU A 224 28.89 54.35 -22.95
C GLU A 224 27.41 54.84 -22.72
N PRO A 225 26.75 55.54 -23.69
CA PRO A 225 25.34 55.92 -23.54
C PRO A 225 24.40 54.70 -23.39
N ARG A 226 24.76 53.57 -24.01
CA ARG A 226 23.95 52.35 -23.88
C ARG A 226 23.95 51.84 -22.44
N LEU A 227 25.11 51.85 -21.81
CA LEU A 227 25.21 51.38 -20.44
C LEU A 227 24.46 52.32 -19.51
N ARG A 228 24.53 53.62 -19.81
CA ARG A 228 23.78 54.61 -19.06
C ARG A 228 22.27 54.42 -19.25
N ALA A 229 21.89 54.02 -20.46
CA ALA A 229 20.48 53.78 -20.79
C ALA A 229 19.94 52.58 -20.05
N LEU A 230 20.83 51.68 -19.69
CA LEU A 230 20.47 50.49 -18.95
C LEU A 230 20.60 50.73 -17.44
N GLY A 231 21.16 51.87 -17.08
CA GLY A 231 21.41 52.18 -15.68
C GLY A 231 22.43 51.24 -15.10
N TRP A 232 23.46 50.97 -15.87
CA TRP A 232 24.46 50.02 -15.50
C TRP A 232 25.45 50.58 -14.48
N THR A 233 25.76 49.78 -13.51
CA THR A 233 26.77 50.07 -12.53
C THR A 233 27.36 48.74 -12.03
N GLY A 234 28.50 48.40 -12.55
CA GLY A 234 29.16 47.18 -12.18
C GLY A 234 30.63 47.42 -12.08
N MET A 235 31.40 46.72 -12.86
CA MET A 235 32.82 46.93 -12.89
C MET A 235 33.28 47.08 -14.32
N LEU A 236 33.94 48.18 -14.58
CA LEU A 236 34.47 48.47 -15.88
C LEU A 236 35.96 48.32 -15.74
N ASP A 237 36.56 47.57 -16.62
CA ASP A 237 37.98 47.37 -16.57
C ASP A 237 38.61 48.19 -17.64
N LYS A 238 39.40 49.14 -17.26
CA LYS A 238 40.01 50.03 -18.18
C LYS A 238 41.32 49.46 -18.67
N GLY A 239 41.46 49.35 -19.97
CA GLY A 239 42.67 48.90 -20.55
C GLY A 239 43.42 50.05 -21.14
N ALA A 240 44.60 49.80 -21.61
CA ALA A 240 45.44 50.82 -22.20
C ALA A 240 45.12 50.94 -23.68
N ASP A 241 45.39 52.10 -24.24
CA ASP A 241 45.14 52.32 -25.65
C ASP A 241 46.14 51.52 -26.46
N VAL A 242 45.63 50.70 -27.34
CA VAL A 242 46.45 49.88 -28.22
C VAL A 242 45.98 50.08 -29.65
N ASP A 243 46.84 50.61 -30.46
CA ASP A 243 46.49 50.82 -31.84
C ASP A 243 46.75 49.52 -32.59
N ALA A 244 45.72 48.97 -33.16
CA ALA A 244 45.88 47.72 -33.88
C ALA A 244 45.01 47.66 -35.12
N GLY A 245 44.40 48.77 -35.45
CA GLY A 245 43.57 48.81 -36.63
C GLY A 245 42.19 49.29 -36.33
N GLY A 246 41.35 49.29 -37.35
CA GLY A 246 39.98 49.77 -37.23
C GLY A 246 39.15 48.95 -36.28
N SER A 247 39.32 47.63 -36.33
CA SER A 247 38.59 46.71 -35.48
C SER A 247 38.91 46.93 -34.00
N GLN A 248 40.05 47.51 -33.72
CA GLN A 248 40.46 47.80 -32.36
C GLN A 248 40.34 49.28 -32.03
N HIS A 249 39.94 50.08 -32.96
CA HIS A 249 39.89 51.52 -32.72
C HIS A 249 38.58 51.91 -32.04
N ASN A 250 38.68 52.28 -30.77
CA ASN A 250 37.59 52.77 -29.88
C ASN A 250 36.39 51.79 -29.72
N ARG A 251 36.44 50.67 -30.34
CA ARG A 251 35.29 49.79 -30.34
C ARG A 251 35.46 48.56 -29.50
N VAL A 252 34.33 48.02 -29.10
CA VAL A 252 34.25 46.82 -28.31
C VAL A 252 34.70 45.64 -29.15
N VAL A 253 35.58 44.85 -28.61
CA VAL A 253 36.14 43.74 -29.36
C VAL A 253 35.21 42.55 -29.25
N TYR A 254 34.85 42.25 -28.05
CA TYR A 254 33.99 41.15 -27.74
C TYR A 254 33.33 41.49 -26.44
N GLN A 255 32.29 40.81 -26.13
CA GLN A 255 31.64 40.96 -24.87
C GLN A 255 31.78 39.66 -24.12
N ASN A 256 32.27 39.75 -22.88
CA ASN A 256 32.47 38.56 -22.02
C ASN A 256 31.24 37.61 -22.01
N PRO A 257 30.04 38.08 -21.60
CA PRO A 257 28.84 37.30 -21.79
C PRO A 257 28.29 37.58 -23.19
N PRO A 258 28.16 36.55 -24.03
CA PRO A 258 27.70 36.73 -25.41
C PRO A 258 26.27 37.27 -25.50
N ALA A 259 25.95 37.81 -26.66
CA ALA A 259 24.65 38.40 -26.93
C ALA A 259 23.55 37.37 -26.73
N GLY A 260 22.57 37.73 -25.93
CA GLY A 260 21.46 36.84 -25.71
C GLY A 260 21.68 35.95 -24.51
N THR A 261 22.81 36.09 -23.89
CA THR A 261 23.13 35.34 -22.71
C THR A 261 22.86 36.23 -21.47
N GLY A 262 22.71 35.62 -20.31
CA GLY A 262 22.36 36.34 -19.11
C GLY A 262 23.55 36.89 -18.35
N VAL A 263 23.37 38.07 -17.80
CA VAL A 263 24.35 38.73 -16.96
C VAL A 263 23.82 38.82 -15.54
N ASN A 264 24.70 38.66 -14.56
CA ASN A 264 24.36 38.68 -13.13
C ASN A 264 23.71 39.99 -12.67
N ARG A 265 23.30 40.02 -11.40
CA ARG A 265 22.67 41.21 -10.79
C ARG A 265 23.60 42.44 -10.82
N ASP A 266 24.91 42.20 -10.84
CA ASP A 266 25.87 43.29 -10.99
C ASP A 266 25.84 43.78 -12.41
N GLY A 267 25.59 42.85 -13.32
CA GLY A 267 25.54 43.20 -14.71
C GLY A 267 26.92 43.32 -15.27
N ILE A 268 27.89 42.69 -14.61
CA ILE A 268 29.28 42.96 -14.94
C ILE A 268 29.64 42.42 -16.33
N ILE A 269 30.04 43.35 -17.16
CA ILE A 269 30.41 43.12 -18.53
C ILE A 269 31.88 43.46 -18.74
N THR A 270 32.61 42.53 -19.27
CA THR A 270 33.96 42.79 -19.64
C THR A 270 34.03 43.01 -21.14
N LEU A 271 34.46 44.20 -21.50
CA LEU A 271 34.59 44.64 -22.87
C LEU A 271 35.93 45.26 -23.01
N ARG A 272 36.46 45.20 -24.18
CA ARG A 272 37.73 45.77 -24.43
C ARG A 272 37.67 46.61 -25.66
N PHE A 273 38.36 47.69 -25.60
CA PHE A 273 38.55 48.58 -26.71
C PHE A 273 40.04 48.80 -26.84
N GLY A 274 40.52 48.90 -28.05
CA GLY A 274 41.94 49.04 -28.26
C GLY A 274 42.39 50.47 -28.19
N GLN A 275 42.37 51.14 -29.30
CA GLN A 275 42.80 52.52 -29.35
C GLN A 275 41.64 53.44 -29.02
N GLY A 4 -51.99 -68.65 16.71
CA GLY A 4 -52.76 -67.93 17.72
C GLY A 4 -51.85 -67.16 18.64
N ILE A 5 -51.25 -67.86 19.57
CA ILE A 5 -50.30 -67.25 20.45
C ILE A 5 -48.98 -67.05 19.70
N THR A 6 -48.41 -65.90 19.83
CA THR A 6 -47.22 -65.56 19.19
C THR A 6 -46.02 -66.07 19.96
N ARG A 7 -44.92 -66.26 19.28
CA ARG A 7 -43.73 -66.71 19.94
C ARG A 7 -42.87 -65.49 20.20
N ASP A 8 -43.32 -64.72 21.15
CA ASP A 8 -42.66 -63.48 21.51
C ASP A 8 -41.51 -63.74 22.43
N VAL A 9 -40.52 -62.92 22.33
CA VAL A 9 -39.35 -63.00 23.16
C VAL A 9 -38.98 -61.61 23.58
N GLN A 10 -38.17 -61.48 24.57
CA GLN A 10 -37.72 -60.18 24.93
C GLN A 10 -36.42 -59.99 24.23
N VAL A 11 -36.21 -58.83 23.71
CA VAL A 11 -35.13 -58.59 22.83
C VAL A 11 -33.95 -58.07 23.64
N PRO A 12 -32.75 -58.70 23.47
CA PRO A 12 -31.58 -58.37 24.28
C PRO A 12 -31.15 -56.93 24.12
N ASP A 13 -31.16 -56.25 25.21
CA ASP A 13 -30.83 -54.85 25.24
C ASP A 13 -29.32 -54.73 25.41
N VAL A 14 -28.63 -54.81 24.30
CA VAL A 14 -27.17 -54.83 24.27
C VAL A 14 -26.56 -53.44 24.13
N ARG A 15 -27.37 -52.43 24.37
CA ARG A 15 -26.91 -51.06 24.34
C ARG A 15 -25.90 -50.75 25.44
N GLY A 16 -25.01 -49.86 25.14
CA GLY A 16 -23.88 -49.59 25.98
C GLY A 16 -22.63 -50.14 25.33
N GLN A 17 -22.81 -50.78 24.19
CA GLN A 17 -21.73 -51.24 23.37
C GLN A 17 -21.68 -50.38 22.12
N SER A 18 -21.09 -50.86 21.08
CA SER A 18 -20.92 -50.06 19.89
C SER A 18 -22.09 -50.25 18.97
N SER A 19 -22.28 -49.32 18.05
CA SER A 19 -23.34 -49.41 17.08
C SER A 19 -23.24 -50.71 16.30
N ALA A 20 -22.03 -51.03 15.85
CA ALA A 20 -21.79 -52.23 15.08
C ALA A 20 -22.05 -53.49 15.88
N ASP A 21 -21.57 -53.58 17.12
CA ASP A 21 -21.77 -54.80 17.92
C ASP A 21 -23.24 -54.98 18.24
N ALA A 22 -23.87 -53.90 18.63
CA ALA A 22 -25.25 -53.92 19.02
C ALA A 22 -26.16 -54.31 17.85
N ILE A 23 -25.96 -53.68 16.69
CA ILE A 23 -26.75 -53.98 15.50
C ILE A 23 -26.47 -55.40 15.02
N ALA A 24 -25.19 -55.80 15.04
CA ALA A 24 -24.79 -57.12 14.58
C ALA A 24 -25.47 -58.21 15.40
N THR A 25 -25.51 -58.02 16.71
CA THR A 25 -26.10 -58.99 17.61
C THR A 25 -27.60 -59.17 17.34
N LEU A 26 -28.32 -58.06 17.21
CA LEU A 26 -29.75 -58.13 16.92
C LEU A 26 -30.02 -58.74 15.56
N GLN A 27 -29.22 -58.36 14.58
CA GLN A 27 -29.37 -58.85 13.21
C GLN A 27 -29.13 -60.37 13.15
N ASN A 28 -28.16 -60.84 13.94
CA ASN A 28 -27.87 -62.27 14.04
C ASN A 28 -29.03 -63.02 14.67
N ARG A 29 -29.75 -62.35 15.55
CA ARG A 29 -30.93 -62.92 16.20
C ARG A 29 -32.15 -62.84 15.30
N GLY A 30 -32.01 -62.14 14.21
CA GLY A 30 -33.09 -62.05 13.25
C GLY A 30 -33.88 -60.78 13.38
N PHE A 31 -33.49 -59.94 14.33
CA PHE A 31 -34.14 -58.71 14.52
C PHE A 31 -33.68 -57.73 13.48
N LYS A 32 -34.55 -56.86 13.09
CA LYS A 32 -34.23 -55.89 12.10
C LYS A 32 -33.93 -54.62 12.84
N ILE A 33 -33.01 -53.85 12.37
CA ILE A 33 -32.69 -52.63 13.04
C ILE A 33 -32.72 -51.51 12.05
N ARG A 34 -33.22 -50.43 12.48
CA ARG A 34 -33.25 -49.22 11.73
C ARG A 34 -32.28 -48.33 12.42
N THR A 35 -31.40 -47.79 11.70
CA THR A 35 -30.37 -46.99 12.27
C THR A 35 -30.56 -45.57 11.75
N LEU A 36 -30.60 -44.63 12.65
CA LEU A 36 -30.76 -43.25 12.28
C LEU A 36 -29.46 -42.52 12.59
N GLN A 37 -28.85 -41.93 11.58
CA GLN A 37 -27.58 -41.24 11.72
C GLN A 37 -27.82 -39.77 11.91
N LYS A 38 -27.17 -39.19 12.86
CA LYS A 38 -27.22 -37.75 13.05
C LYS A 38 -25.82 -37.24 13.32
N PRO A 39 -25.37 -36.16 12.68
CA PRO A 39 -24.08 -35.59 12.99
C PRO A 39 -24.19 -34.51 14.07
N ASP A 40 -23.37 -34.67 15.11
CA ASP A 40 -23.29 -33.82 16.32
C ASP A 40 -22.81 -34.79 17.40
N SER A 41 -22.91 -34.45 18.65
CA SER A 41 -22.49 -35.34 19.69
C SER A 41 -23.45 -35.28 20.90
N THR A 42 -24.52 -34.48 20.79
CA THR A 42 -25.46 -34.35 21.90
C THR A 42 -26.54 -35.44 21.81
N ILE A 43 -26.50 -36.14 20.72
CA ILE A 43 -27.40 -37.22 20.48
C ILE A 43 -26.59 -38.49 20.59
N PRO A 44 -27.25 -39.61 20.97
CA PRO A 44 -26.63 -40.93 21.15
C PRO A 44 -25.33 -41.18 20.37
N PRO A 45 -24.21 -41.33 21.10
CA PRO A 45 -22.87 -41.55 20.52
C PRO A 45 -22.78 -42.83 19.71
N ASP A 46 -21.75 -42.97 18.89
CA ASP A 46 -21.52 -44.17 18.05
C ASP A 46 -21.46 -45.48 18.90
N HIS A 47 -21.42 -45.29 20.19
CA HIS A 47 -21.60 -46.36 21.12
C HIS A 47 -22.99 -46.16 21.62
N VAL A 48 -23.83 -47.05 21.26
CA VAL A 48 -25.24 -46.89 21.45
C VAL A 48 -25.63 -46.78 22.91
N ILE A 49 -26.21 -45.67 23.25
CA ILE A 49 -26.57 -45.39 24.61
C ILE A 49 -27.99 -45.86 24.90
N GLY A 50 -28.81 -45.87 23.88
CA GLY A 50 -30.19 -46.17 24.10
C GLY A 50 -30.82 -46.91 22.97
N THR A 51 -31.92 -47.50 23.28
CA THR A 51 -32.71 -48.32 22.40
C THR A 51 -34.16 -47.89 22.50
N ASP A 52 -34.99 -48.62 21.83
CA ASP A 52 -36.41 -48.35 21.81
C ASP A 52 -37.06 -49.34 22.75
N PRO A 53 -38.00 -48.87 23.63
CA PRO A 53 -38.69 -49.70 24.64
C PRO A 53 -39.24 -51.03 24.12
N ALA A 54 -39.52 -51.09 22.84
CA ALA A 54 -40.06 -52.29 22.20
C ALA A 54 -39.11 -53.47 22.34
N ALA A 55 -37.82 -53.18 22.44
CA ALA A 55 -36.82 -54.22 22.62
C ALA A 55 -36.89 -54.78 24.04
N ASN A 56 -37.22 -53.92 24.98
CA ASN A 56 -37.29 -54.27 26.39
C ASN A 56 -38.67 -54.82 26.70
N THR A 57 -39.50 -54.82 25.70
CA THR A 57 -40.80 -55.42 25.75
C THR A 57 -40.69 -56.76 25.02
N SER A 58 -41.50 -57.73 25.37
CA SER A 58 -41.46 -58.96 24.64
C SER A 58 -42.25 -58.81 23.35
N VAL A 59 -41.56 -58.84 22.23
CA VAL A 59 -42.20 -58.74 20.95
C VAL A 59 -41.90 -59.97 20.12
N SER A 60 -42.60 -60.11 19.02
CA SER A 60 -42.39 -61.21 18.12
C SER A 60 -40.97 -61.18 17.54
N ALA A 61 -40.33 -62.33 17.55
CA ALA A 61 -38.94 -62.47 17.14
C ALA A 61 -38.71 -62.10 15.68
N GLY A 62 -37.99 -61.02 15.48
CA GLY A 62 -37.67 -60.60 14.14
C GLY A 62 -38.19 -59.23 13.80
N ASP A 63 -38.76 -58.54 14.79
CA ASP A 63 -39.34 -57.19 14.58
C ASP A 63 -38.22 -56.13 14.31
N GLU A 64 -38.62 -54.88 14.10
CA GLU A 64 -37.70 -53.82 13.73
C GLU A 64 -37.47 -52.87 14.91
N ILE A 65 -36.23 -52.71 15.30
CA ILE A 65 -35.86 -51.83 16.38
C ILE A 65 -35.05 -50.66 15.81
N THR A 66 -35.41 -49.45 16.15
CA THR A 66 -34.72 -48.27 15.66
C THR A 66 -33.68 -47.78 16.69
N VAL A 67 -32.49 -47.50 16.22
CA VAL A 67 -31.41 -47.04 17.02
C VAL A 67 -30.91 -45.69 16.49
N ASN A 68 -30.69 -44.76 17.38
CA ASN A 68 -30.10 -43.49 17.01
C ASN A 68 -28.62 -43.54 17.27
N VAL A 69 -27.85 -43.16 16.29
CA VAL A 69 -26.41 -43.17 16.41
C VAL A 69 -25.83 -41.90 15.76
N SER A 70 -24.82 -41.33 16.35
CA SER A 70 -24.24 -40.14 15.81
C SER A 70 -22.97 -40.44 15.04
N THR A 71 -22.97 -40.07 13.81
CA THR A 71 -21.81 -40.08 13.01
C THR A 71 -21.57 -38.67 12.50
N GLY A 72 -20.43 -38.10 12.81
CA GLY A 72 -20.15 -36.78 12.32
C GLY A 72 -19.89 -35.80 13.43
N PRO A 73 -18.88 -34.93 13.29
CA PRO A 73 -18.54 -33.93 14.29
C PRO A 73 -19.52 -32.76 14.30
N GLU A 74 -19.54 -32.09 15.44
CA GLU A 74 -20.33 -30.91 15.69
C GLU A 74 -19.74 -29.70 14.97
N GLN A 75 -20.52 -28.66 14.86
CA GLN A 75 -20.02 -27.43 14.28
C GLN A 75 -19.52 -26.53 15.41
N ARG A 76 -18.64 -25.62 15.11
CA ARG A 76 -18.08 -24.73 16.11
C ARG A 76 -18.33 -23.30 15.76
N GLU A 77 -18.38 -22.49 16.76
CA GLU A 77 -18.60 -21.07 16.56
C GLU A 77 -17.29 -20.36 16.43
N ILE A 78 -17.24 -19.43 15.51
CA ILE A 78 -16.07 -18.63 15.35
C ILE A 78 -16.18 -17.47 16.33
N PRO A 79 -15.18 -17.25 17.17
CA PRO A 79 -15.09 -16.05 17.98
C PRO A 79 -14.72 -14.84 17.12
N ASP A 80 -15.29 -13.69 17.38
CA ASP A 80 -14.86 -12.49 16.68
C ASP A 80 -13.61 -11.98 17.36
N VAL A 81 -12.53 -11.99 16.64
CA VAL A 81 -11.24 -11.64 17.16
C VAL A 81 -10.86 -10.27 16.60
N SER A 82 -10.03 -9.54 17.31
CA SER A 82 -9.59 -8.25 16.87
C SER A 82 -8.72 -8.35 15.60
N THR A 83 -8.72 -7.31 14.81
CA THR A 83 -8.08 -7.31 13.50
C THR A 83 -6.55 -7.40 13.56
N LEU A 84 -5.95 -6.93 14.62
CA LEU A 84 -4.51 -7.05 14.78
C LEU A 84 -4.13 -8.36 15.44
N THR A 85 -5.10 -9.04 15.95
CA THR A 85 -4.90 -10.25 16.69
C THR A 85 -5.09 -11.50 15.76
N TYR A 86 -4.65 -11.37 14.50
CA TYR A 86 -4.73 -12.45 13.49
C TYR A 86 -4.10 -13.77 13.98
N ALA A 87 -2.99 -13.67 14.70
CA ALA A 87 -2.32 -14.85 15.23
C ALA A 87 -3.24 -15.63 16.20
N GLU A 88 -3.98 -14.92 17.02
CA GLU A 88 -4.93 -15.56 17.91
C GLU A 88 -6.10 -16.10 17.10
N ALA A 89 -6.47 -15.40 16.05
CA ALA A 89 -7.58 -15.81 15.19
C ALA A 89 -7.31 -17.18 14.57
N VAL A 90 -6.14 -17.36 13.95
CA VAL A 90 -5.78 -18.66 13.38
C VAL A 90 -5.74 -19.74 14.47
N LYS A 91 -5.27 -19.35 15.64
CA LYS A 91 -5.25 -20.20 16.83
C LYS A 91 -6.69 -20.62 17.21
N LYS A 92 -7.60 -19.67 17.26
CA LYS A 92 -8.99 -19.95 17.61
C LYS A 92 -9.66 -20.83 16.58
N LEU A 93 -9.36 -20.60 15.33
CA LEU A 93 -9.87 -21.40 14.24
C LEU A 93 -9.35 -22.83 14.32
N THR A 94 -8.10 -22.97 14.74
CA THR A 94 -7.49 -24.28 14.91
C THR A 94 -8.14 -25.00 16.12
N ALA A 95 -8.33 -24.26 17.20
CA ALA A 95 -8.94 -24.77 18.42
C ALA A 95 -10.40 -25.16 18.18
N ALA A 96 -10.97 -24.57 17.15
CA ALA A 96 -12.33 -24.84 16.76
C ALA A 96 -12.44 -26.12 15.91
N GLY A 97 -11.35 -26.83 15.75
CA GLY A 97 -11.39 -28.09 15.07
C GLY A 97 -10.91 -27.99 13.64
N PHE A 98 -11.74 -27.41 12.78
CA PHE A 98 -11.40 -27.16 11.38
C PHE A 98 -9.98 -26.63 11.17
N GLY A 99 -9.68 -25.48 11.75
CA GLY A 99 -8.38 -24.87 11.58
C GLY A 99 -8.06 -24.56 10.14
N ARG A 100 -9.08 -24.30 9.36
CA ARG A 100 -8.91 -24.03 7.97
C ARG A 100 -9.02 -22.54 7.75
N PHE A 101 -7.92 -21.93 7.43
CA PHE A 101 -7.84 -20.50 7.24
C PHE A 101 -6.95 -20.15 6.08
N LYS A 102 -7.34 -19.14 5.37
CA LYS A 102 -6.59 -18.66 4.24
C LYS A 102 -6.42 -17.16 4.37
N GLN A 103 -5.21 -16.70 4.37
CA GLN A 103 -4.93 -15.27 4.41
C GLN A 103 -4.82 -14.75 3.00
N ALA A 104 -5.54 -13.72 2.74
CA ALA A 104 -5.49 -13.02 1.49
C ALA A 104 -5.00 -11.64 1.79
N ASN A 105 -4.16 -11.13 0.96
CA ASN A 105 -3.59 -9.82 1.18
C ASN A 105 -4.04 -8.91 0.10
N SER A 106 -4.53 -7.78 0.46
CA SER A 106 -4.98 -6.84 -0.50
C SER A 106 -4.41 -5.48 -0.17
N PRO A 107 -3.98 -4.70 -1.17
CA PRO A 107 -3.55 -3.36 -0.93
C PRO A 107 -4.74 -2.47 -0.60
N SER A 108 -4.69 -1.87 0.55
CA SER A 108 -5.78 -1.10 1.06
C SER A 108 -5.27 0.12 1.80
N THR A 109 -6.20 0.91 2.31
CA THR A 109 -5.93 2.12 3.06
C THR A 109 -4.93 1.84 4.22
N PRO A 110 -3.96 2.79 4.42
CA PRO A 110 -2.84 2.65 5.39
C PRO A 110 -3.27 2.28 6.79
N GLU A 111 -4.45 2.70 7.16
CA GLU A 111 -4.94 2.46 8.50
C GLU A 111 -5.33 0.99 8.74
N LEU A 112 -5.57 0.25 7.68
CA LEU A 112 -5.90 -1.17 7.79
C LEU A 112 -4.70 -2.04 7.48
N VAL A 113 -3.62 -1.42 7.01
CA VAL A 113 -2.41 -2.14 6.71
C VAL A 113 -1.85 -2.80 7.96
N GLY A 114 -1.59 -4.08 7.86
CA GLY A 114 -1.04 -4.85 8.95
C GLY A 114 -2.14 -5.51 9.77
N LYS A 115 -3.36 -5.10 9.54
CA LYS A 115 -4.47 -5.60 10.27
C LYS A 115 -5.33 -6.46 9.37
N VAL A 116 -6.20 -7.20 9.96
CA VAL A 116 -7.20 -7.93 9.25
C VAL A 116 -8.29 -6.93 8.83
N ILE A 117 -8.88 -7.11 7.69
CA ILE A 117 -9.95 -6.25 7.26
C ILE A 117 -11.25 -6.94 7.61
N GLY A 118 -11.21 -8.25 7.57
CA GLY A 118 -12.32 -9.03 7.95
C GLY A 118 -12.23 -10.41 7.38
N THR A 119 -13.21 -11.18 7.65
CA THR A 119 -13.33 -12.48 7.12
C THR A 119 -14.55 -12.46 6.22
N ASN A 120 -14.53 -13.22 5.14
CA ASN A 120 -15.69 -13.24 4.24
C ASN A 120 -16.91 -13.88 4.92
N PRO A 121 -16.79 -15.13 5.47
CA PRO A 121 -17.85 -15.66 6.31
C PRO A 121 -17.79 -14.93 7.66
N PRO A 122 -18.93 -14.57 8.24
CA PRO A 122 -18.93 -13.82 9.49
C PRO A 122 -18.30 -14.61 10.62
N ALA A 123 -17.42 -13.96 11.35
CA ALA A 123 -16.65 -14.54 12.43
C ALA A 123 -17.51 -14.77 13.68
N ASN A 124 -18.81 -14.75 13.53
CA ASN A 124 -19.73 -15.09 14.60
C ASN A 124 -20.47 -16.39 14.31
N GLN A 125 -20.30 -16.89 13.09
CA GLN A 125 -21.07 -18.05 12.63
C GLN A 125 -20.57 -19.37 13.17
N THR A 126 -21.35 -20.39 12.92
CA THR A 126 -21.04 -21.73 13.33
C THR A 126 -20.59 -22.50 12.08
N SER A 127 -19.37 -22.92 12.07
CA SER A 127 -18.83 -23.60 10.92
C SER A 127 -18.48 -25.03 11.27
N ALA A 128 -18.70 -25.92 10.34
CA ALA A 128 -18.36 -27.32 10.49
C ALA A 128 -16.85 -27.50 10.42
N ILE A 129 -16.38 -28.67 10.82
CA ILE A 129 -14.94 -28.95 10.94
C ILE A 129 -14.25 -29.04 9.55
N THR A 130 -15.02 -28.93 8.50
CA THR A 130 -14.46 -29.00 7.17
C THR A 130 -14.56 -27.61 6.46
N ASN A 131 -15.02 -26.60 7.18
CA ASN A 131 -15.19 -25.27 6.57
C ASN A 131 -13.87 -24.53 6.50
N VAL A 132 -13.59 -23.96 5.35
CA VAL A 132 -12.39 -23.20 5.11
C VAL A 132 -12.77 -21.72 5.06
N VAL A 133 -12.19 -20.93 5.91
CA VAL A 133 -12.52 -19.52 5.93
C VAL A 133 -11.43 -18.66 5.30
N ILE A 134 -11.83 -17.74 4.47
CA ILE A 134 -10.92 -16.82 3.83
C ILE A 134 -10.90 -15.50 4.62
N ILE A 135 -9.71 -15.10 5.00
CA ILE A 135 -9.48 -13.92 5.79
C ILE A 135 -8.60 -12.96 5.00
N ILE A 136 -9.04 -11.74 4.87
CA ILE A 136 -8.31 -10.75 4.10
C ILE A 136 -7.67 -9.70 5.01
N VAL A 137 -6.39 -9.50 4.85
CA VAL A 137 -5.64 -8.54 5.64
C VAL A 137 -5.20 -7.38 4.75
N GLY A 138 -5.04 -6.23 5.35
CA GLY A 138 -4.67 -5.06 4.61
C GLY A 138 -3.17 -4.95 4.47
N SER A 139 -2.74 -4.66 3.29
CA SER A 139 -1.36 -4.45 2.99
C SER A 139 -1.31 -3.21 2.12
N GLY A 140 -0.20 -2.56 1.99
CA GLY A 140 -0.15 -1.43 1.11
C GLY A 140 0.85 -0.37 1.50
N PRO A 141 1.64 0.12 0.55
CA PRO A 141 2.53 1.23 0.76
C PRO A 141 1.90 2.56 0.27
N ALA A 142 2.31 3.66 0.88
CA ALA A 142 1.85 4.99 0.48
C ALA A 142 3.01 5.73 -0.16
N THR A 143 3.80 4.98 -0.84
CA THR A 143 5.01 5.42 -1.45
C THR A 143 4.95 5.30 -2.96
N LYS A 144 5.65 6.17 -3.64
CA LYS A 144 5.79 6.15 -5.08
C LYS A 144 7.24 6.42 -5.41
N ASP A 145 7.64 6.14 -6.62
CA ASP A 145 8.99 6.39 -7.08
C ASP A 145 9.08 7.77 -7.68
N ILE A 146 10.14 8.48 -7.39
CA ILE A 146 10.34 9.79 -7.97
C ILE A 146 11.22 9.70 -9.22
N PRO A 147 10.73 10.21 -10.35
CA PRO A 147 11.52 10.28 -11.56
C PRO A 147 12.29 11.61 -11.63
N ASP A 148 13.17 11.74 -12.58
CA ASP A 148 13.91 12.98 -12.76
C ASP A 148 13.11 13.88 -13.64
N VAL A 149 13.34 15.14 -13.50
CA VAL A 149 12.67 16.13 -14.28
C VAL A 149 13.63 17.28 -14.53
N ALA A 150 14.16 17.35 -15.72
CA ALA A 150 15.10 18.38 -16.08
C ALA A 150 14.85 18.87 -17.49
N GLY A 151 14.56 20.13 -17.62
CA GLY A 151 14.36 20.69 -18.93
C GLY A 151 13.02 21.33 -19.06
N GLN A 152 12.18 21.07 -18.09
CA GLN A 152 10.89 21.67 -18.06
C GLN A 152 10.93 22.86 -17.11
N THR A 153 9.89 23.64 -17.07
CA THR A 153 9.87 24.76 -16.17
C THR A 153 9.26 24.31 -14.85
N VAL A 154 9.55 25.03 -13.78
CA VAL A 154 9.13 24.68 -12.43
C VAL A 154 7.60 24.45 -12.33
N ASP A 155 6.80 25.28 -13.00
CA ASP A 155 5.32 25.12 -12.96
C ASP A 155 4.92 23.79 -13.55
N VAL A 156 5.56 23.42 -14.63
CA VAL A 156 5.29 22.18 -15.31
C VAL A 156 5.77 21.00 -14.47
N ALA A 157 6.95 21.14 -13.91
CA ALA A 157 7.54 20.09 -13.09
C ALA A 157 6.68 19.78 -11.87
N GLN A 158 6.28 20.81 -11.14
CA GLN A 158 5.46 20.63 -9.93
C GLN A 158 4.12 20.01 -10.26
N LYS A 159 3.57 20.42 -11.38
CA LYS A 159 2.29 19.95 -11.86
C LYS A 159 2.37 18.44 -12.14
N ASN A 160 3.47 18.02 -12.74
CA ASN A 160 3.72 16.58 -13.00
C ASN A 160 3.81 15.81 -11.69
N LEU A 161 4.60 16.31 -10.76
CA LEU A 161 4.76 15.67 -9.45
C LEU A 161 3.44 15.57 -8.69
N ASN A 162 2.61 16.61 -8.82
CA ASN A 162 1.27 16.63 -8.21
C ASN A 162 0.42 15.50 -8.73
N VAL A 163 0.56 15.19 -10.01
CA VAL A 163 -0.14 14.08 -10.63
C VAL A 163 0.25 12.74 -9.97
N TYR A 164 1.51 12.63 -9.58
CA TYR A 164 2.00 11.41 -8.93
C TYR A 164 1.55 11.35 -7.47
N GLY A 165 1.10 12.47 -6.94
CA GLY A 165 0.64 12.50 -5.58
C GLY A 165 1.54 13.31 -4.66
N PHE A 166 2.69 13.69 -5.16
CA PHE A 166 3.67 14.41 -4.38
C PHE A 166 3.26 15.85 -4.31
N THR A 167 2.91 16.31 -3.14
CA THR A 167 2.33 17.61 -3.06
C THR A 167 3.18 18.62 -2.25
N LYS A 168 4.23 18.18 -1.56
CA LYS A 168 5.03 19.12 -0.76
C LYS A 168 6.38 19.35 -1.42
N PHE A 169 6.66 20.58 -1.75
CA PHE A 169 7.88 20.90 -2.49
C PHE A 169 8.79 21.87 -1.75
N SER A 170 10.04 21.80 -2.10
CA SER A 170 11.07 22.75 -1.71
C SER A 170 11.97 22.95 -2.92
N GLN A 171 12.39 24.16 -3.22
CA GLN A 171 13.26 24.35 -4.35
C GLN A 171 14.55 24.99 -3.93
N ALA A 172 15.60 24.55 -4.54
CA ALA A 172 16.90 25.10 -4.33
C ALA A 172 17.40 25.62 -5.65
N SER A 173 17.73 26.87 -5.72
CA SER A 173 18.21 27.46 -6.93
C SER A 173 19.73 27.33 -7.02
N VAL A 174 20.19 26.81 -8.12
CA VAL A 174 21.60 26.60 -8.35
C VAL A 174 22.02 27.36 -9.59
N ASP A 175 23.27 27.81 -9.67
CA ASP A 175 23.71 28.52 -10.86
C ASP A 175 23.89 27.52 -11.96
N SER A 176 23.40 27.84 -13.13
CA SER A 176 23.45 26.92 -14.25
C SER A 176 23.49 27.72 -15.55
N PRO A 177 23.68 27.08 -16.72
CA PRO A 177 23.61 27.78 -18.00
C PRO A 177 22.14 27.89 -18.45
N ARG A 178 21.29 27.18 -17.74
CA ARG A 178 19.87 27.14 -18.03
C ARG A 178 19.23 28.35 -17.41
N PRO A 179 18.30 29.00 -18.12
CA PRO A 179 17.61 30.19 -17.61
C PRO A 179 16.81 29.89 -16.34
N ALA A 180 16.68 30.90 -15.50
CA ALA A 180 15.99 30.82 -14.23
C ALA A 180 14.56 30.41 -14.44
N GLY A 181 14.21 29.28 -13.88
CA GLY A 181 12.86 28.79 -14.02
C GLY A 181 12.85 27.39 -14.52
N GLU A 182 13.91 27.00 -15.20
CA GLU A 182 14.02 25.66 -15.72
C GLU A 182 14.48 24.74 -14.60
N VAL A 183 13.86 23.60 -14.47
CA VAL A 183 14.20 22.69 -13.42
C VAL A 183 15.45 21.88 -13.80
N THR A 184 16.34 21.76 -12.85
CA THR A 184 17.58 21.04 -13.01
C THR A 184 17.38 19.56 -12.64
N GLY A 185 16.50 19.32 -11.69
CA GLY A 185 16.22 17.97 -11.26
C GLY A 185 15.86 17.97 -9.82
N THR A 186 16.11 16.89 -9.15
CA THR A 186 15.83 16.78 -7.75
C THR A 186 17.12 16.56 -6.99
N ASN A 187 17.11 16.89 -5.73
CA ASN A 187 18.27 16.65 -4.86
C ASN A 187 18.36 15.13 -4.55
N PRO A 188 17.24 14.46 -4.11
CA PRO A 188 17.24 13.01 -3.98
C PRO A 188 17.33 12.36 -5.37
N PRO A 189 17.98 11.20 -5.47
CA PRO A 189 18.20 10.54 -6.76
C PRO A 189 16.90 9.99 -7.37
N ALA A 190 16.81 10.06 -8.68
CA ALA A 190 15.66 9.55 -9.39
C ALA A 190 15.64 8.03 -9.27
N GLY A 191 14.51 7.48 -8.97
CA GLY A 191 14.44 6.06 -8.74
C GLY A 191 14.26 5.74 -7.29
N THR A 192 14.31 6.77 -6.46
CA THR A 192 14.06 6.62 -5.05
C THR A 192 12.55 6.60 -4.78
N THR A 193 12.10 5.67 -3.98
CA THR A 193 10.72 5.66 -3.62
C THR A 193 10.52 6.36 -2.27
N VAL A 194 9.58 7.27 -2.23
CA VAL A 194 9.26 8.02 -1.03
C VAL A 194 7.74 8.17 -0.90
N PRO A 195 7.22 8.44 0.31
CA PRO A 195 5.78 8.66 0.51
C PRO A 195 5.30 9.90 -0.25
N VAL A 196 4.11 9.83 -0.81
CA VAL A 196 3.55 10.93 -1.62
C VAL A 196 3.27 12.18 -0.77
N ASP A 197 3.09 11.97 0.51
CA ASP A 197 2.82 13.05 1.45
C ASP A 197 4.10 13.78 1.81
N SER A 198 5.24 13.19 1.49
CA SER A 198 6.51 13.74 1.86
C SER A 198 6.95 14.93 1.00
N VAL A 199 7.93 15.64 1.49
CA VAL A 199 8.48 16.79 0.82
C VAL A 199 9.63 16.36 -0.06
N ILE A 200 9.63 16.79 -1.29
CA ILE A 200 10.72 16.52 -2.18
C ILE A 200 11.40 17.81 -2.58
N GLU A 201 12.69 17.77 -2.70
CA GLU A 201 13.47 18.93 -2.96
C GLU A 201 13.92 18.97 -4.42
N LEU A 202 13.46 19.97 -5.13
CA LEU A 202 13.75 20.17 -6.54
C LEU A 202 14.78 21.26 -6.69
N GLN A 203 15.76 21.02 -7.49
CA GLN A 203 16.77 21.99 -7.74
C GLN A 203 16.49 22.68 -9.06
N VAL A 204 16.42 23.98 -9.02
CA VAL A 204 16.03 24.79 -10.15
C VAL A 204 17.21 25.65 -10.59
N SER A 205 17.39 25.76 -11.87
CA SER A 205 18.43 26.56 -12.46
C SER A 205 18.22 28.07 -12.29
N LYS A 206 19.31 28.72 -12.04
CA LYS A 206 19.45 30.13 -12.10
C LYS A 206 20.19 30.39 -13.39
N GLY A 207 19.80 31.43 -14.12
CA GLY A 207 20.36 31.65 -15.44
C GLY A 207 21.80 32.01 -15.40
N ASN A 208 22.14 32.79 -14.37
CA ASN A 208 23.54 33.13 -14.00
C ASN A 208 24.23 34.03 -15.05
N GLN A 209 23.54 34.30 -16.13
CA GLN A 209 24.08 35.03 -17.24
C GLN A 209 22.93 35.75 -17.92
N PHE A 210 23.15 36.95 -18.37
CA PHE A 210 22.14 37.66 -19.13
C PHE A 210 22.75 38.34 -20.34
N VAL A 211 22.09 38.20 -21.48
CA VAL A 211 22.56 38.71 -22.77
C VAL A 211 22.75 40.24 -22.77
N MET A 212 23.96 40.66 -23.11
CA MET A 212 24.30 42.06 -23.15
C MET A 212 24.24 42.61 -24.60
N PRO A 213 23.74 43.84 -24.77
CA PRO A 213 23.78 44.53 -26.06
C PRO A 213 25.22 45.04 -26.35
N ASP A 214 25.45 45.49 -27.55
CA ASP A 214 26.74 46.04 -27.92
C ASP A 214 26.95 47.38 -27.26
N LEU A 215 28.09 47.55 -26.63
CA LEU A 215 28.41 48.76 -25.91
C LEU A 215 29.61 49.45 -26.52
N SER A 216 30.27 48.78 -27.44
CA SER A 216 31.41 49.35 -28.08
C SER A 216 30.97 50.48 -29.01
N GLY A 217 31.62 51.62 -28.89
CA GLY A 217 31.26 52.76 -29.70
C GLY A 217 30.21 53.62 -29.03
N MET A 218 29.78 53.21 -27.84
CA MET A 218 28.78 53.95 -27.09
C MET A 218 29.47 54.93 -26.19
N PHE A 219 28.82 56.02 -25.90
CA PHE A 219 29.43 57.04 -25.12
C PHE A 219 29.08 56.83 -23.68
N TRP A 220 30.03 57.06 -22.84
CA TRP A 220 29.90 56.80 -21.43
C TRP A 220 28.96 57.82 -20.78
N VAL A 221 28.70 58.90 -21.51
CA VAL A 221 27.78 59.94 -21.03
C VAL A 221 26.34 59.41 -21.10
N ASP A 222 26.18 58.38 -21.89
CA ASP A 222 24.92 57.66 -22.05
C ASP A 222 24.96 56.34 -21.26
N ALA A 223 26.08 55.64 -21.39
CA ALA A 223 26.26 54.34 -20.77
C ALA A 223 26.29 54.36 -19.25
N GLU A 224 26.94 55.36 -18.66
CA GLU A 224 27.01 55.43 -17.20
C GLU A 224 25.62 55.66 -16.56
N PRO A 225 24.84 56.72 -16.97
CA PRO A 225 23.52 56.97 -16.39
C PRO A 225 22.57 55.77 -16.52
N ARG A 226 22.62 55.08 -17.65
CA ARG A 226 21.73 53.94 -17.83
C ARG A 226 22.12 52.80 -16.86
N LEU A 227 23.42 52.59 -16.62
CA LEU A 227 23.85 51.53 -15.72
C LEU A 227 23.43 51.81 -14.29
N ARG A 228 23.47 53.08 -13.92
CA ARG A 228 23.02 53.55 -12.60
C ARG A 228 21.56 53.12 -12.41
N ALA A 229 20.76 53.29 -13.46
CA ALA A 229 19.34 52.95 -13.44
C ALA A 229 19.11 51.44 -13.33
N LEU A 230 20.05 50.65 -13.83
CA LEU A 230 19.98 49.20 -13.75
C LEU A 230 20.42 48.71 -12.38
N GLY A 231 20.94 49.61 -11.59
CA GLY A 231 21.38 49.27 -10.27
C GLY A 231 22.71 48.56 -10.29
N TRP A 232 23.41 48.67 -11.40
CA TRP A 232 24.70 48.04 -11.52
C TRP A 232 25.70 48.77 -10.66
N THR A 233 26.56 48.03 -10.03
CA THR A 233 27.58 48.62 -9.27
C THR A 233 28.90 47.88 -9.51
N GLY A 234 28.87 46.52 -9.39
CA GLY A 234 30.04 45.64 -9.57
C GLY A 234 31.35 46.27 -9.17
N MET A 235 32.26 46.24 -10.08
CA MET A 235 33.50 46.96 -9.98
C MET A 235 33.78 47.54 -11.33
N LEU A 236 33.98 48.82 -11.38
CA LEU A 236 34.24 49.48 -12.63
C LEU A 236 35.71 49.43 -12.91
N ASP A 237 36.06 48.90 -14.05
CA ASP A 237 37.44 48.76 -14.44
C ASP A 237 37.82 49.92 -15.32
N LYS A 238 38.60 50.81 -14.78
CA LYS A 238 39.09 51.93 -15.52
C LYS A 238 40.57 51.77 -15.69
N GLY A 239 40.99 51.57 -16.91
CA GLY A 239 42.41 51.51 -17.21
C GLY A 239 42.98 52.89 -17.38
N ALA A 240 43.63 53.11 -18.50
CA ALA A 240 44.25 54.38 -18.78
C ALA A 240 43.20 55.45 -19.05
N ASP A 241 43.42 56.63 -18.51
CA ASP A 241 42.55 57.77 -18.74
C ASP A 241 43.20 58.59 -19.82
N VAL A 242 42.47 58.89 -20.85
CA VAL A 242 43.04 59.54 -22.00
C VAL A 242 42.13 60.64 -22.50
N ASP A 243 42.68 61.82 -22.68
CA ASP A 243 41.97 62.89 -23.35
C ASP A 243 42.03 62.55 -24.82
N ALA A 244 40.93 62.15 -25.37
CA ALA A 244 40.92 61.69 -26.74
C ALA A 244 40.31 62.71 -27.66
N GLY A 245 39.91 63.81 -27.10
CA GLY A 245 39.28 64.84 -27.87
C GLY A 245 37.79 64.77 -27.69
N GLY A 246 37.08 65.73 -28.19
CA GLY A 246 35.64 65.77 -28.01
C GLY A 246 34.93 64.59 -28.65
N SER A 247 35.25 64.32 -29.88
CA SER A 247 34.57 63.29 -30.66
C SER A 247 34.89 61.87 -30.13
N GLN A 248 36.04 61.73 -29.52
CA GLN A 248 36.49 60.43 -29.10
C GLN A 248 36.37 60.26 -27.58
N HIS A 249 35.91 61.33 -26.90
CA HIS A 249 35.94 61.52 -25.40
C HIS A 249 35.73 60.23 -24.50
N ASN A 250 34.68 60.21 -23.77
CA ASN A 250 34.40 59.08 -22.95
C ASN A 250 33.51 58.14 -23.68
N ARG A 251 34.10 57.32 -24.47
CA ARG A 251 33.35 56.30 -25.15
C ARG A 251 33.97 54.96 -24.88
N VAL A 252 33.15 53.94 -24.89
CA VAL A 252 33.59 52.58 -24.65
C VAL A 252 34.48 52.12 -25.78
N VAL A 253 35.63 51.57 -25.45
CA VAL A 253 36.58 51.17 -26.46
C VAL A 253 36.36 49.72 -26.81
N TYR A 254 36.35 48.89 -25.80
CA TYR A 254 36.17 47.49 -25.99
C TYR A 254 35.20 47.00 -24.98
N GLN A 255 34.61 45.88 -25.25
CA GLN A 255 33.76 45.23 -24.33
C GLN A 255 34.27 43.82 -24.14
N ASN A 256 34.58 43.46 -22.91
CA ASN A 256 35.11 42.13 -22.61
C ASN A 256 34.23 40.99 -23.20
N PRO A 257 32.93 40.88 -22.85
CA PRO A 257 32.05 39.94 -23.52
C PRO A 257 31.48 40.61 -24.79
N PRO A 258 31.57 39.92 -25.94
CA PRO A 258 31.06 40.46 -27.21
C PRO A 258 29.52 40.62 -27.21
N ALA A 259 29.03 41.42 -28.13
CA ALA A 259 27.62 41.69 -28.27
C ALA A 259 26.83 40.41 -28.50
N GLY A 260 25.79 40.23 -27.73
CA GLY A 260 24.98 39.05 -27.86
C GLY A 260 25.39 37.98 -26.88
N THR A 261 26.51 38.18 -26.25
CA THR A 261 27.00 37.26 -25.27
C THR A 261 26.43 37.67 -23.91
N GLY A 262 26.44 36.79 -22.95
CA GLY A 262 25.86 37.09 -21.69
C GLY A 262 26.87 37.50 -20.67
N VAL A 263 26.48 38.44 -19.85
CA VAL A 263 27.27 38.91 -18.73
C VAL A 263 26.84 38.16 -17.51
N ASN A 264 27.79 37.86 -16.66
CA ASN A 264 27.57 37.05 -15.46
C ASN A 264 26.52 37.63 -14.50
N ARG A 265 26.24 36.86 -13.45
CA ARG A 265 25.29 37.17 -12.42
C ARG A 265 25.59 38.51 -11.77
N ASP A 266 26.87 38.78 -11.60
CA ASP A 266 27.33 40.02 -11.00
C ASP A 266 27.12 41.16 -11.97
N GLY A 267 27.28 40.83 -13.23
CA GLY A 267 27.10 41.77 -14.27
C GLY A 267 28.35 42.56 -14.45
N ILE A 268 29.46 42.03 -13.97
CA ILE A 268 30.68 42.79 -13.99
C ILE A 268 31.16 42.90 -15.43
N ILE A 269 31.26 44.10 -15.89
CA ILE A 269 31.56 44.38 -17.24
C ILE A 269 32.90 45.13 -17.32
N THR A 270 33.76 44.69 -18.20
CA THR A 270 35.02 45.33 -18.38
C THR A 270 34.99 46.13 -19.69
N LEU A 271 35.14 47.43 -19.53
CA LEU A 271 35.09 48.42 -20.59
C LEU A 271 36.19 49.39 -20.29
N ARG A 272 36.52 50.20 -21.23
CA ARG A 272 37.46 51.25 -21.01
C ARG A 272 37.00 52.41 -21.79
N PHE A 273 37.09 53.57 -21.22
CA PHE A 273 36.63 54.79 -21.83
C PHE A 273 37.66 55.86 -21.54
N GLY A 274 37.63 56.92 -22.31
CA GLY A 274 38.59 57.97 -22.15
C GLY A 274 38.18 59.01 -21.13
N GLN A 275 38.02 60.20 -21.59
CA GLN A 275 37.73 61.33 -20.74
C GLN A 275 36.72 62.21 -21.41
N GLY A 4 -52.61 -59.15 28.85
CA GLY A 4 -52.06 -59.13 27.50
C GLY A 4 -50.63 -58.69 27.48
N ILE A 5 -49.76 -59.49 28.08
CA ILE A 5 -48.37 -59.17 28.08
C ILE A 5 -47.78 -59.48 26.71
N THR A 6 -47.21 -58.49 26.11
CA THR A 6 -46.68 -58.58 24.79
C THR A 6 -45.34 -59.34 24.80
N ARG A 7 -45.01 -59.99 23.70
CA ARG A 7 -43.74 -60.68 23.57
C ARG A 7 -42.74 -59.69 23.04
N ASP A 8 -43.25 -58.73 22.28
CA ASP A 8 -42.47 -57.64 21.76
C ASP A 8 -42.16 -56.72 22.90
N VAL A 9 -40.99 -56.20 22.92
CA VAL A 9 -40.56 -55.34 23.97
C VAL A 9 -40.00 -54.09 23.36
N GLN A 10 -39.86 -53.07 24.13
CA GLN A 10 -39.25 -51.90 23.60
C GLN A 10 -37.81 -52.03 23.97
N VAL A 11 -36.97 -51.70 23.08
CA VAL A 11 -35.59 -51.95 23.25
C VAL A 11 -34.91 -50.70 23.81
N PRO A 12 -34.23 -50.84 24.97
CA PRO A 12 -33.57 -49.73 25.62
C PRO A 12 -32.51 -49.14 24.74
N ASP A 13 -32.61 -47.87 24.53
CA ASP A 13 -31.68 -47.19 23.72
C ASP A 13 -30.47 -46.82 24.54
N VAL A 14 -29.39 -47.41 24.17
CA VAL A 14 -28.13 -47.33 24.88
C VAL A 14 -27.27 -46.11 24.39
N ARG A 15 -27.94 -45.22 23.69
CA ARG A 15 -27.38 -43.96 23.16
C ARG A 15 -26.76 -43.09 24.27
N GLY A 16 -25.71 -42.37 23.92
CA GLY A 16 -25.06 -41.46 24.85
C GLY A 16 -23.75 -42.00 25.39
N GLN A 17 -23.38 -43.17 24.95
CA GLN A 17 -22.15 -43.77 25.33
C GLN A 17 -21.29 -43.91 24.09
N SER A 18 -20.34 -44.77 24.12
CA SER A 18 -19.47 -44.97 22.99
C SER A 18 -20.05 -46.06 22.12
N SER A 19 -19.55 -46.20 20.90
CA SER A 19 -20.04 -47.25 20.04
C SER A 19 -19.74 -48.62 20.66
N ALA A 20 -18.56 -48.77 21.23
CA ALA A 20 -18.15 -50.02 21.84
C ALA A 20 -19.02 -50.38 23.03
N ASP A 21 -19.24 -49.42 23.90
CA ASP A 21 -20.01 -49.70 25.13
C ASP A 21 -21.47 -49.96 24.77
N ALA A 22 -21.98 -49.19 23.83
CA ALA A 22 -23.35 -49.31 23.38
C ALA A 22 -23.57 -50.65 22.66
N ILE A 23 -22.66 -50.98 21.74
CA ILE A 23 -22.74 -52.25 21.01
C ILE A 23 -22.57 -53.43 21.97
N ALA A 24 -21.64 -53.30 22.93
CA ALA A 24 -21.39 -54.33 23.91
C ALA A 24 -22.67 -54.65 24.70
N THR A 25 -23.38 -53.60 25.06
CA THR A 25 -24.62 -53.71 25.81
C THR A 25 -25.69 -54.47 24.97
N LEU A 26 -25.84 -54.07 23.72
CA LEU A 26 -26.80 -54.71 22.83
C LEU A 26 -26.43 -56.16 22.59
N GLN A 27 -25.13 -56.41 22.47
CA GLN A 27 -24.62 -57.75 22.26
C GLN A 27 -24.93 -58.65 23.46
N ASN A 28 -24.85 -58.10 24.66
CA ASN A 28 -25.18 -58.84 25.88
C ASN A 28 -26.66 -59.13 25.97
N ARG A 29 -27.45 -58.31 25.30
CA ARG A 29 -28.89 -58.52 25.24
C ARG A 29 -29.24 -59.54 24.17
N GLY A 30 -28.29 -59.83 23.31
CA GLY A 30 -28.54 -60.80 22.26
C GLY A 30 -29.00 -60.16 20.98
N PHE A 31 -28.80 -58.86 20.86
CA PHE A 31 -29.17 -58.14 19.69
C PHE A 31 -28.08 -58.14 18.65
N LYS A 32 -28.47 -57.89 17.44
CA LYS A 32 -27.56 -57.80 16.34
C LYS A 32 -27.34 -56.34 16.08
N ILE A 33 -26.11 -55.95 15.92
CA ILE A 33 -25.84 -54.58 15.65
C ILE A 33 -25.08 -54.54 14.37
N ARG A 34 -25.42 -53.64 13.56
CA ARG A 34 -24.80 -53.45 12.33
C ARG A 34 -24.16 -52.09 12.38
N THR A 35 -23.01 -51.95 11.88
CA THR A 35 -22.31 -50.72 12.00
C THR A 35 -21.79 -50.29 10.63
N LEU A 36 -22.01 -49.07 10.28
CA LEU A 36 -21.52 -48.57 9.02
C LEU A 36 -20.50 -47.47 9.31
N GLN A 37 -19.28 -47.62 8.84
CA GLN A 37 -18.22 -46.65 9.08
C GLN A 37 -18.25 -45.62 7.99
N LYS A 38 -18.41 -44.37 8.34
CA LYS A 38 -18.40 -43.29 7.37
C LYS A 38 -17.50 -42.18 7.87
N PRO A 39 -16.66 -41.62 7.01
CA PRO A 39 -15.76 -40.53 7.40
C PRO A 39 -16.48 -39.18 7.54
N ASP A 40 -15.72 -38.16 7.96
CA ASP A 40 -16.16 -36.76 8.19
C ASP A 40 -16.71 -36.57 9.61
N SER A 41 -16.90 -35.35 10.03
CA SER A 41 -17.32 -35.06 11.37
C SER A 41 -18.80 -34.65 11.44
N THR A 42 -19.41 -34.36 10.28
CA THR A 42 -20.82 -33.98 10.31
C THR A 42 -21.70 -35.25 10.36
N ILE A 43 -21.04 -36.36 10.30
CA ILE A 43 -21.64 -37.67 10.40
C ILE A 43 -21.69 -38.01 11.90
N PRO A 44 -22.75 -38.75 12.36
CA PRO A 44 -22.87 -39.19 13.77
C PRO A 44 -21.52 -39.59 14.40
N PRO A 45 -21.07 -38.86 15.44
CA PRO A 45 -19.80 -39.13 16.12
C PRO A 45 -19.73 -40.55 16.67
N ASP A 46 -18.51 -41.06 16.77
CA ASP A 46 -18.21 -42.43 17.25
C ASP A 46 -18.69 -42.70 18.68
N HIS A 47 -19.13 -41.67 19.30
CA HIS A 47 -19.79 -41.78 20.57
C HIS A 47 -21.23 -41.53 20.25
N VAL A 48 -21.99 -42.58 20.36
CA VAL A 48 -23.33 -42.64 19.84
C VAL A 48 -24.26 -41.63 20.48
N ILE A 49 -24.77 -40.76 19.67
CA ILE A 49 -25.70 -39.74 20.13
C ILE A 49 -27.11 -40.23 20.00
N GLY A 50 -27.31 -41.10 19.06
CA GLY A 50 -28.61 -41.58 18.78
C GLY A 50 -28.56 -43.00 18.35
N THR A 51 -29.67 -43.62 18.48
CA THR A 51 -29.89 -44.97 18.13
C THR A 51 -30.87 -45.01 16.98
N ASP A 52 -31.27 -46.18 16.57
CA ASP A 52 -32.19 -46.30 15.46
C ASP A 52 -33.57 -46.51 16.04
N PRO A 53 -34.61 -45.84 15.48
CA PRO A 53 -35.99 -45.84 16.00
C PRO A 53 -36.61 -47.23 16.17
N ALA A 54 -35.99 -48.21 15.55
CA ALA A 54 -36.44 -49.60 15.67
C ALA A 54 -36.36 -50.05 17.12
N ALA A 55 -35.43 -49.46 17.87
CA ALA A 55 -35.26 -49.78 19.27
C ALA A 55 -36.39 -49.18 20.09
N ASN A 56 -36.78 -47.98 19.73
CA ASN A 56 -37.82 -47.24 20.46
C ASN A 56 -39.20 -47.72 20.05
N THR A 57 -39.22 -48.59 19.09
CA THR A 57 -40.43 -49.24 18.68
C THR A 57 -40.46 -50.58 19.43
N SER A 58 -41.62 -51.03 19.85
CA SER A 58 -41.67 -52.33 20.48
C SER A 58 -41.51 -53.40 19.41
N VAL A 59 -40.41 -54.09 19.46
CA VAL A 59 -40.12 -55.13 18.52
C VAL A 59 -39.76 -56.39 19.25
N SER A 60 -39.69 -57.47 18.52
CA SER A 60 -39.26 -58.69 19.07
C SER A 60 -37.76 -58.57 19.32
N ALA A 61 -37.34 -58.96 20.50
CA ALA A 61 -35.97 -58.82 20.89
C ALA A 61 -35.05 -59.68 20.04
N GLY A 62 -33.99 -59.09 19.58
CA GLY A 62 -33.06 -59.75 18.72
C GLY A 62 -33.22 -59.27 17.30
N ASP A 63 -33.12 -57.98 17.11
CA ASP A 63 -33.25 -57.40 15.78
C ASP A 63 -31.90 -56.81 15.39
N GLU A 64 -31.81 -56.19 14.23
CA GLU A 64 -30.55 -55.64 13.75
C GLU A 64 -30.59 -54.13 13.85
N ILE A 65 -29.85 -53.59 14.76
CA ILE A 65 -29.78 -52.16 14.93
C ILE A 65 -28.54 -51.66 14.21
N THR A 66 -28.72 -50.84 13.22
CA THR A 66 -27.59 -50.32 12.46
C THR A 66 -27.21 -48.92 12.96
N VAL A 67 -25.92 -48.73 13.22
CA VAL A 67 -25.38 -47.51 13.74
C VAL A 67 -24.37 -46.91 12.75
N ASN A 68 -24.46 -45.62 12.55
CA ASN A 68 -23.52 -44.92 11.70
C ASN A 68 -22.40 -44.38 12.56
N VAL A 69 -21.19 -44.80 12.28
CA VAL A 69 -20.06 -44.36 13.06
C VAL A 69 -19.13 -43.52 12.19
N SER A 70 -18.71 -42.38 12.69
CA SER A 70 -17.84 -41.50 11.96
C SER A 70 -16.38 -41.85 12.22
N THR A 71 -15.66 -42.09 11.17
CA THR A 71 -14.26 -42.37 11.29
C THR A 71 -13.41 -41.30 10.57
N GLY A 72 -12.77 -40.45 11.36
CA GLY A 72 -11.85 -39.44 10.83
C GLY A 72 -12.51 -38.30 10.05
N PRO A 73 -12.44 -37.05 10.58
CA PRO A 73 -12.93 -35.86 9.84
C PRO A 73 -12.15 -35.67 8.53
N GLU A 74 -12.84 -35.20 7.52
CA GLU A 74 -12.23 -35.03 6.21
C GLU A 74 -11.89 -33.56 6.01
N GLN A 75 -11.10 -33.25 5.00
CA GLN A 75 -10.64 -31.89 4.76
C GLN A 75 -11.62 -31.13 3.88
N ARG A 76 -11.57 -29.80 3.97
CA ARG A 76 -12.44 -28.94 3.17
C ARG A 76 -11.62 -28.01 2.33
N GLU A 77 -12.19 -27.59 1.25
CA GLU A 77 -11.62 -26.60 0.37
C GLU A 77 -11.98 -25.23 0.93
N ILE A 78 -11.08 -24.28 0.86
CA ILE A 78 -11.37 -22.96 1.36
C ILE A 78 -12.22 -22.25 0.30
N PRO A 79 -13.40 -21.74 0.68
CA PRO A 79 -14.30 -21.05 -0.25
C PRO A 79 -13.72 -19.73 -0.76
N ASP A 80 -14.02 -19.42 -2.01
CA ASP A 80 -13.62 -18.16 -2.61
C ASP A 80 -14.50 -17.06 -2.08
N VAL A 81 -13.98 -16.28 -1.21
CA VAL A 81 -14.70 -15.18 -0.64
C VAL A 81 -13.99 -13.91 -1.04
N SER A 82 -14.75 -12.91 -1.40
CA SER A 82 -14.21 -11.65 -1.82
C SER A 82 -13.56 -10.92 -0.63
N THR A 83 -12.59 -10.10 -0.92
CA THR A 83 -11.73 -9.47 0.05
C THR A 83 -12.47 -8.53 0.99
N LEU A 84 -13.47 -7.85 0.49
CA LEU A 84 -14.21 -6.92 1.30
C LEU A 84 -15.31 -7.60 2.10
N THR A 85 -15.56 -8.85 1.77
CA THR A 85 -16.59 -9.65 2.38
C THR A 85 -15.99 -10.47 3.56
N TYR A 86 -15.13 -9.81 4.34
CA TYR A 86 -14.45 -10.39 5.51
C TYR A 86 -15.41 -11.07 6.51
N ALA A 87 -16.58 -10.47 6.73
CA ALA A 87 -17.58 -11.03 7.63
C ALA A 87 -18.07 -12.37 7.11
N GLU A 88 -18.28 -12.45 5.82
CA GLU A 88 -18.67 -13.69 5.22
C GLU A 88 -17.51 -14.66 5.21
N ALA A 89 -16.29 -14.15 5.06
CA ALA A 89 -15.11 -15.01 5.02
C ALA A 89 -14.95 -15.80 6.30
N VAL A 90 -15.03 -15.14 7.45
CA VAL A 90 -14.95 -15.81 8.73
C VAL A 90 -16.14 -16.81 8.89
N LYS A 91 -17.31 -16.40 8.38
CA LYS A 91 -18.53 -17.21 8.36
C LYS A 91 -18.31 -18.50 7.53
N LYS A 92 -17.76 -18.34 6.36
CA LYS A 92 -17.50 -19.43 5.44
C LYS A 92 -16.46 -20.37 5.98
N LEU A 93 -15.46 -19.81 6.63
CA LEU A 93 -14.43 -20.59 7.28
C LEU A 93 -14.99 -21.38 8.44
N THR A 94 -15.98 -20.82 9.11
CA THR A 94 -16.63 -21.50 10.21
C THR A 94 -17.47 -22.67 9.66
N ALA A 95 -18.21 -22.40 8.60
CA ALA A 95 -19.04 -23.39 7.94
C ALA A 95 -18.19 -24.46 7.27
N ALA A 96 -16.92 -24.16 7.10
CA ALA A 96 -15.97 -25.09 6.49
C ALA A 96 -15.42 -26.10 7.51
N GLY A 97 -15.95 -26.06 8.71
CA GLY A 97 -15.57 -27.04 9.71
C GLY A 97 -14.58 -26.48 10.68
N PHE A 98 -13.37 -26.18 10.19
CA PHE A 98 -12.32 -25.60 11.01
C PHE A 98 -12.77 -24.35 11.77
N GLY A 99 -13.21 -23.34 11.05
CA GLY A 99 -13.65 -22.09 11.67
C GLY A 99 -12.56 -21.41 12.45
N ARG A 100 -11.35 -21.76 12.15
CA ARG A 100 -10.24 -21.20 12.83
C ARG A 100 -9.54 -20.23 11.96
N PHE A 101 -9.65 -19.01 12.34
CA PHE A 101 -9.14 -17.91 11.61
C PHE A 101 -8.44 -16.97 12.53
N LYS A 102 -7.40 -16.38 12.03
CA LYS A 102 -6.60 -15.42 12.77
C LYS A 102 -6.29 -14.26 11.87
N GLN A 103 -6.59 -13.08 12.33
CA GLN A 103 -6.45 -11.89 11.53
C GLN A 103 -5.06 -11.27 11.69
N ALA A 104 -4.42 -11.04 10.60
CA ALA A 104 -3.15 -10.38 10.57
C ALA A 104 -3.25 -9.23 9.60
N ASN A 105 -2.55 -8.18 9.86
CA ASN A 105 -2.60 -7.04 8.96
C ASN A 105 -1.22 -6.73 8.46
N SER A 106 -1.14 -6.26 7.25
CA SER A 106 0.10 -5.86 6.67
C SER A 106 -0.16 -4.63 5.81
N PRO A 107 0.72 -3.62 5.86
CA PRO A 107 0.58 -2.45 5.01
C PRO A 107 0.73 -2.83 3.54
N SER A 108 -0.26 -2.51 2.79
CA SER A 108 -0.38 -2.85 1.40
C SER A 108 -1.19 -1.75 0.71
N THR A 109 -1.43 -1.89 -0.60
CA THR A 109 -2.18 -0.93 -1.39
C THR A 109 -3.47 -0.45 -0.67
N PRO A 110 -3.72 0.89 -0.71
CA PRO A 110 -4.83 1.55 -0.01
C PRO A 110 -6.20 0.95 -0.31
N GLU A 111 -6.35 0.38 -1.49
CA GLU A 111 -7.63 -0.19 -1.88
C GLU A 111 -7.95 -1.48 -1.11
N LEU A 112 -6.92 -2.11 -0.55
CA LEU A 112 -7.11 -3.33 0.22
C LEU A 112 -7.22 -3.06 1.70
N VAL A 113 -7.08 -1.80 2.09
CA VAL A 113 -7.19 -1.43 3.50
C VAL A 113 -8.58 -1.79 4.03
N GLY A 114 -8.60 -2.52 5.12
CA GLY A 114 -9.84 -2.94 5.75
C GLY A 114 -10.40 -4.20 5.14
N LYS A 115 -9.83 -4.59 4.03
CA LYS A 115 -10.29 -5.70 3.27
C LYS A 115 -9.23 -6.78 3.34
N VAL A 116 -9.59 -7.94 2.95
CA VAL A 116 -8.70 -9.08 3.03
C VAL A 116 -7.72 -9.05 1.83
N ILE A 117 -6.51 -9.51 2.03
CA ILE A 117 -5.54 -9.63 0.95
C ILE A 117 -5.55 -11.08 0.49
N GLY A 118 -5.76 -11.96 1.44
CA GLY A 118 -5.81 -13.36 1.17
C GLY A 118 -5.48 -14.14 2.41
N THR A 119 -4.96 -15.30 2.21
CA THR A 119 -4.56 -16.17 3.27
C THR A 119 -3.16 -16.69 2.98
N ASN A 120 -2.43 -17.12 4.01
CA ASN A 120 -1.11 -17.72 3.75
C ASN A 120 -1.26 -19.12 3.11
N PRO A 121 -2.15 -20.02 3.63
CA PRO A 121 -2.51 -21.22 2.90
C PRO A 121 -3.37 -20.79 1.70
N PRO A 122 -3.22 -21.41 0.52
CA PRO A 122 -3.99 -21.00 -0.65
C PRO A 122 -5.50 -21.18 -0.44
N ALA A 123 -6.24 -20.11 -0.71
CA ALA A 123 -7.69 -20.06 -0.48
C ALA A 123 -8.48 -20.85 -1.53
N ASN A 124 -7.78 -21.48 -2.42
CA ASN A 124 -8.37 -22.35 -3.42
C ASN A 124 -8.01 -23.79 -3.14
N GLN A 125 -7.36 -24.00 -2.03
CA GLN A 125 -6.93 -25.31 -1.63
C GLN A 125 -7.72 -25.81 -0.47
N THR A 126 -7.43 -27.00 -0.11
CA THR A 126 -8.04 -27.67 0.95
C THR A 126 -7.20 -27.56 2.21
N SER A 127 -7.85 -27.48 3.31
CA SER A 127 -7.24 -27.46 4.60
C SER A 127 -8.04 -28.37 5.50
N ALA A 128 -7.39 -29.00 6.44
CA ALA A 128 -8.07 -29.87 7.35
C ALA A 128 -8.79 -29.06 8.43
N ILE A 129 -9.76 -29.67 9.06
CA ILE A 129 -10.55 -29.04 10.12
C ILE A 129 -9.69 -28.72 11.34
N THR A 130 -8.55 -29.37 11.42
CA THR A 130 -7.64 -29.16 12.51
C THR A 130 -6.68 -27.99 12.20
N ASN A 131 -6.84 -27.36 11.06
CA ASN A 131 -5.96 -26.27 10.66
C ASN A 131 -6.51 -24.94 11.09
N VAL A 132 -5.62 -24.02 11.37
CA VAL A 132 -5.96 -22.67 11.64
C VAL A 132 -5.50 -21.83 10.45
N VAL A 133 -6.38 -21.06 9.88
CA VAL A 133 -6.01 -20.28 8.73
C VAL A 133 -5.84 -18.81 9.09
N ILE A 134 -4.78 -18.24 8.61
CA ILE A 134 -4.45 -16.86 8.86
C ILE A 134 -5.00 -15.98 7.74
N ILE A 135 -5.81 -15.03 8.14
CA ILE A 135 -6.44 -14.07 7.26
C ILE A 135 -5.62 -12.81 7.31
N ILE A 136 -5.00 -12.46 6.23
CA ILE A 136 -4.23 -11.25 6.21
C ILE A 136 -5.05 -10.15 5.55
N VAL A 137 -5.19 -9.05 6.23
CA VAL A 137 -5.96 -7.92 5.77
C VAL A 137 -5.05 -6.75 5.45
N GLY A 138 -5.50 -5.94 4.54
CA GLY A 138 -4.72 -4.82 4.12
C GLY A 138 -4.76 -3.68 5.10
N SER A 139 -3.61 -3.16 5.39
CA SER A 139 -3.46 -2.03 6.23
C SER A 139 -2.71 -1.04 5.37
N GLY A 140 -2.73 0.22 5.69
CA GLY A 140 -2.02 1.14 4.87
C GLY A 140 -2.32 2.56 5.18
N PRO A 141 -1.29 3.38 5.40
CA PRO A 141 -1.46 4.79 5.63
C PRO A 141 -1.57 5.55 4.30
N ALA A 142 -2.30 6.65 4.29
CA ALA A 142 -2.46 7.46 3.09
C ALA A 142 -1.20 8.25 2.85
N THR A 143 -0.28 7.61 2.19
CA THR A 143 1.03 8.12 1.98
C THR A 143 1.35 8.20 0.50
N LYS A 144 2.09 9.22 0.14
CA LYS A 144 2.54 9.41 -1.20
C LYS A 144 3.97 9.92 -1.17
N ASP A 145 4.72 9.59 -2.15
CA ASP A 145 6.07 10.06 -2.25
C ASP A 145 6.11 11.35 -3.01
N ILE A 146 6.89 12.27 -2.53
CA ILE A 146 7.05 13.54 -3.19
C ILE A 146 8.23 13.47 -4.16
N PRO A 147 7.96 13.51 -5.46
CA PRO A 147 8.99 13.48 -6.46
C PRO A 147 9.46 14.88 -6.84
N ASP A 148 10.70 15.00 -7.23
CA ASP A 148 11.22 16.28 -7.68
C ASP A 148 10.77 16.53 -9.11
N VAL A 149 9.65 17.19 -9.22
CA VAL A 149 9.09 17.59 -10.52
C VAL A 149 9.35 19.09 -10.68
N ALA A 150 10.03 19.63 -9.68
CA ALA A 150 10.32 21.06 -9.57
C ALA A 150 11.00 21.63 -10.81
N GLY A 151 10.26 22.41 -11.55
CA GLY A 151 10.79 23.07 -12.72
C GLY A 151 9.73 23.87 -13.43
N GLN A 152 8.75 24.30 -12.68
CA GLN A 152 7.65 25.04 -13.20
C GLN A 152 7.23 26.08 -12.21
N THR A 153 6.11 26.71 -12.45
CA THR A 153 5.68 27.78 -11.60
C THR A 153 4.95 27.20 -10.41
N VAL A 154 4.90 27.98 -9.34
CA VAL A 154 4.29 27.58 -8.08
C VAL A 154 2.89 26.99 -8.28
N ASP A 155 2.10 27.60 -9.16
CA ASP A 155 0.73 27.13 -9.44
C ASP A 155 0.72 25.71 -10.01
N VAL A 156 1.66 25.42 -10.90
CA VAL A 156 1.71 24.13 -11.55
C VAL A 156 2.27 23.08 -10.61
N ALA A 157 3.29 23.44 -9.86
CA ALA A 157 3.90 22.54 -8.90
C ALA A 157 2.89 22.17 -7.82
N GLN A 158 2.20 23.18 -7.31
CA GLN A 158 1.20 23.00 -6.27
C GLN A 158 0.07 22.12 -6.78
N LYS A 159 -0.26 22.28 -8.06
CA LYS A 159 -1.27 21.48 -8.73
C LYS A 159 -0.87 20.00 -8.67
N ASN A 160 0.41 19.73 -8.94
CA ASN A 160 0.93 18.36 -8.90
C ASN A 160 0.81 17.77 -7.51
N LEU A 161 1.22 18.50 -6.49
CA LEU A 161 1.10 18.03 -5.11
C LEU A 161 -0.36 17.80 -4.73
N ASN A 162 -1.23 18.69 -5.17
CA ASN A 162 -2.66 18.58 -4.92
C ASN A 162 -3.23 17.33 -5.55
N VAL A 163 -2.73 16.99 -6.74
CA VAL A 163 -3.11 15.77 -7.45
C VAL A 163 -2.63 14.53 -6.68
N TYR A 164 -1.53 14.65 -5.97
CA TYR A 164 -1.02 13.54 -5.18
C TYR A 164 -1.79 13.40 -3.87
N GLY A 165 -2.63 14.37 -3.57
CA GLY A 165 -3.45 14.31 -2.38
C GLY A 165 -2.95 15.22 -1.29
N PHE A 166 -1.89 15.94 -1.57
CA PHE A 166 -1.32 16.81 -0.59
C PHE A 166 -2.09 18.08 -0.61
N THR A 167 -2.95 18.21 0.35
CA THR A 167 -3.84 19.30 0.38
C THR A 167 -3.36 20.40 1.35
N LYS A 168 -2.26 20.13 2.03
CA LYS A 168 -1.70 21.10 2.92
C LYS A 168 -0.32 21.49 2.41
N PHE A 169 -0.20 22.72 2.02
CA PHE A 169 1.01 23.23 1.42
C PHE A 169 1.44 24.56 2.03
N SER A 170 2.71 24.80 2.00
CA SER A 170 3.28 26.07 2.36
C SER A 170 4.41 26.37 1.40
N GLN A 171 4.47 27.57 0.88
CA GLN A 171 5.50 27.94 -0.05
C GLN A 171 6.33 29.08 0.52
N ALA A 172 7.61 28.99 0.35
CA ALA A 172 8.54 30.00 0.76
C ALA A 172 9.45 30.28 -0.40
N SER A 173 9.84 31.50 -0.58
CA SER A 173 10.68 31.86 -1.68
C SER A 173 11.97 32.48 -1.18
N VAL A 174 13.09 32.03 -1.71
CA VAL A 174 14.39 32.53 -1.33
C VAL A 174 15.08 33.00 -2.60
N ASP A 175 15.97 34.01 -2.51
CA ASP A 175 16.66 34.45 -3.71
C ASP A 175 17.59 33.37 -4.18
N SER A 176 17.55 33.16 -5.43
CA SER A 176 18.25 32.07 -6.07
C SER A 176 18.54 32.47 -7.52
N PRO A 177 19.41 31.75 -8.24
CA PRO A 177 19.68 32.06 -9.65
C PRO A 177 18.47 31.81 -10.57
N ARG A 178 17.58 30.93 -10.15
CA ARG A 178 16.38 30.61 -10.93
C ARG A 178 15.37 31.74 -10.87
N PRO A 179 14.67 32.02 -12.00
CA PRO A 179 13.69 33.11 -12.09
C PRO A 179 12.54 32.97 -11.08
N ALA A 180 11.99 34.11 -10.71
CA ALA A 180 10.94 34.17 -9.71
C ALA A 180 9.70 33.43 -10.15
N GLY A 181 9.35 32.44 -9.39
CA GLY A 181 8.17 31.69 -9.67
C GLY A 181 8.45 30.25 -9.96
N GLU A 182 9.69 29.96 -10.34
CA GLU A 182 10.06 28.60 -10.64
C GLU A 182 10.34 27.89 -9.32
N VAL A 183 9.72 26.77 -9.13
CA VAL A 183 9.92 26.00 -7.94
C VAL A 183 11.26 25.27 -8.05
N THR A 184 12.12 25.50 -7.08
CA THR A 184 13.44 24.91 -7.13
C THR A 184 13.45 23.55 -6.42
N GLY A 185 12.41 23.28 -5.66
CA GLY A 185 12.33 22.04 -4.94
C GLY A 185 11.49 22.19 -3.72
N THR A 186 11.68 21.31 -2.79
CA THR A 186 10.95 21.32 -1.57
C THR A 186 11.91 21.26 -0.39
N ASN A 187 11.47 21.72 0.75
CA ASN A 187 12.26 21.65 1.97
C ASN A 187 12.36 20.18 2.44
N PRO A 188 11.23 19.42 2.57
CA PRO A 188 11.32 17.98 2.78
C PRO A 188 12.00 17.36 1.54
N PRO A 189 12.95 16.43 1.72
CA PRO A 189 13.71 15.84 0.61
C PRO A 189 12.83 15.12 -0.42
N ALA A 190 13.18 15.27 -1.66
CA ALA A 190 12.49 14.60 -2.73
C ALA A 190 12.77 13.11 -2.62
N GLY A 191 11.74 12.33 -2.76
CA GLY A 191 11.87 10.91 -2.62
C GLY A 191 11.33 10.44 -1.29
N THR A 192 10.96 11.38 -0.44
CA THR A 192 10.41 11.02 0.85
C THR A 192 8.92 10.69 0.71
N THR A 193 8.51 9.58 1.27
CA THR A 193 7.13 9.22 1.29
C THR A 193 6.51 9.79 2.56
N VAL A 194 5.48 10.59 2.39
CA VAL A 194 4.83 11.26 3.50
C VAL A 194 3.31 11.15 3.35
N PRO A 195 2.55 11.28 4.45
CA PRO A 195 1.09 11.24 4.42
C PRO A 195 0.51 12.44 3.68
N VAL A 196 -0.51 12.20 2.89
CA VAL A 196 -1.19 13.28 2.10
C VAL A 196 -1.87 14.27 3.04
N ASP A 197 -2.10 13.81 4.23
CA ASP A 197 -2.76 14.54 5.30
C ASP A 197 -1.81 15.54 5.97
N SER A 198 -0.52 15.44 5.65
CA SER A 198 0.45 16.34 6.24
C SER A 198 0.74 17.53 5.32
N VAL A 199 1.50 18.48 5.82
CA VAL A 199 1.81 19.68 5.07
C VAL A 199 3.24 19.62 4.49
N ILE A 200 3.36 19.90 3.20
CA ILE A 200 4.68 19.92 2.57
C ILE A 200 5.07 21.36 2.29
N GLU A 201 6.34 21.63 2.38
CA GLU A 201 6.85 22.94 2.19
C GLU A 201 7.60 23.05 0.86
N LEU A 202 7.06 23.86 -0.01
CA LEU A 202 7.56 24.11 -1.34
C LEU A 202 8.46 25.33 -1.31
N GLN A 203 9.60 25.25 -1.94
CA GLN A 203 10.48 26.39 -2.00
C GLN A 203 10.60 26.90 -3.42
N VAL A 204 10.20 28.11 -3.59
CA VAL A 204 10.14 28.75 -4.88
C VAL A 204 11.34 29.68 -5.03
N SER A 205 11.91 29.69 -6.20
CA SER A 205 13.03 30.52 -6.48
C SER A 205 12.60 31.94 -6.75
N LYS A 206 13.30 32.83 -6.15
CA LYS A 206 13.20 34.22 -6.37
C LYS A 206 14.38 34.57 -7.26
N GLY A 207 14.12 35.21 -8.38
CA GLY A 207 15.17 35.42 -9.36
C GLY A 207 16.16 36.42 -8.91
N ASN A 208 15.66 37.53 -8.38
CA ASN A 208 16.50 38.61 -7.83
C ASN A 208 17.37 39.21 -8.98
N GLN A 209 16.85 39.06 -10.19
CA GLN A 209 17.53 39.48 -11.39
C GLN A 209 16.62 40.32 -12.25
N PHE A 210 17.22 41.12 -13.09
CA PHE A 210 16.51 41.95 -14.03
C PHE A 210 17.13 41.75 -15.40
N VAL A 211 16.33 41.78 -16.44
CA VAL A 211 16.81 41.56 -17.81
C VAL A 211 17.74 42.69 -18.27
N MET A 212 18.92 42.32 -18.71
CA MET A 212 19.93 43.25 -19.17
C MET A 212 19.82 43.48 -20.67
N PRO A 213 19.79 44.76 -21.10
CA PRO A 213 19.82 45.12 -22.52
C PRO A 213 21.20 44.89 -23.14
N ASP A 214 21.29 44.98 -24.45
CA ASP A 214 22.54 44.81 -25.18
C ASP A 214 23.52 45.94 -24.89
N LEU A 215 24.79 45.62 -24.78
CA LEU A 215 25.83 46.61 -24.54
C LEU A 215 26.98 46.47 -25.54
N SER A 216 26.71 45.76 -26.61
CA SER A 216 27.69 45.55 -27.64
C SER A 216 28.04 46.90 -28.30
N GLY A 217 29.31 47.17 -28.43
CA GLY A 217 29.75 48.41 -29.03
C GLY A 217 30.15 49.45 -28.00
N MET A 218 30.53 48.99 -26.84
CA MET A 218 30.98 49.89 -25.80
C MET A 218 32.47 49.70 -25.60
N PHE A 219 33.16 50.77 -25.32
CA PHE A 219 34.58 50.79 -25.17
C PHE A 219 34.86 50.80 -23.69
N TRP A 220 35.86 50.06 -23.26
CA TRP A 220 36.19 49.96 -21.85
C TRP A 220 36.49 51.33 -21.21
N VAL A 221 36.98 52.25 -22.03
CA VAL A 221 37.34 53.57 -21.54
C VAL A 221 36.10 54.41 -21.23
N ASP A 222 35.02 54.05 -21.86
CA ASP A 222 33.75 54.75 -21.68
C ASP A 222 32.86 53.95 -20.73
N ALA A 223 32.95 52.64 -20.84
CA ALA A 223 32.15 51.70 -20.08
C ALA A 223 32.30 51.88 -18.58
N GLU A 224 33.53 51.93 -18.08
CA GLU A 224 33.74 52.06 -16.63
C GLU A 224 33.03 53.28 -16.04
N PRO A 225 33.29 54.53 -16.53
CA PRO A 225 32.58 55.71 -16.04
C PRO A 225 31.05 55.58 -16.11
N ARG A 226 30.53 54.88 -17.13
CA ARG A 226 29.06 54.65 -17.21
C ARG A 226 28.62 53.82 -16.02
N LEU A 227 29.36 52.76 -15.77
CA LEU A 227 29.05 51.83 -14.70
C LEU A 227 29.21 52.48 -13.34
N ARG A 228 30.25 53.30 -13.20
CA ARG A 228 30.48 54.02 -11.97
C ARG A 228 29.36 55.02 -11.69
N ALA A 229 28.85 55.65 -12.75
CA ALA A 229 27.75 56.60 -12.63
C ALA A 229 26.47 55.90 -12.24
N LEU A 230 26.34 54.65 -12.68
CA LEU A 230 25.19 53.83 -12.39
C LEU A 230 25.29 53.21 -11.00
N GLY A 231 26.43 53.35 -10.36
CA GLY A 231 26.66 52.78 -9.05
C GLY A 231 26.77 51.27 -9.12
N TRP A 232 27.23 50.77 -10.25
CA TRP A 232 27.39 49.35 -10.50
C TRP A 232 28.38 48.75 -9.52
N THR A 233 27.98 47.70 -8.87
CA THR A 233 28.84 47.02 -7.95
C THR A 233 28.88 45.53 -8.28
N GLY A 234 29.71 45.18 -9.21
CA GLY A 234 29.88 43.82 -9.58
C GLY A 234 31.34 43.52 -9.71
N MET A 235 31.69 42.68 -10.64
CA MET A 235 33.08 42.34 -10.84
C MET A 235 33.40 42.37 -12.32
N LEU A 236 34.40 43.11 -12.68
CA LEU A 236 34.91 43.12 -14.02
C LEU A 236 36.31 42.59 -13.93
N ASP A 237 36.57 41.56 -14.66
CA ASP A 237 37.85 40.91 -14.58
C ASP A 237 38.67 41.18 -15.82
N LYS A 238 39.65 42.02 -15.68
CA LYS A 238 40.55 42.25 -16.76
C LYS A 238 41.75 41.36 -16.51
N GLY A 239 41.90 40.36 -17.32
CA GLY A 239 43.04 39.52 -17.22
C GLY A 239 44.06 39.92 -18.22
N ALA A 240 43.94 39.39 -19.39
CA ALA A 240 44.88 39.67 -20.44
C ALA A 240 44.28 40.66 -21.43
N ASP A 241 45.05 41.66 -21.77
CA ASP A 241 44.64 42.67 -22.74
C ASP A 241 44.93 42.13 -24.11
N VAL A 242 44.26 42.63 -25.11
CA VAL A 242 44.44 42.10 -26.42
C VAL A 242 45.00 43.14 -27.37
N ASP A 243 46.09 42.80 -28.00
CA ASP A 243 46.64 43.62 -29.05
C ASP A 243 45.86 43.28 -30.29
N ALA A 244 44.98 44.15 -30.70
CA ALA A 244 44.12 43.86 -31.81
C ALA A 244 44.08 45.00 -32.81
N GLY A 245 44.70 46.09 -32.47
CA GLY A 245 44.74 47.20 -33.34
C GLY A 245 43.50 48.03 -33.22
N GLY A 246 43.44 49.08 -34.01
CA GLY A 246 42.33 49.99 -34.00
C GLY A 246 41.03 49.34 -34.40
N SER A 247 41.12 48.38 -35.30
CA SER A 247 39.95 47.71 -35.85
C SER A 247 39.06 47.08 -34.77
N GLN A 248 39.66 46.59 -33.69
CA GLN A 248 38.87 46.00 -32.64
C GLN A 248 38.86 46.92 -31.41
N HIS A 249 39.79 47.89 -31.41
CA HIS A 249 40.00 48.92 -30.35
C HIS A 249 39.85 48.34 -28.88
N ASN A 250 39.63 49.21 -27.91
CA ASN A 250 39.47 48.80 -26.50
C ASN A 250 38.00 48.45 -26.21
N ARG A 251 37.30 48.01 -27.23
CA ARG A 251 35.90 47.74 -27.06
C ARG A 251 35.60 46.27 -26.91
N VAL A 252 34.38 45.99 -26.52
CA VAL A 252 33.89 44.64 -26.24
C VAL A 252 34.07 43.70 -27.45
N VAL A 253 34.56 42.51 -27.19
CA VAL A 253 34.69 41.54 -28.25
C VAL A 253 33.55 40.53 -28.17
N TYR A 254 33.11 40.26 -26.94
CA TYR A 254 31.97 39.42 -26.70
C TYR A 254 31.40 39.82 -25.36
N GLN A 255 30.10 39.86 -25.25
CA GLN A 255 29.49 40.08 -23.96
C GLN A 255 29.08 38.75 -23.38
N ASN A 256 29.61 38.45 -22.20
CA ASN A 256 29.36 37.19 -21.51
C ASN A 256 27.87 36.86 -21.29
N PRO A 257 27.06 37.72 -20.64
CA PRO A 257 25.65 37.47 -20.51
C PRO A 257 24.92 37.95 -21.76
N PRO A 258 24.18 37.07 -22.44
CA PRO A 258 23.46 37.44 -23.66
C PRO A 258 22.37 38.48 -23.36
N ALA A 259 22.15 39.37 -24.29
CA ALA A 259 21.14 40.40 -24.14
C ALA A 259 19.79 39.75 -24.05
N GLY A 260 19.00 40.17 -23.09
CA GLY A 260 17.72 39.55 -22.90
C GLY A 260 17.73 38.54 -21.77
N THR A 261 18.87 38.38 -21.15
CA THR A 261 19.00 37.47 -20.03
C THR A 261 18.96 38.29 -18.72
N GLY A 262 18.55 37.65 -17.66
CA GLY A 262 18.50 38.30 -16.38
C GLY A 262 19.86 38.36 -15.72
N VAL A 263 20.19 39.53 -15.22
CA VAL A 263 21.41 39.74 -14.50
C VAL A 263 21.09 40.08 -13.06
N ASN A 264 21.92 39.59 -12.18
CA ASN A 264 21.76 39.75 -10.72
C ASN A 264 21.73 41.18 -10.32
N ARG A 265 21.37 41.38 -9.07
CA ARG A 265 21.43 42.66 -8.42
C ARG A 265 22.88 43.20 -8.41
N ASP A 266 23.87 42.29 -8.49
CA ASP A 266 25.25 42.73 -8.54
C ASP A 266 25.58 43.23 -9.93
N GLY A 267 25.01 42.60 -10.94
CA GLY A 267 25.24 43.08 -12.27
C GLY A 267 26.56 42.63 -12.85
N ILE A 268 27.13 41.53 -12.35
CA ILE A 268 28.45 41.14 -12.80
C ILE A 268 28.39 40.75 -14.28
N ILE A 269 29.15 41.48 -15.07
CA ILE A 269 29.14 41.37 -16.49
C ILE A 269 30.60 41.18 -16.94
N THR A 270 30.85 40.23 -17.82
CA THR A 270 32.20 39.96 -18.25
C THR A 270 32.40 40.36 -19.73
N LEU A 271 33.51 41.03 -20.00
CA LEU A 271 33.88 41.55 -21.29
C LEU A 271 35.34 41.28 -21.49
N ARG A 272 35.71 41.18 -22.71
CA ARG A 272 37.08 41.13 -23.11
C ARG A 272 37.21 42.19 -24.15
N PHE A 273 38.25 42.93 -24.08
CA PHE A 273 38.46 44.06 -24.92
C PHE A 273 39.90 44.14 -25.29
N GLY A 274 40.21 44.93 -26.28
CA GLY A 274 41.54 45.10 -26.70
C GLY A 274 42.18 46.32 -26.10
N GLN A 275 42.85 47.05 -26.93
CA GLN A 275 43.58 48.23 -26.55
C GLN A 275 43.42 49.28 -27.62
N GLY A 4 -41.16 -66.75 5.73
CA GLY A 4 -42.11 -66.04 6.58
C GLY A 4 -41.71 -66.16 8.02
N ILE A 5 -42.67 -66.07 8.92
CA ILE A 5 -42.40 -66.15 10.33
C ILE A 5 -42.12 -67.59 10.80
N THR A 6 -40.90 -67.84 11.05
CA THR A 6 -40.41 -69.07 11.61
C THR A 6 -40.50 -68.95 13.12
N ARG A 7 -39.71 -69.71 13.82
CA ARG A 7 -39.62 -69.60 15.30
C ARG A 7 -38.89 -68.31 15.72
N ASP A 8 -38.56 -67.52 14.72
CA ASP A 8 -37.98 -66.21 14.84
C ASP A 8 -38.99 -65.25 15.39
N VAL A 9 -38.55 -64.26 16.08
CA VAL A 9 -39.42 -63.26 16.63
C VAL A 9 -39.11 -61.92 16.01
N GLN A 10 -40.03 -61.02 16.04
CA GLN A 10 -39.77 -59.73 15.52
C GLN A 10 -39.36 -58.93 16.71
N VAL A 11 -38.34 -58.16 16.58
CA VAL A 11 -37.69 -57.65 17.74
C VAL A 11 -38.19 -56.27 18.12
N PRO A 12 -38.59 -56.10 19.40
CA PRO A 12 -38.97 -54.81 19.93
C PRO A 12 -37.79 -53.89 19.99
N ASP A 13 -37.86 -52.91 19.20
CA ASP A 13 -36.82 -51.96 19.05
C ASP A 13 -37.13 -50.70 19.82
N VAL A 14 -36.35 -50.49 20.84
CA VAL A 14 -36.49 -49.39 21.77
C VAL A 14 -35.80 -48.09 21.30
N ARG A 15 -35.87 -47.84 20.02
CA ARG A 15 -35.42 -46.58 19.42
C ARG A 15 -36.28 -45.42 19.90
N GLY A 16 -35.68 -44.26 20.03
CA GLY A 16 -36.36 -43.10 20.54
C GLY A 16 -35.93 -42.82 21.96
N GLN A 17 -35.13 -43.70 22.48
CA GLN A 17 -34.60 -43.58 23.79
C GLN A 17 -33.11 -43.26 23.66
N SER A 18 -32.35 -43.55 24.66
CA SER A 18 -30.94 -43.25 24.65
C SER A 18 -30.18 -44.50 24.28
N SER A 19 -28.90 -44.36 23.98
CA SER A 19 -28.07 -45.49 23.64
C SER A 19 -28.05 -46.51 24.79
N ALA A 20 -27.86 -46.00 26.00
CA ALA A 20 -27.76 -46.84 27.18
C ALA A 20 -29.05 -47.55 27.49
N ASP A 21 -30.18 -46.86 27.38
CA ASP A 21 -31.47 -47.49 27.68
C ASP A 21 -31.78 -48.54 26.62
N ALA A 22 -31.52 -48.18 25.38
CA ALA A 22 -31.80 -49.05 24.26
C ALA A 22 -30.92 -50.30 24.29
N ILE A 23 -29.62 -50.10 24.51
CA ILE A 23 -28.68 -51.20 24.61
C ILE A 23 -29.01 -52.10 25.81
N ALA A 24 -29.41 -51.47 26.92
CA ALA A 24 -29.74 -52.21 28.13
C ALA A 24 -30.88 -53.17 27.87
N THR A 25 -31.88 -52.70 27.15
CA THR A 25 -33.04 -53.49 26.82
C THR A 25 -32.63 -54.68 25.93
N LEU A 26 -31.84 -54.39 24.91
CA LEU A 26 -31.38 -55.40 23.97
C LEU A 26 -30.54 -56.46 24.68
N GLN A 27 -29.69 -56.00 25.58
CA GLN A 27 -28.81 -56.88 26.34
C GLN A 27 -29.62 -57.81 27.23
N ASN A 28 -30.68 -57.28 27.86
CA ASN A 28 -31.57 -58.08 28.70
C ASN A 28 -32.29 -59.14 27.89
N ARG A 29 -32.46 -58.88 26.61
CA ARG A 29 -33.13 -59.81 25.72
C ARG A 29 -32.16 -60.77 25.06
N GLY A 30 -30.89 -60.54 25.26
CA GLY A 30 -29.89 -61.43 24.73
C GLY A 30 -29.34 -60.97 23.40
N PHE A 31 -29.71 -59.79 22.98
CA PHE A 31 -29.22 -59.27 21.74
C PHE A 31 -27.84 -58.71 21.89
N LYS A 32 -27.06 -58.87 20.86
CA LYS A 32 -25.69 -58.42 20.84
C LYS A 32 -25.68 -57.02 20.27
N ILE A 33 -24.82 -56.18 20.77
CA ILE A 33 -24.77 -54.82 20.29
C ILE A 33 -23.38 -54.45 19.86
N ARG A 34 -23.31 -53.50 18.98
CA ARG A 34 -22.08 -52.95 18.53
C ARG A 34 -22.25 -51.45 18.49
N THR A 35 -21.31 -50.73 18.96
CA THR A 35 -21.37 -49.30 18.93
C THR A 35 -20.46 -48.81 17.81
N LEU A 36 -21.02 -48.10 16.87
CA LEU A 36 -20.27 -47.59 15.77
C LEU A 36 -20.23 -46.09 15.93
N GLN A 37 -19.05 -45.55 16.05
CA GLN A 37 -18.89 -44.14 16.26
C GLN A 37 -18.49 -43.41 14.99
N LYS A 38 -19.19 -42.35 14.74
CA LYS A 38 -19.01 -41.50 13.58
C LYS A 38 -18.89 -40.07 14.11
N PRO A 39 -18.18 -39.17 13.45
CA PRO A 39 -18.12 -37.76 13.91
C PRO A 39 -19.46 -37.05 13.64
N ASP A 40 -19.66 -35.88 14.22
CA ASP A 40 -20.88 -35.12 13.94
C ASP A 40 -20.79 -34.46 12.61
N SER A 41 -21.17 -35.18 11.63
CA SER A 41 -21.29 -34.69 10.31
C SER A 41 -22.77 -34.68 9.97
N THR A 42 -23.59 -34.23 10.96
CA THR A 42 -25.04 -34.18 10.82
C THR A 42 -25.63 -35.64 10.83
N ILE A 43 -24.93 -36.51 11.52
CA ILE A 43 -25.32 -37.91 11.55
C ILE A 43 -25.71 -38.40 12.97
N PRO A 44 -26.60 -39.43 13.02
CA PRO A 44 -27.21 -40.00 14.26
C PRO A 44 -26.43 -39.86 15.58
N PRO A 45 -26.98 -39.03 16.51
CA PRO A 45 -26.49 -38.89 17.90
C PRO A 45 -26.76 -40.16 18.69
N ASP A 46 -26.06 -40.34 19.84
CA ASP A 46 -26.17 -41.59 20.66
C ASP A 46 -27.61 -41.86 21.10
N HIS A 47 -28.45 -40.89 20.95
CA HIS A 47 -29.83 -41.04 21.29
C HIS A 47 -30.45 -41.67 20.10
N VAL A 48 -30.84 -42.89 20.26
CA VAL A 48 -31.20 -43.73 19.16
C VAL A 48 -32.41 -43.21 18.40
N ILE A 49 -32.18 -42.90 17.15
CA ILE A 49 -33.18 -42.31 16.29
C ILE A 49 -33.69 -43.36 15.29
N GLY A 50 -32.84 -44.30 14.97
CA GLY A 50 -33.16 -45.28 13.98
C GLY A 50 -32.57 -46.59 14.34
N THR A 51 -33.03 -47.62 13.69
CA THR A 51 -32.65 -48.96 14.02
C THR A 51 -31.94 -49.68 12.89
N ASP A 52 -31.61 -50.91 13.15
CA ASP A 52 -30.99 -51.81 12.23
C ASP A 52 -32.08 -52.74 11.73
N PRO A 53 -32.08 -53.08 10.41
CA PRO A 53 -33.13 -53.93 9.81
C PRO A 53 -33.31 -55.28 10.49
N ALA A 54 -32.28 -55.75 11.15
CA ALA A 54 -32.30 -57.06 11.81
C ALA A 54 -33.35 -57.09 12.90
N ALA A 55 -33.54 -55.99 13.58
CA ALA A 55 -34.48 -55.92 14.68
C ALA A 55 -35.90 -55.81 14.16
N ASN A 56 -36.07 -55.10 13.07
CA ASN A 56 -37.40 -54.82 12.53
C ASN A 56 -37.92 -55.99 11.70
N THR A 57 -37.04 -56.90 11.41
CA THR A 57 -37.40 -58.09 10.68
C THR A 57 -37.48 -59.23 11.71
N SER A 58 -38.14 -60.30 11.40
CA SER A 58 -38.22 -61.40 12.30
C SER A 58 -36.90 -62.20 12.31
N VAL A 59 -36.19 -62.16 13.42
CA VAL A 59 -34.95 -62.92 13.58
C VAL A 59 -34.98 -63.68 14.89
N SER A 60 -34.08 -64.60 15.07
CA SER A 60 -34.00 -65.32 16.32
C SER A 60 -33.50 -64.36 17.40
N ALA A 61 -34.07 -64.44 18.58
CA ALA A 61 -33.67 -63.58 19.67
C ALA A 61 -32.22 -63.81 20.03
N GLY A 62 -31.41 -62.83 19.73
CA GLY A 62 -29.99 -62.90 20.02
C GLY A 62 -29.15 -62.59 18.80
N ASP A 63 -29.58 -61.62 18.01
CA ASP A 63 -28.85 -61.22 16.81
C ASP A 63 -28.00 -59.98 17.17
N GLU A 64 -27.38 -59.36 16.19
CA GLU A 64 -26.44 -58.27 16.42
C GLU A 64 -27.01 -56.93 15.92
N ILE A 65 -27.05 -55.96 16.79
CA ILE A 65 -27.55 -54.64 16.44
C ILE A 65 -26.44 -53.57 16.64
N THR A 66 -26.04 -52.93 15.57
CA THR A 66 -25.07 -51.87 15.65
C THR A 66 -25.79 -50.51 15.87
N VAL A 67 -25.31 -49.76 16.84
CA VAL A 67 -25.86 -48.50 17.21
C VAL A 67 -24.93 -47.40 16.71
N ASN A 68 -25.49 -46.38 16.14
CA ASN A 68 -24.70 -45.27 15.65
C ASN A 68 -24.62 -44.18 16.68
N VAL A 69 -23.44 -43.76 16.97
CA VAL A 69 -23.22 -42.63 17.84
C VAL A 69 -22.29 -41.63 17.16
N SER A 70 -22.67 -40.39 17.16
CA SER A 70 -21.81 -39.36 16.66
C SER A 70 -21.03 -38.74 17.81
N THR A 71 -19.74 -38.78 17.71
CA THR A 71 -18.90 -38.23 18.71
C THR A 71 -18.01 -37.10 18.17
N GLY A 72 -18.35 -35.89 18.54
CA GLY A 72 -17.56 -34.73 18.20
C GLY A 72 -17.72 -34.27 16.76
N PRO A 73 -18.08 -32.99 16.54
CA PRO A 73 -18.12 -32.41 15.20
C PRO A 73 -16.73 -32.37 14.62
N GLU A 74 -16.66 -32.36 13.32
CA GLU A 74 -15.41 -32.42 12.65
C GLU A 74 -14.63 -31.14 12.75
N GLN A 75 -13.35 -31.29 12.73
CA GLN A 75 -12.43 -30.22 12.78
C GLN A 75 -12.22 -29.79 11.34
N ARG A 76 -12.15 -28.53 11.07
CA ARG A 76 -11.97 -28.08 9.72
C ARG A 76 -10.75 -27.25 9.57
N GLU A 77 -10.08 -27.46 8.48
CA GLU A 77 -8.84 -26.81 8.17
C GLU A 77 -9.11 -25.45 7.55
N ILE A 78 -8.33 -24.47 7.94
CA ILE A 78 -8.44 -23.21 7.31
C ILE A 78 -7.36 -23.12 6.27
N PRO A 79 -7.72 -23.10 4.99
CA PRO A 79 -6.78 -22.72 3.96
C PRO A 79 -6.56 -21.22 4.04
N ASP A 80 -5.36 -20.75 3.84
CA ASP A 80 -5.16 -19.32 3.91
C ASP A 80 -5.50 -18.73 2.58
N VAL A 81 -6.27 -17.69 2.62
CA VAL A 81 -6.70 -16.99 1.45
C VAL A 81 -5.91 -15.71 1.41
N SER A 82 -5.67 -15.18 0.23
CA SER A 82 -4.90 -13.98 0.07
C SER A 82 -5.48 -12.82 0.90
N THR A 83 -4.61 -12.04 1.47
CA THR A 83 -4.96 -11.02 2.41
C THR A 83 -5.81 -9.88 1.81
N LEU A 84 -5.68 -9.66 0.52
CA LEU A 84 -6.50 -8.65 -0.12
C LEU A 84 -7.89 -9.22 -0.48
N THR A 85 -7.97 -10.54 -0.47
CA THR A 85 -9.16 -11.28 -0.82
C THR A 85 -9.93 -11.65 0.47
N TYR A 86 -9.98 -10.70 1.41
CA TYR A 86 -10.69 -10.82 2.69
C TYR A 86 -12.15 -11.26 2.53
N ALA A 87 -12.81 -10.75 1.50
CA ALA A 87 -14.21 -11.09 1.24
C ALA A 87 -14.35 -12.59 0.97
N GLU A 88 -13.42 -13.14 0.21
CA GLU A 88 -13.41 -14.56 -0.07
C GLU A 88 -13.04 -15.33 1.18
N ALA A 89 -12.15 -14.76 1.97
CA ALA A 89 -11.67 -15.39 3.19
C ALA A 89 -12.82 -15.62 4.16
N VAL A 90 -13.59 -14.59 4.44
CA VAL A 90 -14.71 -14.71 5.36
C VAL A 90 -15.77 -15.71 4.86
N LYS A 91 -16.09 -15.67 3.56
CA LYS A 91 -17.05 -16.61 3.03
C LYS A 91 -16.54 -18.06 3.02
N LYS A 92 -15.24 -18.24 2.79
CA LYS A 92 -14.62 -19.54 2.77
C LYS A 92 -14.73 -20.15 4.18
N LEU A 93 -14.50 -19.30 5.18
CA LEU A 93 -14.63 -19.69 6.58
C LEU A 93 -16.07 -20.07 6.90
N THR A 94 -17.00 -19.43 6.25
CA THR A 94 -18.40 -19.72 6.42
C THR A 94 -18.74 -21.10 5.84
N ALA A 95 -18.20 -21.37 4.66
CA ALA A 95 -18.39 -22.65 3.97
C ALA A 95 -17.73 -23.79 4.73
N ALA A 96 -16.70 -23.47 5.49
CA ALA A 96 -15.97 -24.46 6.26
C ALA A 96 -16.70 -24.86 7.54
N GLY A 97 -17.78 -24.17 7.84
CA GLY A 97 -18.56 -24.52 9.00
C GLY A 97 -18.68 -23.39 9.96
N PHE A 98 -17.60 -23.16 10.73
CA PHE A 98 -17.51 -22.05 11.69
C PHE A 98 -18.10 -20.74 11.18
N GLY A 99 -17.47 -20.14 10.19
CA GLY A 99 -17.92 -18.86 9.66
C GLY A 99 -17.95 -17.78 10.71
N ARG A 100 -17.13 -17.93 11.73
CA ARG A 100 -17.05 -17.00 12.80
C ARG A 100 -15.81 -16.15 12.56
N PHE A 101 -15.99 -14.91 12.27
CA PHE A 101 -14.90 -14.04 11.96
C PHE A 101 -15.09 -12.68 12.58
N LYS A 102 -14.01 -12.09 12.98
CA LYS A 102 -13.97 -10.80 13.60
C LYS A 102 -12.92 -9.96 12.91
N GLN A 103 -13.29 -8.82 12.38
CA GLN A 103 -12.34 -7.97 11.67
C GLN A 103 -11.84 -6.85 12.57
N ALA A 104 -10.55 -6.80 12.77
CA ALA A 104 -9.91 -5.78 13.53
C ALA A 104 -8.99 -5.01 12.62
N ASN A 105 -8.71 -3.78 12.95
CA ASN A 105 -7.84 -2.96 12.11
C ASN A 105 -6.79 -2.33 12.96
N SER A 106 -5.61 -2.23 12.45
CA SER A 106 -4.52 -1.61 13.14
C SER A 106 -3.62 -0.89 12.14
N PRO A 107 -2.97 0.20 12.55
CA PRO A 107 -2.05 0.94 11.69
C PRO A 107 -0.82 0.10 11.38
N SER A 108 -0.51 -0.05 10.13
CA SER A 108 0.60 -0.85 9.71
C SER A 108 1.23 -0.27 8.45
N THR A 109 2.28 -0.92 7.96
CA THR A 109 2.99 -0.52 6.78
C THR A 109 2.01 -0.37 5.58
N PRO A 110 2.18 0.72 4.82
CA PRO A 110 1.26 1.12 3.74
C PRO A 110 0.92 0.04 2.74
N GLU A 111 1.83 -0.88 2.50
CA GLU A 111 1.56 -1.94 1.54
C GLU A 111 0.57 -2.97 2.08
N LEU A 112 0.52 -3.14 3.38
CA LEU A 112 -0.41 -4.09 3.99
C LEU A 112 -1.73 -3.42 4.28
N VAL A 113 -1.73 -2.10 4.19
CA VAL A 113 -2.92 -1.32 4.38
C VAL A 113 -3.98 -1.71 3.36
N GLY A 114 -5.16 -1.98 3.86
CA GLY A 114 -6.27 -2.34 3.04
C GLY A 114 -6.44 -3.83 2.93
N LYS A 115 -5.43 -4.54 3.35
CA LYS A 115 -5.39 -5.96 3.26
C LYS A 115 -5.33 -6.55 4.64
N VAL A 116 -5.56 -7.82 4.72
CA VAL A 116 -5.41 -8.55 5.95
C VAL A 116 -3.91 -8.66 6.25
N ILE A 117 -3.54 -8.67 7.51
CA ILE A 117 -2.14 -8.84 7.85
C ILE A 117 -1.95 -10.31 8.20
N GLY A 118 -2.96 -10.85 8.81
CA GLY A 118 -2.97 -12.22 9.19
C GLY A 118 -4.14 -12.49 10.10
N THR A 119 -4.25 -13.68 10.52
CA THR A 119 -5.26 -14.10 11.42
C THR A 119 -4.59 -14.52 12.71
N ASN A 120 -5.15 -14.14 13.86
CA ASN A 120 -4.56 -14.49 15.16
C ASN A 120 -4.54 -16.03 15.34
N PRO A 121 -5.65 -16.77 15.06
CA PRO A 121 -5.58 -18.21 14.95
C PRO A 121 -4.98 -18.52 13.59
N PRO A 122 -4.00 -19.41 13.51
CA PRO A 122 -3.30 -19.67 12.26
C PRO A 122 -4.22 -20.21 11.16
N ALA A 123 -4.18 -19.56 10.02
CA ALA A 123 -5.04 -19.85 8.88
C ALA A 123 -4.45 -20.96 8.03
N ASN A 124 -3.52 -21.67 8.59
CA ASN A 124 -2.95 -22.85 7.98
C ASN A 124 -3.34 -24.08 8.76
N GLN A 125 -3.99 -23.85 9.89
CA GLN A 125 -4.34 -24.91 10.79
C GLN A 125 -5.83 -25.13 10.82
N THR A 126 -6.24 -26.00 11.68
CA THR A 126 -7.59 -26.34 11.86
C THR A 126 -8.25 -25.46 12.93
N SER A 127 -9.52 -25.22 12.76
CA SER A 127 -10.29 -24.41 13.65
C SER A 127 -11.59 -25.12 13.95
N ALA A 128 -12.11 -24.90 15.14
CA ALA A 128 -13.37 -25.49 15.54
C ALA A 128 -14.53 -24.71 14.94
N ILE A 129 -15.67 -25.36 14.82
CA ILE A 129 -16.84 -24.75 14.17
C ILE A 129 -17.41 -23.64 15.08
N THR A 130 -17.10 -23.72 16.33
CA THR A 130 -17.55 -22.75 17.28
C THR A 130 -16.48 -21.70 17.61
N ASN A 131 -15.37 -21.77 16.90
CA ASN A 131 -14.23 -20.88 17.15
C ASN A 131 -14.41 -19.59 16.35
N VAL A 132 -14.28 -18.46 17.02
CA VAL A 132 -14.39 -17.18 16.36
C VAL A 132 -12.99 -16.69 16.06
N VAL A 133 -12.65 -16.60 14.80
CA VAL A 133 -11.32 -16.20 14.44
C VAL A 133 -11.21 -14.69 14.25
N ILE A 134 -10.24 -14.09 14.89
CA ILE A 134 -10.04 -12.66 14.77
C ILE A 134 -9.00 -12.40 13.68
N ILE A 135 -9.39 -11.59 12.75
CA ILE A 135 -8.60 -11.24 11.61
C ILE A 135 -8.25 -9.77 11.64
N ILE A 136 -6.99 -9.48 11.59
CA ILE A 136 -6.50 -8.12 11.69
C ILE A 136 -6.08 -7.60 10.30
N VAL A 137 -6.62 -6.46 9.91
CA VAL A 137 -6.29 -5.82 8.66
C VAL A 137 -5.44 -4.58 8.91
N GLY A 138 -4.63 -4.23 7.95
CA GLY A 138 -3.80 -3.07 8.06
C GLY A 138 -4.52 -1.84 7.61
N SER A 139 -4.41 -0.78 8.34
CA SER A 139 -5.05 0.45 7.98
C SER A 139 -4.10 1.62 8.24
N GLY A 140 -4.36 2.75 7.62
CA GLY A 140 -3.57 3.94 7.86
C GLY A 140 -2.32 4.06 7.00
N PRO A 141 -2.44 4.46 5.72
CA PRO A 141 -1.29 4.69 4.88
C PRO A 141 -0.81 6.14 5.04
N ALA A 142 0.42 6.29 5.42
CA ALA A 142 0.99 7.63 5.63
C ALA A 142 1.84 8.01 4.44
N THR A 143 1.53 7.40 3.37
CA THR A 143 2.22 7.54 2.14
C THR A 143 1.28 8.06 1.07
N LYS A 144 1.80 8.90 0.21
CA LYS A 144 1.06 9.43 -0.91
C LYS A 144 1.96 9.45 -2.10
N ASP A 145 1.38 9.33 -3.27
CA ASP A 145 2.15 9.41 -4.50
C ASP A 145 2.40 10.86 -4.79
N ILE A 146 3.63 11.21 -4.97
CA ILE A 146 3.99 12.59 -5.24
C ILE A 146 3.67 13.01 -6.67
N PRO A 147 2.92 14.08 -6.83
CA PRO A 147 2.66 14.66 -8.14
C PRO A 147 3.70 15.74 -8.47
N ASP A 148 3.89 16.02 -9.74
CA ASP A 148 4.83 17.06 -10.10
C ASP A 148 4.20 18.41 -9.93
N VAL A 149 4.68 19.10 -8.95
CA VAL A 149 4.23 20.46 -8.63
C VAL A 149 5.20 21.45 -9.32
N ALA A 150 5.94 20.91 -10.26
CA ALA A 150 6.94 21.66 -10.99
C ALA A 150 6.31 22.46 -12.11
N GLY A 151 5.63 23.48 -11.73
CA GLY A 151 5.01 24.38 -12.66
C GLY A 151 4.75 25.72 -12.03
N GLN A 152 5.30 25.89 -10.85
CA GLN A 152 5.07 27.05 -10.02
C GLN A 152 6.39 27.40 -9.41
N THR A 153 6.45 28.48 -8.67
CA THR A 153 7.67 28.86 -8.03
C THR A 153 7.82 28.09 -6.74
N VAL A 154 9.05 28.00 -6.24
CA VAL A 154 9.39 27.27 -5.03
C VAL A 154 8.48 27.64 -3.85
N ASP A 155 8.19 28.92 -3.71
CA ASP A 155 7.30 29.40 -2.61
C ASP A 155 5.90 28.82 -2.75
N VAL A 156 5.41 28.81 -3.95
CA VAL A 156 4.06 28.34 -4.20
C VAL A 156 4.03 26.81 -4.14
N ALA A 157 5.07 26.18 -4.65
CA ALA A 157 5.17 24.73 -4.66
C ALA A 157 5.22 24.17 -3.24
N GLN A 158 6.08 24.75 -2.39
CA GLN A 158 6.23 24.28 -1.01
C GLN A 158 4.92 24.45 -0.24
N LYS A 159 4.23 25.56 -0.52
CA LYS A 159 2.96 25.87 0.10
C LYS A 159 1.96 24.75 -0.22
N ASN A 160 1.88 24.39 -1.49
CA ASN A 160 0.97 23.32 -1.94
C ASN A 160 1.33 22.00 -1.31
N LEU A 161 2.60 21.70 -1.25
CA LEU A 161 3.08 20.45 -0.68
C LEU A 161 2.77 20.37 0.79
N ASN A 162 2.95 21.48 1.51
CA ASN A 162 2.65 21.52 2.94
C ASN A 162 1.18 21.25 3.16
N VAL A 163 0.35 21.78 2.26
CA VAL A 163 -1.10 21.55 2.29
C VAL A 163 -1.42 20.05 2.12
N TYR A 164 -0.63 19.36 1.30
CA TYR A 164 -0.86 17.93 1.05
C TYR A 164 -0.35 17.05 2.19
N GLY A 165 0.35 17.65 3.14
CA GLY A 165 0.86 16.90 4.26
C GLY A 165 2.36 16.79 4.25
N PHE A 166 2.97 17.13 3.14
CA PHE A 166 4.40 17.06 3.00
C PHE A 166 4.96 18.29 3.63
N THR A 167 5.35 18.18 4.85
CA THR A 167 5.75 19.33 5.58
C THR A 167 7.28 19.48 5.59
N LYS A 168 7.97 18.53 5.01
CA LYS A 168 9.41 18.58 4.98
C LYS A 168 9.87 18.57 3.53
N PHE A 169 10.47 19.64 3.12
CA PHE A 169 10.97 19.79 1.78
C PHE A 169 12.40 20.29 1.79
N SER A 170 13.13 19.94 0.79
CA SER A 170 14.46 20.42 0.60
C SER A 170 14.54 20.95 -0.83
N GLN A 171 15.26 22.02 -1.03
CA GLN A 171 15.37 22.60 -2.32
C GLN A 171 16.80 22.57 -2.84
N ALA A 172 16.98 22.01 -4.00
CA ALA A 172 18.27 21.94 -4.63
C ALA A 172 18.23 22.74 -5.92
N SER A 173 19.02 23.76 -6.01
CA SER A 173 18.98 24.63 -7.15
C SER A 173 20.04 24.25 -8.20
N VAL A 174 19.60 24.16 -9.44
CA VAL A 174 20.46 23.83 -10.58
C VAL A 174 20.37 24.99 -11.57
N ASP A 175 21.38 25.22 -12.38
CA ASP A 175 21.34 26.36 -13.29
C ASP A 175 20.61 26.04 -14.57
N SER A 176 19.83 26.99 -15.01
CA SER A 176 19.07 26.90 -16.24
C SER A 176 18.68 28.32 -16.61
N PRO A 177 18.39 28.64 -17.88
CA PRO A 177 18.00 30.03 -18.26
C PRO A 177 16.71 30.52 -17.56
N ARG A 178 15.99 29.60 -16.94
CA ARG A 178 14.77 29.89 -16.22
C ARG A 178 15.14 30.66 -14.94
N PRO A 179 14.46 31.78 -14.65
CA PRO A 179 14.77 32.61 -13.47
C PRO A 179 14.67 31.85 -12.15
N ALA A 180 15.53 32.26 -11.21
CA ALA A 180 15.66 31.61 -9.93
C ALA A 180 14.35 31.62 -9.17
N GLY A 181 13.96 30.46 -8.72
CA GLY A 181 12.74 30.34 -7.98
C GLY A 181 11.76 29.44 -8.66
N GLU A 182 11.99 29.23 -9.94
CA GLU A 182 11.15 28.36 -10.76
C GLU A 182 11.44 26.90 -10.37
N VAL A 183 10.42 26.09 -10.16
CA VAL A 183 10.65 24.69 -9.84
C VAL A 183 10.70 23.90 -11.13
N THR A 184 11.86 23.36 -11.44
CA THR A 184 12.03 22.64 -12.69
C THR A 184 11.61 21.17 -12.56
N GLY A 185 11.58 20.68 -11.33
CA GLY A 185 11.18 19.31 -11.11
C GLY A 185 11.44 18.88 -9.71
N THR A 186 11.45 17.62 -9.48
CA THR A 186 11.76 17.06 -8.19
C THR A 186 12.79 16.00 -8.41
N ASN A 187 13.59 15.70 -7.41
CA ASN A 187 14.58 14.64 -7.53
C ASN A 187 13.87 13.27 -7.63
N PRO A 188 12.99 12.88 -6.66
CA PRO A 188 12.24 11.64 -6.79
C PRO A 188 11.18 11.78 -7.89
N PRO A 189 11.02 10.75 -8.74
CA PRO A 189 10.07 10.79 -9.86
C PRO A 189 8.60 10.78 -9.40
N ALA A 190 7.77 11.49 -10.15
CA ALA A 190 6.35 11.59 -9.87
C ALA A 190 5.69 10.22 -9.94
N GLY A 191 4.78 9.98 -9.05
CA GLY A 191 4.11 8.72 -8.99
C GLY A 191 4.68 7.83 -7.93
N THR A 192 5.84 8.22 -7.40
CA THR A 192 6.45 7.48 -6.33
C THR A 192 5.71 7.79 -5.02
N THR A 193 5.38 6.78 -4.27
CA THR A 193 4.74 6.99 -3.02
C THR A 193 5.78 7.17 -1.94
N VAL A 194 5.69 8.27 -1.26
CA VAL A 194 6.60 8.57 -0.18
C VAL A 194 5.77 8.87 1.06
N PRO A 195 6.33 8.66 2.26
CA PRO A 195 5.65 9.03 3.48
C PRO A 195 5.62 10.53 3.63
N VAL A 196 4.48 11.06 4.03
CA VAL A 196 4.31 12.51 4.25
C VAL A 196 5.20 12.98 5.40
N ASP A 197 5.58 12.03 6.22
CA ASP A 197 6.44 12.22 7.38
C ASP A 197 7.92 12.42 6.97
N SER A 198 8.22 12.09 5.73
CA SER A 198 9.56 12.18 5.20
C SER A 198 9.80 13.52 4.47
N VAL A 199 10.96 13.64 3.82
CA VAL A 199 11.38 14.88 3.17
C VAL A 199 11.47 14.68 1.65
N ILE A 200 10.81 15.51 0.88
CA ILE A 200 10.93 15.45 -0.57
C ILE A 200 11.85 16.56 -1.06
N GLU A 201 12.61 16.29 -2.09
CA GLU A 201 13.53 17.25 -2.58
C GLU A 201 13.07 17.83 -3.91
N LEU A 202 12.92 19.13 -3.90
CA LEU A 202 12.49 19.90 -5.04
C LEU A 202 13.70 20.49 -5.71
N GLN A 203 13.79 20.42 -7.00
CA GLN A 203 14.89 20.99 -7.68
C GLN A 203 14.46 22.26 -8.39
N VAL A 204 15.09 23.31 -7.99
CA VAL A 204 14.72 24.64 -8.37
C VAL A 204 15.72 25.18 -9.38
N SER A 205 15.24 25.96 -10.28
CA SER A 205 16.05 26.57 -11.28
C SER A 205 16.70 27.86 -10.76
N LYS A 206 17.97 27.96 -11.03
CA LYS A 206 18.75 29.15 -10.85
C LYS A 206 18.95 29.69 -12.25
N GLY A 207 18.83 30.98 -12.45
CA GLY A 207 18.92 31.49 -13.79
C GLY A 207 20.35 31.49 -14.25
N ASN A 208 21.23 32.03 -13.40
CA ASN A 208 22.71 32.05 -13.64
C ASN A 208 23.12 32.83 -14.94
N GLN A 209 22.14 33.22 -15.69
CA GLN A 209 22.25 33.90 -16.93
C GLN A 209 21.14 34.94 -16.87
N PHE A 210 21.38 36.13 -17.36
CA PHE A 210 20.35 37.16 -17.29
C PHE A 210 20.34 37.99 -18.55
N VAL A 211 19.20 38.56 -18.87
CA VAL A 211 19.06 39.42 -20.01
C VAL A 211 19.81 40.72 -19.74
N MET A 212 20.79 41.00 -20.54
CA MET A 212 21.56 42.22 -20.36
C MET A 212 20.93 43.38 -21.12
N PRO A 213 20.79 44.56 -20.49
CA PRO A 213 20.36 45.78 -21.17
C PRO A 213 21.42 46.21 -22.20
N ASP A 214 21.05 47.04 -23.14
CA ASP A 214 21.99 47.43 -24.18
C ASP A 214 22.92 48.52 -23.69
N LEU A 215 24.19 48.33 -23.96
CA LEU A 215 25.22 49.26 -23.60
C LEU A 215 26.20 49.35 -24.79
N SER A 216 25.71 48.93 -25.94
CA SER A 216 26.53 48.82 -27.12
C SER A 216 26.84 50.20 -27.70
N GLY A 217 28.11 50.45 -28.00
CA GLY A 217 28.52 51.70 -28.62
C GLY A 217 28.45 52.91 -27.70
N MET A 218 28.24 52.68 -26.42
CA MET A 218 28.16 53.76 -25.45
C MET A 218 29.54 54.02 -24.88
N PHE A 219 29.78 55.24 -24.44
CA PHE A 219 31.07 55.64 -23.96
C PHE A 219 31.37 55.02 -22.63
N TRP A 220 32.59 54.61 -22.45
CA TRP A 220 33.06 53.96 -21.25
C TRP A 220 33.02 54.94 -20.08
N VAL A 221 32.95 56.23 -20.39
CA VAL A 221 32.91 57.25 -19.35
C VAL A 221 31.51 57.32 -18.75
N ASP A 222 30.53 56.90 -19.55
CA ASP A 222 29.14 56.90 -19.12
C ASP A 222 28.74 55.49 -18.71
N ALA A 223 29.39 54.50 -19.31
CA ALA A 223 29.15 53.09 -19.01
C ALA A 223 29.58 52.76 -17.59
N GLU A 224 30.61 53.46 -17.12
CA GLU A 224 31.12 53.29 -15.77
C GLU A 224 29.98 53.58 -14.70
N PRO A 225 29.27 54.75 -14.73
CA PRO A 225 28.10 54.95 -13.87
C PRO A 225 26.98 53.92 -14.12
N ARG A 226 26.80 53.52 -15.40
CA ARG A 226 25.75 52.54 -15.76
C ARG A 226 25.99 51.23 -15.04
N LEU A 227 27.23 50.77 -15.03
CA LEU A 227 27.56 49.49 -14.47
C LEU A 227 27.30 49.43 -12.96
N ARG A 228 27.63 50.50 -12.25
CA ARG A 228 27.37 50.58 -10.82
C ARG A 228 25.87 50.59 -10.56
N ALA A 229 25.13 51.24 -11.44
CA ALA A 229 23.69 51.34 -11.31
C ALA A 229 23.02 49.99 -11.55
N LEU A 230 23.52 49.26 -12.52
CA LEU A 230 22.95 47.97 -12.90
C LEU A 230 23.43 46.83 -12.01
N GLY A 231 24.39 47.11 -11.14
CA GLY A 231 24.90 46.10 -10.25
C GLY A 231 25.78 45.12 -10.97
N TRP A 232 26.58 45.64 -11.87
CA TRP A 232 27.50 44.85 -12.66
C TRP A 232 28.58 44.29 -11.74
N THR A 233 28.77 43.00 -11.80
CA THR A 233 29.76 42.34 -10.95
C THR A 233 30.83 41.71 -11.86
N GLY A 234 30.77 42.06 -13.13
CA GLY A 234 31.61 41.44 -14.11
C GLY A 234 33.01 41.94 -14.09
N MET A 235 33.81 41.37 -14.92
CA MET A 235 35.18 41.75 -15.01
C MET A 235 35.38 42.57 -16.26
N LEU A 236 36.19 43.57 -16.15
CA LEU A 236 36.54 44.41 -17.26
C LEU A 236 37.63 43.65 -18.02
N ASP A 237 37.47 43.51 -19.31
CA ASP A 237 38.41 42.73 -20.09
C ASP A 237 39.46 43.62 -20.70
N LYS A 238 40.61 43.62 -20.08
CA LYS A 238 41.72 44.42 -20.51
C LYS A 238 42.53 43.64 -21.53
N GLY A 239 42.48 44.07 -22.75
CA GLY A 239 43.25 43.46 -23.78
C GLY A 239 44.28 44.42 -24.28
N ALA A 240 43.90 45.22 -25.23
CA ALA A 240 44.73 46.24 -25.77
C ALA A 240 43.89 47.47 -25.98
N ASP A 241 44.50 48.62 -25.83
CA ASP A 241 43.81 49.88 -26.05
C ASP A 241 43.97 50.28 -27.48
N VAL A 242 42.95 50.83 -28.07
CA VAL A 242 42.96 51.11 -29.49
C VAL A 242 43.08 52.60 -29.73
N ASP A 243 44.10 53.02 -30.44
CA ASP A 243 44.20 54.43 -30.75
C ASP A 243 43.42 54.69 -32.02
N ALA A 244 42.30 55.33 -31.87
CA ALA A 244 41.41 55.62 -32.98
C ALA A 244 40.67 56.90 -32.70
N GLY A 245 41.24 57.71 -31.84
CA GLY A 245 40.60 58.92 -31.45
C GLY A 245 39.81 58.67 -30.22
N GLY A 246 40.48 58.69 -29.09
CA GLY A 246 39.89 58.38 -27.82
C GLY A 246 38.69 59.21 -27.51
N SER A 247 38.79 60.49 -27.76
CA SER A 247 37.71 61.42 -27.49
C SER A 247 36.40 61.09 -28.23
N GLN A 248 36.51 60.45 -29.39
CA GLN A 248 35.33 60.13 -30.17
C GLN A 248 35.02 58.64 -30.12
N HIS A 249 35.95 57.87 -29.63
CA HIS A 249 35.80 56.43 -29.67
C HIS A 249 36.06 55.76 -28.34
N ASN A 250 35.95 56.51 -27.24
CA ASN A 250 36.10 55.92 -25.86
C ASN A 250 34.81 55.19 -25.48
N ARG A 251 34.27 54.54 -26.46
CA ARG A 251 33.04 53.83 -26.38
C ARG A 251 33.29 52.44 -26.85
N VAL A 252 32.35 51.57 -26.59
CA VAL A 252 32.47 50.19 -27.01
C VAL A 252 32.52 50.15 -28.55
N VAL A 253 33.51 49.46 -29.11
CA VAL A 253 33.61 49.37 -30.56
C VAL A 253 32.93 48.11 -31.06
N TYR A 254 33.18 47.01 -30.40
CA TYR A 254 32.50 45.79 -30.70
C TYR A 254 32.01 45.26 -29.39
N GLN A 255 30.90 44.61 -29.40
CA GLN A 255 30.31 44.14 -28.20
C GLN A 255 30.20 42.61 -28.31
N ASN A 256 30.68 41.89 -27.30
CA ASN A 256 30.75 40.42 -27.35
C ASN A 256 29.43 39.70 -26.92
N PRO A 257 29.01 39.66 -25.62
CA PRO A 257 27.75 39.00 -25.23
C PRO A 257 26.56 39.87 -25.62
N PRO A 258 25.70 39.44 -26.56
CA PRO A 258 24.63 40.29 -27.12
C PRO A 258 23.59 40.74 -26.10
N ALA A 259 23.25 42.02 -26.17
CA ALA A 259 22.25 42.62 -25.32
C ALA A 259 20.89 42.05 -25.68
N GLY A 260 20.10 41.76 -24.69
CA GLY A 260 18.81 41.16 -24.91
C GLY A 260 18.90 39.66 -24.79
N THR A 261 20.10 39.16 -24.90
CA THR A 261 20.38 37.77 -24.77
C THR A 261 20.90 37.53 -23.33
N GLY A 262 20.87 36.28 -22.91
CA GLY A 262 21.33 35.93 -21.61
C GLY A 262 22.84 35.96 -21.50
N VAL A 263 23.30 36.82 -20.67
CA VAL A 263 24.71 36.97 -20.37
C VAL A 263 24.93 36.38 -19.01
N ASN A 264 26.08 35.75 -18.82
CA ASN A 264 26.42 35.15 -17.52
C ASN A 264 26.17 36.08 -16.37
N ARG A 265 25.82 35.50 -15.23
CA ARG A 265 25.55 36.24 -13.99
C ARG A 265 26.72 37.13 -13.59
N ASP A 266 27.92 36.78 -14.04
CA ASP A 266 29.09 37.59 -13.80
C ASP A 266 28.86 38.94 -14.47
N GLY A 267 28.52 38.88 -15.75
CA GLY A 267 28.28 40.05 -16.51
C GLY A 267 29.50 40.45 -17.28
N ILE A 268 30.43 39.53 -17.49
CA ILE A 268 31.69 39.91 -18.11
C ILE A 268 31.45 40.26 -19.59
N ILE A 269 31.78 41.48 -19.92
CA ILE A 269 31.57 42.02 -21.22
C ILE A 269 32.93 42.32 -21.85
N THR A 270 33.13 41.87 -23.05
CA THR A 270 34.37 42.09 -23.72
C THR A 270 34.23 43.28 -24.65
N LEU A 271 35.01 44.31 -24.39
CA LEU A 271 34.96 45.54 -25.16
C LEU A 271 36.35 46.05 -25.40
N ARG A 272 36.46 46.84 -26.42
CA ARG A 272 37.65 47.60 -26.76
C ARG A 272 37.17 49.00 -26.95
N PHE A 273 37.96 49.94 -26.56
CA PHE A 273 37.60 51.32 -26.65
C PHE A 273 38.80 52.15 -27.05
N GLY A 274 38.51 53.37 -27.45
CA GLY A 274 39.50 54.31 -27.85
C GLY A 274 40.39 54.74 -26.73
N GLN A 275 41.64 54.83 -27.02
CA GLN A 275 42.67 55.19 -26.11
C GLN A 275 42.76 56.70 -26.04
N GLY A 4 -35.40 -72.72 24.04
CA GLY A 4 -36.00 -73.81 23.27
C GLY A 4 -36.17 -73.40 21.83
N ILE A 5 -37.35 -73.61 21.30
CA ILE A 5 -37.63 -73.25 19.94
C ILE A 5 -37.78 -71.74 19.84
N THR A 6 -37.26 -71.17 18.81
CA THR A 6 -37.34 -69.76 18.64
C THR A 6 -38.37 -69.45 17.58
N ARG A 7 -38.97 -68.32 17.71
CA ARG A 7 -39.87 -67.80 16.76
C ARG A 7 -39.25 -66.56 16.22
N ASP A 8 -38.45 -66.78 15.23
CA ASP A 8 -37.66 -65.75 14.58
C ASP A 8 -38.57 -64.82 13.89
N VAL A 9 -38.36 -63.57 14.11
CA VAL A 9 -39.18 -62.55 13.53
C VAL A 9 -38.29 -61.49 13.00
N GLN A 10 -38.79 -60.71 12.10
CA GLN A 10 -38.09 -59.61 11.63
C GLN A 10 -38.51 -58.43 12.43
N VAL A 11 -37.59 -57.65 12.77
CA VAL A 11 -37.79 -56.58 13.66
C VAL A 11 -38.05 -55.30 12.86
N PRO A 12 -39.14 -54.58 13.19
CA PRO A 12 -39.50 -53.36 12.48
C PRO A 12 -38.37 -52.37 12.55
N ASP A 13 -37.99 -51.89 11.42
CA ASP A 13 -36.84 -51.03 11.36
C ASP A 13 -37.26 -49.65 11.77
N VAL A 14 -36.57 -49.12 12.72
CA VAL A 14 -36.91 -47.87 13.33
C VAL A 14 -36.29 -46.67 12.63
N ARG A 15 -35.55 -46.93 11.55
CA ARG A 15 -34.97 -45.88 10.72
C ARG A 15 -36.06 -44.91 10.20
N GLY A 16 -35.69 -43.65 10.10
CA GLY A 16 -36.59 -42.61 9.67
C GLY A 16 -37.06 -41.75 10.82
N GLN A 17 -36.90 -42.22 12.03
CA GLN A 17 -37.26 -41.45 13.19
C GLN A 17 -36.00 -40.81 13.76
N SER A 18 -36.02 -40.49 15.00
CA SER A 18 -34.88 -39.89 15.63
C SER A 18 -34.14 -40.98 16.36
N SER A 19 -32.99 -40.68 16.94
CA SER A 19 -32.29 -41.65 17.72
C SER A 19 -33.14 -42.05 18.94
N ALA A 20 -33.73 -41.05 19.60
CA ALA A 20 -34.57 -41.28 20.78
C ALA A 20 -35.82 -42.05 20.41
N ASP A 21 -36.48 -41.65 19.33
CA ASP A 21 -37.70 -42.33 18.88
C ASP A 21 -37.43 -43.76 18.46
N ALA A 22 -36.31 -43.96 17.82
CA ALA A 22 -35.93 -45.28 17.36
C ALA A 22 -35.63 -46.20 18.55
N ILE A 23 -34.83 -45.67 19.49
CA ILE A 23 -34.50 -46.39 20.72
C ILE A 23 -35.75 -46.67 21.52
N ALA A 24 -36.63 -45.66 21.62
CA ALA A 24 -37.84 -45.75 22.40
C ALA A 24 -38.72 -46.89 21.91
N THR A 25 -38.82 -47.02 20.60
CA THR A 25 -39.64 -48.04 20.01
C THR A 25 -39.04 -49.44 20.30
N LEU A 26 -37.74 -49.59 20.07
CA LEU A 26 -37.07 -50.87 20.29
C LEU A 26 -37.07 -51.29 21.75
N GLN A 27 -36.89 -50.32 22.65
CA GLN A 27 -36.87 -50.58 24.08
C GLN A 27 -38.25 -51.07 24.53
N ASN A 28 -39.29 -50.46 24.00
CA ASN A 28 -40.66 -50.85 24.33
C ASN A 28 -41.01 -52.19 23.74
N ARG A 29 -40.29 -52.61 22.73
CA ARG A 29 -40.51 -53.91 22.15
C ARG A 29 -39.72 -54.96 22.91
N GLY A 30 -38.81 -54.52 23.75
CA GLY A 30 -38.04 -55.41 24.58
C GLY A 30 -36.66 -55.70 24.04
N PHE A 31 -36.31 -55.03 22.96
CA PHE A 31 -35.04 -55.22 22.36
C PHE A 31 -34.00 -54.42 23.09
N LYS A 32 -32.78 -54.74 22.83
CA LYS A 32 -31.67 -54.06 23.42
C LYS A 32 -31.03 -53.23 22.36
N ILE A 33 -30.60 -52.07 22.71
CA ILE A 33 -30.03 -51.19 21.74
C ILE A 33 -28.67 -50.78 22.17
N ARG A 34 -27.89 -50.47 21.22
CA ARG A 34 -26.60 -49.97 21.45
C ARG A 34 -26.43 -48.79 20.56
N THR A 35 -26.07 -47.71 21.12
CA THR A 35 -25.96 -46.48 20.41
C THR A 35 -24.52 -46.03 20.46
N LEU A 36 -23.93 -45.82 19.34
CA LEU A 36 -22.57 -45.39 19.28
C LEU A 36 -22.55 -43.97 18.73
N GLN A 37 -22.01 -43.06 19.50
CA GLN A 37 -21.96 -41.66 19.12
C GLN A 37 -20.63 -41.38 18.45
N LYS A 38 -20.65 -40.82 17.27
CA LYS A 38 -19.43 -40.42 16.60
C LYS A 38 -19.55 -39.00 16.10
N PRO A 39 -18.51 -38.18 16.28
CA PRO A 39 -18.47 -36.84 15.69
C PRO A 39 -18.36 -36.93 14.17
N ASP A 40 -18.60 -35.80 13.48
CA ASP A 40 -18.56 -35.71 12.00
C ASP A 40 -19.90 -36.11 11.41
N SER A 41 -20.07 -35.88 10.13
CA SER A 41 -21.34 -36.16 9.48
C SER A 41 -21.24 -37.37 8.56
N THR A 42 -20.12 -38.08 8.62
CA THR A 42 -19.88 -39.22 7.76
C THR A 42 -20.65 -40.47 8.25
N ILE A 43 -21.24 -40.34 9.40
CA ILE A 43 -22.06 -41.38 9.96
C ILE A 43 -23.47 -40.84 10.06
N PRO A 44 -24.50 -41.74 9.98
CA PRO A 44 -25.91 -41.38 10.08
C PRO A 44 -26.23 -40.18 11.00
N PRO A 45 -27.02 -39.23 10.49
CA PRO A 45 -27.44 -38.01 11.21
C PRO A 45 -28.11 -38.31 12.55
N ASP A 46 -28.22 -37.29 13.37
CA ASP A 46 -28.84 -37.35 14.72
C ASP A 46 -30.30 -37.87 14.68
N HIS A 47 -30.82 -38.01 13.49
CA HIS A 47 -32.07 -38.67 13.22
C HIS A 47 -31.71 -39.85 12.39
N VAL A 48 -32.20 -41.01 12.74
CA VAL A 48 -31.72 -42.22 12.12
C VAL A 48 -32.17 -42.32 10.67
N ILE A 49 -31.22 -42.34 9.80
CA ILE A 49 -31.46 -42.46 8.39
C ILE A 49 -31.13 -43.88 7.98
N GLY A 50 -30.26 -44.46 8.74
CA GLY A 50 -29.81 -45.75 8.48
C GLY A 50 -29.58 -46.46 9.76
N THR A 51 -29.61 -47.73 9.68
CA THR A 51 -29.55 -48.63 10.79
C THR A 51 -28.83 -49.86 10.35
N ASP A 52 -28.75 -50.83 11.21
CA ASP A 52 -27.96 -52.00 10.92
C ASP A 52 -28.91 -53.11 10.48
N PRO A 53 -28.52 -53.93 9.45
CA PRO A 53 -29.37 -55.00 8.87
C PRO A 53 -29.88 -56.03 9.87
N ALA A 54 -29.31 -56.00 11.06
CA ALA A 54 -29.69 -56.89 12.17
C ALA A 54 -31.21 -56.90 12.39
N ALA A 55 -31.82 -55.72 12.31
CA ALA A 55 -33.28 -55.58 12.51
C ALA A 55 -34.06 -56.17 11.34
N ASN A 56 -33.49 -56.07 10.16
CA ASN A 56 -34.14 -56.54 8.93
C ASN A 56 -33.87 -58.00 8.71
N THR A 57 -33.13 -58.57 9.61
CA THR A 57 -32.89 -59.97 9.62
C THR A 57 -33.79 -60.57 10.71
N SER A 58 -34.20 -61.81 10.53
CA SER A 58 -35.01 -62.45 11.51
C SER A 58 -34.15 -62.82 12.71
N VAL A 59 -34.41 -62.20 13.82
CA VAL A 59 -33.66 -62.45 15.02
C VAL A 59 -34.58 -62.95 16.12
N SER A 60 -33.98 -63.40 17.20
CA SER A 60 -34.72 -63.84 18.34
C SER A 60 -35.21 -62.61 19.10
N ALA A 61 -36.34 -62.74 19.79
CA ALA A 61 -36.85 -61.65 20.58
C ALA A 61 -35.90 -61.34 21.72
N GLY A 62 -35.43 -60.13 21.76
CA GLY A 62 -34.49 -59.72 22.77
C GLY A 62 -33.09 -59.85 22.23
N ASP A 63 -32.76 -59.01 21.29
CA ASP A 63 -31.44 -59.04 20.68
C ASP A 63 -30.87 -57.62 20.74
N GLU A 64 -29.67 -57.41 20.24
CA GLU A 64 -29.02 -56.11 20.36
C GLU A 64 -28.92 -55.43 19.00
N ILE A 65 -29.52 -54.27 18.90
CA ILE A 65 -29.50 -53.51 17.68
C ILE A 65 -28.56 -52.30 17.85
N THR A 66 -27.56 -52.23 17.03
CA THR A 66 -26.57 -51.18 17.08
C THR A 66 -26.96 -50.01 16.16
N VAL A 67 -26.92 -48.81 16.68
CA VAL A 67 -27.23 -47.63 15.93
C VAL A 67 -26.08 -46.63 16.06
N ASN A 68 -25.69 -46.04 14.97
CA ASN A 68 -24.62 -45.06 15.00
C ASN A 68 -25.18 -43.70 14.70
N VAL A 69 -24.92 -42.78 15.58
CA VAL A 69 -25.48 -41.44 15.50
C VAL A 69 -24.36 -40.39 15.44
N SER A 70 -24.60 -39.34 14.68
CA SER A 70 -23.67 -38.26 14.51
C SER A 70 -23.83 -37.26 15.66
N THR A 71 -22.76 -37.05 16.38
CA THR A 71 -22.72 -36.08 17.43
C THR A 71 -21.63 -35.00 17.19
N GLY A 72 -22.03 -33.81 16.84
CA GLY A 72 -21.05 -32.75 16.76
C GLY A 72 -20.50 -32.44 15.37
N PRO A 73 -20.09 -31.18 15.15
CA PRO A 73 -19.58 -30.69 13.88
C PRO A 73 -18.18 -31.21 13.54
N GLU A 74 -17.89 -31.16 12.26
CA GLU A 74 -16.66 -31.67 11.68
C GLU A 74 -15.48 -30.72 11.93
N GLN A 75 -14.28 -31.23 11.75
CA GLN A 75 -13.06 -30.47 11.91
C GLN A 75 -12.76 -29.83 10.56
N ARG A 76 -12.33 -28.59 10.52
CA ARG A 76 -12.09 -27.94 9.23
C ARG A 76 -10.71 -27.32 9.11
N GLU A 77 -10.25 -27.32 7.91
CA GLU A 77 -8.98 -26.78 7.48
C GLU A 77 -9.08 -25.27 7.24
N ILE A 78 -8.08 -24.51 7.67
CA ILE A 78 -8.09 -23.07 7.44
C ILE A 78 -7.53 -22.81 6.02
N PRO A 79 -8.33 -22.19 5.14
CA PRO A 79 -7.92 -21.90 3.76
C PRO A 79 -6.86 -20.79 3.64
N ASP A 80 -6.06 -20.86 2.58
CA ASP A 80 -5.05 -19.86 2.29
C ASP A 80 -5.64 -18.80 1.40
N VAL A 81 -5.81 -17.63 1.94
CA VAL A 81 -6.38 -16.51 1.23
C VAL A 81 -5.31 -15.40 1.15
N SER A 82 -5.35 -14.61 0.10
CA SER A 82 -4.40 -13.54 -0.10
C SER A 82 -4.60 -12.42 0.95
N THR A 83 -3.52 -11.74 1.28
CA THR A 83 -3.48 -10.77 2.36
C THR A 83 -4.28 -9.50 2.05
N LEU A 84 -4.42 -9.18 0.80
CA LEU A 84 -5.20 -8.01 0.43
C LEU A 84 -6.67 -8.36 0.24
N THR A 85 -6.95 -9.64 0.23
CA THR A 85 -8.27 -10.16 -0.02
C THR A 85 -8.95 -10.54 1.33
N TYR A 86 -8.84 -9.64 2.30
CA TYR A 86 -9.41 -9.81 3.65
C TYR A 86 -10.91 -10.16 3.67
N ALA A 87 -11.71 -9.57 2.79
CA ALA A 87 -13.14 -9.88 2.75
C ALA A 87 -13.37 -11.33 2.36
N GLU A 88 -12.58 -11.81 1.42
CA GLU A 88 -12.64 -13.19 0.99
C GLU A 88 -12.21 -14.08 2.14
N ALA A 89 -11.24 -13.62 2.92
CA ALA A 89 -10.72 -14.36 4.06
C ALA A 89 -11.81 -14.63 5.10
N VAL A 90 -12.51 -13.60 5.51
CA VAL A 90 -13.54 -13.75 6.51
C VAL A 90 -14.73 -14.61 6.00
N LYS A 91 -15.12 -14.44 4.73
CA LYS A 91 -16.17 -15.26 4.18
C LYS A 91 -15.76 -16.72 4.01
N LYS A 92 -14.48 -16.97 3.69
CA LYS A 92 -13.93 -18.33 3.59
C LYS A 92 -14.03 -19.02 4.94
N LEU A 93 -13.70 -18.29 5.98
CA LEU A 93 -13.80 -18.80 7.34
C LEU A 93 -15.24 -19.09 7.70
N THR A 94 -16.14 -18.28 7.20
CA THR A 94 -17.56 -18.46 7.43
C THR A 94 -18.09 -19.69 6.69
N ALA A 95 -17.71 -19.80 5.42
CA ALA A 95 -18.11 -20.91 4.56
C ALA A 95 -17.53 -22.23 5.06
N ALA A 96 -16.49 -22.12 5.86
CA ALA A 96 -15.83 -23.27 6.42
C ALA A 96 -16.61 -23.82 7.65
N GLY A 97 -17.66 -23.15 8.02
CA GLY A 97 -18.46 -23.60 9.12
C GLY A 97 -18.46 -22.62 10.24
N PHE A 98 -17.38 -22.62 11.01
CA PHE A 98 -17.18 -21.69 12.13
C PHE A 98 -17.57 -20.27 11.81
N GLY A 99 -16.82 -19.65 10.91
CA GLY A 99 -17.04 -18.26 10.61
C GLY A 99 -16.80 -17.41 11.82
N ARG A 100 -15.95 -17.89 12.67
CA ARG A 100 -15.63 -17.21 13.87
C ARG A 100 -14.27 -16.61 13.67
N PHE A 101 -14.25 -15.33 13.56
CA PHE A 101 -13.06 -14.63 13.28
C PHE A 101 -12.96 -13.44 14.19
N LYS A 102 -11.77 -13.01 14.40
CA LYS A 102 -11.49 -11.88 15.22
C LYS A 102 -10.55 -10.99 14.45
N GLN A 103 -10.97 -9.78 14.25
CA GLN A 103 -10.18 -8.81 13.56
C GLN A 103 -9.25 -8.13 14.53
N ALA A 104 -8.00 -8.07 14.20
CA ALA A 104 -7.05 -7.41 15.02
C ALA A 104 -6.13 -6.57 14.17
N ASN A 105 -5.78 -5.43 14.67
CA ASN A 105 -4.85 -4.57 14.00
C ASN A 105 -3.64 -4.48 14.87
N SER A 106 -2.51 -4.38 14.28
CA SER A 106 -1.28 -4.22 15.02
C SER A 106 -0.34 -3.40 14.20
N PRO A 107 0.55 -2.64 14.84
CA PRO A 107 1.53 -1.86 14.12
C PRO A 107 2.52 -2.78 13.40
N SER A 108 2.77 -2.50 12.17
CA SER A 108 3.68 -3.27 11.38
C SER A 108 4.47 -2.34 10.46
N THR A 109 5.38 -2.90 9.69
CA THR A 109 6.14 -2.16 8.74
C THR A 109 5.20 -1.56 7.67
N PRO A 110 5.43 -0.29 7.29
CA PRO A 110 4.60 0.46 6.35
C PRO A 110 4.34 -0.27 5.04
N GLU A 111 5.27 -1.12 4.64
CA GLU A 111 5.12 -1.90 3.40
C GLU A 111 4.00 -2.95 3.52
N LEU A 112 3.81 -3.49 4.71
CA LEU A 112 2.79 -4.51 4.97
C LEU A 112 1.46 -3.88 5.39
N VAL A 113 1.53 -2.64 5.86
CA VAL A 113 0.35 -1.89 6.29
C VAL A 113 -0.73 -1.89 5.20
N GLY A 114 -1.95 -2.16 5.61
CA GLY A 114 -3.06 -2.20 4.69
C GLY A 114 -3.43 -3.61 4.30
N LYS A 115 -2.52 -4.54 4.46
CA LYS A 115 -2.79 -5.93 4.12
C LYS A 115 -2.82 -6.78 5.37
N VAL A 116 -3.31 -7.98 5.23
CA VAL A 116 -3.36 -8.92 6.32
C VAL A 116 -1.94 -9.45 6.59
N ILE A 117 -1.62 -9.68 7.84
CA ILE A 117 -0.31 -10.18 8.22
C ILE A 117 -0.42 -11.68 8.38
N GLY A 118 -1.59 -12.12 8.80
CA GLY A 118 -1.84 -13.52 8.89
C GLY A 118 -2.88 -13.82 9.93
N THR A 119 -2.94 -15.05 10.30
CA THR A 119 -3.79 -15.55 11.31
C THR A 119 -2.89 -16.08 12.41
N ASN A 120 -3.25 -15.84 13.66
CA ASN A 120 -2.45 -16.32 14.79
C ASN A 120 -2.43 -17.86 14.84
N PRO A 121 -3.61 -18.55 14.80
CA PRO A 121 -3.61 -20.00 14.61
C PRO A 121 -3.18 -20.26 13.17
N PRO A 122 -2.22 -21.15 12.94
CA PRO A 122 -1.68 -21.36 11.61
C PRO A 122 -2.72 -21.87 10.61
N ALA A 123 -2.72 -21.25 9.42
CA ALA A 123 -3.63 -21.57 8.30
C ALA A 123 -3.27 -22.92 7.65
N ASN A 124 -2.48 -23.66 8.33
CA ASN A 124 -2.00 -24.93 7.89
C ASN A 124 -2.66 -26.01 8.71
N GLN A 125 -3.29 -25.58 9.80
CA GLN A 125 -3.88 -26.51 10.73
C GLN A 125 -5.38 -26.51 10.60
N THR A 126 -6.01 -27.35 11.39
CA THR A 126 -7.40 -27.48 11.39
C THR A 126 -8.01 -26.83 12.64
N SER A 127 -9.10 -26.15 12.44
CA SER A 127 -9.80 -25.46 13.46
C SER A 127 -11.21 -26.05 13.64
N ALA A 128 -11.70 -25.99 14.83
CA ALA A 128 -13.03 -26.48 15.13
C ALA A 128 -14.07 -25.45 14.73
N ILE A 129 -15.30 -25.90 14.52
CA ILE A 129 -16.41 -25.01 14.11
C ILE A 129 -16.79 -24.06 15.26
N THR A 130 -16.38 -24.41 16.43
CA THR A 130 -16.66 -23.64 17.60
C THR A 130 -15.44 -22.78 18.00
N ASN A 131 -14.39 -22.85 17.21
CA ASN A 131 -13.14 -22.16 17.51
C ASN A 131 -13.07 -20.82 16.79
N VAL A 132 -12.65 -19.80 17.51
CA VAL A 132 -12.57 -18.45 17.00
C VAL A 132 -11.13 -18.15 16.59
N VAL A 133 -10.91 -17.90 15.32
CA VAL A 133 -9.57 -17.63 14.84
C VAL A 133 -9.33 -16.12 14.66
N ILE A 134 -8.19 -15.67 15.09
CA ILE A 134 -7.84 -14.26 15.04
C ILE A 134 -6.95 -13.93 13.85
N ILE A 135 -7.37 -12.94 13.10
CA ILE A 135 -6.68 -12.45 11.95
C ILE A 135 -6.16 -11.04 12.21
N ILE A 136 -4.89 -10.85 11.96
CA ILE A 136 -4.20 -9.64 12.27
C ILE A 136 -3.82 -8.90 10.98
N VAL A 137 -4.20 -7.64 10.90
CA VAL A 137 -3.88 -6.80 9.78
C VAL A 137 -2.78 -5.81 10.17
N GLY A 138 -1.98 -5.43 9.20
CA GLY A 138 -0.90 -4.51 9.46
C GLY A 138 -1.36 -3.09 9.40
N SER A 139 -1.10 -2.36 10.44
CA SER A 139 -1.51 -0.99 10.53
C SER A 139 -0.34 -0.21 11.07
N GLY A 140 -0.33 1.08 10.88
CA GLY A 140 0.73 1.86 11.42
C GLY A 140 1.04 3.04 10.55
N PRO A 141 1.82 4.00 11.04
CA PRO A 141 2.20 5.19 10.29
C PRO A 141 3.21 4.87 9.18
N ALA A 142 3.25 5.70 8.18
CA ALA A 142 4.12 5.52 7.06
C ALA A 142 5.29 6.46 7.15
N THR A 143 6.44 5.90 7.23
CA THR A 143 7.66 6.63 7.28
C THR A 143 8.51 6.32 6.06
N LYS A 144 9.19 7.33 5.56
CA LYS A 144 10.03 7.21 4.39
C LYS A 144 11.21 8.13 4.52
N ASP A 145 12.29 7.76 3.90
CA ASP A 145 13.44 8.60 3.85
C ASP A 145 13.28 9.52 2.67
N ILE A 146 13.57 10.76 2.89
CA ILE A 146 13.46 11.73 1.84
C ILE A 146 14.63 11.57 0.89
N PRO A 147 14.35 11.32 -0.38
CA PRO A 147 15.37 11.08 -1.38
C PRO A 147 16.05 12.37 -1.79
N ASP A 148 17.22 12.25 -2.35
CA ASP A 148 17.92 13.41 -2.89
C ASP A 148 17.27 13.71 -4.23
N VAL A 149 16.26 14.54 -4.17
CA VAL A 149 15.38 14.82 -5.30
C VAL A 149 15.82 16.09 -6.03
N ALA A 150 16.96 16.59 -5.62
CA ALA A 150 17.50 17.80 -6.17
C ALA A 150 18.16 17.56 -7.53
N GLY A 151 17.33 17.45 -8.54
CA GLY A 151 17.80 17.28 -9.88
C GLY A 151 16.65 17.24 -10.85
N GLN A 152 15.62 17.97 -10.51
CA GLN A 152 14.40 18.07 -11.28
C GLN A 152 13.72 19.34 -10.90
N THR A 153 12.57 19.60 -11.46
CA THR A 153 11.92 20.84 -11.16
C THR A 153 10.99 20.67 -9.97
N VAL A 154 10.71 21.76 -9.31
CA VAL A 154 9.86 21.82 -8.13
C VAL A 154 8.51 21.19 -8.40
N ASP A 155 7.98 21.44 -9.58
CA ASP A 155 6.68 20.91 -10.01
C ASP A 155 6.71 19.38 -10.02
N VAL A 156 7.78 18.82 -10.54
CA VAL A 156 7.92 17.39 -10.64
C VAL A 156 8.26 16.80 -9.28
N ALA A 157 9.08 17.52 -8.52
CA ALA A 157 9.51 17.09 -7.20
C ALA A 157 8.34 16.97 -6.24
N GLN A 158 7.50 18.00 -6.18
CA GLN A 158 6.34 17.99 -5.29
C GLN A 158 5.36 16.91 -5.70
N LYS A 159 5.25 16.70 -7.01
CA LYS A 159 4.38 15.70 -7.57
C LYS A 159 4.86 14.31 -7.12
N ASN A 160 6.19 14.09 -7.21
CA ASN A 160 6.81 12.84 -6.77
C ASN A 160 6.62 12.64 -5.28
N LEU A 161 6.78 13.70 -4.52
CA LEU A 161 6.61 13.65 -3.07
C LEU A 161 5.21 13.22 -2.72
N ASN A 162 4.23 13.76 -3.43
CA ASN A 162 2.83 13.39 -3.21
C ASN A 162 2.63 11.92 -3.51
N VAL A 163 3.30 11.44 -4.55
CA VAL A 163 3.26 10.04 -4.94
C VAL A 163 3.80 9.14 -3.81
N TYR A 164 4.80 9.61 -3.09
CA TYR A 164 5.41 8.81 -2.01
C TYR A 164 4.53 8.86 -0.78
N GLY A 165 3.67 9.85 -0.72
CA GLY A 165 2.77 9.97 0.40
C GLY A 165 2.99 11.25 1.18
N PHE A 166 4.02 11.99 0.83
CA PHE A 166 4.34 13.22 1.54
C PHE A 166 3.29 14.27 1.28
N THR A 167 2.71 14.75 2.33
CA THR A 167 1.67 15.73 2.26
C THR A 167 2.21 17.15 2.40
N LYS A 168 3.16 17.33 3.28
CA LYS A 168 3.59 18.66 3.58
C LYS A 168 4.95 18.99 3.03
N PHE A 169 4.96 19.91 2.12
CA PHE A 169 6.17 20.39 1.55
C PHE A 169 6.19 21.90 1.57
N SER A 170 7.36 22.44 1.62
CA SER A 170 7.56 23.86 1.58
C SER A 170 8.52 24.17 0.45
N GLN A 171 8.31 25.24 -0.24
CA GLN A 171 9.19 25.62 -1.31
C GLN A 171 9.83 26.96 -1.00
N ALA A 172 11.14 26.97 -0.92
CA ALA A 172 11.90 28.17 -0.65
C ALA A 172 12.95 28.33 -1.72
N SER A 173 12.98 29.46 -2.37
CA SER A 173 13.93 29.68 -3.42
C SER A 173 15.11 30.53 -2.95
N VAL A 174 16.29 30.15 -3.36
CA VAL A 174 17.50 30.92 -3.06
C VAL A 174 18.18 31.26 -4.37
N ASP A 175 18.89 32.39 -4.42
CA ASP A 175 19.53 32.82 -5.68
C ASP A 175 20.68 31.91 -6.02
N SER A 176 20.76 31.56 -7.27
CA SER A 176 21.78 30.67 -7.77
C SER A 176 21.86 30.78 -9.28
N PRO A 177 22.91 30.24 -9.95
CA PRO A 177 23.00 30.25 -11.42
C PRO A 177 22.11 29.18 -12.08
N ARG A 178 21.29 28.51 -11.28
CA ARG A 178 20.35 27.55 -11.80
C ARG A 178 18.99 28.24 -11.94
N PRO A 179 18.24 27.95 -13.02
CA PRO A 179 16.97 28.63 -13.32
C PRO A 179 15.87 28.39 -12.29
N ALA A 180 14.88 29.27 -12.31
CA ALA A 180 13.77 29.20 -11.37
C ALA A 180 12.95 27.96 -11.63
N GLY A 181 12.85 27.13 -10.64
CA GLY A 181 12.10 25.92 -10.77
C GLY A 181 12.95 24.71 -10.46
N GLU A 182 14.23 24.84 -10.67
CA GLU A 182 15.18 23.77 -10.44
C GLU A 182 15.30 23.50 -8.93
N VAL A 183 15.11 22.28 -8.50
CA VAL A 183 15.27 21.95 -7.10
C VAL A 183 16.74 21.73 -6.86
N THR A 184 17.34 22.61 -6.12
CA THR A 184 18.75 22.55 -5.93
C THR A 184 19.12 21.82 -4.64
N GLY A 185 18.16 21.63 -3.75
CA GLY A 185 18.43 20.92 -2.54
C GLY A 185 17.24 20.94 -1.62
N THR A 186 17.40 20.42 -0.46
CA THR A 186 16.36 20.43 0.54
C THR A 186 16.95 20.95 1.83
N ASN A 187 16.11 21.47 2.70
CA ASN A 187 16.58 21.94 4.00
C ASN A 187 16.95 20.77 4.92
N PRO A 188 16.03 19.78 5.15
CA PRO A 188 16.40 18.58 5.89
C PRO A 188 17.29 17.72 4.98
N PRO A 189 18.38 17.15 5.52
CA PRO A 189 19.31 16.34 4.73
C PRO A 189 18.61 15.12 4.12
N ALA A 190 18.98 14.83 2.90
CA ALA A 190 18.41 13.72 2.18
C ALA A 190 18.86 12.43 2.83
N GLY A 191 17.97 11.49 2.89
CA GLY A 191 18.27 10.25 3.53
C GLY A 191 17.64 10.18 4.91
N THR A 192 17.16 11.31 5.40
CA THR A 192 16.51 11.34 6.70
C THR A 192 15.12 10.67 6.62
N THR A 193 14.88 9.70 7.50
CA THR A 193 13.60 9.03 7.55
C THR A 193 12.62 9.85 8.39
N VAL A 194 11.51 10.20 7.78
CA VAL A 194 10.48 10.99 8.42
C VAL A 194 9.11 10.41 8.05
N PRO A 195 8.07 10.66 8.85
CA PRO A 195 6.72 10.27 8.49
C PRO A 195 6.25 11.03 7.25
N VAL A 196 5.39 10.42 6.47
CA VAL A 196 4.90 11.04 5.22
C VAL A 196 4.17 12.37 5.44
N ASP A 197 3.71 12.60 6.65
CA ASP A 197 2.97 13.82 6.95
C ASP A 197 3.90 14.92 7.52
N SER A 198 5.19 14.64 7.55
CA SER A 198 6.17 15.61 8.02
C SER A 198 6.31 16.75 6.98
N VAL A 199 7.01 17.79 7.34
CA VAL A 199 7.18 18.94 6.47
C VAL A 199 8.55 18.88 5.80
N ILE A 200 8.53 18.69 4.51
CA ILE A 200 9.75 18.65 3.74
C ILE A 200 9.94 20.00 3.06
N GLU A 201 11.04 20.65 3.32
CA GLU A 201 11.30 21.93 2.73
C GLU A 201 12.31 21.78 1.60
N LEU A 202 11.85 22.10 0.42
CA LEU A 202 12.63 22.02 -0.78
C LEU A 202 13.17 23.39 -1.09
N GLN A 203 14.42 23.44 -1.40
CA GLN A 203 15.04 24.67 -1.75
C GLN A 203 15.25 24.70 -3.24
N VAL A 204 14.57 25.61 -3.84
CA VAL A 204 14.50 25.74 -5.25
C VAL A 204 15.42 26.87 -5.68
N SER A 205 15.98 26.75 -6.84
CA SER A 205 16.80 27.74 -7.38
C SER A 205 16.01 28.92 -7.92
N LYS A 206 16.44 30.06 -7.52
CA LYS A 206 16.03 31.31 -8.08
C LYS A 206 17.03 31.57 -9.17
N GLY A 207 16.55 31.76 -10.39
CA GLY A 207 17.44 31.96 -11.52
C GLY A 207 18.16 33.26 -11.37
N ASN A 208 17.40 34.27 -10.94
CA ASN A 208 17.97 35.57 -10.57
C ASN A 208 18.59 36.27 -11.81
N GLN A 209 18.14 35.83 -12.98
CA GLN A 209 18.67 36.33 -14.22
C GLN A 209 17.56 36.66 -15.21
N PHE A 210 17.86 37.53 -16.13
CA PHE A 210 16.97 37.91 -17.20
C PHE A 210 17.74 37.88 -18.51
N VAL A 211 17.05 37.72 -19.62
CA VAL A 211 17.69 37.66 -20.93
C VAL A 211 18.18 39.05 -21.34
N MET A 212 19.44 39.15 -21.65
CA MET A 212 20.05 40.42 -22.02
C MET A 212 20.14 40.58 -23.55
N PRO A 213 19.82 41.79 -24.06
CA PRO A 213 20.00 42.18 -25.49
C PRO A 213 21.49 42.22 -25.89
N ASP A 214 21.74 42.37 -27.19
CA ASP A 214 23.10 42.49 -27.71
C ASP A 214 23.57 43.91 -27.56
N LEU A 215 24.78 44.08 -27.09
CA LEU A 215 25.44 45.39 -27.06
C LEU A 215 26.73 45.30 -27.88
N SER A 216 27.27 44.09 -27.97
CA SER A 216 28.44 43.81 -28.75
C SER A 216 28.11 43.87 -30.24
N GLY A 217 29.02 44.45 -31.01
CA GLY A 217 28.81 44.59 -32.42
C GLY A 217 27.90 45.76 -32.71
N MET A 218 28.10 46.82 -31.97
CA MET A 218 27.29 48.02 -32.07
C MET A 218 28.18 49.21 -31.82
N PHE A 219 27.67 50.38 -32.06
CA PHE A 219 28.44 51.56 -31.88
C PHE A 219 28.15 52.12 -30.52
N TRP A 220 29.13 52.75 -29.92
CA TRP A 220 29.04 53.31 -28.58
C TRP A 220 27.95 54.38 -28.55
N VAL A 221 27.73 55.00 -29.70
CA VAL A 221 26.75 56.08 -29.82
C VAL A 221 25.32 55.51 -29.74
N ASP A 222 25.17 54.23 -30.00
CA ASP A 222 23.86 53.58 -29.94
C ASP A 222 23.76 52.82 -28.63
N ALA A 223 24.90 52.33 -28.16
CA ALA A 223 25.00 51.54 -26.95
C ALA A 223 24.50 52.30 -25.72
N GLU A 224 24.90 53.56 -25.57
CA GLU A 224 24.44 54.34 -24.42
C GLU A 224 22.91 54.50 -24.35
N PRO A 225 22.23 55.05 -25.39
CA PRO A 225 20.77 55.18 -25.36
C PRO A 225 20.09 53.82 -25.19
N ARG A 226 20.67 52.77 -25.77
CA ARG A 226 20.17 51.45 -25.64
C ARG A 226 20.13 51.03 -24.17
N LEU A 227 21.23 51.25 -23.45
CA LEU A 227 21.28 50.88 -22.05
C LEU A 227 20.36 51.73 -21.17
N ARG A 228 20.27 53.02 -21.49
CA ARG A 228 19.40 53.93 -20.74
C ARG A 228 17.93 53.54 -20.94
N ALA A 229 17.55 53.31 -22.18
CA ALA A 229 16.19 52.96 -22.54
C ALA A 229 15.81 51.56 -22.09
N LEU A 230 16.81 50.75 -21.79
CA LEU A 230 16.59 49.41 -21.33
C LEU A 230 16.37 49.43 -19.81
N GLY A 231 16.61 50.58 -19.20
CA GLY A 231 16.47 50.69 -17.77
C GLY A 231 17.60 50.01 -17.05
N TRP A 232 18.79 50.13 -17.61
CA TRP A 232 19.95 49.53 -17.02
C TRP A 232 20.52 50.42 -15.93
N THR A 233 20.85 49.79 -14.84
CA THR A 233 21.52 50.42 -13.77
C THR A 233 22.46 49.39 -13.12
N GLY A 234 23.72 49.56 -13.37
CA GLY A 234 24.72 48.69 -12.85
C GLY A 234 26.03 49.40 -12.86
N MET A 235 27.11 48.68 -12.92
CA MET A 235 28.41 49.33 -12.93
C MET A 235 29.08 49.26 -14.27
N LEU A 236 29.44 50.41 -14.77
CA LEU A 236 30.13 50.54 -16.04
C LEU A 236 31.62 50.57 -15.78
N ASP A 237 32.34 49.76 -16.48
CA ASP A 237 33.78 49.69 -16.31
C ASP A 237 34.51 50.49 -17.35
N LYS A 238 35.15 51.53 -16.92
CA LYS A 238 36.00 52.25 -17.79
C LYS A 238 37.37 51.64 -17.63
N GLY A 239 37.80 50.96 -18.65
CA GLY A 239 39.07 50.31 -18.61
C GLY A 239 40.15 51.22 -19.07
N ALA A 240 40.49 51.12 -20.32
CA ALA A 240 41.52 51.93 -20.89
C ALA A 240 41.10 52.37 -22.25
N ASP A 241 41.58 53.51 -22.66
CA ASP A 241 41.33 54.00 -23.99
C ASP A 241 42.37 53.38 -24.91
N VAL A 242 41.92 52.87 -26.01
CA VAL A 242 42.76 52.09 -26.88
C VAL A 242 42.76 52.67 -28.27
N ASP A 243 43.92 52.91 -28.79
CA ASP A 243 44.05 53.37 -30.13
C ASP A 243 43.86 52.17 -31.04
N ALA A 244 42.74 52.11 -31.69
CA ALA A 244 42.41 50.98 -32.54
C ALA A 244 42.01 51.44 -33.92
N GLY A 245 42.05 52.73 -34.11
CA GLY A 245 41.64 53.30 -35.36
C GLY A 245 40.31 53.93 -35.19
N GLY A 246 40.09 55.06 -35.81
CA GLY A 246 38.87 55.85 -35.61
C GLY A 246 37.63 55.04 -35.89
N SER A 247 37.68 54.23 -36.91
CA SER A 247 36.57 53.38 -37.34
C SER A 247 36.15 52.38 -36.23
N GLN A 248 37.07 52.07 -35.32
CA GLN A 248 36.82 51.11 -34.25
C GLN A 248 36.72 51.80 -32.90
N HIS A 249 36.90 53.10 -32.86
CA HIS A 249 36.89 53.82 -31.59
C HIS A 249 35.49 53.93 -31.01
N ASN A 250 34.52 54.22 -31.82
CA ASN A 250 33.14 54.38 -31.33
C ASN A 250 32.42 53.03 -31.44
N ARG A 251 33.16 51.96 -31.27
CA ARG A 251 32.59 50.64 -31.37
C ARG A 251 32.76 49.92 -30.06
N VAL A 252 31.76 49.14 -29.68
CA VAL A 252 31.87 48.27 -28.54
C VAL A 252 32.77 47.13 -28.95
N VAL A 253 33.75 46.83 -28.15
CA VAL A 253 34.75 45.85 -28.56
C VAL A 253 34.20 44.47 -28.36
N TYR A 254 33.75 44.23 -27.19
CA TYR A 254 33.16 43.00 -26.82
C TYR A 254 32.30 43.32 -25.64
N GLN A 255 31.41 42.47 -25.29
CA GLN A 255 30.65 42.67 -24.12
C GLN A 255 30.99 41.57 -23.16
N ASN A 256 31.06 41.90 -21.91
CA ASN A 256 31.44 40.95 -20.88
C ASN A 256 30.45 39.76 -20.70
N PRO A 257 29.12 39.98 -20.50
CA PRO A 257 28.18 38.86 -20.40
C PRO A 257 27.68 38.44 -21.80
N PRO A 258 27.36 37.17 -22.04
CA PRO A 258 26.92 36.71 -23.36
C PRO A 258 25.54 37.24 -23.76
N ALA A 259 25.44 37.71 -25.00
CA ALA A 259 24.18 38.22 -25.52
C ALA A 259 23.18 37.10 -25.71
N GLY A 260 21.97 37.34 -25.29
CA GLY A 260 20.92 36.35 -25.44
C GLY A 260 20.91 35.37 -24.31
N THR A 261 21.83 35.55 -23.40
CA THR A 261 21.96 34.68 -22.27
C THR A 261 21.44 35.42 -21.03
N GLY A 262 21.11 34.68 -20.00
CA GLY A 262 20.63 35.26 -18.78
C GLY A 262 21.72 35.95 -18.01
N VAL A 263 21.46 37.15 -17.61
CA VAL A 263 22.37 37.96 -16.83
C VAL A 263 21.72 38.29 -15.51
N ASN A 264 22.52 38.34 -14.46
CA ASN A 264 22.09 38.63 -13.09
C ASN A 264 21.11 39.80 -13.01
N ARG A 265 20.30 39.81 -11.96
CA ARG A 265 19.30 40.85 -11.72
C ARG A 265 19.89 42.27 -11.70
N ASP A 266 21.18 42.38 -11.35
CA ASP A 266 21.88 43.66 -11.41
C ASP A 266 21.98 44.11 -12.86
N GLY A 267 22.20 43.15 -13.74
CA GLY A 267 22.23 43.44 -15.14
C GLY A 267 23.58 43.89 -15.59
N ILE A 268 24.61 43.56 -14.83
CA ILE A 268 25.91 44.16 -15.10
C ILE A 268 26.48 43.67 -16.44
N ILE A 269 26.67 44.61 -17.33
CA ILE A 269 27.14 44.37 -18.65
C ILE A 269 28.31 45.31 -18.88
N THR A 270 29.42 44.76 -19.24
CA THR A 270 30.59 45.55 -19.43
C THR A 270 30.87 45.70 -20.93
N LEU A 271 31.02 46.93 -21.36
CA LEU A 271 31.34 47.28 -22.74
C LEU A 271 32.62 48.04 -22.66
N ARG A 272 33.39 47.94 -23.67
CA ARG A 272 34.57 48.72 -23.79
C ARG A 272 34.65 49.20 -25.20
N PHE A 273 35.21 50.35 -25.36
CA PHE A 273 35.32 51.01 -26.63
C PHE A 273 36.78 51.30 -26.86
N GLY A 274 37.14 51.67 -28.07
CA GLY A 274 38.50 52.03 -28.36
C GLY A 274 38.91 53.32 -27.65
N GLN A 275 38.99 54.40 -28.38
CA GLN A 275 39.31 55.68 -27.81
C GLN A 275 38.44 56.73 -28.46
N GLY A 4 -39.87 -71.02 4.25
CA GLY A 4 -41.19 -71.56 4.55
C GLY A 4 -41.73 -70.90 5.78
N ILE A 5 -42.78 -71.46 6.33
CA ILE A 5 -43.38 -70.90 7.51
C ILE A 5 -42.57 -71.25 8.76
N THR A 6 -42.20 -70.23 9.48
CA THR A 6 -41.49 -70.34 10.71
C THR A 6 -42.03 -69.20 11.57
N ARG A 7 -42.00 -69.33 12.86
CA ARG A 7 -42.55 -68.28 13.70
C ARG A 7 -41.54 -67.23 14.02
N ASP A 8 -41.27 -66.47 13.02
CA ASP A 8 -40.42 -65.32 13.12
C ASP A 8 -41.32 -64.15 13.38
N VAL A 9 -40.85 -63.19 14.09
CA VAL A 9 -41.69 -62.09 14.49
C VAL A 9 -41.21 -60.81 13.90
N GLN A 10 -42.12 -59.93 13.65
CA GLN A 10 -41.79 -58.68 13.07
C GLN A 10 -41.59 -57.74 14.22
N VAL A 11 -40.50 -57.08 14.21
CA VAL A 11 -40.03 -56.35 15.33
C VAL A 11 -40.44 -54.88 15.24
N PRO A 12 -41.18 -54.38 16.26
CA PRO A 12 -41.63 -53.00 16.29
C PRO A 12 -40.44 -52.07 16.31
N ASP A 13 -40.43 -51.18 15.38
CA ASP A 13 -39.34 -50.27 15.22
C ASP A 13 -39.35 -49.26 16.35
N VAL A 14 -38.25 -49.16 17.02
CA VAL A 14 -38.10 -48.23 18.13
C VAL A 14 -37.38 -46.97 17.62
N ARG A 15 -37.06 -46.99 16.33
CA ARG A 15 -36.39 -45.89 15.67
C ARG A 15 -37.23 -44.64 15.62
N GLY A 16 -36.57 -43.52 15.70
CA GLY A 16 -37.20 -42.24 15.81
C GLY A 16 -37.06 -41.73 17.21
N GLN A 17 -36.60 -42.60 18.08
CA GLN A 17 -36.36 -42.29 19.45
C GLN A 17 -34.85 -42.29 19.66
N SER A 18 -34.40 -42.35 20.87
CA SER A 18 -32.99 -42.16 21.14
C SER A 18 -32.22 -43.43 21.01
N SER A 19 -30.91 -43.29 20.84
CA SER A 19 -30.04 -44.43 20.73
C SER A 19 -30.13 -45.31 21.99
N ALA A 20 -30.08 -44.67 23.16
CA ALA A 20 -30.13 -45.37 24.44
C ALA A 20 -31.46 -46.06 24.63
N ASP A 21 -32.57 -45.37 24.37
CA ASP A 21 -33.90 -45.94 24.59
C ASP A 21 -34.17 -47.08 23.62
N ALA A 22 -33.71 -46.91 22.41
CA ALA A 22 -33.88 -47.91 21.38
C ALA A 22 -33.04 -49.16 21.67
N ILE A 23 -31.77 -48.95 21.98
CA ILE A 23 -30.86 -50.05 22.29
C ILE A 23 -31.29 -50.78 23.57
N ALA A 24 -31.68 -50.01 24.58
CA ALA A 24 -32.08 -50.57 25.86
C ALA A 24 -33.25 -51.53 25.71
N THR A 25 -34.24 -51.12 24.95
CA THR A 25 -35.43 -51.92 24.73
C THR A 25 -35.08 -53.23 23.98
N LEU A 26 -34.31 -53.13 22.90
CA LEU A 26 -33.93 -54.32 22.13
C LEU A 26 -33.07 -55.27 22.95
N GLN A 27 -32.19 -54.71 23.76
CA GLN A 27 -31.31 -55.48 24.62
C GLN A 27 -32.13 -56.25 25.64
N ASN A 28 -33.14 -55.61 26.21
CA ASN A 28 -34.01 -56.26 27.19
C ASN A 28 -34.85 -57.35 26.56
N ARG A 29 -35.16 -57.22 25.28
CA ARG A 29 -35.92 -58.23 24.59
C ARG A 29 -35.04 -59.40 24.21
N GLY A 30 -33.74 -59.18 24.24
CA GLY A 30 -32.81 -60.23 23.94
C GLY A 30 -32.35 -60.21 22.52
N PHE A 31 -32.55 -59.10 21.83
CA PHE A 31 -32.07 -58.96 20.51
C PHE A 31 -30.60 -58.67 20.56
N LYS A 32 -29.87 -59.20 19.64
CA LYS A 32 -28.47 -58.90 19.59
C LYS A 32 -28.36 -57.63 18.82
N ILE A 33 -27.62 -56.71 19.33
CA ILE A 33 -27.53 -55.43 18.70
C ILE A 33 -26.12 -54.95 18.51
N ARG A 34 -25.89 -54.39 17.39
CA ARG A 34 -24.66 -53.80 17.05
C ARG A 34 -24.89 -52.33 16.91
N THR A 35 -23.99 -51.54 17.35
CA THR A 35 -24.14 -50.12 17.27
C THR A 35 -22.96 -49.56 16.48
N LEU A 36 -23.24 -48.89 15.41
CA LEU A 36 -22.22 -48.38 14.54
C LEU A 36 -22.25 -46.85 14.64
N GLN A 37 -21.09 -46.27 14.90
CA GLN A 37 -21.00 -44.83 15.07
C GLN A 37 -20.65 -44.13 13.77
N LYS A 38 -21.37 -43.10 13.46
CA LYS A 38 -21.12 -42.28 12.30
C LYS A 38 -21.02 -40.83 12.74
N PRO A 39 -19.99 -40.08 12.28
CA PRO A 39 -19.87 -38.65 12.57
C PRO A 39 -20.90 -37.88 11.76
N ASP A 40 -21.53 -36.85 12.34
CA ASP A 40 -22.53 -36.13 11.57
C ASP A 40 -21.98 -35.26 10.53
N SER A 41 -22.35 -35.58 9.37
CA SER A 41 -22.19 -34.78 8.25
C SER A 41 -23.40 -35.01 7.41
N THR A 42 -24.48 -34.29 7.80
CA THR A 42 -25.75 -34.26 7.08
C THR A 42 -26.76 -35.26 7.69
N ILE A 43 -26.33 -35.90 8.73
CA ILE A 43 -27.17 -36.80 9.45
C ILE A 43 -27.63 -36.14 10.77
N PRO A 44 -28.79 -36.52 11.28
CA PRO A 44 -29.41 -35.85 12.44
C PRO A 44 -28.74 -36.18 13.81
N PRO A 45 -29.34 -35.72 14.97
CA PRO A 45 -28.90 -36.11 16.32
C PRO A 45 -28.87 -37.61 16.50
N ASP A 46 -28.16 -38.06 17.55
CA ASP A 46 -27.90 -39.49 17.86
C ASP A 46 -29.18 -40.32 18.01
N HIS A 47 -30.31 -39.64 18.00
CA HIS A 47 -31.58 -40.32 18.03
C HIS A 47 -31.69 -41.07 16.75
N VAL A 48 -31.87 -42.35 16.89
CA VAL A 48 -31.76 -43.22 15.77
C VAL A 48 -32.90 -43.01 14.80
N ILE A 49 -32.57 -42.60 13.61
CA ILE A 49 -33.57 -42.25 12.63
C ILE A 49 -33.91 -43.47 11.76
N GLY A 50 -32.96 -44.35 11.60
CA GLY A 50 -33.17 -45.43 10.70
C GLY A 50 -32.50 -46.67 11.16
N THR A 51 -32.96 -47.75 10.64
CA THR A 51 -32.57 -49.08 10.95
C THR A 51 -32.63 -49.89 9.67
N ASP A 52 -32.36 -51.15 9.75
CA ASP A 52 -32.39 -51.97 8.56
C ASP A 52 -33.71 -52.69 8.55
N PRO A 53 -34.36 -52.78 7.35
CA PRO A 53 -35.66 -53.44 7.15
C PRO A 53 -35.80 -54.83 7.75
N ALA A 54 -34.69 -55.44 8.13
CA ALA A 54 -34.69 -56.74 8.80
C ALA A 54 -35.61 -56.69 10.02
N ALA A 55 -35.53 -55.61 10.78
CA ALA A 55 -36.36 -55.43 11.96
C ALA A 55 -37.82 -55.29 11.55
N ASN A 56 -38.02 -54.66 10.42
CA ASN A 56 -39.35 -54.38 9.90
C ASN A 56 -39.88 -55.57 9.12
N THR A 57 -39.11 -56.61 9.07
CA THR A 57 -39.51 -57.85 8.47
C THR A 57 -39.68 -58.85 9.63
N SER A 58 -40.27 -59.98 9.39
CA SER A 58 -40.37 -60.96 10.40
C SER A 58 -39.00 -61.67 10.55
N VAL A 59 -38.36 -61.47 11.68
CA VAL A 59 -37.06 -62.06 11.94
C VAL A 59 -37.09 -62.91 13.19
N SER A 60 -36.02 -63.64 13.38
CA SER A 60 -35.86 -64.53 14.50
C SER A 60 -36.05 -63.79 15.82
N ALA A 61 -36.67 -64.43 16.77
CA ALA A 61 -36.82 -63.84 18.07
C ALA A 61 -35.44 -63.74 18.70
N GLY A 62 -34.95 -62.53 18.82
CA GLY A 62 -33.63 -62.32 19.33
C GLY A 62 -32.60 -62.40 18.20
N ASP A 63 -32.94 -61.80 17.06
CA ASP A 63 -32.05 -61.80 15.88
C ASP A 63 -30.94 -60.73 16.09
N GLU A 64 -30.16 -60.48 15.07
CA GLU A 64 -29.04 -59.56 15.14
C GLU A 64 -29.35 -58.29 14.36
N ILE A 65 -29.49 -57.19 15.05
CA ILE A 65 -29.82 -55.91 14.46
C ILE A 65 -28.67 -54.92 14.67
N THR A 66 -28.34 -54.17 13.65
CA THR A 66 -27.30 -53.18 13.76
C THR A 66 -27.94 -51.78 13.66
N VAL A 67 -27.57 -50.92 14.56
CA VAL A 67 -28.14 -49.60 14.63
C VAL A 67 -27.05 -48.57 14.36
N ASN A 68 -27.35 -47.60 13.54
CA ASN A 68 -26.39 -46.55 13.26
C ASN A 68 -26.72 -45.33 14.08
N VAL A 69 -25.73 -44.81 14.76
CA VAL A 69 -25.90 -43.67 15.63
C VAL A 69 -24.88 -42.58 15.26
N SER A 70 -25.31 -41.35 15.21
CA SER A 70 -24.43 -40.28 14.88
C SER A 70 -23.80 -39.64 16.14
N THR A 71 -22.51 -39.68 16.19
CA THR A 71 -21.74 -39.03 17.20
C THR A 71 -20.77 -38.05 16.53
N GLY A 72 -20.35 -37.02 17.21
CA GLY A 72 -19.33 -36.14 16.66
C GLY A 72 -19.88 -35.15 15.65
N PRO A 73 -20.12 -33.90 16.08
CA PRO A 73 -20.63 -32.83 15.21
C PRO A 73 -19.63 -32.41 14.15
N GLU A 74 -20.16 -31.93 13.05
CA GLU A 74 -19.34 -31.46 11.96
C GLU A 74 -18.65 -30.15 12.27
N GLN A 75 -17.67 -29.85 11.46
CA GLN A 75 -16.81 -28.71 11.61
C GLN A 75 -16.64 -28.04 10.26
N ARG A 76 -16.24 -26.80 10.23
CA ARG A 76 -16.07 -26.10 8.97
C ARG A 76 -14.65 -25.66 8.82
N GLU A 77 -14.14 -25.81 7.64
CA GLU A 77 -12.80 -25.41 7.36
C GLU A 77 -12.79 -23.97 6.93
N ILE A 78 -11.85 -23.24 7.44
CA ILE A 78 -11.75 -21.82 7.17
C ILE A 78 -11.09 -21.61 5.81
N PRO A 79 -11.67 -20.79 4.94
CA PRO A 79 -11.01 -20.37 3.71
C PRO A 79 -9.87 -19.40 4.02
N ASP A 80 -8.78 -19.50 3.31
CA ASP A 80 -7.67 -18.57 3.51
C ASP A 80 -7.98 -17.31 2.72
N VAL A 81 -8.24 -16.25 3.43
CA VAL A 81 -8.65 -15.00 2.83
C VAL A 81 -7.45 -14.07 2.85
N SER A 82 -7.31 -13.26 1.80
CA SER A 82 -6.19 -12.37 1.66
C SER A 82 -6.08 -11.32 2.81
N THR A 83 -4.87 -10.85 3.04
CA THR A 83 -4.52 -10.03 4.18
C THR A 83 -5.13 -8.61 4.19
N LEU A 84 -5.46 -8.09 3.04
CA LEU A 84 -6.10 -6.78 2.98
C LEU A 84 -7.61 -6.92 3.05
N THR A 85 -8.05 -8.14 2.89
CA THR A 85 -9.44 -8.46 2.82
C THR A 85 -9.94 -9.00 4.21
N TYR A 86 -9.36 -8.44 5.27
CA TYR A 86 -9.67 -8.81 6.66
C TYR A 86 -11.17 -8.68 7.00
N ALA A 87 -11.83 -7.64 6.48
CA ALA A 87 -13.27 -7.46 6.71
C ALA A 87 -14.06 -8.62 6.12
N GLU A 88 -13.59 -9.08 4.98
CA GLU A 88 -14.18 -10.20 4.29
C GLU A 88 -13.90 -11.48 5.08
N ALA A 89 -12.73 -11.55 5.68
CA ALA A 89 -12.35 -12.69 6.49
C ALA A 89 -13.26 -12.85 7.70
N VAL A 90 -13.44 -11.76 8.45
CA VAL A 90 -14.25 -11.79 9.66
C VAL A 90 -15.72 -12.15 9.37
N LYS A 91 -16.28 -11.65 8.25
CA LYS A 91 -17.66 -11.98 7.92
C LYS A 91 -17.76 -13.47 7.54
N LYS A 92 -16.74 -13.98 6.84
CA LYS A 92 -16.70 -15.37 6.42
C LYS A 92 -16.67 -16.30 7.63
N LEU A 93 -15.94 -15.90 8.64
CA LEU A 93 -15.86 -16.66 9.88
C LEU A 93 -17.23 -16.71 10.54
N THR A 94 -17.95 -15.61 10.44
CA THR A 94 -19.27 -15.48 11.00
C THR A 94 -20.28 -16.35 10.23
N ALA A 95 -20.17 -16.34 8.91
CA ALA A 95 -21.05 -17.10 8.03
C ALA A 95 -20.85 -18.61 8.20
N ALA A 96 -19.65 -19.00 8.61
CA ALA A 96 -19.33 -20.40 8.80
C ALA A 96 -19.86 -20.91 10.16
N GLY A 97 -20.27 -20.00 11.01
CA GLY A 97 -20.82 -20.36 12.29
C GLY A 97 -20.17 -19.62 13.42
N PHE A 98 -19.00 -20.11 13.83
CA PHE A 98 -18.18 -19.52 14.89
C PHE A 98 -18.17 -17.98 14.95
N GLY A 99 -17.57 -17.35 13.96
CA GLY A 99 -17.47 -15.90 13.94
C GLY A 99 -16.74 -15.35 15.14
N ARG A 100 -15.75 -16.08 15.60
CA ARG A 100 -15.00 -15.66 16.75
C ARG A 100 -13.65 -15.20 16.25
N PHE A 101 -13.40 -13.92 16.35
CA PHE A 101 -12.22 -13.33 15.81
C PHE A 101 -11.71 -12.21 16.67
N LYS A 102 -10.43 -12.07 16.70
CA LYS A 102 -9.76 -11.04 17.45
C LYS A 102 -8.75 -10.35 16.56
N GLN A 103 -8.54 -9.09 16.79
CA GLN A 103 -7.59 -8.31 16.08
C GLN A 103 -6.48 -7.90 17.03
N ALA A 104 -5.27 -8.19 16.65
CA ALA A 104 -4.12 -7.81 17.41
C ALA A 104 -3.20 -7.09 16.48
N ASN A 105 -2.62 -6.01 16.93
CA ASN A 105 -1.71 -5.27 16.08
C ASN A 105 -0.32 -5.34 16.65
N SER A 106 0.65 -5.39 15.79
CA SER A 106 2.03 -5.42 16.18
C SER A 106 2.86 -4.72 15.12
N PRO A 107 3.97 -4.08 15.49
CA PRO A 107 4.81 -3.36 14.54
C PRO A 107 5.45 -4.30 13.51
N SER A 108 5.22 -3.98 12.28
CA SER A 108 5.71 -4.73 11.17
C SER A 108 6.33 -3.77 10.17
N THR A 109 6.84 -4.28 9.06
CA THR A 109 7.38 -3.45 8.02
C THR A 109 6.29 -2.50 7.48
N PRO A 110 6.66 -1.21 7.26
CA PRO A 110 5.74 -0.14 6.82
C PRO A 110 4.91 -0.53 5.59
N GLU A 111 5.47 -1.38 4.76
CA GLU A 111 4.81 -1.81 3.54
C GLU A 111 3.64 -2.78 3.81
N LEU A 112 3.68 -3.47 4.94
CA LEU A 112 2.61 -4.41 5.30
C LEU A 112 1.66 -3.82 6.31
N VAL A 113 1.95 -2.61 6.75
CA VAL A 113 1.10 -1.90 7.70
C VAL A 113 -0.29 -1.69 7.11
N GLY A 114 -1.29 -2.07 7.88
CA GLY A 114 -2.64 -1.94 7.45
C GLY A 114 -3.22 -3.24 6.93
N LYS A 115 -2.37 -4.23 6.73
CA LYS A 115 -2.81 -5.52 6.26
C LYS A 115 -2.58 -6.55 7.34
N VAL A 116 -3.18 -7.69 7.18
CA VAL A 116 -3.01 -8.79 8.11
C VAL A 116 -1.62 -9.43 7.91
N ILE A 117 -1.04 -9.91 8.98
CA ILE A 117 0.23 -10.59 8.92
C ILE A 117 -0.05 -12.08 8.92
N GLY A 118 -1.06 -12.47 9.64
CA GLY A 118 -1.46 -13.85 9.69
C GLY A 118 -2.49 -14.06 10.76
N THR A 119 -2.91 -15.27 10.91
CA THR A 119 -3.83 -15.65 11.92
C THR A 119 -3.05 -16.61 12.81
N ASN A 120 -3.25 -16.56 14.12
CA ASN A 120 -2.49 -17.48 14.98
C ASN A 120 -2.96 -18.93 14.79
N PRO A 121 -4.28 -19.27 14.93
CA PRO A 121 -4.75 -20.60 14.56
C PRO A 121 -4.83 -20.65 13.04
N PRO A 122 -4.44 -21.77 12.43
CA PRO A 122 -4.39 -21.88 10.97
C PRO A 122 -5.78 -21.73 10.33
N ALA A 123 -5.85 -20.82 9.39
CA ALA A 123 -7.09 -20.49 8.70
C ALA A 123 -7.27 -21.42 7.52
N ASN A 124 -6.58 -22.53 7.57
CA ASN A 124 -6.68 -23.56 6.55
C ASN A 124 -7.37 -24.78 7.13
N GLN A 125 -7.49 -24.80 8.45
CA GLN A 125 -7.96 -25.98 9.15
C GLN A 125 -9.42 -26.02 9.41
N THR A 126 -9.86 -27.19 9.83
CA THR A 126 -11.22 -27.46 10.14
C THR A 126 -11.51 -26.97 11.56
N SER A 127 -12.26 -25.93 11.66
CA SER A 127 -12.54 -25.33 12.92
C SER A 127 -13.95 -25.66 13.38
N ALA A 128 -14.08 -25.80 14.67
CA ALA A 128 -15.34 -26.02 15.30
C ALA A 128 -15.99 -24.66 15.51
N ILE A 129 -17.26 -24.64 15.88
CA ILE A 129 -18.00 -23.37 16.05
C ILE A 129 -17.53 -22.64 17.32
N THR A 130 -16.77 -23.33 18.10
CA THR A 130 -16.24 -22.77 19.31
C THR A 130 -14.78 -22.26 19.13
N ASN A 131 -14.27 -22.28 17.91
CA ASN A 131 -12.88 -21.83 17.66
C ASN A 131 -12.81 -20.32 17.55
N VAL A 132 -11.89 -19.74 18.29
CA VAL A 132 -11.64 -18.31 18.24
C VAL A 132 -10.31 -18.04 17.56
N VAL A 133 -10.32 -17.22 16.55
CA VAL A 133 -9.10 -16.92 15.85
C VAL A 133 -8.58 -15.53 16.17
N ILE A 134 -7.38 -15.49 16.70
CA ILE A 134 -6.72 -14.25 16.96
C ILE A 134 -5.87 -13.92 15.74
N ILE A 135 -6.15 -12.78 15.17
CA ILE A 135 -5.54 -12.34 13.94
C ILE A 135 -4.66 -11.11 14.16
N ILE A 136 -3.44 -11.20 13.69
CA ILE A 136 -2.46 -10.15 13.87
C ILE A 136 -2.33 -9.30 12.60
N VAL A 137 -2.48 -8.00 12.74
CA VAL A 137 -2.34 -7.05 11.67
C VAL A 137 -1.06 -6.26 11.84
N GLY A 138 -0.51 -5.81 10.74
CA GLY A 138 0.71 -5.07 10.77
C GLY A 138 0.48 -3.61 11.04
N SER A 139 1.18 -3.08 12.01
CA SER A 139 1.07 -1.70 12.35
C SER A 139 2.46 -1.11 12.41
N GLY A 140 2.57 0.18 12.34
CA GLY A 140 3.85 0.82 12.42
C GLY A 140 3.82 2.13 11.67
N PRO A 141 4.89 2.93 11.74
CA PRO A 141 4.95 4.20 11.07
C PRO A 141 5.60 4.10 9.68
N ALA A 142 5.27 5.02 8.81
CA ALA A 142 5.85 5.07 7.50
C ALA A 142 6.81 6.24 7.44
N THR A 143 7.95 6.06 8.02
CA THR A 143 8.96 7.08 8.12
C THR A 143 10.23 6.66 7.39
N LYS A 144 10.90 7.61 6.78
CA LYS A 144 12.18 7.37 6.13
C LYS A 144 13.07 8.59 6.16
N ASP A 145 14.33 8.36 5.87
CA ASP A 145 15.35 9.39 5.88
C ASP A 145 15.23 10.14 4.58
N ILE A 146 15.25 11.44 4.64
CA ILE A 146 15.24 12.21 3.43
C ILE A 146 16.64 12.25 2.82
N PRO A 147 16.75 12.00 1.51
CA PRO A 147 18.02 12.03 0.80
C PRO A 147 18.48 13.45 0.50
N ASP A 148 19.61 13.58 -0.15
CA ASP A 148 20.15 14.87 -0.51
C ASP A 148 20.03 15.05 -2.01
N VAL A 149 19.71 16.24 -2.43
CA VAL A 149 19.55 16.52 -3.82
C VAL A 149 20.04 17.91 -4.13
N ALA A 150 21.21 17.97 -4.71
CA ALA A 150 21.82 19.20 -5.08
C ALA A 150 22.53 19.04 -6.41
N GLY A 151 21.96 19.59 -7.45
CA GLY A 151 22.58 19.50 -8.74
C GLY A 151 21.66 18.88 -9.74
N GLN A 152 20.63 18.23 -9.25
CA GLN A 152 19.64 17.65 -10.13
C GLN A 152 18.56 18.65 -10.42
N THR A 153 17.66 18.31 -11.29
CA THR A 153 16.65 19.25 -11.67
C THR A 153 15.42 19.07 -10.78
N VAL A 154 14.62 20.11 -10.70
CA VAL A 154 13.41 20.15 -9.89
C VAL A 154 12.46 18.97 -10.20
N ASP A 155 12.33 18.65 -11.48
CA ASP A 155 11.46 17.55 -11.94
C ASP A 155 11.94 16.20 -11.39
N VAL A 156 13.25 16.00 -11.40
CA VAL A 156 13.84 14.76 -10.90
C VAL A 156 13.75 14.70 -9.38
N ALA A 157 13.92 15.85 -8.74
CA ALA A 157 13.85 15.96 -7.29
C ALA A 157 12.48 15.57 -6.77
N GLN A 158 11.44 16.12 -7.37
CA GLN A 158 10.07 15.83 -6.96
C GLN A 158 9.78 14.33 -7.11
N LYS A 159 10.15 13.79 -8.26
CA LYS A 159 9.83 12.44 -8.60
C LYS A 159 10.53 11.42 -7.70
N ASN A 160 11.85 11.56 -7.52
CA ASN A 160 12.58 10.56 -6.74
C ASN A 160 12.08 10.54 -5.30
N LEU A 161 11.76 11.71 -4.76
CA LEU A 161 11.19 11.81 -3.43
C LEU A 161 9.82 11.10 -3.37
N ASN A 162 8.99 11.30 -4.39
CA ASN A 162 7.67 10.68 -4.45
C ASN A 162 7.79 9.17 -4.51
N VAL A 163 8.80 8.71 -5.26
CA VAL A 163 9.09 7.28 -5.39
C VAL A 163 9.48 6.69 -4.03
N TYR A 164 10.15 7.47 -3.20
CA TYR A 164 10.60 6.99 -1.90
C TYR A 164 9.49 7.13 -0.86
N GLY A 165 8.35 7.59 -1.29
CA GLY A 165 7.20 7.66 -0.42
C GLY A 165 6.81 9.05 -0.03
N PHE A 166 7.72 9.97 -0.14
CA PHE A 166 7.47 11.33 0.28
C PHE A 166 6.62 11.99 -0.78
N THR A 167 5.35 12.03 -0.53
CA THR A 167 4.43 12.42 -1.55
C THR A 167 4.20 13.94 -1.58
N LYS A 168 4.56 14.60 -0.51
CA LYS A 168 4.32 16.01 -0.41
C LYS A 168 5.62 16.80 -0.43
N PHE A 169 5.72 17.68 -1.39
CA PHE A 169 6.90 18.48 -1.59
C PHE A 169 6.55 19.94 -1.71
N SER A 170 7.46 20.77 -1.35
CA SER A 170 7.34 22.19 -1.51
C SER A 170 8.69 22.72 -1.92
N GLN A 171 8.70 23.82 -2.63
CA GLN A 171 9.91 24.39 -3.09
C GLN A 171 10.12 25.78 -2.51
N ALA A 172 11.36 26.13 -2.37
CA ALA A 172 11.76 27.44 -1.94
C ALA A 172 12.84 27.90 -2.87
N SER A 173 12.61 28.98 -3.56
CA SER A 173 13.56 29.47 -4.51
C SER A 173 14.60 30.37 -3.85
N VAL A 174 15.86 30.09 -4.10
CA VAL A 174 16.96 30.86 -3.54
C VAL A 174 17.88 31.31 -4.66
N ASP A 175 18.68 32.32 -4.42
CA ASP A 175 19.60 32.83 -5.42
C ASP A 175 20.75 31.85 -5.61
N SER A 176 21.12 31.59 -6.83
CA SER A 176 22.18 30.66 -7.12
C SER A 176 22.88 31.01 -8.45
N PRO A 177 24.10 30.49 -8.70
CA PRO A 177 24.78 30.66 -9.99
C PRO A 177 24.31 29.59 -10.99
N ARG A 178 23.45 28.71 -10.50
CA ARG A 178 22.85 27.65 -11.27
C ARG A 178 21.63 28.25 -11.96
N PRO A 179 21.31 27.82 -13.18
CA PRO A 179 20.13 28.31 -13.88
C PRO A 179 18.83 27.82 -13.23
N ALA A 180 17.75 28.49 -13.57
CA ALA A 180 16.43 28.19 -13.05
C ALA A 180 16.03 26.74 -13.33
N GLY A 181 15.66 26.02 -12.30
CA GLY A 181 15.24 24.66 -12.46
C GLY A 181 16.16 23.70 -11.75
N GLU A 182 17.33 24.18 -11.42
CA GLU A 182 18.33 23.37 -10.74
C GLU A 182 17.95 23.29 -9.26
N VAL A 183 18.20 22.19 -8.63
CA VAL A 183 17.93 22.10 -7.21
C VAL A 183 19.19 22.39 -6.41
N THR A 184 19.08 23.39 -5.58
CA THR A 184 20.15 23.85 -4.72
C THR A 184 20.38 22.85 -3.57
N GLY A 185 19.31 22.33 -3.01
CA GLY A 185 19.42 21.42 -1.92
C GLY A 185 18.11 21.30 -1.19
N THR A 186 18.15 20.89 0.03
CA THR A 186 16.95 20.74 0.81
C THR A 186 17.03 21.67 2.02
N ASN A 187 15.89 22.11 2.50
CA ASN A 187 15.86 22.97 3.69
C ASN A 187 16.18 22.15 4.96
N PRO A 188 15.46 21.05 5.25
CA PRO A 188 15.89 20.16 6.32
C PRO A 188 17.12 19.35 5.85
N PRO A 189 18.09 19.09 6.74
CA PRO A 189 19.30 18.35 6.36
C PRO A 189 19.02 16.89 5.97
N ALA A 190 19.82 16.34 5.09
CA ALA A 190 19.64 14.98 4.66
C ALA A 190 19.89 14.04 5.82
N GLY A 191 19.15 12.99 5.87
CA GLY A 191 19.26 12.08 6.96
C GLY A 191 18.15 12.28 7.96
N THR A 192 17.40 13.38 7.84
CA THR A 192 16.26 13.61 8.70
C THR A 192 15.18 12.56 8.41
N THR A 193 14.82 11.79 9.40
CA THR A 193 13.78 10.83 9.24
C THR A 193 12.43 11.50 9.47
N VAL A 194 11.57 11.43 8.48
CA VAL A 194 10.24 12.01 8.57
C VAL A 194 9.24 11.04 7.96
N PRO A 195 7.95 11.15 8.31
CA PRO A 195 6.91 10.36 7.68
C PRO A 195 6.77 10.70 6.21
N VAL A 196 6.38 9.73 5.43
CA VAL A 196 6.19 9.89 3.97
C VAL A 196 5.06 10.90 3.66
N ASP A 197 4.22 11.11 4.66
CA ASP A 197 3.09 12.04 4.61
C ASP A 197 3.59 13.49 4.78
N SER A 198 4.80 13.65 5.27
CA SER A 198 5.34 14.95 5.53
C SER A 198 5.88 15.61 4.27
N VAL A 199 5.96 16.91 4.31
CA VAL A 199 6.43 17.70 3.21
C VAL A 199 7.93 17.84 3.27
N ILE A 200 8.59 17.55 2.19
CA ILE A 200 9.99 17.84 2.09
C ILE A 200 10.16 19.12 1.29
N GLU A 201 10.95 20.00 1.79
CA GLU A 201 11.13 21.27 1.16
C GLU A 201 12.44 21.34 0.41
N LEU A 202 12.31 21.47 -0.88
CA LEU A 202 13.45 21.53 -1.79
C LEU A 202 13.73 22.99 -2.12
N GLN A 203 14.97 23.35 -2.06
CA GLN A 203 15.37 24.69 -2.41
C GLN A 203 15.87 24.70 -3.84
N VAL A 204 15.23 25.51 -4.64
CA VAL A 204 15.49 25.54 -6.06
C VAL A 204 16.33 26.76 -6.42
N SER A 205 17.28 26.54 -7.27
CA SER A 205 18.18 27.55 -7.76
C SER A 205 17.47 28.55 -8.66
N LYS A 206 17.67 29.80 -8.36
CA LYS A 206 17.28 30.89 -9.19
C LYS A 206 18.57 31.52 -9.73
N GLY A 207 18.69 31.58 -11.03
CA GLY A 207 19.94 32.00 -11.64
C GLY A 207 20.14 33.49 -11.66
N ASN A 208 19.04 34.23 -11.72
CA ASN A 208 19.01 35.72 -11.76
C ASN A 208 19.47 36.29 -13.09
N GLN A 209 19.88 35.42 -13.99
CA GLN A 209 20.41 35.83 -15.27
C GLN A 209 19.49 35.42 -16.39
N PHE A 210 19.38 36.28 -17.37
CA PHE A 210 18.53 36.02 -18.52
C PHE A 210 19.34 36.16 -19.80
N VAL A 211 19.15 35.24 -20.72
CA VAL A 211 19.90 35.24 -21.97
C VAL A 211 19.49 36.43 -22.85
N MET A 212 20.43 37.32 -23.07
CA MET A 212 20.18 38.48 -23.90
C MET A 212 20.67 38.22 -25.31
N PRO A 213 19.85 38.51 -26.34
CA PRO A 213 20.27 38.36 -27.74
C PRO A 213 21.38 39.37 -28.10
N ASP A 214 22.00 39.20 -29.24
CA ASP A 214 23.05 40.09 -29.60
C ASP A 214 22.56 41.30 -30.36
N LEU A 215 22.73 42.43 -29.72
CA LEU A 215 22.49 43.74 -30.33
C LEU A 215 23.83 44.46 -30.31
N SER A 216 24.83 43.71 -29.92
CA SER A 216 26.18 44.16 -29.80
C SER A 216 26.84 44.17 -31.17
N GLY A 217 27.82 45.02 -31.33
CA GLY A 217 28.48 45.17 -32.59
C GLY A 217 27.93 46.33 -33.34
N MET A 218 27.75 47.43 -32.64
CA MET A 218 27.20 48.63 -33.23
C MET A 218 27.95 49.80 -32.65
N PHE A 219 27.56 50.99 -33.01
CA PHE A 219 28.15 52.18 -32.49
C PHE A 219 27.27 52.68 -31.37
N TRP A 220 27.85 53.45 -30.46
CA TRP A 220 27.13 53.98 -29.32
C TRP A 220 25.95 54.84 -29.76
N VAL A 221 26.07 55.45 -30.92
CA VAL A 221 24.99 56.28 -31.48
C VAL A 221 23.73 55.44 -31.76
N ASP A 222 23.92 54.14 -31.94
CA ASP A 222 22.83 53.20 -32.13
C ASP A 222 22.55 52.44 -30.84
N ALA A 223 23.58 52.34 -30.00
CA ALA A 223 23.49 51.63 -28.73
C ALA A 223 22.67 52.40 -27.70
N GLU A 224 22.73 53.72 -27.72
CA GLU A 224 21.92 54.51 -26.80
C GLU A 224 20.41 54.25 -27.03
N PRO A 225 19.87 54.29 -28.30
CA PRO A 225 18.49 53.87 -28.57
C PRO A 225 18.24 52.43 -28.11
N ARG A 226 19.24 51.55 -28.24
CA ARG A 226 19.12 50.15 -27.75
C ARG A 226 18.85 50.16 -26.25
N LEU A 227 19.63 50.96 -25.55
CA LEU A 227 19.57 51.12 -24.11
C LEU A 227 18.17 51.56 -23.70
N ARG A 228 17.66 52.54 -24.41
CA ARG A 228 16.34 53.09 -24.15
C ARG A 228 15.25 52.05 -24.41
N ALA A 229 15.37 51.32 -25.52
CA ALA A 229 14.37 50.34 -25.93
C ALA A 229 14.38 49.11 -25.02
N LEU A 230 15.51 48.81 -24.43
CA LEU A 230 15.62 47.70 -23.51
C LEU A 230 15.19 48.11 -22.11
N GLY A 231 14.97 49.42 -21.93
CA GLY A 231 14.60 49.95 -20.64
C GLY A 231 15.67 49.70 -19.62
N TRP A 232 16.91 49.90 -20.03
CA TRP A 232 18.04 49.63 -19.20
C TRP A 232 18.17 50.64 -18.07
N THR A 233 18.43 50.14 -16.88
CA THR A 233 18.70 50.95 -15.74
C THR A 233 19.69 50.21 -14.85
N GLY A 234 20.93 50.62 -14.89
CA GLY A 234 21.95 50.01 -14.08
C GLY A 234 23.15 50.90 -13.95
N MET A 235 24.29 50.40 -14.30
CA MET A 235 25.50 51.17 -14.28
C MET A 235 26.29 50.90 -15.53
N LEU A 236 26.63 51.94 -16.25
CA LEU A 236 27.45 51.81 -17.41
C LEU A 236 28.87 52.12 -17.04
N ASP A 237 29.71 51.16 -17.19
CA ASP A 237 31.12 51.38 -16.98
C ASP A 237 31.80 51.54 -18.30
N LYS A 238 32.09 52.76 -18.63
CA LYS A 238 32.74 53.08 -19.85
C LYS A 238 34.23 53.01 -19.55
N GLY A 239 34.93 52.24 -20.34
CA GLY A 239 36.35 52.04 -20.12
C GLY A 239 37.21 53.22 -20.52
N ALA A 240 38.42 52.93 -20.89
CA ALA A 240 39.41 53.93 -21.24
C ALA A 240 38.96 54.80 -22.39
N ASP A 241 39.31 56.06 -22.31
CA ASP A 241 39.03 56.99 -23.38
C ASP A 241 40.23 57.06 -24.27
N VAL A 242 40.03 56.82 -25.51
CA VAL A 242 41.10 56.80 -26.46
C VAL A 242 40.82 57.79 -27.56
N ASP A 243 41.66 58.77 -27.69
CA ASP A 243 41.52 59.74 -28.75
C ASP A 243 42.07 59.15 -30.03
N ALA A 244 41.18 58.80 -30.92
CA ALA A 244 41.57 58.19 -32.18
C ALA A 244 40.54 58.46 -33.25
N GLY A 245 39.71 59.43 -33.00
CA GLY A 245 38.64 59.72 -33.90
C GLY A 245 37.36 59.14 -33.38
N GLY A 246 36.54 59.99 -32.80
CA GLY A 246 35.31 59.56 -32.18
C GLY A 246 34.36 58.91 -33.15
N SER A 247 34.26 59.45 -34.35
CA SER A 247 33.29 59.01 -35.35
C SER A 247 33.41 57.52 -35.71
N GLN A 248 34.62 56.98 -35.67
CA GLN A 248 34.81 55.57 -35.98
C GLN A 248 35.14 54.74 -34.76
N HIS A 249 35.42 55.39 -33.67
CA HIS A 249 35.77 54.66 -32.47
C HIS A 249 34.65 54.73 -31.47
N ASN A 250 33.50 55.13 -31.96
CA ASN A 250 32.26 55.17 -31.19
C ASN A 250 31.64 53.76 -31.16
N ARG A 251 32.45 52.78 -31.52
CA ARG A 251 32.03 51.42 -31.66
C ARG A 251 32.38 50.66 -30.39
N VAL A 252 31.62 49.63 -30.09
CA VAL A 252 31.90 48.77 -28.97
C VAL A 252 33.24 48.02 -29.18
N VAL A 253 34.06 47.94 -28.16
CA VAL A 253 35.31 47.21 -28.27
C VAL A 253 35.18 45.84 -27.60
N TYR A 254 34.75 45.85 -26.37
CA TYR A 254 34.55 44.64 -25.62
C TYR A 254 33.50 44.89 -24.57
N GLN A 255 32.96 43.84 -24.00
CA GLN A 255 31.97 43.93 -22.95
C GLN A 255 32.19 42.80 -21.96
N ASN A 256 31.77 42.99 -20.74
CA ASN A 256 31.94 41.94 -19.73
C ASN A 256 30.89 40.82 -19.79
N PRO A 257 29.57 41.11 -19.72
CA PRO A 257 28.54 40.10 -19.91
C PRO A 257 28.25 39.94 -21.41
N PRO A 258 28.67 38.83 -22.03
CA PRO A 258 28.53 38.62 -23.47
C PRO A 258 27.07 38.38 -23.90
N ALA A 259 26.75 38.87 -25.07
CA ALA A 259 25.46 38.64 -25.66
C ALA A 259 25.35 37.18 -26.04
N GLY A 260 24.23 36.58 -25.77
CA GLY A 260 24.07 35.18 -26.02
C GLY A 260 24.22 34.40 -24.75
N THR A 261 24.73 35.07 -23.74
CA THR A 261 24.92 34.51 -22.44
C THR A 261 23.85 35.12 -21.50
N GLY A 262 23.63 34.49 -20.37
CA GLY A 262 22.72 35.01 -19.40
C GLY A 262 23.31 36.22 -18.72
N VAL A 263 22.68 37.35 -18.89
CA VAL A 263 23.14 38.57 -18.30
C VAL A 263 22.51 38.77 -16.94
N ASN A 264 23.30 39.27 -16.06
CA ASN A 264 22.95 39.56 -14.70
C ASN A 264 21.79 40.52 -14.59
N ARG A 265 20.98 40.31 -13.56
CA ARG A 265 19.80 41.11 -13.25
C ARG A 265 20.17 42.59 -13.05
N ASP A 266 21.43 42.80 -12.67
CA ASP A 266 21.97 44.14 -12.46
C ASP A 266 21.88 44.92 -13.75
N GLY A 267 22.26 44.27 -14.84
CA GLY A 267 22.31 44.90 -16.10
C GLY A 267 23.54 45.72 -16.22
N ILE A 268 24.46 45.55 -15.30
CA ILE A 268 25.65 46.36 -15.32
C ILE A 268 26.49 45.97 -16.53
N ILE A 269 26.83 46.93 -17.33
CA ILE A 269 27.51 46.68 -18.55
C ILE A 269 28.80 47.52 -18.65
N THR A 270 29.88 46.87 -18.97
CA THR A 270 31.15 47.52 -19.20
C THR A 270 31.40 47.54 -20.70
N LEU A 271 31.68 48.70 -21.23
CA LEU A 271 31.92 48.90 -22.66
C LEU A 271 33.07 49.83 -22.82
N ARG A 272 33.78 49.68 -23.88
CA ARG A 272 34.80 50.61 -24.22
C ARG A 272 34.56 51.03 -25.63
N PHE A 273 34.70 52.28 -25.84
CA PHE A 273 34.72 52.89 -27.12
C PHE A 273 35.76 53.97 -27.00
N GLY A 274 36.20 54.51 -28.10
CA GLY A 274 37.28 55.48 -28.11
C GLY A 274 36.98 56.74 -27.32
N GLN A 275 36.60 57.77 -28.01
CA GLN A 275 36.26 59.00 -27.37
C GLN A 275 34.75 59.07 -27.29
N GLY A 4 -48.46 -71.16 35.78
CA GLY A 4 -47.07 -71.43 35.45
C GLY A 4 -46.29 -70.16 35.32
N ILE A 5 -44.99 -70.27 35.19
CA ILE A 5 -44.10 -69.13 35.10
C ILE A 5 -44.20 -68.49 33.72
N THR A 6 -43.94 -67.19 33.65
CA THR A 6 -43.96 -66.45 32.42
C THR A 6 -42.90 -67.02 31.46
N ARG A 7 -43.14 -66.96 30.19
CA ARG A 7 -42.24 -67.55 29.22
C ARG A 7 -41.37 -66.47 28.63
N ASP A 8 -40.49 -65.97 29.42
CA ASP A 8 -39.57 -64.96 28.94
C ASP A 8 -38.29 -65.61 28.58
N VAL A 9 -37.64 -65.10 27.59
CA VAL A 9 -36.40 -65.67 27.13
C VAL A 9 -35.31 -64.65 27.32
N GLN A 10 -34.14 -65.12 27.62
CA GLN A 10 -33.04 -64.22 27.83
C GLN A 10 -32.31 -64.16 26.51
N VAL A 11 -32.22 -62.97 26.01
CA VAL A 11 -31.71 -62.72 24.70
C VAL A 11 -30.23 -62.33 24.74
N PRO A 12 -29.36 -63.09 24.05
CA PRO A 12 -27.93 -62.78 23.98
C PRO A 12 -27.72 -61.43 23.28
N ASP A 13 -26.60 -60.82 23.51
CA ASP A 13 -26.39 -59.49 22.99
C ASP A 13 -25.46 -59.55 21.78
N VAL A 14 -25.36 -58.46 21.07
CA VAL A 14 -24.57 -58.38 19.85
C VAL A 14 -23.62 -57.16 19.96
N ARG A 15 -23.66 -56.46 21.09
CA ARG A 15 -22.80 -55.32 21.32
C ARG A 15 -21.32 -55.70 21.20
N GLY A 16 -20.57 -54.78 20.68
CA GLY A 16 -19.17 -54.98 20.46
C GLY A 16 -18.87 -55.24 19.01
N GLN A 17 -19.91 -55.40 18.21
CA GLN A 17 -19.72 -55.68 16.82
C GLN A 17 -20.12 -54.50 15.92
N SER A 18 -21.37 -54.42 15.52
CA SER A 18 -21.77 -53.40 14.60
C SER A 18 -23.25 -53.20 14.69
N SER A 19 -23.72 -52.06 14.25
CA SER A 19 -25.12 -51.75 14.20
C SER A 19 -25.79 -52.72 13.24
N ALA A 20 -25.13 -53.01 12.13
CA ALA A 20 -25.67 -53.90 11.12
C ALA A 20 -25.85 -55.31 11.64
N ASP A 21 -24.84 -55.87 12.31
CA ASP A 21 -24.98 -57.25 12.81
C ASP A 21 -25.98 -57.32 13.93
N ALA A 22 -26.00 -56.28 14.74
CA ALA A 22 -26.93 -56.19 15.86
C ALA A 22 -28.37 -56.11 15.33
N ILE A 23 -28.62 -55.20 14.41
CA ILE A 23 -29.93 -55.05 13.79
C ILE A 23 -30.34 -56.33 13.07
N ALA A 24 -29.41 -56.87 12.30
CA ALA A 24 -29.67 -58.05 11.49
C ALA A 24 -30.11 -59.25 12.33
N THR A 25 -29.43 -59.46 13.44
CA THR A 25 -29.71 -60.61 14.30
C THR A 25 -31.09 -60.46 14.98
N LEU A 26 -31.34 -59.30 15.57
CA LEU A 26 -32.60 -59.05 16.26
C LEU A 26 -33.79 -59.07 15.32
N GLN A 27 -33.62 -58.50 14.15
CA GLN A 27 -34.68 -58.39 13.17
C GLN A 27 -35.06 -59.79 12.65
N ASN A 28 -34.07 -60.66 12.49
CA ASN A 28 -34.34 -62.04 12.06
C ASN A 28 -35.02 -62.84 13.13
N ARG A 29 -34.85 -62.44 14.37
CA ARG A 29 -35.51 -63.10 15.48
C ARG A 29 -36.89 -62.54 15.73
N GLY A 30 -37.20 -61.47 15.05
CA GLY A 30 -38.52 -60.89 15.16
C GLY A 30 -38.57 -59.75 16.13
N PHE A 31 -37.42 -59.40 16.67
CA PHE A 31 -37.33 -58.32 17.59
C PHE A 31 -37.32 -57.03 16.83
N LYS A 32 -37.86 -56.03 17.45
CA LYS A 32 -37.96 -54.76 16.82
C LYS A 32 -36.79 -53.95 17.26
N ILE A 33 -36.15 -53.32 16.34
CA ILE A 33 -34.98 -52.55 16.64
C ILE A 33 -35.14 -51.09 16.30
N ARG A 34 -34.80 -50.28 17.23
CA ARG A 34 -34.91 -48.87 17.11
C ARG A 34 -33.53 -48.30 17.10
N THR A 35 -33.23 -47.51 16.13
CA THR A 35 -31.92 -46.96 16.00
C THR A 35 -31.98 -45.43 16.06
N LEU A 36 -31.19 -44.84 16.91
CA LEU A 36 -31.09 -43.41 17.02
C LEU A 36 -29.75 -42.98 16.53
N GLN A 37 -29.75 -42.17 15.52
CA GLN A 37 -28.51 -41.68 14.96
C GLN A 37 -28.28 -40.28 15.47
N LYS A 38 -27.16 -40.08 16.09
CA LYS A 38 -26.81 -38.81 16.68
C LYS A 38 -25.55 -38.28 16.05
N PRO A 39 -25.51 -37.00 15.67
CA PRO A 39 -24.29 -36.38 15.16
C PRO A 39 -23.29 -36.18 16.30
N ASP A 40 -21.99 -36.07 15.92
CA ASP A 40 -20.85 -35.89 16.85
C ASP A 40 -20.29 -37.22 17.32
N SER A 41 -19.01 -37.24 17.66
CA SER A 41 -18.33 -38.44 18.01
C SER A 41 -18.15 -38.62 19.54
N THR A 42 -18.84 -37.81 20.35
CA THR A 42 -18.82 -38.04 21.80
C THR A 42 -19.71 -39.23 22.10
N ILE A 43 -20.67 -39.44 21.21
CA ILE A 43 -21.49 -40.62 21.25
C ILE A 43 -20.82 -41.73 20.44
N PRO A 44 -21.03 -42.99 20.81
CA PRO A 44 -20.34 -44.13 20.19
C PRO A 44 -20.68 -44.34 18.71
N PRO A 45 -19.63 -44.58 17.87
CA PRO A 45 -19.76 -44.89 16.42
C PRO A 45 -20.66 -46.10 16.18
N ASP A 46 -21.14 -46.25 14.94
CA ASP A 46 -22.10 -47.32 14.56
C ASP A 46 -21.61 -48.73 14.88
N HIS A 47 -20.36 -48.83 15.30
CA HIS A 47 -19.89 -50.08 15.86
C HIS A 47 -20.32 -50.06 17.29
N VAL A 48 -21.33 -50.80 17.58
CA VAL A 48 -22.03 -50.74 18.83
C VAL A 48 -21.14 -51.18 19.97
N ILE A 49 -20.93 -50.31 20.91
CA ILE A 49 -20.10 -50.65 22.04
C ILE A 49 -20.97 -51.05 23.23
N GLY A 50 -22.17 -50.51 23.30
CA GLY A 50 -23.04 -50.79 24.40
C GLY A 50 -24.46 -50.83 23.96
N THR A 51 -25.26 -51.48 24.73
CA THR A 51 -26.67 -51.68 24.46
C THR A 51 -27.46 -51.53 25.74
N ASP A 52 -28.74 -51.73 25.66
CA ASP A 52 -29.60 -51.64 26.82
C ASP A 52 -29.88 -53.05 27.29
N PRO A 53 -29.77 -53.34 28.61
CA PRO A 53 -29.89 -54.71 29.16
C PRO A 53 -31.30 -55.32 29.07
N ALA A 54 -32.19 -54.68 28.32
CA ALA A 54 -33.53 -55.20 28.09
C ALA A 54 -33.45 -56.61 27.55
N ALA A 55 -32.63 -56.78 26.52
CA ALA A 55 -32.44 -58.09 25.89
C ALA A 55 -31.68 -59.02 26.84
N ASN A 56 -30.83 -58.44 27.66
CA ASN A 56 -29.98 -59.20 28.58
C ASN A 56 -30.79 -59.67 29.78
N THR A 57 -32.00 -59.23 29.84
CA THR A 57 -32.91 -59.67 30.84
C THR A 57 -33.83 -60.68 30.16
N SER A 58 -34.42 -61.56 30.91
CA SER A 58 -35.32 -62.47 30.31
C SER A 58 -36.60 -61.71 29.99
N VAL A 59 -36.89 -61.52 28.72
CA VAL A 59 -38.06 -60.79 28.30
C VAL A 59 -38.85 -61.60 27.30
N SER A 60 -40.08 -61.24 27.11
CA SER A 60 -40.93 -61.92 26.19
C SER A 60 -40.40 -61.67 24.75
N ALA A 61 -40.29 -62.73 23.99
CA ALA A 61 -39.69 -62.68 22.66
C ALA A 61 -40.45 -61.75 21.72
N GLY A 62 -39.69 -60.99 20.97
CA GLY A 62 -40.24 -60.04 20.05
C GLY A 62 -40.47 -58.69 20.71
N ASP A 63 -39.48 -58.20 21.40
CA ASP A 63 -39.60 -56.90 22.08
C ASP A 63 -38.84 -55.83 21.27
N GLU A 64 -38.74 -54.64 21.78
CA GLU A 64 -38.14 -53.52 21.08
C GLU A 64 -36.79 -53.17 21.73
N ILE A 65 -35.74 -53.23 20.96
CA ILE A 65 -34.41 -52.94 21.42
C ILE A 65 -33.93 -51.63 20.77
N THR A 66 -33.58 -50.66 21.58
CA THR A 66 -33.15 -49.37 21.11
C THR A 66 -31.61 -49.24 21.16
N VAL A 67 -31.02 -48.78 20.06
CA VAL A 67 -29.59 -48.60 19.92
C VAL A 67 -29.30 -47.16 19.47
N ASN A 68 -28.31 -46.53 20.07
CA ASN A 68 -27.92 -45.20 19.65
C ASN A 68 -26.53 -45.24 19.06
N VAL A 69 -26.44 -44.73 17.85
CA VAL A 69 -25.23 -44.73 17.11
C VAL A 69 -24.83 -43.33 16.67
N SER A 70 -23.56 -43.12 16.54
CA SER A 70 -23.00 -41.87 16.11
C SER A 70 -22.87 -41.77 14.60
N THR A 71 -23.07 -40.58 14.15
CA THR A 71 -22.84 -40.18 12.82
C THR A 71 -21.74 -39.12 12.87
N GLY A 72 -21.05 -38.92 11.77
CA GLY A 72 -19.90 -38.02 11.67
C GLY A 72 -20.01 -36.66 12.41
N PRO A 73 -18.85 -36.02 12.63
CA PRO A 73 -18.74 -34.77 13.37
C PRO A 73 -19.57 -33.64 12.76
N GLU A 74 -19.91 -32.68 13.59
CA GLU A 74 -20.75 -31.60 13.17
C GLU A 74 -19.94 -30.48 12.56
N GLN A 75 -20.64 -29.61 11.91
CA GLN A 75 -20.09 -28.42 11.33
C GLN A 75 -20.17 -27.35 12.40
N ARG A 76 -19.40 -26.30 12.30
CA ARG A 76 -19.42 -25.28 13.33
C ARG A 76 -19.78 -23.94 12.77
N GLU A 77 -20.53 -23.24 13.54
CA GLU A 77 -21.05 -21.94 13.15
C GLU A 77 -20.01 -20.86 13.43
N ILE A 78 -19.79 -20.02 12.45
CA ILE A 78 -18.82 -18.98 12.58
C ILE A 78 -19.50 -17.76 13.17
N PRO A 79 -18.94 -17.19 14.24
CA PRO A 79 -19.45 -15.96 14.81
C PRO A 79 -19.13 -14.79 13.89
N ASP A 80 -20.04 -13.85 13.77
CA ASP A 80 -19.82 -12.71 12.90
C ASP A 80 -18.89 -11.74 13.58
N VAL A 81 -17.74 -11.56 13.00
CA VAL A 81 -16.75 -10.67 13.54
C VAL A 81 -16.65 -9.46 12.63
N SER A 82 -16.37 -8.32 13.20
CA SER A 82 -16.26 -7.09 12.47
C SER A 82 -15.02 -7.08 11.54
N THR A 83 -15.12 -6.30 10.47
CA THR A 83 -14.13 -6.27 9.41
C THR A 83 -12.77 -5.74 9.87
N LEU A 84 -12.78 -4.85 10.82
CA LEU A 84 -11.55 -4.30 11.33
C LEU A 84 -10.90 -5.20 12.38
N THR A 85 -11.64 -6.20 12.82
CA THR A 85 -11.20 -7.10 13.83
C THR A 85 -10.78 -8.48 13.20
N TYR A 86 -10.03 -8.38 12.10
CA TYR A 86 -9.48 -9.56 11.37
C TYR A 86 -8.71 -10.51 12.30
N ALA A 87 -7.97 -9.96 13.26
CA ALA A 87 -7.21 -10.78 14.19
C ALA A 87 -8.13 -11.71 14.98
N GLU A 88 -9.25 -11.16 15.42
CA GLU A 88 -10.22 -11.92 16.15
C GLU A 88 -10.92 -12.91 15.23
N ALA A 89 -11.13 -12.50 14.00
CA ALA A 89 -11.83 -13.32 13.02
C ALA A 89 -11.09 -14.63 12.79
N VAL A 90 -9.79 -14.55 12.54
CA VAL A 90 -9.00 -15.72 12.30
C VAL A 90 -8.90 -16.64 13.54
N LYS A 91 -8.76 -16.05 14.74
CA LYS A 91 -8.72 -16.85 15.93
C LYS A 91 -10.07 -17.51 16.22
N LYS A 92 -11.16 -16.83 15.90
CA LYS A 92 -12.51 -17.37 16.06
C LYS A 92 -12.71 -18.56 15.15
N LEU A 93 -12.17 -18.47 13.95
CA LEU A 93 -12.26 -19.55 12.98
C LEU A 93 -11.53 -20.77 13.50
N THR A 94 -10.40 -20.55 14.14
CA THR A 94 -9.61 -21.61 14.68
C THR A 94 -10.29 -22.25 15.91
N ALA A 95 -10.91 -21.42 16.74
CA ALA A 95 -11.62 -21.89 17.94
C ALA A 95 -12.89 -22.67 17.54
N ALA A 96 -13.35 -22.42 16.32
CA ALA A 96 -14.53 -23.08 15.80
C ALA A 96 -14.19 -24.43 15.16
N GLY A 97 -12.96 -24.85 15.27
CA GLY A 97 -12.61 -26.16 14.78
C GLY A 97 -11.73 -26.08 13.58
N PHE A 98 -12.37 -25.95 12.41
CA PHE A 98 -11.68 -25.79 11.11
C PHE A 98 -10.41 -24.96 11.17
N GLY A 99 -10.52 -23.69 11.56
CA GLY A 99 -9.36 -22.81 11.63
C GLY A 99 -8.64 -22.67 10.31
N ARG A 100 -9.37 -22.86 9.24
CA ARG A 100 -8.80 -22.81 7.93
C ARG A 100 -9.22 -21.52 7.29
N PHE A 101 -8.29 -20.64 7.12
CA PHE A 101 -8.56 -19.36 6.58
C PHE A 101 -7.47 -18.96 5.64
N LYS A 102 -7.82 -18.14 4.71
CA LYS A 102 -6.87 -17.59 3.76
C LYS A 102 -7.17 -16.13 3.55
N GLN A 103 -6.18 -15.33 3.78
CA GLN A 103 -6.29 -13.92 3.58
C GLN A 103 -5.94 -13.61 2.14
N ALA A 104 -6.81 -12.92 1.49
CA ALA A 104 -6.63 -12.49 0.14
C ALA A 104 -6.61 -11.00 0.15
N ASN A 105 -5.84 -10.42 -0.71
CA ASN A 105 -5.69 -8.99 -0.72
C ASN A 105 -6.13 -8.45 -2.04
N SER A 106 -6.79 -7.32 -2.02
CA SER A 106 -7.18 -6.64 -3.22
C SER A 106 -7.20 -5.13 -2.98
N PRO A 107 -6.59 -4.33 -3.87
CA PRO A 107 -6.58 -2.87 -3.74
C PRO A 107 -7.99 -2.32 -3.86
N SER A 108 -8.40 -1.62 -2.84
CA SER A 108 -9.72 -1.09 -2.73
C SER A 108 -9.63 0.28 -2.06
N THR A 109 -10.75 0.96 -1.97
CA THR A 109 -10.86 2.26 -1.33
C THR A 109 -10.17 2.29 0.06
N PRO A 110 -9.47 3.42 0.36
CA PRO A 110 -8.70 3.61 1.60
C PRO A 110 -9.49 3.32 2.87
N GLU A 111 -10.79 3.52 2.81
CA GLU A 111 -11.65 3.31 3.97
C GLU A 111 -11.77 1.81 4.34
N LEU A 112 -11.52 0.93 3.37
CA LEU A 112 -11.56 -0.52 3.63
C LEU A 112 -10.17 -1.11 3.72
N VAL A 113 -9.16 -0.32 3.39
CA VAL A 113 -7.77 -0.77 3.48
C VAL A 113 -7.43 -1.16 4.92
N GLY A 114 -6.93 -2.35 5.09
CA GLY A 114 -6.56 -2.85 6.40
C GLY A 114 -7.70 -3.61 7.06
N LYS A 115 -8.90 -3.44 6.54
CA LYS A 115 -10.03 -4.11 7.09
C LYS A 115 -10.45 -5.20 6.15
N VAL A 116 -11.29 -6.06 6.63
CA VAL A 116 -11.84 -7.11 5.83
C VAL A 116 -12.94 -6.52 4.93
N ILE A 117 -13.05 -7.01 3.73
CA ILE A 117 -14.08 -6.56 2.83
C ILE A 117 -15.22 -7.57 2.88
N GLY A 118 -14.86 -8.80 3.12
CA GLY A 118 -15.83 -9.84 3.26
C GLY A 118 -15.17 -11.18 3.23
N THR A 119 -15.96 -12.19 3.37
CA THR A 119 -15.51 -13.53 3.31
C THR A 119 -16.16 -14.17 2.09
N ASN A 120 -15.43 -15.00 1.37
CA ASN A 120 -15.98 -15.68 0.19
C ASN A 120 -17.13 -16.63 0.60
N PRO A 121 -16.95 -17.53 1.62
CA PRO A 121 -18.05 -18.30 2.16
C PRO A 121 -18.71 -17.50 3.29
N PRO A 122 -20.01 -17.71 3.57
CA PRO A 122 -20.68 -17.00 4.64
C PRO A 122 -20.08 -17.33 6.01
N ALA A 123 -19.70 -16.30 6.74
CA ALA A 123 -19.08 -16.46 8.04
C ALA A 123 -20.14 -16.38 9.13
N ASN A 124 -21.37 -16.49 8.74
CA ASN A 124 -22.47 -16.48 9.68
C ASN A 124 -23.09 -17.84 9.74
N GLN A 125 -22.55 -18.74 8.95
CA GLN A 125 -23.11 -20.05 8.79
C GLN A 125 -22.25 -21.12 9.41
N THR A 126 -22.78 -22.30 9.40
CA THR A 126 -22.14 -23.46 9.92
C THR A 126 -21.24 -24.07 8.83
N SER A 127 -19.96 -24.05 9.06
CA SER A 127 -19.00 -24.52 8.10
C SER A 127 -18.37 -25.82 8.60
N ALA A 128 -18.01 -26.68 7.66
CA ALA A 128 -17.40 -27.97 8.01
C ALA A 128 -15.99 -27.77 8.57
N ILE A 129 -15.49 -28.73 9.31
CA ILE A 129 -14.17 -28.59 9.98
C ILE A 129 -13.03 -28.68 8.93
N THR A 130 -13.35 -29.20 7.80
CA THR A 130 -12.40 -29.29 6.73
C THR A 130 -12.59 -28.16 5.70
N ASN A 131 -13.49 -27.24 6.01
CA ASN A 131 -13.83 -26.14 5.12
C ASN A 131 -12.82 -25.00 5.30
N VAL A 132 -12.29 -24.53 4.19
CA VAL A 132 -11.33 -23.45 4.22
C VAL A 132 -12.02 -22.17 3.79
N VAL A 133 -12.01 -21.18 4.66
CA VAL A 133 -12.67 -19.94 4.37
C VAL A 133 -11.67 -18.87 3.90
N ILE A 134 -11.87 -18.37 2.72
CA ILE A 134 -11.01 -17.35 2.18
C ILE A 134 -11.63 -15.98 2.45
N ILE A 135 -10.84 -15.10 3.01
CA ILE A 135 -11.25 -13.79 3.44
C ILE A 135 -10.45 -12.71 2.71
N ILE A 136 -11.13 -11.76 2.13
CA ILE A 136 -10.50 -10.70 1.36
C ILE A 136 -10.40 -9.39 2.18
N VAL A 137 -9.20 -8.85 2.25
CA VAL A 137 -8.93 -7.61 2.95
C VAL A 137 -8.52 -6.51 1.96
N GLY A 138 -8.80 -5.28 2.32
CA GLY A 138 -8.50 -4.17 1.45
C GLY A 138 -7.05 -3.72 1.51
N SER A 139 -6.45 -3.58 0.34
CA SER A 139 -5.10 -3.10 0.19
C SER A 139 -5.21 -1.75 -0.55
N GLY A 140 -4.20 -0.91 -0.47
CA GLY A 140 -4.28 0.38 -1.15
C GLY A 140 -2.98 1.14 -1.11
N PRO A 141 -2.15 1.04 -2.16
CA PRO A 141 -0.89 1.78 -2.25
C PRO A 141 -1.12 3.23 -2.71
N ALA A 142 -0.50 4.17 -2.04
CA ALA A 142 -0.67 5.58 -2.35
C ALA A 142 0.67 6.27 -2.52
N THR A 143 1.60 5.52 -3.01
CA THR A 143 2.93 6.00 -3.27
C THR A 143 3.23 5.90 -4.76
N LYS A 144 3.94 6.88 -5.28
CA LYS A 144 4.30 6.92 -6.69
C LYS A 144 5.72 7.41 -6.83
N ASP A 145 6.28 7.18 -7.98
CA ASP A 145 7.62 7.60 -8.29
C ASP A 145 7.63 9.02 -8.80
N ILE A 146 8.58 9.79 -8.38
CA ILE A 146 8.71 11.12 -8.87
C ILE A 146 9.56 11.14 -10.12
N PRO A 147 9.12 11.84 -11.15
CA PRO A 147 9.85 11.97 -12.40
C PRO A 147 10.85 13.13 -12.35
N ASP A 148 11.64 13.25 -13.39
CA ASP A 148 12.59 14.33 -13.52
C ASP A 148 11.93 15.47 -14.28
N VAL A 149 12.44 16.67 -14.10
CA VAL A 149 11.85 17.84 -14.74
C VAL A 149 12.86 19.02 -14.82
N ALA A 150 14.12 18.74 -14.55
CA ALA A 150 15.14 19.76 -14.56
C ALA A 150 15.49 20.16 -15.99
N GLY A 151 14.86 21.20 -16.44
CA GLY A 151 15.04 21.66 -17.78
C GLY A 151 13.90 22.52 -18.24
N GLN A 152 12.76 22.37 -17.61
CA GLN A 152 11.64 23.22 -17.95
C GLN A 152 11.48 24.30 -16.90
N THR A 153 10.49 25.12 -17.03
CA THR A 153 10.28 26.17 -16.10
C THR A 153 9.51 25.65 -14.89
N VAL A 154 9.62 26.35 -13.79
CA VAL A 154 8.95 25.98 -12.55
C VAL A 154 7.44 25.75 -12.75
N ASP A 155 6.81 26.61 -13.55
CA ASP A 155 5.39 26.52 -13.86
C ASP A 155 5.06 25.17 -14.49
N VAL A 156 5.91 24.72 -15.39
CA VAL A 156 5.71 23.46 -16.07
C VAL A 156 5.89 22.30 -15.07
N ALA A 157 6.86 22.46 -14.19
CA ALA A 157 7.14 21.46 -13.16
C ALA A 157 5.95 21.29 -12.23
N GLN A 158 5.36 22.41 -11.83
CA GLN A 158 4.19 22.41 -10.94
C GLN A 158 3.02 21.68 -11.58
N LYS A 159 2.85 21.88 -12.88
CA LYS A 159 1.83 21.20 -13.65
C LYS A 159 2.08 19.71 -13.72
N ASN A 160 3.30 19.33 -14.09
CA ASN A 160 3.66 17.92 -14.25
C ASN A 160 3.53 17.17 -12.93
N LEU A 161 3.95 17.80 -11.84
CA LEU A 161 3.82 17.19 -10.53
C LEU A 161 2.35 16.98 -10.18
N ASN A 162 1.54 18.00 -10.45
CA ASN A 162 0.10 17.94 -10.16
C ASN A 162 -0.56 16.81 -10.92
N VAL A 163 -0.16 16.65 -12.18
CA VAL A 163 -0.68 15.60 -13.05
C VAL A 163 -0.45 14.19 -12.46
N TYR A 164 0.67 14.00 -11.80
CA TYR A 164 1.00 12.70 -11.26
C TYR A 164 0.42 12.49 -9.86
N GLY A 165 -0.27 13.51 -9.36
CA GLY A 165 -0.94 13.39 -8.08
C GLY A 165 -0.17 13.99 -6.93
N PHE A 166 0.83 14.79 -7.25
CA PHE A 166 1.64 15.41 -6.23
C PHE A 166 1.19 16.83 -6.07
N THR A 167 0.58 17.12 -4.95
CA THR A 167 0.02 18.41 -4.74
C THR A 167 0.97 19.32 -3.94
N LYS A 168 1.98 18.73 -3.32
CA LYS A 168 2.85 19.51 -2.47
C LYS A 168 4.23 19.71 -3.10
N PHE A 169 4.53 20.95 -3.38
CA PHE A 169 5.80 21.34 -3.94
C PHE A 169 6.38 22.49 -3.13
N SER A 170 7.66 22.56 -3.10
CA SER A 170 8.37 23.65 -2.48
C SER A 170 9.49 24.03 -3.43
N GLN A 171 9.76 25.28 -3.56
CA GLN A 171 10.71 25.74 -4.50
C GLN A 171 11.80 26.56 -3.85
N ALA A 172 13.02 26.14 -4.08
CA ALA A 172 14.19 26.79 -3.57
C ALA A 172 14.99 27.29 -4.75
N SER A 173 15.15 28.57 -4.86
CA SER A 173 15.91 29.12 -5.93
C SER A 173 17.37 29.29 -5.53
N VAL A 174 18.25 28.81 -6.37
CA VAL A 174 19.68 28.90 -6.16
C VAL A 174 20.28 29.62 -7.34
N ASP A 175 21.46 30.19 -7.17
CA ASP A 175 22.08 30.90 -8.26
C ASP A 175 22.59 29.90 -9.27
N SER A 176 22.39 30.20 -10.52
CA SER A 176 22.79 29.33 -11.58
C SER A 176 23.15 30.21 -12.78
N PRO A 177 23.73 29.65 -13.86
CA PRO A 177 23.95 30.41 -15.10
C PRO A 177 22.66 30.45 -15.93
N ARG A 178 21.69 29.63 -15.54
CA ARG A 178 20.40 29.54 -16.18
C ARG A 178 19.52 30.68 -15.69
N PRO A 179 18.65 31.23 -16.56
CA PRO A 179 17.75 32.32 -16.19
C PRO A 179 16.75 31.93 -15.08
N ALA A 180 16.36 32.93 -14.32
CA ALA A 180 15.46 32.77 -13.19
C ALA A 180 14.11 32.24 -13.61
N GLY A 181 13.82 31.03 -13.21
CA GLY A 181 12.55 30.42 -13.55
C GLY A 181 12.70 29.01 -14.05
N GLU A 182 13.88 28.67 -14.53
CA GLU A 182 14.13 27.32 -15.02
C GLU A 182 14.46 26.40 -13.84
N VAL A 183 14.00 25.17 -13.90
CA VAL A 183 14.28 24.20 -12.86
C VAL A 183 15.66 23.61 -13.11
N THR A 184 16.53 23.71 -12.15
CA THR A 184 17.87 23.20 -12.31
C THR A 184 17.99 21.79 -11.71
N GLY A 185 17.08 21.43 -10.83
CA GLY A 185 17.12 20.12 -10.23
C GLY A 185 16.04 19.94 -9.22
N THR A 186 15.98 18.78 -8.63
CA THR A 186 15.01 18.49 -7.61
C THR A 186 15.78 18.03 -6.38
N ASN A 187 15.23 18.28 -5.20
CA ASN A 187 15.92 17.86 -3.96
C ASN A 187 15.93 16.34 -3.86
N PRO A 188 14.75 15.64 -3.83
CA PRO A 188 14.76 14.20 -3.94
C PRO A 188 15.00 13.83 -5.42
N PRO A 189 15.95 12.93 -5.69
CA PRO A 189 16.27 12.54 -7.06
C PRO A 189 15.11 11.80 -7.73
N ALA A 190 15.03 11.93 -9.04
CA ALA A 190 14.01 11.28 -9.83
C ALA A 190 14.10 9.78 -9.65
N GLY A 191 12.98 9.14 -9.61
CA GLY A 191 12.96 7.72 -9.42
C GLY A 191 12.59 7.35 -8.01
N THR A 192 12.67 8.31 -7.11
CA THR A 192 12.30 8.08 -5.74
C THR A 192 10.79 7.88 -5.63
N THR A 193 10.38 6.80 -5.01
CA THR A 193 8.99 6.53 -4.80
C THR A 193 8.59 7.12 -3.45
N VAL A 194 7.60 7.98 -3.45
CA VAL A 194 7.13 8.67 -2.26
C VAL A 194 5.61 8.70 -2.27
N PRO A 195 4.96 8.93 -1.10
CA PRO A 195 3.51 9.10 -1.05
C PRO A 195 3.07 10.30 -1.90
N VAL A 196 1.87 10.26 -2.41
CA VAL A 196 1.34 11.36 -3.24
C VAL A 196 1.21 12.68 -2.44
N ASP A 197 1.18 12.56 -1.14
CA ASP A 197 1.11 13.71 -0.25
C ASP A 197 2.52 14.20 0.14
N SER A 198 3.55 13.60 -0.42
CA SER A 198 4.92 14.01 -0.14
C SER A 198 5.18 15.38 -0.78
N VAL A 199 6.21 16.04 -0.33
CA VAL A 199 6.51 17.36 -0.80
C VAL A 199 7.76 17.34 -1.67
N ILE A 200 7.59 17.69 -2.91
CA ILE A 200 8.69 17.71 -3.83
C ILE A 200 9.30 19.11 -3.85
N GLU A 201 10.56 19.19 -3.58
CA GLU A 201 11.25 20.44 -3.57
C GLU A 201 12.06 20.60 -4.84
N LEU A 202 11.74 21.63 -5.58
CA LEU A 202 12.39 21.95 -6.83
C LEU A 202 13.46 23.00 -6.59
N GLN A 203 14.62 22.79 -7.17
CA GLN A 203 15.66 23.80 -7.16
C GLN A 203 15.50 24.60 -8.42
N VAL A 204 15.18 25.83 -8.27
CA VAL A 204 14.95 26.71 -9.38
C VAL A 204 16.18 27.58 -9.58
N SER A 205 16.52 27.81 -10.80
CA SER A 205 17.64 28.62 -11.15
C SER A 205 17.30 30.09 -11.08
N LYS A 206 18.24 30.82 -10.55
CA LYS A 206 18.24 32.24 -10.58
C LYS A 206 19.40 32.63 -11.48
N GLY A 207 19.19 33.59 -12.37
CA GLY A 207 20.22 33.96 -13.34
C GLY A 207 21.35 34.68 -12.67
N ASN A 208 20.98 35.58 -11.76
CA ASN A 208 21.91 36.36 -10.91
C ASN A 208 22.76 37.33 -11.76
N GLN A 209 22.40 37.43 -13.02
CA GLN A 209 23.07 38.27 -13.98
C GLN A 209 22.13 39.37 -14.40
N PHE A 210 22.67 40.40 -14.99
CA PHE A 210 21.89 41.49 -15.50
C PHE A 210 22.42 41.90 -16.85
N VAL A 211 21.53 42.30 -17.72
CA VAL A 211 21.88 42.72 -19.05
C VAL A 211 22.55 44.08 -19.01
N MET A 212 23.75 44.14 -19.54
CA MET A 212 24.49 45.38 -19.61
C MET A 212 23.97 46.22 -20.77
N PRO A 213 23.58 47.50 -20.50
CA PRO A 213 23.14 48.42 -21.55
C PRO A 213 24.32 48.82 -22.46
N ASP A 214 24.02 49.46 -23.57
CA ASP A 214 25.08 49.82 -24.47
C ASP A 214 25.75 51.10 -24.04
N LEU A 215 27.03 50.98 -23.78
CA LEU A 215 27.90 52.09 -23.43
C LEU A 215 29.09 52.05 -24.36
N SER A 216 28.94 51.26 -25.42
CA SER A 216 29.95 51.07 -26.40
C SER A 216 30.09 52.33 -27.25
N GLY A 217 31.31 52.79 -27.41
CA GLY A 217 31.54 53.96 -28.21
C GLY A 217 31.36 55.24 -27.42
N MET A 218 31.50 55.13 -26.12
CA MET A 218 31.37 56.26 -25.24
C MET A 218 32.68 56.53 -24.57
N PHE A 219 32.72 57.52 -23.72
CA PHE A 219 33.89 57.84 -23.00
C PHE A 219 33.83 57.22 -21.63
N TRP A 220 34.98 56.95 -21.07
CA TRP A 220 35.11 56.34 -19.77
C TRP A 220 34.57 57.29 -18.70
N VAL A 221 34.61 58.57 -18.98
CA VAL A 221 34.12 59.59 -18.08
C VAL A 221 32.58 59.55 -18.03
N ASP A 222 31.99 58.89 -19.01
CA ASP A 222 30.56 58.72 -19.04
C ASP A 222 30.21 57.32 -18.57
N ALA A 223 30.95 56.35 -19.07
CA ALA A 223 30.71 54.94 -18.80
C ALA A 223 30.86 54.59 -17.32
N GLU A 224 32.00 54.95 -16.75
CA GLU A 224 32.32 54.62 -15.36
C GLU A 224 31.23 55.13 -14.37
N PRO A 225 30.82 56.44 -14.40
CA PRO A 225 29.70 56.92 -13.58
C PRO A 225 28.37 56.21 -13.89
N ARG A 226 28.18 55.77 -15.14
CA ARG A 226 26.96 55.06 -15.51
C ARG A 226 26.85 53.72 -14.81
N LEU A 227 27.98 53.00 -14.70
CA LEU A 227 27.98 51.71 -13.99
C LEU A 227 27.54 51.91 -12.56
N ARG A 228 28.07 52.93 -11.94
CA ARG A 228 27.75 53.27 -10.55
C ARG A 228 26.26 53.56 -10.39
N ALA A 229 25.68 54.25 -11.36
CA ALA A 229 24.27 54.59 -11.34
C ALA A 229 23.38 53.35 -11.55
N LEU A 230 23.94 52.30 -12.12
CA LEU A 230 23.22 51.05 -12.37
C LEU A 230 23.19 50.17 -11.12
N GLY A 231 23.91 50.57 -10.10
CA GLY A 231 23.98 49.77 -8.88
C GLY A 231 25.07 48.74 -8.94
N TRP A 232 26.02 48.98 -9.82
CA TRP A 232 27.16 48.13 -10.03
C TRP A 232 28.08 48.26 -8.82
N THR A 233 28.48 47.14 -8.27
CA THR A 233 29.30 47.12 -7.08
C THR A 233 30.55 46.24 -7.31
N GLY A 234 30.80 45.93 -8.56
CA GLY A 234 31.86 45.01 -8.88
C GLY A 234 33.21 45.63 -9.07
N MET A 235 34.05 44.94 -9.80
CA MET A 235 35.41 45.36 -10.07
C MET A 235 35.58 45.80 -11.51
N LEU A 236 36.17 46.96 -11.70
CA LEU A 236 36.48 47.48 -13.00
C LEU A 236 37.96 47.24 -13.26
N ASP A 237 38.25 46.65 -14.38
CA ASP A 237 39.64 46.44 -14.78
C ASP A 237 40.00 47.39 -15.87
N LYS A 238 41.02 48.17 -15.63
CA LYS A 238 41.48 49.17 -16.56
C LYS A 238 42.53 48.58 -17.48
N GLY A 239 42.39 48.82 -18.75
CA GLY A 239 43.37 48.39 -19.70
C GLY A 239 44.51 49.38 -19.84
N ALA A 240 45.48 49.03 -20.66
CA ALA A 240 46.65 49.85 -20.90
C ALA A 240 46.32 51.07 -21.73
N ASP A 241 47.00 52.17 -21.44
CA ASP A 241 46.82 53.44 -22.14
C ASP A 241 47.21 53.31 -23.61
N VAL A 242 46.59 54.12 -24.44
CA VAL A 242 46.81 54.11 -25.89
C VAL A 242 46.85 55.55 -26.35
N ASP A 243 47.97 55.98 -26.87
CA ASP A 243 48.06 57.32 -27.38
C ASP A 243 47.31 57.38 -28.72
N ALA A 244 46.35 58.27 -28.83
CA ALA A 244 45.51 58.35 -30.04
C ALA A 244 44.82 59.71 -30.18
N GLY A 245 45.24 60.68 -29.40
CA GLY A 245 44.61 61.98 -29.45
C GLY A 245 43.44 62.08 -28.49
N GLY A 246 42.98 63.30 -28.26
CA GLY A 246 41.93 63.56 -27.28
C GLY A 246 40.62 62.84 -27.53
N SER A 247 40.13 62.89 -28.76
CA SER A 247 38.84 62.31 -29.12
C SER A 247 38.82 60.78 -28.90
N GLN A 248 39.98 60.17 -28.93
CA GLN A 248 40.10 58.75 -28.75
C GLN A 248 40.72 58.37 -27.41
N HIS A 249 41.11 59.36 -26.61
CA HIS A 249 41.83 59.06 -25.38
C HIS A 249 40.91 58.53 -24.29
N ASN A 250 39.85 59.22 -24.00
CA ASN A 250 38.98 58.77 -22.92
C ASN A 250 37.88 57.87 -23.49
N ARG A 251 38.13 57.36 -24.66
CA ARG A 251 37.18 56.55 -25.39
C ARG A 251 37.39 55.07 -25.05
N VAL A 252 36.29 54.36 -24.91
CA VAL A 252 36.34 52.91 -24.68
C VAL A 252 36.93 52.23 -25.93
N VAL A 253 37.77 51.24 -25.74
CA VAL A 253 38.39 50.59 -26.89
C VAL A 253 37.65 49.32 -27.18
N TYR A 254 37.42 48.59 -26.15
CA TYR A 254 36.67 47.39 -26.20
C TYR A 254 36.14 47.18 -24.81
N GLN A 255 35.10 46.45 -24.70
CA GLN A 255 34.57 46.06 -23.45
C GLN A 255 34.53 44.57 -23.43
N ASN A 256 35.02 43.99 -22.36
CA ASN A 256 35.08 42.53 -22.22
C ASN A 256 33.73 41.85 -22.51
N PRO A 257 32.62 42.19 -21.78
CA PRO A 257 31.31 41.67 -22.12
C PRO A 257 30.55 42.71 -22.98
N PRO A 258 30.13 42.34 -24.19
CA PRO A 258 29.42 43.26 -25.07
C PRO A 258 28.04 43.64 -24.53
N ALA A 259 27.52 44.75 -24.98
CA ALA A 259 26.24 45.26 -24.57
C ALA A 259 25.13 44.28 -24.93
N GLY A 260 24.30 43.99 -23.98
CA GLY A 260 23.24 43.05 -24.21
C GLY A 260 23.51 41.71 -23.57
N THR A 261 24.67 41.56 -22.99
CA THR A 261 25.02 40.33 -22.35
C THR A 261 24.66 40.42 -20.87
N GLY A 262 24.29 39.30 -20.32
CA GLY A 262 24.02 39.21 -18.92
C GLY A 262 25.31 39.00 -18.18
N VAL A 263 25.66 39.94 -17.38
CA VAL A 263 26.89 39.91 -16.61
C VAL A 263 26.63 39.49 -15.18
N ASN A 264 27.57 38.73 -14.63
CA ASN A 264 27.57 38.19 -13.26
C ASN A 264 27.15 39.21 -12.21
N ARG A 265 26.86 38.72 -11.00
CA ARG A 265 26.37 39.59 -9.92
C ARG A 265 27.37 40.72 -9.60
N ASP A 266 28.62 40.47 -9.90
CA ASP A 266 29.66 41.41 -9.65
C ASP A 266 29.67 42.46 -10.75
N GLY A 267 29.40 42.04 -11.98
CA GLY A 267 29.37 42.98 -13.04
C GLY A 267 30.75 43.29 -13.54
N ILE A 268 31.68 42.39 -13.31
CA ILE A 268 33.09 42.70 -13.54
C ILE A 268 33.33 42.90 -15.05
N ILE A 269 33.78 44.09 -15.37
CA ILE A 269 33.91 44.51 -16.73
C ILE A 269 35.33 45.08 -16.99
N THR A 270 35.99 44.55 -17.99
CA THR A 270 37.28 45.03 -18.40
C THR A 270 37.11 45.94 -19.63
N LEU A 271 37.63 47.13 -19.55
CA LEU A 271 37.60 48.10 -20.61
C LEU A 271 38.95 48.70 -20.75
N ARG A 272 39.22 49.15 -21.89
CA ARG A 272 40.46 49.76 -22.15
C ARG A 272 40.14 51.06 -22.77
N PHE A 273 40.87 52.05 -22.42
CA PHE A 273 40.71 53.36 -22.95
C PHE A 273 42.08 53.88 -23.24
N GLY A 274 42.14 54.96 -23.96
CA GLY A 274 43.39 55.50 -24.39
C GLY A 274 44.23 56.13 -23.29
N GLN A 275 44.79 57.25 -23.60
CA GLN A 275 45.76 57.89 -22.76
C GLN A 275 45.30 59.30 -22.44
N GLY A 4 -55.48 -63.41 15.77
CA GLY A 4 -55.35 -63.44 17.22
C GLY A 4 -53.96 -63.03 17.63
N ILE A 5 -53.12 -64.01 17.91
CA ILE A 5 -51.75 -63.74 18.26
C ILE A 5 -50.97 -63.37 16.99
N THR A 6 -50.02 -62.49 17.15
CA THR A 6 -49.21 -62.07 16.05
C THR A 6 -48.26 -63.18 15.66
N ARG A 7 -48.14 -63.42 14.39
CA ARG A 7 -47.20 -64.41 13.88
C ARG A 7 -45.89 -63.68 13.65
N ASP A 8 -46.02 -62.40 13.52
CA ASP A 8 -44.92 -61.46 13.40
C ASP A 8 -44.53 -61.11 14.81
N VAL A 9 -43.30 -60.80 15.04
CA VAL A 9 -42.84 -60.61 16.40
C VAL A 9 -42.41 -59.17 16.62
N GLN A 10 -42.47 -58.77 17.83
CA GLN A 10 -42.20 -57.42 18.21
C GLN A 10 -40.74 -57.40 18.64
N VAL A 11 -40.04 -56.39 18.21
CA VAL A 11 -38.62 -56.36 18.34
C VAL A 11 -38.20 -55.59 19.61
N PRO A 12 -37.50 -56.27 20.54
CA PRO A 12 -37.08 -55.68 21.81
C PRO A 12 -36.08 -54.56 21.61
N ASP A 13 -36.34 -53.46 22.25
CA ASP A 13 -35.51 -52.31 22.15
C ASP A 13 -34.49 -52.29 23.27
N VAL A 14 -33.25 -52.28 22.89
CA VAL A 14 -32.15 -52.23 23.83
C VAL A 14 -31.52 -50.84 23.86
N ARG A 15 -32.33 -49.86 23.48
CA ARG A 15 -32.00 -48.43 23.58
C ARG A 15 -31.62 -48.08 25.03
N GLY A 16 -30.70 -47.16 25.18
CA GLY A 16 -30.19 -46.81 26.48
C GLY A 16 -28.82 -47.40 26.68
N GLN A 17 -28.46 -48.30 25.80
CA GLN A 17 -27.18 -48.95 25.83
C GLN A 17 -26.33 -48.40 24.67
N SER A 18 -25.42 -49.18 24.17
CA SER A 18 -24.51 -48.71 23.15
C SER A 18 -25.01 -49.14 21.79
N SER A 19 -24.60 -48.44 20.76
CA SER A 19 -25.02 -48.78 19.42
C SER A 19 -24.52 -50.18 19.00
N ALA A 20 -23.28 -50.51 19.33
CA ALA A 20 -22.72 -51.83 18.98
C ALA A 20 -23.40 -52.93 19.72
N ASP A 21 -23.66 -52.75 21.00
CA ASP A 21 -24.33 -53.79 21.75
C ASP A 21 -25.78 -53.94 21.30
N ALA A 22 -26.39 -52.82 20.96
CA ALA A 22 -27.75 -52.81 20.47
C ALA A 22 -27.84 -53.54 19.13
N ILE A 23 -26.93 -53.19 18.21
CA ILE A 23 -26.83 -53.86 16.91
C ILE A 23 -26.52 -55.34 17.09
N ALA A 24 -25.59 -55.62 18.00
CA ALA A 24 -25.18 -56.98 18.27
C ALA A 24 -26.38 -57.82 18.72
N THR A 25 -27.19 -57.26 19.59
CA THR A 25 -28.39 -57.91 20.08
C THR A 25 -29.37 -58.19 18.92
N LEU A 26 -29.58 -57.19 18.08
CA LEU A 26 -30.46 -57.34 16.93
C LEU A 26 -29.92 -58.40 15.97
N GLN A 27 -28.61 -58.39 15.79
CA GLN A 27 -27.91 -59.35 14.94
C GLN A 27 -28.09 -60.75 15.47
N ASN A 28 -27.98 -60.91 16.79
CA ASN A 28 -28.14 -62.22 17.45
C ASN A 28 -29.52 -62.78 17.20
N ARG A 29 -30.49 -61.90 17.08
CA ARG A 29 -31.87 -62.32 16.87
C ARG A 29 -32.16 -62.53 15.39
N GLY A 30 -31.27 -62.11 14.54
CA GLY A 30 -31.43 -62.31 13.12
C GLY A 30 -32.08 -61.14 12.44
N PHE A 31 -32.13 -60.01 13.12
CA PHE A 31 -32.65 -58.82 12.55
C PHE A 31 -31.64 -58.13 11.66
N LYS A 32 -32.13 -57.44 10.68
CA LYS A 32 -31.32 -56.66 9.79
C LYS A 32 -31.10 -55.31 10.44
N ILE A 33 -29.95 -54.74 10.24
CA ILE A 33 -29.63 -53.50 10.86
C ILE A 33 -29.10 -52.52 9.85
N ARG A 34 -29.61 -51.34 9.91
CA ARG A 34 -29.09 -50.29 9.12
C ARG A 34 -28.54 -49.27 10.07
N THR A 35 -27.52 -48.60 9.69
CA THR A 35 -26.89 -47.65 10.55
C THR A 35 -26.72 -46.33 9.82
N LEU A 36 -27.19 -45.29 10.42
CA LEU A 36 -27.04 -43.97 9.89
C LEU A 36 -26.24 -43.20 10.94
N GLN A 37 -25.19 -42.51 10.55
CA GLN A 37 -24.36 -41.78 11.51
C GLN A 37 -24.33 -40.32 11.16
N LYS A 38 -24.48 -39.45 12.15
CA LYS A 38 -24.41 -38.02 11.92
C LYS A 38 -23.55 -37.34 12.97
N PRO A 39 -22.43 -36.74 12.56
CA PRO A 39 -21.60 -35.96 13.45
C PRO A 39 -22.06 -34.51 13.49
N ASP A 40 -22.12 -33.96 14.69
CA ASP A 40 -22.50 -32.53 14.91
C ASP A 40 -22.46 -32.24 16.40
N SER A 41 -22.23 -30.99 16.75
CA SER A 41 -22.11 -30.56 18.12
C SER A 41 -23.49 -30.52 18.83
N THR A 42 -24.55 -30.50 18.05
CA THR A 42 -25.91 -30.43 18.59
C THR A 42 -26.44 -31.84 18.87
N ILE A 43 -25.79 -32.81 18.29
CA ILE A 43 -26.25 -34.16 18.30
C ILE A 43 -25.69 -34.95 19.53
N PRO A 44 -26.58 -35.74 20.21
CA PRO A 44 -26.26 -36.60 21.43
C PRO A 44 -25.00 -37.55 21.28
N PRO A 45 -24.66 -38.35 22.36
CA PRO A 45 -23.60 -39.38 22.31
C PRO A 45 -23.94 -40.56 21.38
N ASP A 46 -22.91 -41.31 20.98
CA ASP A 46 -23.03 -42.48 20.03
C ASP A 46 -23.89 -43.63 20.57
N HIS A 47 -24.30 -43.49 21.82
CA HIS A 47 -25.16 -44.47 22.48
C HIS A 47 -26.51 -44.46 21.80
N VAL A 48 -27.26 -45.52 21.92
CA VAL A 48 -28.56 -45.51 21.35
C VAL A 48 -29.53 -44.90 22.33
N ILE A 49 -30.11 -43.81 21.94
CA ILE A 49 -31.01 -43.10 22.83
C ILE A 49 -32.46 -43.58 22.71
N GLY A 50 -32.81 -44.07 21.55
CA GLY A 50 -34.14 -44.55 21.33
C GLY A 50 -34.23 -45.30 20.05
N THR A 51 -35.32 -45.97 19.85
CA THR A 51 -35.55 -46.70 18.63
C THR A 51 -36.73 -46.06 17.90
N ASP A 52 -36.99 -46.49 16.72
CA ASP A 52 -38.11 -45.98 15.97
C ASP A 52 -39.23 -46.99 16.01
N PRO A 53 -40.50 -46.52 15.83
CA PRO A 53 -41.70 -47.36 15.94
C PRO A 53 -41.67 -48.66 15.16
N ALA A 54 -40.81 -48.74 14.16
CA ALA A 54 -40.74 -49.95 13.32
C ALA A 54 -40.34 -51.14 14.16
N ALA A 55 -39.37 -50.94 15.04
CA ALA A 55 -38.90 -51.99 15.91
C ALA A 55 -39.96 -52.30 16.96
N ASN A 56 -40.67 -51.27 17.35
CA ASN A 56 -41.65 -51.40 18.40
C ASN A 56 -43.01 -51.85 17.88
N THR A 57 -43.07 -52.10 16.61
CA THR A 57 -44.24 -52.69 15.99
C THR A 57 -43.88 -54.16 15.74
N SER A 58 -44.84 -55.05 15.72
CA SER A 58 -44.53 -56.41 15.45
C SER A 58 -44.24 -56.58 13.96
N VAL A 59 -43.01 -56.90 13.65
CA VAL A 59 -42.61 -57.07 12.28
C VAL A 59 -42.24 -58.51 12.03
N SER A 60 -42.07 -58.85 10.79
CA SER A 60 -41.62 -60.15 10.43
C SER A 60 -40.18 -60.33 10.92
N ALA A 61 -39.90 -61.46 11.54
CA ALA A 61 -38.59 -61.77 12.08
C ALA A 61 -37.50 -61.62 11.03
N GLY A 62 -36.66 -60.63 11.22
CA GLY A 62 -35.59 -60.41 10.30
C GLY A 62 -35.82 -59.21 9.40
N ASP A 63 -36.59 -58.24 9.86
CA ASP A 63 -36.80 -57.03 9.06
C ASP A 63 -35.64 -56.05 9.31
N GLU A 64 -35.61 -54.92 8.63
CA GLU A 64 -34.48 -54.02 8.70
C GLU A 64 -34.75 -52.90 9.68
N ILE A 65 -34.02 -52.94 10.76
CA ILE A 65 -34.15 -51.98 11.81
C ILE A 65 -33.06 -50.91 11.65
N THR A 66 -33.47 -49.69 11.55
CA THR A 66 -32.58 -48.60 11.35
C THR A 66 -32.10 -48.01 12.68
N VAL A 67 -30.82 -47.83 12.82
CA VAL A 67 -30.29 -47.22 13.99
C VAL A 67 -29.65 -45.88 13.60
N ASN A 68 -29.93 -44.88 14.36
CA ASN A 68 -29.39 -43.57 14.14
C ASN A 68 -28.33 -43.33 15.19
N VAL A 69 -27.11 -43.19 14.77
CA VAL A 69 -26.01 -43.03 15.66
C VAL A 69 -25.52 -41.59 15.60
N SER A 70 -25.38 -41.05 16.74
CA SER A 70 -24.92 -39.74 16.94
C SER A 70 -23.39 -39.76 17.01
N THR A 71 -22.79 -39.01 16.16
CA THR A 71 -21.36 -38.96 16.08
C THR A 71 -20.89 -37.64 16.68
N GLY A 72 -19.62 -37.59 17.11
CA GLY A 72 -19.07 -36.45 17.83
C GLY A 72 -19.23 -35.06 17.15
N PRO A 73 -18.93 -33.99 17.91
CA PRO A 73 -19.00 -32.60 17.42
C PRO A 73 -18.00 -32.39 16.30
N GLU A 74 -18.36 -31.61 15.33
CA GLU A 74 -17.52 -31.42 14.20
C GLU A 74 -16.54 -30.30 14.42
N GLN A 75 -15.37 -30.48 13.87
CA GLN A 75 -14.34 -29.50 13.89
C GLN A 75 -13.74 -29.44 12.50
N ARG A 76 -13.13 -28.35 12.18
CA ARG A 76 -12.48 -28.19 10.92
C ARG A 76 -11.06 -27.79 11.09
N GLU A 77 -10.24 -28.33 10.27
CA GLU A 77 -8.86 -28.00 10.23
C GLU A 77 -8.74 -26.74 9.39
N ILE A 78 -8.06 -25.76 9.91
CA ILE A 78 -8.00 -24.50 9.24
C ILE A 78 -6.96 -24.59 8.13
N PRO A 79 -7.29 -24.17 6.91
CA PRO A 79 -6.34 -24.13 5.83
C PRO A 79 -5.28 -23.06 6.07
N ASP A 80 -4.06 -23.37 5.73
CA ASP A 80 -2.99 -22.43 5.87
C ASP A 80 -2.90 -21.66 4.59
N VAL A 81 -3.16 -20.40 4.66
CA VAL A 81 -3.22 -19.56 3.48
C VAL A 81 -2.03 -18.60 3.51
N SER A 82 -1.66 -18.06 2.39
CA SER A 82 -0.65 -17.06 2.36
C SER A 82 -1.21 -15.80 3.02
N THR A 83 -0.41 -15.17 3.82
CA THR A 83 -0.82 -14.06 4.61
C THR A 83 -1.25 -12.85 3.80
N LEU A 84 -0.83 -12.78 2.56
CA LEU A 84 -1.25 -11.68 1.72
C LEU A 84 -2.66 -11.91 1.18
N THR A 85 -3.19 -13.10 1.34
CA THR A 85 -4.49 -13.40 0.80
C THR A 85 -5.57 -13.48 1.90
N TYR A 86 -5.76 -12.37 2.60
CA TYR A 86 -6.81 -12.18 3.62
C TYR A 86 -8.20 -12.56 3.07
N ALA A 87 -8.45 -12.22 1.80
CA ALA A 87 -9.72 -12.53 1.15
C ALA A 87 -9.98 -14.03 1.14
N GLU A 88 -8.94 -14.79 0.85
CA GLU A 88 -9.02 -16.22 0.80
C GLU A 88 -9.18 -16.77 2.21
N ALA A 89 -8.51 -16.13 3.16
CA ALA A 89 -8.55 -16.53 4.54
C ALA A 89 -9.96 -16.47 5.09
N VAL A 90 -10.62 -15.33 4.91
CA VAL A 90 -11.94 -15.15 5.43
C VAL A 90 -12.97 -16.09 4.79
N LYS A 91 -12.88 -16.31 3.47
CA LYS A 91 -13.80 -17.22 2.81
C LYS A 91 -13.56 -18.66 3.23
N LYS A 92 -12.29 -19.01 3.42
CA LYS A 92 -11.91 -20.34 3.83
C LYS A 92 -12.46 -20.68 5.20
N LEU A 93 -12.38 -19.72 6.10
CA LEU A 93 -12.94 -19.85 7.44
C LEU A 93 -14.45 -20.01 7.38
N THR A 94 -15.05 -19.36 6.39
CA THR A 94 -16.48 -19.42 6.17
C THR A 94 -16.89 -20.83 5.67
N ALA A 95 -16.13 -21.35 4.73
CA ALA A 95 -16.37 -22.69 4.18
C ALA A 95 -16.12 -23.77 5.23
N ALA A 96 -15.33 -23.41 6.23
CA ALA A 96 -14.96 -24.31 7.32
C ALA A 96 -16.07 -24.41 8.38
N GLY A 97 -17.20 -23.80 8.14
CA GLY A 97 -18.31 -23.92 9.04
C GLY A 97 -18.49 -22.69 9.88
N PHE A 98 -17.71 -22.60 10.96
CA PHE A 98 -17.71 -21.46 11.88
C PHE A 98 -17.79 -20.09 11.18
N GLY A 99 -16.86 -19.83 10.28
CA GLY A 99 -16.84 -18.55 9.56
C GLY A 99 -16.72 -17.36 10.47
N ARG A 100 -16.12 -17.55 11.62
CA ARG A 100 -15.99 -16.48 12.57
C ARG A 100 -14.61 -15.92 12.51
N PHE A 101 -14.52 -14.73 12.03
CA PHE A 101 -13.29 -14.05 11.90
C PHE A 101 -13.42 -12.65 12.41
N LYS A 102 -12.34 -12.12 12.90
CA LYS A 102 -12.32 -10.78 13.44
C LYS A 102 -11.03 -10.14 12.94
N GLN A 103 -11.10 -8.98 12.35
CA GLN A 103 -9.92 -8.33 11.79
C GLN A 103 -9.36 -7.27 12.74
N ALA A 104 -8.08 -7.38 13.01
CA ALA A 104 -7.38 -6.42 13.82
C ALA A 104 -6.17 -5.95 13.04
N ASN A 105 -5.86 -4.69 13.12
CA ASN A 105 -4.72 -4.16 12.40
C ASN A 105 -3.69 -3.72 13.39
N SER A 106 -2.45 -3.91 13.07
CA SER A 106 -1.38 -3.51 13.92
C SER A 106 -0.26 -2.92 13.08
N PRO A 107 0.30 -1.76 13.47
CA PRO A 107 1.41 -1.18 12.76
C PRO A 107 2.70 -1.95 13.04
N SER A 108 3.36 -2.32 12.00
CA SER A 108 4.56 -3.10 12.09
C SER A 108 5.49 -2.72 10.94
N THR A 109 6.64 -3.37 10.90
CA THR A 109 7.65 -3.19 9.89
C THR A 109 7.07 -3.25 8.45
N PRO A 110 7.63 -2.43 7.53
CA PRO A 110 7.20 -2.32 6.12
C PRO A 110 7.12 -3.67 5.41
N GLU A 111 7.94 -4.61 5.84
CA GLU A 111 8.01 -5.91 5.19
C GLU A 111 6.80 -6.81 5.52
N LEU A 112 5.98 -6.37 6.47
CA LEU A 112 4.76 -7.11 6.84
C LEU A 112 3.49 -6.37 6.42
N VAL A 113 3.65 -5.15 5.94
CA VAL A 113 2.50 -4.32 5.57
C VAL A 113 1.66 -4.97 4.47
N GLY A 114 0.37 -5.08 4.74
CA GLY A 114 -0.53 -5.62 3.77
C GLY A 114 -0.72 -7.12 3.92
N LYS A 115 0.06 -7.73 4.77
CA LYS A 115 -0.04 -9.13 5.00
C LYS A 115 -0.64 -9.40 6.34
N VAL A 116 -1.29 -10.51 6.45
CA VAL A 116 -1.77 -11.01 7.71
C VAL A 116 -0.52 -11.40 8.51
N ILE A 117 -0.51 -11.17 9.79
CA ILE A 117 0.66 -11.52 10.57
C ILE A 117 0.44 -12.88 11.21
N GLY A 118 -0.78 -13.13 11.57
CA GLY A 118 -1.10 -14.37 12.19
C GLY A 118 -2.43 -14.33 12.85
N THR A 119 -2.68 -15.29 13.67
CA THR A 119 -3.87 -15.43 14.40
C THR A 119 -3.51 -15.99 15.77
N ASN A 120 -4.28 -15.65 16.79
CA ASN A 120 -4.02 -16.18 18.13
C ASN A 120 -4.27 -17.70 18.18
N PRO A 121 -5.48 -18.20 17.81
CA PRO A 121 -5.67 -19.63 17.63
C PRO A 121 -4.97 -20.04 16.32
N PRO A 122 -4.11 -21.06 16.35
CA PRO A 122 -3.34 -21.47 15.16
C PRO A 122 -4.24 -21.96 14.03
N ALA A 123 -3.99 -21.41 12.86
CA ALA A 123 -4.74 -21.71 11.66
C ALA A 123 -4.23 -23.00 11.02
N ASN A 124 -3.45 -23.73 11.75
CA ASN A 124 -2.99 -25.04 11.32
C ASN A 124 -3.65 -26.12 12.16
N GLN A 125 -4.49 -25.70 13.07
CA GLN A 125 -5.14 -26.61 13.99
C GLN A 125 -6.58 -26.88 13.61
N THR A 126 -7.18 -27.76 14.36
CA THR A 126 -8.54 -28.15 14.15
C THR A 126 -9.40 -27.37 15.13
N SER A 127 -10.23 -26.52 14.62
CA SER A 127 -11.05 -25.68 15.42
C SER A 127 -12.49 -26.11 15.32
N ALA A 128 -13.23 -25.94 16.38
CA ALA A 128 -14.63 -26.29 16.38
C ALA A 128 -15.45 -25.22 15.67
N ILE A 129 -16.70 -25.52 15.36
CA ILE A 129 -17.59 -24.59 14.62
C ILE A 129 -18.00 -23.39 15.52
N THR A 130 -17.58 -23.45 16.74
CA THR A 130 -17.82 -22.42 17.70
C THR A 130 -16.55 -21.57 17.96
N ASN A 131 -15.50 -21.81 17.20
CA ASN A 131 -14.24 -21.09 17.39
C ASN A 131 -14.19 -19.82 16.57
N VAL A 132 -13.60 -18.79 17.14
CA VAL A 132 -13.44 -17.53 16.48
C VAL A 132 -11.96 -17.32 16.12
N VAL A 133 -11.68 -17.02 14.89
CA VAL A 133 -10.34 -16.81 14.45
C VAL A 133 -10.08 -15.30 14.30
N ILE A 134 -9.13 -14.80 15.04
CA ILE A 134 -8.79 -13.40 15.01
C ILE A 134 -7.63 -13.18 14.05
N ILE A 135 -7.86 -12.41 13.05
CA ILE A 135 -6.91 -12.17 12.01
C ILE A 135 -6.29 -10.80 12.19
N ILE A 136 -5.05 -10.76 12.57
CA ILE A 136 -4.34 -9.52 12.75
C ILE A 136 -3.46 -9.26 11.52
N VAL A 137 -3.70 -8.14 10.88
CA VAL A 137 -2.97 -7.75 9.70
C VAL A 137 -1.94 -6.69 10.02
N GLY A 138 -0.88 -6.68 9.26
CA GLY A 138 0.16 -5.73 9.45
C GLY A 138 -0.02 -4.51 8.61
N SER A 139 0.02 -3.38 9.23
CA SER A 139 -0.08 -2.13 8.56
C SER A 139 1.20 -1.37 8.87
N GLY A 140 1.56 -0.40 8.10
CA GLY A 140 2.81 0.27 8.36
C GLY A 140 2.71 1.75 8.30
N PRO A 141 3.69 2.46 8.88
CA PRO A 141 3.70 3.91 8.86
C PRO A 141 4.11 4.40 7.48
N ALA A 142 3.16 4.97 6.77
CA ALA A 142 3.40 5.44 5.41
C ALA A 142 3.86 6.89 5.38
N THR A 143 4.49 7.27 6.44
CA THR A 143 4.97 8.60 6.62
C THR A 143 6.48 8.59 6.76
N LYS A 144 7.12 9.59 6.21
CA LYS A 144 8.55 9.74 6.30
C LYS A 144 8.92 11.17 6.52
N ASP A 145 10.07 11.37 7.11
CA ASP A 145 10.58 12.68 7.43
C ASP A 145 11.27 13.22 6.20
N ILE A 146 10.79 14.33 5.70
CA ILE A 146 11.37 14.91 4.49
C ILE A 146 12.71 15.60 4.76
N PRO A 147 13.78 15.15 4.10
CA PRO A 147 15.09 15.76 4.22
C PRO A 147 15.32 16.80 3.11
N ASP A 148 15.91 17.93 3.46
CA ASP A 148 16.20 18.95 2.48
C ASP A 148 17.59 18.71 1.93
N VAL A 149 17.71 18.79 0.63
CA VAL A 149 19.00 18.69 -0.01
C VAL A 149 19.09 19.81 -1.05
N ALA A 150 19.67 20.91 -0.64
CA ALA A 150 19.78 22.07 -1.47
C ALA A 150 21.04 21.99 -2.28
N GLY A 151 20.90 22.08 -3.57
CA GLY A 151 22.05 22.07 -4.41
C GLY A 151 21.99 21.01 -5.46
N GLN A 152 20.85 20.37 -5.61
CA GLN A 152 20.70 19.39 -6.66
C GLN A 152 19.83 19.96 -7.75
N THR A 153 19.78 19.32 -8.87
CA THR A 153 18.93 19.72 -9.95
C THR A 153 17.52 19.16 -9.69
N VAL A 154 16.49 19.78 -10.28
CA VAL A 154 15.07 19.36 -10.08
C VAL A 154 14.89 17.86 -10.33
N ASP A 155 15.50 17.37 -11.39
CA ASP A 155 15.40 15.96 -11.79
C ASP A 155 16.02 15.04 -10.76
N VAL A 156 17.15 15.45 -10.24
CA VAL A 156 17.87 14.63 -9.29
C VAL A 156 17.13 14.61 -7.94
N ALA A 157 16.62 15.76 -7.56
CA ALA A 157 15.87 15.89 -6.32
C ALA A 157 14.59 15.05 -6.35
N GLN A 158 13.81 15.19 -7.43
CA GLN A 158 12.55 14.45 -7.55
C GLN A 158 12.80 12.96 -7.63
N LYS A 159 13.91 12.60 -8.29
CA LYS A 159 14.29 11.23 -8.50
C LYS A 159 14.42 10.50 -7.17
N ASN A 160 15.19 11.09 -6.26
CA ASN A 160 15.43 10.49 -4.96
C ASN A 160 14.13 10.38 -4.19
N LEU A 161 13.36 11.46 -4.23
CA LEU A 161 12.08 11.52 -3.53
C LEU A 161 11.13 10.45 -4.03
N ASN A 162 11.04 10.29 -5.35
CA ASN A 162 10.17 9.30 -5.98
C ASN A 162 10.54 7.91 -5.53
N VAL A 163 11.83 7.65 -5.49
CA VAL A 163 12.36 6.37 -5.04
C VAL A 163 11.94 6.06 -3.61
N TYR A 164 11.91 7.08 -2.75
CA TYR A 164 11.55 6.87 -1.34
C TYR A 164 10.05 6.64 -1.18
N GLY A 165 9.29 7.11 -2.14
CA GLY A 165 7.88 6.92 -2.08
C GLY A 165 7.12 8.16 -2.40
N PHE A 166 7.79 9.29 -2.36
CA PHE A 166 7.17 10.57 -2.59
C PHE A 166 6.93 10.74 -4.08
N THR A 167 5.74 10.45 -4.50
CA THR A 167 5.40 10.49 -5.89
C THR A 167 4.75 11.80 -6.32
N LYS A 168 4.33 12.62 -5.36
CA LYS A 168 3.74 13.91 -5.69
C LYS A 168 4.68 15.03 -5.34
N PHE A 169 5.12 15.74 -6.32
CA PHE A 169 6.01 16.86 -6.13
C PHE A 169 5.47 18.06 -6.86
N SER A 170 5.77 19.21 -6.36
CA SER A 170 5.42 20.44 -7.02
C SER A 170 6.58 21.40 -6.83
N GLN A 171 6.89 22.17 -7.84
CA GLN A 171 8.01 23.07 -7.77
C GLN A 171 7.58 24.51 -7.89
N ALA A 172 8.16 25.33 -7.08
CA ALA A 172 7.94 26.75 -7.09
C ALA A 172 9.21 27.41 -7.56
N SER A 173 9.16 28.07 -8.68
CA SER A 173 10.31 28.73 -9.22
C SER A 173 10.28 30.19 -8.83
N VAL A 174 11.33 30.65 -8.20
CA VAL A 174 11.45 32.04 -7.81
C VAL A 174 12.78 32.57 -8.29
N ASP A 175 12.86 33.85 -8.58
CA ASP A 175 14.12 34.43 -9.02
C ASP A 175 15.09 34.44 -7.86
N SER A 176 16.29 34.05 -8.12
CA SER A 176 17.33 33.93 -7.12
C SER A 176 18.70 34.03 -7.81
N PRO A 177 19.82 34.11 -7.07
CA PRO A 177 21.16 34.17 -7.68
C PRO A 177 21.60 32.84 -8.31
N ARG A 178 20.98 31.74 -7.91
CA ARG A 178 21.36 30.43 -8.47
C ARG A 178 20.69 30.23 -9.81
N PRO A 179 21.43 29.67 -10.81
CA PRO A 179 20.88 29.41 -12.14
C PRO A 179 19.65 28.51 -12.10
N ALA A 180 18.69 28.82 -12.96
CA ALA A 180 17.40 28.15 -13.02
C ALA A 180 17.56 26.68 -13.25
N GLY A 181 17.11 25.90 -12.31
CA GLY A 181 17.18 24.48 -12.42
C GLY A 181 17.64 23.85 -11.13
N GLU A 182 18.37 24.62 -10.35
CA GLU A 182 18.87 24.16 -9.08
C GLU A 182 17.82 24.31 -7.98
N VAL A 183 17.67 23.28 -7.19
CA VAL A 183 16.72 23.27 -6.09
C VAL A 183 17.29 24.03 -4.88
N THR A 184 16.48 24.94 -4.39
CA THR A 184 16.80 25.77 -3.24
C THR A 184 16.51 24.99 -1.95
N GLY A 185 15.50 24.15 -2.00
CA GLY A 185 15.11 23.38 -0.86
C GLY A 185 13.64 23.09 -0.93
N THR A 186 13.00 22.94 0.20
CA THR A 186 11.61 22.62 0.23
C THR A 186 10.84 23.74 0.90
N ASN A 187 9.57 23.81 0.59
CA ASN A 187 8.66 24.75 1.23
C ASN A 187 8.19 24.17 2.58
N PRO A 188 7.72 22.88 2.63
CA PRO A 188 7.49 22.24 3.91
C PRO A 188 8.84 22.04 4.64
N PRO A 189 8.92 22.38 5.94
CA PRO A 189 10.18 22.29 6.69
C PRO A 189 10.76 20.89 6.72
N ALA A 190 12.06 20.81 6.61
CA ALA A 190 12.76 19.55 6.64
C ALA A 190 12.63 18.93 8.02
N GLY A 191 12.46 17.65 8.05
CA GLY A 191 12.28 16.96 9.29
C GLY A 191 10.82 16.69 9.56
N THR A 192 9.95 17.27 8.76
CA THR A 192 8.53 17.05 8.91
C THR A 192 8.17 15.67 8.36
N THR A 193 7.52 14.86 9.16
CA THR A 193 7.04 13.59 8.68
C THR A 193 5.71 13.81 7.98
N VAL A 194 5.61 13.31 6.80
CA VAL A 194 4.43 13.45 5.99
C VAL A 194 4.23 12.12 5.25
N PRO A 195 2.99 11.75 4.85
CA PRO A 195 2.76 10.55 4.06
C PRO A 195 3.53 10.61 2.75
N VAL A 196 4.08 9.48 2.35
CA VAL A 196 4.90 9.40 1.15
C VAL A 196 4.11 9.69 -0.13
N ASP A 197 2.81 9.50 -0.07
CA ASP A 197 1.99 9.73 -1.19
C ASP A 197 1.52 11.17 -1.25
N SER A 198 1.97 11.98 -0.31
CA SER A 198 1.61 13.37 -0.28
C SER A 198 2.52 14.20 -1.18
N VAL A 199 2.16 15.43 -1.37
CA VAL A 199 2.91 16.32 -2.22
C VAL A 199 3.94 17.13 -1.42
N ILE A 200 5.15 17.10 -1.88
CA ILE A 200 6.17 17.94 -1.31
C ILE A 200 6.51 19.03 -2.31
N GLU A 201 6.63 20.23 -1.82
CA GLU A 201 6.86 21.35 -2.67
C GLU A 201 8.31 21.79 -2.60
N LEU A 202 8.95 21.71 -3.74
CA LEU A 202 10.35 22.06 -3.90
C LEU A 202 10.44 23.49 -4.41
N GLN A 203 11.31 24.24 -3.83
CA GLN A 203 11.57 25.58 -4.28
C GLN A 203 12.80 25.57 -5.15
N VAL A 204 12.65 26.07 -6.34
CA VAL A 204 13.71 26.06 -7.33
C VAL A 204 14.16 27.48 -7.65
N SER A 205 15.45 27.70 -7.57
CA SER A 205 16.05 28.97 -7.95
C SER A 205 15.99 29.19 -9.47
N LYS A 206 15.53 30.35 -9.85
CA LYS A 206 15.60 30.84 -11.20
C LYS A 206 16.71 31.87 -11.24
N GLY A 207 17.58 31.80 -12.23
CA GLY A 207 18.70 32.73 -12.30
C GLY A 207 18.24 34.13 -12.61
N ASN A 208 17.24 34.19 -13.50
CA ASN A 208 16.61 35.44 -13.95
C ASN A 208 17.65 36.26 -14.73
N GLN A 209 18.57 35.53 -15.33
CA GLN A 209 19.67 36.09 -16.06
C GLN A 209 19.86 35.31 -17.36
N PHE A 210 20.37 35.96 -18.38
CA PHE A 210 20.57 35.32 -19.68
C PHE A 210 21.99 35.60 -20.15
N VAL A 211 22.51 34.79 -21.02
CA VAL A 211 23.86 34.98 -21.54
C VAL A 211 23.88 36.17 -22.50
N MET A 212 24.65 37.17 -22.16
CA MET A 212 24.77 38.37 -22.98
C MET A 212 26.00 38.29 -23.87
N PRO A 213 25.88 38.70 -25.15
CA PRO A 213 27.02 38.84 -26.06
C PRO A 213 28.02 39.92 -25.57
N ASP A 214 29.18 39.98 -26.18
CA ASP A 214 30.22 40.92 -25.75
C ASP A 214 30.10 42.27 -26.42
N LEU A 215 30.14 43.30 -25.59
CA LEU A 215 30.16 44.69 -26.05
C LEU A 215 31.51 45.29 -25.64
N SER A 216 32.22 44.55 -24.84
CA SER A 216 33.50 44.92 -24.35
C SER A 216 34.55 44.77 -25.46
N GLY A 217 35.36 45.80 -25.64
CA GLY A 217 36.34 45.79 -26.70
C GLY A 217 35.69 46.08 -28.03
N MET A 218 34.53 46.67 -27.98
CA MET A 218 33.77 47.00 -29.14
C MET A 218 33.53 48.49 -29.18
N PHE A 219 33.43 49.03 -30.36
CA PHE A 219 33.15 50.42 -30.52
C PHE A 219 31.66 50.61 -30.41
N TRP A 220 31.28 51.71 -29.79
CA TRP A 220 29.89 52.13 -29.61
C TRP A 220 29.12 52.12 -30.94
N VAL A 221 29.83 52.31 -32.04
CA VAL A 221 29.21 52.35 -33.36
C VAL A 221 28.70 50.97 -33.78
N ASP A 222 29.24 49.92 -33.17
CA ASP A 222 28.80 48.56 -33.46
C ASP A 222 27.88 48.12 -32.32
N ALA A 223 28.22 48.57 -31.11
CA ALA A 223 27.48 48.23 -29.90
C ALA A 223 26.05 48.79 -29.90
N GLU A 224 25.89 50.03 -30.35
CA GLU A 224 24.57 50.67 -30.39
C GLU A 224 23.57 49.83 -31.27
N PRO A 225 23.93 49.46 -32.53
CA PRO A 225 23.08 48.56 -33.33
C PRO A 225 22.79 47.24 -32.63
N ARG A 226 23.79 46.68 -31.96
CA ARG A 226 23.58 45.41 -31.27
C ARG A 226 22.57 45.53 -30.14
N LEU A 227 22.63 46.61 -29.38
CA LEU A 227 21.73 46.76 -28.25
C LEU A 227 20.28 46.90 -28.72
N ARG A 228 20.06 47.72 -29.74
CA ARG A 228 18.73 47.87 -30.30
C ARG A 228 18.25 46.57 -30.96
N ALA A 229 19.17 45.84 -31.58
CA ALA A 229 18.86 44.58 -32.26
C ALA A 229 18.48 43.48 -31.27
N LEU A 230 19.01 43.57 -30.06
CA LEU A 230 18.63 42.64 -28.99
C LEU A 230 17.34 43.07 -28.33
N GLY A 231 16.84 44.22 -28.70
CA GLY A 231 15.62 44.72 -28.15
C GLY A 231 15.82 45.34 -26.80
N TRP A 232 17.07 45.62 -26.46
CA TRP A 232 17.38 46.24 -25.20
C TRP A 232 16.81 47.64 -25.16
N THR A 233 16.13 47.94 -24.10
CA THR A 233 15.59 49.22 -23.86
C THR A 233 15.69 49.50 -22.38
N GLY A 234 16.75 50.14 -22.01
CA GLY A 234 17.00 50.46 -20.64
C GLY A 234 17.80 51.71 -20.57
N MET A 235 18.41 51.94 -19.45
CA MET A 235 19.16 53.14 -19.24
C MET A 235 20.60 52.94 -19.65
N LEU A 236 21.07 53.79 -20.51
CA LEU A 236 22.45 53.78 -20.86
C LEU A 236 23.08 54.87 -20.04
N ASP A 237 24.04 54.50 -19.25
CA ASP A 237 24.68 55.45 -18.38
C ASP A 237 25.96 55.91 -19.02
N LYS A 238 25.91 57.08 -19.59
CA LYS A 238 27.03 57.65 -20.28
C LYS A 238 27.70 58.64 -19.34
N GLY A 239 29.01 58.54 -19.19
CA GLY A 239 29.74 59.49 -18.37
C GLY A 239 29.92 60.79 -19.11
N ALA A 240 31.06 60.96 -19.71
CA ALA A 240 31.35 62.15 -20.50
C ALA A 240 32.10 61.74 -21.74
N ASP A 241 31.99 62.51 -22.80
CA ASP A 241 32.78 62.23 -23.99
C ASP A 241 34.15 62.84 -23.82
N VAL A 242 35.14 62.03 -23.94
CA VAL A 242 36.50 62.46 -23.71
C VAL A 242 37.36 62.12 -24.89
N ASP A 243 37.90 63.11 -25.53
CA ASP A 243 38.81 62.84 -26.62
C ASP A 243 40.13 62.48 -26.01
N ALA A 244 40.53 61.24 -26.15
CA ALA A 244 41.76 60.77 -25.53
C ALA A 244 42.61 59.96 -26.49
N GLY A 245 42.17 59.84 -27.71
CA GLY A 245 42.91 59.11 -28.69
C GLY A 245 42.04 58.07 -29.37
N GLY A 246 42.53 57.53 -30.47
CA GLY A 246 41.78 56.57 -31.26
C GLY A 246 41.40 55.32 -30.48
N SER A 247 42.26 54.89 -29.60
CA SER A 247 42.01 53.71 -28.78
C SER A 247 40.83 53.92 -27.82
N GLN A 248 40.55 55.18 -27.50
CA GLN A 248 39.47 55.53 -26.61
C GLN A 248 38.28 56.04 -27.40
N HIS A 249 38.43 56.10 -28.71
CA HIS A 249 37.40 56.61 -29.59
C HIS A 249 36.32 55.56 -29.79
N ASN A 250 35.15 55.85 -29.23
CA ASN A 250 33.94 55.00 -29.26
C ASN A 250 34.08 53.65 -28.55
N ARG A 251 35.27 53.26 -28.21
CA ARG A 251 35.48 51.94 -27.64
C ARG A 251 35.08 51.88 -26.17
N VAL A 252 34.45 50.77 -25.82
CA VAL A 252 34.05 50.48 -24.46
C VAL A 252 35.28 50.12 -23.66
N VAL A 253 35.43 50.71 -22.49
CA VAL A 253 36.64 50.47 -21.72
C VAL A 253 36.43 49.36 -20.71
N TYR A 254 35.29 49.35 -20.08
CA TYR A 254 34.91 48.31 -19.18
C TYR A 254 33.42 48.22 -19.22
N GLN A 255 32.90 47.08 -18.90
CA GLN A 255 31.49 46.90 -18.79
C GLN A 255 31.26 46.14 -17.51
N ASN A 256 30.22 46.44 -16.78
CA ASN A 256 29.99 45.73 -15.54
C ASN A 256 29.41 44.32 -15.71
N PRO A 257 28.25 44.14 -16.38
CA PRO A 257 27.72 42.80 -16.68
C PRO A 257 28.68 42.04 -17.60
N PRO A 258 29.24 40.88 -17.17
CA PRO A 258 30.21 40.15 -17.97
C PRO A 258 29.61 39.47 -19.21
N ALA A 259 30.30 39.63 -20.32
CA ALA A 259 29.93 39.03 -21.58
C ALA A 259 30.13 37.53 -21.52
N GLY A 260 29.14 36.79 -21.95
CA GLY A 260 29.22 35.34 -21.91
C GLY A 260 28.68 34.79 -20.61
N THR A 261 28.42 35.68 -19.70
CA THR A 261 27.92 35.35 -18.41
C THR A 261 26.43 35.71 -18.37
N GLY A 262 25.70 35.11 -17.45
CA GLY A 262 24.32 35.42 -17.28
C GLY A 262 24.14 36.79 -16.67
N VAL A 263 23.57 37.67 -17.45
CA VAL A 263 23.31 39.04 -17.06
C VAL A 263 21.85 39.20 -16.73
N ASN A 264 21.58 40.05 -15.75
CA ASN A 264 20.24 40.41 -15.28
C ASN A 264 19.30 40.55 -16.45
N ARG A 265 18.09 39.97 -16.32
CA ARG A 265 17.12 39.83 -17.39
C ARG A 265 16.81 41.13 -18.13
N ASP A 266 17.00 42.24 -17.46
CA ASP A 266 16.74 43.53 -18.02
C ASP A 266 17.85 43.95 -18.98
N GLY A 267 19.06 43.42 -18.78
CA GLY A 267 20.13 43.62 -19.71
C GLY A 267 20.79 44.96 -19.60
N ILE A 268 20.65 45.64 -18.47
CA ILE A 268 21.21 46.98 -18.37
C ILE A 268 22.74 46.89 -18.40
N ILE A 269 23.30 47.52 -19.39
CA ILE A 269 24.69 47.44 -19.66
C ILE A 269 25.38 48.73 -19.27
N THR A 270 26.43 48.64 -18.48
CA THR A 270 27.18 49.78 -18.12
C THR A 270 28.51 49.73 -18.84
N LEU A 271 28.74 50.71 -19.66
CA LEU A 271 29.92 50.83 -20.49
C LEU A 271 30.35 52.25 -20.48
N ARG A 272 31.60 52.46 -20.63
CA ARG A 272 32.14 53.77 -20.65
C ARG A 272 33.06 53.78 -21.83
N PHE A 273 33.02 54.82 -22.58
CA PHE A 273 33.85 54.99 -23.74
C PHE A 273 34.50 56.33 -23.64
N GLY A 274 35.50 56.56 -24.43
CA GLY A 274 36.14 57.84 -24.40
C GLY A 274 35.37 58.80 -25.25
N GLN A 275 35.70 58.83 -26.49
CA GLN A 275 35.03 59.68 -27.42
C GLN A 275 34.20 58.82 -28.36
N GLY A 4 -29.10 -76.37 4.31
CA GLY A 4 -29.38 -76.33 5.74
C GLY A 4 -30.31 -75.22 6.07
N ILE A 5 -31.31 -75.49 6.89
CA ILE A 5 -32.25 -74.50 7.30
C ILE A 5 -31.61 -73.58 8.33
N THR A 6 -31.85 -72.31 8.20
CA THR A 6 -31.35 -71.34 9.13
C THR A 6 -32.20 -71.40 10.41
N ARG A 7 -31.64 -70.99 11.52
CA ARG A 7 -32.35 -70.97 12.77
C ARG A 7 -32.38 -69.59 13.34
N ASP A 8 -33.34 -68.86 12.87
CA ASP A 8 -33.55 -67.48 13.26
C ASP A 8 -34.18 -67.38 14.64
N VAL A 9 -33.85 -66.34 15.35
CA VAL A 9 -34.33 -66.10 16.70
C VAL A 9 -34.93 -64.70 16.79
N GLN A 10 -35.79 -64.50 17.73
CA GLN A 10 -36.41 -63.23 17.92
C GLN A 10 -35.60 -62.52 18.98
N VAL A 11 -35.12 -61.38 18.64
CA VAL A 11 -34.17 -60.65 19.47
C VAL A 11 -34.89 -59.54 20.28
N PRO A 12 -34.54 -59.35 21.56
CA PRO A 12 -35.10 -58.27 22.38
C PRO A 12 -34.60 -56.89 21.90
N ASP A 13 -35.42 -55.89 22.10
CA ASP A 13 -35.07 -54.53 21.71
C ASP A 13 -34.68 -53.78 22.98
N VAL A 14 -33.84 -52.79 22.85
CA VAL A 14 -33.30 -52.06 23.99
C VAL A 14 -33.63 -50.55 23.86
N ARG A 15 -34.52 -50.23 22.90
CA ARG A 15 -35.00 -48.85 22.65
C ARG A 15 -35.52 -48.18 23.95
N GLY A 16 -35.28 -46.90 24.05
CA GLY A 16 -35.70 -46.12 25.19
C GLY A 16 -34.54 -45.82 26.12
N GLN A 17 -33.43 -46.47 25.88
CA GLN A 17 -32.25 -46.30 26.65
C GLN A 17 -31.17 -45.59 25.83
N SER A 18 -29.94 -45.86 26.10
CA SER A 18 -28.88 -45.16 25.47
C SER A 18 -28.35 -45.97 24.33
N SER A 19 -27.67 -45.33 23.40
CA SER A 19 -27.08 -46.04 22.30
C SER A 19 -26.00 -47.01 22.80
N ALA A 20 -25.26 -46.61 23.83
CA ALA A 20 -24.20 -47.45 24.36
C ALA A 20 -24.75 -48.71 24.98
N ASP A 21 -25.79 -48.60 25.80
CA ASP A 21 -26.35 -49.77 26.48
C ASP A 21 -27.00 -50.69 25.46
N ALA A 22 -27.70 -50.07 24.51
CA ALA A 22 -28.39 -50.78 23.47
C ALA A 22 -27.42 -51.51 22.54
N ILE A 23 -26.42 -50.79 22.05
CA ILE A 23 -25.41 -51.34 21.15
C ILE A 23 -24.59 -52.41 21.86
N ALA A 24 -24.27 -52.17 23.14
CA ALA A 24 -23.49 -53.12 23.93
C ALA A 24 -24.19 -54.46 24.00
N THR A 25 -25.48 -54.41 24.24
CA THR A 25 -26.29 -55.60 24.36
C THR A 25 -26.35 -56.37 23.03
N LEU A 26 -26.61 -55.66 21.94
CA LEU A 26 -26.68 -56.28 20.62
C LEU A 26 -25.34 -56.90 20.24
N GLN A 27 -24.27 -56.17 20.47
CA GLN A 27 -22.93 -56.61 20.12
C GLN A 27 -22.53 -57.82 20.98
N ASN A 28 -22.97 -57.83 22.23
CA ASN A 28 -22.74 -58.97 23.14
C ASN A 28 -23.48 -60.21 22.70
N ARG A 29 -24.56 -60.02 21.97
CA ARG A 29 -25.31 -61.14 21.43
C ARG A 29 -24.74 -61.58 20.10
N GLY A 30 -23.81 -60.79 19.60
CA GLY A 30 -23.14 -61.10 18.36
C GLY A 30 -23.69 -60.31 17.20
N PHE A 31 -24.65 -59.47 17.49
CA PHE A 31 -25.28 -58.67 16.51
C PHE A 31 -24.45 -57.47 16.19
N LYS A 32 -24.62 -56.98 15.02
CA LYS A 32 -23.87 -55.89 14.52
C LYS A 32 -24.81 -54.72 14.36
N ILE A 33 -24.26 -53.57 14.27
CA ILE A 33 -25.08 -52.40 14.18
C ILE A 33 -24.69 -51.56 13.00
N ARG A 34 -25.66 -50.96 12.44
CA ARG A 34 -25.51 -50.02 11.37
C ARG A 34 -25.86 -48.70 11.97
N THR A 35 -25.02 -47.76 11.81
CA THR A 35 -25.23 -46.50 12.47
C THR A 35 -25.40 -45.40 11.43
N LEU A 36 -26.46 -44.66 11.55
CA LEU A 36 -26.72 -43.55 10.70
C LEU A 36 -26.60 -42.33 11.58
N GLN A 37 -25.83 -41.36 11.17
CA GLN A 37 -25.64 -40.19 11.99
C GLN A 37 -26.08 -38.95 11.28
N LYS A 38 -26.60 -38.03 12.04
CA LYS A 38 -27.01 -36.74 11.55
C LYS A 38 -26.64 -35.67 12.56
N PRO A 39 -26.22 -34.49 12.12
CA PRO A 39 -25.99 -33.35 13.02
C PRO A 39 -27.33 -32.74 13.47
N ASP A 40 -27.31 -32.03 14.60
CA ASP A 40 -28.47 -31.36 15.26
C ASP A 40 -29.16 -32.38 16.20
N SER A 41 -30.33 -32.07 16.70
CA SER A 41 -31.03 -32.96 17.61
C SER A 41 -32.55 -32.89 17.38
N THR A 42 -32.94 -32.31 16.25
CA THR A 42 -34.34 -32.26 15.88
C THR A 42 -34.71 -33.61 15.24
N ILE A 43 -33.69 -34.29 14.82
CA ILE A 43 -33.77 -35.61 14.26
C ILE A 43 -33.46 -36.58 15.40
N PRO A 44 -33.99 -37.84 15.33
CA PRO A 44 -33.78 -38.90 16.35
C PRO A 44 -32.44 -38.80 17.14
N PRO A 45 -32.55 -38.49 18.47
CA PRO A 45 -31.40 -38.24 19.34
C PRO A 45 -30.47 -39.44 19.56
N ASP A 46 -29.25 -39.14 20.01
CA ASP A 46 -28.17 -40.12 20.27
C ASP A 46 -28.54 -41.18 21.31
N HIS A 47 -29.65 -40.99 21.95
CA HIS A 47 -30.19 -41.94 22.88
C HIS A 47 -31.35 -42.57 22.20
N VAL A 48 -31.43 -43.88 22.23
CA VAL A 48 -32.31 -44.54 21.35
C VAL A 48 -33.76 -44.40 21.79
N ILE A 49 -34.52 -43.77 20.96
CA ILE A 49 -35.94 -43.68 21.17
C ILE A 49 -36.60 -44.76 20.37
N GLY A 50 -35.93 -45.09 19.30
CA GLY A 50 -36.37 -46.08 18.42
C GLY A 50 -35.19 -46.78 17.86
N THR A 51 -35.43 -47.94 17.41
CA THR A 51 -34.47 -48.84 16.86
C THR A 51 -35.20 -49.60 15.79
N ASP A 52 -34.58 -50.55 15.17
CA ASP A 52 -35.25 -51.17 14.05
C ASP A 52 -35.85 -52.49 14.49
N PRO A 53 -37.16 -52.67 14.22
CA PRO A 53 -37.93 -53.87 14.61
C PRO A 53 -37.45 -55.17 13.97
N ALA A 54 -36.41 -55.10 13.15
CA ALA A 54 -35.77 -56.28 12.58
C ALA A 54 -35.32 -57.18 13.71
N ALA A 55 -34.89 -56.55 14.81
CA ALA A 55 -34.49 -57.29 16.00
C ALA A 55 -35.68 -58.04 16.58
N ASN A 56 -36.84 -57.42 16.58
CA ASN A 56 -38.03 -58.06 17.12
C ASN A 56 -38.70 -58.96 16.09
N THR A 57 -38.11 -59.03 14.94
CA THR A 57 -38.53 -59.99 13.95
C THR A 57 -37.58 -61.18 14.13
N SER A 58 -37.94 -62.37 13.71
CA SER A 58 -37.03 -63.46 13.87
C SER A 58 -35.90 -63.32 12.84
N VAL A 59 -34.70 -63.07 13.32
CA VAL A 59 -33.54 -62.91 12.47
C VAL A 59 -32.41 -63.80 12.95
N SER A 60 -31.39 -63.92 12.16
CA SER A 60 -30.28 -64.75 12.49
C SER A 60 -29.36 -64.02 13.47
N ALA A 61 -28.77 -64.74 14.39
CA ALA A 61 -27.89 -64.18 15.38
C ALA A 61 -26.64 -63.63 14.72
N GLY A 62 -26.48 -62.34 14.78
CA GLY A 62 -25.35 -61.71 14.16
C GLY A 62 -25.78 -60.91 12.97
N ASP A 63 -26.84 -60.17 13.11
CA ASP A 63 -27.39 -59.39 12.01
C ASP A 63 -27.13 -57.93 12.29
N GLU A 64 -27.29 -57.07 11.30
CA GLU A 64 -27.01 -55.64 11.48
C GLU A 64 -28.29 -54.87 11.70
N ILE A 65 -28.39 -54.24 12.84
CA ILE A 65 -29.55 -53.45 13.18
C ILE A 65 -29.21 -51.95 13.03
N THR A 66 -30.08 -51.20 12.38
CA THR A 66 -29.82 -49.79 12.11
C THR A 66 -30.22 -48.88 13.30
N VAL A 67 -29.30 -48.01 13.68
CA VAL A 67 -29.47 -47.09 14.77
C VAL A 67 -29.16 -45.66 14.29
N ASN A 68 -29.97 -44.70 14.66
CA ASN A 68 -29.70 -43.32 14.29
C ASN A 68 -29.13 -42.59 15.48
N VAL A 69 -28.02 -41.91 15.28
CA VAL A 69 -27.39 -41.14 16.32
C VAL A 69 -27.26 -39.68 15.87
N SER A 70 -27.62 -38.76 16.71
CA SER A 70 -27.52 -37.37 16.37
C SER A 70 -26.32 -36.73 17.06
N THR A 71 -25.53 -36.02 16.31
CA THR A 71 -24.45 -35.26 16.89
C THR A 71 -24.96 -33.84 17.05
N GLY A 72 -25.19 -33.45 18.30
CA GLY A 72 -25.87 -32.21 18.68
C GLY A 72 -25.44 -30.94 17.93
N PRO A 73 -24.39 -30.25 18.40
CA PRO A 73 -23.98 -28.99 17.79
C PRO A 73 -23.34 -29.18 16.44
N GLU A 74 -23.83 -28.45 15.48
CA GLU A 74 -23.33 -28.49 14.15
C GLU A 74 -22.28 -27.42 14.02
N GLN A 75 -21.35 -27.61 13.14
CA GLN A 75 -20.37 -26.60 12.86
C GLN A 75 -20.94 -25.70 11.79
N ARG A 76 -20.48 -24.48 11.70
CA ARG A 76 -21.03 -23.53 10.75
C ARG A 76 -19.99 -23.02 9.82
N GLU A 77 -20.40 -22.69 8.64
CA GLU A 77 -19.49 -22.24 7.63
C GLU A 77 -19.26 -20.76 7.78
N ILE A 78 -18.05 -20.35 7.62
CA ILE A 78 -17.71 -18.96 7.71
C ILE A 78 -17.89 -18.33 6.34
N PRO A 79 -18.58 -17.18 6.23
CA PRO A 79 -18.65 -16.43 4.99
C PRO A 79 -17.28 -15.78 4.67
N ASP A 80 -16.92 -15.78 3.42
CA ASP A 80 -15.66 -15.16 3.01
C ASP A 80 -15.91 -13.67 2.80
N VAL A 81 -15.54 -12.91 3.80
CA VAL A 81 -15.79 -11.50 3.85
C VAL A 81 -14.53 -10.77 3.47
N SER A 82 -14.67 -9.76 2.66
CA SER A 82 -13.56 -8.99 2.17
C SER A 82 -12.72 -8.37 3.30
N THR A 83 -11.45 -8.21 3.03
CA THR A 83 -10.47 -7.83 3.98
C THR A 83 -10.58 -6.38 4.50
N LEU A 84 -11.16 -5.50 3.75
CA LEU A 84 -11.35 -4.15 4.24
C LEU A 84 -12.65 -4.04 5.04
N THR A 85 -13.45 -5.07 4.94
CA THR A 85 -14.75 -5.13 5.52
C THR A 85 -14.70 -5.91 6.87
N TYR A 86 -13.67 -5.63 7.65
CA TYR A 86 -13.44 -6.23 8.97
C TYR A 86 -14.67 -6.12 9.90
N ALA A 87 -15.36 -5.00 9.86
CA ALA A 87 -16.55 -4.80 10.70
C ALA A 87 -17.65 -5.81 10.32
N GLU A 88 -17.77 -6.06 9.04
CA GLU A 88 -18.72 -7.02 8.51
C GLU A 88 -18.26 -8.43 8.88
N ALA A 89 -16.95 -8.64 8.85
CA ALA A 89 -16.37 -9.92 9.17
C ALA A 89 -16.66 -10.31 10.62
N VAL A 90 -16.36 -9.40 11.55
CA VAL A 90 -16.55 -9.70 12.95
C VAL A 90 -18.03 -9.95 13.30
N LYS A 91 -18.96 -9.20 12.69
CA LYS A 91 -20.37 -9.45 12.96
C LYS A 91 -20.80 -10.81 12.37
N LYS A 92 -20.28 -11.14 11.20
CA LYS A 92 -20.60 -12.38 10.54
C LYS A 92 -20.09 -13.59 11.29
N LEU A 93 -18.90 -13.48 11.87
CA LEU A 93 -18.38 -14.54 12.73
C LEU A 93 -19.27 -14.71 13.94
N THR A 94 -19.80 -13.60 14.44
CA THR A 94 -20.66 -13.60 15.61
C THR A 94 -22.03 -14.24 15.27
N ALA A 95 -22.62 -13.80 14.16
CA ALA A 95 -23.94 -14.26 13.75
C ALA A 95 -23.92 -15.71 13.30
N ALA A 96 -22.74 -16.22 13.02
CA ALA A 96 -22.58 -17.59 12.57
C ALA A 96 -22.66 -18.59 13.72
N GLY A 97 -22.59 -18.10 14.95
CA GLY A 97 -22.71 -18.98 16.09
C GLY A 97 -21.55 -18.85 17.01
N PHE A 98 -20.39 -19.32 16.56
CA PHE A 98 -19.13 -19.21 17.31
C PHE A 98 -18.89 -17.82 17.85
N GLY A 99 -18.69 -16.88 16.94
CA GLY A 99 -18.44 -15.51 17.32
C GLY A 99 -17.16 -15.32 18.08
N ARG A 100 -16.25 -16.25 17.94
CA ARG A 100 -15.01 -16.15 18.61
C ARG A 100 -13.99 -15.73 17.60
N PHE A 101 -13.52 -14.53 17.73
CA PHE A 101 -12.57 -13.96 16.82
C PHE A 101 -11.50 -13.22 17.57
N LYS A 102 -10.34 -13.24 17.05
CA LYS A 102 -9.18 -12.57 17.61
C LYS A 102 -8.50 -11.82 16.51
N GLN A 103 -7.88 -10.71 16.83
CA GLN A 103 -7.20 -9.92 15.85
C GLN A 103 -5.71 -9.85 16.16
N ALA A 104 -4.91 -10.22 15.20
CA ALA A 104 -3.49 -10.14 15.30
C ALA A 104 -2.99 -9.17 14.26
N ASN A 105 -1.93 -8.49 14.56
CA ASN A 105 -1.39 -7.50 13.66
C ASN A 105 -0.05 -7.94 13.16
N SER A 106 0.24 -7.71 11.91
CA SER A 106 1.55 -7.98 11.37
C SER A 106 1.87 -6.99 10.26
N PRO A 107 3.10 -6.47 10.23
CA PRO A 107 3.57 -5.61 9.15
C PRO A 107 3.62 -6.37 7.83
N SER A 108 3.00 -5.84 6.83
CA SER A 108 2.91 -6.49 5.54
C SER A 108 3.07 -5.48 4.41
N THR A 109 3.00 -5.97 3.16
CA THR A 109 3.11 -5.17 1.95
C THR A 109 2.23 -3.89 2.03
N PRO A 110 2.84 -2.72 1.70
CA PRO A 110 2.23 -1.37 1.82
C PRO A 110 0.85 -1.24 1.17
N GLU A 111 0.60 -2.02 0.16
CA GLU A 111 -0.67 -1.98 -0.54
C GLU A 111 -1.80 -2.59 0.32
N LEU A 112 -1.46 -3.58 1.12
CA LEU A 112 -2.44 -4.36 1.86
C LEU A 112 -2.61 -3.82 3.29
N VAL A 113 -1.68 -2.97 3.72
CA VAL A 113 -1.74 -2.42 5.03
C VAL A 113 -3.04 -1.63 5.24
N GLY A 114 -3.69 -1.92 6.32
CA GLY A 114 -4.95 -1.29 6.62
C GLY A 114 -6.12 -2.21 6.30
N LYS A 115 -5.82 -3.41 5.84
CA LYS A 115 -6.83 -4.40 5.56
C LYS A 115 -6.47 -5.70 6.27
N VAL A 116 -7.43 -6.59 6.33
CA VAL A 116 -7.26 -7.92 6.87
C VAL A 116 -6.41 -8.75 5.87
N ILE A 117 -5.63 -9.68 6.34
CA ILE A 117 -4.91 -10.55 5.44
C ILE A 117 -5.74 -11.83 5.33
N GLY A 118 -6.35 -12.20 6.44
CA GLY A 118 -7.20 -13.33 6.49
C GLY A 118 -7.24 -13.89 7.89
N THR A 119 -7.79 -15.05 8.02
CA THR A 119 -7.84 -15.74 9.25
C THR A 119 -7.04 -17.01 9.10
N ASN A 120 -6.29 -17.38 10.13
CA ASN A 120 -5.47 -18.58 10.10
C ASN A 120 -6.34 -19.85 9.93
N PRO A 121 -7.41 -20.07 10.78
CA PRO A 121 -8.41 -21.08 10.45
C PRO A 121 -9.21 -20.55 9.26
N PRO A 122 -9.27 -21.31 8.17
CA PRO A 122 -9.87 -20.84 6.92
C PRO A 122 -11.35 -20.48 7.03
N ALA A 123 -11.66 -19.26 6.59
CA ALA A 123 -13.03 -18.71 6.58
C ALA A 123 -13.82 -19.29 5.41
N ASN A 124 -13.33 -20.36 4.88
CA ASN A 124 -13.96 -21.06 3.79
C ASN A 124 -14.52 -22.38 4.27
N GLN A 125 -14.16 -22.72 5.51
CA GLN A 125 -14.53 -24.01 6.07
C GLN A 125 -15.61 -23.91 7.12
N THR A 126 -16.03 -25.06 7.57
CA THR A 126 -17.05 -25.18 8.57
C THR A 126 -16.37 -25.25 9.96
N SER A 127 -16.47 -24.18 10.69
CA SER A 127 -15.83 -24.05 11.99
C SER A 127 -16.83 -24.28 13.11
N ALA A 128 -16.35 -24.78 14.22
CA ALA A 128 -17.22 -25.11 15.35
C ALA A 128 -17.58 -23.85 16.14
N ILE A 129 -18.71 -23.89 16.82
CA ILE A 129 -19.22 -22.76 17.63
C ILE A 129 -18.34 -22.50 18.86
N THR A 130 -17.63 -23.50 19.28
CA THR A 130 -16.73 -23.38 20.38
C THR A 130 -15.29 -23.06 19.89
N ASN A 131 -15.15 -22.84 18.60
CA ASN A 131 -13.86 -22.63 17.99
C ASN A 131 -13.59 -21.13 17.77
N VAL A 132 -12.35 -20.73 18.00
CA VAL A 132 -11.94 -19.35 17.88
C VAL A 132 -11.07 -19.13 16.63
N VAL A 133 -11.46 -18.17 15.82
CA VAL A 133 -10.71 -17.83 14.64
C VAL A 133 -9.79 -16.64 14.92
N ILE A 134 -8.61 -16.69 14.39
CA ILE A 134 -7.64 -15.64 14.57
C ILE A 134 -7.43 -14.93 13.24
N ILE A 135 -7.83 -13.69 13.21
CA ILE A 135 -7.75 -12.86 12.05
C ILE A 135 -6.54 -11.97 12.14
N ILE A 136 -5.72 -12.01 11.13
CA ILE A 136 -4.50 -11.26 11.10
C ILE A 136 -4.63 -10.15 10.08
N VAL A 137 -4.35 -8.95 10.50
CA VAL A 137 -4.45 -7.81 9.64
C VAL A 137 -3.08 -7.31 9.23
N GLY A 138 -3.01 -6.72 8.08
CA GLY A 138 -1.80 -6.19 7.59
C GLY A 138 -1.66 -4.78 8.03
N SER A 139 -0.61 -4.48 8.71
CA SER A 139 -0.40 -3.17 9.20
C SER A 139 0.96 -2.71 8.70
N GLY A 140 1.20 -1.43 8.68
CA GLY A 140 2.48 -0.94 8.23
C GLY A 140 2.44 0.52 7.86
N PRO A 141 3.58 1.12 7.53
CA PRO A 141 3.66 2.51 7.17
C PRO A 141 3.58 2.73 5.65
N ALA A 142 3.10 3.90 5.28
CA ALA A 142 3.01 4.26 3.89
C ALA A 142 4.37 4.75 3.42
N THR A 143 5.13 3.83 2.89
CA THR A 143 6.46 4.08 2.44
C THR A 143 6.55 3.83 0.94
N LYS A 144 7.34 4.62 0.26
CA LYS A 144 7.52 4.46 -1.16
C LYS A 144 8.92 4.95 -1.53
N ASP A 145 9.45 4.49 -2.65
CA ASP A 145 10.77 4.94 -3.14
C ASP A 145 10.57 6.26 -3.81
N ILE A 146 11.34 7.24 -3.43
CA ILE A 146 11.22 8.56 -4.01
C ILE A 146 11.83 8.61 -5.41
N PRO A 147 11.16 9.26 -6.36
CA PRO A 147 11.75 9.58 -7.63
C PRO A 147 12.44 10.95 -7.53
N ASP A 148 13.40 11.21 -8.35
CA ASP A 148 14.06 12.50 -8.32
C ASP A 148 13.67 13.25 -9.55
N VAL A 149 13.91 14.52 -9.58
CA VAL A 149 13.46 15.32 -10.67
C VAL A 149 14.40 16.48 -10.93
N ALA A 150 14.97 16.44 -12.08
CA ALA A 150 15.80 17.51 -12.56
C ALA A 150 15.35 17.86 -13.96
N GLY A 151 14.75 19.01 -14.14
CA GLY A 151 14.30 19.38 -15.45
C GLY A 151 12.91 19.97 -15.43
N GLN A 152 12.21 19.80 -14.34
CA GLN A 152 10.88 20.40 -14.22
C GLN A 152 10.96 21.69 -13.45
N THR A 153 9.88 22.41 -13.39
CA THR A 153 9.89 23.65 -12.70
C THR A 153 9.52 23.39 -11.27
N VAL A 154 9.91 24.28 -10.40
CA VAL A 154 9.72 24.16 -8.98
C VAL A 154 8.29 23.82 -8.61
N ASP A 155 7.34 24.52 -9.19
CA ASP A 155 5.94 24.30 -8.84
C ASP A 155 5.45 22.94 -9.30
N VAL A 156 5.83 22.55 -10.51
CA VAL A 156 5.41 21.29 -11.09
C VAL A 156 6.10 20.11 -10.42
N ALA A 157 7.34 20.28 -10.06
CA ALA A 157 8.09 19.23 -9.37
C ALA A 157 7.46 18.91 -8.02
N GLN A 158 7.20 19.96 -7.22
CA GLN A 158 6.57 19.80 -5.89
C GLN A 158 5.19 19.14 -6.04
N LYS A 159 4.53 19.50 -7.11
CA LYS A 159 3.20 19.05 -7.43
C LYS A 159 3.22 17.56 -7.69
N ASN A 160 4.20 17.13 -8.50
CA ASN A 160 4.39 15.72 -8.85
C ASN A 160 4.66 14.89 -7.64
N LEU A 161 5.59 15.34 -6.80
CA LEU A 161 5.96 14.61 -5.60
C LEU A 161 4.75 14.44 -4.69
N ASN A 162 3.95 15.49 -4.56
CA ASN A 162 2.74 15.43 -3.72
C ASN A 162 1.75 14.41 -4.27
N VAL A 163 1.65 14.34 -5.57
CA VAL A 163 0.78 13.39 -6.25
C VAL A 163 1.31 11.95 -6.09
N TYR A 164 2.63 11.80 -5.96
CA TYR A 164 3.23 10.47 -5.80
C TYR A 164 3.03 9.98 -4.37
N GLY A 165 2.60 10.88 -3.51
CA GLY A 165 2.34 10.52 -2.16
C GLY A 165 3.16 11.32 -1.20
N PHE A 166 4.29 11.80 -1.67
CA PHE A 166 5.23 12.53 -0.85
C PHE A 166 4.72 13.94 -0.63
N THR A 167 4.22 14.16 0.54
CA THR A 167 3.52 15.38 0.84
C THR A 167 4.42 16.52 1.29
N LYS A 168 5.54 16.19 1.89
CA LYS A 168 6.39 17.21 2.45
C LYS A 168 7.68 17.38 1.65
N PHE A 169 7.94 18.59 1.25
CA PHE A 169 9.10 18.95 0.46
C PHE A 169 9.82 20.13 1.08
N SER A 170 11.06 20.27 0.77
CA SER A 170 11.80 21.43 1.11
C SER A 170 12.65 21.79 -0.09
N GLN A 171 12.80 23.06 -0.33
CA GLN A 171 13.52 23.52 -1.47
C GLN A 171 14.63 24.44 -1.04
N ALA A 172 15.69 24.42 -1.77
CA ALA A 172 16.78 25.33 -1.58
C ALA A 172 17.29 25.73 -2.94
N SER A 173 17.43 27.00 -3.15
CA SER A 173 17.94 27.48 -4.39
C SER A 173 19.46 27.58 -4.32
N VAL A 174 20.10 27.21 -5.38
CA VAL A 174 21.54 27.28 -5.47
C VAL A 174 21.87 28.16 -6.66
N ASP A 175 23.09 28.61 -6.77
CA ASP A 175 23.41 29.48 -7.85
C ASP A 175 23.70 28.64 -9.07
N SER A 176 23.16 29.03 -10.21
CA SER A 176 23.32 28.23 -11.40
C SER A 176 23.17 29.11 -12.66
N PRO A 177 23.54 28.58 -13.85
CA PRO A 177 23.26 29.27 -15.11
C PRO A 177 21.83 28.98 -15.59
N ARG A 178 21.16 28.02 -14.95
CA ARG A 178 19.79 27.67 -15.29
C ARG A 178 18.88 28.68 -14.61
N PRO A 179 17.89 29.20 -15.31
CA PRO A 179 16.99 30.22 -14.76
C PRO A 179 16.28 29.80 -13.47
N ALA A 180 15.98 30.79 -12.65
CA ALA A 180 15.40 30.56 -11.35
C ALA A 180 14.03 29.95 -11.47
N GLY A 181 13.88 28.80 -10.87
CA GLY A 181 12.63 28.13 -10.90
C GLY A 181 12.76 26.73 -11.39
N GLU A 182 13.88 26.41 -12.02
CA GLU A 182 14.10 25.06 -12.49
C GLU A 182 14.63 24.19 -11.35
N VAL A 183 14.00 23.05 -11.12
CA VAL A 183 14.50 22.11 -10.15
C VAL A 183 15.52 21.29 -10.86
N THR A 184 16.74 21.41 -10.46
CA THR A 184 17.80 20.78 -11.17
C THR A 184 18.48 19.65 -10.33
N GLY A 185 17.89 19.30 -9.21
CA GLY A 185 18.44 18.22 -8.42
C GLY A 185 17.67 17.98 -7.16
N THR A 186 17.96 16.88 -6.52
CA THR A 186 17.38 16.52 -5.24
C THR A 186 18.49 16.09 -4.32
N ASN A 187 18.29 16.20 -3.03
CA ASN A 187 19.33 15.80 -2.08
C ASN A 187 19.44 14.27 -2.00
N PRO A 188 18.36 13.52 -1.66
CA PRO A 188 18.42 12.08 -1.68
C PRO A 188 18.16 11.58 -3.10
N PRO A 189 18.89 10.54 -3.54
CA PRO A 189 18.71 10.00 -4.87
C PRO A 189 17.41 9.19 -5.01
N ALA A 190 16.97 9.05 -6.23
CA ALA A 190 15.79 8.30 -6.54
C ALA A 190 15.99 6.86 -6.16
N GLY A 191 14.97 6.26 -5.62
CA GLY A 191 15.06 4.90 -5.21
C GLY A 191 15.19 4.79 -3.72
N THR A 192 15.38 5.91 -3.04
CA THR A 192 15.42 5.89 -1.60
C THR A 192 14.00 5.75 -1.07
N THR A 193 13.73 4.70 -0.32
CA THR A 193 12.41 4.48 0.21
C THR A 193 12.25 5.18 1.55
N VAL A 194 11.23 6.01 1.63
CA VAL A 194 10.91 6.76 2.84
C VAL A 194 9.39 6.82 2.98
N PRO A 195 8.85 7.19 4.15
CA PRO A 195 7.42 7.42 4.32
C PRO A 195 6.96 8.56 3.42
N VAL A 196 5.75 8.44 2.89
CA VAL A 196 5.19 9.44 1.98
C VAL A 196 4.98 10.81 2.68
N ASP A 197 4.92 10.78 3.97
CA ASP A 197 4.76 11.94 4.77
C ASP A 197 6.10 12.52 5.21
N SER A 198 7.18 11.93 4.73
CA SER A 198 8.50 12.42 5.04
C SER A 198 8.86 13.53 4.03
N VAL A 199 9.95 14.22 4.27
CA VAL A 199 10.35 15.35 3.46
C VAL A 199 11.36 14.97 2.39
N ILE A 200 11.10 15.40 1.17
CA ILE A 200 12.08 15.32 0.12
C ILE A 200 12.66 16.72 -0.13
N GLU A 201 13.95 16.80 -0.24
CA GLU A 201 14.63 18.06 -0.40
C GLU A 201 15.06 18.27 -1.87
N LEU A 202 14.51 19.29 -2.49
CA LEU A 202 14.77 19.63 -3.90
C LEU A 202 15.72 20.83 -4.02
N GLN A 203 16.71 20.73 -4.90
CA GLN A 203 17.60 21.86 -5.17
C GLN A 203 17.10 22.56 -6.42
N VAL A 204 16.82 23.81 -6.28
CA VAL A 204 16.31 24.60 -7.37
C VAL A 204 17.40 25.55 -7.82
N SER A 205 17.53 25.74 -9.10
CA SER A 205 18.52 26.64 -9.64
C SER A 205 18.03 28.10 -9.62
N LYS A 206 18.96 29.03 -9.36
CA LYS A 206 18.70 30.43 -9.56
C LYS A 206 19.46 30.79 -10.82
N GLY A 207 19.06 31.83 -11.51
CA GLY A 207 19.58 32.07 -12.83
C GLY A 207 20.91 32.78 -12.88
N ASN A 208 21.21 33.54 -11.83
CA ASN A 208 22.46 34.32 -11.75
C ASN A 208 22.52 35.37 -12.87
N GLN A 209 21.36 35.78 -13.29
CA GLN A 209 21.20 36.65 -14.44
C GLN A 209 20.35 37.85 -14.02
N PHE A 210 20.57 38.99 -14.64
CA PHE A 210 19.72 40.16 -14.44
C PHE A 210 19.56 40.85 -15.78
N VAL A 211 18.44 41.49 -16.00
CA VAL A 211 18.20 42.10 -17.29
C VAL A 211 18.83 43.50 -17.40
N MET A 212 19.77 43.62 -18.32
CA MET A 212 20.46 44.86 -18.55
C MET A 212 19.69 45.66 -19.59
N PRO A 213 19.35 46.92 -19.31
CA PRO A 213 18.61 47.77 -20.25
C PRO A 213 19.41 48.03 -21.53
N ASP A 214 18.73 48.31 -22.61
CA ASP A 214 19.39 48.55 -23.86
C ASP A 214 19.87 49.96 -23.97
N LEU A 215 21.15 50.08 -24.05
CA LEU A 215 21.82 51.35 -24.20
C LEU A 215 22.93 51.21 -25.23
N SER A 216 22.87 50.14 -26.04
CA SER A 216 23.93 49.82 -27.01
C SER A 216 24.24 51.05 -27.91
N GLY A 217 25.52 51.38 -28.05
CA GLY A 217 25.90 52.56 -28.77
C GLY A 217 26.39 53.60 -27.78
N MET A 218 27.15 53.14 -26.82
CA MET A 218 27.66 53.99 -25.78
C MET A 218 29.09 54.35 -26.06
N PHE A 219 29.50 55.40 -25.46
CA PHE A 219 30.88 55.77 -25.45
C PHE A 219 31.42 55.41 -24.09
N TRP A 220 32.71 55.45 -23.93
CA TRP A 220 33.34 55.23 -22.64
C TRP A 220 32.92 56.36 -21.69
N VAL A 221 32.71 57.53 -22.26
CA VAL A 221 32.26 58.68 -21.49
C VAL A 221 30.80 58.47 -20.99
N ASP A 222 30.07 57.55 -21.64
CA ASP A 222 28.71 57.20 -21.18
C ASP A 222 28.82 56.14 -20.13
N ALA A 223 29.77 55.25 -20.35
CA ALA A 223 30.00 54.11 -19.48
C ALA A 223 30.28 54.53 -18.05
N GLU A 224 31.08 55.57 -17.90
CA GLU A 224 31.46 56.07 -16.58
C GLU A 224 30.21 56.42 -15.66
N PRO A 225 29.29 57.36 -16.05
CA PRO A 225 28.06 57.62 -15.27
C PRO A 225 27.14 56.39 -15.17
N ARG A 226 26.95 55.69 -16.30
CA ARG A 226 26.05 54.52 -16.37
C ARG A 226 26.49 53.42 -15.40
N LEU A 227 27.78 53.30 -15.20
CA LEU A 227 28.37 52.32 -14.32
C LEU A 227 27.81 52.49 -12.91
N ARG A 228 27.77 53.73 -12.45
CA ARG A 228 27.27 54.06 -11.14
C ARG A 228 25.78 53.76 -11.03
N ALA A 229 25.03 54.21 -12.02
CA ALA A 229 23.59 54.10 -12.03
C ALA A 229 23.11 52.65 -12.13
N LEU A 230 23.80 51.85 -12.93
CA LEU A 230 23.41 50.45 -13.11
C LEU A 230 23.98 49.57 -12.02
N GLY A 231 24.85 50.13 -11.19
CA GLY A 231 25.47 49.37 -10.11
C GLY A 231 26.37 48.30 -10.65
N TRP A 232 27.13 48.65 -11.65
CA TRP A 232 28.00 47.69 -12.30
C TRP A 232 29.32 47.54 -11.56
N THR A 233 29.74 46.32 -11.38
CA THR A 233 31.03 45.95 -10.89
C THR A 233 31.38 44.55 -11.40
N GLY A 234 32.10 44.54 -12.48
CA GLY A 234 32.52 43.31 -13.10
C GLY A 234 33.87 43.54 -13.71
N MET A 235 34.15 42.89 -14.80
CA MET A 235 35.42 43.10 -15.45
C MET A 235 35.25 44.09 -16.58
N LEU A 236 36.02 45.15 -16.54
CA LEU A 236 35.99 46.14 -17.59
C LEU A 236 37.09 45.80 -18.54
N ASP A 237 36.74 45.47 -19.75
CA ASP A 237 37.76 45.10 -20.70
C ASP A 237 38.12 46.30 -21.54
N LYS A 238 39.26 46.86 -21.27
CA LYS A 238 39.74 48.00 -21.99
C LYS A 238 40.93 47.60 -22.83
N GLY A 239 40.95 48.02 -24.06
CA GLY A 239 42.08 47.80 -24.91
C GLY A 239 42.90 49.07 -25.02
N ALA A 240 43.90 49.05 -25.88
CA ALA A 240 44.75 50.20 -26.11
C ALA A 240 43.96 51.33 -26.76
N ASP A 241 44.36 52.55 -26.45
CA ASP A 241 43.72 53.72 -27.03
C ASP A 241 44.28 53.90 -28.41
N VAL A 242 43.40 53.94 -29.39
CA VAL A 242 43.79 53.96 -30.78
C VAL A 242 42.95 54.95 -31.54
N ASP A 243 43.57 55.92 -32.13
CA ASP A 243 42.86 56.84 -32.97
C ASP A 243 42.67 56.18 -34.35
N ALA A 244 41.46 55.78 -34.62
CA ALA A 244 41.17 55.06 -35.86
C ALA A 244 40.04 55.72 -36.63
N GLY A 245 39.55 56.80 -36.11
CA GLY A 245 38.50 57.50 -36.79
C GLY A 245 37.31 57.65 -35.91
N GLY A 246 36.41 58.56 -36.28
CA GLY A 246 35.27 58.90 -35.46
C GLY A 246 34.39 57.74 -35.08
N SER A 247 34.22 56.79 -35.98
CA SER A 247 33.40 55.62 -35.73
C SER A 247 33.97 54.73 -34.60
N GLN A 248 35.26 54.82 -34.37
CA GLN A 248 35.90 54.00 -33.36
C GLN A 248 36.28 54.83 -32.15
N HIS A 249 36.15 56.13 -32.26
CA HIS A 249 36.57 57.01 -31.18
C HIS A 249 35.64 57.00 -30.00
N ASN A 250 36.09 56.29 -28.97
CA ASN A 250 35.46 56.21 -27.64
C ASN A 250 34.12 55.45 -27.66
N ARG A 251 33.70 55.07 -28.82
CA ARG A 251 32.43 54.38 -29.06
C ARG A 251 32.65 52.89 -28.88
N VAL A 252 31.70 52.20 -28.28
CA VAL A 252 31.82 50.76 -28.14
C VAL A 252 31.67 50.15 -29.52
N VAL A 253 32.57 49.27 -29.91
CA VAL A 253 32.52 48.76 -31.27
C VAL A 253 31.86 47.39 -31.31
N TYR A 254 32.05 46.65 -30.26
CA TYR A 254 31.43 45.37 -30.10
C TYR A 254 31.21 45.19 -28.62
N GLN A 255 30.23 44.42 -28.28
CA GLN A 255 29.94 44.12 -26.90
C GLN A 255 29.98 42.61 -26.71
N ASN A 256 29.60 42.13 -25.58
CA ASN A 256 29.67 40.70 -25.36
C ASN A 256 28.29 40.05 -25.22
N PRO A 257 27.47 40.36 -24.18
CA PRO A 257 26.12 39.83 -24.10
C PRO A 257 25.12 40.77 -24.83
N PRO A 258 23.94 40.27 -25.26
CA PRO A 258 22.94 41.08 -25.93
C PRO A 258 22.26 42.09 -24.98
N ALA A 259 22.12 43.30 -25.44
CA ALA A 259 21.46 44.34 -24.70
C ALA A 259 19.97 44.04 -24.62
N GLY A 260 19.41 44.14 -23.43
CA GLY A 260 18.01 43.83 -23.23
C GLY A 260 17.81 42.39 -22.82
N THR A 261 18.91 41.69 -22.71
CA THR A 261 18.90 40.32 -22.34
C THR A 261 19.52 40.19 -20.94
N GLY A 262 19.31 39.05 -20.31
CA GLY A 262 19.86 38.80 -19.04
C GLY A 262 21.35 38.62 -19.11
N VAL A 263 22.03 39.42 -18.38
CA VAL A 263 23.46 39.40 -18.27
C VAL A 263 23.82 38.81 -16.93
N ASN A 264 24.91 38.05 -16.88
CA ASN A 264 25.35 37.40 -15.66
C ASN A 264 25.50 38.42 -14.53
N ARG A 265 25.27 37.98 -13.30
CA ARG A 265 25.35 38.87 -12.11
C ARG A 265 26.68 39.61 -12.01
N ASP A 266 27.70 39.02 -12.60
CA ASP A 266 29.02 39.62 -12.62
C ASP A 266 28.98 40.87 -13.50
N GLY A 267 28.22 40.80 -14.58
CA GLY A 267 28.08 41.94 -15.44
C GLY A 267 29.17 42.05 -16.46
N ILE A 268 29.83 40.96 -16.74
CA ILE A 268 31.02 41.05 -17.57
C ILE A 268 30.68 41.45 -19.03
N ILE A 269 31.23 42.58 -19.42
CA ILE A 269 31.04 43.14 -20.74
C ILE A 269 32.41 43.27 -21.39
N THR A 270 32.60 42.61 -22.49
CA THR A 270 33.80 42.77 -23.24
C THR A 270 33.50 43.76 -24.37
N LEU A 271 34.20 44.86 -24.36
CA LEU A 271 34.00 45.96 -25.28
C LEU A 271 35.34 46.45 -25.71
N ARG A 272 35.34 47.22 -26.73
CA ARG A 272 36.52 47.83 -27.21
C ARG A 272 36.11 49.14 -27.80
N PHE A 273 36.92 50.11 -27.59
CA PHE A 273 36.77 51.38 -28.17
C PHE A 273 38.13 51.80 -28.64
N GLY A 274 38.20 52.70 -29.56
CA GLY A 274 39.46 53.16 -30.02
C GLY A 274 40.07 54.11 -29.04
N GLN A 275 39.79 55.36 -29.22
CA GLN A 275 40.24 56.36 -28.32
C GLN A 275 39.10 57.33 -28.06
N GLY A 4 -20.03 -76.02 7.54
CA GLY A 4 -20.49 -75.96 8.91
C GLY A 4 -21.88 -75.45 8.96
N ILE A 5 -22.84 -76.34 9.03
CA ILE A 5 -24.22 -75.96 9.02
C ILE A 5 -24.60 -75.37 10.38
N THR A 6 -25.05 -74.16 10.33
CA THR A 6 -25.39 -73.44 11.50
C THR A 6 -26.92 -73.24 11.53
N ARG A 7 -27.44 -72.94 12.69
CA ARG A 7 -28.83 -72.66 12.83
C ARG A 7 -28.96 -71.24 13.32
N ASP A 8 -28.91 -70.38 12.36
CA ASP A 8 -28.87 -68.94 12.57
C ASP A 8 -30.16 -68.44 13.16
N VAL A 9 -30.07 -67.40 13.93
CA VAL A 9 -31.20 -66.84 14.59
C VAL A 9 -31.43 -65.44 14.08
N GLN A 10 -32.65 -65.03 14.04
CA GLN A 10 -32.98 -63.73 13.54
C GLN A 10 -33.04 -62.86 14.76
N VAL A 11 -32.36 -61.76 14.69
CA VAL A 11 -32.09 -60.95 15.83
C VAL A 11 -33.10 -59.83 15.96
N PRO A 12 -33.67 -59.64 17.19
CA PRO A 12 -34.68 -58.62 17.43
C PRO A 12 -34.15 -57.23 17.17
N ASP A 13 -34.82 -56.58 16.30
CA ASP A 13 -34.48 -55.26 15.88
C ASP A 13 -35.16 -54.23 16.78
N VAL A 14 -34.34 -53.54 17.56
CA VAL A 14 -34.80 -52.58 18.58
C VAL A 14 -35.04 -51.16 17.98
N ARG A 15 -35.27 -51.14 16.69
CA ARG A 15 -35.67 -49.94 15.94
C ARG A 15 -36.88 -49.24 16.57
N GLY A 16 -36.90 -47.94 16.51
CA GLY A 16 -38.00 -47.19 17.05
C GLY A 16 -37.72 -46.65 18.43
N GLN A 17 -36.68 -47.16 19.07
CA GLN A 17 -36.36 -46.71 20.40
C GLN A 17 -35.21 -45.72 20.39
N SER A 18 -33.99 -46.21 20.49
CA SER A 18 -32.82 -45.35 20.44
C SER A 18 -31.62 -46.22 20.20
N SER A 19 -30.50 -45.60 19.90
CA SER A 19 -29.27 -46.32 19.73
C SER A 19 -28.89 -46.97 21.05
N ALA A 20 -29.09 -46.24 22.15
CA ALA A 20 -28.79 -46.72 23.48
C ALA A 20 -29.64 -47.92 23.83
N ASP A 21 -30.92 -47.84 23.54
CA ASP A 21 -31.84 -48.93 23.82
C ASP A 21 -31.49 -50.15 22.99
N ALA A 22 -31.16 -49.93 21.73
CA ALA A 22 -30.81 -51.02 20.84
C ALA A 22 -29.50 -51.68 21.27
N ILE A 23 -28.48 -50.85 21.49
CA ILE A 23 -27.16 -51.34 21.91
C ILE A 23 -27.25 -52.04 23.26
N ALA A 24 -28.04 -51.49 24.18
CA ALA A 24 -28.19 -52.06 25.51
C ALA A 24 -28.71 -53.48 25.42
N THR A 25 -29.72 -53.66 24.61
CA THR A 25 -30.33 -54.93 24.42
C THR A 25 -29.35 -55.89 23.73
N LEU A 26 -28.72 -55.43 22.66
CA LEU A 26 -27.79 -56.25 21.87
C LEU A 26 -26.60 -56.69 22.71
N GLN A 27 -26.04 -55.77 23.47
CA GLN A 27 -24.87 -56.03 24.29
C GLN A 27 -25.19 -57.06 25.36
N ASN A 28 -26.35 -56.93 25.99
CA ASN A 28 -26.77 -57.86 27.00
C ASN A 28 -27.11 -59.22 26.44
N ARG A 29 -27.34 -59.27 25.14
CA ARG A 29 -27.60 -60.53 24.48
C ARG A 29 -26.31 -61.18 24.02
N GLY A 30 -25.25 -60.41 24.02
CA GLY A 30 -23.97 -60.95 23.64
C GLY A 30 -23.60 -60.60 22.22
N PHE A 31 -24.33 -59.67 21.64
CA PHE A 31 -24.03 -59.18 20.34
C PHE A 31 -23.05 -58.03 20.41
N LYS A 32 -22.34 -57.82 19.33
CA LYS A 32 -21.37 -56.78 19.25
C LYS A 32 -21.94 -55.67 18.40
N ILE A 33 -21.48 -54.47 18.60
CA ILE A 33 -22.05 -53.35 17.88
C ILE A 33 -21.00 -52.53 17.17
N ARG A 34 -21.40 -51.97 16.08
CA ARG A 34 -20.64 -51.04 15.32
C ARG A 34 -21.43 -49.75 15.36
N THR A 35 -20.80 -48.69 15.72
CA THR A 35 -21.49 -47.45 15.87
C THR A 35 -20.84 -46.41 14.96
N LEU A 36 -21.62 -45.80 14.13
CA LEU A 36 -21.12 -44.79 13.26
C LEU A 36 -21.75 -43.49 13.72
N GLN A 37 -20.94 -42.54 14.12
CA GLN A 37 -21.46 -41.29 14.63
C GLN A 37 -21.06 -40.14 13.74
N LYS A 38 -22.00 -39.29 13.46
CA LYS A 38 -21.75 -38.12 12.65
C LYS A 38 -22.42 -36.91 13.26
N PRO A 39 -21.79 -35.74 13.12
CA PRO A 39 -22.42 -34.46 13.46
C PRO A 39 -23.53 -34.18 12.45
N ASP A 40 -24.54 -33.41 12.83
CA ASP A 40 -25.66 -33.19 11.93
C ASP A 40 -25.26 -32.49 10.69
N SER A 41 -25.61 -33.14 9.64
CA SER A 41 -25.40 -32.72 8.30
C SER A 41 -26.50 -33.41 7.47
N THR A 42 -27.68 -33.58 8.12
CA THR A 42 -28.86 -34.22 7.57
C THR A 42 -28.76 -35.79 7.68
N ILE A 43 -28.37 -36.25 8.84
CA ILE A 43 -28.34 -37.66 9.15
C ILE A 43 -29.31 -38.00 10.28
N PRO A 44 -29.85 -39.24 10.31
CA PRO A 44 -30.84 -39.69 11.32
C PRO A 44 -30.43 -39.42 12.79
N PRO A 45 -31.38 -38.94 13.61
CA PRO A 45 -31.17 -38.69 15.04
C PRO A 45 -30.81 -39.97 15.80
N ASP A 46 -30.27 -39.84 17.01
CA ASP A 46 -29.84 -41.00 17.86
C ASP A 46 -30.99 -41.99 18.14
N HIS A 47 -32.19 -41.61 17.76
CA HIS A 47 -33.33 -42.46 17.82
C HIS A 47 -33.35 -43.28 16.56
N VAL A 48 -33.17 -44.56 16.71
CA VAL A 48 -33.02 -45.46 15.58
C VAL A 48 -34.33 -45.59 14.79
N ILE A 49 -34.30 -45.23 13.54
CA ILE A 49 -35.47 -45.38 12.68
C ILE A 49 -35.44 -46.78 12.08
N GLY A 50 -34.24 -47.27 11.90
CA GLY A 50 -34.07 -48.55 11.30
C GLY A 50 -32.89 -49.26 11.87
N THR A 51 -32.75 -50.48 11.52
CA THR A 51 -31.66 -51.30 11.97
C THR A 51 -30.77 -51.69 10.81
N ASP A 52 -29.78 -52.46 11.10
CA ASP A 52 -28.85 -52.92 10.10
C ASP A 52 -29.22 -54.33 9.74
N PRO A 53 -29.20 -54.66 8.41
CA PRO A 53 -29.61 -55.98 7.87
C PRO A 53 -29.02 -57.18 8.59
N ALA A 54 -27.92 -56.98 9.27
CA ALA A 54 -27.26 -58.06 10.00
C ALA A 54 -28.14 -58.56 11.14
N ALA A 55 -28.97 -57.68 11.67
CA ALA A 55 -29.84 -58.05 12.76
C ALA A 55 -31.12 -58.67 12.22
N ASN A 56 -31.62 -58.08 11.15
CA ASN A 56 -32.91 -58.47 10.60
C ASN A 56 -32.84 -59.76 9.81
N THR A 57 -31.67 -60.20 9.55
CA THR A 57 -31.46 -61.44 8.87
C THR A 57 -31.11 -62.48 9.92
N SER A 58 -31.32 -63.73 9.60
CA SER A 58 -30.97 -64.77 10.50
C SER A 58 -29.44 -64.93 10.48
N VAL A 59 -28.80 -64.60 11.58
CA VAL A 59 -27.35 -64.71 11.65
C VAL A 59 -26.92 -65.49 12.87
N SER A 60 -25.67 -65.82 12.91
CA SER A 60 -25.10 -66.49 14.03
C SER A 60 -24.99 -65.45 15.16
N ALA A 61 -25.43 -65.83 16.34
CA ALA A 61 -25.43 -64.92 17.47
C ALA A 61 -24.02 -64.46 17.82
N GLY A 62 -23.91 -63.19 18.12
CA GLY A 62 -22.63 -62.64 18.48
C GLY A 62 -21.93 -62.04 17.27
N ASP A 63 -22.69 -61.39 16.42
CA ASP A 63 -22.14 -60.73 15.23
C ASP A 63 -22.09 -59.23 15.55
N GLU A 64 -21.73 -58.40 14.59
CA GLU A 64 -21.61 -56.96 14.81
C GLU A 64 -22.71 -56.23 14.10
N ILE A 65 -23.56 -55.58 14.86
CA ILE A 65 -24.68 -54.86 14.32
C ILE A 65 -24.34 -53.37 14.23
N THR A 66 -24.55 -52.77 13.07
CA THR A 66 -24.20 -51.38 12.86
C THR A 66 -25.36 -50.42 13.17
N VAL A 67 -25.07 -49.40 13.94
CA VAL A 67 -26.03 -48.39 14.26
C VAL A 67 -25.45 -47.03 13.83
N ASN A 68 -26.24 -46.22 13.19
CA ASN A 68 -25.81 -44.90 12.82
C ASN A 68 -26.47 -43.87 13.69
N VAL A 69 -25.67 -43.07 14.31
CA VAL A 69 -26.17 -42.06 15.23
C VAL A 69 -25.66 -40.67 14.85
N SER A 70 -26.55 -39.72 14.81
CA SER A 70 -26.17 -38.38 14.53
C SER A 70 -26.27 -37.54 15.79
N THR A 71 -25.24 -36.83 16.02
CA THR A 71 -25.18 -35.82 17.02
C THR A 71 -25.69 -34.55 16.35
N GLY A 72 -26.15 -33.59 17.10
CA GLY A 72 -26.68 -32.37 16.51
C GLY A 72 -25.62 -31.52 15.76
N PRO A 73 -25.88 -30.22 15.57
CA PRO A 73 -24.96 -29.33 14.85
C PRO A 73 -23.67 -29.11 15.64
N GLU A 74 -22.61 -28.82 14.94
CA GLU A 74 -21.32 -28.68 15.57
C GLU A 74 -21.06 -27.30 16.07
N GLN A 75 -20.05 -27.21 16.87
CA GLN A 75 -19.52 -26.00 17.33
C GLN A 75 -18.03 -26.15 17.13
N ARG A 76 -17.39 -25.19 16.55
CA ARG A 76 -15.99 -25.33 16.21
C ARG A 76 -15.16 -24.28 16.83
N GLU A 77 -13.92 -24.58 16.97
CA GLU A 77 -12.97 -23.66 17.53
C GLU A 77 -12.51 -22.75 16.43
N ILE A 78 -12.35 -21.49 16.72
CA ILE A 78 -11.96 -20.58 15.70
C ILE A 78 -10.46 -20.72 15.49
N PRO A 79 -10.07 -21.03 14.26
CA PRO A 79 -8.67 -21.13 13.94
C PRO A 79 -8.03 -19.75 13.96
N ASP A 80 -6.85 -19.69 14.46
CA ASP A 80 -6.14 -18.46 14.55
C ASP A 80 -5.15 -18.36 13.44
N VAL A 81 -4.79 -17.16 13.10
CA VAL A 81 -3.94 -16.90 11.99
C VAL A 81 -3.21 -15.59 12.26
N SER A 82 -2.24 -15.26 11.44
CA SER A 82 -1.53 -14.01 11.57
C SER A 82 -2.45 -12.86 11.10
N THR A 83 -2.33 -11.70 11.71
CA THR A 83 -3.22 -10.59 11.45
C THR A 83 -3.07 -10.00 10.05
N LEU A 84 -1.91 -10.17 9.45
CA LEU A 84 -1.71 -9.68 8.11
C LEU A 84 -2.32 -10.66 7.09
N THR A 85 -2.68 -11.83 7.58
CA THR A 85 -3.17 -12.91 6.76
C THR A 85 -4.71 -13.02 6.87
N TYR A 86 -5.40 -11.88 6.81
CA TYR A 86 -6.87 -11.80 6.84
C TYR A 86 -7.53 -12.71 5.77
N ALA A 87 -6.92 -12.79 4.61
CA ALA A 87 -7.39 -13.63 3.52
C ALA A 87 -7.49 -15.10 3.95
N GLU A 88 -6.47 -15.56 4.63
CA GLU A 88 -6.43 -16.91 5.14
C GLU A 88 -7.42 -17.07 6.29
N ALA A 89 -7.61 -16.01 7.08
CA ALA A 89 -8.54 -16.04 8.22
C ALA A 89 -9.95 -16.37 7.74
N VAL A 90 -10.44 -15.65 6.73
CA VAL A 90 -11.76 -15.90 6.19
C VAL A 90 -11.85 -17.30 5.59
N LYS A 91 -10.76 -17.72 4.98
CA LYS A 91 -10.61 -19.05 4.42
C LYS A 91 -10.74 -20.12 5.53
N LYS A 92 -10.04 -19.90 6.61
CA LYS A 92 -10.05 -20.79 7.75
C LYS A 92 -11.40 -20.81 8.43
N LEU A 93 -12.05 -19.66 8.52
CA LEU A 93 -13.39 -19.57 9.09
C LEU A 93 -14.38 -20.37 8.25
N THR A 94 -14.15 -20.39 6.95
CA THR A 94 -15.00 -21.11 6.02
C THR A 94 -14.81 -22.62 6.21
N ALA A 95 -13.56 -23.05 6.33
CA ALA A 95 -13.21 -24.45 6.51
C ALA A 95 -13.68 -24.94 7.89
N ALA A 96 -13.88 -24.00 8.80
CA ALA A 96 -14.30 -24.29 10.16
C ALA A 96 -15.81 -24.49 10.27
N GLY A 97 -16.51 -24.48 9.15
CA GLY A 97 -17.92 -24.76 9.17
C GLY A 97 -18.73 -23.51 8.98
N PHE A 98 -18.89 -22.74 10.06
CA PHE A 98 -19.60 -21.44 10.05
C PHE A 98 -19.33 -20.60 8.81
N GLY A 99 -18.08 -20.23 8.60
CA GLY A 99 -17.71 -19.39 7.46
C GLY A 99 -18.36 -18.03 7.49
N ARG A 100 -18.83 -17.65 8.65
CA ARG A 100 -19.52 -16.40 8.83
C ARG A 100 -18.52 -15.38 9.30
N PHE A 101 -18.22 -14.42 8.48
CA PHE A 101 -17.26 -13.41 8.82
C PHE A 101 -17.76 -12.04 8.40
N LYS A 102 -17.28 -11.04 9.08
CA LYS A 102 -17.63 -9.68 8.78
C LYS A 102 -16.39 -8.85 8.99
N GLN A 103 -16.08 -7.98 8.07
CA GLN A 103 -14.93 -7.13 8.19
C GLN A 103 -15.36 -5.74 8.64
N ALA A 104 -14.67 -5.21 9.58
CA ALA A 104 -14.83 -3.86 10.02
C ALA A 104 -13.50 -3.20 9.91
N ASN A 105 -13.47 -1.99 9.45
CA ASN A 105 -12.21 -1.28 9.31
C ASN A 105 -12.24 -0.03 10.13
N SER A 106 -11.17 0.22 10.82
CA SER A 106 -11.07 1.39 11.65
C SER A 106 -9.71 2.04 11.43
N PRO A 107 -9.64 3.37 11.41
CA PRO A 107 -8.38 4.08 11.31
C PRO A 107 -7.58 3.92 12.59
N SER A 108 -6.34 3.58 12.45
CA SER A 108 -5.45 3.33 13.56
C SER A 108 -4.03 3.64 13.12
N THR A 109 -3.07 3.46 14.02
CA THR A 109 -1.67 3.68 13.77
C THR A 109 -1.23 3.01 12.44
N PRO A 110 -0.38 3.72 11.65
CA PRO A 110 0.06 3.28 10.32
C PRO A 110 0.62 1.87 10.29
N GLU A 111 1.19 1.43 11.39
CA GLU A 111 1.80 0.11 11.41
C GLU A 111 0.74 -1.00 11.48
N LEU A 112 -0.42 -0.68 12.04
CA LEU A 112 -1.52 -1.66 12.14
C LEU A 112 -2.39 -1.62 10.91
N VAL A 113 -2.25 -0.57 10.12
CA VAL A 113 -2.97 -0.44 8.88
C VAL A 113 -2.59 -1.60 7.95
N GLY A 114 -3.60 -2.29 7.46
CA GLY A 114 -3.39 -3.40 6.56
C GLY A 114 -3.39 -4.74 7.26
N LYS A 115 -3.48 -4.74 8.58
CA LYS A 115 -3.49 -5.95 9.32
C LYS A 115 -4.72 -5.97 10.19
N VAL A 116 -5.10 -7.14 10.61
CA VAL A 116 -6.18 -7.30 11.54
C VAL A 116 -5.70 -6.78 12.91
N ILE A 117 -6.56 -6.14 13.64
CA ILE A 117 -6.17 -5.64 14.95
C ILE A 117 -6.61 -6.65 15.99
N GLY A 118 -7.74 -7.23 15.73
CA GLY A 118 -8.28 -8.21 16.59
C GLY A 118 -9.64 -8.59 16.12
N THR A 119 -10.30 -9.35 16.89
CA THR A 119 -11.63 -9.76 16.60
C THR A 119 -12.50 -9.30 17.75
N ASN A 120 -13.73 -8.93 17.48
CA ASN A 120 -14.62 -8.55 18.59
C ASN A 120 -15.03 -9.80 19.40
N PRO A 121 -15.44 -10.94 18.75
CA PRO A 121 -15.61 -12.19 19.47
C PRO A 121 -14.24 -12.86 19.60
N PRO A 122 -13.96 -13.60 20.68
CA PRO A 122 -12.66 -14.25 20.87
C PRO A 122 -12.42 -15.34 19.83
N ALA A 123 -11.30 -15.26 19.16
CA ALA A 123 -10.95 -16.16 18.06
C ALA A 123 -10.29 -17.42 18.57
N ASN A 124 -10.30 -17.60 19.86
CA ASN A 124 -9.73 -18.77 20.48
C ASN A 124 -10.81 -19.64 21.03
N GLN A 125 -12.03 -19.15 20.98
CA GLN A 125 -13.12 -19.85 21.59
C GLN A 125 -13.89 -20.67 20.58
N THR A 126 -14.79 -21.45 21.07
CA THR A 126 -15.57 -22.33 20.27
C THR A 126 -16.88 -21.61 19.87
N SER A 127 -17.07 -21.43 18.58
CA SER A 127 -18.22 -20.72 18.05
C SER A 127 -19.10 -21.67 17.23
N ALA A 128 -20.38 -21.41 17.25
CA ALA A 128 -21.35 -22.23 16.54
C ALA A 128 -21.27 -22.00 15.04
N ILE A 129 -21.76 -22.96 14.26
CA ILE A 129 -21.71 -22.90 12.80
C ILE A 129 -22.64 -21.79 12.27
N THR A 130 -23.58 -21.40 13.06
CA THR A 130 -24.49 -20.36 12.69
C THR A 130 -24.11 -19.02 13.33
N ASN A 131 -22.98 -18.99 14.01
CA ASN A 131 -22.52 -17.81 14.73
C ASN A 131 -21.57 -17.00 13.85
N VAL A 132 -21.78 -15.70 13.80
CA VAL A 132 -21.04 -14.81 12.92
C VAL A 132 -19.93 -14.09 13.68
N VAL A 133 -18.71 -14.18 13.20
CA VAL A 133 -17.63 -13.50 13.83
C VAL A 133 -17.24 -12.23 13.07
N ILE A 134 -17.00 -11.17 13.79
CA ILE A 134 -16.64 -9.89 13.21
C ILE A 134 -15.15 -9.60 13.44
N ILE A 135 -14.49 -9.28 12.36
CA ILE A 135 -13.06 -9.07 12.29
C ILE A 135 -12.79 -7.58 12.08
N ILE A 136 -11.95 -6.97 12.89
CA ILE A 136 -11.65 -5.54 12.72
C ILE A 136 -10.18 -5.34 12.27
N VAL A 137 -10.02 -4.62 11.17
CA VAL A 137 -8.73 -4.37 10.58
C VAL A 137 -8.35 -2.89 10.67
N GLY A 138 -7.05 -2.65 10.72
CA GLY A 138 -6.55 -1.30 10.74
C GLY A 138 -6.51 -0.76 9.35
N SER A 139 -7.01 0.43 9.17
CA SER A 139 -7.08 1.02 7.86
C SER A 139 -6.78 2.50 7.94
N GLY A 140 -6.43 3.09 6.81
CA GLY A 140 -6.23 4.52 6.78
C GLY A 140 -4.89 4.92 6.20
N PRO A 141 -4.79 5.08 4.87
CA PRO A 141 -3.56 5.51 4.23
C PRO A 141 -3.30 7.00 4.49
N ALA A 142 -2.04 7.35 4.66
CA ALA A 142 -1.67 8.72 4.92
C ALA A 142 -1.38 9.44 3.62
N THR A 143 -2.43 9.82 2.94
CA THR A 143 -2.35 10.49 1.68
C THR A 143 -2.95 11.88 1.77
N LYS A 144 -2.35 12.81 1.08
CA LYS A 144 -2.83 14.17 1.03
C LYS A 144 -2.66 14.74 -0.34
N ASP A 145 -3.50 15.66 -0.63
CA ASP A 145 -3.46 16.41 -1.85
C ASP A 145 -2.43 17.50 -1.70
N ILE A 146 -1.63 17.66 -2.71
CA ILE A 146 -0.65 18.70 -2.70
C ILE A 146 -1.27 20.01 -3.16
N PRO A 147 -1.16 21.06 -2.35
CA PRO A 147 -1.70 22.36 -2.69
C PRO A 147 -0.77 23.10 -3.65
N ASP A 148 -1.12 24.33 -3.98
CA ASP A 148 -0.32 25.10 -4.90
C ASP A 148 0.84 25.76 -4.19
N VAL A 149 1.92 25.05 -4.16
CA VAL A 149 3.18 25.55 -3.61
C VAL A 149 4.11 25.87 -4.82
N ALA A 150 3.52 25.67 -5.98
CA ALA A 150 4.17 25.78 -7.25
C ALA A 150 4.21 27.23 -7.73
N GLY A 151 4.91 28.08 -7.01
CA GLY A 151 4.99 29.46 -7.43
C GLY A 151 5.51 30.37 -6.37
N GLN A 152 6.34 29.83 -5.50
CA GLN A 152 6.95 30.60 -4.44
C GLN A 152 8.44 30.54 -4.66
N THR A 153 9.23 30.96 -3.72
CA THR A 153 10.66 30.82 -3.86
C THR A 153 11.00 29.39 -3.44
N VAL A 154 12.12 28.86 -3.94
CA VAL A 154 12.52 27.48 -3.67
C VAL A 154 12.61 27.19 -2.16
N ASP A 155 13.23 28.09 -1.43
CA ASP A 155 13.41 27.91 0.01
C ASP A 155 12.10 27.96 0.73
N VAL A 156 11.26 28.89 0.32
CA VAL A 156 9.96 29.07 0.94
C VAL A 156 9.07 27.86 0.67
N ALA A 157 9.14 27.38 -0.56
CA ALA A 157 8.37 26.23 -0.98
C ALA A 157 8.74 24.98 -0.19
N GLN A 158 10.05 24.74 0.00
CA GLN A 158 10.53 23.55 0.75
C GLN A 158 10.02 23.57 2.19
N LYS A 159 10.00 24.74 2.78
CA LYS A 159 9.54 24.96 4.14
C LYS A 159 8.07 24.65 4.21
N ASN A 160 7.30 25.28 3.33
CA ASN A 160 5.85 25.13 3.32
C ASN A 160 5.45 23.71 3.02
N LEU A 161 6.21 23.08 2.13
CA LEU A 161 5.98 21.70 1.73
C LEU A 161 6.08 20.80 2.97
N ASN A 162 7.10 21.05 3.78
CA ASN A 162 7.27 20.30 5.03
C ASN A 162 6.12 20.56 6.01
N VAL A 163 5.67 21.80 6.03
CA VAL A 163 4.55 22.21 6.87
C VAL A 163 3.24 21.49 6.45
N TYR A 164 3.12 21.16 5.17
CA TYR A 164 1.90 20.48 4.66
C TYR A 164 1.90 19.00 5.03
N GLY A 165 2.97 18.54 5.64
CA GLY A 165 3.02 17.16 6.08
C GLY A 165 3.92 16.32 5.21
N PHE A 166 4.32 16.88 4.10
CA PHE A 166 5.18 16.18 3.20
C PHE A 166 6.59 16.47 3.62
N THR A 167 7.28 15.47 4.05
CA THR A 167 8.59 15.64 4.57
C THR A 167 9.67 15.53 3.51
N LYS A 168 9.34 14.92 2.38
CA LYS A 168 10.34 14.61 1.39
C LYS A 168 10.20 15.50 0.18
N PHE A 169 11.24 16.24 -0.10
CA PHE A 169 11.27 17.12 -1.22
C PHE A 169 12.53 16.92 -2.03
N SER A 170 12.46 17.28 -3.26
CA SER A 170 13.57 17.26 -4.15
C SER A 170 13.48 18.48 -5.03
N GLN A 171 14.58 19.04 -5.42
CA GLN A 171 14.58 20.21 -6.26
C GLN A 171 15.38 20.00 -7.52
N ALA A 172 14.80 20.39 -8.63
CA ALA A 172 15.44 20.29 -9.91
C ALA A 172 15.28 21.60 -10.62
N SER A 173 16.35 22.17 -11.07
CA SER A 173 16.33 23.44 -11.72
C SER A 173 16.33 23.25 -13.24
N VAL A 174 15.49 23.98 -13.91
CA VAL A 174 15.43 23.97 -15.35
C VAL A 174 15.63 25.38 -15.84
N ASP A 175 16.19 25.54 -17.01
CA ASP A 175 16.43 26.88 -17.55
C ASP A 175 15.11 27.54 -17.83
N SER A 176 15.01 28.78 -17.45
CA SER A 176 13.76 29.48 -17.54
C SER A 176 14.00 30.96 -17.76
N PRO A 177 12.94 31.73 -18.11
CA PRO A 177 13.02 33.17 -18.15
C PRO A 177 12.88 33.77 -16.74
N ARG A 178 12.25 33.00 -15.83
CA ARG A 178 12.08 33.42 -14.45
C ARG A 178 13.46 33.38 -13.75
N PRO A 179 13.72 34.27 -12.78
CA PRO A 179 15.01 34.32 -12.07
C PRO A 179 15.32 33.03 -11.29
N ALA A 180 16.58 32.83 -11.00
CA ALA A 180 17.04 31.66 -10.29
C ALA A 180 16.54 31.66 -8.86
N GLY A 181 15.78 30.65 -8.51
CA GLY A 181 15.28 30.54 -7.16
C GLY A 181 13.79 30.55 -7.13
N GLU A 182 13.20 31.00 -8.21
CA GLU A 182 11.77 31.06 -8.37
C GLU A 182 11.26 29.65 -8.68
N VAL A 183 10.23 29.19 -8.04
CA VAL A 183 9.68 27.89 -8.35
C VAL A 183 8.78 28.03 -9.56
N THR A 184 9.12 27.36 -10.65
CA THR A 184 8.34 27.49 -11.87
C THR A 184 7.12 26.56 -11.80
N GLY A 185 7.19 25.60 -10.89
CA GLY A 185 6.11 24.72 -10.68
C GLY A 185 6.58 23.50 -9.94
N THR A 186 5.81 22.49 -9.97
CA THR A 186 6.16 21.25 -9.38
C THR A 186 6.04 20.18 -10.44
N ASN A 187 6.77 19.11 -10.29
CA ASN A 187 6.72 18.01 -11.24
C ASN A 187 5.32 17.35 -11.18
N PRO A 188 4.84 16.87 -9.98
CA PRO A 188 3.46 16.44 -9.85
C PRO A 188 2.55 17.70 -9.79
N PRO A 189 1.52 17.77 -10.63
CA PRO A 189 0.59 18.92 -10.67
C PRO A 189 -0.16 19.13 -9.35
N ALA A 190 -0.55 20.35 -9.08
CA ALA A 190 -1.25 20.70 -7.87
C ALA A 190 -2.62 20.05 -7.85
N GLY A 191 -3.00 19.53 -6.72
CA GLY A 191 -4.26 18.84 -6.60
C GLY A 191 -4.07 17.35 -6.54
N THR A 192 -2.93 16.88 -7.03
CA THR A 192 -2.62 15.47 -7.04
C THR A 192 -2.49 14.96 -5.60
N THR A 193 -3.09 13.82 -5.33
CA THR A 193 -3.06 13.25 -4.02
C THR A 193 -1.96 12.21 -3.96
N VAL A 194 -1.06 12.38 -3.03
CA VAL A 194 0.08 11.48 -2.85
C VAL A 194 0.27 11.20 -1.36
N PRO A 195 0.96 10.11 -1.00
CA PRO A 195 1.29 9.84 0.39
C PRO A 195 2.21 10.90 0.97
N VAL A 196 2.07 11.16 2.26
CA VAL A 196 2.89 12.16 2.96
C VAL A 196 4.38 11.73 3.00
N ASP A 197 4.60 10.44 2.80
CA ASP A 197 5.94 9.87 2.81
C ASP A 197 6.51 9.83 1.39
N SER A 198 5.78 10.36 0.42
CA SER A 198 6.24 10.37 -0.95
C SER A 198 7.13 11.60 -1.15
N VAL A 199 7.93 11.59 -2.19
CA VAL A 199 8.82 12.69 -2.47
C VAL A 199 8.19 13.62 -3.51
N ILE A 200 8.14 14.89 -3.19
CA ILE A 200 7.62 15.88 -4.12
C ILE A 200 8.80 16.61 -4.76
N GLU A 201 8.78 16.73 -6.08
CA GLU A 201 9.83 17.38 -6.80
C GLU A 201 9.43 18.78 -7.22
N LEU A 202 10.15 19.73 -6.69
CA LEU A 202 9.96 21.12 -6.98
C LEU A 202 10.85 21.46 -8.17
N GLN A 203 10.29 22.08 -9.16
CA GLN A 203 11.07 22.46 -10.30
C GLN A 203 11.34 23.95 -10.25
N VAL A 204 12.59 24.25 -10.09
CA VAL A 204 13.06 25.58 -9.85
C VAL A 204 13.47 26.22 -11.17
N SER A 205 13.28 27.49 -11.25
CA SER A 205 13.62 28.24 -12.40
C SER A 205 15.08 28.66 -12.33
N LYS A 206 15.76 28.43 -13.39
CA LYS A 206 17.07 28.90 -13.61
C LYS A 206 16.96 30.14 -14.47
N GLY A 207 17.42 31.26 -13.97
CA GLY A 207 17.31 32.51 -14.70
C GLY A 207 18.17 32.49 -15.93
N ASN A 208 19.35 31.88 -15.75
CA ASN A 208 20.36 31.63 -16.81
C ASN A 208 20.96 32.96 -17.32
N GLN A 209 20.54 34.01 -16.70
CA GLN A 209 20.84 35.34 -17.08
C GLN A 209 21.02 36.08 -15.76
N PHE A 210 21.97 36.99 -15.68
CA PHE A 210 22.17 37.75 -14.45
C PHE A 210 22.53 39.19 -14.75
N VAL A 211 21.92 40.11 -14.04
CA VAL A 211 22.13 41.54 -14.30
C VAL A 211 23.54 42.00 -13.90
N MET A 212 24.28 42.44 -14.88
CA MET A 212 25.62 42.95 -14.67
C MET A 212 25.55 44.49 -14.63
N PRO A 213 26.30 45.15 -13.71
CA PRO A 213 26.37 46.63 -13.65
C PRO A 213 26.91 47.24 -14.97
N ASP A 214 26.67 48.54 -15.18
CA ASP A 214 27.04 49.18 -16.42
C ASP A 214 28.54 49.28 -16.61
N LEU A 215 28.99 48.82 -17.75
CA LEU A 215 30.39 48.85 -18.16
C LEU A 215 30.45 49.43 -19.58
N SER A 216 29.29 49.83 -20.04
CA SER A 216 29.10 50.34 -21.36
C SER A 216 29.61 51.77 -21.44
N GLY A 217 30.35 52.08 -22.49
CA GLY A 217 30.87 53.40 -22.67
C GLY A 217 32.21 53.59 -21.98
N MET A 218 32.83 52.52 -21.65
CA MET A 218 34.11 52.54 -20.97
C MET A 218 35.16 51.95 -21.88
N PHE A 219 36.39 51.92 -21.47
CA PHE A 219 37.42 51.42 -22.33
C PHE A 219 37.61 49.93 -22.18
N TRP A 220 38.13 49.34 -23.21
CA TRP A 220 38.48 47.93 -23.26
C TRP A 220 39.56 47.63 -22.22
N VAL A 221 40.37 48.64 -21.93
CA VAL A 221 41.44 48.52 -20.94
C VAL A 221 40.84 48.49 -19.52
N ASP A 222 39.57 48.84 -19.43
CA ASP A 222 38.83 48.77 -18.17
C ASP A 222 37.96 47.53 -18.15
N ALA A 223 37.42 47.20 -19.32
CA ALA A 223 36.47 46.12 -19.47
C ALA A 223 37.05 44.75 -19.12
N GLU A 224 38.16 44.37 -19.76
CA GLU A 224 38.75 43.06 -19.47
C GLU A 224 39.21 42.88 -18.02
N PRO A 225 40.00 43.82 -17.44
CA PRO A 225 40.42 43.71 -16.04
C PRO A 225 39.27 43.50 -15.07
N ARG A 226 38.18 44.24 -15.26
CA ARG A 226 37.03 44.08 -14.38
C ARG A 226 36.38 42.71 -14.59
N LEU A 227 36.33 42.25 -15.83
CA LEU A 227 35.74 40.95 -16.14
C LEU A 227 36.52 39.83 -15.46
N ARG A 228 37.82 39.90 -15.60
CA ARG A 228 38.73 38.91 -15.03
C ARG A 228 38.61 38.93 -13.50
N ALA A 229 38.46 40.12 -12.94
CA ALA A 229 38.35 40.30 -11.50
C ALA A 229 37.04 39.77 -10.95
N LEU A 230 35.97 39.87 -11.73
CA LEU A 230 34.65 39.41 -11.27
C LEU A 230 34.49 37.90 -11.44
N GLY A 231 35.44 37.28 -12.12
CA GLY A 231 35.38 35.85 -12.32
C GLY A 231 34.66 35.48 -13.59
N TRP A 232 34.78 36.32 -14.60
CA TRP A 232 34.20 36.06 -15.90
C TRP A 232 34.89 34.86 -16.54
N THR A 233 34.11 34.01 -17.14
CA THR A 233 34.63 32.88 -17.85
C THR A 233 33.74 32.62 -19.06
N GLY A 234 34.20 33.02 -20.22
CA GLY A 234 33.46 32.84 -21.43
C GLY A 234 34.28 33.24 -22.61
N MET A 235 33.65 33.58 -23.70
CA MET A 235 34.35 33.98 -24.89
C MET A 235 34.32 35.49 -25.05
N LEU A 236 35.48 36.06 -25.24
CA LEU A 236 35.62 37.47 -25.50
C LEU A 236 35.75 37.63 -26.99
N ASP A 237 34.92 38.44 -27.59
CA ASP A 237 34.98 38.63 -29.03
C ASP A 237 35.18 40.09 -29.36
N LYS A 238 36.34 40.39 -29.85
CA LYS A 238 36.77 41.75 -30.12
C LYS A 238 36.61 42.10 -31.59
N GLY A 239 36.09 43.27 -31.85
CA GLY A 239 36.12 43.80 -33.19
C GLY A 239 37.55 44.14 -33.58
N ALA A 240 37.91 43.91 -34.83
CA ALA A 240 39.28 44.12 -35.32
C ALA A 240 39.70 45.58 -35.17
N ASP A 241 40.86 45.79 -34.59
CA ASP A 241 41.34 47.15 -34.24
C ASP A 241 41.36 48.11 -35.41
N VAL A 242 40.87 49.32 -35.16
CA VAL A 242 40.81 50.40 -36.12
C VAL A 242 41.21 51.71 -35.43
N ASP A 243 42.29 52.31 -35.84
CA ASP A 243 42.64 53.57 -35.24
C ASP A 243 42.01 54.69 -36.05
N ALA A 244 41.04 55.37 -35.45
CA ALA A 244 40.27 56.37 -36.17
C ALA A 244 39.79 57.51 -35.27
N GLY A 245 40.43 57.71 -34.14
CA GLY A 245 40.02 58.82 -33.30
C GLY A 245 40.02 58.49 -31.84
N GLY A 246 40.15 59.51 -31.01
CA GLY A 246 40.27 59.33 -29.57
C GLY A 246 39.04 58.70 -28.92
N SER A 247 37.88 59.23 -29.21
CA SER A 247 36.66 58.75 -28.56
C SER A 247 36.26 57.37 -29.08
N GLN A 248 36.69 57.06 -30.28
CA GLN A 248 36.33 55.82 -30.88
C GLN A 248 37.35 54.72 -30.62
N HIS A 249 38.52 55.06 -30.10
CA HIS A 249 39.51 54.02 -29.92
C HIS A 249 39.55 53.56 -28.48
N ASN A 250 39.77 52.26 -28.30
CA ASN A 250 39.82 51.58 -26.97
C ASN A 250 38.44 51.52 -26.28
N ARG A 251 37.59 52.50 -26.53
CA ARG A 251 36.28 52.53 -25.90
C ARG A 251 35.36 51.49 -26.49
N VAL A 252 34.61 50.85 -25.64
CA VAL A 252 33.64 49.87 -26.02
C VAL A 252 32.44 50.60 -26.55
N VAL A 253 31.96 50.21 -27.69
CA VAL A 253 30.83 50.88 -28.30
C VAL A 253 29.58 50.09 -28.00
N TYR A 254 29.60 48.85 -28.35
CA TYR A 254 28.52 47.98 -28.04
C TYR A 254 29.08 46.75 -27.41
N GLN A 255 28.30 46.15 -26.60
CA GLN A 255 28.64 44.93 -25.98
C GLN A 255 27.49 43.97 -26.23
N ASN A 256 27.82 42.73 -26.52
CA ASN A 256 26.82 41.69 -26.87
C ASN A 256 25.61 41.68 -25.91
N PRO A 257 25.75 41.32 -24.60
CA PRO A 257 24.68 41.52 -23.67
C PRO A 257 24.84 42.91 -23.01
N PRO A 258 23.83 43.77 -23.09
CA PRO A 258 23.94 45.13 -22.57
C PRO A 258 24.01 45.17 -21.05
N ALA A 259 24.92 45.97 -20.55
CA ALA A 259 25.11 46.13 -19.14
C ALA A 259 23.91 46.85 -18.55
N GLY A 260 23.48 46.41 -17.40
CA GLY A 260 22.26 46.92 -16.81
C GLY A 260 21.15 45.93 -17.04
N THR A 261 21.42 45.00 -17.92
CA THR A 261 20.50 43.97 -18.27
C THR A 261 21.16 42.62 -17.87
N GLY A 262 20.40 41.55 -17.90
CA GLY A 262 20.91 40.26 -17.62
C GLY A 262 21.81 39.76 -18.71
N VAL A 263 23.00 39.37 -18.34
CA VAL A 263 23.96 38.81 -19.27
C VAL A 263 23.85 37.30 -19.23
N ASN A 264 23.98 36.69 -20.40
CA ASN A 264 23.97 35.24 -20.54
C ASN A 264 25.04 34.58 -19.70
N ARG A 265 24.72 33.40 -19.15
CA ARG A 265 25.63 32.61 -18.31
C ARG A 265 26.97 32.34 -19.00
N ASP A 266 26.96 32.35 -20.34
CA ASP A 266 28.14 32.13 -21.17
C ASP A 266 29.15 33.20 -20.89
N GLY A 267 28.66 34.39 -20.56
CA GLY A 267 29.50 35.51 -20.33
C GLY A 267 30.06 36.02 -21.63
N ILE A 268 29.58 35.51 -22.72
CA ILE A 268 30.13 35.86 -23.99
C ILE A 268 29.80 37.31 -24.29
N ILE A 269 30.83 38.07 -24.46
CA ILE A 269 30.71 39.45 -24.66
C ILE A 269 31.51 39.86 -25.90
N THR A 270 30.80 40.40 -26.84
CA THR A 270 31.35 40.93 -28.04
C THR A 270 31.40 42.43 -27.88
N LEU A 271 32.53 43.01 -28.14
CA LEU A 271 32.73 44.44 -27.97
C LEU A 271 33.39 44.98 -29.18
N ARG A 272 33.18 46.20 -29.40
CA ARG A 272 33.79 46.84 -30.49
C ARG A 272 34.46 48.03 -29.93
N PHE A 273 35.65 48.23 -30.35
CA PHE A 273 36.45 49.35 -29.99
C PHE A 273 37.22 49.72 -31.21
N GLY A 274 37.81 50.87 -31.21
CA GLY A 274 38.69 51.21 -32.30
C GLY A 274 40.02 50.52 -32.13
N GLN A 275 41.00 51.25 -31.69
CA GLN A 275 42.31 50.70 -31.40
C GLN A 275 42.92 51.47 -30.23
N GLY A 4 -41.42 -71.07 31.58
CA GLY A 4 -40.80 -71.43 30.33
C GLY A 4 -39.45 -70.83 30.20
N ILE A 5 -38.47 -71.64 29.89
CA ILE A 5 -37.14 -71.21 29.70
C ILE A 5 -36.94 -70.61 28.31
N THR A 6 -36.63 -69.35 28.27
CA THR A 6 -36.34 -68.70 27.03
C THR A 6 -34.94 -69.13 26.64
N ARG A 7 -34.74 -69.44 25.42
CA ARG A 7 -33.50 -69.83 24.97
C ARG A 7 -32.85 -68.64 24.32
N ASP A 8 -32.12 -68.90 23.31
CA ASP A 8 -31.29 -67.90 22.70
C ASP A 8 -31.58 -67.82 21.24
N VAL A 9 -31.57 -66.62 20.73
CA VAL A 9 -31.83 -66.33 19.33
C VAL A 9 -30.88 -65.23 18.92
N GLN A 10 -30.72 -65.02 17.65
CA GLN A 10 -29.95 -63.94 17.20
C GLN A 10 -30.87 -62.80 17.01
N VAL A 11 -30.43 -61.67 17.41
CA VAL A 11 -31.24 -60.52 17.42
C VAL A 11 -30.96 -59.77 16.13
N PRO A 12 -32.02 -59.48 15.33
CA PRO A 12 -31.90 -58.96 13.97
C PRO A 12 -31.11 -57.69 13.90
N ASP A 13 -30.25 -57.61 12.92
CA ASP A 13 -29.46 -56.45 12.73
C ASP A 13 -30.32 -55.36 12.11
N VAL A 14 -30.72 -54.45 12.95
CA VAL A 14 -31.58 -53.33 12.60
C VAL A 14 -30.81 -52.16 11.98
N ARG A 15 -29.53 -52.42 11.72
CA ARG A 15 -28.62 -51.50 11.06
C ARG A 15 -29.12 -51.12 9.65
N GLY A 16 -28.83 -49.92 9.27
CA GLY A 16 -29.24 -49.40 7.99
C GLY A 16 -30.40 -48.48 8.12
N GLN A 17 -30.97 -48.46 9.29
CA GLN A 17 -32.07 -47.62 9.59
C GLN A 17 -31.60 -46.55 10.56
N SER A 18 -32.50 -45.93 11.22
CA SER A 18 -32.19 -44.89 12.15
C SER A 18 -32.08 -45.50 13.52
N SER A 19 -31.40 -44.84 14.43
CA SER A 19 -31.30 -45.30 15.79
C SER A 19 -32.70 -45.37 16.40
N ALA A 20 -33.56 -44.44 16.04
CA ALA A 20 -34.92 -44.41 16.59
C ALA A 20 -35.73 -45.61 16.13
N ASP A 21 -35.72 -45.93 14.84
CA ASP A 21 -36.50 -47.08 14.36
C ASP A 21 -35.89 -48.38 14.84
N ALA A 22 -34.57 -48.44 14.80
CA ALA A 22 -33.83 -49.60 15.21
C ALA A 22 -34.08 -49.90 16.69
N ILE A 23 -33.99 -48.88 17.51
CA ILE A 23 -34.25 -49.00 18.94
C ILE A 23 -35.73 -49.25 19.21
N ALA A 24 -36.60 -48.62 18.44
CA ALA A 24 -38.04 -48.81 18.59
C ALA A 24 -38.41 -50.27 18.36
N THR A 25 -37.75 -50.87 17.40
CA THR A 25 -37.93 -52.28 17.09
C THR A 25 -37.51 -53.14 18.27
N LEU A 26 -36.36 -52.83 18.85
CA LEU A 26 -35.85 -53.56 20.00
C LEU A 26 -36.79 -53.38 21.21
N GLN A 27 -37.32 -52.16 21.36
CA GLN A 27 -38.27 -51.83 22.44
C GLN A 27 -39.52 -52.69 22.28
N ASN A 28 -39.97 -52.86 21.03
CA ASN A 28 -41.14 -53.71 20.69
C ASN A 28 -40.88 -55.16 21.04
N ARG A 29 -39.64 -55.56 20.98
CA ARG A 29 -39.27 -56.93 21.31
C ARG A 29 -39.08 -57.10 22.80
N GLY A 30 -38.99 -56.00 23.51
CA GLY A 30 -38.85 -56.05 24.94
C GLY A 30 -37.41 -55.98 25.39
N PHE A 31 -36.53 -55.62 24.48
CA PHE A 31 -35.13 -55.51 24.79
C PHE A 31 -34.83 -54.20 25.47
N LYS A 32 -33.73 -54.18 26.17
CA LYS A 32 -33.27 -53.01 26.84
C LYS A 32 -32.22 -52.39 25.96
N ILE A 33 -32.29 -51.14 25.74
CA ILE A 33 -31.35 -50.50 24.86
C ILE A 33 -30.63 -49.40 25.56
N ARG A 34 -29.49 -49.13 25.06
CA ARG A 34 -28.71 -48.04 25.49
C ARG A 34 -28.18 -47.36 24.27
N THR A 35 -28.27 -46.10 24.25
CA THR A 35 -27.82 -45.30 23.19
C THR A 35 -26.86 -44.29 23.77
N LEU A 36 -25.67 -44.27 23.29
CA LEU A 36 -24.71 -43.35 23.79
C LEU A 36 -24.45 -42.37 22.67
N GLN A 37 -24.73 -41.11 22.90
CA GLN A 37 -24.58 -40.14 21.85
C GLN A 37 -23.63 -39.02 22.24
N LYS A 38 -22.67 -38.76 21.39
CA LYS A 38 -21.68 -37.72 21.61
C LYS A 38 -21.54 -36.94 20.32
N PRO A 39 -21.23 -35.64 20.35
CA PRO A 39 -20.85 -34.94 19.13
C PRO A 39 -19.50 -35.49 18.75
N ASP A 40 -19.34 -35.94 17.52
CA ASP A 40 -18.12 -36.69 17.19
C ASP A 40 -18.09 -37.06 15.72
N SER A 41 -16.92 -37.31 15.20
CA SER A 41 -16.75 -37.69 13.82
C SER A 41 -16.27 -39.14 13.70
N THR A 42 -15.99 -39.78 14.81
CA THR A 42 -15.45 -41.10 14.79
C THR A 42 -16.55 -42.15 14.87
N ILE A 43 -17.53 -41.92 15.71
CA ILE A 43 -18.61 -42.86 15.84
C ILE A 43 -19.72 -42.54 14.83
N PRO A 44 -20.43 -43.59 14.37
CA PRO A 44 -21.48 -43.48 13.36
C PRO A 44 -22.55 -42.40 13.62
N PRO A 45 -23.07 -41.81 12.54
CA PRO A 45 -24.22 -40.90 12.55
C PRO A 45 -25.44 -41.56 13.21
N ASP A 46 -26.45 -40.78 13.56
CA ASP A 46 -27.71 -41.29 14.19
C ASP A 46 -28.40 -42.39 13.36
N HIS A 47 -27.90 -42.60 12.18
CA HIS A 47 -28.31 -43.70 11.33
C HIS A 47 -27.37 -44.84 11.64
N VAL A 48 -27.92 -45.89 12.15
CA VAL A 48 -27.11 -46.98 12.60
C VAL A 48 -26.51 -47.76 11.43
N ILE A 49 -25.21 -47.80 11.34
CA ILE A 49 -24.55 -48.49 10.25
C ILE A 49 -24.29 -49.96 10.62
N GLY A 50 -24.12 -50.20 11.89
CA GLY A 50 -23.83 -51.52 12.35
C GLY A 50 -24.45 -51.75 13.68
N THR A 51 -24.44 -52.97 14.11
CA THR A 51 -25.00 -53.33 15.38
C THR A 51 -23.90 -53.80 16.34
N ASP A 52 -24.29 -54.19 17.52
CA ASP A 52 -23.35 -54.62 18.54
C ASP A 52 -23.36 -56.12 18.56
N PRO A 53 -22.17 -56.75 18.72
CA PRO A 53 -22.00 -58.21 18.78
C PRO A 53 -23.03 -58.92 19.64
N ALA A 54 -23.51 -58.26 20.65
CA ALA A 54 -24.52 -58.80 21.57
C ALA A 54 -25.80 -59.19 20.83
N ALA A 55 -26.10 -58.45 19.78
CA ALA A 55 -27.30 -58.73 19.00
C ALA A 55 -27.00 -59.78 17.94
N ASN A 56 -25.79 -59.73 17.43
CA ASN A 56 -25.37 -60.61 16.33
C ASN A 56 -24.95 -61.97 16.84
N THR A 57 -24.98 -62.13 18.12
CA THR A 57 -24.71 -63.38 18.74
C THR A 57 -26.04 -63.87 19.32
N SER A 58 -26.20 -65.15 19.46
CA SER A 58 -27.42 -65.66 19.98
C SER A 58 -27.49 -65.39 21.49
N VAL A 59 -28.41 -64.54 21.86
CA VAL A 59 -28.64 -64.20 23.24
C VAL A 59 -30.08 -64.49 23.60
N SER A 60 -30.36 -64.48 24.87
CA SER A 60 -31.68 -64.74 25.33
C SER A 60 -32.55 -63.52 25.09
N ALA A 61 -33.77 -63.73 24.65
CA ALA A 61 -34.69 -62.66 24.36
C ALA A 61 -34.97 -61.84 25.61
N GLY A 62 -34.46 -60.65 25.61
CA GLY A 62 -34.60 -59.77 26.73
C GLY A 62 -33.26 -59.46 27.32
N ASP A 63 -32.45 -58.76 26.56
CA ASP A 63 -31.11 -58.42 26.99
C ASP A 63 -30.86 -56.94 26.66
N GLU A 64 -29.63 -56.51 26.75
CA GLU A 64 -29.26 -55.12 26.56
C GLU A 64 -28.54 -54.94 25.23
N ILE A 65 -28.97 -53.97 24.48
CA ILE A 65 -28.34 -53.64 23.22
C ILE A 65 -27.82 -52.20 23.29
N THR A 66 -26.53 -52.05 23.20
CA THR A 66 -25.86 -50.77 23.29
C THR A 66 -25.52 -50.22 21.88
N VAL A 67 -25.84 -48.98 21.62
CA VAL A 67 -25.53 -48.36 20.34
C VAL A 67 -24.76 -47.02 20.53
N ASN A 68 -23.72 -46.84 19.74
CA ASN A 68 -22.95 -45.59 19.78
C ASN A 68 -23.35 -44.70 18.60
N VAL A 69 -23.83 -43.52 18.92
CA VAL A 69 -24.38 -42.58 17.96
C VAL A 69 -23.70 -41.20 18.08
N SER A 70 -23.51 -40.52 16.97
CA SER A 70 -22.96 -39.20 16.99
C SER A 70 -24.05 -38.14 16.84
N THR A 71 -24.09 -37.21 17.74
CA THR A 71 -25.03 -36.16 17.68
C THR A 71 -24.29 -34.83 17.54
N GLY A 72 -24.32 -34.27 16.38
CA GLY A 72 -23.65 -33.02 16.17
C GLY A 72 -22.25 -33.21 15.60
N PRO A 73 -21.94 -32.53 14.48
CA PRO A 73 -20.62 -32.54 13.90
C PRO A 73 -19.67 -31.68 14.73
N GLU A 74 -18.40 -31.95 14.60
CA GLU A 74 -17.41 -31.26 15.36
C GLU A 74 -17.04 -29.93 14.70
N GLN A 75 -16.36 -29.10 15.44
CA GLN A 75 -16.00 -27.76 15.00
C GLN A 75 -14.68 -27.79 14.25
N ARG A 76 -14.42 -26.78 13.46
CA ARG A 76 -13.20 -26.73 12.69
C ARG A 76 -12.42 -25.50 13.03
N GLU A 77 -11.17 -25.62 12.85
CA GLU A 77 -10.17 -24.61 13.20
C GLU A 77 -9.97 -23.61 12.09
N ILE A 78 -9.82 -22.34 12.47
CA ILE A 78 -9.68 -21.27 11.51
C ILE A 78 -8.22 -21.24 10.99
N PRO A 79 -8.02 -21.48 9.69
CA PRO A 79 -6.70 -21.46 9.08
C PRO A 79 -6.10 -20.05 8.97
N ASP A 80 -4.80 -19.96 9.09
CA ASP A 80 -4.09 -18.71 8.90
C ASP A 80 -3.69 -18.64 7.44
N VAL A 81 -3.93 -17.55 6.79
CA VAL A 81 -3.74 -17.49 5.35
C VAL A 81 -2.96 -16.22 4.96
N SER A 82 -2.36 -16.24 3.78
CA SER A 82 -1.67 -15.10 3.25
C SER A 82 -2.71 -14.00 2.93
N THR A 83 -2.28 -12.75 2.97
CA THR A 83 -3.17 -11.64 2.95
C THR A 83 -3.91 -11.43 1.61
N LEU A 84 -3.30 -11.74 0.52
CA LEU A 84 -3.99 -11.57 -0.74
C LEU A 84 -4.73 -12.84 -1.15
N THR A 85 -4.42 -13.89 -0.46
CA THR A 85 -4.93 -15.21 -0.75
C THR A 85 -6.30 -15.45 -0.07
N TYR A 86 -7.16 -14.43 -0.12
CA TYR A 86 -8.53 -14.47 0.42
C TYR A 86 -9.32 -15.62 -0.21
N ALA A 87 -9.09 -15.86 -1.49
CA ALA A 87 -9.70 -16.98 -2.22
C ALA A 87 -9.42 -18.31 -1.51
N GLU A 88 -8.20 -18.49 -1.04
CA GLU A 88 -7.82 -19.70 -0.34
C GLU A 88 -8.51 -19.75 1.01
N ALA A 89 -8.65 -18.59 1.62
CA ALA A 89 -9.28 -18.47 2.92
C ALA A 89 -10.73 -18.96 2.85
N VAL A 90 -11.47 -18.44 1.88
CA VAL A 90 -12.87 -18.77 1.74
C VAL A 90 -13.09 -20.23 1.38
N LYS A 91 -12.24 -20.79 0.51
CA LYS A 91 -12.37 -22.19 0.16
C LYS A 91 -12.03 -23.10 1.32
N LYS A 92 -11.06 -22.68 2.14
CA LYS A 92 -10.66 -23.42 3.32
C LYS A 92 -11.79 -23.43 4.33
N LEU A 93 -12.45 -22.29 4.46
CA LEU A 93 -13.59 -22.14 5.36
C LEU A 93 -14.77 -22.97 4.85
N THR A 94 -14.88 -23.10 3.55
CA THR A 94 -15.92 -23.90 2.93
C THR A 94 -15.66 -25.40 3.18
N ALA A 95 -14.40 -25.80 3.06
CA ALA A 95 -13.98 -27.18 3.32
C ALA A 95 -14.04 -27.50 4.82
N ALA A 96 -14.15 -26.45 5.62
CA ALA A 96 -14.25 -26.56 7.06
C ALA A 96 -15.70 -26.76 7.49
N GLY A 97 -16.59 -26.91 6.54
CA GLY A 97 -17.97 -27.18 6.85
C GLY A 97 -18.84 -25.98 6.66
N PHE A 98 -18.72 -25.04 7.59
CA PHE A 98 -19.48 -23.80 7.59
C PHE A 98 -19.45 -23.05 6.26
N GLY A 99 -18.27 -22.69 5.81
CA GLY A 99 -18.13 -21.87 4.63
C GLY A 99 -18.82 -20.54 4.81
N ARG A 100 -18.87 -20.10 6.04
CA ARG A 100 -19.52 -18.87 6.40
C ARG A 100 -18.44 -17.83 6.64
N PHE A 101 -18.36 -16.86 5.77
CA PHE A 101 -17.36 -15.85 5.83
C PHE A 101 -17.91 -14.49 5.47
N LYS A 102 -17.33 -13.47 6.03
CA LYS A 102 -17.69 -12.09 5.76
C LYS A 102 -16.42 -11.30 5.62
N GLN A 103 -16.45 -10.30 4.80
CA GLN A 103 -15.30 -9.46 4.58
C GLN A 103 -15.63 -8.04 5.00
N ALA A 104 -14.80 -7.48 5.81
CA ALA A 104 -14.93 -6.11 6.26
C ALA A 104 -13.74 -5.34 5.77
N ASN A 105 -13.88 -4.07 5.61
CA ASN A 105 -12.80 -3.24 5.13
C ASN A 105 -12.56 -2.13 6.12
N SER A 106 -11.33 -1.85 6.37
CA SER A 106 -10.99 -0.85 7.33
C SER A 106 -9.83 0.00 6.80
N PRO A 107 -9.84 1.32 7.04
CA PRO A 107 -8.79 2.21 6.59
C PRO A 107 -7.50 1.99 7.37
N SER A 108 -6.44 1.72 6.66
CA SER A 108 -5.16 1.43 7.26
C SER A 108 -4.04 1.83 6.29
N THR A 109 -2.79 1.63 6.70
CA THR A 109 -1.63 1.89 5.88
C THR A 109 -1.75 1.27 4.46
N PRO A 110 -1.30 2.01 3.41
CA PRO A 110 -1.38 1.63 1.98
C PRO A 110 -0.82 0.23 1.68
N GLU A 111 0.14 -0.19 2.49
CA GLU A 111 0.81 -1.49 2.31
C GLU A 111 -0.15 -2.67 2.61
N LEU A 112 -1.21 -2.40 3.36
CA LEU A 112 -2.20 -3.44 3.68
C LEU A 112 -3.46 -3.27 2.86
N VAL A 113 -3.57 -2.12 2.21
CA VAL A 113 -4.74 -1.82 1.38
C VAL A 113 -4.86 -2.83 0.23
N GLY A 114 -6.03 -3.40 0.12
CA GLY A 114 -6.31 -4.34 -0.94
C GLY A 114 -6.11 -5.77 -0.50
N LYS A 115 -5.43 -5.96 0.62
CA LYS A 115 -5.14 -7.28 1.13
C LYS A 115 -5.78 -7.46 2.48
N VAL A 116 -5.82 -8.69 2.93
CA VAL A 116 -6.37 -9.03 4.21
C VAL A 116 -5.42 -8.57 5.32
N ILE A 117 -5.96 -8.10 6.42
CA ILE A 117 -5.17 -7.70 7.56
C ILE A 117 -5.14 -8.87 8.52
N GLY A 118 -6.21 -9.62 8.52
CA GLY A 118 -6.32 -10.78 9.34
C GLY A 118 -7.75 -11.15 9.51
N THR A 119 -8.04 -11.89 10.51
CA THR A 119 -9.35 -12.29 10.82
C THR A 119 -9.68 -11.63 12.16
N ASN A 120 -10.91 -11.25 12.39
CA ASN A 120 -11.24 -10.64 13.66
C ASN A 120 -11.24 -11.70 14.78
N PRO A 121 -12.01 -12.83 14.62
CA PRO A 121 -11.85 -13.96 15.52
C PRO A 121 -10.46 -14.57 15.26
N PRO A 122 -9.69 -14.89 16.30
CA PRO A 122 -8.33 -15.40 16.13
C PRO A 122 -8.28 -16.72 15.38
N ALA A 123 -7.31 -16.86 14.49
CA ALA A 123 -7.10 -18.06 13.67
C ALA A 123 -6.49 -19.20 14.49
N ASN A 124 -6.62 -19.09 15.78
CA ASN A 124 -6.13 -20.08 16.69
C ASN A 124 -7.32 -20.81 17.30
N GLN A 125 -8.49 -20.19 17.19
CA GLN A 125 -9.68 -20.71 17.82
C GLN A 125 -10.39 -21.72 16.94
N THR A 126 -11.36 -22.38 17.51
CA THR A 126 -12.12 -23.35 16.81
C THR A 126 -13.51 -22.75 16.52
N SER A 127 -13.90 -22.79 15.28
CA SER A 127 -15.15 -22.24 14.83
C SER A 127 -16.16 -23.34 14.53
N ALA A 128 -17.41 -23.06 14.78
CA ALA A 128 -18.47 -24.03 14.56
C ALA A 128 -19.04 -23.90 13.15
N ILE A 129 -19.74 -24.94 12.69
CA ILE A 129 -20.32 -24.97 11.35
C ILE A 129 -21.51 -23.99 11.24
N THR A 130 -22.05 -23.64 12.37
CA THR A 130 -23.14 -22.71 12.41
C THR A 130 -22.63 -21.26 12.62
N ASN A 131 -21.33 -21.14 12.69
CA ASN A 131 -20.65 -19.90 13.01
C ASN A 131 -20.02 -19.26 11.78
N VAL A 132 -20.16 -17.95 11.68
CA VAL A 132 -19.63 -17.19 10.57
C VAL A 132 -18.43 -16.35 11.00
N VAL A 133 -17.34 -16.50 10.28
CA VAL A 133 -16.12 -15.78 10.59
C VAL A 133 -16.00 -14.50 9.76
N ILE A 134 -15.50 -13.45 10.39
CA ILE A 134 -15.37 -12.17 9.73
C ILE A 134 -13.89 -11.86 9.48
N ILE A 135 -13.59 -11.56 8.24
CA ILE A 135 -12.25 -11.27 7.78
C ILE A 135 -12.13 -9.80 7.35
N ILE A 136 -11.14 -9.13 7.87
CA ILE A 136 -10.93 -7.69 7.67
C ILE A 136 -9.78 -7.40 6.68
N VAL A 137 -10.07 -6.60 5.66
CA VAL A 137 -9.11 -6.20 4.64
C VAL A 137 -8.80 -4.70 4.76
N GLY A 138 -7.62 -4.32 4.34
CA GLY A 138 -7.22 -2.93 4.40
C GLY A 138 -7.76 -2.13 3.24
N SER A 139 -8.18 -0.91 3.50
CA SER A 139 -8.69 -0.05 2.48
C SER A 139 -8.24 1.40 2.77
N GLY A 140 -8.26 2.25 1.76
CA GLY A 140 -8.00 3.68 1.93
C GLY A 140 -6.52 4.07 1.98
N PRO A 141 -5.82 4.15 0.83
CA PRO A 141 -4.42 4.58 0.78
C PRO A 141 -4.28 6.10 0.61
N ALA A 142 -3.48 6.73 1.45
CA ALA A 142 -3.26 8.17 1.37
C ALA A 142 -2.17 8.53 0.36
N THR A 143 -2.46 8.26 -0.87
CA THR A 143 -1.59 8.54 -1.96
C THR A 143 -2.26 9.54 -2.91
N LYS A 144 -1.50 10.43 -3.48
CA LYS A 144 -2.03 11.43 -4.37
C LYS A 144 -0.98 11.71 -5.43
N ASP A 145 -1.42 12.05 -6.61
CA ASP A 145 -0.50 12.34 -7.68
C ASP A 145 -0.08 13.78 -7.67
N ILE A 146 1.21 13.98 -7.74
CA ILE A 146 1.79 15.30 -7.71
C ILE A 146 1.60 15.99 -9.05
N PRO A 147 1.26 17.26 -9.05
CA PRO A 147 1.10 18.02 -10.28
C PRO A 147 2.38 18.76 -10.64
N ASP A 148 2.29 19.60 -11.61
CA ASP A 148 3.38 20.46 -11.98
C ASP A 148 3.35 21.66 -11.08
N VAL A 149 4.48 22.15 -10.76
CA VAL A 149 4.56 23.34 -9.94
C VAL A 149 5.63 24.26 -10.54
N ALA A 150 6.07 23.88 -11.71
CA ALA A 150 7.07 24.60 -12.44
C ALA A 150 6.47 25.89 -12.97
N GLY A 151 7.07 26.98 -12.59
CA GLY A 151 6.62 28.25 -13.04
C GLY A 151 5.94 29.00 -11.95
N GLN A 152 6.40 28.75 -10.73
CA GLN A 152 5.90 29.40 -9.55
C GLN A 152 7.06 29.67 -8.61
N THR A 153 6.79 30.32 -7.51
CA THR A 153 7.81 30.62 -6.56
C THR A 153 7.89 29.52 -5.52
N VAL A 154 9.01 29.43 -4.83
CA VAL A 154 9.25 28.48 -3.79
C VAL A 154 8.16 28.52 -2.70
N ASP A 155 7.73 29.71 -2.37
CA ASP A 155 6.73 29.94 -1.34
C ASP A 155 5.38 29.38 -1.76
N VAL A 156 5.03 29.61 -3.01
CA VAL A 156 3.75 29.13 -3.51
C VAL A 156 3.80 27.62 -3.74
N ALA A 157 4.95 27.14 -4.17
CA ALA A 157 5.15 25.72 -4.44
C ALA A 157 4.90 24.88 -3.19
N GLN A 158 5.50 25.27 -2.09
CA GLN A 158 5.34 24.55 -0.83
C GLN A 158 3.89 24.65 -0.34
N LYS A 159 3.29 25.82 -0.57
CA LYS A 159 1.92 26.09 -0.19
C LYS A 159 0.99 25.13 -0.92
N ASN A 160 1.20 24.99 -2.23
CA ASN A 160 0.37 24.11 -3.05
C ASN A 160 0.49 22.69 -2.58
N LEU A 161 1.72 22.26 -2.32
CA LEU A 161 1.97 20.91 -1.86
C LEU A 161 1.24 20.66 -0.55
N ASN A 162 1.39 21.60 0.38
CA ASN A 162 0.75 21.48 1.69
C ASN A 162 -0.76 21.43 1.56
N VAL A 163 -1.29 22.22 0.64
CA VAL A 163 -2.72 22.25 0.36
C VAL A 163 -3.22 20.90 -0.18
N TYR A 164 -2.40 20.22 -0.97
CA TYR A 164 -2.79 18.94 -1.53
C TYR A 164 -2.64 17.84 -0.49
N GLY A 165 -1.96 18.14 0.60
CA GLY A 165 -1.80 17.18 1.66
C GLY A 165 -0.38 16.71 1.84
N PHE A 166 0.51 17.21 1.02
CA PHE A 166 1.90 16.79 1.08
C PHE A 166 2.61 17.57 2.17
N THR A 167 3.06 16.88 3.18
CA THR A 167 3.68 17.52 4.30
C THR A 167 5.18 17.71 4.14
N LYS A 168 5.82 16.89 3.34
CA LYS A 168 7.26 17.00 3.22
C LYS A 168 7.70 17.51 1.89
N PHE A 169 8.39 18.60 1.94
CA PHE A 169 8.93 19.26 0.78
C PHE A 169 10.40 19.62 1.00
N SER A 170 11.18 19.45 -0.02
CA SER A 170 12.57 19.81 -0.01
C SER A 170 12.89 20.56 -1.28
N GLN A 171 13.76 21.54 -1.22
CA GLN A 171 14.09 22.33 -2.37
C GLN A 171 15.58 22.17 -2.73
N ALA A 172 15.83 21.74 -3.93
CA ALA A 172 17.16 21.50 -4.42
C ALA A 172 17.59 22.65 -5.29
N SER A 173 18.83 23.03 -5.16
CA SER A 173 19.38 24.13 -5.91
C SER A 173 19.95 23.61 -7.24
N VAL A 174 19.38 24.04 -8.33
CA VAL A 174 19.87 23.66 -9.63
C VAL A 174 20.24 24.90 -10.40
N ASP A 175 21.07 24.78 -11.38
CA ASP A 175 21.44 25.93 -12.18
C ASP A 175 20.57 26.02 -13.38
N SER A 176 20.13 27.21 -13.68
CA SER A 176 19.37 27.48 -14.88
C SER A 176 19.60 28.94 -15.22
N PRO A 177 19.13 29.46 -16.35
CA PRO A 177 19.22 30.89 -16.63
C PRO A 177 18.09 31.68 -15.94
N ARG A 178 17.13 30.95 -15.37
CA ARG A 178 15.97 31.54 -14.68
C ARG A 178 16.41 32.04 -13.31
N PRO A 179 15.99 33.28 -12.92
CA PRO A 179 16.38 33.89 -11.65
C PRO A 179 16.02 33.06 -10.41
N ALA A 180 16.77 33.29 -9.34
CA ALA A 180 16.62 32.58 -8.07
C ALA A 180 15.24 32.78 -7.47
N GLY A 181 14.51 31.71 -7.34
CA GLY A 181 13.18 31.77 -6.78
C GLY A 181 12.22 31.02 -7.63
N GLU A 182 12.61 30.81 -8.87
CA GLU A 182 11.81 30.08 -9.82
C GLU A 182 11.85 28.60 -9.52
N VAL A 183 10.71 28.00 -9.36
CA VAL A 183 10.64 26.59 -9.23
C VAL A 183 10.64 26.04 -10.62
N THR A 184 11.75 25.46 -10.97
CA THR A 184 11.99 24.97 -12.30
C THR A 184 11.22 23.67 -12.56
N GLY A 185 10.94 22.96 -11.50
CA GLY A 185 10.19 21.74 -11.59
C GLY A 185 10.38 20.92 -10.38
N THR A 186 10.04 19.69 -10.45
CA THR A 186 10.20 18.77 -9.37
C THR A 186 11.15 17.68 -9.78
N ASN A 187 11.80 17.07 -8.82
CA ASN A 187 12.69 15.95 -9.11
C ASN A 187 11.87 14.70 -9.42
N PRO A 188 10.92 14.29 -8.53
CA PRO A 188 9.94 13.28 -8.91
C PRO A 188 9.07 13.85 -10.04
N PRO A 189 8.88 13.12 -11.15
CA PRO A 189 8.13 13.62 -12.30
C PRO A 189 6.66 13.90 -11.96
N ALA A 190 6.11 14.93 -12.56
CA ALA A 190 4.74 15.31 -12.34
C ALA A 190 3.82 14.23 -12.86
N GLY A 191 2.81 13.89 -12.10
CA GLY A 191 1.91 12.83 -12.47
C GLY A 191 2.12 11.61 -11.61
N THR A 192 3.27 11.53 -10.97
CA THR A 192 3.60 10.42 -10.11
C THR A 192 2.73 10.43 -8.86
N THR A 193 2.20 9.28 -8.52
CA THR A 193 1.43 9.17 -7.34
C THR A 193 2.37 8.91 -6.19
N VAL A 194 2.32 9.76 -5.19
CA VAL A 194 3.20 9.68 -4.06
C VAL A 194 2.33 9.69 -2.80
N PRO A 195 2.78 9.09 -1.69
CA PRO A 195 2.09 9.22 -0.42
C PRO A 195 2.17 10.67 0.06
N VAL A 196 1.10 11.18 0.60
CA VAL A 196 1.03 12.58 1.06
C VAL A 196 2.01 12.87 2.20
N ASP A 197 2.44 11.82 2.87
CA ASP A 197 3.36 11.92 3.99
C ASP A 197 4.83 11.76 3.53
N SER A 198 5.03 11.64 2.22
CA SER A 198 6.35 11.45 1.69
C SER A 198 6.97 12.82 1.32
N VAL A 199 8.17 12.80 0.78
CA VAL A 199 8.93 14.00 0.47
C VAL A 199 8.87 14.34 -1.01
N ILE A 200 8.41 15.51 -1.31
CA ILE A 200 8.40 16.00 -2.67
C ILE A 200 9.53 17.00 -2.82
N GLU A 201 10.35 16.78 -3.81
CA GLU A 201 11.50 17.60 -4.03
C GLU A 201 11.30 18.57 -5.19
N LEU A 202 11.41 19.83 -4.85
CA LEU A 202 11.28 20.95 -5.75
C LEU A 202 12.66 21.35 -6.22
N GLN A 203 12.83 21.57 -7.49
CA GLN A 203 14.09 22.03 -8.00
C GLN A 203 13.99 23.50 -8.32
N VAL A 204 14.80 24.26 -7.65
CA VAL A 204 14.78 25.69 -7.74
C VAL A 204 16.02 26.16 -8.47
N SER A 205 15.82 27.00 -9.45
CA SER A 205 16.91 27.49 -10.24
C SER A 205 17.66 28.63 -9.56
N LYS A 206 18.95 28.63 -9.78
CA LYS A 206 19.77 29.77 -9.50
C LYS A 206 19.79 30.50 -10.82
N GLY A 207 19.95 31.81 -10.82
CA GLY A 207 19.90 32.51 -12.07
C GLY A 207 21.12 32.30 -12.87
N ASN A 208 22.25 32.15 -12.14
CA ASN A 208 23.58 31.80 -12.68
C ASN A 208 24.21 32.97 -13.44
N GLN A 209 23.37 33.77 -13.99
CA GLN A 209 23.71 34.97 -14.65
C GLN A 209 22.74 36.01 -14.18
N PHE A 210 23.19 37.20 -14.07
CA PHE A 210 22.34 38.28 -13.62
C PHE A 210 22.33 39.36 -14.66
N VAL A 211 21.14 39.90 -14.89
CA VAL A 211 20.94 40.96 -15.88
C VAL A 211 21.77 42.18 -15.52
N MET A 212 22.70 42.52 -16.40
CA MET A 212 23.57 43.66 -16.17
C MET A 212 22.86 44.96 -16.53
N PRO A 213 23.15 46.06 -15.82
CA PRO A 213 22.62 47.38 -16.13
C PRO A 213 23.26 47.95 -17.40
N ASP A 214 22.70 49.03 -17.90
CA ASP A 214 23.21 49.68 -19.09
C ASP A 214 24.49 50.44 -18.84
N LEU A 215 25.48 50.12 -19.65
CA LEU A 215 26.79 50.74 -19.64
C LEU A 215 27.26 50.87 -21.08
N SER A 216 26.34 50.78 -22.01
CA SER A 216 26.69 50.80 -23.42
C SER A 216 26.96 52.20 -23.93
N GLY A 217 27.99 52.33 -24.76
CA GLY A 217 28.30 53.60 -25.38
C GLY A 217 29.12 54.51 -24.49
N MET A 218 29.85 53.91 -23.59
CA MET A 218 30.65 54.66 -22.66
C MET A 218 32.12 54.51 -23.00
N PHE A 219 32.96 55.22 -22.29
CA PHE A 219 34.37 55.15 -22.48
C PHE A 219 34.92 54.30 -21.36
N TRP A 220 35.83 53.42 -21.68
CA TRP A 220 36.42 52.48 -20.74
C TRP A 220 37.02 53.18 -19.51
N VAL A 221 37.48 54.40 -19.69
CA VAL A 221 38.12 55.13 -18.59
C VAL A 221 37.10 55.61 -17.59
N ASP A 222 35.87 55.67 -18.02
CA ASP A 222 34.78 56.08 -17.17
C ASP A 222 33.99 54.85 -16.71
N ALA A 223 33.89 53.89 -17.63
CA ALA A 223 33.16 52.64 -17.39
C ALA A 223 33.83 51.76 -16.35
N GLU A 224 35.16 51.63 -16.40
CA GLU A 224 35.89 50.83 -15.40
C GLU A 224 35.62 51.32 -13.95
N PRO A 225 35.76 52.65 -13.65
CA PRO A 225 35.36 53.20 -12.35
C PRO A 225 33.91 52.87 -11.99
N ARG A 226 33.00 52.88 -12.99
CA ARG A 226 31.61 52.51 -12.74
C ARG A 226 31.51 51.06 -12.33
N LEU A 227 32.31 50.21 -12.96
CA LEU A 227 32.34 48.78 -12.64
C LEU A 227 32.81 48.61 -11.20
N ARG A 228 33.82 49.37 -10.84
CA ARG A 228 34.37 49.35 -9.49
C ARG A 228 33.32 49.81 -8.48
N ALA A 229 32.52 50.79 -8.87
CA ALA A 229 31.44 51.29 -8.04
C ALA A 229 30.30 50.27 -7.93
N LEU A 230 30.13 49.47 -8.97
CA LEU A 230 29.08 48.43 -9.00
C LEU A 230 29.53 47.18 -8.26
N GLY A 231 30.78 47.15 -7.86
CA GLY A 231 31.30 46.02 -7.14
C GLY A 231 31.73 44.91 -8.08
N TRP A 232 32.24 45.28 -9.22
CA TRP A 232 32.72 44.31 -10.19
C TRP A 232 34.08 43.77 -9.76
N THR A 233 34.20 42.48 -9.77
CA THR A 233 35.44 41.82 -9.48
C THR A 233 35.52 40.57 -10.35
N GLY A 234 36.08 40.74 -11.54
CA GLY A 234 36.19 39.65 -12.47
C GLY A 234 37.36 39.89 -13.39
N MET A 235 37.24 39.45 -14.61
CA MET A 235 38.32 39.62 -15.57
C MET A 235 37.88 40.53 -16.72
N LEU A 236 38.74 41.44 -17.07
CA LEU A 236 38.54 42.32 -18.20
C LEU A 236 39.37 41.75 -19.34
N ASP A 237 38.80 41.59 -20.49
CA ASP A 237 39.55 41.05 -21.61
C ASP A 237 39.98 42.15 -22.55
N LYS A 238 41.26 42.29 -22.71
CA LYS A 238 41.80 43.28 -23.58
C LYS A 238 41.94 42.78 -24.98
N GLY A 239 41.14 43.34 -25.84
CA GLY A 239 41.29 43.09 -27.24
C GLY A 239 42.38 43.97 -27.80
N ALA A 240 42.55 43.95 -29.10
CA ALA A 240 43.62 44.69 -29.74
C ALA A 240 43.38 46.17 -29.67
N ASP A 241 44.45 46.92 -29.52
CA ASP A 241 44.36 48.36 -29.44
C ASP A 241 44.34 48.91 -30.86
N VAL A 242 43.33 49.70 -31.17
CA VAL A 242 43.12 50.21 -32.53
C VAL A 242 43.00 51.74 -32.51
N ASP A 243 43.82 52.40 -33.29
CA ASP A 243 43.78 53.85 -33.37
C ASP A 243 42.58 54.26 -34.21
N ALA A 244 41.60 54.86 -33.57
CA ALA A 244 40.38 55.22 -34.26
C ALA A 244 40.19 56.73 -34.35
N GLY A 245 40.88 57.44 -33.50
CA GLY A 245 40.72 58.87 -33.44
C GLY A 245 40.43 59.25 -32.02
N GLY A 246 40.91 60.40 -31.59
CA GLY A 246 40.81 60.80 -30.19
C GLY A 246 39.39 60.81 -29.64
N SER A 247 38.46 61.27 -30.45
CA SER A 247 37.06 61.37 -30.07
C SER A 247 36.43 59.98 -29.86
N GLN A 248 37.01 58.96 -30.49
CA GLN A 248 36.50 57.62 -30.39
C GLN A 248 37.40 56.70 -29.58
N HIS A 249 38.51 57.22 -29.09
CA HIS A 249 39.40 56.44 -28.24
C HIS A 249 38.73 56.15 -26.92
N ASN A 250 39.09 55.02 -26.33
CA ASN A 250 38.50 54.50 -25.09
C ASN A 250 37.00 54.14 -25.20
N ARG A 251 36.36 54.44 -26.33
CA ARG A 251 34.94 54.16 -26.50
C ARG A 251 34.74 52.67 -26.83
N VAL A 252 33.72 52.07 -26.22
CA VAL A 252 33.39 50.64 -26.36
C VAL A 252 33.01 50.30 -27.81
N VAL A 253 33.41 49.16 -28.31
CA VAL A 253 33.08 48.83 -29.69
C VAL A 253 31.83 47.98 -29.71
N TYR A 254 31.83 46.99 -28.89
CA TYR A 254 30.71 46.15 -28.66
C TYR A 254 30.93 45.56 -27.31
N GLN A 255 29.89 45.16 -26.67
CA GLN A 255 30.01 44.45 -25.45
C GLN A 255 29.45 43.07 -25.67
N ASN A 256 30.23 42.06 -25.30
CA ASN A 256 29.87 40.66 -25.48
C ASN A 256 28.43 40.36 -24.97
N PRO A 257 28.07 40.73 -23.72
CA PRO A 257 26.72 40.68 -23.29
C PRO A 257 26.11 42.10 -23.33
N PRO A 258 25.19 42.38 -24.25
CA PRO A 258 24.55 43.71 -24.35
C PRO A 258 23.76 44.06 -23.08
N ALA A 259 23.48 45.34 -22.87
CA ALA A 259 22.78 45.79 -21.67
C ALA A 259 21.43 45.10 -21.55
N GLY A 260 21.17 44.49 -20.41
CA GLY A 260 19.95 43.74 -20.24
C GLY A 260 20.16 42.24 -20.37
N THR A 261 21.37 41.85 -20.71
CA THR A 261 21.71 40.45 -20.81
C THR A 261 22.28 39.97 -19.47
N GLY A 262 22.17 38.69 -19.22
CA GLY A 262 22.68 38.13 -18.01
C GLY A 262 24.15 37.84 -18.11
N VAL A 263 24.90 38.35 -17.18
CA VAL A 263 26.31 38.15 -17.13
C VAL A 263 26.65 37.13 -16.06
N ASN A 264 27.63 36.30 -16.36
CA ASN A 264 28.14 35.30 -15.44
C ASN A 264 28.55 35.89 -14.10
N ARG A 265 28.34 35.09 -13.05
CA ARG A 265 28.55 35.46 -11.62
C ARG A 265 29.90 36.12 -11.37
N ASP A 266 30.88 35.65 -12.08
CA ASP A 266 32.25 36.08 -11.94
C ASP A 266 32.47 37.46 -12.52
N GLY A 267 31.71 37.79 -13.51
CA GLY A 267 31.75 39.10 -14.04
C GLY A 267 32.69 39.26 -15.20
N ILE A 268 33.18 38.20 -15.77
CA ILE A 268 34.05 38.38 -16.90
C ILE A 268 33.20 38.90 -18.07
N ILE A 269 33.55 40.07 -18.53
CA ILE A 269 32.82 40.74 -19.55
C ILE A 269 33.81 41.19 -20.64
N THR A 270 33.49 40.92 -21.89
CA THR A 270 34.35 41.31 -22.96
C THR A 270 33.78 42.49 -23.71
N LEU A 271 34.49 43.57 -23.67
CA LEU A 271 34.21 44.76 -24.42
C LEU A 271 35.54 45.22 -24.87
N ARG A 272 35.59 45.85 -25.95
CA ARG A 272 36.82 46.33 -26.41
C ARG A 272 36.60 47.76 -26.73
N PHE A 273 37.63 48.50 -26.71
CA PHE A 273 37.59 49.86 -27.07
C PHE A 273 38.63 50.01 -28.14
N GLY A 274 38.63 51.12 -28.85
CA GLY A 274 39.65 51.33 -29.85
C GLY A 274 41.03 51.37 -29.21
N GLN A 275 41.44 52.52 -28.81
CA GLN A 275 42.66 52.69 -28.09
C GLN A 275 42.56 54.00 -27.37
N GLY A 4 -51.84 -66.35 15.10
CA GLY A 4 -51.84 -67.16 16.31
C GLY A 4 -51.11 -66.45 17.41
N ILE A 5 -51.18 -66.97 18.61
CA ILE A 5 -50.55 -66.34 19.73
C ILE A 5 -49.03 -66.52 19.67
N THR A 6 -48.35 -65.44 19.76
CA THR A 6 -46.96 -65.39 19.71
C THR A 6 -46.38 -65.13 21.10
N ARG A 7 -45.17 -65.59 21.32
CA ARG A 7 -44.51 -65.43 22.61
C ARG A 7 -43.35 -64.48 22.45
N ASP A 8 -43.36 -63.78 21.33
CA ASP A 8 -42.36 -62.78 21.01
C ASP A 8 -42.51 -61.62 21.97
N VAL A 9 -41.43 -60.98 22.29
CA VAL A 9 -41.44 -59.93 23.27
C VAL A 9 -40.94 -58.64 22.68
N GLN A 10 -41.19 -57.56 23.34
CA GLN A 10 -40.71 -56.33 22.92
C GLN A 10 -39.42 -56.09 23.67
N VAL A 11 -38.49 -55.63 22.96
CA VAL A 11 -37.15 -55.50 23.42
C VAL A 11 -36.90 -54.06 23.90
N PRO A 12 -36.25 -53.89 25.07
CA PRO A 12 -35.96 -52.56 25.58
C PRO A 12 -34.98 -51.84 24.69
N ASP A 13 -35.41 -50.71 24.21
CA ASP A 13 -34.61 -49.91 23.35
C ASP A 13 -33.79 -49.00 24.22
N VAL A 14 -32.62 -48.69 23.80
CA VAL A 14 -31.69 -47.96 24.61
C VAL A 14 -31.29 -46.64 23.90
N ARG A 15 -32.01 -46.27 22.82
CA ARG A 15 -31.72 -44.99 22.17
C ARG A 15 -31.93 -43.84 23.16
N GLY A 16 -31.09 -42.85 23.07
CA GLY A 16 -31.06 -41.78 24.02
C GLY A 16 -29.85 -41.91 24.95
N GLN A 17 -29.17 -43.04 24.88
CA GLN A 17 -27.93 -43.25 25.62
C GLN A 17 -26.76 -43.25 24.62
N SER A 18 -25.74 -44.04 24.84
CA SER A 18 -24.61 -44.00 23.96
C SER A 18 -24.60 -45.25 23.11
N SER A 19 -23.80 -45.27 22.07
CA SER A 19 -23.65 -46.42 21.24
C SER A 19 -23.16 -47.60 22.08
N ALA A 20 -22.23 -47.31 23.00
CA ALA A 20 -21.68 -48.33 23.87
C ALA A 20 -22.74 -48.88 24.82
N ASP A 21 -23.52 -47.99 25.45
CA ASP A 21 -24.55 -48.42 26.40
C ASP A 21 -25.61 -49.22 25.70
N ALA A 22 -25.98 -48.76 24.54
CA ALA A 22 -27.01 -49.41 23.76
C ALA A 22 -26.57 -50.81 23.33
N ILE A 23 -25.39 -50.89 22.74
CA ILE A 23 -24.87 -52.16 22.26
C ILE A 23 -24.58 -53.11 23.42
N ALA A 24 -24.04 -52.57 24.53
CA ALA A 24 -23.71 -53.36 25.70
C ALA A 24 -24.94 -54.04 26.28
N THR A 25 -26.05 -53.30 26.28
CA THR A 25 -27.29 -53.81 26.80
C THR A 25 -27.83 -54.98 25.94
N LEU A 26 -27.83 -54.79 24.62
CA LEU A 26 -28.29 -55.85 23.72
C LEU A 26 -27.41 -57.07 23.80
N GLN A 27 -26.10 -56.84 23.95
CA GLN A 27 -25.13 -57.90 24.10
C GLN A 27 -25.45 -58.72 25.34
N ASN A 28 -25.69 -58.03 26.46
CA ASN A 28 -26.07 -58.68 27.70
C ASN A 28 -27.35 -59.45 27.59
N ARG A 29 -28.24 -58.99 26.74
CA ARG A 29 -29.53 -59.64 26.53
C ARG A 29 -29.37 -60.86 25.64
N GLY A 30 -28.23 -60.98 24.98
CA GLY A 30 -28.00 -62.15 24.15
C GLY A 30 -28.46 -61.92 22.74
N PHE A 31 -28.66 -60.67 22.40
CA PHE A 31 -29.08 -60.29 21.10
C PHE A 31 -27.90 -60.05 20.22
N LYS A 32 -28.15 -60.04 18.96
CA LYS A 32 -27.15 -59.81 18.00
C LYS A 32 -27.17 -58.34 17.68
N ILE A 33 -26.05 -57.79 17.36
CA ILE A 33 -25.99 -56.37 17.14
C ILE A 33 -25.46 -56.07 15.77
N ARG A 34 -26.03 -55.09 15.18
CA ARG A 34 -25.57 -54.59 13.94
C ARG A 34 -25.30 -53.13 14.13
N THR A 35 -24.16 -52.69 13.78
CA THR A 35 -23.80 -51.33 13.97
C THR A 35 -23.23 -50.79 12.66
N LEU A 36 -23.75 -49.67 12.20
CA LEU A 36 -23.24 -49.04 10.99
C LEU A 36 -22.58 -47.73 11.35
N GLN A 37 -21.31 -47.61 11.05
CA GLN A 37 -20.56 -46.40 11.37
C GLN A 37 -20.45 -45.55 10.12
N LYS A 38 -20.92 -44.34 10.17
CA LYS A 38 -20.78 -43.45 9.04
C LYS A 38 -20.39 -42.06 9.53
N PRO A 39 -19.45 -41.40 8.86
CA PRO A 39 -19.15 -40.02 9.17
C PRO A 39 -20.28 -39.15 8.62
N ASP A 40 -20.81 -38.30 9.45
CA ASP A 40 -21.99 -37.52 9.11
C ASP A 40 -22.22 -36.57 10.27
N SER A 41 -23.31 -35.86 10.27
CA SER A 41 -23.67 -35.00 11.37
C SER A 41 -25.20 -34.85 11.49
N THR A 42 -25.97 -35.46 10.58
CA THR A 42 -27.41 -35.33 10.65
C THR A 42 -28.03 -36.63 11.16
N ILE A 43 -27.32 -37.72 10.98
CA ILE A 43 -27.75 -38.99 11.48
C ILE A 43 -27.21 -39.14 12.90
N PRO A 44 -27.91 -39.92 13.73
CA PRO A 44 -27.54 -40.18 15.12
C PRO A 44 -26.03 -40.22 15.43
N PRO A 45 -25.57 -39.21 16.19
CA PRO A 45 -24.22 -39.15 16.77
C PRO A 45 -23.96 -40.37 17.65
N ASP A 46 -22.71 -40.61 18.03
CA ASP A 46 -22.34 -41.79 18.87
C ASP A 46 -23.15 -41.88 20.18
N HIS A 47 -23.90 -40.84 20.45
CA HIS A 47 -24.93 -40.86 21.47
C HIS A 47 -26.18 -41.12 20.69
N VAL A 48 -26.67 -42.31 20.79
CA VAL A 48 -27.69 -42.81 19.91
C VAL A 48 -28.99 -42.04 20.00
N ILE A 49 -29.35 -41.45 18.91
CA ILE A 49 -30.57 -40.68 18.77
C ILE A 49 -31.66 -41.52 18.17
N GLY A 50 -31.27 -42.48 17.38
CA GLY A 50 -32.23 -43.28 16.70
C GLY A 50 -31.79 -44.69 16.57
N THR A 51 -32.76 -45.52 16.40
CA THR A 51 -32.65 -46.94 16.33
C THR A 51 -33.73 -47.44 15.39
N ASP A 52 -33.85 -48.72 15.25
CA ASP A 52 -34.91 -49.28 14.45
C ASP A 52 -36.00 -49.73 15.36
N PRO A 53 -37.27 -49.45 15.00
CA PRO A 53 -38.46 -49.77 15.82
C PRO A 53 -38.64 -51.27 16.08
N ALA A 54 -37.76 -52.08 15.48
CA ALA A 54 -37.72 -53.52 15.63
C ALA A 54 -37.67 -53.91 17.11
N ALA A 55 -36.99 -53.11 17.92
CA ALA A 55 -36.91 -53.36 19.35
C ALA A 55 -38.29 -53.13 20.01
N ASN A 56 -39.00 -52.13 19.52
CA ASN A 56 -40.32 -51.78 20.02
C ASN A 56 -41.36 -52.68 19.37
N THR A 57 -40.92 -53.50 18.47
CA THR A 57 -41.76 -54.46 17.83
C THR A 57 -41.63 -55.76 18.62
N SER A 58 -42.64 -56.59 18.62
CA SER A 58 -42.52 -57.83 19.30
C SER A 58 -41.68 -58.78 18.45
N VAL A 59 -40.50 -59.09 18.92
CA VAL A 59 -39.61 -59.96 18.20
C VAL A 59 -39.14 -61.11 19.08
N SER A 60 -38.52 -62.06 18.48
CA SER A 60 -38.01 -63.19 19.17
C SER A 60 -36.69 -62.81 19.86
N ALA A 61 -36.44 -63.39 21.00
CA ALA A 61 -35.24 -63.10 21.75
C ALA A 61 -34.01 -63.69 21.06
N GLY A 62 -33.20 -62.82 20.52
CA GLY A 62 -32.00 -63.25 19.86
C GLY A 62 -31.92 -62.78 18.43
N ASP A 63 -32.64 -61.71 18.10
CA ASP A 63 -32.59 -61.14 16.75
C ASP A 63 -31.41 -60.13 16.68
N GLU A 64 -31.28 -59.43 15.58
CA GLU A 64 -30.17 -58.53 15.36
C GLU A 64 -30.68 -57.11 15.38
N ILE A 65 -30.19 -56.33 16.28
CA ILE A 65 -30.61 -54.95 16.41
C ILE A 65 -29.61 -54.01 15.71
N THR A 66 -30.10 -53.28 14.73
CA THR A 66 -29.28 -52.38 13.95
C THR A 66 -29.25 -50.97 14.56
N VAL A 67 -28.07 -50.47 14.79
CA VAL A 67 -27.90 -49.12 15.26
C VAL A 67 -27.13 -48.32 14.21
N ASN A 68 -27.60 -47.15 13.94
CA ASN A 68 -26.96 -46.24 13.02
C ASN A 68 -26.18 -45.25 13.86
N VAL A 69 -24.88 -45.25 13.73
CA VAL A 69 -24.05 -44.41 14.56
C VAL A 69 -23.11 -43.56 13.70
N SER A 70 -22.99 -42.31 14.03
CA SER A 70 -22.13 -41.46 13.31
C SER A 70 -20.84 -41.25 14.09
N THR A 71 -19.76 -41.59 13.47
CA THR A 71 -18.48 -41.38 14.04
C THR A 71 -17.68 -40.44 13.12
N GLY A 72 -17.50 -39.22 13.57
CA GLY A 72 -16.80 -38.25 12.79
C GLY A 72 -17.73 -37.22 12.20
N PRO A 73 -17.77 -36.00 12.78
CA PRO A 73 -18.60 -34.91 12.26
C PRO A 73 -18.03 -34.41 10.93
N GLU A 74 -18.89 -33.84 10.12
CA GLU A 74 -18.50 -33.42 8.80
C GLU A 74 -17.82 -32.08 8.80
N GLN A 75 -17.22 -31.78 7.68
CA GLN A 75 -16.51 -30.56 7.48
C GLN A 75 -17.41 -29.59 6.73
N ARG A 76 -17.10 -28.31 6.83
CA ARG A 76 -17.88 -27.28 6.20
C ARG A 76 -17.02 -26.51 5.25
N GLU A 77 -17.66 -25.92 4.30
CA GLU A 77 -16.99 -25.22 3.24
C GLU A 77 -16.83 -23.76 3.61
N ILE A 78 -15.67 -23.20 3.36
CA ILE A 78 -15.48 -21.82 3.62
C ILE A 78 -15.73 -21.07 2.33
N PRO A 79 -16.72 -20.17 2.29
CA PRO A 79 -16.89 -19.29 1.16
C PRO A 79 -15.77 -18.25 1.19
N ASP A 80 -15.23 -17.89 0.05
CA ASP A 80 -14.18 -16.89 0.09
C ASP A 80 -14.82 -15.54 0.21
N VAL A 81 -14.28 -14.76 1.08
CA VAL A 81 -14.84 -13.51 1.44
C VAL A 81 -14.09 -12.41 0.72
N SER A 82 -14.67 -11.25 0.63
CA SER A 82 -13.99 -10.14 0.08
C SER A 82 -12.98 -9.65 1.12
N THR A 83 -11.98 -8.95 0.70
CA THR A 83 -10.92 -8.57 1.60
C THR A 83 -11.41 -7.57 2.64
N LEU A 84 -12.21 -6.66 2.21
CA LEU A 84 -12.75 -5.66 3.09
C LEU A 84 -13.75 -6.23 4.13
N THR A 85 -14.42 -7.30 3.81
CA THR A 85 -15.47 -7.82 4.64
C THR A 85 -15.01 -8.84 5.71
N TYR A 86 -14.10 -8.41 6.57
CA TYR A 86 -13.62 -9.25 7.67
C TYR A 86 -14.74 -9.59 8.66
N ALA A 87 -15.62 -8.62 8.91
CA ALA A 87 -16.74 -8.85 9.82
C ALA A 87 -17.66 -9.94 9.28
N GLU A 88 -17.82 -9.98 7.96
CA GLU A 88 -18.58 -11.03 7.32
C GLU A 88 -17.85 -12.37 7.48
N ALA A 89 -16.54 -12.33 7.35
CA ALA A 89 -15.71 -13.51 7.44
C ALA A 89 -15.87 -14.18 8.80
N VAL A 90 -15.74 -13.41 9.85
CA VAL A 90 -15.85 -13.95 11.19
C VAL A 90 -17.26 -14.54 11.45
N LYS A 91 -18.32 -13.86 10.98
CA LYS A 91 -19.67 -14.38 11.16
C LYS A 91 -19.92 -15.65 10.35
N LYS A 92 -19.35 -15.71 9.15
CA LYS A 92 -19.44 -16.90 8.29
C LYS A 92 -18.78 -18.08 8.94
N LEU A 93 -17.60 -17.85 9.45
CA LEU A 93 -16.82 -18.86 10.12
C LEU A 93 -17.52 -19.34 11.38
N THR A 94 -18.19 -18.42 12.05
CA THR A 94 -18.96 -18.74 13.24
C THR A 94 -20.20 -19.59 12.86
N ALA A 95 -20.91 -19.18 11.83
CA ALA A 95 -22.13 -19.85 11.38
C ALA A 95 -21.82 -21.21 10.74
N ALA A 96 -20.56 -21.41 10.37
CA ALA A 96 -20.12 -22.65 9.76
C ALA A 96 -19.79 -23.70 10.82
N GLY A 97 -19.85 -23.33 12.07
CA GLY A 97 -19.61 -24.30 13.13
C GLY A 97 -18.42 -23.93 13.95
N PHE A 98 -17.22 -24.31 13.46
CA PHE A 98 -15.92 -24.01 14.10
C PHE A 98 -15.85 -22.62 14.76
N GLY A 99 -15.97 -21.59 13.96
CA GLY A 99 -15.89 -20.22 14.45
C GLY A 99 -14.55 -19.89 15.06
N ARG A 100 -13.53 -20.65 14.73
CA ARG A 100 -12.23 -20.41 15.28
C ARG A 100 -11.44 -19.58 14.29
N PHE A 101 -11.19 -18.36 14.64
CA PHE A 101 -10.52 -17.44 13.79
C PHE A 101 -9.53 -16.61 14.59
N LYS A 102 -8.57 -16.05 13.92
CA LYS A 102 -7.55 -15.21 14.51
C LYS A 102 -7.21 -14.13 13.49
N GLN A 103 -6.85 -12.95 13.95
CA GLN A 103 -6.50 -11.85 13.08
C GLN A 103 -5.05 -11.41 13.32
N ALA A 104 -4.28 -11.35 12.26
CA ALA A 104 -2.91 -10.88 12.31
C ALA A 104 -2.76 -9.75 11.31
N ASN A 105 -1.89 -8.84 11.58
CA ASN A 105 -1.71 -7.68 10.72
C ASN A 105 -0.35 -7.72 10.07
N SER A 106 -0.27 -7.33 8.82
CA SER A 106 0.98 -7.24 8.11
C SER A 106 0.99 -5.96 7.29
N PRO A 107 2.11 -5.22 7.26
CA PRO A 107 2.22 -4.03 6.44
C PRO A 107 2.27 -4.37 4.95
N SER A 108 1.36 -3.83 4.22
CA SER A 108 1.24 -4.04 2.79
C SER A 108 0.70 -2.77 2.17
N THR A 109 0.52 -2.77 0.85
CA THR A 109 0.01 -1.64 0.08
C THR A 109 -1.20 -0.95 0.76
N PRO A 110 -1.20 0.42 0.74
CA PRO A 110 -2.23 1.27 1.36
C PRO A 110 -3.66 0.91 0.98
N GLU A 111 -3.85 0.36 -0.21
CA GLU A 111 -5.19 -0.03 -0.66
C GLU A 111 -5.73 -1.23 0.14
N LEU A 112 -4.83 -1.95 0.79
CA LEU A 112 -5.20 -3.11 1.54
C LEU A 112 -5.22 -2.83 3.03
N VAL A 113 -5.04 -1.57 3.44
CA VAL A 113 -5.12 -1.25 4.86
C VAL A 113 -6.53 -1.57 5.38
N GLY A 114 -6.59 -2.35 6.43
CA GLY A 114 -7.86 -2.71 7.02
C GLY A 114 -8.55 -3.82 6.25
N LYS A 115 -7.94 -4.27 5.17
CA LYS A 115 -8.52 -5.30 4.35
C LYS A 115 -7.85 -6.60 4.68
N VAL A 116 -8.51 -7.66 4.36
CA VAL A 116 -7.98 -9.00 4.55
C VAL A 116 -7.04 -9.33 3.39
N ILE A 117 -5.96 -10.01 3.67
CA ILE A 117 -5.05 -10.44 2.63
C ILE A 117 -5.35 -11.90 2.29
N GLY A 118 -5.73 -12.65 3.31
CA GLY A 118 -6.09 -14.01 3.11
C GLY A 118 -6.23 -14.76 4.40
N THR A 119 -6.49 -16.02 4.28
CA THR A 119 -6.65 -16.91 5.39
C THR A 119 -5.52 -17.93 5.27
N ASN A 120 -4.96 -18.39 6.38
CA ASN A 120 -3.92 -19.41 6.31
C ASN A 120 -4.45 -20.75 5.74
N PRO A 121 -5.48 -21.39 6.34
CA PRO A 121 -6.13 -22.53 5.70
C PRO A 121 -6.97 -22.00 4.52
N PRO A 122 -6.99 -22.69 3.39
CA PRO A 122 -7.66 -22.19 2.18
C PRO A 122 -9.18 -22.00 2.32
N ALA A 123 -9.63 -20.81 1.96
CA ALA A 123 -11.05 -20.41 2.02
C ALA A 123 -11.75 -20.88 0.74
N ASN A 124 -11.12 -21.82 0.11
CA ASN A 124 -11.57 -22.41 -1.11
C ASN A 124 -11.96 -23.85 -0.85
N GLN A 125 -11.62 -24.34 0.34
CA GLN A 125 -11.75 -25.75 0.64
C GLN A 125 -12.69 -26.03 1.79
N THR A 126 -12.82 -27.29 2.10
CA THR A 126 -13.63 -27.74 3.19
C THR A 126 -12.74 -27.80 4.44
N SER A 127 -13.23 -27.31 5.56
CA SER A 127 -12.48 -27.31 6.79
C SER A 127 -13.35 -27.90 7.89
N ALA A 128 -12.75 -28.60 8.82
CA ALA A 128 -13.46 -29.25 9.90
C ALA A 128 -13.85 -28.27 11.00
N ILE A 129 -14.73 -28.71 11.88
CA ILE A 129 -15.23 -27.88 12.97
C ILE A 129 -14.13 -27.65 14.03
N THR A 130 -13.11 -28.45 13.99
CA THR A 130 -12.03 -28.31 14.91
C THR A 130 -10.88 -27.47 14.33
N ASN A 131 -11.08 -26.91 13.14
CA ASN A 131 -10.05 -26.14 12.47
C ASN A 131 -10.01 -24.70 12.94
N VAL A 132 -8.82 -24.19 13.10
CA VAL A 132 -8.59 -22.81 13.47
C VAL A 132 -8.04 -22.09 12.25
N VAL A 133 -8.65 -21.00 11.87
CA VAL A 133 -8.16 -20.25 10.73
C VAL A 133 -7.57 -18.90 11.17
N ILE A 134 -6.30 -18.69 10.87
CA ILE A 134 -5.70 -17.41 11.14
C ILE A 134 -5.81 -16.56 9.87
N ILE A 135 -6.31 -15.39 10.05
CA ILE A 135 -6.54 -14.47 8.98
C ILE A 135 -5.62 -13.27 9.12
N ILE A 136 -4.94 -12.97 8.06
CA ILE A 136 -4.00 -11.88 8.02
C ILE A 136 -4.61 -10.71 7.24
N VAL A 137 -4.62 -9.56 7.87
CA VAL A 137 -5.13 -8.36 7.29
C VAL A 137 -3.99 -7.39 7.03
N GLY A 138 -4.15 -6.55 6.06
CA GLY A 138 -3.13 -5.64 5.69
C GLY A 138 -3.20 -4.33 6.42
N SER A 139 -2.07 -3.78 6.71
CA SER A 139 -1.97 -2.49 7.29
C SER A 139 -1.07 -1.69 6.37
N GLY A 140 -1.35 -0.43 6.18
CA GLY A 140 -0.59 0.34 5.26
C GLY A 140 -0.11 1.65 5.82
N PRO A 141 1.20 1.76 6.14
CA PRO A 141 1.81 3.01 6.59
C PRO A 141 1.81 4.04 5.45
N ALA A 142 1.69 5.30 5.80
CA ALA A 142 1.61 6.34 4.80
C ALA A 142 3.00 6.85 4.40
N THR A 143 3.71 6.02 3.68
CA THR A 143 5.05 6.33 3.25
C THR A 143 5.18 6.19 1.73
N LYS A 144 6.01 7.02 1.14
CA LYS A 144 6.27 7.00 -0.29
C LYS A 144 7.76 7.20 -0.50
N ASP A 145 8.29 6.59 -1.53
CA ASP A 145 9.73 6.68 -1.83
C ASP A 145 9.91 7.70 -2.93
N ILE A 146 10.53 8.83 -2.61
CA ILE A 146 10.64 9.92 -3.58
C ILE A 146 11.69 9.68 -4.66
N PRO A 147 11.27 9.80 -5.93
CA PRO A 147 12.19 9.78 -7.06
C PRO A 147 12.58 11.22 -7.48
N ASP A 148 13.75 11.38 -8.03
CA ASP A 148 14.21 12.70 -8.43
C ASP A 148 13.80 12.97 -9.84
N VAL A 149 13.22 14.11 -10.03
CA VAL A 149 12.81 14.57 -11.32
C VAL A 149 13.14 16.06 -11.48
N ALA A 150 14.39 16.29 -11.79
CA ALA A 150 14.94 17.60 -11.94
C ALA A 150 14.93 17.97 -13.39
N GLY A 151 14.73 19.21 -13.66
CA GLY A 151 14.64 19.66 -15.00
C GLY A 151 13.26 20.08 -15.29
N GLN A 152 12.69 20.81 -14.35
CA GLN A 152 11.34 21.24 -14.44
C GLN A 152 11.26 22.64 -13.92
N THR A 153 10.15 23.29 -14.16
CA THR A 153 9.94 24.60 -13.63
C THR A 153 9.25 24.47 -12.29
N VAL A 154 9.32 25.52 -11.50
CA VAL A 154 8.82 25.55 -10.16
C VAL A 154 7.37 25.07 -10.04
N ASP A 155 6.53 25.49 -10.97
CA ASP A 155 5.10 25.14 -10.93
C ASP A 155 4.90 23.67 -11.17
N VAL A 156 5.64 23.14 -12.12
CA VAL A 156 5.52 21.75 -12.52
C VAL A 156 6.10 20.84 -11.46
N ALA A 157 7.18 21.27 -10.83
CA ALA A 157 7.79 20.49 -9.76
C ALA A 157 6.84 20.32 -8.59
N GLN A 158 6.23 21.43 -8.16
CA GLN A 158 5.26 21.41 -7.06
C GLN A 158 4.08 20.51 -7.41
N LYS A 159 3.66 20.63 -8.66
CA LYS A 159 2.54 19.91 -9.20
C LYS A 159 2.80 18.40 -9.15
N ASN A 160 4.01 18.00 -9.52
CA ASN A 160 4.40 16.58 -9.49
C ASN A 160 4.33 16.02 -8.10
N LEU A 161 4.82 16.77 -7.14
CA LEU A 161 4.78 16.36 -5.74
C LEU A 161 3.33 16.20 -5.28
N ASN A 162 2.47 17.12 -5.69
CA ASN A 162 1.05 17.05 -5.36
C ASN A 162 0.43 15.78 -5.93
N VAL A 163 0.79 15.49 -7.17
CA VAL A 163 0.33 14.29 -7.88
C VAL A 163 0.89 13.00 -7.24
N TYR A 164 2.05 13.09 -6.59
CA TYR A 164 2.61 11.92 -5.92
C TYR A 164 1.85 11.64 -4.64
N GLY A 165 1.27 12.69 -4.09
CA GLY A 165 0.52 12.55 -2.87
C GLY A 165 1.20 13.25 -1.73
N PHE A 166 1.80 14.38 -2.03
CA PHE A 166 2.45 15.18 -1.03
C PHE A 166 1.80 16.51 -1.02
N THR A 167 1.30 16.89 0.10
CA THR A 167 0.57 18.10 0.20
C THR A 167 1.44 19.20 0.82
N LYS A 168 2.52 18.83 1.48
CA LYS A 168 3.37 19.81 2.10
C LYS A 168 4.74 19.83 1.42
N PHE A 169 5.00 20.94 0.77
CA PHE A 169 6.21 21.16 0.03
C PHE A 169 6.79 22.52 0.37
N SER A 170 8.04 22.67 0.18
CA SER A 170 8.70 23.94 0.33
C SER A 170 9.74 24.08 -0.76
N GLN A 171 9.87 25.23 -1.35
CA GLN A 171 10.83 25.43 -2.39
C GLN A 171 11.86 26.47 -2.02
N ALA A 172 13.08 26.05 -1.98
CA ALA A 172 14.17 26.91 -1.62
C ALA A 172 14.98 27.24 -2.83
N SER A 173 15.05 28.50 -3.17
CA SER A 173 15.87 28.94 -4.25
C SER A 173 17.30 29.13 -3.75
N VAL A 174 18.20 28.45 -4.38
CA VAL A 174 19.60 28.51 -4.03
C VAL A 174 20.36 28.97 -5.26
N ASP A 175 21.46 29.62 -5.09
CA ASP A 175 22.16 30.11 -6.25
C ASP A 175 23.16 29.08 -6.74
N SER A 176 23.21 28.91 -8.03
CA SER A 176 24.04 27.93 -8.69
C SER A 176 24.28 28.43 -10.13
N PRO A 177 24.98 27.68 -11.03
CA PRO A 177 25.09 28.07 -12.44
C PRO A 177 23.76 27.86 -13.20
N ARG A 178 22.96 26.89 -12.74
CA ARG A 178 21.69 26.55 -13.38
C ARG A 178 20.68 27.69 -13.29
N PRO A 179 19.96 27.98 -14.39
CA PRO A 179 19.04 29.14 -14.51
C PRO A 179 17.95 29.22 -13.43
N ALA A 180 17.53 30.44 -13.14
CA ALA A 180 16.53 30.71 -12.14
C ALA A 180 15.18 30.20 -12.57
N GLY A 181 14.75 29.16 -11.96
CA GLY A 181 13.50 28.57 -12.30
C GLY A 181 13.66 27.10 -12.54
N GLU A 182 14.91 26.68 -12.63
CA GLU A 182 15.23 25.29 -12.79
C GLU A 182 15.20 24.61 -11.44
N VAL A 183 14.42 23.58 -11.33
CA VAL A 183 14.39 22.80 -10.14
C VAL A 183 15.47 21.75 -10.26
N THR A 184 16.53 21.94 -9.52
CA THR A 184 17.71 21.11 -9.66
C THR A 184 17.58 19.80 -8.87
N GLY A 185 16.54 19.71 -8.07
CA GLY A 185 16.29 18.52 -7.33
C GLY A 185 15.64 18.81 -6.01
N THR A 186 15.81 17.93 -5.09
CA THR A 186 15.25 18.08 -3.78
C THR A 186 16.36 18.01 -2.75
N ASN A 187 16.10 18.53 -1.57
CA ASN A 187 17.04 18.42 -0.48
C ASN A 187 17.05 16.97 0.06
N PRO A 188 15.88 16.36 0.44
CA PRO A 188 15.84 14.94 0.77
C PRO A 188 16.25 14.14 -0.47
N PRO A 189 17.22 13.22 -0.34
CA PRO A 189 17.71 12.44 -1.47
C PRO A 189 16.65 11.53 -2.05
N ALA A 190 16.64 11.41 -3.34
CA ALA A 190 15.75 10.50 -4.00
C ALA A 190 16.17 9.11 -3.66
N GLY A 191 15.21 8.29 -3.43
CA GLY A 191 15.50 6.97 -3.00
C GLY A 191 15.20 6.81 -1.55
N THR A 192 14.83 7.90 -0.91
CA THR A 192 14.45 7.86 0.46
C THR A 192 12.95 7.57 0.59
N THR A 193 12.59 6.70 1.49
CA THR A 193 11.22 6.49 1.78
C THR A 193 10.84 7.47 2.90
N VAL A 194 9.86 8.30 2.64
CA VAL A 194 9.44 9.30 3.60
C VAL A 194 7.95 9.19 3.86
N PRO A 195 7.50 9.64 5.04
CA PRO A 195 6.08 9.73 5.33
C PRO A 195 5.42 10.81 4.49
N VAL A 196 4.14 10.66 4.19
CA VAL A 196 3.42 11.67 3.42
C VAL A 196 3.30 12.96 4.24
N ASP A 197 3.44 12.81 5.53
CA ASP A 197 3.34 13.90 6.48
C ASP A 197 4.62 14.78 6.50
N SER A 198 5.68 14.31 5.87
CA SER A 198 6.91 15.06 5.81
C SER A 198 6.81 16.18 4.76
N VAL A 199 7.59 17.22 4.95
CA VAL A 199 7.62 18.33 4.03
C VAL A 199 8.80 18.15 3.09
N ILE A 200 8.50 17.99 1.83
CA ILE A 200 9.53 17.80 0.85
C ILE A 200 10.05 19.17 0.42
N GLU A 201 11.34 19.34 0.49
CA GLU A 201 11.94 20.57 0.14
C GLU A 201 12.57 20.46 -1.23
N LEU A 202 12.03 21.23 -2.13
CA LEU A 202 12.46 21.34 -3.50
C LEU A 202 13.53 22.40 -3.55
N GLN A 203 14.60 22.15 -4.22
CA GLN A 203 15.63 23.13 -4.32
C GLN A 203 15.73 23.64 -5.74
N VAL A 204 15.43 24.89 -5.90
CA VAL A 204 15.39 25.54 -7.17
C VAL A 204 16.66 26.33 -7.35
N SER A 205 17.21 26.32 -8.51
CA SER A 205 18.40 27.03 -8.78
C SER A 205 18.12 28.43 -9.33
N LYS A 206 19.00 29.31 -8.98
CA LYS A 206 19.07 30.64 -9.52
C LYS A 206 20.41 30.73 -10.18
N GLY A 207 20.45 31.23 -11.40
CA GLY A 207 21.63 31.15 -12.22
C GLY A 207 22.65 32.21 -11.94
N ASN A 208 22.19 33.34 -11.39
CA ASN A 208 23.02 34.53 -11.16
C ASN A 208 23.38 35.11 -12.51
N GLN A 209 22.48 34.93 -13.43
CA GLN A 209 22.68 35.33 -14.78
C GLN A 209 21.39 36.03 -15.21
N PHE A 210 21.51 37.06 -15.98
CA PHE A 210 20.35 37.74 -16.50
C PHE A 210 20.60 38.22 -17.90
N VAL A 211 19.58 38.24 -18.71
CA VAL A 211 19.71 38.66 -20.09
C VAL A 211 20.02 40.16 -20.16
N MET A 212 21.16 40.48 -20.72
CA MET A 212 21.64 41.84 -20.82
C MET A 212 21.02 42.55 -22.03
N PRO A 213 20.52 43.78 -21.83
CA PRO A 213 20.04 44.63 -22.93
C PRO A 213 21.23 45.21 -23.71
N ASP A 214 20.96 45.83 -24.84
CA ASP A 214 22.01 46.42 -25.66
C ASP A 214 22.65 47.60 -24.95
N LEU A 215 23.95 47.73 -25.11
CA LEU A 215 24.70 48.82 -24.49
C LEU A 215 25.40 49.63 -25.57
N SER A 216 24.93 49.46 -26.79
CA SER A 216 25.47 50.16 -27.92
C SER A 216 25.28 51.68 -27.76
N GLY A 217 26.34 52.44 -27.95
CA GLY A 217 26.22 53.86 -27.87
C GLY A 217 26.42 54.36 -26.46
N MET A 218 27.44 53.87 -25.83
CA MET A 218 27.80 54.32 -24.50
C MET A 218 29.18 54.93 -24.57
N PHE A 219 29.50 55.76 -23.63
CA PHE A 219 30.74 56.48 -23.57
C PHE A 219 31.29 56.31 -22.18
N TRP A 220 32.56 56.60 -21.99
CA TRP A 220 33.17 56.53 -20.66
C TRP A 220 32.55 57.60 -19.78
N VAL A 221 32.24 58.73 -20.37
CA VAL A 221 31.67 59.86 -19.62
C VAL A 221 30.20 59.59 -19.32
N ASP A 222 29.69 58.54 -19.93
CA ASP A 222 28.33 58.10 -19.75
C ASP A 222 28.30 56.92 -18.79
N ALA A 223 29.31 56.08 -18.91
CA ALA A 223 29.47 54.87 -18.09
C ALA A 223 29.60 55.19 -16.61
N GLU A 224 30.24 56.31 -16.32
CA GLU A 224 30.38 56.75 -14.95
C GLU A 224 29.00 57.00 -14.26
N PRO A 225 28.12 57.90 -14.77
CA PRO A 225 26.74 58.03 -14.25
C PRO A 225 25.95 56.73 -14.42
N ARG A 226 26.21 56.01 -15.53
CA ARG A 226 25.50 54.77 -15.86
C ARG A 226 25.71 53.72 -14.76
N LEU A 227 26.93 53.66 -14.24
CA LEU A 227 27.31 52.75 -13.18
C LEU A 227 26.43 52.97 -11.98
N ARG A 228 26.27 54.22 -11.62
CA ARG A 228 25.47 54.62 -10.47
C ARG A 228 23.99 54.30 -10.71
N ALA A 229 23.51 54.68 -11.89
CA ALA A 229 22.12 54.52 -12.30
C ALA A 229 21.69 53.04 -12.38
N LEU A 230 22.56 52.20 -12.85
CA LEU A 230 22.24 50.80 -12.99
C LEU A 230 22.60 50.03 -11.73
N GLY A 231 23.30 50.68 -10.81
CA GLY A 231 23.77 50.01 -9.62
C GLY A 231 24.76 48.94 -9.99
N TRP A 232 25.62 49.29 -10.91
CA TRP A 232 26.54 48.37 -11.52
C TRP A 232 27.67 47.99 -10.54
N THR A 233 27.85 46.70 -10.35
CA THR A 233 28.87 46.17 -9.46
C THR A 233 30.09 45.72 -10.28
N GLY A 234 29.94 45.74 -11.58
CA GLY A 234 30.95 45.30 -12.49
C GLY A 234 32.15 46.20 -12.53
N MET A 235 33.15 45.70 -13.19
CA MET A 235 34.43 46.36 -13.32
C MET A 235 34.58 46.93 -14.72
N LEU A 236 35.05 48.15 -14.80
CA LEU A 236 35.33 48.80 -16.06
C LEU A 236 36.75 48.46 -16.47
N ASP A 237 36.94 48.04 -17.69
CA ASP A 237 38.26 47.62 -18.16
C ASP A 237 38.98 48.76 -18.84
N LYS A 238 39.93 49.33 -18.15
CA LYS A 238 40.76 50.32 -18.73
C LYS A 238 42.18 49.80 -18.84
N GLY A 239 42.67 49.59 -20.03
CA GLY A 239 44.03 49.14 -20.19
C GLY A 239 44.84 50.00 -21.13
N ALA A 240 44.21 50.39 -22.21
CA ALA A 240 44.86 51.18 -23.24
C ALA A 240 43.91 52.24 -23.76
N ASP A 241 44.47 53.28 -24.33
CA ASP A 241 43.67 54.35 -24.95
C ASP A 241 43.88 54.26 -26.45
N VAL A 242 42.81 54.14 -27.21
CA VAL A 242 42.96 53.98 -28.65
C VAL A 242 42.51 55.25 -29.37
N ASP A 243 43.42 55.91 -30.05
CA ASP A 243 43.04 57.11 -30.76
C ASP A 243 42.86 56.81 -32.23
N ALA A 244 41.66 57.01 -32.70
CA ALA A 244 41.34 56.78 -34.08
C ALA A 244 40.56 57.94 -34.67
N GLY A 245 39.83 58.62 -33.82
CA GLY A 245 39.01 59.71 -34.26
C GLY A 245 37.70 59.72 -33.51
N GLY A 246 36.76 60.54 -33.97
CA GLY A 246 35.47 60.71 -33.30
C GLY A 246 34.70 59.43 -33.12
N SER A 247 34.81 58.53 -34.08
CA SER A 247 34.14 57.25 -34.03
C SER A 247 34.53 56.43 -32.79
N GLN A 248 35.76 56.58 -32.36
CA GLN A 248 36.28 55.84 -31.22
C GLN A 248 36.44 56.74 -30.01
N HIS A 249 36.14 58.01 -30.19
CA HIS A 249 36.33 59.02 -29.16
C HIS A 249 35.41 58.80 -27.97
N ASN A 250 35.97 58.19 -26.91
CA ASN A 250 35.31 57.97 -25.59
C ASN A 250 34.13 56.97 -25.68
N ARG A 251 33.84 56.54 -26.87
CA ARG A 251 32.71 55.69 -27.18
C ARG A 251 33.10 54.21 -27.14
N VAL A 252 32.12 53.37 -26.85
CA VAL A 252 32.26 51.93 -26.77
C VAL A 252 32.78 51.37 -28.12
N VAL A 253 33.68 50.43 -28.05
CA VAL A 253 34.21 49.83 -29.26
C VAL A 253 33.40 48.60 -29.57
N TYR A 254 33.36 47.72 -28.61
CA TYR A 254 32.65 46.49 -28.76
C TYR A 254 32.20 46.06 -27.38
N GLN A 255 31.16 45.30 -27.34
CA GLN A 255 30.71 44.70 -26.11
C GLN A 255 31.00 43.20 -26.23
N ASN A 256 31.79 42.68 -25.29
CA ASN A 256 32.17 41.24 -25.29
C ASN A 256 30.92 40.31 -25.38
N PRO A 257 29.95 40.38 -24.45
CA PRO A 257 28.74 39.60 -24.58
C PRO A 257 27.72 40.36 -25.44
N PRO A 258 27.11 39.71 -26.43
CA PRO A 258 26.11 40.34 -27.28
C PRO A 258 24.81 40.58 -26.51
N ALA A 259 24.04 41.54 -26.97
CA ALA A 259 22.78 41.87 -26.36
C ALA A 259 21.84 40.69 -26.50
N GLY A 260 21.27 40.29 -25.41
CA GLY A 260 20.39 39.15 -25.43
C GLY A 260 21.01 37.91 -24.81
N THR A 261 22.27 37.99 -24.40
CA THR A 261 22.86 36.86 -23.72
C THR A 261 22.77 37.09 -22.21
N GLY A 262 23.21 36.13 -21.45
CA GLY A 262 23.12 36.19 -20.04
C GLY A 262 24.41 36.65 -19.41
N VAL A 263 24.32 37.73 -18.71
CA VAL A 263 25.44 38.31 -18.00
C VAL A 263 25.28 38.04 -16.53
N ASN A 264 26.39 37.82 -15.87
CA ASN A 264 26.45 37.51 -14.45
C ASN A 264 25.80 38.61 -13.59
N ARG A 265 25.42 38.29 -12.33
CA ARG A 265 24.76 39.27 -11.45
C ARG A 265 25.66 40.46 -11.16
N ASP A 266 26.97 40.21 -11.24
CA ASP A 266 27.98 41.26 -11.11
C ASP A 266 27.76 42.28 -12.21
N GLY A 267 27.42 41.78 -13.39
CA GLY A 267 27.13 42.65 -14.49
C GLY A 267 28.35 43.02 -15.25
N ILE A 268 29.41 42.24 -15.14
CA ILE A 268 30.66 42.62 -15.74
C ILE A 268 30.55 42.55 -17.28
N ILE A 269 30.75 43.68 -17.86
CA ILE A 269 30.70 43.89 -19.27
C ILE A 269 32.07 44.33 -19.72
N THR A 270 32.63 43.65 -20.66
CA THR A 270 33.90 44.06 -21.14
C THR A 270 33.70 44.87 -22.40
N LEU A 271 34.07 46.11 -22.31
CA LEU A 271 34.00 47.06 -23.36
C LEU A 271 35.24 47.87 -23.30
N ARG A 272 35.60 48.42 -24.39
CA ARG A 272 36.71 49.30 -24.44
C ARG A 272 36.21 50.53 -25.11
N PHE A 273 36.86 51.61 -24.87
CA PHE A 273 36.55 52.84 -25.52
C PHE A 273 37.83 53.38 -26.04
N GLY A 274 37.77 54.24 -27.00
CA GLY A 274 38.97 54.75 -27.58
C GLY A 274 39.56 55.90 -26.79
N GLN A 275 39.63 57.04 -27.40
CA GLN A 275 40.28 58.16 -26.80
C GLN A 275 39.65 59.42 -27.33
N GLY A 4 -39.82 -78.18 25.10
CA GLY A 4 -40.91 -77.29 25.52
C GLY A 4 -40.94 -76.09 24.63
N ILE A 5 -41.38 -74.97 25.15
CA ILE A 5 -41.39 -73.75 24.39
C ILE A 5 -39.96 -73.23 24.28
N THR A 6 -39.62 -72.69 23.14
CA THR A 6 -38.33 -72.16 22.94
C THR A 6 -38.22 -70.84 23.70
N ARG A 7 -37.13 -70.69 24.38
CA ARG A 7 -36.86 -69.51 25.16
C ARG A 7 -36.10 -68.52 24.30
N ASP A 8 -35.23 -69.06 23.49
CA ASP A 8 -34.37 -68.26 22.64
C ASP A 8 -35.07 -68.00 21.33
N VAL A 9 -35.32 -66.77 21.06
CA VAL A 9 -35.93 -66.36 19.81
C VAL A 9 -34.98 -65.42 19.13
N GLN A 10 -35.02 -65.31 17.83
CA GLN A 10 -34.12 -64.40 17.21
C GLN A 10 -34.85 -63.11 17.04
N VAL A 11 -34.19 -62.05 17.34
CA VAL A 11 -34.82 -60.79 17.35
C VAL A 11 -34.57 -60.07 16.04
N PRO A 12 -35.64 -59.66 15.34
CA PRO A 12 -35.52 -58.94 14.08
C PRO A 12 -34.83 -57.61 14.31
N ASP A 13 -33.79 -57.39 13.58
CA ASP A 13 -33.02 -56.21 13.75
C ASP A 13 -33.56 -55.05 12.96
N VAL A 14 -33.56 -53.92 13.59
CA VAL A 14 -34.11 -52.71 13.08
C VAL A 14 -33.02 -51.69 12.69
N ARG A 15 -31.76 -52.10 12.77
CA ARG A 15 -30.61 -51.26 12.39
C ARG A 15 -30.64 -50.87 10.94
N GLY A 16 -30.14 -49.70 10.67
CA GLY A 16 -30.19 -49.11 9.36
C GLY A 16 -31.21 -48.02 9.29
N GLN A 17 -32.01 -47.92 10.33
CA GLN A 17 -33.03 -46.91 10.43
C GLN A 17 -32.55 -45.83 11.39
N SER A 18 -33.45 -45.18 12.05
CA SER A 18 -33.10 -44.13 12.94
C SER A 18 -33.06 -44.68 14.35
N SER A 19 -32.30 -44.05 15.23
CA SER A 19 -32.20 -44.49 16.61
C SER A 19 -33.56 -44.39 17.27
N ALA A 20 -34.34 -43.41 16.87
CA ALA A 20 -35.68 -43.23 17.41
C ALA A 20 -36.58 -44.39 17.03
N ASP A 21 -36.55 -44.77 15.77
CA ASP A 21 -37.39 -45.88 15.30
C ASP A 21 -36.92 -47.19 15.90
N ALA A 22 -35.62 -47.38 15.87
CA ALA A 22 -34.97 -48.56 16.35
C ALA A 22 -35.26 -48.78 17.84
N ILE A 23 -35.09 -47.75 18.65
CA ILE A 23 -35.37 -47.83 20.07
C ILE A 23 -36.87 -47.96 20.33
N ALA A 24 -37.68 -47.23 19.56
CA ALA A 24 -39.14 -47.25 19.72
C ALA A 24 -39.70 -48.66 19.55
N THR A 25 -39.21 -49.33 18.53
CA THR A 25 -39.62 -50.68 18.22
C THR A 25 -39.21 -51.63 19.36
N LEU A 26 -37.96 -51.53 19.80
CA LEU A 26 -37.45 -52.40 20.86
C LEU A 26 -38.18 -52.15 22.18
N GLN A 27 -38.48 -50.89 22.44
CA GLN A 27 -39.21 -50.49 23.64
C GLN A 27 -40.60 -51.11 23.67
N ASN A 28 -41.27 -51.09 22.53
CA ASN A 28 -42.60 -51.70 22.39
C ASN A 28 -42.53 -53.20 22.59
N ARG A 29 -41.41 -53.79 22.21
CA ARG A 29 -41.22 -55.21 22.35
C ARG A 29 -40.82 -55.58 23.76
N GLY A 30 -40.46 -54.59 24.54
CA GLY A 30 -40.12 -54.83 25.92
C GLY A 30 -38.65 -55.03 26.12
N PHE A 31 -37.87 -54.66 25.14
CA PHE A 31 -36.43 -54.76 25.27
C PHE A 31 -35.88 -53.60 26.04
N LYS A 32 -34.73 -53.80 26.61
CA LYS A 32 -34.05 -52.79 27.35
C LYS A 32 -33.00 -52.23 26.46
N ILE A 33 -32.91 -50.94 26.40
CA ILE A 33 -31.99 -50.33 25.49
C ILE A 33 -31.10 -49.36 26.20
N ARG A 34 -29.97 -49.15 25.61
CA ARG A 34 -29.10 -48.13 26.00
C ARG A 34 -28.60 -47.45 24.77
N THR A 35 -28.48 -46.19 24.87
CA THR A 35 -28.02 -45.37 23.81
C THR A 35 -26.88 -44.56 24.43
N LEU A 36 -25.79 -44.43 23.77
CA LEU A 36 -24.70 -43.66 24.34
C LEU A 36 -24.36 -42.52 23.41
N GLN A 37 -24.39 -41.29 23.94
CA GLN A 37 -24.14 -40.11 23.10
C GLN A 37 -22.66 -39.78 23.15
N LYS A 38 -22.01 -39.76 22.01
CA LYS A 38 -20.61 -39.37 21.95
C LYS A 38 -20.38 -38.45 20.77
N PRO A 39 -19.71 -37.32 20.98
CA PRO A 39 -19.34 -36.46 19.88
C PRO A 39 -18.10 -37.01 19.19
N ASP A 40 -18.21 -37.16 17.86
CA ASP A 40 -17.19 -37.71 16.95
C ASP A 40 -18.00 -38.25 15.77
N SER A 41 -17.42 -39.06 14.95
CA SER A 41 -18.13 -39.68 13.85
C SER A 41 -17.63 -41.14 13.65
N THR A 42 -16.73 -41.62 14.53
CA THR A 42 -16.20 -42.97 14.44
C THR A 42 -17.22 -43.97 15.01
N ILE A 43 -18.14 -43.45 15.78
CA ILE A 43 -19.19 -44.23 16.33
C ILE A 43 -20.41 -43.99 15.46
N PRO A 44 -21.31 -44.99 15.36
CA PRO A 44 -22.50 -44.91 14.51
C PRO A 44 -23.32 -43.62 14.70
N PRO A 45 -23.71 -42.98 13.58
CA PRO A 45 -24.59 -41.80 13.59
C PRO A 45 -25.95 -42.15 14.19
N ASP A 46 -26.76 -41.14 14.57
CA ASP A 46 -28.14 -41.40 15.15
C ASP A 46 -29.00 -42.22 14.18
N HIS A 47 -28.49 -42.38 13.00
CA HIS A 47 -29.06 -43.28 12.04
C HIS A 47 -28.29 -44.52 12.28
N VAL A 48 -28.89 -45.42 12.97
CA VAL A 48 -28.19 -46.54 13.52
C VAL A 48 -27.59 -47.43 12.44
N ILE A 49 -26.29 -47.54 12.46
CA ILE A 49 -25.57 -48.31 11.46
C ILE A 49 -25.12 -49.64 12.03
N GLY A 50 -24.68 -49.64 13.27
CA GLY A 50 -24.14 -50.84 13.84
C GLY A 50 -24.43 -50.96 15.29
N THR A 51 -24.39 -52.17 15.75
CA THR A 51 -24.70 -52.58 17.10
C THR A 51 -24.02 -53.89 17.41
N ASP A 52 -24.29 -54.42 18.57
CA ASP A 52 -23.78 -55.70 18.96
C ASP A 52 -24.85 -56.69 18.66
N PRO A 53 -24.48 -57.86 18.06
CA PRO A 53 -25.42 -58.89 17.55
C PRO A 53 -26.31 -59.56 18.61
N ALA A 54 -26.52 -58.90 19.72
CA ALA A 54 -27.38 -59.36 20.80
C ALA A 54 -28.77 -59.71 20.28
N ALA A 55 -29.28 -58.87 19.40
CA ALA A 55 -30.60 -59.08 18.82
C ALA A 55 -30.54 -60.11 17.71
N ASN A 56 -29.41 -60.16 17.04
CA ASN A 56 -29.23 -61.02 15.89
C ASN A 56 -28.94 -62.45 16.35
N THR A 57 -28.75 -62.60 17.63
CA THR A 57 -28.55 -63.86 18.25
C THR A 57 -29.89 -64.29 18.83
N SER A 58 -30.15 -65.57 18.88
CA SER A 58 -31.37 -66.02 19.46
C SER A 58 -31.24 -65.88 20.99
N VAL A 59 -32.00 -64.97 21.55
CA VAL A 59 -31.97 -64.67 22.97
C VAL A 59 -33.37 -64.66 23.53
N SER A 60 -33.48 -64.61 24.83
CA SER A 60 -34.75 -64.46 25.48
C SER A 60 -35.28 -63.06 25.18
N ALA A 61 -36.54 -62.98 24.78
CA ALA A 61 -37.18 -61.72 24.46
C ALA A 61 -37.16 -60.78 25.66
N GLY A 62 -36.38 -59.74 25.54
CA GLY A 62 -36.27 -58.78 26.59
C GLY A 62 -34.90 -58.84 27.20
N ASP A 63 -33.93 -58.32 26.49
CA ASP A 63 -32.55 -58.31 26.93
C ASP A 63 -32.07 -56.86 26.76
N GLU A 64 -30.81 -56.58 27.00
CA GLU A 64 -30.29 -55.22 26.91
C GLU A 64 -29.52 -55.04 25.62
N ILE A 65 -29.92 -54.06 24.86
CA ILE A 65 -29.30 -53.75 23.60
C ILE A 65 -28.62 -52.38 23.70
N THR A 66 -27.33 -52.35 23.49
CA THR A 66 -26.56 -51.12 23.58
C THR A 66 -26.26 -50.52 22.19
N VAL A 67 -26.51 -49.23 22.05
CA VAL A 67 -26.20 -48.53 20.82
C VAL A 67 -25.34 -47.30 21.11
N ASN A 68 -24.32 -47.11 20.31
CA ASN A 68 -23.48 -45.93 20.40
C ASN A 68 -23.89 -45.00 19.29
N VAL A 69 -24.15 -43.77 19.64
CA VAL A 69 -24.64 -42.77 18.70
C VAL A 69 -23.74 -41.54 18.70
N SER A 70 -23.42 -41.04 17.53
CA SER A 70 -22.61 -39.86 17.45
C SER A 70 -23.50 -38.63 17.58
N THR A 71 -23.23 -37.84 18.57
CA THR A 71 -23.97 -36.63 18.78
C THR A 71 -23.02 -35.46 18.69
N GLY A 72 -23.11 -34.73 17.61
CA GLY A 72 -22.24 -33.61 17.41
C GLY A 72 -21.00 -34.01 16.63
N PRO A 73 -20.78 -33.43 15.45
CA PRO A 73 -19.57 -33.65 14.69
C PRO A 73 -18.43 -32.83 15.26
N GLU A 74 -17.23 -33.22 14.99
CA GLU A 74 -16.09 -32.57 15.58
C GLU A 74 -15.86 -31.18 14.99
N GLN A 75 -15.03 -30.44 15.67
CA GLN A 75 -14.69 -29.10 15.29
C GLN A 75 -13.52 -29.17 14.34
N ARG A 76 -13.32 -28.15 13.55
CA ARG A 76 -12.31 -28.23 12.53
C ARG A 76 -11.29 -27.16 12.69
N GLU A 77 -10.10 -27.53 12.39
CA GLU A 77 -8.96 -26.63 12.46
C GLU A 77 -8.92 -25.82 11.19
N ILE A 78 -8.71 -24.54 11.32
CA ILE A 78 -8.65 -23.68 10.17
C ILE A 78 -7.23 -23.74 9.56
N PRO A 79 -7.11 -24.04 8.27
CA PRO A 79 -5.82 -23.98 7.57
C PRO A 79 -5.37 -22.52 7.38
N ASP A 80 -4.09 -22.30 7.26
CA ASP A 80 -3.58 -20.95 7.03
C ASP A 80 -3.87 -20.55 5.60
N VAL A 81 -3.88 -19.28 5.34
CA VAL A 81 -4.17 -18.79 4.03
C VAL A 81 -3.30 -17.59 3.72
N SER A 82 -2.94 -17.45 2.46
CA SER A 82 -2.19 -16.32 2.01
C SER A 82 -3.13 -15.09 2.00
N THR A 83 -2.61 -13.97 2.47
CA THR A 83 -3.40 -12.78 2.71
C THR A 83 -4.02 -12.20 1.44
N LEU A 84 -3.38 -12.35 0.31
CA LEU A 84 -3.96 -11.83 -0.91
C LEU A 84 -5.01 -12.78 -1.49
N THR A 85 -5.06 -13.98 -0.96
CA THR A 85 -5.95 -14.98 -1.47
C THR A 85 -7.17 -15.21 -0.53
N TYR A 86 -7.96 -14.16 -0.38
CA TYR A 86 -9.21 -14.16 0.38
C TYR A 86 -10.19 -15.24 -0.11
N ALA A 87 -10.21 -15.45 -1.43
CA ALA A 87 -11.06 -16.47 -2.05
C ALA A 87 -10.75 -17.85 -1.47
N GLU A 88 -9.48 -18.12 -1.27
CA GLU A 88 -9.05 -19.39 -0.72
C GLU A 88 -9.46 -19.48 0.75
N ALA A 89 -9.41 -18.35 1.43
CA ALA A 89 -9.78 -18.26 2.83
C ALA A 89 -11.24 -18.67 3.05
N VAL A 90 -12.15 -18.08 2.28
CA VAL A 90 -13.56 -18.35 2.44
C VAL A 90 -13.92 -19.81 2.08
N LYS A 91 -13.29 -20.34 1.03
CA LYS A 91 -13.53 -21.73 0.65
C LYS A 91 -13.00 -22.70 1.70
N LYS A 92 -11.86 -22.34 2.33
CA LYS A 92 -11.27 -23.15 3.39
C LYS A 92 -12.22 -23.27 4.54
N LEU A 93 -12.88 -22.17 4.85
CA LEU A 93 -13.84 -22.13 5.92
C LEU A 93 -15.00 -23.06 5.62
N THR A 94 -15.48 -23.04 4.39
CA THR A 94 -16.55 -23.89 3.94
C THR A 94 -16.15 -25.37 3.97
N ALA A 95 -14.94 -25.66 3.51
CA ALA A 95 -14.41 -27.02 3.50
C ALA A 95 -14.27 -27.56 4.93
N ALA A 96 -14.05 -26.65 5.85
CA ALA A 96 -13.91 -26.97 7.25
C ALA A 96 -15.29 -27.06 7.96
N GLY A 97 -16.36 -26.94 7.20
CA GLY A 97 -17.67 -27.16 7.77
C GLY A 97 -18.44 -25.89 7.99
N PHE A 98 -17.94 -25.09 8.92
CA PHE A 98 -18.53 -23.80 9.24
C PHE A 98 -18.86 -22.93 8.02
N GLY A 99 -17.86 -22.51 7.28
CA GLY A 99 -18.08 -21.61 6.14
C GLY A 99 -18.75 -20.30 6.55
N ARG A 100 -18.56 -19.93 7.80
CA ARG A 100 -19.16 -18.75 8.34
C ARG A 100 -18.12 -17.64 8.33
N PHE A 101 -18.30 -16.64 7.51
CA PHE A 101 -17.31 -15.62 7.34
C PHE A 101 -17.92 -14.24 7.21
N LYS A 102 -17.14 -13.26 7.60
CA LYS A 102 -17.48 -11.85 7.51
C LYS A 102 -16.25 -11.07 7.05
N GLN A 103 -16.47 -10.01 6.33
CA GLN A 103 -15.41 -9.21 5.75
C GLN A 103 -15.48 -7.76 6.27
N ALA A 104 -14.39 -7.30 6.83
CA ALA A 104 -14.27 -5.94 7.33
C ALA A 104 -13.03 -5.31 6.75
N ASN A 105 -12.93 -4.01 6.80
CA ASN A 105 -11.77 -3.30 6.27
C ASN A 105 -11.22 -2.35 7.31
N SER A 106 -9.95 -2.17 7.31
CA SER A 106 -9.29 -1.29 8.23
C SER A 106 -8.15 -0.63 7.50
N PRO A 107 -7.78 0.61 7.84
CA PRO A 107 -6.65 1.28 7.22
C PRO A 107 -5.36 0.54 7.57
N SER A 108 -4.54 0.33 6.58
CA SER A 108 -3.31 -0.38 6.75
C SER A 108 -2.29 0.09 5.74
N THR A 109 -1.07 -0.37 5.90
CA THR A 109 0.03 -0.09 5.01
C THR A 109 -0.33 -0.44 3.55
N PRO A 110 0.12 0.40 2.58
CA PRO A 110 -0.19 0.29 1.15
C PRO A 110 0.11 -1.09 0.57
N GLU A 111 1.10 -1.74 1.13
CA GLU A 111 1.51 -3.04 0.66
C GLU A 111 0.50 -4.13 1.06
N LEU A 112 -0.20 -3.92 2.17
CA LEU A 112 -1.21 -4.88 2.62
C LEU A 112 -2.61 -4.45 2.21
N VAL A 113 -2.72 -3.31 1.54
CA VAL A 113 -4.00 -2.87 1.02
C VAL A 113 -4.53 -3.89 0.01
N GLY A 114 -5.74 -4.33 0.23
CA GLY A 114 -6.36 -5.31 -0.63
C GLY A 114 -6.03 -6.72 -0.19
N LYS A 115 -5.25 -6.83 0.87
CA LYS A 115 -4.87 -8.11 1.41
C LYS A 115 -5.55 -8.31 2.72
N VAL A 116 -5.66 -9.53 3.12
CA VAL A 116 -6.22 -9.89 4.38
C VAL A 116 -5.20 -9.57 5.48
N ILE A 117 -5.66 -9.04 6.57
CA ILE A 117 -4.79 -8.71 7.69
C ILE A 117 -4.88 -9.86 8.68
N GLY A 118 -6.00 -10.53 8.67
CA GLY A 118 -6.18 -11.69 9.47
C GLY A 118 -7.62 -11.96 9.76
N THR A 119 -7.83 -12.85 10.67
CA THR A 119 -9.11 -13.25 11.13
C THR A 119 -9.13 -12.83 12.60
N ASN A 120 -10.26 -12.44 13.13
CA ASN A 120 -10.29 -12.13 14.56
C ASN A 120 -10.07 -13.38 15.43
N PRO A 121 -10.89 -14.47 15.28
CA PRO A 121 -10.62 -15.73 15.98
C PRO A 121 -9.37 -16.38 15.36
N PRO A 122 -8.63 -17.23 16.09
CA PRO A 122 -7.38 -17.83 15.58
C PRO A 122 -7.62 -18.69 14.34
N ALA A 123 -6.89 -18.39 13.29
CA ALA A 123 -7.06 -19.02 11.99
C ALA A 123 -6.31 -20.33 11.90
N ASN A 124 -5.60 -20.68 12.92
CA ASN A 124 -4.92 -21.97 12.93
C ASN A 124 -5.54 -22.93 13.93
N GLN A 125 -6.64 -22.53 14.55
CA GLN A 125 -7.22 -23.33 15.61
C GLN A 125 -8.53 -23.98 15.23
N THR A 126 -9.01 -24.80 16.13
CA THR A 126 -10.21 -25.56 15.96
C THR A 126 -11.45 -24.72 16.25
N SER A 127 -12.26 -24.53 15.27
CA SER A 127 -13.48 -23.80 15.39
C SER A 127 -14.63 -24.74 15.09
N ALA A 128 -15.74 -24.52 15.73
CA ALA A 128 -16.91 -25.33 15.52
C ALA A 128 -17.64 -24.87 14.27
N ILE A 129 -18.48 -25.72 13.73
CA ILE A 129 -19.22 -25.41 12.49
C ILE A 129 -20.17 -24.19 12.64
N THR A 130 -20.45 -23.83 13.85
CA THR A 130 -21.30 -22.70 14.11
C THR A 130 -20.47 -21.41 14.38
N ASN A 131 -19.16 -21.49 14.26
CA ASN A 131 -18.30 -20.32 14.54
C ASN A 131 -18.16 -19.44 13.33
N VAL A 132 -18.40 -18.16 13.50
CA VAL A 132 -18.26 -17.21 12.42
C VAL A 132 -17.00 -16.39 12.59
N VAL A 133 -16.16 -16.41 11.59
CA VAL A 133 -14.93 -15.70 11.65
C VAL A 133 -15.01 -14.39 10.86
N ILE A 134 -14.67 -13.32 11.52
CA ILE A 134 -14.63 -12.03 10.89
C ILE A 134 -13.22 -11.80 10.38
N ILE A 135 -13.13 -11.51 9.11
CA ILE A 135 -11.89 -11.30 8.43
C ILE A 135 -11.73 -9.84 8.07
N ILE A 136 -10.64 -9.31 8.46
CA ILE A 136 -10.30 -7.92 8.27
C ILE A 136 -9.27 -7.78 7.15
N VAL A 137 -9.57 -6.94 6.18
CA VAL A 137 -8.67 -6.66 5.07
C VAL A 137 -8.13 -5.23 5.18
N GLY A 138 -6.94 -5.01 4.67
CA GLY A 138 -6.33 -3.71 4.72
C GLY A 138 -6.78 -2.82 3.60
N SER A 139 -7.11 -1.59 3.90
CA SER A 139 -7.54 -0.65 2.90
C SER A 139 -7.00 0.75 3.22
N GLY A 140 -6.96 1.62 2.23
CA GLY A 140 -6.53 2.98 2.44
C GLY A 140 -5.03 3.13 2.46
N PRO A 141 -4.38 3.31 1.30
CA PRO A 141 -2.95 3.51 1.23
C PRO A 141 -2.60 4.98 1.42
N ALA A 142 -1.70 5.24 2.35
CA ALA A 142 -1.23 6.59 2.65
C ALA A 142 -0.09 6.97 1.70
N THR A 143 -0.28 6.70 0.44
CA THR A 143 0.69 6.95 -0.56
C THR A 143 0.11 7.85 -1.64
N LYS A 144 0.95 8.70 -2.20
CA LYS A 144 0.57 9.60 -3.26
C LYS A 144 1.69 9.76 -4.26
N ASP A 145 1.30 10.01 -5.48
CA ASP A 145 2.22 10.23 -6.57
C ASP A 145 2.63 11.69 -6.64
N ILE A 146 3.91 11.91 -6.67
CA ILE A 146 4.44 13.25 -6.75
C ILE A 146 4.41 13.74 -8.20
N PRO A 147 3.95 14.98 -8.42
CA PRO A 147 3.87 15.55 -9.76
C PRO A 147 5.20 16.15 -10.23
N ASP A 148 5.20 16.62 -11.45
CA ASP A 148 6.35 17.27 -12.03
C ASP A 148 6.34 18.72 -11.61
N VAL A 149 7.50 19.23 -11.36
CA VAL A 149 7.66 20.59 -10.94
C VAL A 149 8.85 21.16 -11.67
N ALA A 150 8.61 21.75 -12.81
CA ALA A 150 9.65 22.36 -13.58
C ALA A 150 9.10 23.51 -14.39
N GLY A 151 9.62 24.70 -14.18
CA GLY A 151 9.18 25.82 -14.96
C GLY A 151 8.24 26.68 -14.21
N GLN A 152 8.35 26.64 -12.89
CA GLN A 152 7.53 27.43 -12.06
C GLN A 152 8.38 28.12 -11.03
N THR A 153 7.81 29.04 -10.30
CA THR A 153 8.55 29.73 -9.27
C THR A 153 8.36 28.97 -7.97
N VAL A 154 9.25 29.20 -7.01
CA VAL A 154 9.27 28.49 -5.73
C VAL A 154 7.90 28.53 -5.03
N ASP A 155 7.26 29.68 -5.06
CA ASP A 155 5.95 29.86 -4.40
C ASP A 155 4.86 29.05 -5.06
N VAL A 156 4.85 29.06 -6.37
CA VAL A 156 3.82 28.37 -7.12
C VAL A 156 4.07 26.87 -7.09
N ALA A 157 5.32 26.49 -7.09
CA ALA A 157 5.72 25.10 -7.03
C ALA A 157 5.24 24.46 -5.74
N GLN A 158 5.52 25.11 -4.61
CA GLN A 158 5.08 24.60 -3.32
C GLN A 158 3.55 24.63 -3.21
N LYS A 159 2.94 25.66 -3.82
CA LYS A 159 1.48 25.83 -3.84
C LYS A 159 0.82 24.59 -4.42
N ASN A 160 1.33 24.13 -5.55
CA ASN A 160 0.79 22.95 -6.23
C ASN A 160 0.93 21.75 -5.35
N LEU A 161 2.11 21.59 -4.78
CA LEU A 161 2.39 20.47 -3.90
C LEU A 161 1.47 20.47 -2.68
N ASN A 162 1.20 21.67 -2.14
CA ASN A 162 0.29 21.82 -0.99
C ASN A 162 -1.09 21.33 -1.35
N VAL A 163 -1.53 21.67 -2.55
CA VAL A 163 -2.84 21.26 -3.05
C VAL A 163 -2.88 19.73 -3.26
N TYR A 164 -1.73 19.14 -3.57
CA TYR A 164 -1.65 17.71 -3.78
C TYR A 164 -1.50 16.94 -2.48
N GLY A 165 -1.52 17.66 -1.37
CA GLY A 165 -1.44 17.03 -0.07
C GLY A 165 -0.03 16.70 0.33
N PHE A 166 0.88 17.61 0.03
CA PHE A 166 2.26 17.48 0.41
C PHE A 166 2.65 18.70 1.18
N THR A 167 3.40 18.54 2.24
CA THR A 167 3.74 19.67 3.07
C THR A 167 5.24 19.72 3.37
N LYS A 168 5.94 18.64 3.07
CA LYS A 168 7.34 18.55 3.44
C LYS A 168 8.19 18.69 2.20
N PHE A 169 8.96 19.75 2.16
CA PHE A 169 9.75 20.09 1.00
C PHE A 169 11.17 20.37 1.41
N SER A 170 12.06 20.20 0.49
CA SER A 170 13.43 20.60 0.62
C SER A 170 13.86 21.14 -0.72
N GLN A 171 14.41 22.31 -0.75
CA GLN A 171 14.83 22.90 -1.97
C GLN A 171 16.33 23.11 -1.99
N ALA A 172 16.94 22.72 -3.05
CA ALA A 172 18.35 22.88 -3.26
C ALA A 172 18.58 23.86 -4.38
N SER A 173 19.59 24.67 -4.26
CA SER A 173 19.89 25.64 -5.29
C SER A 173 21.05 25.18 -6.16
N VAL A 174 20.84 25.17 -7.44
CA VAL A 174 21.85 24.81 -8.41
C VAL A 174 22.04 26.00 -9.34
N ASP A 175 23.05 25.99 -10.15
CA ASP A 175 23.25 27.12 -11.04
C ASP A 175 22.82 26.79 -12.43
N SER A 176 22.13 27.71 -13.05
CA SER A 176 21.67 27.56 -14.41
C SER A 176 21.53 28.96 -15.05
N PRO A 177 21.14 29.12 -16.34
CA PRO A 177 20.86 30.44 -16.92
C PRO A 177 19.43 30.89 -16.62
N ARG A 178 18.71 30.03 -15.91
CA ARG A 178 17.35 30.26 -15.48
C ARG A 178 17.41 31.22 -14.30
N PRO A 179 16.52 32.23 -14.20
CA PRO A 179 16.57 33.22 -13.11
C PRO A 179 16.38 32.57 -11.73
N ALA A 180 16.97 33.18 -10.72
CA ALA A 180 16.88 32.68 -9.36
C ALA A 180 15.45 32.65 -8.90
N GLY A 181 14.91 31.47 -8.79
CA GLY A 181 13.54 31.30 -8.42
C GLY A 181 12.86 30.32 -9.33
N GLU A 182 13.47 30.09 -10.47
CA GLU A 182 12.95 29.12 -11.41
C GLU A 182 13.26 27.73 -10.89
N VAL A 183 12.25 26.93 -10.75
CA VAL A 183 12.45 25.56 -10.37
C VAL A 183 12.81 24.80 -11.62
N THR A 184 14.01 24.27 -11.67
CA THR A 184 14.48 23.60 -12.85
C THR A 184 14.00 22.15 -12.87
N GLY A 185 13.64 21.64 -11.71
CA GLY A 185 13.14 20.31 -11.62
C GLY A 185 13.11 19.83 -10.20
N THR A 186 13.08 18.55 -10.02
CA THR A 186 13.08 17.95 -8.71
C THR A 186 14.11 16.85 -8.69
N ASN A 187 14.56 16.48 -7.51
CA ASN A 187 15.49 15.37 -7.36
C ASN A 187 14.75 14.03 -7.54
N PRO A 188 13.63 13.76 -6.80
CA PRO A 188 12.82 12.58 -7.05
C PRO A 188 12.07 12.71 -8.39
N PRO A 189 11.98 11.62 -9.18
CA PRO A 189 11.31 11.65 -10.48
C PRO A 189 9.79 11.85 -10.36
N ALA A 190 9.24 12.61 -11.27
CA ALA A 190 7.82 12.86 -11.31
C ALA A 190 7.07 11.58 -11.62
N GLY A 191 6.01 11.33 -10.90
CA GLY A 191 5.24 10.14 -11.12
C GLY A 191 5.49 9.09 -10.05
N THR A 192 6.56 9.28 -9.27
CA THR A 192 6.90 8.34 -8.21
C THR A 192 5.83 8.38 -7.10
N THR A 193 5.35 7.23 -6.73
CA THR A 193 4.40 7.14 -5.66
C THR A 193 5.16 6.92 -4.36
N VAL A 194 4.96 7.81 -3.42
CA VAL A 194 5.66 7.77 -2.15
C VAL A 194 4.66 7.94 -1.01
N PRO A 195 5.04 7.63 0.24
CA PRO A 195 4.17 7.87 1.40
C PRO A 195 3.90 9.37 1.55
N VAL A 196 2.77 9.72 2.10
CA VAL A 196 2.38 11.13 2.26
C VAL A 196 3.31 11.90 3.20
N ASP A 197 4.03 11.17 4.04
CA ASP A 197 4.99 11.70 4.99
C ASP A 197 6.34 11.97 4.33
N SER A 198 6.43 11.74 3.04
CA SER A 198 7.69 11.88 2.33
C SER A 198 7.97 13.35 2.00
N VAL A 199 9.24 13.65 1.76
CA VAL A 199 9.69 14.99 1.43
C VAL A 199 9.92 15.11 -0.07
N ILE A 200 9.45 16.19 -0.65
CA ILE A 200 9.68 16.46 -2.04
C ILE A 200 10.87 17.39 -2.14
N GLU A 201 11.85 17.02 -2.91
CA GLU A 201 13.02 17.83 -3.05
C GLU A 201 12.98 18.56 -4.38
N LEU A 202 12.92 19.86 -4.30
CA LEU A 202 12.85 20.74 -5.45
C LEU A 202 14.22 21.33 -5.70
N GLN A 203 14.65 21.34 -6.92
CA GLN A 203 15.90 21.93 -7.24
C GLN A 203 15.68 23.21 -8.02
N VAL A 204 16.05 24.29 -7.40
CA VAL A 204 15.83 25.61 -7.93
C VAL A 204 17.13 26.15 -8.50
N SER A 205 17.04 26.84 -9.58
CA SER A 205 18.19 27.38 -10.21
C SER A 205 18.45 28.82 -9.83
N LYS A 206 19.71 29.16 -9.79
CA LYS A 206 20.12 30.53 -9.64
C LYS A 206 20.41 31.01 -11.02
N GLY A 207 20.23 32.29 -11.26
CA GLY A 207 20.46 32.83 -12.58
C GLY A 207 21.90 32.90 -12.89
N ASN A 208 22.68 33.24 -11.84
CA ASN A 208 24.17 33.30 -11.88
C ASN A 208 24.64 34.46 -12.77
N GLN A 209 23.68 35.15 -13.30
CA GLN A 209 23.84 36.28 -14.14
C GLN A 209 22.74 37.24 -13.79
N PHE A 210 23.01 38.50 -13.84
CA PHE A 210 22.00 39.49 -13.52
C PHE A 210 21.82 40.45 -14.68
N VAL A 211 20.59 40.82 -14.94
CA VAL A 211 20.25 41.71 -16.04
C VAL A 211 20.95 43.08 -15.92
N MET A 212 21.68 43.43 -16.93
CA MET A 212 22.37 44.70 -16.97
C MET A 212 21.56 45.70 -17.78
N PRO A 213 21.42 46.95 -17.28
CA PRO A 213 20.73 48.03 -17.99
C PRO A 213 21.51 48.43 -19.25
N ASP A 214 20.91 49.24 -20.10
CA ASP A 214 21.55 49.65 -21.34
C ASP A 214 22.76 50.52 -21.09
N LEU A 215 23.90 50.00 -21.45
CA LEU A 215 25.18 50.69 -21.29
C LEU A 215 25.96 50.54 -22.58
N SER A 216 25.27 50.05 -23.59
CA SER A 216 25.86 49.75 -24.86
C SER A 216 26.04 51.03 -25.69
N GLY A 217 27.21 51.19 -26.28
CA GLY A 217 27.48 52.37 -27.08
C GLY A 217 27.76 53.58 -26.23
N MET A 218 28.39 53.35 -25.12
CA MET A 218 28.74 54.39 -24.18
C MET A 218 30.22 54.77 -24.36
N PHE A 219 30.53 56.04 -24.15
CA PHE A 219 31.88 56.51 -24.26
C PHE A 219 32.63 56.09 -23.03
N TRP A 220 33.91 55.83 -23.17
CA TRP A 220 34.73 55.37 -22.05
C TRP A 220 34.75 56.40 -20.89
N VAL A 221 34.47 57.66 -21.22
CA VAL A 221 34.48 58.74 -20.24
C VAL A 221 33.32 58.61 -19.27
N ASP A 222 32.27 57.93 -19.70
CA ASP A 222 31.13 57.67 -18.85
C ASP A 222 31.22 56.25 -18.33
N ALA A 223 31.78 55.38 -19.17
CA ALA A 223 31.87 53.96 -18.88
C ALA A 223 32.63 53.65 -17.61
N GLU A 224 33.85 54.17 -17.48
CA GLU A 224 34.67 53.88 -16.29
C GLU A 224 33.95 54.32 -14.99
N PRO A 225 33.48 55.61 -14.87
CA PRO A 225 32.74 56.06 -13.69
C PRO A 225 31.49 55.21 -13.42
N ARG A 226 30.77 54.86 -14.45
CA ARG A 226 29.56 54.07 -14.27
C ARG A 226 29.86 52.65 -13.80
N LEU A 227 30.98 52.08 -14.26
CA LEU A 227 31.35 50.72 -13.83
C LEU A 227 31.67 50.69 -12.34
N ARG A 228 32.47 51.65 -11.90
CA ARG A 228 32.80 51.77 -10.48
C ARG A 228 31.57 52.11 -9.65
N ALA A 229 30.66 52.90 -10.21
CA ALA A 229 29.43 53.29 -9.54
C ALA A 229 28.53 52.08 -9.32
N LEU A 230 28.58 51.13 -10.24
CA LEU A 230 27.82 49.89 -10.14
C LEU A 230 28.52 48.89 -9.23
N GLY A 231 29.71 49.24 -8.78
CA GLY A 231 30.46 48.38 -7.92
C GLY A 231 31.02 47.20 -8.67
N TRP A 232 31.32 47.41 -9.94
CA TRP A 232 31.92 46.37 -10.76
C TRP A 232 33.32 46.03 -10.24
N THR A 233 33.64 44.75 -10.23
CA THR A 233 34.96 44.29 -9.86
C THR A 233 35.26 42.99 -10.57
N GLY A 234 36.07 43.08 -11.59
CA GLY A 234 36.48 41.92 -12.34
C GLY A 234 37.71 42.23 -13.12
N MET A 235 37.76 41.78 -14.34
CA MET A 235 38.85 42.11 -15.22
C MET A 235 38.37 42.87 -16.41
N LEU A 236 39.05 43.93 -16.70
CA LEU A 236 38.77 44.78 -17.82
C LEU A 236 39.74 44.39 -18.90
N ASP A 237 39.26 43.92 -20.02
CA ASP A 237 40.20 43.57 -21.07
C ASP A 237 39.96 44.37 -22.32
N LYS A 238 40.76 45.38 -22.47
CA LYS A 238 40.83 46.16 -23.68
C LYS A 238 42.19 45.93 -24.31
N GLY A 239 42.20 45.70 -25.60
CA GLY A 239 43.44 45.40 -26.29
C GLY A 239 44.34 46.60 -26.45
N ALA A 240 44.37 47.13 -27.63
CA ALA A 240 45.23 48.26 -27.94
C ALA A 240 44.54 49.59 -27.71
N ASP A 241 45.24 50.50 -27.09
CA ASP A 241 44.74 51.84 -26.83
C ASP A 241 45.09 52.68 -28.01
N VAL A 242 44.13 53.32 -28.59
CA VAL A 242 44.34 54.07 -29.80
C VAL A 242 43.88 55.50 -29.61
N ASP A 243 44.81 56.42 -29.67
CA ASP A 243 44.48 57.83 -29.57
C ASP A 243 43.84 58.26 -30.85
N ALA A 244 42.59 58.60 -30.77
CA ALA A 244 41.88 59.09 -31.91
C ALA A 244 41.25 60.44 -31.60
N GLY A 245 40.93 60.64 -30.34
CA GLY A 245 40.26 61.84 -29.91
C GLY A 245 38.83 61.52 -29.56
N GLY A 246 38.28 62.25 -28.60
CA GLY A 246 36.92 62.01 -28.13
C GLY A 246 35.87 62.22 -29.21
N SER A 247 36.14 63.16 -30.09
CA SER A 247 35.26 63.48 -31.21
C SER A 247 35.19 62.30 -32.21
N GLN A 248 36.23 61.47 -32.21
CA GLN A 248 36.35 60.30 -33.09
C GLN A 248 35.68 59.08 -32.47
N HIS A 249 35.13 59.29 -31.28
CA HIS A 249 34.37 58.33 -30.48
C HIS A 249 35.17 57.17 -29.89
N ASN A 250 35.62 57.39 -28.69
CA ASN A 250 36.25 56.35 -27.90
C ASN A 250 35.17 55.65 -27.09
N ARG A 251 34.33 54.95 -27.80
CA ARG A 251 33.20 54.28 -27.20
C ARG A 251 33.45 52.81 -27.14
N VAL A 252 32.68 52.14 -26.30
CA VAL A 252 32.69 50.71 -26.24
C VAL A 252 32.06 50.23 -27.55
N VAL A 253 32.71 49.29 -28.23
CA VAL A 253 32.18 48.86 -29.52
C VAL A 253 31.58 47.49 -29.46
N TYR A 254 32.11 46.67 -28.59
CA TYR A 254 31.58 45.36 -28.36
C TYR A 254 31.75 45.07 -26.91
N GLN A 255 30.97 44.18 -26.41
CA GLN A 255 31.01 43.80 -25.03
C GLN A 255 30.59 42.34 -24.97
N ASN A 256 30.92 41.65 -23.90
CA ASN A 256 30.55 40.23 -23.79
C ASN A 256 29.03 40.04 -23.65
N PRO A 257 28.37 40.63 -22.63
CA PRO A 257 26.95 40.50 -22.46
C PRO A 257 26.18 41.73 -22.99
N PRO A 258 25.19 41.53 -23.86
CA PRO A 258 24.37 42.63 -24.36
C PRO A 258 23.51 43.24 -23.25
N ALA A 259 23.08 44.46 -23.46
CA ALA A 259 22.22 45.12 -22.50
C ALA A 259 20.88 44.43 -22.50
N GLY A 260 20.32 44.22 -21.33
CA GLY A 260 19.05 43.51 -21.24
C GLY A 260 19.28 42.03 -21.09
N THR A 261 20.52 41.65 -21.08
CA THR A 261 20.92 40.28 -20.89
C THR A 261 21.60 40.17 -19.52
N GLY A 262 21.67 38.98 -18.99
CA GLY A 262 22.32 38.77 -17.74
C GLY A 262 23.82 38.74 -17.89
N VAL A 263 24.50 39.44 -17.03
CA VAL A 263 25.95 39.45 -17.03
C VAL A 263 26.45 38.45 -16.00
N ASN A 264 27.52 37.75 -16.34
CA ASN A 264 28.15 36.75 -15.48
C ASN A 264 28.52 37.35 -14.14
N ARG A 265 28.48 36.53 -13.07
CA ARG A 265 28.68 37.01 -11.67
C ARG A 265 29.99 37.83 -11.50
N ASP A 266 30.99 37.51 -12.29
CA ASP A 266 32.27 38.19 -12.21
C ASP A 266 32.23 39.52 -12.92
N GLY A 267 31.42 39.60 -13.96
CA GLY A 267 31.28 40.83 -14.70
C GLY A 267 32.43 41.08 -15.64
N ILE A 268 33.16 40.04 -15.99
CA ILE A 268 34.37 40.22 -16.79
C ILE A 268 33.99 40.68 -18.19
N ILE A 269 34.50 41.83 -18.54
CA ILE A 269 34.13 42.51 -19.72
C ILE A 269 35.29 42.63 -20.72
N THR A 270 35.08 42.06 -21.87
CA THR A 270 35.98 42.25 -22.96
C THR A 270 35.34 43.32 -23.84
N LEU A 271 36.01 44.43 -23.98
CA LEU A 271 35.49 45.58 -24.70
C LEU A 271 36.59 46.17 -25.49
N ARG A 272 36.25 46.97 -26.44
CA ARG A 272 37.21 47.72 -27.15
C ARG A 272 36.70 49.12 -27.27
N PHE A 273 37.58 50.04 -27.07
CA PHE A 273 37.36 51.43 -27.25
C PHE A 273 38.64 51.95 -27.82
N GLY A 274 38.64 53.16 -28.35
CA GLY A 274 39.86 53.75 -28.83
C GLY A 274 40.80 54.03 -27.68
N GLN A 275 40.64 55.17 -27.07
CA GLN A 275 41.38 55.55 -25.90
C GLN A 275 40.58 56.61 -25.23
N GLY A 4 -33.54 -79.10 9.30
CA GLY A 4 -34.71 -78.25 9.48
C GLY A 4 -34.28 -76.81 9.52
N ILE A 5 -35.04 -75.97 10.20
CA ILE A 5 -34.67 -74.59 10.35
C ILE A 5 -33.53 -74.45 11.37
N THR A 6 -32.53 -73.73 11.00
CA THR A 6 -31.37 -73.52 11.78
C THR A 6 -31.58 -72.45 12.86
N ARG A 7 -30.51 -72.12 13.59
CA ARG A 7 -30.51 -71.16 14.70
C ARG A 7 -30.65 -69.71 14.25
N ASP A 8 -31.15 -69.51 13.05
CA ASP A 8 -31.40 -68.19 12.52
C ASP A 8 -32.62 -67.64 13.20
N VAL A 9 -32.50 -66.46 13.75
CA VAL A 9 -33.60 -65.79 14.40
C VAL A 9 -33.61 -64.35 13.94
N GLN A 10 -34.69 -63.68 14.14
CA GLN A 10 -34.73 -62.30 13.82
C GLN A 10 -34.39 -61.56 15.07
N VAL A 11 -33.65 -60.53 14.93
CA VAL A 11 -33.16 -59.81 16.05
C VAL A 11 -34.15 -58.64 16.31
N PRO A 12 -34.54 -58.42 17.60
CA PRO A 12 -35.58 -57.49 17.97
C PRO A 12 -35.20 -56.04 17.75
N ASP A 13 -36.19 -55.25 17.47
CA ASP A 13 -35.97 -53.88 17.18
C ASP A 13 -35.98 -53.05 18.46
N VAL A 14 -34.90 -53.15 19.20
CA VAL A 14 -34.66 -52.34 20.39
C VAL A 14 -33.89 -51.09 19.97
N ARG A 15 -33.56 -51.13 18.73
CA ARG A 15 -32.88 -50.09 18.00
C ARG A 15 -33.82 -48.88 17.91
N GLY A 16 -33.27 -47.70 17.92
CA GLY A 16 -34.12 -46.52 17.81
C GLY A 16 -34.32 -45.78 19.11
N GLN A 17 -33.70 -46.26 20.16
CA GLN A 17 -33.86 -45.65 21.46
C GLN A 17 -32.57 -44.97 21.85
N SER A 18 -31.61 -45.74 22.28
CA SER A 18 -30.34 -45.23 22.64
C SER A 18 -29.35 -46.31 22.36
N SER A 19 -28.11 -45.94 22.10
CA SER A 19 -27.07 -46.90 21.87
C SER A 19 -26.88 -47.75 23.13
N ALA A 20 -27.07 -47.13 24.30
CA ALA A 20 -26.89 -47.83 25.54
C ALA A 20 -27.93 -48.89 25.76
N ASP A 21 -29.22 -48.57 25.58
CA ASP A 21 -30.26 -49.57 25.82
C ASP A 21 -30.22 -50.65 24.79
N ALA A 22 -30.10 -50.25 23.54
CA ALA A 22 -30.07 -51.16 22.43
C ALA A 22 -28.90 -52.12 22.54
N ILE A 23 -27.70 -51.59 22.76
CA ILE A 23 -26.51 -52.43 22.83
C ILE A 23 -26.52 -53.30 24.09
N ALA A 24 -26.96 -52.74 25.23
CA ALA A 24 -27.00 -53.48 26.50
C ALA A 24 -27.88 -54.72 26.37
N THR A 25 -29.02 -54.53 25.75
CA THR A 25 -29.97 -55.61 25.57
C THR A 25 -29.38 -56.67 24.62
N LEU A 26 -28.83 -56.22 23.50
CA LEU A 26 -28.24 -57.12 22.51
C LEU A 26 -27.08 -57.91 23.12
N GLN A 27 -26.26 -57.21 23.90
CA GLN A 27 -25.10 -57.82 24.55
C GLN A 27 -25.52 -58.92 25.51
N ASN A 28 -26.57 -58.68 26.27
CA ASN A 28 -27.06 -59.69 27.21
C ASN A 28 -27.64 -60.89 26.51
N ARG A 29 -28.08 -60.70 25.28
CA ARG A 29 -28.59 -61.81 24.48
C ARG A 29 -27.44 -62.56 23.84
N GLY A 30 -26.26 -61.96 23.88
CA GLY A 30 -25.08 -62.58 23.34
C GLY A 30 -24.73 -62.06 21.98
N PHE A 31 -25.43 -61.03 21.55
CA PHE A 31 -25.15 -60.43 20.28
C PHE A 31 -23.90 -59.61 20.37
N LYS A 32 -23.22 -59.55 19.28
CA LYS A 32 -22.03 -58.80 19.16
C LYS A 32 -22.41 -57.50 18.50
N ILE A 33 -21.77 -56.44 18.85
CA ILE A 33 -22.10 -55.18 18.27
C ILE A 33 -20.87 -54.43 17.91
N ARG A 34 -20.98 -53.63 16.92
CA ARG A 34 -19.96 -52.74 16.56
C ARG A 34 -20.53 -51.37 16.73
N THR A 35 -19.72 -50.48 17.11
CA THR A 35 -20.12 -49.15 17.33
C THR A 35 -19.07 -48.28 16.69
N LEU A 36 -19.46 -47.54 15.73
CA LEU A 36 -18.52 -46.75 15.01
C LEU A 36 -18.85 -45.28 15.20
N GLN A 37 -17.87 -44.50 15.54
CA GLN A 37 -18.07 -43.09 15.77
C GLN A 37 -17.85 -42.32 14.50
N LYS A 38 -18.77 -41.48 14.18
CA LYS A 38 -18.70 -40.61 13.04
C LYS A 38 -18.90 -39.20 13.52
N PRO A 39 -18.22 -38.21 12.95
CA PRO A 39 -18.59 -36.82 13.16
C PRO A 39 -19.43 -36.34 11.98
N ASP A 40 -20.60 -35.78 12.27
CA ASP A 40 -21.57 -35.37 11.21
C ASP A 40 -22.90 -35.05 11.92
N SER A 41 -23.94 -34.85 11.15
CA SER A 41 -25.24 -34.59 11.67
C SER A 41 -26.31 -35.41 10.89
N THR A 42 -25.94 -36.03 9.75
CA THR A 42 -26.89 -36.88 9.03
C THR A 42 -27.12 -38.16 9.85
N ILE A 43 -26.09 -38.52 10.59
CA ILE A 43 -26.20 -39.50 11.61
C ILE A 43 -26.04 -38.71 12.89
N PRO A 44 -26.94 -38.90 13.84
CA PRO A 44 -26.98 -38.10 15.04
C PRO A 44 -26.18 -38.71 16.23
N PRO A 45 -26.26 -38.06 17.43
CA PRO A 45 -25.76 -38.60 18.69
C PRO A 45 -26.32 -39.97 18.98
N ASP A 46 -25.73 -40.64 19.95
CA ASP A 46 -25.95 -42.09 20.30
C ASP A 46 -27.42 -42.45 20.50
N HIS A 47 -28.26 -41.47 20.49
CA HIS A 47 -29.69 -41.73 20.48
C HIS A 47 -30.02 -42.14 19.08
N VAL A 48 -29.99 -43.42 18.88
CA VAL A 48 -30.00 -44.04 17.60
C VAL A 48 -31.31 -43.84 16.86
N ILE A 49 -31.26 -43.22 15.71
CA ILE A 49 -32.46 -42.99 14.92
C ILE A 49 -32.64 -44.20 13.98
N GLY A 50 -31.55 -44.73 13.52
CA GLY A 50 -31.59 -45.81 12.60
C GLY A 50 -30.43 -46.73 12.80
N THR A 51 -30.56 -47.88 12.25
CA THR A 51 -29.62 -48.96 12.31
C THR A 51 -29.76 -49.78 11.03
N ASP A 52 -29.04 -50.85 10.90
CA ASP A 52 -29.05 -51.58 9.65
C ASP A 52 -30.00 -52.77 9.76
N PRO A 53 -30.78 -53.04 8.67
CA PRO A 53 -31.78 -54.16 8.59
C PRO A 53 -31.22 -55.57 8.84
N ALA A 54 -29.93 -55.68 9.12
CA ALA A 54 -29.30 -56.95 9.46
C ALA A 54 -30.03 -57.59 10.63
N ALA A 55 -30.53 -56.76 11.54
CA ALA A 55 -31.28 -57.20 12.69
C ALA A 55 -32.65 -57.75 12.27
N ASN A 56 -33.20 -57.20 11.20
CA ASN A 56 -34.53 -57.62 10.73
C ASN A 56 -34.39 -58.79 9.79
N THR A 57 -33.17 -59.12 9.52
CA THR A 57 -32.85 -60.26 8.74
C THR A 57 -32.64 -61.40 9.73
N SER A 58 -32.94 -62.60 9.34
CA SER A 58 -32.76 -63.68 10.25
C SER A 58 -31.27 -64.06 10.31
N VAL A 59 -30.67 -63.82 11.43
CA VAL A 59 -29.29 -64.15 11.63
C VAL A 59 -29.16 -65.13 12.77
N SER A 60 -28.07 -65.84 12.83
CA SER A 60 -27.83 -66.77 13.89
C SER A 60 -27.66 -66.00 15.21
N ALA A 61 -28.31 -66.49 16.26
CA ALA A 61 -28.29 -65.87 17.57
C ALA A 61 -26.86 -65.63 18.07
N GLY A 62 -26.50 -64.38 18.20
CA GLY A 62 -25.17 -64.02 18.63
C GLY A 62 -24.37 -63.35 17.53
N ASP A 63 -25.07 -62.93 16.48
CA ASP A 63 -24.43 -62.25 15.34
C ASP A 63 -24.06 -60.80 15.73
N GLU A 64 -23.58 -60.02 14.79
CA GLU A 64 -23.02 -58.71 15.06
C GLU A 64 -23.78 -57.56 14.35
N ILE A 65 -24.11 -56.55 15.10
CA ILE A 65 -24.84 -55.39 14.57
C ILE A 65 -23.99 -54.12 14.70
N THR A 66 -23.83 -53.39 13.61
CA THR A 66 -23.06 -52.15 13.62
C THR A 66 -23.97 -50.93 13.85
N VAL A 67 -23.58 -50.07 14.79
CA VAL A 67 -24.33 -48.86 15.08
C VAL A 67 -23.42 -47.64 14.86
N ASN A 68 -23.95 -46.64 14.22
CA ASN A 68 -23.22 -45.41 14.01
C ASN A 68 -23.67 -44.38 15.01
N VAL A 69 -22.73 -43.85 15.73
CA VAL A 69 -22.97 -42.85 16.73
C VAL A 69 -22.21 -41.60 16.33
N SER A 70 -22.84 -40.45 16.35
CA SER A 70 -22.11 -39.28 15.96
C SER A 70 -21.68 -38.51 17.18
N THR A 71 -20.41 -38.35 17.29
CA THR A 71 -19.82 -37.51 18.26
C THR A 71 -18.97 -36.46 17.53
N GLY A 72 -19.42 -35.25 17.52
CA GLY A 72 -18.67 -34.22 16.86
C GLY A 72 -19.44 -33.58 15.73
N PRO A 73 -19.91 -32.34 15.94
CA PRO A 73 -20.56 -31.56 14.90
C PRO A 73 -19.55 -31.12 13.85
N GLU A 74 -20.05 -30.82 12.68
CA GLU A 74 -19.23 -30.50 11.54
C GLU A 74 -18.57 -29.13 11.66
N GLN A 75 -17.61 -28.91 10.79
CA GLN A 75 -16.89 -27.66 10.71
C GLN A 75 -17.69 -26.75 9.82
N ARG A 76 -17.49 -25.47 9.93
CA ARG A 76 -18.27 -24.53 9.15
C ARG A 76 -17.41 -23.67 8.30
N GLU A 77 -17.97 -23.27 7.22
CA GLU A 77 -17.30 -22.49 6.22
C GLU A 77 -17.32 -21.06 6.64
N ILE A 78 -16.23 -20.38 6.42
CA ILE A 78 -16.12 -18.99 6.79
C ILE A 78 -16.84 -18.16 5.74
N PRO A 79 -17.94 -17.50 6.10
CA PRO A 79 -18.68 -16.67 5.18
C PRO A 79 -17.90 -15.40 4.85
N ASP A 80 -17.94 -14.99 3.61
CA ASP A 80 -17.30 -13.76 3.23
C ASP A 80 -18.32 -12.66 3.35
N VAL A 81 -17.96 -11.65 4.05
CA VAL A 81 -18.82 -10.54 4.33
C VAL A 81 -18.17 -9.28 3.80
N SER A 82 -18.98 -8.32 3.40
CA SER A 82 -18.52 -7.06 2.88
C SER A 82 -17.56 -6.37 3.88
N THR A 83 -16.57 -5.70 3.35
CA THR A 83 -15.47 -5.18 4.11
C THR A 83 -15.86 -4.04 5.05
N LEU A 84 -16.89 -3.36 4.70
CA LEU A 84 -17.38 -2.28 5.52
C LEU A 84 -18.41 -2.79 6.52
N THR A 85 -18.84 -4.00 6.32
CA THR A 85 -19.86 -4.63 7.13
C THR A 85 -19.18 -5.53 8.19
N TYR A 86 -18.13 -4.99 8.80
CA TYR A 86 -17.34 -5.66 9.84
C TYR A 86 -18.20 -6.16 11.01
N ALA A 87 -19.20 -5.39 11.41
CA ALA A 87 -20.09 -5.78 12.50
C ALA A 87 -20.83 -7.07 12.14
N GLU A 88 -21.25 -7.15 10.90
CA GLU A 88 -21.91 -8.33 10.43
C GLU A 88 -20.92 -9.48 10.28
N ALA A 89 -19.69 -9.19 9.91
CA ALA A 89 -18.67 -10.21 9.71
C ALA A 89 -18.45 -11.01 10.99
N VAL A 90 -18.30 -10.32 12.11
CA VAL A 90 -18.14 -10.97 13.39
C VAL A 90 -19.44 -11.73 13.76
N LYS A 91 -20.58 -11.15 13.40
CA LYS A 91 -21.90 -11.75 13.60
C LYS A 91 -22.02 -13.08 12.82
N LYS A 92 -21.61 -13.06 11.58
CA LYS A 92 -21.63 -14.22 10.71
C LYS A 92 -20.72 -15.32 11.22
N LEU A 93 -19.57 -14.94 11.74
CA LEU A 93 -18.66 -15.90 12.33
C LEU A 93 -19.30 -16.54 13.56
N THR A 94 -20.08 -15.75 14.27
CA THR A 94 -20.79 -16.23 15.44
C THR A 94 -21.91 -17.20 15.04
N ALA A 95 -22.65 -16.86 13.98
CA ALA A 95 -23.73 -17.70 13.49
C ALA A 95 -23.19 -19.01 12.90
N ALA A 96 -21.94 -18.99 12.50
CA ALA A 96 -21.27 -20.16 11.95
C ALA A 96 -20.75 -21.09 13.06
N GLY A 97 -21.05 -20.77 14.29
CA GLY A 97 -20.68 -21.63 15.38
C GLY A 97 -19.58 -21.05 16.20
N PHE A 98 -18.34 -21.27 15.75
CA PHE A 98 -17.11 -20.78 16.40
C PHE A 98 -17.24 -19.40 17.01
N GLY A 99 -17.61 -18.42 16.21
CA GLY A 99 -17.78 -17.06 16.70
C GLY A 99 -16.55 -16.51 17.37
N ARG A 100 -15.40 -16.94 16.92
CA ARG A 100 -14.16 -16.50 17.46
C ARG A 100 -13.45 -15.72 16.42
N PHE A 101 -13.13 -14.51 16.73
CA PHE A 101 -12.56 -13.60 15.79
C PHE A 101 -11.55 -12.69 16.45
N LYS A 102 -10.59 -12.26 15.68
CA LYS A 102 -9.59 -11.32 16.11
C LYS A 102 -9.48 -10.23 15.08
N GLN A 103 -9.36 -9.02 15.54
CA GLN A 103 -9.18 -7.89 14.68
C GLN A 103 -7.70 -7.56 14.63
N ALA A 104 -7.15 -7.59 13.46
CA ALA A 104 -5.78 -7.26 13.25
C ALA A 104 -5.73 -6.05 12.37
N ASN A 105 -4.74 -5.25 12.54
CA ASN A 105 -4.64 -4.02 11.80
C ASN A 105 -3.44 -4.11 10.90
N SER A 106 -3.53 -3.51 9.75
CA SER A 106 -2.42 -3.45 8.85
C SER A 106 -2.44 -2.10 8.15
N PRO A 107 -1.30 -1.42 8.06
CA PRO A 107 -1.23 -0.16 7.38
C PRO A 107 -1.22 -0.34 5.86
N SER A 108 -2.14 0.29 5.22
CA SER A 108 -2.31 0.20 3.80
C SER A 108 -2.91 1.50 3.27
N THR A 109 -3.11 1.55 1.97
CA THR A 109 -3.71 2.66 1.27
C THR A 109 -4.98 3.19 1.95
N PRO A 110 -5.14 4.55 2.00
CA PRO A 110 -6.26 5.25 2.64
C PRO A 110 -7.63 4.73 2.20
N GLU A 111 -7.71 4.25 0.97
CA GLU A 111 -8.98 3.77 0.42
C GLU A 111 -9.46 2.48 1.15
N LEU A 112 -8.53 1.75 1.76
CA LEU A 112 -8.87 0.53 2.47
C LEU A 112 -8.96 0.77 3.96
N VAL A 113 -8.45 1.91 4.40
CA VAL A 113 -8.47 2.28 5.81
C VAL A 113 -9.90 2.35 6.33
N GLY A 114 -10.16 1.66 7.40
CA GLY A 114 -11.48 1.66 7.99
C GLY A 114 -12.32 0.51 7.48
N LYS A 115 -11.86 -0.14 6.44
CA LYS A 115 -12.55 -1.25 5.87
C LYS A 115 -11.80 -2.49 6.21
N VAL A 116 -12.45 -3.60 6.15
CA VAL A 116 -11.80 -4.87 6.33
C VAL A 116 -11.03 -5.16 5.03
N ILE A 117 -9.91 -5.82 5.12
CA ILE A 117 -9.17 -6.17 3.94
C ILE A 117 -9.52 -7.61 3.59
N GLY A 118 -9.84 -8.37 4.61
CA GLY A 118 -10.28 -9.72 4.41
C GLY A 118 -10.09 -10.52 5.66
N THR A 119 -10.07 -11.79 5.49
CA THR A 119 -9.86 -12.72 6.54
C THR A 119 -8.55 -13.40 6.21
N ASN A 120 -7.71 -13.69 7.21
CA ASN A 120 -6.44 -14.34 6.90
C ASN A 120 -6.69 -15.76 6.35
N PRO A 121 -7.45 -16.64 7.07
CA PRO A 121 -7.88 -17.91 6.50
C PRO A 121 -8.92 -17.62 5.40
N PRO A 122 -8.82 -18.25 4.24
CA PRO A 122 -9.73 -17.98 3.12
C PRO A 122 -11.17 -18.33 3.46
N ALA A 123 -12.10 -17.50 2.98
CA ALA A 123 -13.55 -17.68 3.17
C ALA A 123 -14.10 -18.80 2.27
N ASN A 124 -13.20 -19.66 1.89
CA ASN A 124 -13.47 -20.80 1.06
C ASN A 124 -13.35 -22.05 1.92
N GLN A 125 -12.69 -21.90 3.07
CA GLN A 125 -12.37 -23.05 3.89
C GLN A 125 -13.36 -23.29 4.99
N THR A 126 -13.26 -24.45 5.55
CA THR A 126 -14.11 -24.91 6.61
C THR A 126 -13.30 -24.89 7.90
N SER A 127 -13.66 -24.05 8.80
CA SER A 127 -12.97 -23.96 10.05
C SER A 127 -13.77 -24.65 11.14
N ALA A 128 -13.08 -25.26 12.08
CA ALA A 128 -13.72 -25.93 13.17
C ALA A 128 -14.33 -24.93 14.14
N ILE A 129 -15.21 -25.39 15.01
CA ILE A 129 -15.95 -24.51 15.91
C ILE A 129 -15.04 -24.01 17.06
N THR A 130 -13.88 -24.57 17.13
CA THR A 130 -12.92 -24.14 18.12
C THR A 130 -11.87 -23.19 17.49
N ASN A 131 -12.07 -22.83 16.23
CA ASN A 131 -11.10 -22.00 15.50
C ASN A 131 -11.34 -20.52 15.69
N VAL A 132 -10.26 -19.77 15.69
CA VAL A 132 -10.32 -18.33 15.81
C VAL A 132 -10.00 -17.70 14.46
N VAL A 133 -10.95 -16.98 13.91
CA VAL A 133 -10.77 -16.37 12.62
C VAL A 133 -10.17 -14.97 12.80
N ILE A 134 -9.02 -14.76 12.23
CA ILE A 134 -8.37 -13.47 12.31
C ILE A 134 -8.73 -12.63 11.09
N ILE A 135 -9.27 -11.47 11.36
CA ILE A 135 -9.71 -10.53 10.37
C ILE A 135 -8.86 -9.28 10.40
N ILE A 136 -8.36 -8.92 9.25
CA ILE A 136 -7.46 -7.80 9.10
C ILE A 136 -8.18 -6.59 8.52
N VAL A 137 -8.06 -5.47 9.20
CA VAL A 137 -8.65 -4.22 8.78
C VAL A 137 -7.55 -3.26 8.35
N GLY A 138 -7.88 -2.38 7.45
CA GLY A 138 -6.93 -1.43 6.96
C GLY A 138 -6.79 -0.24 7.87
N SER A 139 -5.59 0.12 8.17
CA SER A 139 -5.29 1.27 8.97
C SER A 139 -4.30 2.12 8.18
N GLY A 140 -4.23 3.40 8.45
CA GLY A 140 -3.34 4.22 7.67
C GLY A 140 -2.70 5.32 8.47
N PRO A 141 -1.38 5.46 8.38
CA PRO A 141 -0.64 6.53 9.05
C PRO A 141 -0.83 7.85 8.31
N ALA A 142 -0.46 8.95 8.94
CA ALA A 142 -0.63 10.28 8.35
C ALA A 142 0.51 10.59 7.38
N THR A 143 0.68 9.72 6.43
CA THR A 143 1.70 9.86 5.46
C THR A 143 1.04 9.92 4.09
N LYS A 144 1.59 10.72 3.21
CA LYS A 144 1.04 10.86 1.87
C LYS A 144 2.11 10.71 0.82
N ASP A 145 1.70 10.27 -0.33
CA ASP A 145 2.57 9.98 -1.46
C ASP A 145 2.86 11.26 -2.23
N ILE A 146 4.12 11.66 -2.24
CA ILE A 146 4.50 12.88 -2.93
C ILE A 146 4.72 12.63 -4.41
N PRO A 147 4.11 13.46 -5.27
CA PRO A 147 4.24 13.33 -6.72
C PRO A 147 5.51 14.02 -7.24
N ASP A 148 5.61 14.15 -8.55
CA ASP A 148 6.72 14.83 -9.17
C ASP A 148 6.51 16.32 -9.05
N VAL A 149 7.56 17.01 -8.77
CA VAL A 149 7.50 18.45 -8.57
C VAL A 149 8.52 19.17 -9.46
N ALA A 150 9.47 18.41 -9.99
CA ALA A 150 10.48 18.96 -10.86
C ALA A 150 9.82 19.43 -12.14
N GLY A 151 9.81 20.72 -12.35
CA GLY A 151 9.19 21.28 -13.51
C GLY A 151 8.37 22.50 -13.17
N GLN A 152 7.91 22.58 -11.95
CA GLN A 152 7.15 23.75 -11.51
C GLN A 152 7.99 24.67 -10.67
N THR A 153 7.46 25.81 -10.35
CA THR A 153 8.21 26.81 -9.63
C THR A 153 8.02 26.62 -8.13
N VAL A 154 8.94 27.20 -7.34
CA VAL A 154 8.95 27.08 -5.88
C VAL A 154 7.60 27.48 -5.28
N ASP A 155 7.05 28.56 -5.79
CA ASP A 155 5.77 29.09 -5.31
C ASP A 155 4.63 28.12 -5.55
N VAL A 156 4.62 27.53 -6.72
CA VAL A 156 3.58 26.58 -7.07
C VAL A 156 3.76 25.29 -6.28
N ALA A 157 5.01 24.88 -6.17
CA ALA A 157 5.38 23.66 -5.46
C ALA A 157 4.98 23.73 -3.99
N GLN A 158 5.32 24.81 -3.32
CA GLN A 158 5.02 24.96 -1.90
C GLN A 158 3.52 25.03 -1.67
N LYS A 159 2.81 25.65 -2.62
CA LYS A 159 1.38 25.79 -2.55
C LYS A 159 0.74 24.39 -2.66
N ASN A 160 1.21 23.61 -3.63
CA ASN A 160 0.71 22.25 -3.87
C ASN A 160 0.97 21.34 -2.70
N LEU A 161 2.20 21.35 -2.20
CA LEU A 161 2.56 20.51 -1.06
C LEU A 161 1.75 20.89 0.17
N ASN A 162 1.53 22.20 0.38
CA ASN A 162 0.72 22.67 1.52
C ASN A 162 -0.70 22.15 1.43
N VAL A 163 -1.23 22.10 0.21
CA VAL A 163 -2.57 21.56 -0.04
C VAL A 163 -2.63 20.08 0.35
N TYR A 164 -1.55 19.35 0.11
CA TYR A 164 -1.49 17.94 0.49
C TYR A 164 -1.39 17.77 2.00
N GLY A 165 -0.89 18.78 2.66
CA GLY A 165 -0.78 18.72 4.09
C GLY A 165 0.62 18.98 4.56
N PHE A 166 1.55 18.95 3.63
CA PHE A 166 2.95 19.13 3.95
C PHE A 166 3.20 20.59 4.11
N THR A 167 3.27 21.04 5.33
CA THR A 167 3.33 22.44 5.58
C THR A 167 4.77 22.94 5.82
N LYS A 168 5.71 22.03 5.93
CA LYS A 168 7.09 22.42 6.19
C LYS A 168 7.93 22.21 4.96
N PHE A 169 8.42 23.29 4.40
CA PHE A 169 9.21 23.24 3.19
C PHE A 169 10.47 24.05 3.34
N SER A 170 11.53 23.53 2.81
CA SER A 170 12.79 24.21 2.79
C SER A 170 13.28 24.20 1.35
N GLN A 171 13.89 25.26 0.90
CA GLN A 171 14.39 25.31 -0.44
C GLN A 171 15.90 25.47 -0.45
N ALA A 172 16.53 24.80 -1.38
CA ALA A 172 17.96 24.88 -1.56
C ALA A 172 18.22 25.00 -3.04
N SER A 173 18.99 25.97 -3.42
CA SER A 173 19.26 26.20 -4.81
C SER A 173 20.53 25.50 -5.27
N VAL A 174 20.43 24.84 -6.40
CA VAL A 174 21.54 24.16 -7.03
C VAL A 174 21.73 24.74 -8.42
N ASP A 175 22.95 24.74 -8.93
CA ASP A 175 23.20 25.30 -10.25
C ASP A 175 22.53 24.47 -11.33
N SER A 176 21.92 25.14 -12.26
CA SER A 176 21.17 24.48 -13.33
C SER A 176 21.22 25.34 -14.61
N PRO A 177 20.79 24.81 -15.78
CA PRO A 177 20.66 25.60 -17.00
C PRO A 177 19.31 26.35 -17.05
N ARG A 178 18.32 25.81 -16.36
CA ARG A 178 16.99 26.41 -16.33
C ARG A 178 16.97 27.56 -15.30
N PRO A 179 16.13 28.59 -15.52
CA PRO A 179 16.07 29.80 -14.66
C PRO A 179 15.79 29.56 -13.18
N ALA A 180 16.36 30.45 -12.38
CA ALA A 180 16.23 30.42 -10.94
C ALA A 180 14.80 30.60 -10.52
N GLY A 181 14.29 29.63 -9.81
CA GLY A 181 12.92 29.69 -9.35
C GLY A 181 12.18 28.41 -9.66
N GLU A 182 12.66 27.69 -10.66
CA GLU A 182 12.06 26.44 -11.00
C GLU A 182 12.61 25.33 -10.09
N VAL A 183 11.80 24.38 -9.72
CA VAL A 183 12.21 23.28 -8.87
C VAL A 183 12.74 22.15 -9.74
N THR A 184 13.95 21.70 -9.48
CA THR A 184 14.56 20.64 -10.26
C THR A 184 14.48 19.27 -9.55
N GLY A 185 14.09 19.26 -8.28
CA GLY A 185 13.98 18.02 -7.57
C GLY A 185 13.73 18.24 -6.10
N THR A 186 13.70 17.19 -5.33
CA THR A 186 13.48 17.29 -3.91
C THR A 186 14.37 16.34 -3.15
N ASN A 187 14.58 16.66 -1.88
CA ASN A 187 15.36 15.81 -0.99
C ASN A 187 14.66 14.46 -0.81
N PRO A 188 13.36 14.41 -0.38
CA PRO A 188 12.60 13.17 -0.42
C PRO A 188 12.25 12.88 -1.88
N PRO A 189 12.64 11.74 -2.41
CA PRO A 189 12.42 11.41 -3.81
C PRO A 189 10.92 11.26 -4.15
N ALA A 190 10.54 11.74 -5.31
CA ALA A 190 9.17 11.69 -5.78
C ALA A 190 8.70 10.25 -5.84
N GLY A 191 7.52 10.01 -5.34
CA GLY A 191 7.01 8.67 -5.30
C GLY A 191 7.10 8.07 -3.92
N THR A 192 7.73 8.77 -3.01
CA THR A 192 7.83 8.31 -1.65
C THR A 192 6.64 8.80 -0.82
N THR A 193 6.10 7.94 0.00
CA THR A 193 5.08 8.33 0.92
C THR A 193 5.77 8.80 2.20
N VAL A 194 5.52 10.03 2.60
CA VAL A 194 6.17 10.61 3.79
C VAL A 194 5.13 11.26 4.70
N PRO A 195 5.44 11.41 6.01
CA PRO A 195 4.53 12.05 6.98
C PRO A 195 4.21 13.49 6.59
N VAL A 196 2.97 13.89 6.76
CA VAL A 196 2.50 15.22 6.35
C VAL A 196 3.15 16.37 7.13
N ASP A 197 3.66 16.07 8.30
CA ASP A 197 4.33 17.07 9.10
C ASP A 197 5.81 17.20 8.74
N SER A 198 6.30 16.26 7.96
CA SER A 198 7.68 16.24 7.59
C SER A 198 8.05 17.37 6.63
N VAL A 199 9.32 17.72 6.66
CA VAL A 199 9.82 18.82 5.89
C VAL A 199 10.26 18.33 4.52
N ILE A 200 9.74 18.95 3.48
CA ILE A 200 10.20 18.62 2.17
C ILE A 200 11.15 19.70 1.69
N GLU A 201 12.29 19.29 1.23
CA GLU A 201 13.28 20.19 0.76
C GLU A 201 13.27 20.19 -0.75
N LEU A 202 12.99 21.34 -1.30
CA LEU A 202 12.91 21.55 -2.72
C LEU A 202 14.27 21.99 -3.25
N GLN A 203 14.83 21.26 -4.19
CA GLN A 203 16.03 21.71 -4.87
C GLN A 203 15.61 22.61 -5.99
N VAL A 204 15.93 23.84 -5.86
CA VAL A 204 15.56 24.85 -6.80
C VAL A 204 16.70 25.07 -7.78
N SER A 205 16.34 25.25 -9.01
CA SER A 205 17.28 25.52 -10.03
C SER A 205 17.78 26.96 -9.97
N LYS A 206 19.03 27.09 -10.24
CA LYS A 206 19.72 28.34 -10.38
C LYS A 206 20.17 28.43 -11.82
N GLY A 207 19.72 29.44 -12.54
CA GLY A 207 20.02 29.51 -13.97
C GLY A 207 21.44 29.91 -14.28
N ASN A 208 22.06 30.61 -13.33
CA ASN A 208 23.43 31.14 -13.42
C ASN A 208 23.48 32.34 -14.34
N GLN A 209 22.33 32.93 -14.58
CA GLN A 209 22.23 33.99 -15.54
C GLN A 209 21.45 35.16 -14.93
N PHE A 210 21.87 36.37 -15.22
CA PHE A 210 21.14 37.57 -14.83
C PHE A 210 21.14 38.55 -15.99
N VAL A 211 20.03 39.20 -16.25
CA VAL A 211 19.86 40.07 -17.42
C VAL A 211 20.84 41.27 -17.43
N MET A 212 21.52 41.45 -18.55
CA MET A 212 22.43 42.56 -18.73
C MET A 212 21.72 43.68 -19.52
N PRO A 213 21.76 44.92 -19.00
CA PRO A 213 21.21 46.09 -19.69
C PRO A 213 22.07 46.52 -20.90
N ASP A 214 21.54 47.43 -21.69
CA ASP A 214 22.24 47.91 -22.87
C ASP A 214 23.19 49.06 -22.55
N LEU A 215 24.45 48.85 -22.88
CA LEU A 215 25.48 49.89 -22.77
C LEU A 215 26.51 49.70 -23.89
N SER A 216 26.15 48.88 -24.82
CA SER A 216 26.99 48.49 -25.92
C SER A 216 27.16 49.64 -26.94
N GLY A 217 28.28 49.64 -27.66
CA GLY A 217 28.50 50.60 -28.72
C GLY A 217 28.91 51.98 -28.25
N MET A 218 29.68 52.06 -27.20
CA MET A 218 30.11 53.33 -26.66
C MET A 218 31.62 53.32 -26.48
N PHE A 219 32.20 54.44 -26.11
CA PHE A 219 33.63 54.56 -26.02
C PHE A 219 34.13 53.93 -24.75
N TRP A 220 35.28 53.32 -24.83
CA TRP A 220 35.85 52.57 -23.72
C TRP A 220 36.24 53.49 -22.57
N VAL A 221 36.37 54.78 -22.88
CA VAL A 221 36.74 55.78 -21.87
C VAL A 221 35.62 55.95 -20.86
N ASP A 222 34.40 55.70 -21.29
CA ASP A 222 33.26 55.75 -20.40
C ASP A 222 32.84 54.34 -20.02
N ALA A 223 33.01 53.41 -20.95
CA ALA A 223 32.57 52.02 -20.78
C ALA A 223 33.17 51.32 -19.56
N GLU A 224 34.49 51.45 -19.38
CA GLU A 224 35.15 50.84 -18.22
C GLU A 224 34.52 51.40 -16.90
N PRO A 225 34.44 52.77 -16.71
CA PRO A 225 33.70 53.37 -15.59
C PRO A 225 32.25 52.89 -15.49
N ARG A 226 31.57 52.71 -16.65
CA ARG A 226 30.16 52.26 -16.68
C ARG A 226 30.03 50.93 -16.00
N LEU A 227 30.97 50.04 -16.29
CA LEU A 227 30.96 48.70 -15.72
C LEU A 227 31.11 48.79 -14.21
N ARG A 228 32.00 49.65 -13.77
CA ARG A 228 32.24 49.87 -12.34
C ARG A 228 30.99 50.45 -11.68
N ALA A 229 30.35 51.38 -12.36
CA ALA A 229 29.15 52.03 -11.88
C ALA A 229 27.97 51.07 -11.82
N LEU A 230 28.02 50.02 -12.61
CA LEU A 230 26.99 49.00 -12.60
C LEU A 230 27.27 48.00 -11.50
N GLY A 231 28.43 48.11 -10.88
CA GLY A 231 28.80 47.20 -9.84
C GLY A 231 29.44 45.96 -10.39
N TRP A 232 29.95 46.06 -11.59
CA TRP A 232 30.63 44.96 -12.22
C TRP A 232 32.09 44.99 -11.86
N THR A 233 32.59 43.89 -11.38
CA THR A 233 33.99 43.69 -11.17
C THR A 233 34.28 42.20 -11.35
N GLY A 234 34.10 41.75 -12.57
CA GLY A 234 34.33 40.39 -12.91
C GLY A 234 35.64 40.25 -13.64
N MET A 235 35.61 39.58 -14.75
CA MET A 235 36.81 39.40 -15.53
C MET A 235 36.61 39.99 -16.92
N LEU A 236 37.51 40.84 -17.32
CA LEU A 236 37.50 41.46 -18.62
C LEU A 236 38.56 40.75 -19.45
N ASP A 237 38.21 40.34 -20.65
CA ASP A 237 39.19 39.72 -21.52
C ASP A 237 39.76 40.77 -22.42
N LYS A 238 40.98 41.10 -22.18
CA LYS A 238 41.69 42.07 -22.94
C LYS A 238 42.38 41.35 -24.07
N GLY A 239 41.95 41.62 -25.27
CA GLY A 239 42.56 41.01 -26.42
C GLY A 239 43.79 41.74 -26.84
N ALA A 240 43.68 42.46 -27.89
CA ALA A 240 44.74 43.29 -28.38
C ALA A 240 44.11 44.58 -28.86
N ASP A 241 44.81 45.66 -28.72
CA ASP A 241 44.30 46.96 -29.12
C ASP A 241 44.35 47.09 -30.65
N VAL A 242 43.23 47.48 -31.22
CA VAL A 242 43.09 47.49 -32.68
C VAL A 242 42.98 48.91 -33.22
N ASP A 243 43.71 49.24 -34.24
CA ASP A 243 43.51 50.51 -34.91
C ASP A 243 42.25 50.36 -35.76
N ALA A 244 41.18 50.98 -35.33
CA ALA A 244 39.88 50.78 -35.98
C ALA A 244 39.40 52.02 -36.71
N GLY A 245 40.07 53.13 -36.48
CA GLY A 245 39.70 54.36 -37.14
C GLY A 245 39.52 55.43 -36.10
N GLY A 246 39.37 56.67 -36.52
CA GLY A 246 39.20 57.73 -35.54
C GLY A 246 37.92 57.58 -34.74
N SER A 247 36.84 57.41 -35.44
CA SER A 247 35.53 57.32 -34.85
C SER A 247 35.33 56.01 -34.06
N GLN A 248 36.09 55.00 -34.41
CA GLN A 248 35.94 53.70 -33.80
C GLN A 248 37.08 53.36 -32.86
N HIS A 249 38.07 54.26 -32.71
CA HIS A 249 39.30 53.90 -31.98
C HIS A 249 39.09 53.35 -30.56
N ASN A 250 38.77 54.17 -29.61
CA ASN A 250 38.65 53.70 -28.25
C ASN A 250 37.20 53.42 -27.96
N ARG A 251 36.70 52.38 -28.56
CA ARG A 251 35.30 52.09 -28.46
C ARG A 251 35.07 50.60 -28.39
N VAL A 252 33.98 50.21 -27.73
CA VAL A 252 33.57 48.82 -27.66
C VAL A 252 33.16 48.40 -29.07
N VAL A 253 33.64 47.26 -29.51
CA VAL A 253 33.42 46.90 -30.89
C VAL A 253 32.17 46.08 -30.97
N TYR A 254 32.14 45.07 -30.16
CA TYR A 254 31.02 44.21 -30.05
C TYR A 254 31.09 43.58 -28.70
N GLN A 255 29.98 43.09 -28.27
CA GLN A 255 29.86 42.37 -27.04
C GLN A 255 29.19 41.04 -27.29
N ASN A 256 29.70 40.04 -26.60
CA ASN A 256 29.24 38.65 -26.70
C ASN A 256 27.71 38.47 -26.52
N PRO A 257 27.08 38.94 -25.41
CA PRO A 257 25.65 38.84 -25.22
C PRO A 257 24.93 40.14 -25.62
N PRO A 258 23.91 40.07 -26.46
CA PRO A 258 23.14 41.24 -26.83
C PRO A 258 22.30 41.73 -25.63
N ALA A 259 21.96 43.00 -25.63
CA ALA A 259 21.20 43.62 -24.55
C ALA A 259 19.90 42.88 -24.27
N GLY A 260 19.67 42.58 -23.03
CA GLY A 260 18.47 41.86 -22.67
C GLY A 260 18.73 40.37 -22.51
N THR A 261 19.96 39.97 -22.70
CA THR A 261 20.34 38.60 -22.51
C THR A 261 20.97 38.48 -21.13
N GLY A 262 20.93 37.31 -20.56
CA GLY A 262 21.49 37.11 -19.28
C GLY A 262 22.95 36.75 -19.36
N VAL A 263 23.69 37.32 -18.48
CA VAL A 263 25.09 37.07 -18.35
C VAL A 263 25.34 36.17 -17.14
N ASN A 264 26.30 35.31 -17.31
CA ASN A 264 26.75 34.36 -16.30
C ASN A 264 27.15 35.07 -15.02
N ARG A 265 26.80 34.44 -13.89
CA ARG A 265 26.98 35.00 -12.53
C ARG A 265 28.39 35.53 -12.25
N ASP A 266 29.39 34.91 -12.87
CA ASP A 266 30.78 35.30 -12.63
C ASP A 266 31.08 36.64 -13.27
N GLY A 267 30.31 36.98 -14.29
CA GLY A 267 30.42 38.27 -14.86
C GLY A 267 31.46 38.39 -15.91
N ILE A 268 31.90 37.31 -16.49
CA ILE A 268 32.84 37.50 -17.56
C ILE A 268 32.11 38.03 -18.79
N ILE A 269 32.57 39.15 -19.29
CA ILE A 269 31.98 39.80 -20.43
C ILE A 269 33.01 39.91 -21.54
N THR A 270 32.67 39.48 -22.73
CA THR A 270 33.56 39.56 -23.82
C THR A 270 33.15 40.74 -24.70
N LEU A 271 34.05 41.68 -24.78
CA LEU A 271 33.94 42.88 -25.56
C LEU A 271 35.27 43.12 -26.14
N ARG A 272 35.33 43.89 -27.15
CA ARG A 272 36.56 44.18 -27.78
C ARG A 272 36.63 45.66 -27.88
N PHE A 273 37.79 46.21 -27.79
CA PHE A 273 37.97 47.61 -27.96
C PHE A 273 39.06 47.82 -28.97
N GLY A 274 39.15 49.02 -29.46
CA GLY A 274 40.14 49.33 -30.43
C GLY A 274 41.42 49.88 -29.81
N GLN A 275 41.70 51.11 -30.10
CA GLN A 275 42.93 51.75 -29.70
C GLN A 275 42.80 52.35 -28.32
N GLY A 4 -32.18 -73.02 -4.31
CA GLY A 4 -32.27 -73.71 -3.02
C GLY A 4 -32.23 -72.72 -1.91
N ILE A 5 -32.44 -73.17 -0.70
CA ILE A 5 -32.44 -72.31 0.44
C ILE A 5 -31.01 -71.92 0.83
N THR A 6 -30.74 -70.64 0.80
CA THR A 6 -29.48 -70.13 1.27
C THR A 6 -29.64 -69.93 2.78
N ARG A 7 -28.60 -70.04 3.54
CA ARG A 7 -28.75 -70.04 4.99
C ARG A 7 -28.60 -68.64 5.56
N ASP A 8 -29.21 -67.68 4.89
CA ASP A 8 -29.22 -66.30 5.33
C ASP A 8 -30.20 -66.17 6.48
N VAL A 9 -29.91 -65.29 7.39
CA VAL A 9 -30.75 -65.07 8.54
C VAL A 9 -31.24 -63.63 8.53
N GLN A 10 -32.39 -63.36 9.10
CA GLN A 10 -32.81 -61.99 9.15
C GLN A 10 -32.38 -61.47 10.48
N VAL A 11 -31.85 -60.30 10.48
CA VAL A 11 -31.18 -59.75 11.63
C VAL A 11 -32.12 -58.82 12.41
N PRO A 12 -32.20 -58.99 13.75
CA PRO A 12 -33.08 -58.16 14.57
C PRO A 12 -32.64 -56.70 14.61
N ASP A 13 -33.58 -55.83 14.44
CA ASP A 13 -33.34 -54.41 14.52
C ASP A 13 -33.77 -53.95 15.88
N VAL A 14 -33.06 -53.02 16.42
CA VAL A 14 -33.36 -52.47 17.73
C VAL A 14 -33.56 -50.96 17.58
N ARG A 15 -33.99 -50.57 16.38
CA ARG A 15 -34.25 -49.18 16.04
C ARG A 15 -35.33 -48.62 16.95
N GLY A 16 -35.19 -47.38 17.30
CA GLY A 16 -36.16 -46.71 18.12
C GLY A 16 -35.70 -46.58 19.55
N GLN A 17 -34.66 -47.31 19.90
CA GLN A 17 -34.16 -47.28 21.24
C GLN A 17 -32.87 -46.47 21.33
N SER A 18 -31.75 -47.10 21.11
CA SER A 18 -30.51 -46.40 21.17
C SER A 18 -29.51 -47.15 20.34
N SER A 19 -28.45 -46.48 19.96
CA SER A 19 -27.38 -47.10 19.26
C SER A 19 -26.73 -48.16 20.15
N ALA A 20 -26.68 -47.88 21.45
CA ALA A 20 -26.13 -48.79 22.44
C ALA A 20 -26.92 -50.08 22.46
N ASP A 21 -28.24 -49.98 22.49
CA ASP A 21 -29.10 -51.16 22.48
C ASP A 21 -28.93 -51.93 21.20
N ALA A 22 -28.87 -51.23 20.10
CA ALA A 22 -28.74 -51.87 18.81
C ALA A 22 -27.39 -52.55 18.66
N ILE A 23 -26.34 -51.85 19.04
CA ILE A 23 -24.98 -52.38 18.97
C ILE A 23 -24.81 -53.55 19.93
N ALA A 24 -25.31 -53.40 21.16
CA ALA A 24 -25.17 -54.43 22.19
C ALA A 24 -25.80 -55.75 21.75
N THR A 25 -26.97 -55.67 21.17
CA THR A 25 -27.70 -56.84 20.72
C THR A 25 -26.92 -57.56 19.59
N LEU A 26 -26.48 -56.78 18.61
CA LEU A 26 -25.71 -57.33 17.50
C LEU A 26 -24.36 -57.87 17.95
N GLN A 27 -23.75 -57.18 18.90
CA GLN A 27 -22.45 -57.57 19.47
C GLN A 27 -22.58 -58.95 20.15
N ASN A 28 -23.68 -59.15 20.87
CA ASN A 28 -23.96 -60.42 21.53
C ASN A 28 -24.19 -61.53 20.51
N ARG A 29 -24.67 -61.16 19.35
CA ARG A 29 -24.91 -62.14 18.28
C ARG A 29 -23.65 -62.36 17.45
N GLY A 30 -22.69 -61.48 17.59
CA GLY A 30 -21.44 -61.63 16.88
C GLY A 30 -21.45 -60.93 15.53
N PHE A 31 -22.40 -60.04 15.34
CA PHE A 31 -22.50 -59.28 14.12
C PHE A 31 -21.50 -58.15 14.10
N LYS A 32 -21.23 -57.66 12.93
CA LYS A 32 -20.34 -56.57 12.77
C LYS A 32 -21.15 -55.31 12.60
N ILE A 33 -20.78 -54.32 13.31
CA ILE A 33 -21.41 -53.05 13.16
C ILE A 33 -20.39 -52.06 12.72
N ARG A 34 -20.84 -51.07 12.09
CA ARG A 34 -20.01 -50.02 11.65
C ARG A 34 -20.58 -48.76 12.21
N THR A 35 -19.78 -47.93 12.74
CA THR A 35 -20.28 -46.74 13.34
C THR A 35 -19.69 -45.53 12.61
N LEU A 36 -20.54 -44.76 12.02
CA LEU A 36 -20.14 -43.59 11.31
C LEU A 36 -20.75 -42.42 12.05
N GLN A 37 -19.96 -41.45 12.40
CA GLN A 37 -20.48 -40.33 13.15
C GLN A 37 -20.41 -39.05 12.34
N LYS A 38 -21.36 -38.19 12.56
CA LYS A 38 -21.38 -36.88 11.95
C LYS A 38 -21.77 -35.87 13.01
N PRO A 39 -21.11 -34.71 13.06
CA PRO A 39 -21.54 -33.64 13.96
C PRO A 39 -22.82 -32.99 13.42
N ASP A 40 -23.67 -32.51 14.31
CA ASP A 40 -25.00 -32.04 13.92
C ASP A 40 -25.05 -30.90 12.94
N SER A 41 -25.57 -31.24 11.84
CA SER A 41 -26.00 -30.38 10.85
C SER A 41 -27.25 -30.99 10.24
N THR A 42 -28.30 -31.05 11.10
CA THR A 42 -29.62 -31.53 10.75
C THR A 42 -29.76 -33.08 10.93
N ILE A 43 -29.14 -33.57 11.95
CA ILE A 43 -29.24 -34.96 12.29
C ILE A 43 -29.90 -35.18 13.65
N PRO A 44 -30.60 -36.32 13.81
CA PRO A 44 -31.30 -36.64 15.04
C PRO A 44 -30.31 -37.03 16.16
N PRO A 45 -30.81 -37.34 17.39
CA PRO A 45 -29.96 -37.80 18.50
C PRO A 45 -29.14 -39.04 18.13
N ASP A 46 -28.09 -39.30 18.89
CA ASP A 46 -27.15 -40.43 18.70
C ASP A 46 -27.83 -41.80 18.75
N HIS A 47 -29.10 -41.81 19.10
CA HIS A 47 -29.88 -43.00 19.21
C HIS A 47 -30.23 -43.50 17.82
N VAL A 48 -30.80 -44.66 17.73
CA VAL A 48 -31.21 -45.14 16.47
C VAL A 48 -32.68 -44.84 16.29
N ILE A 49 -33.00 -44.07 15.32
CA ILE A 49 -34.39 -43.74 15.05
C ILE A 49 -34.89 -44.72 13.99
N GLY A 50 -33.97 -45.10 13.15
CA GLY A 50 -34.21 -46.01 12.09
C GLY A 50 -32.96 -46.82 11.86
N THR A 51 -33.07 -47.82 11.05
CA THR A 51 -31.97 -48.68 10.76
C THR A 51 -31.81 -48.84 9.27
N ASP A 52 -30.87 -49.64 8.87
CA ASP A 52 -30.64 -49.88 7.48
C ASP A 52 -31.28 -51.21 7.16
N PRO A 53 -32.01 -51.28 6.03
CA PRO A 53 -32.78 -52.47 5.62
C PRO A 53 -31.98 -53.77 5.55
N ALA A 54 -30.65 -53.66 5.60
CA ALA A 54 -29.76 -54.82 5.61
C ALA A 54 -30.14 -55.78 6.73
N ALA A 55 -30.59 -55.22 7.85
CA ALA A 55 -30.97 -56.03 8.99
C ALA A 55 -32.29 -56.75 8.72
N ASN A 56 -33.22 -56.06 8.07
CA ASN A 56 -34.54 -56.61 7.76
C ASN A 56 -34.49 -57.45 6.48
N THR A 57 -33.31 -57.56 5.93
CA THR A 57 -33.06 -58.43 4.81
C THR A 57 -32.37 -59.67 5.38
N SER A 58 -32.61 -60.83 4.83
CA SER A 58 -31.89 -61.97 5.29
C SER A 58 -30.47 -61.91 4.73
N VAL A 59 -29.51 -61.75 5.62
CA VAL A 59 -28.10 -61.67 5.27
C VAL A 59 -27.35 -62.80 5.96
N SER A 60 -26.11 -62.98 5.58
CA SER A 60 -25.28 -64.01 6.13
C SER A 60 -24.96 -63.70 7.60
N ALA A 61 -24.73 -64.73 8.38
CA ALA A 61 -24.45 -64.58 9.80
C ALA A 61 -23.13 -63.82 10.01
N GLY A 62 -23.26 -62.61 10.50
CA GLY A 62 -22.11 -61.80 10.78
C GLY A 62 -21.82 -60.78 9.71
N ASP A 63 -22.85 -60.10 9.24
CA ASP A 63 -22.67 -59.06 8.22
C ASP A 63 -22.48 -57.71 8.94
N GLU A 64 -22.42 -56.62 8.19
CA GLU A 64 -22.20 -55.30 8.77
C GLU A 64 -23.43 -54.43 8.71
N ILE A 65 -23.71 -53.83 9.80
CA ILE A 65 -24.78 -52.86 9.91
C ILE A 65 -24.15 -51.52 10.31
N THR A 66 -24.20 -50.55 9.43
CA THR A 66 -23.63 -49.25 9.72
C THR A 66 -24.66 -48.32 10.38
N VAL A 67 -24.24 -47.72 11.47
CA VAL A 67 -25.07 -46.85 12.25
C VAL A 67 -24.51 -45.42 12.20
N ASN A 68 -25.35 -44.45 12.01
CA ASN A 68 -24.90 -43.08 12.04
C ASN A 68 -25.17 -42.49 13.40
N VAL A 69 -24.12 -42.15 14.07
CA VAL A 69 -24.19 -41.56 15.37
C VAL A 69 -23.95 -40.07 15.23
N SER A 70 -24.73 -39.29 15.89
CA SER A 70 -24.62 -37.89 15.82
C SER A 70 -23.84 -37.32 17.01
N THR A 71 -22.95 -36.43 16.71
CA THR A 71 -22.23 -35.67 17.69
C THR A 71 -22.79 -34.26 17.67
N GLY A 72 -22.58 -33.49 18.73
CA GLY A 72 -23.11 -32.11 18.85
C GLY A 72 -22.95 -31.26 17.57
N PRO A 73 -23.77 -30.18 17.45
CA PRO A 73 -23.80 -29.30 16.25
C PRO A 73 -22.43 -28.79 15.86
N GLU A 74 -22.26 -28.55 14.57
CA GLU A 74 -21.00 -28.16 14.04
C GLU A 74 -20.65 -26.76 14.43
N GLN A 75 -19.50 -26.67 14.97
CA GLN A 75 -18.89 -25.45 15.38
C GLN A 75 -17.45 -25.51 14.94
N ARG A 76 -16.81 -24.39 14.82
CA ARG A 76 -15.41 -24.36 14.46
C ARG A 76 -14.61 -23.66 15.48
N GLU A 77 -13.41 -24.08 15.66
CA GLU A 77 -12.53 -23.47 16.61
C GLU A 77 -11.82 -22.35 15.91
N ILE A 78 -11.65 -21.24 16.57
CA ILE A 78 -10.97 -20.15 15.94
C ILE A 78 -9.47 -20.40 16.04
N PRO A 79 -8.77 -20.53 14.90
CA PRO A 79 -7.34 -20.71 14.90
C PRO A 79 -6.63 -19.44 15.33
N ASP A 80 -5.45 -19.56 15.87
CA ASP A 80 -4.69 -18.40 16.24
C ASP A 80 -4.08 -17.75 15.03
N VAL A 81 -4.81 -16.88 14.45
CA VAL A 81 -4.34 -16.11 13.34
C VAL A 81 -3.79 -14.84 13.94
N SER A 82 -2.60 -14.47 13.54
CA SER A 82 -1.94 -13.32 14.08
C SER A 82 -2.72 -12.03 13.75
N THR A 83 -2.59 -11.04 14.62
CA THR A 83 -3.30 -9.79 14.50
C THR A 83 -2.98 -9.04 13.20
N LEU A 84 -1.77 -9.20 12.74
CA LEU A 84 -1.32 -8.60 11.50
C LEU A 84 -1.73 -9.40 10.27
N THR A 85 -2.20 -10.60 10.51
CA THR A 85 -2.61 -11.51 9.47
C THR A 85 -4.17 -11.43 9.31
N TYR A 86 -4.70 -10.21 9.52
CA TYR A 86 -6.14 -9.90 9.41
C TYR A 86 -6.77 -10.37 8.08
N ALA A 87 -6.05 -10.24 6.99
CA ALA A 87 -6.57 -10.66 5.69
C ALA A 87 -6.81 -12.18 5.68
N GLU A 88 -5.88 -12.91 6.25
CA GLU A 88 -6.01 -14.33 6.33
C GLU A 88 -7.11 -14.69 7.33
N ALA A 89 -7.24 -13.88 8.38
CA ALA A 89 -8.23 -14.10 9.41
C ALA A 89 -9.64 -14.11 8.83
N VAL A 90 -9.98 -13.09 8.05
CA VAL A 90 -11.30 -13.02 7.45
C VAL A 90 -11.55 -14.20 6.49
N LYS A 91 -10.53 -14.61 5.73
CA LYS A 91 -10.69 -15.77 4.88
C LYS A 91 -10.83 -17.06 5.73
N LYS A 92 -10.13 -17.10 6.87
CA LYS A 92 -10.24 -18.20 7.82
C LYS A 92 -11.64 -18.34 8.36
N LEU A 93 -12.30 -17.22 8.71
CA LEU A 93 -13.69 -17.31 9.17
C LEU A 93 -14.60 -17.83 8.06
N THR A 94 -14.26 -17.49 6.82
CA THR A 94 -15.00 -17.97 5.67
C THR A 94 -14.86 -19.49 5.52
N ALA A 95 -13.64 -19.99 5.69
CA ALA A 95 -13.36 -21.42 5.61
C ALA A 95 -13.97 -22.18 6.79
N ALA A 96 -14.21 -21.46 7.87
CA ALA A 96 -14.77 -22.01 9.09
C ALA A 96 -16.29 -22.19 9.00
N GLY A 97 -16.86 -21.96 7.84
CA GLY A 97 -18.26 -22.22 7.66
C GLY A 97 -19.09 -20.98 7.73
N PHE A 98 -19.25 -20.45 8.94
CA PHE A 98 -20.00 -19.22 9.18
C PHE A 98 -19.60 -18.08 8.23
N GLY A 99 -18.32 -17.73 8.21
CA GLY A 99 -17.85 -16.66 7.34
C GLY A 99 -18.48 -15.34 7.65
N ARG A 100 -18.90 -15.19 8.87
CA ARG A 100 -19.57 -14.01 9.32
C ARG A 100 -18.57 -13.18 10.07
N PHE A 101 -18.20 -12.06 9.52
CA PHE A 101 -17.24 -11.22 10.14
C PHE A 101 -17.64 -9.78 9.99
N LYS A 102 -17.23 -8.98 10.92
CA LYS A 102 -17.50 -7.56 10.92
C LYS A 102 -16.20 -6.85 11.20
N GLN A 103 -15.89 -5.89 10.39
CA GLN A 103 -14.69 -5.11 10.54
C GLN A 103 -15.01 -3.82 11.25
N ALA A 104 -14.35 -3.58 12.33
CA ALA A 104 -14.46 -2.34 13.02
C ALA A 104 -13.09 -1.72 13.00
N ASN A 105 -13.01 -0.46 12.71
CA ASN A 105 -11.72 0.21 12.69
C ASN A 105 -11.66 1.19 13.81
N SER A 106 -10.54 1.25 14.45
CA SER A 106 -10.37 2.15 15.52
C SER A 106 -8.95 2.72 15.46
N PRO A 107 -8.80 4.03 15.67
CA PRO A 107 -7.49 4.66 15.71
C PRO A 107 -6.70 4.15 16.92
N SER A 108 -5.48 3.76 16.70
CA SER A 108 -4.67 3.22 17.75
C SER A 108 -3.20 3.58 17.52
N THR A 109 -2.37 3.23 18.49
CA THR A 109 -0.93 3.40 18.46
C THR A 109 -0.32 2.85 17.17
N PRO A 110 0.72 3.55 16.63
CA PRO A 110 1.39 3.20 15.37
C PRO A 110 1.84 1.74 15.31
N GLU A 111 2.15 1.17 16.46
CA GLU A 111 2.58 -0.22 16.53
C GLU A 111 1.42 -1.18 16.18
N LEU A 112 0.21 -0.81 16.57
CA LEU A 112 -0.98 -1.65 16.34
C LEU A 112 -1.74 -1.25 15.08
N VAL A 113 -1.39 -0.13 14.47
CA VAL A 113 -2.03 0.26 13.22
C VAL A 113 -1.76 -0.82 12.18
N GLY A 114 -2.80 -1.30 11.57
CA GLY A 114 -2.69 -2.35 10.58
C GLY A 114 -2.89 -3.72 11.20
N LYS A 115 -3.10 -3.77 12.50
CA LYS A 115 -3.27 -5.04 13.18
C LYS A 115 -4.58 -5.09 13.91
N VAL A 116 -5.03 -6.29 14.09
CA VAL A 116 -6.23 -6.58 14.85
C VAL A 116 -6.00 -6.27 16.34
N ILE A 117 -6.97 -5.65 16.96
CA ILE A 117 -6.89 -5.29 18.35
C ILE A 117 -7.62 -6.36 19.18
N GLY A 118 -8.59 -7.01 18.56
CA GLY A 118 -9.29 -8.08 19.23
C GLY A 118 -10.55 -8.51 18.50
N THR A 119 -11.03 -9.65 18.88
CA THR A 119 -12.24 -10.22 18.38
C THR A 119 -13.21 -10.32 19.55
N ASN A 120 -14.49 -10.08 19.32
CA ASN A 120 -15.46 -10.22 20.41
C ASN A 120 -15.66 -11.70 20.77
N PRO A 121 -15.98 -12.63 19.82
CA PRO A 121 -16.00 -14.05 20.14
C PRO A 121 -14.56 -14.47 20.45
N PRO A 122 -14.35 -15.25 21.52
CA PRO A 122 -13.01 -15.65 21.94
C PRO A 122 -12.33 -16.50 20.88
N ALA A 123 -11.12 -16.09 20.52
CA ALA A 123 -10.33 -16.75 19.48
C ALA A 123 -9.80 -18.11 19.92
N ASN A 124 -10.14 -18.51 21.10
CA ASN A 124 -9.71 -19.80 21.64
C ASN A 124 -10.85 -20.77 21.72
N GLN A 125 -12.06 -20.27 21.56
CA GLN A 125 -13.23 -21.08 21.78
C GLN A 125 -13.85 -21.52 20.47
N THR A 126 -14.82 -22.37 20.59
CA THR A 126 -15.49 -22.93 19.47
C THR A 126 -16.70 -22.05 19.12
N SER A 127 -16.71 -21.52 17.92
CA SER A 127 -17.76 -20.64 17.47
C SER A 127 -18.73 -21.38 16.54
N ALA A 128 -19.99 -21.01 16.61
CA ALA A 128 -21.05 -21.66 15.85
C ALA A 128 -21.08 -21.17 14.40
N ILE A 129 -21.58 -22.02 13.51
CA ILE A 129 -21.64 -21.70 12.06
C ILE A 129 -22.76 -20.66 11.77
N THR A 130 -23.51 -20.34 12.78
CA THR A 130 -24.56 -19.36 12.68
C THR A 130 -24.18 -18.07 13.44
N ASN A 131 -22.95 -18.04 13.94
CA ASN A 131 -22.46 -16.96 14.81
C ASN A 131 -21.66 -15.92 13.99
N VAL A 132 -21.69 -14.67 14.45
CA VAL A 132 -21.04 -13.55 13.78
C VAL A 132 -19.80 -13.10 14.56
N VAL A 133 -18.67 -13.03 13.89
CA VAL A 133 -17.43 -12.62 14.51
C VAL A 133 -17.12 -11.16 14.18
N ILE A 134 -17.03 -10.32 15.19
CA ILE A 134 -16.68 -8.93 14.98
C ILE A 134 -15.23 -8.70 15.40
N ILE A 135 -14.48 -8.16 14.50
CA ILE A 135 -13.07 -7.91 14.66
C ILE A 135 -12.75 -6.43 14.52
N ILE A 136 -12.05 -5.91 15.49
CA ILE A 136 -11.62 -4.54 15.49
C ILE A 136 -10.13 -4.46 15.13
N VAL A 137 -9.81 -3.66 14.15
CA VAL A 137 -8.45 -3.47 13.68
C VAL A 137 -8.04 -1.99 13.85
N GLY A 138 -6.81 -1.78 14.28
CA GLY A 138 -6.30 -0.45 14.48
C GLY A 138 -5.93 0.19 13.18
N SER A 139 -6.43 1.37 12.93
CA SER A 139 -6.17 2.05 11.69
C SER A 139 -6.04 3.54 12.00
N GLY A 140 -5.44 4.31 11.12
CA GLY A 140 -5.30 5.72 11.36
C GLY A 140 -4.06 6.28 10.71
N PRO A 141 -4.11 6.61 9.43
CA PRO A 141 -2.95 7.13 8.71
C PRO A 141 -2.71 8.61 9.00
N ALA A 142 -1.61 8.90 9.67
CA ALA A 142 -1.22 10.28 9.98
C ALA A 142 -0.23 10.75 8.93
N THR A 143 -0.34 10.11 7.83
CA THR A 143 0.51 10.27 6.70
C THR A 143 -0.32 10.77 5.53
N LYS A 144 0.30 11.53 4.66
CA LYS A 144 -0.33 11.99 3.46
C LYS A 144 0.63 11.86 2.31
N ASP A 145 0.10 11.60 1.15
CA ASP A 145 0.87 11.45 -0.04
C ASP A 145 1.19 12.82 -0.59
N ILE A 146 2.44 13.04 -0.88
CA ILE A 146 2.86 14.30 -1.43
C ILE A 146 2.73 14.30 -2.95
N PRO A 147 2.13 15.33 -3.52
CA PRO A 147 2.08 15.50 -4.96
C PRO A 147 3.39 16.12 -5.44
N ASP A 148 3.47 16.48 -6.70
CA ASP A 148 4.67 17.13 -7.18
C ASP A 148 4.56 18.58 -6.82
N VAL A 149 5.67 19.18 -6.59
CA VAL A 149 5.72 20.57 -6.30
C VAL A 149 6.99 21.15 -6.90
N ALA A 150 6.87 21.52 -8.15
CA ALA A 150 7.95 22.05 -8.91
C ALA A 150 7.40 23.01 -9.93
N GLY A 151 7.94 24.20 -9.97
CA GLY A 151 7.51 25.15 -10.96
C GLY A 151 7.02 26.41 -10.33
N GLN A 152 6.66 26.33 -9.09
CA GLN A 152 6.19 27.48 -8.37
C GLN A 152 7.25 28.00 -7.46
N THR A 153 6.96 29.09 -6.81
CA THR A 153 7.92 29.67 -5.92
C THR A 153 7.78 29.06 -4.54
N VAL A 154 8.83 29.15 -3.76
CA VAL A 154 8.91 28.61 -2.41
C VAL A 154 7.71 29.03 -1.56
N ASP A 155 7.31 30.28 -1.67
CA ASP A 155 6.17 30.80 -0.91
C ASP A 155 4.86 30.07 -1.27
N VAL A 156 4.66 29.81 -2.55
CA VAL A 156 3.45 29.09 -3.00
C VAL A 156 3.53 27.62 -2.59
N ALA A 157 4.71 27.04 -2.75
CA ALA A 157 4.96 25.66 -2.38
C ALA A 157 4.71 25.45 -0.89
N GLN A 158 5.18 26.40 -0.10
CA GLN A 158 5.05 26.38 1.35
C GLN A 158 3.58 26.35 1.73
N LYS A 159 2.80 27.20 1.08
CA LYS A 159 1.39 27.31 1.32
C LYS A 159 0.72 25.97 1.03
N ASN A 160 1.10 25.36 -0.08
CA ASN A 160 0.55 24.08 -0.49
C ASN A 160 0.84 23.01 0.54
N LEU A 161 2.09 22.92 0.97
CA LEU A 161 2.48 21.93 1.97
C LEU A 161 1.80 22.16 3.30
N ASN A 162 1.66 23.43 3.69
CA ASN A 162 0.99 23.77 4.94
C ASN A 162 -0.45 23.33 4.93
N VAL A 163 -1.10 23.48 3.77
CA VAL A 163 -2.49 23.04 3.58
C VAL A 163 -2.60 21.52 3.80
N TYR A 164 -1.57 20.78 3.39
CA TYR A 164 -1.59 19.33 3.52
C TYR A 164 -1.27 18.90 4.96
N GLY A 165 -0.94 19.87 5.79
CA GLY A 165 -0.68 19.57 7.18
C GLY A 165 0.78 19.43 7.48
N PHE A 166 1.61 19.65 6.49
CA PHE A 166 3.03 19.52 6.68
C PHE A 166 3.54 20.81 7.18
N THR A 167 4.05 20.79 8.37
CA THR A 167 4.50 22.01 8.96
C THR A 167 6.01 21.99 9.18
N LYS A 168 6.68 21.02 8.62
CA LYS A 168 8.11 20.97 8.71
C LYS A 168 8.69 20.79 7.35
N PHE A 169 9.38 21.77 6.89
CA PHE A 169 10.02 21.71 5.62
C PHE A 169 11.46 22.13 5.73
N SER A 170 12.25 21.61 4.89
CA SER A 170 13.62 22.01 4.77
C SER A 170 13.85 22.35 3.33
N GLN A 171 14.69 23.30 3.06
CA GLN A 171 14.95 23.68 1.72
C GLN A 171 16.40 23.43 1.39
N ALA A 172 16.63 22.78 0.31
CA ALA A 172 17.95 22.56 -0.17
C ALA A 172 18.14 23.46 -1.34
N SER A 173 19.04 24.38 -1.22
CA SER A 173 19.26 25.35 -2.24
C SER A 173 20.29 24.84 -3.24
N VAL A 174 19.82 24.64 -4.43
CA VAL A 174 20.59 24.13 -5.52
C VAL A 174 20.56 25.15 -6.64
N ASP A 175 21.37 24.97 -7.62
CA ASP A 175 21.43 25.93 -8.69
C ASP A 175 20.72 25.44 -9.92
N SER A 176 20.19 26.36 -10.65
CA SER A 176 19.53 26.10 -11.91
C SER A 176 19.76 27.35 -12.75
N PRO A 177 19.30 27.43 -14.01
CA PRO A 177 19.37 28.68 -14.77
C PRO A 177 18.12 29.55 -14.52
N ARG A 178 17.11 28.96 -13.90
CA ARG A 178 15.89 29.63 -13.57
C ARG A 178 16.03 30.32 -12.21
N PRO A 179 15.34 31.46 -12.00
CA PRO A 179 15.54 32.34 -10.82
C PRO A 179 15.36 31.70 -9.43
N ALA A 180 16.14 32.25 -8.50
CA ALA A 180 16.16 31.85 -7.12
C ALA A 180 14.82 32.02 -6.48
N GLY A 181 14.43 31.05 -5.72
CA GLY A 181 13.17 31.12 -5.05
C GLY A 181 12.20 30.13 -5.65
N GLU A 182 12.50 29.69 -6.85
CA GLU A 182 11.66 28.73 -7.50
C GLU A 182 11.96 27.33 -6.97
N VAL A 183 10.92 26.57 -6.71
CA VAL A 183 11.08 25.23 -6.23
C VAL A 183 11.24 24.32 -7.43
N THR A 184 12.35 23.63 -7.49
CA THR A 184 12.64 22.79 -8.61
C THR A 184 12.17 21.35 -8.36
N GLY A 185 11.63 21.12 -7.18
CA GLY A 185 11.07 19.83 -6.84
C GLY A 185 11.30 19.51 -5.40
N THR A 186 11.07 18.28 -5.03
CA THR A 186 11.35 17.83 -3.69
C THR A 186 12.38 16.75 -3.70
N ASN A 187 13.01 16.54 -2.57
CA ASN A 187 13.96 15.45 -2.44
C ASN A 187 13.22 14.09 -2.43
N PRO A 188 12.17 13.88 -1.57
CA PRO A 188 11.34 12.68 -1.68
C PRO A 188 10.45 12.79 -2.92
N PRO A 189 10.33 11.72 -3.71
CA PRO A 189 9.54 11.75 -4.95
C PRO A 189 8.02 11.86 -4.72
N ALA A 190 7.34 12.40 -5.71
CA ALA A 190 5.90 12.56 -5.66
C ALA A 190 5.22 11.20 -5.54
N GLY A 191 4.22 11.12 -4.71
CA GLY A 191 3.50 9.90 -4.51
C GLY A 191 3.82 9.29 -3.15
N THR A 192 4.94 9.69 -2.59
CA THR A 192 5.40 9.18 -1.32
C THR A 192 4.51 9.69 -0.19
N THR A 193 4.09 8.81 0.69
CA THR A 193 3.30 9.20 1.82
C THR A 193 4.21 9.34 3.04
N VAL A 194 4.10 10.45 3.69
CA VAL A 194 4.89 10.73 4.86
C VAL A 194 3.99 11.35 5.93
N PRO A 195 4.35 11.21 7.21
CA PRO A 195 3.58 11.80 8.31
C PRO A 195 3.60 13.32 8.24
N VAL A 196 2.46 13.94 8.50
CA VAL A 196 2.29 15.40 8.39
C VAL A 196 3.17 16.18 9.37
N ASP A 197 3.60 15.54 10.42
CA ASP A 197 4.45 16.18 11.43
C ASP A 197 5.92 15.93 11.13
N SER A 198 6.19 15.27 10.02
CA SER A 198 7.54 14.99 9.62
C SER A 198 8.06 16.09 8.67
N VAL A 199 9.29 15.96 8.25
CA VAL A 199 9.93 16.98 7.45
C VAL A 199 10.06 16.55 6.00
N ILE A 200 9.67 17.42 5.10
CA ILE A 200 9.90 17.19 3.69
C ILE A 200 10.87 18.24 3.19
N GLU A 201 11.83 17.83 2.39
CA GLU A 201 12.80 18.76 1.89
C GLU A 201 12.53 19.12 0.44
N LEU A 202 12.41 20.40 0.22
CA LEU A 202 12.16 20.97 -1.08
C LEU A 202 13.47 21.44 -1.72
N GLN A 203 13.64 21.13 -2.96
CA GLN A 203 14.81 21.55 -3.70
C GLN A 203 14.49 22.93 -4.27
N VAL A 204 15.24 23.94 -3.91
CA VAL A 204 14.97 25.29 -4.37
C VAL A 204 16.11 25.77 -5.25
N SER A 205 15.77 26.30 -6.40
CA SER A 205 16.73 26.78 -7.39
C SER A 205 17.27 28.18 -7.08
N LYS A 206 18.44 28.46 -7.64
CA LYS A 206 19.01 29.78 -7.71
C LYS A 206 19.15 30.09 -9.17
N GLY A 207 19.21 31.36 -9.55
CA GLY A 207 19.23 31.70 -10.94
C GLY A 207 20.54 31.41 -11.58
N ASN A 208 21.62 31.75 -10.87
CA ASN A 208 23.02 31.42 -11.28
C ASN A 208 23.47 32.18 -12.57
N GLN A 209 22.52 32.77 -13.25
CA GLN A 209 22.69 33.59 -14.42
C GLN A 209 21.80 34.82 -14.26
N PHE A 210 22.09 35.84 -15.00
CA PHE A 210 21.26 37.04 -14.99
C PHE A 210 21.10 37.57 -16.40
N VAL A 211 19.89 37.96 -16.74
CA VAL A 211 19.55 38.47 -18.07
C VAL A 211 20.38 39.72 -18.45
N MET A 212 21.11 39.61 -19.54
CA MET A 212 22.03 40.67 -19.96
C MET A 212 21.34 41.73 -20.84
N PRO A 213 21.79 42.99 -20.72
CA PRO A 213 21.35 44.13 -21.54
C PRO A 213 21.92 44.10 -22.98
N ASP A 214 21.40 44.99 -23.83
CA ASP A 214 21.86 45.12 -25.22
C ASP A 214 23.14 45.94 -25.32
N LEU A 215 24.16 45.35 -25.93
CA LEU A 215 25.43 46.06 -26.21
C LEU A 215 25.57 46.22 -27.72
N SER A 216 24.62 45.65 -28.41
CA SER A 216 24.58 45.64 -29.85
C SER A 216 24.34 47.05 -30.41
N GLY A 217 25.07 47.37 -31.48
CA GLY A 217 24.88 48.63 -32.15
C GLY A 217 25.57 49.76 -31.44
N MET A 218 26.66 49.44 -30.80
CA MET A 218 27.45 50.39 -30.04
C MET A 218 28.90 50.16 -30.31
N PHE A 219 29.72 51.03 -29.80
CA PHE A 219 31.13 50.90 -29.97
C PHE A 219 31.75 50.31 -28.73
N TRP A 220 32.97 49.87 -28.83
CA TRP A 220 33.67 49.32 -27.68
C TRP A 220 33.94 50.43 -26.67
N VAL A 221 34.06 51.65 -27.18
CA VAL A 221 34.23 52.82 -26.34
C VAL A 221 32.93 53.11 -25.52
N ASP A 222 31.85 52.42 -25.86
CA ASP A 222 30.61 52.49 -25.10
C ASP A 222 30.54 51.27 -24.21
N ALA A 223 30.87 50.12 -24.80
CA ALA A 223 30.81 48.82 -24.12
C ALA A 223 31.70 48.76 -22.88
N GLU A 224 32.97 49.13 -23.05
CA GLU A 224 33.94 49.11 -21.94
C GLU A 224 33.43 49.91 -20.69
N PRO A 225 33.06 51.23 -20.82
CA PRO A 225 32.51 52.00 -19.68
C PRO A 225 31.23 51.36 -19.12
N ARG A 226 30.39 50.81 -20.00
CA ARG A 226 29.15 50.19 -19.55
C ARG A 226 29.42 48.95 -18.71
N LEU A 227 30.45 48.20 -19.08
CA LEU A 227 30.84 47.00 -18.34
C LEU A 227 31.26 47.38 -16.94
N ARG A 228 31.96 48.51 -16.85
CA ARG A 228 32.44 49.01 -15.56
C ARG A 228 31.24 49.39 -14.70
N ALA A 229 30.30 50.10 -15.32
CA ALA A 229 29.09 50.60 -14.66
C ALA A 229 28.17 49.45 -14.23
N LEU A 230 28.19 48.35 -14.95
CA LEU A 230 27.38 47.19 -14.63
C LEU A 230 28.05 46.35 -13.54
N GLY A 231 29.27 46.72 -13.19
CA GLY A 231 30.00 46.02 -12.18
C GLY A 231 30.47 44.67 -12.67
N TRP A 232 30.84 44.64 -13.93
CA TRP A 232 31.32 43.41 -14.54
C TRP A 232 32.74 43.13 -14.09
N THR A 233 32.98 41.95 -13.61
CA THR A 233 34.30 41.51 -13.26
C THR A 233 34.38 39.98 -13.46
N GLY A 234 34.68 39.57 -14.65
CA GLY A 234 34.79 38.16 -14.97
C GLY A 234 35.83 37.94 -16.03
N MET A 235 35.59 37.02 -16.93
CA MET A 235 36.51 36.77 -18.02
C MET A 235 36.08 37.50 -19.27
N LEU A 236 36.97 38.29 -19.80
CA LEU A 236 36.74 38.96 -21.04
C LEU A 236 37.37 38.13 -22.12
N ASP A 237 36.62 37.84 -23.14
CA ASP A 237 37.17 37.06 -24.22
C ASP A 237 37.63 38.06 -25.23
N LYS A 238 38.87 37.99 -25.55
CA LYS A 238 39.53 39.08 -26.20
C LYS A 238 39.34 39.07 -27.68
N GLY A 239 38.78 40.14 -28.15
CA GLY A 239 38.70 40.41 -29.53
C GLY A 239 39.69 41.47 -29.86
N ALA A 240 40.29 41.38 -31.00
CA ALA A 240 41.28 42.35 -31.38
C ALA A 240 40.63 43.42 -32.21
N ASP A 241 41.19 44.61 -32.13
CA ASP A 241 40.77 45.70 -32.97
C ASP A 241 41.27 45.42 -34.36
N VAL A 242 40.39 45.41 -35.30
CA VAL A 242 40.74 45.04 -36.64
C VAL A 242 40.79 46.26 -37.54
N ASP A 243 41.92 46.48 -38.18
CA ASP A 243 41.99 47.54 -39.15
C ASP A 243 41.40 47.00 -40.44
N ALA A 244 40.24 47.47 -40.77
CA ALA A 244 39.55 47.01 -41.95
C ALA A 244 38.97 48.19 -42.67
N GLY A 245 39.50 49.35 -42.41
CA GLY A 245 38.98 50.54 -43.01
C GLY A 245 38.11 51.28 -42.03
N GLY A 246 37.69 52.47 -42.44
CA GLY A 246 36.93 53.36 -41.59
C GLY A 246 35.60 52.80 -41.14
N SER A 247 34.97 52.02 -41.99
CA SER A 247 33.63 51.46 -41.76
C SER A 247 33.53 50.60 -40.46
N GLN A 248 34.62 50.05 -40.01
CA GLN A 248 34.59 49.15 -38.86
C GLN A 248 34.95 49.84 -37.54
N HIS A 249 35.26 51.13 -37.61
CA HIS A 249 35.77 51.95 -36.47
C HIS A 249 35.18 51.61 -35.07
N ASN A 250 35.95 50.81 -34.31
CA ASN A 250 35.71 50.47 -32.88
C ASN A 250 34.29 49.88 -32.55
N ARG A 251 33.53 49.55 -33.56
CA ARG A 251 32.16 49.09 -33.33
C ARG A 251 32.14 47.63 -32.92
N VAL A 252 31.23 47.27 -32.02
CA VAL A 252 31.11 45.90 -31.57
C VAL A 252 30.47 45.08 -32.66
N VAL A 253 31.06 43.97 -33.00
CA VAL A 253 30.57 43.18 -34.10
C VAL A 253 29.61 42.12 -33.60
N TYR A 254 30.04 41.43 -32.58
CA TYR A 254 29.23 40.40 -31.99
C TYR A 254 29.51 40.31 -30.52
N GLN A 255 28.52 39.89 -29.79
CA GLN A 255 28.64 39.62 -28.38
C GLN A 255 28.41 38.14 -28.16
N ASN A 256 29.18 37.53 -27.23
CA ASN A 256 29.11 36.06 -26.99
C ASN A 256 27.66 35.58 -26.77
N PRO A 257 26.92 36.11 -25.78
CA PRO A 257 25.52 35.80 -25.65
C PRO A 257 24.67 36.94 -26.23
N PRO A 258 23.60 36.64 -26.95
CA PRO A 258 22.71 37.67 -27.45
C PRO A 258 21.93 38.29 -26.29
N ALA A 259 21.62 39.56 -26.40
CA ALA A 259 20.90 40.26 -25.35
C ALA A 259 19.55 39.64 -25.15
N GLY A 260 19.17 39.51 -23.91
CA GLY A 260 17.95 38.85 -23.58
C GLY A 260 18.21 37.47 -23.02
N THR A 261 19.46 37.06 -23.09
CA THR A 261 19.86 35.78 -22.56
C THR A 261 20.52 36.01 -21.20
N GLY A 262 20.53 34.99 -20.36
CA GLY A 262 21.15 35.08 -19.08
C GLY A 262 22.62 34.78 -19.17
N VAL A 263 23.41 35.62 -18.57
CA VAL A 263 24.84 35.42 -18.53
C VAL A 263 25.24 34.77 -17.25
N ASN A 264 26.21 33.89 -17.35
CA ASN A 264 26.73 33.13 -16.26
C ASN A 264 27.25 34.02 -15.14
N ARG A 265 27.49 33.39 -14.01
CA ARG A 265 27.94 34.05 -12.81
C ARG A 265 29.29 34.75 -13.01
N ASP A 266 30.07 34.26 -13.97
CA ASP A 266 31.34 34.89 -14.31
C ASP A 266 31.11 36.12 -15.16
N GLY A 267 30.13 36.06 -16.07
CA GLY A 267 29.86 37.20 -16.89
C GLY A 267 30.64 37.18 -18.18
N ILE A 268 31.07 36.02 -18.60
CA ILE A 268 32.03 35.94 -19.70
C ILE A 268 31.39 36.43 -21.03
N ILE A 269 32.05 37.43 -21.60
CA ILE A 269 31.58 38.13 -22.78
C ILE A 269 32.68 38.21 -23.86
N THR A 270 32.30 37.88 -25.07
CA THR A 270 33.17 38.00 -26.24
C THR A 270 32.72 39.22 -27.03
N LEU A 271 33.67 40.00 -27.50
CA LEU A 271 33.43 41.19 -28.30
C LEU A 271 34.46 41.21 -29.40
N ARG A 272 34.16 41.88 -30.45
CA ARG A 272 35.05 42.04 -31.56
C ARG A 272 34.79 43.43 -32.04
N PHE A 273 35.81 44.17 -32.34
CA PHE A 273 35.66 45.54 -32.76
C PHE A 273 36.65 45.90 -33.84
N GLY A 274 36.38 46.95 -34.54
CA GLY A 274 37.27 47.42 -35.54
C GLY A 274 38.31 48.37 -34.98
N GLN A 275 38.94 49.10 -35.86
CA GLN A 275 39.98 50.01 -35.50
C GLN A 275 39.41 51.26 -34.88
N GLY A 4 -44.59 -72.23 14.26
CA GLY A 4 -45.48 -72.97 15.15
C GLY A 4 -46.02 -72.07 16.22
N ILE A 5 -46.45 -72.66 17.32
CA ILE A 5 -46.98 -71.90 18.41
C ILE A 5 -45.84 -71.21 19.17
N THR A 6 -45.87 -69.91 19.16
CA THR A 6 -44.80 -69.14 19.73
C THR A 6 -45.37 -68.22 20.83
N ARG A 7 -44.50 -67.77 21.71
CA ARG A 7 -44.82 -66.91 22.80
C ARG A 7 -43.89 -65.74 22.76
N ASP A 8 -44.39 -64.71 22.17
CA ASP A 8 -43.68 -63.46 21.99
C ASP A 8 -43.48 -62.80 23.33
N VAL A 9 -42.29 -62.33 23.55
CA VAL A 9 -41.91 -61.75 24.82
C VAL A 9 -41.47 -60.33 24.60
N GLN A 10 -41.41 -59.56 25.64
CA GLN A 10 -40.93 -58.26 25.53
C GLN A 10 -39.49 -58.26 25.85
N VAL A 11 -38.77 -57.55 25.07
CA VAL A 11 -37.37 -57.52 25.13
C VAL A 11 -36.91 -56.31 25.92
N PRO A 12 -36.03 -56.50 26.91
CA PRO A 12 -35.50 -55.40 27.67
C PRO A 12 -34.66 -54.51 26.79
N ASP A 13 -35.06 -53.29 26.72
CA ASP A 13 -34.43 -52.36 25.85
C ASP A 13 -33.44 -51.57 26.70
N VAL A 14 -32.27 -52.17 26.85
CA VAL A 14 -31.17 -51.72 27.76
C VAL A 14 -30.41 -50.43 27.32
N ARG A 15 -31.14 -49.56 26.71
CA ARG A 15 -30.68 -48.26 26.25
C ARG A 15 -30.28 -47.34 27.41
N GLY A 16 -29.30 -46.49 27.16
CA GLY A 16 -28.74 -45.61 28.18
C GLY A 16 -27.38 -46.09 28.59
N GLN A 17 -26.95 -47.15 27.97
CA GLN A 17 -25.64 -47.69 28.15
C GLN A 17 -24.85 -47.47 26.86
N SER A 18 -23.88 -48.29 26.63
CA SER A 18 -23.02 -48.14 25.50
C SER A 18 -23.50 -49.03 24.38
N SER A 19 -22.96 -48.81 23.22
CA SER A 19 -23.28 -49.55 22.05
C SER A 19 -22.90 -51.02 22.26
N ALA A 20 -21.70 -51.23 22.76
CA ALA A 20 -21.15 -52.56 22.96
C ALA A 20 -21.90 -53.34 24.00
N ASP A 21 -22.21 -52.71 25.13
CA ASP A 21 -22.89 -53.42 26.22
C ASP A 21 -24.29 -53.81 25.80
N ALA A 22 -25.01 -52.86 25.22
CA ALA A 22 -26.38 -53.08 24.81
C ALA A 22 -26.47 -54.08 23.66
N ILE A 23 -25.56 -53.98 22.68
CA ILE A 23 -25.53 -54.90 21.56
C ILE A 23 -25.11 -56.29 22.03
N ALA A 24 -24.15 -56.36 22.96
CA ALA A 24 -23.69 -57.64 23.50
C ALA A 24 -24.83 -58.35 24.19
N THR A 25 -25.64 -57.58 24.90
CA THR A 25 -26.77 -58.12 25.62
C THR A 25 -27.77 -58.74 24.64
N LEU A 26 -28.08 -58.00 23.59
CA LEU A 26 -29.03 -58.46 22.58
C LEU A 26 -28.48 -59.69 21.87
N GLN A 27 -27.20 -59.66 21.56
CA GLN A 27 -26.54 -60.75 20.88
C GLN A 27 -26.53 -61.99 21.78
N ASN A 28 -26.27 -61.79 23.07
CA ASN A 28 -26.30 -62.87 24.03
C ASN A 28 -27.68 -63.40 24.28
N ARG A 29 -28.69 -62.62 23.91
CA ARG A 29 -30.07 -63.05 24.03
C ARG A 29 -30.48 -63.77 22.75
N GLY A 30 -29.64 -63.67 21.74
CA GLY A 30 -29.89 -64.35 20.47
C GLY A 30 -30.44 -63.41 19.40
N PHE A 31 -30.56 -62.15 19.75
CA PHE A 31 -31.12 -61.17 18.87
C PHE A 31 -30.09 -60.65 17.89
N LYS A 32 -30.58 -60.19 16.78
CA LYS A 32 -29.76 -59.66 15.74
C LYS A 32 -29.86 -58.15 15.83
N ILE A 33 -28.79 -57.47 15.52
CA ILE A 33 -28.81 -56.04 15.57
C ILE A 33 -28.29 -55.51 14.26
N ARG A 34 -28.84 -54.44 13.83
CA ARG A 34 -28.40 -53.73 12.67
C ARG A 34 -27.82 -52.45 13.18
N THR A 35 -26.64 -52.15 12.79
CA THR A 35 -26.01 -50.96 13.26
C THR A 35 -25.83 -50.02 12.06
N LEU A 36 -26.45 -48.88 12.10
CA LEU A 36 -26.37 -47.96 10.99
C LEU A 36 -25.61 -46.72 11.45
N GLN A 37 -24.60 -46.32 10.70
CA GLN A 37 -23.77 -45.18 11.03
C GLN A 37 -24.22 -43.97 10.22
N LYS A 38 -24.47 -42.87 10.89
CA LYS A 38 -24.88 -41.65 10.21
C LYS A 38 -24.10 -40.44 10.69
N PRO A 39 -23.42 -39.71 9.80
CA PRO A 39 -22.79 -38.45 10.14
C PRO A 39 -23.84 -37.34 10.07
N ASP A 40 -23.95 -36.56 11.13
CA ASP A 40 -24.98 -35.51 11.28
C ASP A 40 -24.85 -35.03 12.71
N SER A 41 -25.84 -34.37 13.24
CA SER A 41 -25.81 -33.91 14.60
C SER A 41 -27.20 -34.04 15.27
N THR A 42 -28.16 -34.58 14.53
CA THR A 42 -29.52 -34.66 15.01
C THR A 42 -29.83 -36.05 15.59
N ILE A 43 -29.12 -37.03 15.10
CA ILE A 43 -29.35 -38.39 15.53
C ILE A 43 -28.51 -38.69 16.78
N PRO A 44 -28.99 -39.63 17.63
CA PRO A 44 -28.32 -40.11 18.85
C PRO A 44 -26.77 -40.21 18.81
N PRO A 45 -26.11 -40.04 19.99
CA PRO A 45 -24.66 -40.27 20.17
C PRO A 45 -24.29 -41.69 19.80
N ASP A 46 -23.01 -41.96 19.57
CA ASP A 46 -22.56 -43.30 19.12
C ASP A 46 -22.93 -44.45 20.11
N HIS A 47 -23.41 -44.06 21.30
CA HIS A 47 -23.84 -45.01 22.33
C HIS A 47 -25.33 -45.22 22.22
N VAL A 48 -25.91 -46.01 23.08
CA VAL A 48 -27.30 -46.18 22.95
C VAL A 48 -28.04 -45.27 23.91
N ILE A 49 -28.81 -44.38 23.40
CA ILE A 49 -29.62 -43.53 24.24
C ILE A 49 -31.08 -43.95 24.10
N GLY A 50 -31.53 -44.11 22.86
CA GLY A 50 -32.89 -44.45 22.60
C GLY A 50 -33.01 -45.33 21.39
N THR A 51 -34.18 -45.87 21.21
CA THR A 51 -34.52 -46.80 20.16
C THR A 51 -36.01 -46.74 19.87
N ASP A 52 -36.46 -47.58 18.99
CA ASP A 52 -37.85 -47.64 18.62
C ASP A 52 -38.48 -48.76 19.40
N PRO A 53 -39.82 -48.72 19.62
CA PRO A 53 -40.56 -49.66 20.51
C PRO A 53 -40.48 -51.15 20.12
N ALA A 54 -39.62 -51.49 19.18
CA ALA A 54 -39.47 -52.87 18.71
C ALA A 54 -39.22 -53.84 19.86
N ALA A 55 -38.35 -53.45 20.79
CA ALA A 55 -38.02 -54.30 21.93
C ALA A 55 -39.10 -54.22 23.00
N ASN A 56 -39.73 -53.07 23.12
CA ASN A 56 -40.80 -52.85 24.09
C ASN A 56 -42.12 -53.43 23.61
N THR A 57 -42.09 -54.03 22.46
CA THR A 57 -43.20 -54.77 21.94
C THR A 57 -42.85 -56.25 22.08
N SER A 58 -43.83 -57.10 22.26
CA SER A 58 -43.55 -58.48 22.38
C SER A 58 -43.25 -59.09 21.00
N VAL A 59 -42.01 -59.52 20.85
CA VAL A 59 -41.53 -60.14 19.63
C VAL A 59 -41.01 -61.52 19.95
N SER A 60 -40.72 -62.30 18.93
CA SER A 60 -40.21 -63.62 19.12
C SER A 60 -38.73 -63.53 19.50
N ALA A 61 -38.23 -64.56 20.14
CA ALA A 61 -36.86 -64.61 20.54
C ALA A 61 -35.96 -64.73 19.33
N GLY A 62 -35.25 -63.68 19.05
CA GLY A 62 -34.34 -63.66 17.94
C GLY A 62 -34.86 -62.78 16.82
N ASP A 63 -35.15 -61.55 17.13
CA ASP A 63 -35.62 -60.59 16.14
C ASP A 63 -34.42 -59.71 15.73
N GLU A 64 -34.65 -58.70 14.93
CA GLU A 64 -33.60 -57.84 14.44
C GLU A 64 -33.87 -56.41 14.89
N ILE A 65 -33.01 -55.90 15.73
CA ILE A 65 -33.16 -54.56 16.25
C ILE A 65 -32.17 -53.64 15.55
N THR A 66 -32.60 -52.49 15.12
CA THR A 66 -31.73 -51.55 14.43
C THR A 66 -31.32 -50.43 15.38
N VAL A 67 -30.04 -50.13 15.41
CA VAL A 67 -29.52 -49.06 16.20
C VAL A 67 -28.93 -47.99 15.26
N ASN A 68 -29.23 -46.75 15.52
CA ASN A 68 -28.70 -45.68 14.72
C ASN A 68 -27.61 -44.96 15.50
N VAL A 69 -26.40 -45.08 15.00
CA VAL A 69 -25.20 -44.60 15.64
C VAL A 69 -24.65 -43.43 14.83
N SER A 70 -24.32 -42.34 15.47
CA SER A 70 -23.79 -41.23 14.75
C SER A 70 -22.29 -41.30 14.73
N THR A 71 -21.71 -41.33 13.56
CA THR A 71 -20.30 -41.27 13.40
C THR A 71 -19.91 -40.06 12.56
N GLY A 72 -19.34 -39.06 13.18
CA GLY A 72 -18.88 -37.93 12.43
C GLY A 72 -19.82 -36.74 12.50
N PRO A 73 -19.31 -35.58 12.94
CA PRO A 73 -20.08 -34.34 12.98
C PRO A 73 -20.07 -33.65 11.63
N GLU A 74 -21.05 -32.79 11.43
CA GLU A 74 -21.21 -32.08 10.19
C GLU A 74 -20.14 -31.02 10.03
N GLN A 75 -20.02 -30.51 8.82
CA GLN A 75 -19.07 -29.50 8.51
C GLN A 75 -19.71 -28.18 8.81
N ARG A 76 -18.94 -27.16 9.02
CA ARG A 76 -19.49 -25.93 9.52
C ARG A 76 -19.25 -24.78 8.61
N GLU A 77 -20.16 -23.85 8.68
CA GLU A 77 -20.12 -22.70 7.82
C GLU A 77 -19.20 -21.66 8.41
N ILE A 78 -18.42 -21.03 7.57
CA ILE A 78 -17.50 -20.02 8.03
C ILE A 78 -18.27 -18.73 8.21
N PRO A 79 -18.35 -18.19 9.44
CA PRO A 79 -19.01 -16.93 9.68
C PRO A 79 -18.17 -15.78 9.12
N ASP A 80 -18.79 -14.80 8.51
CA ASP A 80 -18.02 -13.67 8.06
C ASP A 80 -17.94 -12.69 9.21
N VAL A 81 -16.76 -12.27 9.50
CA VAL A 81 -16.54 -11.37 10.60
C VAL A 81 -15.94 -10.10 10.03
N SER A 82 -16.07 -9.01 10.75
CA SER A 82 -15.56 -7.74 10.32
C SER A 82 -14.02 -7.77 10.21
N THR A 83 -13.49 -7.03 9.26
CA THR A 83 -12.11 -7.06 8.87
C THR A 83 -11.18 -6.49 9.94
N LEU A 84 -11.72 -5.63 10.74
CA LEU A 84 -10.99 -5.02 11.80
C LEU A 84 -11.10 -5.82 13.08
N THR A 85 -11.99 -6.79 13.09
CA THR A 85 -12.27 -7.59 14.25
C THR A 85 -11.54 -8.96 14.14
N TYR A 86 -10.27 -8.91 13.75
CA TYR A 86 -9.41 -10.09 13.57
C TYR A 86 -9.38 -11.05 14.77
N ALA A 87 -9.29 -10.51 15.97
CA ALA A 87 -9.20 -11.33 17.17
C ALA A 87 -10.46 -12.17 17.35
N GLU A 88 -11.60 -11.56 17.17
CA GLU A 88 -12.86 -12.27 17.19
C GLU A 88 -13.01 -13.16 15.96
N ALA A 89 -12.46 -12.73 14.83
CA ALA A 89 -12.54 -13.54 13.62
C ALA A 89 -11.87 -14.90 13.83
N VAL A 90 -10.64 -14.92 14.31
CA VAL A 90 -9.94 -16.17 14.59
C VAL A 90 -10.68 -16.95 15.69
N LYS A 91 -11.22 -16.20 16.63
CA LYS A 91 -12.04 -16.70 17.73
C LYS A 91 -13.28 -17.44 17.18
N LYS A 92 -13.95 -16.82 16.23
CA LYS A 92 -15.14 -17.35 15.61
C LYS A 92 -14.84 -18.61 14.83
N LEU A 93 -13.70 -18.63 14.14
CA LEU A 93 -13.26 -19.83 13.44
C LEU A 93 -13.01 -20.96 14.44
N THR A 94 -12.52 -20.59 15.61
CA THR A 94 -12.28 -21.55 16.67
C THR A 94 -13.60 -22.09 17.22
N ALA A 95 -14.53 -21.19 17.47
CA ALA A 95 -15.84 -21.51 18.03
C ALA A 95 -16.71 -22.31 17.06
N ALA A 96 -16.45 -22.16 15.78
CA ALA A 96 -17.24 -22.83 14.75
C ALA A 96 -16.84 -24.30 14.57
N GLY A 97 -15.82 -24.74 15.27
CA GLY A 97 -15.43 -26.12 15.19
C GLY A 97 -13.99 -26.27 14.82
N PHE A 98 -13.71 -26.14 13.52
CA PHE A 98 -12.35 -26.21 12.96
C PHE A 98 -11.30 -25.50 13.78
N GLY A 99 -11.39 -24.18 13.85
CA GLY A 99 -10.43 -23.38 14.56
C GLY A 99 -9.04 -23.48 13.99
N ARG A 100 -8.97 -23.79 12.73
CA ARG A 100 -7.72 -23.92 12.05
C ARG A 100 -7.56 -22.70 11.20
N PHE A 101 -6.64 -21.85 11.55
CA PHE A 101 -6.48 -20.64 10.84
C PHE A 101 -5.03 -20.26 10.68
N LYS A 102 -4.77 -19.50 9.67
CA LYS A 102 -3.46 -18.99 9.36
C LYS A 102 -3.62 -17.55 8.97
N GLN A 103 -2.77 -16.71 9.48
CA GLN A 103 -2.78 -15.32 9.12
C GLN A 103 -1.70 -15.05 8.10
N ALA A 104 -2.05 -14.35 7.06
CA ALA A 104 -1.12 -13.99 6.04
C ALA A 104 -1.15 -12.49 5.82
N ASN A 105 -0.05 -11.95 5.40
CA ASN A 105 0.07 -10.53 5.13
C ASN A 105 0.27 -10.37 3.66
N SER A 106 -0.32 -9.37 3.11
CA SER A 106 -0.16 -9.10 1.71
C SER A 106 -0.01 -7.61 1.52
N PRO A 107 0.95 -7.19 0.69
CA PRO A 107 1.10 -5.79 0.35
C PRO A 107 -0.03 -5.37 -0.59
N SER A 108 -0.77 -4.40 -0.18
CA SER A 108 -1.92 -3.94 -0.91
C SER A 108 -2.11 -2.43 -0.71
N THR A 109 -3.15 -1.89 -1.33
CA THR A 109 -3.51 -0.50 -1.24
C THR A 109 -3.51 0.01 0.23
N PRO A 110 -2.98 1.24 0.45
CA PRO A 110 -2.82 1.86 1.78
C PRO A 110 -4.11 1.89 2.61
N GLU A 111 -5.23 1.95 1.94
CA GLU A 111 -6.53 2.02 2.59
C GLU A 111 -6.93 0.69 3.26
N LEU A 112 -6.41 -0.42 2.76
CA LEU A 112 -6.73 -1.73 3.34
C LEU A 112 -5.70 -2.16 4.35
N VAL A 113 -4.66 -1.36 4.49
CA VAL A 113 -3.61 -1.62 5.46
C VAL A 113 -4.16 -1.64 6.86
N GLY A 114 -3.88 -2.70 7.58
CA GLY A 114 -4.29 -2.80 8.95
C GLY A 114 -5.58 -3.57 9.16
N LYS A 115 -6.26 -3.92 8.08
CA LYS A 115 -7.51 -4.64 8.22
C LYS A 115 -7.41 -5.91 7.46
N VAL A 116 -8.23 -6.85 7.82
CA VAL A 116 -8.28 -8.09 7.13
C VAL A 116 -8.92 -7.86 5.75
N ILE A 117 -8.46 -8.54 4.76
CA ILE A 117 -9.01 -8.39 3.43
C ILE A 117 -10.02 -9.50 3.22
N GLY A 118 -9.80 -10.60 3.90
CA GLY A 118 -10.73 -11.67 3.87
C GLY A 118 -10.07 -12.98 4.14
N THR A 119 -10.78 -14.01 3.84
CA THR A 119 -10.33 -15.35 3.96
C THR A 119 -10.31 -15.92 2.55
N ASN A 120 -9.33 -16.76 2.25
CA ASN A 120 -9.26 -17.38 0.93
C ASN A 120 -10.43 -18.37 0.74
N PRO A 121 -10.62 -19.38 1.64
CA PRO A 121 -11.86 -20.16 1.62
C PRO A 121 -13.04 -19.21 1.89
N PRO A 122 -14.12 -19.31 1.10
CA PRO A 122 -15.24 -18.37 1.19
C PRO A 122 -15.95 -18.38 2.54
N ALA A 123 -16.09 -17.19 3.10
CA ALA A 123 -16.77 -16.97 4.39
C ALA A 123 -18.30 -17.10 4.25
N ASN A 124 -18.72 -17.62 3.13
CA ASN A 124 -20.11 -17.88 2.89
C ASN A 124 -20.35 -19.39 2.85
N GLN A 125 -19.28 -20.18 2.90
CA GLN A 125 -19.40 -21.62 2.66
C GLN A 125 -19.02 -22.46 3.88
N THR A 126 -19.22 -23.74 3.73
CA THR A 126 -18.95 -24.71 4.74
C THR A 126 -17.61 -25.42 4.53
N SER A 127 -16.93 -25.66 5.61
CA SER A 127 -15.69 -26.36 5.63
C SER A 127 -15.67 -27.35 6.80
N ALA A 128 -14.97 -28.44 6.64
CA ALA A 128 -14.84 -29.43 7.68
C ALA A 128 -14.01 -28.89 8.84
N ILE A 129 -14.11 -29.54 9.98
CA ILE A 129 -13.40 -29.13 11.20
C ILE A 129 -11.88 -29.34 11.04
N THR A 130 -11.51 -30.09 10.05
CA THR A 130 -10.12 -30.31 9.77
C THR A 130 -9.59 -29.32 8.71
N ASN A 131 -10.43 -28.42 8.22
CA ASN A 131 -10.02 -27.47 7.18
C ASN A 131 -9.34 -26.27 7.78
N VAL A 132 -8.22 -25.90 7.19
CA VAL A 132 -7.48 -24.76 7.63
C VAL A 132 -7.85 -23.54 6.78
N VAL A 133 -8.22 -22.47 7.42
CA VAL A 133 -8.56 -21.28 6.71
C VAL A 133 -7.42 -20.28 6.77
N ILE A 134 -7.15 -19.66 5.67
CA ILE A 134 -6.10 -18.69 5.60
C ILE A 134 -6.72 -17.30 5.47
N ILE A 135 -6.41 -16.47 6.43
CA ILE A 135 -6.93 -15.14 6.54
C ILE A 135 -5.83 -14.13 6.25
N ILE A 136 -6.08 -13.30 5.29
CA ILE A 136 -5.12 -12.36 4.77
C ILE A 136 -5.43 -10.93 5.21
N VAL A 137 -4.45 -10.27 5.79
CA VAL A 137 -4.55 -8.88 6.22
C VAL A 137 -3.63 -8.02 5.32
N GLY A 138 -4.08 -6.82 4.99
CA GLY A 138 -3.33 -5.98 4.09
C GLY A 138 -2.32 -5.10 4.79
N SER A 139 -1.18 -4.95 4.16
CA SER A 139 -0.13 -4.10 4.63
C SER A 139 0.43 -3.37 3.41
N GLY A 140 1.13 -2.28 3.58
CA GLY A 140 1.66 -1.59 2.44
C GLY A 140 2.16 -0.21 2.76
N PRO A 141 3.08 0.32 1.93
CA PRO A 141 3.65 1.65 2.10
C PRO A 141 2.84 2.73 1.38
N ALA A 142 3.14 3.97 1.69
CA ALA A 142 2.51 5.12 1.06
C ALA A 142 3.59 5.93 0.35
N THR A 143 4.32 5.26 -0.49
CA THR A 143 5.44 5.82 -1.18
C THR A 143 5.21 5.79 -2.70
N LYS A 144 5.76 6.78 -3.39
CA LYS A 144 5.68 6.87 -4.85
C LYS A 144 7.01 7.39 -5.36
N ASP A 145 7.29 7.21 -6.63
CA ASP A 145 8.54 7.71 -7.19
C ASP A 145 8.30 9.01 -7.94
N ILE A 146 9.21 9.94 -7.77
CA ILE A 146 9.11 11.25 -8.38
C ILE A 146 9.51 11.21 -9.85
N PRO A 147 8.76 11.90 -10.72
CA PRO A 147 9.07 12.00 -12.15
C PRO A 147 10.15 13.08 -12.40
N ASP A 148 10.57 13.22 -13.65
CA ASP A 148 11.57 14.22 -14.00
C ASP A 148 10.86 15.52 -14.29
N VAL A 149 11.15 16.52 -13.53
CA VAL A 149 10.48 17.79 -13.70
C VAL A 149 11.49 18.86 -14.18
N ALA A 150 12.68 18.39 -14.51
CA ALA A 150 13.75 19.24 -14.97
C ALA A 150 13.41 19.81 -16.33
N GLY A 151 13.11 21.07 -16.36
CA GLY A 151 12.73 21.70 -17.60
C GLY A 151 11.49 22.53 -17.44
N GLN A 152 10.74 22.27 -16.38
CA GLN A 152 9.55 23.06 -16.12
C GLN A 152 9.86 24.10 -15.08
N THR A 153 8.95 25.00 -14.82
CA THR A 153 9.22 26.05 -13.89
C THR A 153 8.82 25.66 -12.50
N VAL A 154 9.41 26.33 -11.50
CA VAL A 154 9.19 26.00 -10.09
C VAL A 154 7.72 25.99 -9.70
N ASP A 155 6.96 26.94 -10.22
CA ASP A 155 5.52 27.06 -9.94
C ASP A 155 4.78 25.82 -10.46
N VAL A 156 5.14 25.38 -11.64
CA VAL A 156 4.51 24.24 -12.27
C VAL A 156 5.00 22.96 -11.61
N ALA A 157 6.26 22.95 -11.26
CA ALA A 157 6.90 21.81 -10.63
C ALA A 157 6.28 21.48 -9.29
N GLN A 158 6.15 22.48 -8.44
CA GLN A 158 5.59 22.26 -7.11
C GLN A 158 4.13 21.84 -7.20
N LYS A 159 3.43 22.39 -8.18
CA LYS A 159 2.05 22.08 -8.40
C LYS A 159 1.86 20.62 -8.82
N ASN A 160 2.57 20.17 -9.86
CA ASN A 160 2.37 18.81 -10.35
C ASN A 160 2.80 17.77 -9.33
N LEU A 161 3.90 18.04 -8.60
CA LEU A 161 4.34 17.15 -7.53
C LEU A 161 3.26 17.01 -6.46
N ASN A 162 2.61 18.13 -6.12
CA ASN A 162 1.52 18.11 -5.13
C ASN A 162 0.36 17.27 -5.60
N VAL A 163 0.07 17.36 -6.89
CA VAL A 163 -1.00 16.61 -7.52
C VAL A 163 -0.74 15.08 -7.45
N TYR A 164 0.53 14.68 -7.47
CA TYR A 164 0.86 13.25 -7.40
C TYR A 164 0.79 12.72 -5.97
N GLY A 165 0.73 13.63 -5.03
CA GLY A 165 0.63 13.23 -3.66
C GLY A 165 1.79 13.70 -2.83
N PHE A 166 2.84 14.14 -3.50
CA PHE A 166 4.04 14.61 -2.82
C PHE A 166 3.73 15.97 -2.33
N THR A 167 3.47 16.06 -1.07
CA THR A 167 2.91 17.25 -0.56
C THR A 167 3.95 18.27 -0.14
N LYS A 168 5.11 17.83 0.27
CA LYS A 168 6.09 18.74 0.79
C LYS A 168 7.25 18.94 -0.18
N PHE A 169 7.51 20.16 -0.51
CA PHE A 169 8.55 20.51 -1.44
C PHE A 169 9.43 21.62 -0.87
N SER A 170 10.66 21.62 -1.24
CA SER A 170 11.59 22.66 -0.91
C SER A 170 12.30 23.06 -2.17
N GLN A 171 12.61 24.31 -2.34
CA GLN A 171 13.30 24.75 -3.50
C GLN A 171 14.64 25.33 -3.10
N ALA A 172 15.61 25.10 -3.92
CA ALA A 172 16.94 25.60 -3.70
C ALA A 172 17.43 26.28 -4.96
N SER A 173 17.93 27.48 -4.81
CA SER A 173 18.44 28.22 -5.92
C SER A 173 19.87 27.81 -6.18
N VAL A 174 20.12 27.33 -7.37
CA VAL A 174 21.45 26.92 -7.76
C VAL A 174 21.85 27.73 -8.97
N ASP A 175 23.13 27.77 -9.28
CA ASP A 175 23.54 28.56 -10.41
C ASP A 175 23.35 27.76 -11.68
N SER A 176 22.78 28.39 -12.70
CA SER A 176 22.60 27.72 -13.98
C SER A 176 22.59 28.76 -15.12
N PRO A 177 22.67 28.33 -16.41
CA PRO A 177 22.55 29.24 -17.55
C PRO A 177 21.07 29.43 -17.94
N ARG A 178 20.20 28.66 -17.32
CA ARG A 178 18.78 28.75 -17.55
C ARG A 178 18.25 29.91 -16.74
N PRO A 179 17.23 30.64 -17.23
CA PRO A 179 16.67 31.80 -16.51
C PRO A 179 16.08 31.42 -15.15
N ALA A 180 16.09 32.38 -14.25
CA ALA A 180 15.64 32.18 -12.88
C ALA A 180 14.18 31.82 -12.83
N GLY A 181 13.91 30.63 -12.38
CA GLY A 181 12.54 30.19 -12.25
C GLY A 181 12.35 28.79 -12.79
N GLU A 182 13.21 28.38 -13.69
CA GLU A 182 13.11 27.05 -14.25
C GLU A 182 13.77 26.04 -13.31
N VAL A 183 13.15 24.91 -13.12
CA VAL A 183 13.70 23.87 -12.29
C VAL A 183 14.72 23.08 -13.10
N THR A 184 15.95 23.06 -12.63
CA THR A 184 17.01 22.36 -13.33
C THR A 184 16.95 20.87 -13.00
N GLY A 185 16.18 20.54 -11.99
CA GLY A 185 16.00 19.18 -11.58
C GLY A 185 15.77 19.11 -10.12
N THR A 186 15.77 17.95 -9.60
CA THR A 186 15.59 17.74 -8.20
C THR A 186 16.85 17.11 -7.64
N ASN A 187 17.04 17.20 -6.34
CA ASN A 187 18.22 16.59 -5.72
C ASN A 187 18.15 15.06 -5.81
N PRO A 188 17.03 14.40 -5.38
CA PRO A 188 16.86 12.98 -5.65
C PRO A 188 16.44 12.84 -7.11
N PRO A 189 17.09 11.95 -7.87
CA PRO A 189 16.78 11.79 -9.30
C PRO A 189 15.38 11.21 -9.54
N ALA A 190 14.89 11.37 -10.75
CA ALA A 190 13.62 10.80 -11.14
C ALA A 190 13.65 9.29 -10.92
N GLY A 191 12.63 8.79 -10.28
CA GLY A 191 12.59 7.38 -9.97
C GLY A 191 12.80 7.12 -8.51
N THR A 192 13.23 8.14 -7.77
CA THR A 192 13.40 8.01 -6.35
C THR A 192 12.04 7.86 -5.69
N THR A 193 11.85 6.77 -5.01
CA THR A 193 10.63 6.48 -4.34
C THR A 193 10.69 7.02 -2.91
N VAL A 194 9.75 7.89 -2.60
CA VAL A 194 9.68 8.54 -1.31
C VAL A 194 8.23 8.54 -0.84
N PRO A 195 7.99 8.69 0.47
CA PRO A 195 6.62 8.81 1.01
C PRO A 195 5.94 10.05 0.46
N VAL A 196 4.63 9.98 0.29
CA VAL A 196 3.88 11.12 -0.26
C VAL A 196 3.93 12.35 0.68
N ASP A 197 4.10 12.09 1.96
CA ASP A 197 4.14 13.13 2.93
C ASP A 197 5.57 13.64 3.11
N SER A 198 6.50 13.11 2.34
CA SER A 198 7.89 13.46 2.47
C SER A 198 8.17 14.77 1.72
N VAL A 199 9.38 15.28 1.90
CA VAL A 199 9.77 16.54 1.32
C VAL A 199 10.79 16.30 0.24
N ILE A 200 10.51 16.77 -0.96
CA ILE A 200 11.47 16.64 -2.02
C ILE A 200 12.10 17.99 -2.33
N GLU A 201 13.35 17.98 -2.70
CA GLU A 201 14.07 19.19 -2.95
C GLU A 201 14.22 19.43 -4.44
N LEU A 202 13.64 20.52 -4.87
CA LEU A 202 13.68 20.97 -6.24
C LEU A 202 14.75 22.04 -6.38
N GLN A 203 15.59 21.89 -7.35
CA GLN A 203 16.64 22.84 -7.57
C GLN A 203 16.27 23.75 -8.71
N VAL A 204 16.21 24.99 -8.42
CA VAL A 204 15.79 25.99 -9.36
C VAL A 204 16.99 26.69 -9.93
N SER A 205 16.96 26.90 -11.19
CA SER A 205 17.99 27.52 -11.92
C SER A 205 17.91 29.02 -11.74
N LYS A 206 18.97 29.63 -11.26
CA LYS A 206 19.04 31.06 -11.27
C LYS A 206 19.72 31.38 -12.58
N GLY A 207 19.36 32.47 -13.21
CA GLY A 207 19.88 32.71 -14.53
C GLY A 207 21.26 33.24 -14.53
N ASN A 208 21.60 34.00 -13.48
CA ASN A 208 22.94 34.62 -13.28
C ASN A 208 23.21 35.76 -14.24
N GLN A 209 22.62 35.69 -15.40
CA GLN A 209 22.84 36.64 -16.46
C GLN A 209 21.54 37.20 -16.98
N PHE A 210 21.61 38.38 -17.53
CA PHE A 210 20.49 39.04 -18.17
C PHE A 210 20.97 39.72 -19.44
N VAL A 211 20.11 39.86 -20.42
CA VAL A 211 20.46 40.47 -21.70
C VAL A 211 20.80 41.97 -21.54
N MET A 212 21.99 42.34 -21.96
CA MET A 212 22.43 43.72 -21.87
C MET A 212 22.24 44.47 -23.20
N PRO A 213 21.76 45.73 -23.16
CA PRO A 213 21.73 46.61 -24.35
C PRO A 213 23.16 47.09 -24.66
N ASP A 214 23.35 47.71 -25.79
CA ASP A 214 24.67 48.17 -26.16
C ASP A 214 24.95 49.53 -25.52
N LEU A 215 26.18 49.70 -25.09
CA LEU A 215 26.65 50.94 -24.50
C LEU A 215 27.86 51.40 -25.31
N SER A 216 28.00 50.80 -26.48
CA SER A 216 29.09 51.07 -27.37
C SER A 216 28.92 52.45 -28.01
N GLY A 217 30.02 53.16 -28.15
CA GLY A 217 29.96 54.47 -28.77
C GLY A 217 29.52 55.55 -27.84
N MET A 218 29.50 55.27 -26.57
CA MET A 218 29.11 56.26 -25.60
C MET A 218 30.32 56.80 -24.88
N PHE A 219 30.13 57.91 -24.20
CA PHE A 219 31.19 58.55 -23.46
C PHE A 219 31.23 57.92 -22.09
N TRP A 220 32.33 58.08 -21.39
CA TRP A 220 32.46 57.57 -20.05
C TRP A 220 31.58 58.40 -19.11
N VAL A 221 31.35 59.65 -19.51
CA VAL A 221 30.52 60.55 -18.73
C VAL A 221 29.04 60.14 -18.87
N ASP A 222 28.74 59.35 -19.90
CA ASP A 222 27.40 58.85 -20.14
C ASP A 222 27.26 57.45 -19.56
N ALA A 223 28.36 56.68 -19.63
CA ALA A 223 28.41 55.32 -19.11
C ALA A 223 28.24 55.31 -17.58
N GLU A 224 28.74 56.35 -16.94
CA GLU A 224 28.62 56.51 -15.49
C GLU A 224 27.11 56.49 -15.02
N PRO A 225 26.20 57.37 -15.54
CA PRO A 225 24.77 57.27 -15.22
C PRO A 225 24.16 55.94 -15.67
N ARG A 226 24.67 55.36 -16.78
CA ARG A 226 24.15 54.09 -17.29
C ARG A 226 24.27 53.01 -16.24
N LEU A 227 25.44 52.91 -15.63
CA LEU A 227 25.70 51.84 -14.69
C LEU A 227 24.80 51.92 -13.46
N ARG A 228 24.68 53.10 -12.89
CA ARG A 228 23.83 53.28 -11.74
C ARG A 228 22.35 53.05 -12.07
N ALA A 229 21.93 53.44 -13.28
CA ALA A 229 20.55 53.25 -13.72
C ALA A 229 20.26 51.76 -13.99
N LEU A 230 21.22 51.05 -14.50
CA LEU A 230 21.05 49.64 -14.86
C LEU A 230 21.21 48.71 -13.66
N GLY A 231 21.54 49.28 -12.51
CA GLY A 231 21.71 48.48 -11.31
C GLY A 231 22.99 47.69 -11.37
N TRP A 232 24.01 48.34 -11.85
CA TRP A 232 25.32 47.74 -11.99
C TRP A 232 25.95 47.53 -10.63
N THR A 233 26.57 46.39 -10.46
CA THR A 233 27.24 46.05 -9.25
C THR A 233 28.31 44.98 -9.54
N GLY A 234 29.40 45.43 -10.14
CA GLY A 234 30.46 44.53 -10.50
C GLY A 234 31.79 45.18 -10.27
N MET A 235 32.68 44.99 -11.20
CA MET A 235 34.00 45.59 -11.15
C MET A 235 34.23 46.33 -12.45
N LEU A 236 34.77 47.50 -12.37
CA LEU A 236 34.97 48.32 -13.52
C LEU A 236 36.40 48.13 -13.97
N ASP A 237 36.58 47.84 -15.23
CA ASP A 237 37.91 47.65 -15.74
C ASP A 237 38.32 48.84 -16.56
N LYS A 238 39.12 49.68 -15.97
CA LYS A 238 39.66 50.80 -16.66
C LYS A 238 41.09 50.47 -17.01
N GLY A 239 41.45 50.73 -18.21
CA GLY A 239 42.78 50.52 -18.63
C GLY A 239 43.60 51.76 -18.42
N ALA A 240 44.64 51.89 -19.18
CA ALA A 240 45.51 53.04 -19.10
C ALA A 240 44.80 54.26 -19.66
N ASP A 241 44.88 55.36 -18.93
CA ASP A 241 44.30 56.61 -19.37
C ASP A 241 45.24 57.15 -20.41
N VAL A 242 44.76 57.41 -21.60
CA VAL A 242 45.62 57.74 -22.71
C VAL A 242 45.08 58.91 -23.52
N ASP A 243 45.94 59.83 -23.86
CA ASP A 243 45.61 60.91 -24.74
C ASP A 243 46.09 60.50 -26.11
N ALA A 244 45.19 60.13 -26.98
CA ALA A 244 45.57 59.61 -28.30
C ALA A 244 44.61 60.02 -29.40
N GLY A 245 43.70 60.91 -29.08
CA GLY A 245 42.76 61.35 -30.08
C GLY A 245 41.34 61.10 -29.65
N GLY A 246 40.39 61.70 -30.35
CA GLY A 246 38.99 61.70 -29.95
C GLY A 246 38.41 60.31 -29.75
N SER A 247 38.71 59.42 -30.67
CA SER A 247 38.21 58.06 -30.63
C SER A 247 38.76 57.30 -29.41
N GLN A 248 39.99 57.61 -29.04
CA GLN A 248 40.64 56.95 -27.93
C GLN A 248 40.45 57.69 -26.64
N HIS A 249 39.75 58.82 -26.67
CA HIS A 249 39.56 59.60 -25.45
C HIS A 249 38.33 59.21 -24.68
N ASN A 250 37.33 60.04 -24.73
CA ASN A 250 36.14 59.86 -23.91
C ASN A 250 35.10 59.05 -24.69
N ARG A 251 35.48 57.91 -25.17
CA ARG A 251 34.57 57.04 -25.86
C ARG A 251 34.90 55.62 -25.53
N VAL A 252 33.89 54.80 -25.35
CA VAL A 252 34.10 53.37 -25.17
C VAL A 252 34.71 52.82 -26.47
N VAL A 253 35.79 52.08 -26.35
CA VAL A 253 36.47 51.57 -27.55
C VAL A 253 35.89 50.23 -27.94
N TYR A 254 35.84 49.33 -27.01
CA TYR A 254 35.31 48.02 -27.26
C TYR A 254 34.42 47.67 -26.11
N GLN A 255 33.51 46.79 -26.36
CA GLN A 255 32.60 46.34 -25.35
C GLN A 255 32.81 44.85 -25.19
N ASN A 256 33.55 44.47 -24.17
CA ASN A 256 33.89 43.06 -23.93
C ASN A 256 32.65 42.13 -23.83
N PRO A 257 31.62 42.45 -22.99
CA PRO A 257 30.38 41.67 -23.00
C PRO A 257 29.55 42.06 -24.24
N PRO A 258 29.10 41.08 -25.04
CA PRO A 258 28.35 41.35 -26.26
C PRO A 258 26.93 41.90 -25.99
N ALA A 259 26.57 42.92 -26.75
CA ALA A 259 25.23 43.49 -26.68
C ALA A 259 24.24 42.50 -27.22
N GLY A 260 23.14 42.32 -26.53
CA GLY A 260 22.15 41.36 -26.96
C GLY A 260 22.45 39.98 -26.41
N THR A 261 23.50 39.90 -25.65
CA THR A 261 23.91 38.69 -25.02
C THR A 261 23.72 38.87 -23.50
N GLY A 262 23.67 37.77 -22.79
CA GLY A 262 23.51 37.82 -21.37
C GLY A 262 24.80 38.20 -20.70
N VAL A 263 24.70 39.07 -19.75
CA VAL A 263 25.83 39.50 -18.95
C VAL A 263 25.52 39.17 -17.52
N ASN A 264 26.55 38.75 -16.79
CA ASN A 264 26.44 38.40 -15.38
C ASN A 264 25.76 39.50 -14.56
N ARG A 265 25.14 39.06 -13.47
CA ARG A 265 24.46 39.92 -12.48
C ARG A 265 25.32 41.10 -12.05
N ASP A 266 26.62 40.89 -12.05
CA ASP A 266 27.59 41.92 -11.74
C ASP A 266 27.57 43.00 -12.79
N GLY A 267 27.52 42.60 -14.05
CA GLY A 267 27.54 43.58 -15.08
C GLY A 267 28.95 43.94 -15.47
N ILE A 268 29.90 43.06 -15.20
CA ILE A 268 31.31 43.44 -15.29
C ILE A 268 31.66 43.75 -16.75
N ILE A 269 32.07 44.98 -16.94
CA ILE A 269 32.30 45.53 -18.22
C ILE A 269 33.77 45.86 -18.40
N THR A 270 34.36 45.26 -19.37
CA THR A 270 35.67 45.61 -19.74
C THR A 270 35.54 46.55 -20.95
N LEU A 271 35.98 47.76 -20.76
CA LEU A 271 35.88 48.81 -21.73
C LEU A 271 37.16 49.56 -21.72
N ARG A 272 37.37 50.34 -22.70
CA ARG A 272 38.54 51.13 -22.77
C ARG A 272 38.15 52.50 -23.15
N PHE A 273 38.72 53.45 -22.47
CA PHE A 273 38.60 54.84 -22.77
C PHE A 273 39.94 55.48 -22.48
N GLY A 274 40.14 56.66 -22.94
CA GLY A 274 41.38 57.33 -22.74
C GLY A 274 41.21 58.52 -21.86
N GLN A 275 41.35 59.70 -22.44
CA GLN A 275 41.20 60.92 -21.69
C GLN A 275 39.75 61.44 -21.78
N GLY A 4 -47.75 -59.34 39.52
CA GLY A 4 -47.87 -60.59 38.79
C GLY A 4 -46.95 -60.60 37.61
N ILE A 5 -46.54 -61.77 37.18
CA ILE A 5 -45.60 -61.88 36.10
C ILE A 5 -46.26 -61.57 34.76
N THR A 6 -45.89 -60.45 34.21
CA THR A 6 -46.42 -59.99 32.96
C THR A 6 -45.75 -60.78 31.83
N ARG A 7 -46.43 -60.96 30.72
CA ARG A 7 -45.88 -61.70 29.59
C ARG A 7 -44.93 -60.82 28.80
N ASP A 8 -45.08 -59.52 28.98
CA ASP A 8 -44.09 -58.57 28.51
C ASP A 8 -42.87 -58.81 29.37
N VAL A 9 -41.73 -58.96 28.77
CA VAL A 9 -40.57 -59.40 29.49
C VAL A 9 -39.49 -58.34 29.51
N GLN A 10 -38.63 -58.45 30.47
CA GLN A 10 -37.61 -57.49 30.66
C GLN A 10 -36.38 -58.01 29.96
N VAL A 11 -35.88 -57.21 29.08
CA VAL A 11 -34.80 -57.58 28.19
C VAL A 11 -33.45 -57.02 28.67
N PRO A 12 -32.40 -57.87 28.77
CA PRO A 12 -31.06 -57.42 29.10
C PRO A 12 -30.46 -56.67 27.91
N ASP A 13 -29.89 -55.52 28.15
CA ASP A 13 -29.38 -54.73 27.06
C ASP A 13 -27.91 -55.07 26.81
N VAL A 14 -27.47 -54.77 25.64
CA VAL A 14 -26.13 -55.09 25.17
C VAL A 14 -25.31 -53.83 24.94
N ARG A 15 -25.87 -52.69 25.30
CA ARG A 15 -25.16 -51.41 25.29
C ARG A 15 -23.82 -51.48 26.05
N GLY A 16 -22.86 -50.75 25.55
CA GLY A 16 -21.52 -50.74 26.09
C GLY A 16 -20.54 -51.52 25.23
N GLN A 17 -21.06 -52.18 24.20
CA GLN A 17 -20.23 -52.95 23.30
C GLN A 17 -20.05 -52.22 21.96
N SER A 18 -20.90 -52.52 20.99
CA SER A 18 -20.83 -51.92 19.69
C SER A 18 -22.20 -51.98 19.07
N SER A 19 -22.50 -51.13 18.11
CA SER A 19 -23.81 -51.15 17.47
C SER A 19 -24.03 -52.45 16.72
N ALA A 20 -22.97 -52.96 16.09
CA ALA A 20 -23.02 -54.22 15.35
C ALA A 20 -23.39 -55.36 16.26
N ASP A 21 -22.76 -55.44 17.42
CA ASP A 21 -23.06 -56.53 18.36
C ASP A 21 -24.47 -56.34 18.92
N ALA A 22 -24.82 -55.09 19.20
CA ALA A 22 -26.11 -54.77 19.74
C ALA A 22 -27.24 -55.17 18.81
N ILE A 23 -27.13 -54.74 17.55
CA ILE A 23 -28.13 -55.07 16.55
C ILE A 23 -28.12 -56.57 16.28
N ALA A 24 -26.93 -57.15 16.25
CA ALA A 24 -26.78 -58.58 15.99
C ALA A 24 -27.52 -59.40 17.04
N THR A 25 -27.31 -59.05 18.30
CA THR A 25 -27.93 -59.74 19.40
C THR A 25 -29.46 -59.58 19.36
N LEU A 26 -29.93 -58.36 19.19
CA LEU A 26 -31.36 -58.10 19.16
C LEU A 26 -32.05 -58.79 18.00
N GLN A 27 -31.40 -58.82 16.85
CA GLN A 27 -31.96 -59.49 15.68
C GLN A 27 -32.08 -60.99 15.93
N ASN A 28 -31.09 -61.56 16.61
CA ASN A 28 -31.11 -62.98 16.99
C ASN A 28 -32.19 -63.26 18.02
N ARG A 29 -32.52 -62.25 18.80
CA ARG A 29 -33.55 -62.38 19.81
C ARG A 29 -34.93 -62.22 19.21
N GLY A 30 -34.98 -61.71 18.00
CA GLY A 30 -36.24 -61.51 17.34
C GLY A 30 -36.78 -60.13 17.57
N PHE A 31 -35.91 -59.26 18.02
CA PHE A 31 -36.24 -57.91 18.29
C PHE A 31 -35.95 -57.05 17.09
N LYS A 32 -36.64 -55.98 17.02
CA LYS A 32 -36.55 -55.10 15.92
C LYS A 32 -35.74 -53.92 16.36
N ILE A 33 -34.97 -53.38 15.49
CA ILE A 33 -34.11 -52.31 15.87
C ILE A 33 -34.45 -51.07 15.09
N ARG A 34 -34.36 -49.97 15.74
CA ARG A 34 -34.48 -48.72 15.10
C ARG A 34 -33.13 -48.11 15.18
N THR A 35 -32.75 -47.37 14.23
CA THR A 35 -31.42 -46.82 14.22
C THR A 35 -31.49 -45.35 13.92
N LEU A 36 -30.99 -44.58 14.79
CA LEU A 36 -30.99 -43.18 14.60
C LEU A 36 -29.58 -42.74 14.39
N GLN A 37 -29.30 -42.18 13.26
CA GLN A 37 -27.99 -41.70 13.00
C GLN A 37 -27.92 -40.21 13.16
N LYS A 38 -26.95 -39.79 13.88
CA LYS A 38 -26.72 -38.41 14.18
C LYS A 38 -25.30 -38.12 13.76
N PRO A 39 -24.98 -36.91 13.32
CA PRO A 39 -23.59 -36.55 13.05
C PRO A 39 -22.83 -36.48 14.37
N ASP A 40 -21.52 -36.61 14.35
CA ASP A 40 -20.73 -36.51 15.58
C ASP A 40 -20.64 -35.08 15.99
N SER A 41 -21.66 -34.65 16.66
CA SER A 41 -21.74 -33.33 17.17
C SER A 41 -21.47 -33.36 18.66
N THR A 42 -20.36 -34.03 19.04
CA THR A 42 -19.95 -34.17 20.43
C THR A 42 -20.95 -35.10 21.19
N ILE A 43 -21.66 -35.89 20.44
CA ILE A 43 -22.70 -36.73 20.95
C ILE A 43 -22.37 -38.20 20.76
N PRO A 44 -22.91 -39.08 21.65
CA PRO A 44 -22.69 -40.54 21.69
C PRO A 44 -22.21 -41.21 20.39
N PRO A 45 -20.98 -41.78 20.44
CA PRO A 45 -20.35 -42.48 19.30
C PRO A 45 -21.14 -43.66 18.75
N ASP A 46 -20.80 -44.07 17.52
CA ASP A 46 -21.43 -45.19 16.78
C ASP A 46 -21.34 -46.54 17.53
N HIS A 47 -20.59 -46.56 18.59
CA HIS A 47 -20.48 -47.72 19.44
C HIS A 47 -21.42 -47.49 20.59
N VAL A 48 -22.15 -48.50 20.98
CA VAL A 48 -23.22 -48.26 21.88
C VAL A 48 -22.75 -47.95 23.26
N ILE A 49 -23.08 -46.78 23.70
CA ILE A 49 -22.88 -46.38 25.05
C ILE A 49 -24.26 -46.37 25.70
N GLY A 50 -25.25 -46.08 24.87
CA GLY A 50 -26.59 -46.01 25.33
C GLY A 50 -27.55 -46.46 24.26
N THR A 51 -28.69 -46.84 24.71
CA THR A 51 -29.78 -47.39 23.96
C THR A 51 -31.02 -46.86 24.63
N ASP A 52 -32.18 -47.26 24.20
CA ASP A 52 -33.35 -46.77 24.88
C ASP A 52 -33.80 -47.84 25.85
N PRO A 53 -33.96 -47.46 27.15
CA PRO A 53 -34.33 -48.38 28.27
C PRO A 53 -35.67 -49.12 28.11
N ALA A 54 -36.32 -48.99 26.95
CA ALA A 54 -37.53 -49.74 26.66
C ALA A 54 -37.25 -51.22 26.77
N ALA A 55 -36.03 -51.62 26.42
CA ALA A 55 -35.59 -53.00 26.54
C ALA A 55 -35.52 -53.42 28.00
N ASN A 56 -35.10 -52.49 28.85
CA ASN A 56 -34.96 -52.77 30.28
C ASN A 56 -36.28 -52.55 30.98
N THR A 57 -37.26 -52.19 30.23
CA THR A 57 -38.59 -52.12 30.71
C THR A 57 -39.23 -53.44 30.28
N SER A 58 -40.30 -53.87 30.92
CA SER A 58 -40.89 -55.10 30.50
C SER A 58 -41.65 -54.85 29.18
N VAL A 59 -41.17 -55.43 28.08
CA VAL A 59 -41.80 -55.25 26.79
C VAL A 59 -42.05 -56.57 26.09
N SER A 60 -42.96 -56.55 25.17
CA SER A 60 -43.31 -57.67 24.37
C SER A 60 -42.09 -58.16 23.56
N ALA A 61 -41.97 -59.48 23.46
CA ALA A 61 -40.86 -60.08 22.77
C ALA A 61 -40.89 -59.74 21.30
N GLY A 62 -39.94 -58.95 20.89
CA GLY A 62 -39.85 -58.55 19.53
C GLY A 62 -40.26 -57.11 19.35
N ASP A 63 -39.86 -56.25 20.27
CA ASP A 63 -40.24 -54.86 20.17
C ASP A 63 -39.15 -54.09 19.42
N GLU A 64 -39.30 -52.79 19.24
CA GLU A 64 -38.36 -51.98 18.49
C GLU A 64 -37.49 -51.16 19.44
N ILE A 65 -36.22 -51.43 19.46
CA ILE A 65 -35.30 -50.71 20.32
C ILE A 65 -34.45 -49.78 19.47
N THR A 66 -34.39 -48.53 19.85
CA THR A 66 -33.65 -47.53 19.13
C THR A 66 -32.16 -47.51 19.53
N VAL A 67 -31.32 -47.55 18.53
CA VAL A 67 -29.89 -47.49 18.71
C VAL A 67 -29.37 -46.18 18.08
N ASN A 68 -28.50 -45.50 18.77
CA ASN A 68 -27.92 -44.26 18.27
C ASN A 68 -26.58 -44.52 17.64
N VAL A 69 -26.40 -44.06 16.43
CA VAL A 69 -25.14 -44.17 15.73
C VAL A 69 -24.67 -42.76 15.31
N SER A 70 -23.41 -42.42 15.58
CA SER A 70 -22.91 -41.15 15.16
C SER A 70 -22.09 -41.31 13.87
N THR A 71 -22.46 -40.59 12.86
CA THR A 71 -21.78 -40.66 11.61
C THR A 71 -21.20 -39.28 11.18
N GLY A 72 -19.87 -39.18 11.22
CA GLY A 72 -19.19 -38.01 10.68
C GLY A 72 -19.13 -36.79 11.62
N PRO A 73 -17.92 -36.32 11.97
CA PRO A 73 -17.71 -35.09 12.77
C PRO A 73 -18.24 -33.84 12.05
N GLU A 74 -18.50 -32.82 12.83
CA GLU A 74 -19.11 -31.59 12.35
C GLU A 74 -18.16 -30.79 11.49
N GLN A 75 -18.74 -29.98 10.65
CA GLN A 75 -18.02 -29.04 9.86
C GLN A 75 -18.71 -27.72 10.13
N ARG A 76 -18.02 -26.63 10.06
CA ARG A 76 -18.63 -25.39 10.44
C ARG A 76 -18.60 -24.41 9.33
N GLU A 77 -19.60 -23.60 9.29
CA GLU A 77 -19.73 -22.61 8.26
C GLU A 77 -18.89 -21.42 8.63
N ILE A 78 -18.22 -20.86 7.67
CA ILE A 78 -17.37 -19.75 7.89
C ILE A 78 -18.24 -18.51 7.99
N PRO A 79 -18.12 -17.73 9.07
CA PRO A 79 -18.85 -16.48 9.21
C PRO A 79 -18.29 -15.43 8.24
N ASP A 80 -19.17 -14.65 7.66
CA ASP A 80 -18.74 -13.59 6.77
C ASP A 80 -18.29 -12.39 7.57
N VAL A 81 -17.02 -12.13 7.51
CA VAL A 81 -16.44 -11.04 8.23
C VAL A 81 -15.91 -10.06 7.22
N SER A 82 -15.94 -8.79 7.55
CA SER A 82 -15.47 -7.75 6.69
C SER A 82 -13.99 -7.95 6.31
N THR A 83 -13.68 -7.70 5.05
CA THR A 83 -12.40 -8.01 4.45
C THR A 83 -11.27 -7.20 5.06
N LEU A 84 -11.58 -6.01 5.42
CA LEU A 84 -10.64 -5.10 6.02
C LEU A 84 -10.37 -5.47 7.47
N THR A 85 -11.23 -6.27 8.03
CA THR A 85 -11.17 -6.62 9.41
C THR A 85 -10.64 -8.08 9.54
N TYR A 86 -9.51 -8.36 8.87
CA TYR A 86 -8.85 -9.67 8.86
C TYR A 86 -8.59 -10.22 10.28
N ALA A 87 -8.22 -9.37 11.20
CA ALA A 87 -7.97 -9.80 12.58
C ALA A 87 -9.22 -10.43 13.19
N GLU A 88 -10.37 -9.84 12.91
CA GLU A 88 -11.63 -10.31 13.41
C GLU A 88 -11.98 -11.62 12.70
N ALA A 89 -11.61 -11.72 11.44
CA ALA A 89 -11.84 -12.92 10.64
C ALA A 89 -11.11 -14.10 11.25
N VAL A 90 -9.88 -13.85 11.65
CA VAL A 90 -9.04 -14.86 12.28
C VAL A 90 -9.71 -15.40 13.56
N LYS A 91 -10.20 -14.51 14.43
CA LYS A 91 -10.82 -14.97 15.66
C LYS A 91 -12.13 -15.71 15.36
N LYS A 92 -12.85 -15.28 14.32
CA LYS A 92 -14.08 -15.93 13.93
C LYS A 92 -13.84 -17.37 13.50
N LEU A 93 -12.78 -17.59 12.73
CA LEU A 93 -12.38 -18.93 12.32
C LEU A 93 -12.01 -19.76 13.53
N THR A 94 -11.40 -19.11 14.50
CA THR A 94 -10.98 -19.78 15.71
C THR A 94 -12.21 -20.21 16.55
N ALA A 95 -13.17 -19.31 16.69
CA ALA A 95 -14.39 -19.57 17.45
C ALA A 95 -15.32 -20.55 16.70
N ALA A 96 -15.06 -20.70 15.41
CA ALA A 96 -15.84 -21.57 14.55
C ALA A 96 -15.36 -23.03 14.63
N GLY A 97 -14.43 -23.32 15.50
CA GLY A 97 -14.03 -24.68 15.68
C GLY A 97 -12.65 -24.92 15.17
N PHE A 98 -12.53 -25.13 13.85
CA PHE A 98 -11.24 -25.29 13.17
C PHE A 98 -10.15 -24.35 13.68
N GLY A 99 -10.34 -23.06 13.47
CA GLY A 99 -9.34 -22.08 13.82
C GLY A 99 -8.05 -22.32 13.10
N ARG A 100 -8.15 -22.89 11.91
CA ARG A 100 -7.01 -23.20 11.12
C ARG A 100 -6.96 -22.16 10.02
N PHE A 101 -6.00 -21.31 10.06
CA PHE A 101 -5.90 -20.23 9.13
C PHE A 101 -4.51 -20.09 8.60
N LYS A 102 -4.41 -19.55 7.42
CA LYS A 102 -3.14 -19.32 6.79
C LYS A 102 -3.25 -18.08 5.91
N GLN A 103 -2.41 -17.11 6.17
CA GLN A 103 -2.37 -15.88 5.43
C GLN A 103 -1.53 -16.01 4.15
N ALA A 104 -2.10 -15.61 3.06
CA ALA A 104 -1.45 -15.52 1.79
C ALA A 104 -1.51 -14.08 1.34
N ASN A 105 -0.50 -13.62 0.70
CA ASN A 105 -0.43 -12.23 0.27
C ASN A 105 -0.27 -12.19 -1.21
N SER A 106 -0.97 -11.33 -1.88
CA SER A 106 -0.83 -11.18 -3.31
C SER A 106 -1.12 -9.74 -3.74
N PRO A 107 -0.32 -9.17 -4.66
CA PRO A 107 -0.56 -7.83 -5.18
C PRO A 107 -1.86 -7.79 -5.99
N SER A 108 -2.69 -6.84 -5.68
CA SER A 108 -3.98 -6.68 -6.31
C SER A 108 -4.40 -5.21 -6.28
N THR A 109 -5.59 -4.92 -6.82
CA THR A 109 -6.19 -3.60 -6.87
C THR A 109 -6.08 -2.85 -5.51
N PRO A 110 -5.73 -1.53 -5.56
CA PRO A 110 -5.49 -0.68 -4.39
C PRO A 110 -6.61 -0.70 -3.37
N GLU A 111 -7.83 -0.93 -3.83
CA GLU A 111 -8.98 -0.94 -2.95
C GLU A 111 -8.98 -2.19 -2.04
N LEU A 112 -8.42 -3.29 -2.53
CA LEU A 112 -8.36 -4.52 -1.76
C LEU A 112 -7.04 -4.67 -1.04
N VAL A 113 -6.10 -3.79 -1.35
CA VAL A 113 -4.81 -3.80 -0.67
C VAL A 113 -5.03 -3.56 0.82
N GLY A 114 -4.47 -4.43 1.63
CA GLY A 114 -4.60 -4.33 3.04
C GLY A 114 -5.81 -5.09 3.57
N LYS A 115 -6.70 -5.46 2.68
CA LYS A 115 -7.89 -6.14 3.03
C LYS A 115 -7.80 -7.58 2.57
N VAL A 116 -8.70 -8.38 3.05
CA VAL A 116 -8.85 -9.74 2.61
C VAL A 116 -9.48 -9.72 1.23
N ILE A 117 -9.03 -10.60 0.36
CA ILE A 117 -9.61 -10.70 -0.95
C ILE A 117 -10.61 -11.83 -0.92
N GLY A 118 -10.30 -12.85 -0.16
CA GLY A 118 -11.19 -13.95 -0.03
C GLY A 118 -10.56 -15.08 0.73
N THR A 119 -11.32 -16.11 0.86
CA THR A 119 -10.94 -17.30 1.52
C THR A 119 -10.93 -18.39 0.46
N ASN A 120 -10.01 -19.34 0.51
CA ASN A 120 -9.99 -20.42 -0.49
C ASN A 120 -11.30 -21.24 -0.48
N PRO A 121 -11.71 -21.86 0.66
CA PRO A 121 -13.04 -22.46 0.74
C PRO A 121 -14.08 -21.32 0.81
N PRO A 122 -15.31 -21.53 0.34
CA PRO A 122 -16.32 -20.47 0.36
C PRO A 122 -16.64 -20.02 1.79
N ALA A 123 -16.56 -18.71 2.00
CA ALA A 123 -16.74 -18.09 3.32
C ALA A 123 -18.21 -18.02 3.72
N ASN A 124 -19.05 -18.61 2.93
CA ASN A 124 -20.44 -18.77 3.27
C ASN A 124 -20.75 -20.22 3.59
N GLN A 125 -19.77 -21.08 3.40
CA GLN A 125 -19.99 -22.51 3.50
C GLN A 125 -19.22 -23.16 4.62
N THR A 126 -19.47 -24.44 4.79
CA THR A 126 -18.90 -25.24 5.80
C THR A 126 -17.52 -25.78 5.44
N SER A 127 -16.61 -25.62 6.35
CA SER A 127 -15.28 -26.12 6.26
C SER A 127 -15.07 -27.04 7.46
N ALA A 128 -14.26 -28.05 7.30
CA ALA A 128 -14.06 -29.01 8.37
C ALA A 128 -13.19 -28.44 9.49
N ILE A 129 -13.33 -28.99 10.69
CA ILE A 129 -12.62 -28.51 11.88
C ILE A 129 -11.12 -28.81 11.75
N THR A 130 -10.80 -29.83 11.02
CA THR A 130 -9.42 -30.19 10.81
C THR A 130 -8.92 -29.63 9.46
N ASN A 131 -9.76 -28.85 8.82
CA ASN A 131 -9.49 -28.30 7.50
C ASN A 131 -8.93 -26.90 7.64
N VAL A 132 -7.90 -26.62 6.88
CA VAL A 132 -7.21 -25.35 6.95
C VAL A 132 -7.83 -24.34 5.98
N VAL A 133 -8.18 -23.19 6.51
CA VAL A 133 -8.69 -22.15 5.67
C VAL A 133 -7.54 -21.22 5.34
N ILE A 134 -7.23 -21.11 4.09
CA ILE A 134 -6.21 -20.23 3.63
C ILE A 134 -6.87 -18.96 3.12
N ILE A 135 -6.39 -17.86 3.60
CA ILE A 135 -6.95 -16.58 3.32
C ILE A 135 -5.95 -15.70 2.60
N ILE A 136 -6.36 -15.14 1.50
CA ILE A 136 -5.51 -14.30 0.72
C ILE A 136 -5.87 -12.83 0.94
N VAL A 137 -4.89 -12.05 1.30
CA VAL A 137 -5.07 -10.64 1.51
C VAL A 137 -4.38 -9.86 0.38
N GLY A 138 -4.89 -8.71 0.09
CA GLY A 138 -4.36 -7.91 -0.96
C GLY A 138 -3.18 -7.12 -0.50
N SER A 139 -2.16 -7.11 -1.30
CA SER A 139 -1.00 -6.35 -1.02
C SER A 139 -0.77 -5.49 -2.24
N GLY A 140 -0.01 -4.44 -2.12
CA GLY A 140 0.23 -3.62 -3.27
C GLY A 140 0.54 -2.20 -2.90
N PRO A 141 1.81 -1.82 -2.90
CA PRO A 141 2.22 -0.46 -2.57
C PRO A 141 1.88 0.51 -3.69
N ALA A 142 1.62 1.75 -3.33
CA ALA A 142 1.36 2.79 -4.29
C ALA A 142 2.67 3.46 -4.63
N THR A 143 3.40 2.84 -5.51
CA THR A 143 4.71 3.28 -5.88
C THR A 143 4.79 3.65 -7.36
N LYS A 144 5.72 4.53 -7.65
CA LYS A 144 5.95 5.01 -8.99
C LYS A 144 7.44 5.07 -9.24
N ASP A 145 7.84 4.65 -10.41
CA ASP A 145 9.20 4.87 -10.86
C ASP A 145 9.20 6.25 -11.41
N ILE A 146 10.03 7.10 -10.89
CA ILE A 146 9.97 8.48 -11.25
C ILE A 146 10.58 8.76 -12.62
N PRO A 147 9.79 9.37 -13.50
CA PRO A 147 10.26 9.85 -14.77
C PRO A 147 10.82 11.26 -14.58
N ASP A 148 11.56 11.73 -15.53
CA ASP A 148 12.15 13.02 -15.43
C ASP A 148 11.15 14.09 -15.82
N VAL A 149 11.23 15.22 -15.21
CA VAL A 149 10.29 16.28 -15.44
C VAL A 149 11.06 17.60 -15.71
N ALA A 150 12.36 17.48 -15.83
CA ALA A 150 13.21 18.61 -16.00
C ALA A 150 13.20 19.06 -17.43
N GLY A 151 13.54 20.28 -17.64
CA GLY A 151 13.53 20.86 -18.96
C GLY A 151 12.41 21.82 -19.09
N GLN A 152 11.68 21.97 -18.01
CA GLN A 152 10.54 22.85 -17.96
C GLN A 152 10.78 23.88 -16.87
N THR A 153 9.89 24.84 -16.74
CA THR A 153 10.04 25.84 -15.70
C THR A 153 9.49 25.26 -14.42
N VAL A 154 9.89 25.83 -13.28
CA VAL A 154 9.50 25.35 -11.93
C VAL A 154 8.01 25.09 -11.86
N ASP A 155 7.25 26.05 -12.31
CA ASP A 155 5.78 26.03 -12.21
C ASP A 155 5.20 24.87 -13.02
N VAL A 156 5.74 24.67 -14.20
CA VAL A 156 5.25 23.64 -15.09
C VAL A 156 5.71 22.26 -14.64
N ALA A 157 6.95 22.18 -14.21
CA ALA A 157 7.54 20.92 -13.76
C ALA A 157 6.80 20.39 -12.54
N GLN A 158 6.55 21.27 -11.57
CA GLN A 158 5.83 20.88 -10.37
C GLN A 158 4.39 20.48 -10.70
N LYS A 159 3.81 21.17 -11.67
CA LYS A 159 2.46 20.88 -12.11
C LYS A 159 2.41 19.45 -12.69
N ASN A 160 3.39 19.12 -13.52
CA ASN A 160 3.52 17.79 -14.10
C ASN A 160 3.75 16.75 -13.05
N LEU A 161 4.53 17.13 -12.05
CA LEU A 161 4.81 16.27 -10.92
C LEU A 161 3.49 15.91 -10.21
N ASN A 162 2.64 16.91 -10.05
CA ASN A 162 1.33 16.73 -9.44
C ASN A 162 0.47 15.80 -10.29
N VAL A 163 0.61 15.95 -11.61
CA VAL A 163 -0.08 15.09 -12.57
C VAL A 163 0.40 13.63 -12.43
N TYR A 164 1.66 13.43 -12.09
CA TYR A 164 2.21 12.09 -11.90
C TYR A 164 1.57 11.43 -10.68
N GLY A 165 1.16 12.25 -9.72
CA GLY A 165 0.52 11.74 -8.52
C GLY A 165 1.10 12.34 -7.26
N PHE A 166 2.29 12.89 -7.39
CA PHE A 166 3.01 13.45 -6.27
C PHE A 166 2.46 14.81 -5.93
N THR A 167 1.89 14.91 -4.76
CA THR A 167 1.26 16.12 -4.31
C THR A 167 2.24 17.08 -3.63
N LYS A 168 3.38 16.58 -3.26
CA LYS A 168 4.33 17.37 -2.51
C LYS A 168 5.63 17.57 -3.27
N PHE A 169 6.06 18.80 -3.33
CA PHE A 169 7.26 19.18 -4.05
C PHE A 169 8.19 20.03 -3.22
N SER A 170 9.43 20.02 -3.58
CA SER A 170 10.43 20.85 -3.02
C SER A 170 11.32 21.30 -4.15
N GLN A 171 12.03 22.38 -4.00
CA GLN A 171 12.89 22.84 -5.02
C GLN A 171 14.23 23.24 -4.43
N ALA A 172 15.27 23.02 -5.18
CA ALA A 172 16.58 23.42 -4.79
C ALA A 172 17.20 24.18 -5.94
N SER A 173 17.49 25.42 -5.73
CA SER A 173 18.10 26.22 -6.76
C SER A 173 19.63 26.09 -6.67
N VAL A 174 20.25 25.63 -7.72
CA VAL A 174 21.68 25.46 -7.73
C VAL A 174 22.23 26.31 -8.88
N ASP A 175 23.42 26.83 -8.73
CA ASP A 175 24.01 27.74 -9.70
C ASP A 175 24.34 27.02 -10.98
N SER A 176 24.01 27.65 -12.08
CA SER A 176 24.25 27.10 -13.40
C SER A 176 24.32 28.24 -14.41
N PRO A 177 24.60 27.98 -15.71
CA PRO A 177 24.50 29.00 -16.76
C PRO A 177 23.04 29.14 -17.27
N ARG A 178 22.20 28.16 -16.94
CA ARG A 178 20.80 28.16 -17.35
C ARG A 178 20.02 29.14 -16.52
N PRO A 179 19.08 29.88 -17.13
CA PRO A 179 18.29 30.91 -16.45
C PRO A 179 17.54 30.40 -15.24
N ALA A 180 17.45 31.26 -14.23
CA ALA A 180 16.81 30.96 -12.98
C ALA A 180 15.34 30.67 -13.19
N GLY A 181 14.94 29.49 -12.88
CA GLY A 181 13.55 29.10 -13.04
C GLY A 181 13.42 27.84 -13.84
N GLU A 182 14.44 27.51 -14.59
CA GLU A 182 14.45 26.31 -15.36
C GLU A 182 14.86 25.11 -14.49
N VAL A 183 14.03 24.09 -14.48
CA VAL A 183 14.33 22.89 -13.73
C VAL A 183 15.26 22.03 -14.56
N THR A 184 16.43 21.77 -14.05
CA THR A 184 17.40 21.02 -14.80
C THR A 184 17.53 19.58 -14.30
N GLY A 185 17.14 19.33 -13.07
CA GLY A 185 17.24 18.00 -12.55
C GLY A 185 16.33 17.79 -11.39
N THR A 186 16.36 16.61 -10.84
CA THR A 186 15.63 16.28 -9.66
C THR A 186 16.61 15.74 -8.64
N ASN A 187 16.27 15.81 -7.37
CA ASN A 187 17.16 15.32 -6.31
C ASN A 187 17.45 13.80 -6.49
N PRO A 188 16.42 12.91 -6.54
CA PRO A 188 16.66 11.51 -6.87
C PRO A 188 16.71 11.33 -8.41
N PRO A 189 17.57 10.45 -8.93
CA PRO A 189 17.67 10.20 -10.37
C PRO A 189 16.45 9.46 -10.91
N ALA A 190 16.11 9.73 -12.17
CA ALA A 190 15.00 9.08 -12.84
C ALA A 190 15.24 7.59 -12.87
N GLY A 191 14.22 6.84 -12.56
CA GLY A 191 14.37 5.41 -12.45
C GLY A 191 14.34 4.94 -11.01
N THR A 192 14.28 5.89 -10.09
CA THR A 192 14.10 5.58 -8.69
C THR A 192 12.60 5.38 -8.44
N THR A 193 12.24 4.32 -7.78
CA THR A 193 10.87 4.09 -7.48
C THR A 193 10.58 4.46 -6.02
N VAL A 194 9.58 5.29 -5.84
CA VAL A 194 9.18 5.79 -4.53
C VAL A 194 7.64 5.78 -4.44
N PRO A 195 7.05 5.92 -3.24
CA PRO A 195 5.60 6.02 -3.09
C PRO A 195 5.05 7.28 -3.79
N VAL A 196 3.88 7.15 -4.38
CA VAL A 196 3.23 8.23 -5.17
C VAL A 196 2.90 9.47 -4.32
N ASP A 197 2.85 9.28 -3.03
CA ASP A 197 2.47 10.34 -2.12
C ASP A 197 3.68 11.19 -1.70
N SER A 198 4.86 10.66 -1.96
CA SER A 198 6.11 11.25 -1.51
C SER A 198 6.41 12.64 -2.09
N VAL A 199 7.31 13.34 -1.42
CA VAL A 199 7.71 14.67 -1.82
C VAL A 199 8.94 14.62 -2.72
N ILE A 200 8.84 15.19 -3.89
CA ILE A 200 9.96 15.18 -4.79
C ILE A 200 10.57 16.58 -4.90
N GLU A 201 11.88 16.62 -4.94
CA GLU A 201 12.61 17.84 -5.02
C GLU A 201 13.10 18.05 -6.43
N LEU A 202 12.69 19.14 -7.01
CA LEU A 202 13.10 19.54 -8.32
C LEU A 202 14.25 20.51 -8.15
N GLN A 203 15.35 20.26 -8.79
CA GLN A 203 16.45 21.15 -8.65
C GLN A 203 16.57 22.06 -9.85
N VAL A 204 16.48 23.31 -9.55
CA VAL A 204 16.34 24.36 -10.50
C VAL A 204 17.66 25.06 -10.71
N SER A 205 17.89 25.48 -11.90
CA SER A 205 19.06 26.23 -12.21
C SER A 205 18.89 27.69 -11.85
N LYS A 206 19.89 28.18 -11.19
CA LYS A 206 20.09 29.56 -10.94
C LYS A 206 20.86 30.07 -12.14
N GLY A 207 20.50 31.22 -12.65
CA GLY A 207 21.04 31.67 -13.89
C GLY A 207 22.38 32.27 -13.77
N ASN A 208 22.55 33.13 -12.76
CA ASN A 208 23.80 33.89 -12.50
C ASN A 208 24.06 34.95 -13.56
N GLN A 209 23.66 34.68 -14.76
CA GLN A 209 23.94 35.53 -15.86
C GLN A 209 22.63 35.88 -16.56
N PHE A 210 22.51 37.11 -16.99
CA PHE A 210 21.37 37.55 -17.76
C PHE A 210 21.84 38.56 -18.80
N VAL A 211 21.32 38.47 -20.01
CA VAL A 211 21.74 39.33 -21.12
C VAL A 211 21.54 40.84 -20.83
N MET A 212 22.61 41.59 -20.95
CA MET A 212 22.56 43.03 -20.70
C MET A 212 22.37 43.78 -22.02
N PRO A 213 21.50 44.84 -22.03
CA PRO A 213 21.35 45.75 -23.18
C PRO A 213 22.65 46.54 -23.43
N ASP A 214 22.70 47.24 -24.54
CA ASP A 214 23.90 47.96 -24.92
C ASP A 214 24.14 49.18 -24.04
N LEU A 215 25.39 49.35 -23.69
CA LEU A 215 25.88 50.50 -22.95
C LEU A 215 27.17 50.97 -23.61
N SER A 216 27.40 50.49 -24.82
CA SER A 216 28.61 50.79 -25.54
C SER A 216 28.64 52.27 -25.90
N GLY A 217 29.77 52.91 -25.68
CA GLY A 217 29.90 54.30 -25.99
C GLY A 217 29.42 55.14 -24.85
N MET A 218 29.75 54.70 -23.66
CA MET A 218 29.36 55.39 -22.47
C MET A 218 30.59 56.03 -21.85
N PHE A 219 30.35 57.02 -21.05
CA PHE A 219 31.38 57.67 -20.32
C PHE A 219 31.18 57.29 -18.87
N TRP A 220 32.16 57.51 -18.06
CA TRP A 220 32.04 57.24 -16.64
C TRP A 220 31.08 58.26 -16.00
N VAL A 221 31.06 59.47 -16.57
CA VAL A 221 30.15 60.53 -16.12
C VAL A 221 28.76 60.30 -16.71
N ASP A 222 28.68 59.32 -17.57
CA ASP A 222 27.43 58.89 -18.19
C ASP A 222 26.91 57.67 -17.43
N ALA A 223 27.86 56.92 -16.89
CA ALA A 223 27.59 55.75 -16.09
C ALA A 223 26.83 56.12 -14.84
N GLU A 224 27.23 57.22 -14.21
CA GLU A 224 26.57 57.69 -13.00
C GLU A 224 25.03 57.96 -13.20
N PRO A 225 24.60 58.75 -14.22
CA PRO A 225 23.16 58.91 -14.54
C PRO A 225 22.48 57.55 -14.79
N ARG A 226 23.16 56.65 -15.48
CA ARG A 226 22.60 55.32 -15.72
C ARG A 226 22.50 54.50 -14.44
N LEU A 227 23.45 54.69 -13.53
CA LEU A 227 23.48 54.00 -12.26
C LEU A 227 22.21 54.32 -11.48
N ARG A 228 21.88 55.58 -11.39
CA ARG A 228 20.67 56.00 -10.73
C ARG A 228 19.39 55.58 -11.48
N ALA A 229 19.40 55.69 -12.80
CA ALA A 229 18.23 55.35 -13.60
C ALA A 229 17.89 53.86 -13.55
N LEU A 230 18.91 53.03 -13.57
CA LEU A 230 18.69 51.59 -13.53
C LEU A 230 18.58 51.06 -12.12
N GLY A 231 18.86 51.92 -11.15
CA GLY A 231 18.83 51.51 -9.76
C GLY A 231 19.94 50.53 -9.45
N TRP A 232 20.98 50.57 -10.29
CA TRP A 232 22.11 49.69 -10.20
C TRP A 232 22.82 49.85 -8.86
N THR A 233 23.00 48.75 -8.18
CA THR A 233 23.68 48.75 -6.93
C THR A 233 24.74 47.65 -6.95
N GLY A 234 25.91 48.02 -7.39
CA GLY A 234 27.03 47.13 -7.42
C GLY A 234 28.28 47.91 -7.12
N MET A 235 29.35 47.56 -7.76
CA MET A 235 30.60 48.24 -7.56
C MET A 235 31.14 48.65 -8.90
N LEU A 236 31.55 49.88 -9.01
CA LEU A 236 32.14 50.35 -10.23
C LEU A 236 33.64 50.30 -10.04
N ASP A 237 34.31 49.58 -10.90
CA ASP A 237 35.74 49.42 -10.82
C ASP A 237 36.43 50.39 -11.76
N LYS A 238 37.04 51.40 -11.19
CA LYS A 238 37.73 52.40 -11.96
C LYS A 238 39.21 52.05 -12.11
N GLY A 239 39.70 52.16 -13.32
CA GLY A 239 41.06 51.76 -13.60
C GLY A 239 42.03 52.90 -13.61
N ALA A 240 43.20 52.66 -14.17
CA ALA A 240 44.27 53.64 -14.25
C ALA A 240 43.97 54.69 -15.30
N ASP A 241 44.31 55.92 -15.00
CA ASP A 241 44.05 57.05 -15.87
C ASP A 241 45.16 57.19 -16.87
N VAL A 242 44.80 57.38 -18.11
CA VAL A 242 45.76 57.63 -19.18
C VAL A 242 45.34 58.90 -19.86
N ASP A 243 46.15 59.92 -19.78
CA ASP A 243 45.78 61.16 -20.41
C ASP A 243 46.20 61.15 -21.87
N ALA A 244 45.23 61.04 -22.73
CA ALA A 244 45.48 60.98 -24.16
C ALA A 244 44.71 62.07 -24.90
N GLY A 245 43.80 62.70 -24.21
CA GLY A 245 43.05 63.77 -24.79
C GLY A 245 41.57 63.46 -24.80
N GLY A 246 40.82 64.33 -25.44
CA GLY A 246 39.37 64.26 -25.49
C GLY A 246 38.82 62.95 -26.03
N SER A 247 39.51 62.35 -26.98
CA SER A 247 39.06 61.12 -27.59
C SER A 247 39.06 59.94 -26.59
N GLN A 248 39.89 60.04 -25.55
CA GLN A 248 39.96 59.01 -24.51
C GLN A 248 39.39 59.51 -23.20
N HIS A 249 38.95 60.73 -23.22
CA HIS A 249 38.46 61.41 -22.05
C HIS A 249 37.16 60.82 -21.52
N ASN A 250 37.30 60.09 -20.42
CA ASN A 250 36.20 59.55 -19.60
C ASN A 250 35.30 58.52 -20.36
N ARG A 251 35.62 58.25 -21.60
CA ARG A 251 34.82 57.35 -22.42
C ARG A 251 35.34 55.91 -22.29
N VAL A 252 34.43 54.94 -22.40
CA VAL A 252 34.72 53.51 -22.26
C VAL A 252 35.82 53.06 -23.24
N VAL A 253 36.81 52.35 -22.73
CA VAL A 253 37.89 51.91 -23.59
C VAL A 253 37.76 50.42 -23.84
N TYR A 254 37.28 49.73 -22.85
CA TYR A 254 36.92 48.36 -22.95
C TYR A 254 35.89 48.14 -21.89
N GLN A 255 34.98 47.26 -22.14
CA GLN A 255 34.00 46.94 -21.17
C GLN A 255 34.07 45.47 -20.87
N ASN A 256 34.00 45.13 -19.61
CA ASN A 256 34.08 43.75 -19.15
C ASN A 256 32.96 42.88 -19.77
N PRO A 257 31.66 43.28 -19.68
CA PRO A 257 30.61 42.57 -20.36
C PRO A 257 30.11 43.36 -21.60
N PRO A 258 30.38 42.87 -22.81
CA PRO A 258 29.88 43.50 -24.04
C PRO A 258 28.36 43.38 -24.13
N ALA A 259 27.73 44.25 -24.87
CA ALA A 259 26.29 44.23 -25.07
C ALA A 259 25.88 42.92 -25.69
N GLY A 260 24.79 42.35 -25.21
CA GLY A 260 24.37 41.08 -25.75
C GLY A 260 24.99 39.91 -25.00
N THR A 261 25.78 40.23 -24.00
CA THR A 261 26.40 39.22 -23.18
C THR A 261 25.71 39.23 -21.81
N GLY A 262 25.77 38.14 -21.12
CA GLY A 262 25.16 38.01 -19.85
C GLY A 262 26.02 38.60 -18.75
N VAL A 263 25.39 39.39 -17.92
CA VAL A 263 26.03 39.99 -16.77
C VAL A 263 25.65 39.24 -15.51
N ASN A 264 26.62 39.12 -14.62
CA ASN A 264 26.44 38.46 -13.33
C ASN A 264 25.29 39.05 -12.54
N ARG A 265 24.66 38.22 -11.72
CA ARG A 265 23.53 38.62 -10.90
C ARG A 265 23.87 39.70 -9.89
N ASP A 266 25.13 39.81 -9.52
CA ASP A 266 25.58 40.88 -8.61
C ASP A 266 25.47 42.22 -9.33
N GLY A 267 25.66 42.17 -10.64
CA GLY A 267 25.53 43.31 -11.46
C GLY A 267 26.81 44.09 -11.59
N ILE A 268 27.93 43.55 -11.12
CA ILE A 268 29.16 44.35 -11.16
C ILE A 268 29.62 44.49 -12.63
N ILE A 269 29.69 45.74 -13.08
CA ILE A 269 30.04 46.06 -14.44
C ILE A 269 31.34 46.88 -14.45
N THR A 270 32.28 46.49 -15.28
CA THR A 270 33.54 47.18 -15.36
C THR A 270 33.78 47.79 -16.76
N LEU A 271 34.11 49.05 -16.75
CA LEU A 271 34.49 49.82 -17.92
C LEU A 271 35.62 50.67 -17.48
N ARG A 272 36.47 50.98 -18.37
CA ARG A 272 37.60 51.79 -18.06
C ARG A 272 37.58 52.90 -19.06
N PHE A 273 38.17 53.98 -18.71
CA PHE A 273 38.27 55.12 -19.54
C PHE A 273 39.71 55.54 -19.53
N GLY A 274 40.09 56.40 -20.45
CA GLY A 274 41.42 56.93 -20.45
C GLY A 274 41.58 57.88 -19.29
N GLN A 275 41.20 59.11 -19.50
CA GLN A 275 41.17 60.09 -18.45
C GLN A 275 40.26 61.20 -18.86
N GLY A 4 -20.05 -78.17 11.17
CA GLY A 4 -21.22 -78.56 11.96
C GLY A 4 -22.01 -77.35 12.34
N ILE A 5 -23.04 -77.53 13.15
CA ILE A 5 -23.84 -76.42 13.56
C ILE A 5 -23.11 -75.57 14.59
N THR A 6 -22.95 -74.31 14.27
CA THR A 6 -22.29 -73.37 15.12
C THR A 6 -23.20 -73.11 16.33
N ARG A 7 -22.62 -72.77 17.46
CA ARG A 7 -23.42 -72.49 18.64
C ARG A 7 -23.84 -71.03 18.58
N ASP A 8 -23.00 -70.27 17.93
CA ASP A 8 -23.18 -68.86 17.73
C ASP A 8 -23.78 -68.62 16.36
N VAL A 9 -24.53 -67.58 16.21
CA VAL A 9 -25.20 -67.29 14.98
C VAL A 9 -24.67 -65.99 14.39
N GLN A 10 -24.55 -65.95 13.09
CA GLN A 10 -23.99 -64.80 12.43
C GLN A 10 -25.14 -63.94 12.01
N VAL A 11 -25.16 -62.76 12.52
CA VAL A 11 -26.28 -61.87 12.40
C VAL A 11 -26.07 -60.87 11.24
N PRO A 12 -27.13 -60.56 10.48
CA PRO A 12 -27.06 -59.56 9.44
C PRO A 12 -26.84 -58.20 10.06
N ASP A 13 -26.07 -57.40 9.42
CA ASP A 13 -25.77 -56.11 9.96
C ASP A 13 -26.72 -55.12 9.35
N VAL A 14 -27.13 -54.20 10.12
CA VAL A 14 -28.20 -53.35 9.77
C VAL A 14 -27.72 -51.90 9.41
N ARG A 15 -26.42 -51.64 9.62
CA ARG A 15 -25.80 -50.34 9.23
C ARG A 15 -26.00 -49.95 7.77
N GLY A 16 -26.12 -48.64 7.54
CA GLY A 16 -26.37 -48.10 6.21
C GLY A 16 -27.80 -47.63 6.06
N GLN A 17 -28.55 -47.76 7.13
CA GLN A 17 -29.92 -47.33 7.18
C GLN A 17 -30.06 -46.28 8.29
N SER A 18 -31.22 -46.15 8.86
CA SER A 18 -31.44 -45.16 9.88
C SER A 18 -31.29 -45.82 11.23
N SER A 19 -30.92 -45.05 12.24
CA SER A 19 -30.78 -45.58 13.58
C SER A 19 -32.10 -46.22 14.05
N ALA A 20 -33.22 -45.61 13.67
CA ALA A 20 -34.53 -46.12 14.04
C ALA A 20 -34.80 -47.45 13.40
N ASP A 21 -34.55 -47.59 12.10
CA ASP A 21 -34.79 -48.88 11.43
C ASP A 21 -33.78 -49.90 11.90
N ALA A 22 -32.57 -49.44 12.16
CA ALA A 22 -31.50 -50.26 12.62
C ALA A 22 -31.81 -50.86 13.99
N ILE A 23 -32.20 -50.01 14.93
CA ILE A 23 -32.60 -50.42 16.26
C ILE A 23 -33.85 -51.28 16.17
N ALA A 24 -34.77 -50.88 15.30
CA ALA A 24 -36.03 -51.58 15.14
C ALA A 24 -35.82 -53.03 14.74
N THR A 25 -34.95 -53.23 13.77
CA THR A 25 -34.66 -54.55 13.27
C THR A 25 -34.02 -55.41 14.38
N LEU A 26 -33.04 -54.84 15.06
CA LEU A 26 -32.33 -55.53 16.12
C LEU A 26 -33.26 -55.87 17.28
N GLN A 27 -34.12 -54.93 17.63
CA GLN A 27 -35.08 -55.10 18.71
C GLN A 27 -36.06 -56.24 18.38
N ASN A 28 -36.52 -56.28 17.14
CA ASN A 28 -37.44 -57.32 16.69
C ASN A 28 -36.78 -58.68 16.65
N ARG A 29 -35.46 -58.69 16.59
CA ARG A 29 -34.69 -59.93 16.61
C ARG A 29 -34.39 -60.33 18.05
N GLY A 30 -34.58 -59.40 18.96
CA GLY A 30 -34.34 -59.68 20.35
C GLY A 30 -32.94 -59.29 20.77
N PHE A 31 -32.29 -58.48 19.98
CA PHE A 31 -30.97 -58.04 20.28
C PHE A 31 -30.97 -56.78 21.11
N LYS A 32 -29.90 -56.59 21.81
CA LYS A 32 -29.73 -55.47 22.70
C LYS A 32 -29.05 -54.36 21.95
N ILE A 33 -29.44 -53.16 22.23
CA ILE A 33 -28.87 -52.04 21.55
C ILE A 33 -28.42 -51.00 22.54
N ARG A 34 -27.38 -50.34 22.21
CA ARG A 34 -26.94 -49.21 22.95
C ARG A 34 -26.77 -48.11 21.95
N THR A 35 -27.37 -47.01 22.20
CA THR A 35 -27.29 -45.92 21.29
C THR A 35 -26.56 -44.79 22.00
N LEU A 36 -25.50 -44.31 21.43
CA LEU A 36 -24.72 -43.28 22.05
C LEU A 36 -24.89 -42.00 21.25
N GLN A 37 -25.37 -40.97 21.92
CA GLN A 37 -25.66 -39.68 21.30
C GLN A 37 -24.44 -38.77 21.36
N LYS A 38 -24.13 -38.14 20.26
CA LYS A 38 -23.09 -37.12 20.18
C LYS A 38 -23.59 -35.96 19.34
N PRO A 39 -23.23 -34.73 19.66
CA PRO A 39 -23.48 -33.61 18.78
C PRO A 39 -22.20 -33.21 18.00
N ASP A 40 -22.37 -32.94 16.68
CA ASP A 40 -21.31 -32.43 15.75
C ASP A 40 -21.79 -32.72 14.32
N SER A 41 -20.92 -32.58 13.34
CA SER A 41 -21.27 -32.83 11.97
C SER A 41 -20.25 -33.80 11.34
N THR A 42 -19.08 -34.00 11.97
CA THR A 42 -18.12 -34.95 11.43
C THR A 42 -18.55 -36.37 11.83
N ILE A 43 -19.20 -36.46 12.97
CA ILE A 43 -19.92 -37.63 13.31
C ILE A 43 -21.33 -37.40 12.80
N PRO A 44 -21.83 -38.32 12.00
CA PRO A 44 -23.04 -38.09 11.23
C PRO A 44 -24.37 -38.21 11.99
N PRO A 45 -25.38 -37.50 11.43
CA PRO A 45 -26.80 -37.56 11.80
C PRO A 45 -27.32 -38.96 11.77
N ASP A 46 -28.52 -39.15 12.34
CA ASP A 46 -29.12 -40.44 12.73
C ASP A 46 -29.16 -41.52 11.65
N HIS A 47 -28.77 -41.19 10.47
CA HIS A 47 -28.59 -42.23 9.46
C HIS A 47 -27.21 -42.86 9.73
N VAL A 48 -27.25 -44.08 10.19
CA VAL A 48 -26.09 -44.76 10.73
C VAL A 48 -25.24 -45.42 9.67
N ILE A 49 -23.99 -45.02 9.60
CA ILE A 49 -23.05 -45.62 8.67
C ILE A 49 -22.45 -46.87 9.28
N GLY A 50 -22.38 -46.90 10.61
CA GLY A 50 -21.77 -48.02 11.25
C GLY A 50 -22.40 -48.39 12.56
N THR A 51 -22.17 -49.60 12.89
CA THR A 51 -22.64 -50.31 14.04
C THR A 51 -21.44 -51.06 14.54
N ASP A 52 -21.61 -51.90 15.50
CA ASP A 52 -20.48 -52.63 15.99
C ASP A 52 -20.52 -53.98 15.33
N PRO A 53 -19.37 -54.42 14.72
CA PRO A 53 -19.25 -55.68 13.95
C PRO A 53 -19.66 -56.95 14.69
N ALA A 54 -20.05 -56.80 15.96
CA ALA A 54 -20.60 -57.88 16.78
C ALA A 54 -21.71 -58.57 16.02
N ALA A 55 -22.49 -57.80 15.26
CA ALA A 55 -23.56 -58.33 14.46
C ALA A 55 -23.03 -59.36 13.45
N ASN A 56 -22.00 -58.99 12.70
CA ASN A 56 -21.45 -59.91 11.69
C ASN A 56 -20.48 -60.91 12.29
N THR A 57 -20.29 -60.82 13.57
CA THR A 57 -19.52 -61.81 14.25
C THR A 57 -20.50 -62.92 14.61
N SER A 58 -20.08 -64.15 14.70
CA SER A 58 -21.00 -65.15 15.11
C SER A 58 -21.17 -64.98 16.62
N VAL A 59 -22.33 -64.57 17.03
CA VAL A 59 -22.60 -64.26 18.41
C VAL A 59 -23.78 -65.02 18.92
N SER A 60 -23.97 -64.98 20.20
CA SER A 60 -25.09 -65.60 20.79
C SER A 60 -26.31 -64.69 20.54
N ALA A 61 -27.45 -65.29 20.25
CA ALA A 61 -28.67 -64.54 19.97
C ALA A 61 -29.04 -63.64 21.13
N GLY A 62 -28.89 -62.35 20.92
CA GLY A 62 -29.21 -61.38 21.94
C GLY A 62 -27.95 -60.82 22.56
N ASP A 63 -27.14 -60.15 21.75
CA ASP A 63 -25.90 -59.56 22.22
C ASP A 63 -26.03 -58.02 22.17
N GLU A 64 -25.01 -57.31 22.63
CA GLU A 64 -25.01 -55.87 22.76
C GLU A 64 -24.51 -55.19 21.50
N ILE A 65 -25.36 -54.49 20.82
CA ILE A 65 -24.96 -53.78 19.64
C ILE A 65 -24.92 -52.26 19.93
N THR A 66 -23.73 -51.71 19.99
CA THR A 66 -23.53 -50.30 20.25
C THR A 66 -23.56 -49.50 18.94
N VAL A 67 -24.32 -48.44 18.90
CA VAL A 67 -24.37 -47.58 17.74
C VAL A 67 -24.09 -46.13 18.17
N ASN A 68 -23.24 -45.46 17.45
CA ASN A 68 -23.02 -44.05 17.72
C ASN A 68 -23.86 -43.23 16.76
N VAL A 69 -24.61 -42.32 17.29
CA VAL A 69 -25.51 -41.51 16.51
C VAL A 69 -25.28 -40.03 16.86
N SER A 70 -25.39 -39.15 15.89
CA SER A 70 -25.15 -37.77 16.19
C SER A 70 -26.38 -36.92 15.89
N THR A 71 -26.74 -36.13 16.86
CA THR A 71 -27.89 -35.28 16.75
C THR A 71 -27.48 -33.78 16.86
N GLY A 72 -27.53 -33.08 15.73
CA GLY A 72 -27.23 -31.66 15.72
C GLY A 72 -25.75 -31.33 15.77
N PRO A 73 -25.29 -30.31 15.03
CA PRO A 73 -23.88 -29.91 15.04
C PRO A 73 -23.56 -28.98 16.22
N GLU A 74 -22.30 -28.94 16.60
CA GLU A 74 -21.89 -28.12 17.71
C GLU A 74 -21.53 -26.72 17.23
N GLN A 75 -21.40 -25.84 18.17
CA GLN A 75 -21.03 -24.49 17.91
C GLN A 75 -19.82 -24.20 18.77
N ARG A 76 -19.02 -23.24 18.42
CA ARG A 76 -17.84 -22.96 19.21
C ARG A 76 -17.77 -21.53 19.61
N GLU A 77 -16.96 -21.28 20.57
CA GLU A 77 -16.76 -19.97 21.09
C GLU A 77 -15.78 -19.22 20.22
N ILE A 78 -16.04 -17.97 19.96
CA ILE A 78 -15.13 -17.21 19.19
C ILE A 78 -14.15 -16.51 20.15
N PRO A 79 -12.85 -16.73 19.99
CA PRO A 79 -11.85 -15.98 20.74
C PRO A 79 -11.80 -14.53 20.22
N ASP A 80 -11.65 -13.57 21.11
CA ASP A 80 -11.54 -12.18 20.67
C ASP A 80 -10.08 -11.89 20.38
N VAL A 81 -9.81 -10.78 19.75
CA VAL A 81 -8.48 -10.45 19.34
C VAL A 81 -8.36 -8.93 19.26
N SER A 82 -7.16 -8.41 19.19
CA SER A 82 -6.95 -7.02 18.98
C SER A 82 -7.20 -6.69 17.50
N THR A 83 -7.69 -5.51 17.23
CA THR A 83 -8.16 -5.15 15.92
C THR A 83 -7.06 -5.08 14.84
N LEU A 84 -5.84 -4.79 15.22
CA LEU A 84 -4.75 -4.79 14.27
C LEU A 84 -4.24 -6.20 13.96
N THR A 85 -4.60 -7.16 14.78
CA THR A 85 -4.08 -8.49 14.66
C THR A 85 -5.05 -9.39 13.84
N TYR A 86 -5.50 -8.88 12.69
CA TYR A 86 -6.40 -9.61 11.79
C TYR A 86 -5.85 -11.02 11.41
N ALA A 87 -4.55 -11.12 11.20
CA ALA A 87 -3.93 -12.40 10.85
C ALA A 87 -4.15 -13.44 11.96
N GLU A 88 -4.05 -12.97 13.19
CA GLU A 88 -4.25 -13.81 14.34
C GLU A 88 -5.72 -14.19 14.46
N ALA A 89 -6.58 -13.25 14.10
CA ALA A 89 -8.02 -13.43 14.17
C ALA A 89 -8.46 -14.61 13.31
N VAL A 90 -8.04 -14.62 12.06
CA VAL A 90 -8.43 -15.66 11.15
C VAL A 90 -7.87 -17.03 11.56
N LYS A 91 -6.62 -17.07 12.04
CA LYS A 91 -6.09 -18.32 12.51
C LYS A 91 -6.79 -18.81 13.78
N LYS A 92 -7.20 -17.88 14.64
CA LYS A 92 -7.98 -18.21 15.84
C LYS A 92 -9.31 -18.80 15.46
N LEU A 93 -9.94 -18.22 14.45
CA LEU A 93 -11.22 -18.70 13.95
C LEU A 93 -11.09 -20.10 13.38
N THR A 94 -9.94 -20.39 12.81
CA THR A 94 -9.68 -21.69 12.25
C THR A 94 -9.53 -22.74 13.37
N ALA A 95 -8.81 -22.38 14.41
CA ALA A 95 -8.61 -23.25 15.58
C ALA A 95 -9.90 -23.39 16.39
N ALA A 96 -10.83 -22.49 16.13
CA ALA A 96 -12.09 -22.48 16.79
C ALA A 96 -13.11 -23.41 16.08
N GLY A 97 -12.71 -24.03 15.00
CA GLY A 97 -13.60 -24.95 14.33
C GLY A 97 -14.02 -24.47 12.97
N PHE A 98 -14.96 -23.53 12.98
CA PHE A 98 -15.47 -22.88 11.76
C PHE A 98 -14.38 -22.48 10.79
N GLY A 99 -13.53 -21.55 11.19
CA GLY A 99 -12.51 -21.03 10.29
C GLY A 99 -13.12 -20.36 9.09
N ARG A 100 -14.36 -19.94 9.22
CA ARG A 100 -15.08 -19.31 8.16
C ARG A 100 -15.11 -17.85 8.41
N PHE A 101 -14.40 -17.11 7.59
CA PHE A 101 -14.25 -15.71 7.74
C PHE A 101 -14.23 -15.05 6.38
N LYS A 102 -14.43 -13.77 6.36
CA LYS A 102 -14.37 -13.01 5.15
C LYS A 102 -13.94 -11.59 5.48
N GLN A 103 -12.88 -11.14 4.87
CA GLN A 103 -12.37 -9.79 5.10
C GLN A 103 -13.07 -8.81 4.18
N ALA A 104 -13.58 -7.77 4.74
CA ALA A 104 -14.17 -6.71 3.99
C ALA A 104 -13.46 -5.43 4.33
N ASN A 105 -13.19 -4.65 3.34
CA ASN A 105 -12.49 -3.40 3.54
C ASN A 105 -13.43 -2.28 3.21
N SER A 106 -13.51 -1.29 4.05
CA SER A 106 -14.33 -0.13 3.79
C SER A 106 -13.74 1.08 4.49
N PRO A 107 -13.86 2.27 3.89
CA PRO A 107 -13.37 3.49 4.49
C PRO A 107 -14.17 3.78 5.74
N SER A 108 -13.49 3.89 6.83
CA SER A 108 -14.12 4.01 8.11
C SER A 108 -13.46 5.13 8.90
N THR A 109 -13.94 5.36 10.11
CA THR A 109 -13.40 6.35 10.99
C THR A 109 -11.88 6.12 11.17
N PRO A 110 -11.10 7.21 11.10
CA PRO A 110 -9.62 7.18 11.07
C PRO A 110 -8.96 6.34 12.16
N GLU A 111 -9.60 6.24 13.30
CA GLU A 111 -9.05 5.45 14.41
C GLU A 111 -9.22 3.94 14.17
N LEU A 112 -10.17 3.58 13.33
CA LEU A 112 -10.38 2.19 12.98
C LEU A 112 -9.72 1.86 11.66
N VAL A 113 -9.20 2.87 11.00
CA VAL A 113 -8.44 2.66 9.79
C VAL A 113 -7.21 1.80 10.10
N GLY A 114 -7.05 0.74 9.36
CA GLY A 114 -5.95 -0.16 9.55
C GLY A 114 -6.28 -1.21 10.59
N LYS A 115 -7.44 -1.09 11.19
CA LYS A 115 -7.83 -1.98 12.25
C LYS A 115 -9.13 -2.64 11.87
N VAL A 116 -9.34 -3.75 12.46
CA VAL A 116 -10.59 -4.47 12.35
C VAL A 116 -11.65 -3.68 13.13
N ILE A 117 -12.86 -3.63 12.64
CA ILE A 117 -13.91 -2.92 13.33
C ILE A 117 -14.73 -3.92 14.14
N GLY A 118 -14.79 -5.14 13.65
CA GLY A 118 -15.48 -6.16 14.37
C GLY A 118 -15.95 -7.26 13.46
N THR A 119 -16.76 -8.11 14.02
CA THR A 119 -17.33 -9.23 13.34
C THR A 119 -18.83 -9.01 13.30
N ASN A 120 -19.49 -9.33 12.20
CA ASN A 120 -20.95 -9.17 12.16
C ASN A 120 -21.66 -10.09 13.18
N PRO A 121 -21.38 -11.42 13.23
CA PRO A 121 -21.88 -12.26 14.31
C PRO A 121 -21.06 -11.97 15.58
N PRO A 122 -21.63 -12.14 16.77
CA PRO A 122 -20.92 -11.85 18.02
C PRO A 122 -19.68 -12.75 18.20
N ALA A 123 -18.56 -12.10 18.44
CA ALA A 123 -17.28 -12.79 18.60
C ALA A 123 -17.05 -13.18 20.04
N ASN A 124 -18.02 -12.92 20.85
CA ASN A 124 -17.97 -13.23 22.25
C ASN A 124 -18.93 -14.34 22.57
N GLN A 125 -19.51 -14.93 21.54
CA GLN A 125 -20.55 -15.92 21.71
C GLN A 125 -20.21 -17.20 20.99
N THR A 126 -21.09 -18.16 21.10
CA THR A 126 -20.91 -19.43 20.47
C THR A 126 -21.54 -19.39 19.05
N SER A 127 -20.71 -19.57 18.05
CA SER A 127 -21.13 -19.55 16.67
C SER A 127 -20.84 -20.90 16.02
N ALA A 128 -21.66 -21.30 15.07
CA ALA A 128 -21.55 -22.63 14.47
C ALA A 128 -20.35 -22.75 13.54
N ILE A 129 -19.85 -23.98 13.38
CA ILE A 129 -18.70 -24.28 12.50
C ILE A 129 -19.07 -24.01 11.04
N THR A 130 -20.32 -24.11 10.74
CA THR A 130 -20.82 -23.89 9.42
C THR A 130 -21.22 -22.41 9.21
N ASN A 131 -20.96 -21.60 10.19
CA ASN A 131 -21.34 -20.20 10.17
C ASN A 131 -20.12 -19.33 9.87
N VAL A 132 -20.28 -18.45 8.90
CA VAL A 132 -19.21 -17.60 8.42
C VAL A 132 -19.27 -16.21 9.04
N VAL A 133 -18.18 -15.78 9.62
CA VAL A 133 -18.11 -14.47 10.21
C VAL A 133 -17.47 -13.47 9.23
N ILE A 134 -18.19 -12.41 8.93
CA ILE A 134 -17.65 -11.38 8.06
C ILE A 134 -16.98 -10.33 8.95
N ILE A 135 -15.76 -10.02 8.60
CA ILE A 135 -14.92 -9.13 9.36
C ILE A 135 -14.52 -7.94 8.50
N ILE A 136 -14.91 -6.78 8.95
CA ILE A 136 -14.64 -5.56 8.25
C ILE A 136 -13.49 -4.79 8.90
N VAL A 137 -12.52 -4.45 8.09
CA VAL A 137 -11.40 -3.65 8.51
C VAL A 137 -11.54 -2.26 7.91
N GLY A 138 -11.27 -1.26 8.72
CA GLY A 138 -11.36 0.08 8.26
C GLY A 138 -10.18 0.40 7.37
N SER A 139 -10.46 0.91 6.23
CA SER A 139 -9.43 1.29 5.32
C SER A 139 -9.52 2.79 5.15
N GLY A 140 -8.47 3.41 4.72
CA GLY A 140 -8.47 4.83 4.54
C GLY A 140 -7.22 5.27 3.86
N PRO A 141 -7.17 5.20 2.52
CA PRO A 141 -5.99 5.57 1.77
C PRO A 141 -5.74 7.07 1.84
N ALA A 142 -4.68 7.48 2.48
CA ALA A 142 -4.34 8.88 2.62
C ALA A 142 -3.55 9.32 1.38
N THR A 143 -4.13 9.05 0.25
CA THR A 143 -3.50 9.28 -1.01
C THR A 143 -4.26 10.32 -1.80
N LYS A 144 -3.55 11.06 -2.59
CA LYS A 144 -4.13 12.06 -3.43
C LYS A 144 -3.32 12.14 -4.71
N ASP A 145 -3.95 12.59 -5.77
CA ASP A 145 -3.34 12.66 -7.09
C ASP A 145 -2.66 13.99 -7.26
N ILE A 146 -1.38 13.96 -7.53
CA ILE A 146 -0.62 15.17 -7.71
C ILE A 146 -0.84 15.78 -9.09
N PRO A 147 -1.03 17.11 -9.17
CA PRO A 147 -1.14 17.82 -10.43
C PRO A 147 0.26 18.17 -10.96
N ASP A 148 0.32 18.92 -12.04
CA ASP A 148 1.60 19.30 -12.59
C ASP A 148 2.02 20.63 -12.03
N VAL A 149 3.29 20.80 -11.87
CA VAL A 149 3.82 22.02 -11.37
C VAL A 149 4.90 22.46 -12.31
N ALA A 150 4.52 23.28 -13.23
CA ALA A 150 5.42 23.79 -14.20
C ALA A 150 4.95 25.17 -14.56
N GLY A 151 5.70 26.17 -14.19
CA GLY A 151 5.30 27.51 -14.46
C GLY A 151 4.96 28.20 -13.18
N GLN A 152 5.70 27.88 -12.14
CA GLN A 152 5.54 28.48 -10.85
C GLN A 152 6.88 28.66 -10.24
N THR A 153 6.95 29.42 -9.20
CA THR A 153 8.17 29.53 -8.48
C THR A 153 8.14 28.49 -7.36
N VAL A 154 9.30 28.09 -6.87
CA VAL A 154 9.40 27.07 -5.82
C VAL A 154 8.57 27.44 -4.58
N ASP A 155 8.60 28.72 -4.20
CA ASP A 155 7.85 29.23 -3.03
C ASP A 155 6.35 28.96 -3.19
N VAL A 156 5.86 29.20 -4.38
CA VAL A 156 4.45 29.01 -4.67
C VAL A 156 4.14 27.52 -4.82
N ALA A 157 5.08 26.80 -5.40
CA ALA A 157 4.95 25.37 -5.60
C ALA A 157 4.82 24.65 -4.26
N GLN A 158 5.72 24.94 -3.32
CA GLN A 158 5.67 24.29 -2.01
C GLN A 158 4.37 24.63 -1.29
N LYS A 159 3.93 25.88 -1.46
CA LYS A 159 2.71 26.36 -0.85
C LYS A 159 1.53 25.55 -1.40
N ASN A 160 1.50 25.36 -2.71
CA ASN A 160 0.42 24.61 -3.34
C ASN A 160 0.39 23.19 -2.86
N LEU A 161 1.54 22.54 -2.86
CA LEU A 161 1.61 21.16 -2.43
C LEU A 161 1.23 20.99 -0.98
N ASN A 162 1.67 21.91 -0.13
CA ASN A 162 1.34 21.85 1.29
C ASN A 162 -0.14 22.03 1.51
N VAL A 163 -0.75 22.91 0.73
CA VAL A 163 -2.19 23.14 0.78
C VAL A 163 -2.95 21.93 0.24
N TYR A 164 -2.32 21.16 -0.64
CA TYR A 164 -2.97 19.98 -1.19
C TYR A 164 -2.84 18.81 -0.20
N GLY A 165 -2.16 19.04 0.90
CA GLY A 165 -2.05 18.04 1.94
C GLY A 165 -0.73 17.32 1.92
N PHE A 166 0.09 17.62 0.96
CA PHE A 166 1.37 16.96 0.83
C PHE A 166 2.31 17.67 1.71
N THR A 167 2.72 16.98 2.72
CA THR A 167 3.39 17.62 3.77
C THR A 167 4.91 17.68 3.54
N LYS A 168 5.44 16.77 2.77
CA LYS A 168 6.87 16.73 2.56
C LYS A 168 7.21 17.00 1.10
N PHE A 169 8.04 17.97 0.87
CA PHE A 169 8.48 18.37 -0.46
C PHE A 169 9.97 18.46 -0.50
N SER A 170 10.51 18.27 -1.66
CA SER A 170 11.92 18.42 -1.88
C SER A 170 12.11 19.07 -3.23
N GLN A 171 13.13 19.87 -3.37
CA GLN A 171 13.40 20.51 -4.60
C GLN A 171 14.73 20.05 -5.16
N ALA A 172 14.72 19.69 -6.40
CA ALA A 172 15.91 19.31 -7.09
C ALA A 172 16.29 20.44 -8.01
N SER A 173 17.44 20.99 -7.82
CA SER A 173 17.89 22.09 -8.60
C SER A 173 18.64 21.59 -9.82
N VAL A 174 18.16 21.95 -10.97
CA VAL A 174 18.78 21.59 -12.23
C VAL A 174 19.12 22.86 -12.97
N ASP A 175 20.10 22.81 -13.81
CA ASP A 175 20.43 23.99 -14.59
C ASP A 175 19.63 23.97 -15.84
N SER A 176 19.07 25.08 -16.20
CA SER A 176 18.28 25.17 -17.41
C SER A 176 18.33 26.60 -17.92
N PRO A 177 17.88 26.88 -19.18
CA PRO A 177 17.81 28.24 -19.70
C PRO A 177 16.65 29.05 -19.07
N ARG A 178 15.85 28.39 -18.24
CA ARG A 178 14.74 29.03 -17.58
C ARG A 178 15.26 29.70 -16.32
N PRO A 179 14.86 30.96 -16.06
CA PRO A 179 15.36 31.75 -14.92
C PRO A 179 15.17 31.07 -13.57
N ALA A 180 16.16 31.27 -12.70
CA ALA A 180 16.24 30.63 -11.38
C ALA A 180 14.99 30.83 -10.57
N GLY A 181 14.43 29.74 -10.11
CA GLY A 181 13.26 29.79 -9.29
C GLY A 181 12.08 29.18 -9.98
N GLU A 182 12.20 29.02 -11.28
CA GLU A 182 11.17 28.43 -12.10
C GLU A 182 11.12 26.93 -11.87
N VAL A 183 9.96 26.42 -11.53
CA VAL A 183 9.79 25.01 -11.37
C VAL A 183 9.55 24.44 -12.74
N THR A 184 10.50 23.66 -13.21
CA THR A 184 10.43 23.13 -14.54
C THR A 184 9.51 21.89 -14.60
N GLY A 185 9.25 21.29 -13.46
CA GLY A 185 8.38 20.16 -13.42
C GLY A 185 8.51 19.39 -12.14
N THR A 186 7.91 18.25 -12.09
CA THR A 186 7.95 17.41 -10.93
C THR A 186 8.65 16.11 -11.30
N ASN A 187 9.26 15.44 -10.35
CA ASN A 187 9.91 14.17 -10.64
C ASN A 187 8.87 13.05 -10.77
N PRO A 188 7.98 12.84 -9.78
CA PRO A 188 6.84 11.97 -9.99
C PRO A 188 5.86 12.71 -10.94
N PRO A 189 5.45 12.07 -12.05
CA PRO A 189 4.61 12.72 -13.06
C PRO A 189 3.21 13.08 -12.55
N ALA A 190 2.61 14.05 -13.21
CA ALA A 190 1.26 14.49 -12.87
C ALA A 190 0.28 13.35 -13.07
N GLY A 191 -0.64 13.21 -12.16
CA GLY A 191 -1.59 12.15 -12.25
C GLY A 191 -1.20 10.97 -11.38
N THR A 192 -0.03 11.02 -10.79
CA THR A 192 0.40 9.98 -9.89
C THR A 192 -0.31 10.14 -8.54
N THR A 193 -0.83 9.05 -8.03
CA THR A 193 -1.50 9.07 -6.78
C THR A 193 -0.49 8.67 -5.70
N VAL A 194 -0.29 9.52 -4.72
CA VAL A 194 0.67 9.23 -3.65
C VAL A 194 0.09 9.65 -2.32
N PRO A 195 0.56 9.06 -1.20
CA PRO A 195 0.13 9.47 0.13
C PRO A 195 0.54 10.90 0.43
N VAL A 196 -0.34 11.63 1.07
CA VAL A 196 -0.10 13.04 1.44
C VAL A 196 1.06 13.19 2.44
N ASP A 197 1.35 12.10 3.11
CA ASP A 197 2.44 12.03 4.09
C ASP A 197 3.80 11.92 3.38
N SER A 198 3.77 11.53 2.13
CA SER A 198 4.97 11.27 1.37
C SER A 198 5.66 12.55 0.89
N VAL A 199 6.77 12.37 0.21
CA VAL A 199 7.59 13.46 -0.25
C VAL A 199 7.42 13.62 -1.75
N ILE A 200 7.06 14.80 -2.19
CA ILE A 200 7.01 15.06 -3.61
C ILE A 200 8.21 15.91 -3.99
N GLU A 201 8.84 15.56 -5.07
CA GLU A 201 10.04 16.23 -5.50
C GLU A 201 9.77 17.10 -6.71
N LEU A 202 10.03 18.38 -6.53
CA LEU A 202 9.84 19.40 -7.55
C LEU A 202 11.21 19.76 -8.16
N GLN A 203 11.31 19.84 -9.48
CA GLN A 203 12.55 20.27 -10.12
C GLN A 203 12.51 21.74 -10.37
N VAL A 204 13.46 22.43 -9.84
CA VAL A 204 13.55 23.85 -9.97
C VAL A 204 14.76 24.17 -10.81
N SER A 205 14.57 24.98 -11.79
CA SER A 205 15.62 25.36 -12.66
C SER A 205 16.38 26.57 -12.15
N LYS A 206 17.68 26.48 -12.27
CA LYS A 206 18.54 27.58 -12.04
C LYS A 206 18.67 28.22 -13.41
N GLY A 207 18.83 29.52 -13.46
CA GLY A 207 18.77 30.22 -14.71
C GLY A 207 20.05 30.20 -15.46
N ASN A 208 21.15 30.04 -14.72
CA ASN A 208 22.54 30.05 -15.26
C ASN A 208 22.96 31.45 -15.67
N GLN A 209 22.06 32.13 -16.33
CA GLN A 209 22.30 33.43 -16.86
C GLN A 209 21.36 34.46 -16.28
N PHE A 210 21.88 35.64 -16.04
CA PHE A 210 21.09 36.75 -15.50
C PHE A 210 21.27 37.97 -16.40
N VAL A 211 20.25 38.80 -16.48
CA VAL A 211 20.27 40.00 -17.34
C VAL A 211 21.42 40.96 -16.98
N MET A 212 22.29 41.20 -17.93
CA MET A 212 23.42 42.09 -17.74
C MET A 212 23.12 43.50 -18.25
N PRO A 213 23.53 44.55 -17.49
CA PRO A 213 23.42 45.96 -17.91
C PRO A 213 24.38 46.31 -19.07
N ASP A 214 24.21 47.50 -19.63
CA ASP A 214 25.04 47.98 -20.74
C ASP A 214 26.47 48.27 -20.31
N LEU A 215 27.41 47.74 -21.04
CA LEU A 215 28.83 47.97 -20.84
C LEU A 215 29.38 48.71 -22.05
N SER A 216 28.47 49.19 -22.86
CA SER A 216 28.82 49.89 -24.04
C SER A 216 29.22 51.34 -23.73
N GLY A 217 30.18 51.87 -24.48
CA GLY A 217 30.58 53.27 -24.35
C GLY A 217 31.52 53.55 -23.20
N MET A 218 32.02 52.53 -22.56
CA MET A 218 32.91 52.72 -21.42
C MET A 218 34.30 52.25 -21.79
N PHE A 219 35.28 52.64 -21.02
CA PHE A 219 36.64 52.29 -21.31
C PHE A 219 37.12 51.19 -20.41
N TRP A 220 38.22 50.60 -20.81
CA TRP A 220 38.92 49.57 -20.07
C TRP A 220 39.41 50.14 -18.73
N VAL A 221 39.68 51.43 -18.72
CA VAL A 221 40.10 52.12 -17.49
C VAL A 221 38.93 52.25 -16.51
N ASP A 222 37.72 52.03 -17.01
CA ASP A 222 36.51 52.02 -16.19
C ASP A 222 36.18 50.59 -15.84
N ALA A 223 36.46 49.71 -16.79
CA ALA A 223 36.19 48.29 -16.67
C ALA A 223 36.94 47.66 -15.50
N GLU A 224 38.19 48.04 -15.30
CA GLU A 224 38.98 47.48 -14.21
C GLU A 224 38.35 47.76 -12.82
N PRO A 225 38.05 49.03 -12.42
CA PRO A 225 37.36 49.32 -11.16
C PRO A 225 35.97 48.64 -11.11
N ARG A 226 35.28 48.61 -12.24
CA ARG A 226 33.98 47.97 -12.38
C ARG A 226 34.07 46.49 -12.00
N LEU A 227 35.05 45.81 -12.56
CA LEU A 227 35.18 44.38 -12.35
C LEU A 227 35.51 44.04 -10.91
N ARG A 228 36.39 44.83 -10.34
CA ARG A 228 36.82 44.64 -8.96
C ARG A 228 35.67 44.86 -7.99
N ALA A 229 34.87 45.87 -8.28
CA ALA A 229 33.74 46.25 -7.45
C ALA A 229 32.65 45.17 -7.41
N LEU A 230 32.41 44.54 -8.55
CA LEU A 230 31.39 43.51 -8.66
C LEU A 230 31.92 42.13 -8.39
N GLY A 231 33.22 42.00 -8.27
CA GLY A 231 33.81 40.69 -8.11
C GLY A 231 33.66 39.87 -9.37
N TRP A 232 33.84 40.53 -10.49
CA TRP A 232 33.75 39.89 -11.78
C TRP A 232 35.05 39.20 -12.11
N THR A 233 34.97 38.00 -12.59
CA THR A 233 36.13 37.30 -13.01
C THR A 233 35.83 36.37 -14.19
N GLY A 234 35.93 36.93 -15.36
CA GLY A 234 35.73 36.20 -16.58
C GLY A 234 36.94 36.33 -17.44
N MET A 235 36.82 37.05 -18.52
CA MET A 235 37.96 37.29 -19.38
C MET A 235 38.02 38.71 -19.83
N LEU A 236 39.12 39.33 -19.57
CA LEU A 236 39.44 40.59 -20.20
C LEU A 236 40.13 40.17 -21.47
N ASP A 237 39.61 40.56 -22.59
CA ASP A 237 40.08 39.99 -23.83
C ASP A 237 40.61 41.02 -24.79
N LYS A 238 41.89 40.98 -25.02
CA LYS A 238 42.49 41.77 -26.04
C LYS A 238 43.03 40.86 -27.13
N GLY A 239 42.39 40.88 -28.27
CA GLY A 239 42.80 40.03 -29.36
C GLY A 239 43.81 40.69 -30.23
N ALA A 240 43.46 41.83 -30.74
CA ALA A 240 44.32 42.56 -31.61
C ALA A 240 44.48 43.95 -31.10
N ASP A 241 45.69 44.43 -31.09
CA ASP A 241 45.95 45.80 -30.73
C ASP A 241 45.82 46.59 -32.01
N VAL A 242 44.95 47.57 -32.02
CA VAL A 242 44.66 48.30 -33.24
C VAL A 242 44.67 49.80 -33.00
N ASP A 243 45.44 50.49 -33.78
CA ASP A 243 45.47 51.92 -33.70
C ASP A 243 44.33 52.48 -34.53
N ALA A 244 43.37 53.05 -33.86
CA ALA A 244 42.20 53.62 -34.55
C ALA A 244 41.89 55.04 -34.06
N GLY A 245 42.71 55.55 -33.16
CA GLY A 245 42.50 56.89 -32.64
C GLY A 245 42.09 56.85 -31.20
N GLY A 246 42.34 57.94 -30.48
CA GLY A 246 42.15 57.95 -29.03
C GLY A 246 40.77 57.55 -28.56
N SER A 247 39.76 57.95 -29.31
CA SER A 247 38.38 57.62 -29.00
C SER A 247 38.12 56.08 -29.09
N GLN A 248 38.95 55.37 -29.85
CA GLN A 248 38.77 53.94 -30.02
C GLN A 248 39.72 53.16 -29.13
N HIS A 249 40.68 53.84 -28.57
CA HIS A 249 41.67 53.18 -27.73
C HIS A 249 41.16 53.10 -26.33
N ASN A 250 41.36 51.95 -25.72
CA ASN A 250 40.85 51.61 -24.37
C ASN A 250 39.32 51.53 -24.30
N ARG A 251 38.62 51.96 -25.32
CA ARG A 251 37.16 51.99 -25.29
C ARG A 251 36.64 50.64 -25.74
N VAL A 252 35.61 50.14 -25.06
CA VAL A 252 35.04 48.85 -25.41
C VAL A 252 34.24 49.02 -26.69
N VAL A 253 34.48 48.18 -27.66
CA VAL A 253 33.86 48.37 -28.96
C VAL A 253 32.51 47.74 -28.97
N TYR A 254 32.47 46.52 -28.56
CA TYR A 254 31.25 45.79 -28.50
C TYR A 254 31.33 44.85 -27.35
N GLN A 255 30.21 44.44 -26.88
CA GLN A 255 30.13 43.45 -25.86
C GLN A 255 29.51 42.23 -26.49
N ASN A 256 30.22 41.11 -26.48
CA ASN A 256 29.73 39.87 -27.12
C ASN A 256 28.31 39.47 -26.66
N PRO A 257 28.03 39.36 -25.34
CA PRO A 257 26.66 39.17 -24.88
C PRO A 257 25.96 40.54 -24.78
N PRO A 258 24.88 40.74 -25.53
CA PRO A 258 24.16 42.01 -25.54
C PRO A 258 23.54 42.33 -24.19
N ALA A 259 23.50 43.59 -23.86
CA ALA A 259 22.92 44.06 -22.64
C ALA A 259 21.43 43.84 -22.69
N GLY A 260 20.90 43.27 -21.65
CA GLY A 260 19.51 42.89 -21.65
C GLY A 260 19.39 41.39 -21.78
N THR A 261 20.45 40.77 -22.28
CA THR A 261 20.49 39.35 -22.40
C THR A 261 21.11 38.78 -21.11
N GLY A 262 20.86 37.53 -20.84
CA GLY A 262 21.37 36.91 -19.67
C GLY A 262 22.78 36.39 -19.87
N VAL A 263 23.62 36.69 -18.92
CA VAL A 263 24.99 36.23 -18.91
C VAL A 263 25.19 35.29 -17.74
N ASN A 264 25.98 34.27 -17.96
CA ASN A 264 26.36 33.27 -16.95
C ASN A 264 26.91 33.90 -15.66
N ARG A 265 26.91 33.11 -14.57
CA ARG A 265 27.47 33.56 -13.26
C ARG A 265 28.92 33.96 -13.35
N ASP A 266 29.62 33.41 -14.33
CA ASP A 266 31.02 33.74 -14.57
C ASP A 266 31.11 35.16 -15.12
N GLY A 267 30.05 35.58 -15.82
CA GLY A 267 29.99 36.90 -16.34
C GLY A 267 30.88 37.10 -17.53
N ILE A 268 31.24 36.02 -18.20
CA ILE A 268 32.27 36.11 -19.22
C ILE A 268 31.73 36.91 -20.43
N ILE A 269 32.41 38.01 -20.68
CA ILE A 269 32.07 38.92 -21.71
C ILE A 269 33.27 39.14 -22.58
N THR A 270 33.08 39.10 -23.85
CA THR A 270 34.13 39.37 -24.76
C THR A 270 34.02 40.81 -25.24
N LEU A 271 35.05 41.56 -24.97
CA LEU A 271 35.17 42.94 -25.32
C LEU A 271 36.35 43.12 -26.22
N ARG A 272 36.41 44.23 -26.82
CA ARG A 272 37.48 44.58 -27.68
C ARG A 272 37.67 46.06 -27.53
N PHE A 273 38.88 46.49 -27.64
CA PHE A 273 39.22 47.89 -27.62
C PHE A 273 40.26 48.06 -28.67
N GLY A 274 40.55 49.28 -29.07
CA GLY A 274 41.58 49.49 -30.07
C GLY A 274 42.95 49.10 -29.56
N GLN A 275 43.67 50.05 -29.06
CA GLN A 275 44.92 49.78 -28.41
C GLN A 275 45.07 50.74 -27.23
N GLY A 4 -44.93 -67.40 3.34
CA GLY A 4 -45.86 -67.97 4.32
C GLY A 4 -45.45 -67.57 5.71
N ILE A 5 -46.15 -68.06 6.70
CA ILE A 5 -45.86 -67.74 8.06
C ILE A 5 -44.62 -68.47 8.58
N THR A 6 -43.65 -67.70 8.89
CA THR A 6 -42.45 -68.15 9.51
C THR A 6 -42.44 -67.44 10.85
N ARG A 7 -41.85 -68.00 11.87
CA ARG A 7 -41.88 -67.39 13.18
C ARG A 7 -40.86 -66.27 13.33
N ASP A 8 -40.85 -65.41 12.36
CA ASP A 8 -40.03 -64.25 12.36
C ASP A 8 -40.94 -63.11 12.67
N VAL A 9 -40.44 -62.12 13.31
CA VAL A 9 -41.26 -61.02 13.69
C VAL A 9 -40.65 -59.74 13.19
N GLN A 10 -41.41 -58.72 13.12
CA GLN A 10 -40.89 -57.47 12.73
C GLN A 10 -40.55 -56.77 14.00
N VAL A 11 -39.44 -56.14 14.02
CA VAL A 11 -38.87 -55.68 15.24
C VAL A 11 -39.27 -54.23 15.47
N PRO A 12 -39.86 -53.93 16.65
CA PRO A 12 -40.31 -52.60 16.97
C PRO A 12 -39.15 -51.62 17.00
N ASP A 13 -39.27 -50.62 16.22
CA ASP A 13 -38.25 -49.61 16.13
C ASP A 13 -38.47 -48.67 17.29
N VAL A 14 -37.40 -48.22 17.82
CA VAL A 14 -37.41 -47.47 19.05
C VAL A 14 -36.67 -46.11 18.88
N ARG A 15 -36.50 -45.73 17.64
CA ARG A 15 -35.82 -44.50 17.23
C ARG A 15 -36.54 -43.21 17.71
N GLY A 16 -35.76 -42.19 18.01
CA GLY A 16 -36.30 -40.93 18.45
C GLY A 16 -36.13 -40.70 19.92
N GLN A 17 -35.52 -41.65 20.59
CA GLN A 17 -35.21 -41.54 21.97
C GLN A 17 -33.69 -41.53 22.10
N SER A 18 -33.20 -41.85 23.24
CA SER A 18 -31.79 -41.87 23.45
C SER A 18 -31.27 -43.25 23.14
N SER A 19 -30.02 -43.35 22.80
CA SER A 19 -29.44 -44.62 22.46
C SER A 19 -29.48 -45.57 23.67
N ALA A 20 -29.33 -45.02 24.86
CA ALA A 20 -29.38 -45.83 26.06
C ALA A 20 -30.76 -46.40 26.28
N ASP A 21 -31.80 -45.58 26.15
CA ASP A 21 -33.17 -46.08 26.35
C ASP A 21 -33.56 -47.03 25.22
N ALA A 22 -33.21 -46.63 24.01
CA ALA A 22 -33.53 -47.40 22.83
C ALA A 22 -32.87 -48.77 22.84
N ILE A 23 -31.56 -48.79 23.10
CA ILE A 23 -30.82 -50.04 23.15
C ILE A 23 -31.24 -50.88 24.35
N ALA A 24 -31.49 -50.22 25.50
CA ALA A 24 -31.92 -50.92 26.70
C ALA A 24 -33.24 -51.67 26.45
N THR A 25 -34.20 -50.98 25.85
CA THR A 25 -35.50 -51.56 25.55
C THR A 25 -35.34 -52.76 24.60
N LEU A 26 -34.56 -52.56 23.56
CA LEU A 26 -34.30 -53.58 22.55
C LEU A 26 -33.59 -54.80 23.18
N GLN A 27 -32.65 -54.52 24.09
CA GLN A 27 -31.92 -55.55 24.81
C GLN A 27 -32.88 -56.37 25.68
N ASN A 28 -33.83 -55.70 26.30
CA ASN A 28 -34.84 -56.34 27.13
C ASN A 28 -35.83 -57.15 26.29
N ARG A 29 -35.87 -56.87 25.01
CA ARG A 29 -36.69 -57.66 24.10
C ARG A 29 -35.93 -58.89 23.65
N GLY A 30 -34.64 -58.89 23.89
CA GLY A 30 -33.84 -60.04 23.59
C GLY A 30 -33.15 -59.94 22.25
N PHE A 31 -33.25 -58.78 21.63
CA PHE A 31 -32.62 -58.57 20.36
C PHE A 31 -31.13 -58.27 20.54
N LYS A 32 -30.41 -58.28 19.45
CA LYS A 32 -28.99 -58.03 19.48
C LYS A 32 -28.73 -56.72 18.78
N ILE A 33 -27.70 -56.03 19.18
CA ILE A 33 -27.34 -54.80 18.54
C ILE A 33 -25.91 -54.75 18.19
N ARG A 34 -25.63 -54.07 17.14
CA ARG A 34 -24.33 -53.74 16.78
C ARG A 34 -24.26 -52.27 17.01
N THR A 35 -23.21 -51.80 17.51
CA THR A 35 -23.11 -50.42 17.86
C THR A 35 -21.80 -49.89 17.36
N LEU A 36 -21.86 -48.94 16.50
CA LEU A 36 -20.66 -48.38 15.97
C LEU A 36 -20.49 -47.00 16.48
N GLN A 37 -19.41 -46.79 17.17
CA GLN A 37 -19.09 -45.49 17.65
C GLN A 37 -18.04 -44.93 16.76
N LYS A 38 -18.34 -43.83 16.17
CA LYS A 38 -17.46 -43.24 15.20
C LYS A 38 -17.43 -41.75 15.39
N PRO A 39 -16.27 -41.13 15.25
CA PRO A 39 -16.17 -39.67 15.19
C PRO A 39 -16.78 -39.17 13.88
N ASP A 40 -16.86 -37.86 13.77
CA ASP A 40 -17.41 -37.13 12.61
C ASP A 40 -18.89 -36.87 12.78
N SER A 41 -19.46 -36.12 11.86
CA SER A 41 -20.84 -35.73 11.92
C SER A 41 -21.56 -36.26 10.69
N THR A 42 -20.91 -37.15 9.99
CA THR A 42 -21.45 -37.75 8.79
C THR A 42 -22.49 -38.84 9.17
N ILE A 43 -22.43 -39.22 10.43
CA ILE A 43 -23.30 -40.19 10.99
C ILE A 43 -24.19 -39.51 12.03
N PRO A 44 -25.40 -40.05 12.26
CA PRO A 44 -26.43 -39.46 13.17
C PRO A 44 -25.95 -39.08 14.59
N PRO A 45 -26.68 -38.15 15.27
CA PRO A 45 -26.40 -37.70 16.64
C PRO A 45 -26.34 -38.86 17.64
N ASP A 46 -25.71 -38.60 18.77
CA ASP A 46 -25.50 -39.60 19.85
C ASP A 46 -26.80 -40.22 20.38
N HIS A 47 -27.91 -39.65 19.99
CA HIS A 47 -29.23 -40.14 20.36
C HIS A 47 -29.89 -40.62 19.10
N VAL A 48 -30.69 -41.65 19.20
CA VAL A 48 -31.15 -42.32 18.01
C VAL A 48 -32.17 -41.50 17.23
N ILE A 49 -31.82 -41.17 16.03
CA ILE A 49 -32.71 -40.46 15.13
C ILE A 49 -33.35 -41.52 14.23
N GLY A 50 -32.61 -42.58 14.00
CA GLY A 50 -33.04 -43.62 13.17
C GLY A 50 -32.52 -44.94 13.67
N THR A 51 -33.11 -45.97 13.19
CA THR A 51 -32.77 -47.32 13.50
C THR A 51 -32.36 -48.04 12.23
N ASP A 52 -32.09 -49.31 12.33
CA ASP A 52 -31.57 -50.05 11.20
C ASP A 52 -32.72 -50.81 10.55
N PRO A 53 -32.81 -50.78 9.20
CA PRO A 53 -33.90 -51.40 8.42
C PRO A 53 -34.15 -52.87 8.71
N ALA A 54 -33.19 -53.52 9.33
CA ALA A 54 -33.33 -54.92 9.72
C ALA A 54 -34.49 -55.07 10.69
N ALA A 55 -34.70 -54.05 11.51
CA ALA A 55 -35.78 -54.05 12.47
C ALA A 55 -37.11 -53.88 11.74
N ASN A 56 -37.07 -53.16 10.65
CA ASN A 56 -38.26 -52.87 9.85
C ASN A 56 -38.59 -54.06 8.96
N THR A 57 -37.67 -54.96 8.91
CA THR A 57 -37.83 -56.19 8.19
C THR A 57 -38.27 -57.24 9.22
N SER A 58 -39.03 -58.23 8.81
CA SER A 58 -39.39 -59.26 9.73
C SER A 58 -38.22 -60.24 9.81
N VAL A 59 -37.57 -60.28 10.95
CA VAL A 59 -36.43 -61.14 11.14
C VAL A 59 -36.65 -62.05 12.33
N SER A 60 -35.80 -63.01 12.47
CA SER A 60 -35.85 -63.93 13.57
C SER A 60 -35.56 -63.16 14.87
N ALA A 61 -36.33 -63.44 15.90
CA ALA A 61 -36.23 -62.71 17.14
C ALA A 61 -34.90 -62.97 17.83
N GLY A 62 -34.11 -61.93 17.91
CA GLY A 62 -32.83 -62.05 18.53
C GLY A 62 -31.73 -61.93 17.53
N ASP A 63 -31.87 -61.03 16.57
CA ASP A 63 -30.86 -60.88 15.55
C ASP A 63 -30.21 -59.49 15.67
N GLU A 64 -29.31 -59.17 14.76
CA GLU A 64 -28.42 -58.02 14.87
C GLU A 64 -29.06 -56.76 14.31
N ILE A 65 -29.21 -55.78 15.14
CA ILE A 65 -29.71 -54.48 14.74
C ILE A 65 -28.56 -53.46 14.87
N THR A 66 -28.19 -52.80 13.81
CA THR A 66 -27.01 -51.93 13.83
C THR A 66 -27.37 -50.45 14.16
N VAL A 67 -26.66 -49.87 15.11
CA VAL A 67 -26.87 -48.49 15.52
C VAL A 67 -25.55 -47.70 15.43
N ASN A 68 -25.62 -46.51 14.90
CA ASN A 68 -24.46 -45.66 14.78
C ASN A 68 -24.55 -44.52 15.77
N VAL A 69 -23.50 -44.35 16.54
CA VAL A 69 -23.42 -43.27 17.49
C VAL A 69 -22.16 -42.42 17.20
N SER A 70 -22.32 -41.12 17.15
CA SER A 70 -21.22 -40.23 16.83
C SER A 70 -20.56 -39.67 18.07
N THR A 71 -19.29 -39.90 18.17
CA THR A 71 -18.50 -39.37 19.23
C THR A 71 -17.37 -38.47 18.66
N GLY A 72 -17.50 -37.16 18.81
CA GLY A 72 -16.48 -36.26 18.32
C GLY A 72 -16.88 -35.57 17.01
N PRO A 73 -17.51 -34.36 17.08
CA PRO A 73 -17.94 -33.57 15.90
C PRO A 73 -16.78 -33.20 14.98
N GLU A 74 -17.12 -32.92 13.74
CA GLU A 74 -16.13 -32.64 12.74
C GLU A 74 -15.47 -31.30 12.91
N GLN A 75 -14.23 -31.30 12.60
CA GLN A 75 -13.37 -30.16 12.66
C GLN A 75 -12.93 -29.86 11.26
N ARG A 76 -12.63 -28.63 10.97
CA ARG A 76 -12.11 -28.26 9.67
C ARG A 76 -10.79 -27.58 9.79
N GLU A 77 -10.02 -27.67 8.75
CA GLU A 77 -8.68 -27.16 8.70
C GLU A 77 -8.70 -25.67 8.36
N ILE A 78 -7.87 -24.90 9.02
CA ILE A 78 -7.80 -23.52 8.67
C ILE A 78 -6.79 -23.39 7.52
N PRO A 79 -7.16 -22.75 6.42
CA PRO A 79 -6.25 -22.52 5.31
C PRO A 79 -5.18 -21.49 5.69
N ASP A 80 -4.01 -21.59 5.09
CA ASP A 80 -2.94 -20.64 5.35
C ASP A 80 -3.34 -19.31 4.76
N VAL A 81 -3.10 -18.26 5.46
CA VAL A 81 -3.52 -16.97 5.01
C VAL A 81 -2.36 -16.05 4.76
N SER A 82 -2.14 -15.74 3.50
CA SER A 82 -1.19 -14.75 3.14
C SER A 82 -1.71 -13.41 3.67
N THR A 83 -0.83 -12.61 4.20
CA THR A 83 -1.19 -11.50 5.02
C THR A 83 -2.01 -10.43 4.30
N LEU A 84 -1.78 -10.30 3.04
CA LEU A 84 -2.47 -9.35 2.23
C LEU A 84 -3.74 -9.94 1.62
N THR A 85 -3.88 -11.24 1.72
CA THR A 85 -4.95 -11.94 1.06
C THR A 85 -6.05 -12.38 2.10
N TYR A 86 -6.41 -11.44 2.95
CA TYR A 86 -7.46 -11.62 3.96
C TYR A 86 -8.84 -11.96 3.36
N ALA A 87 -9.20 -11.38 2.22
CA ALA A 87 -10.50 -11.68 1.59
C ALA A 87 -10.57 -13.16 1.19
N GLU A 88 -9.44 -13.69 0.75
CA GLU A 88 -9.33 -15.11 0.42
C GLU A 88 -9.59 -15.93 1.70
N ALA A 89 -9.07 -15.45 2.81
CA ALA A 89 -9.27 -16.10 4.09
C ALA A 89 -10.74 -16.09 4.47
N VAL A 90 -11.40 -14.96 4.25
CA VAL A 90 -12.81 -14.78 4.57
C VAL A 90 -13.68 -15.80 3.83
N LYS A 91 -13.46 -15.93 2.53
CA LYS A 91 -14.27 -16.86 1.75
C LYS A 91 -13.99 -18.30 2.14
N LYS A 92 -12.73 -18.60 2.36
CA LYS A 92 -12.30 -19.94 2.68
C LYS A 92 -12.81 -20.38 4.04
N LEU A 93 -12.79 -19.47 5.01
CA LEU A 93 -13.34 -19.75 6.33
C LEU A 93 -14.83 -20.00 6.23
N THR A 94 -15.50 -19.23 5.37
CA THR A 94 -16.94 -19.37 5.16
C THR A 94 -17.28 -20.75 4.57
N ALA A 95 -16.54 -21.14 3.54
CA ALA A 95 -16.76 -22.41 2.88
C ALA A 95 -16.32 -23.60 3.75
N ALA A 96 -15.53 -23.33 4.78
CA ALA A 96 -15.05 -24.36 5.69
C ALA A 96 -16.07 -24.66 6.80
N GLY A 97 -17.24 -24.05 6.72
CA GLY A 97 -18.28 -24.37 7.68
C GLY A 97 -18.45 -23.29 8.70
N PHE A 98 -17.44 -23.12 9.55
CA PHE A 98 -17.44 -22.08 10.58
C PHE A 98 -17.80 -20.72 10.03
N GLY A 99 -16.99 -20.20 9.12
CA GLY A 99 -17.23 -18.90 8.53
C GLY A 99 -17.29 -17.78 9.55
N ARG A 100 -16.64 -18.00 10.65
CA ARG A 100 -16.64 -17.05 11.72
C ARG A 100 -15.31 -16.40 11.78
N PHE A 101 -15.30 -15.15 11.50
CA PHE A 101 -14.13 -14.38 11.42
C PHE A 101 -14.33 -13.04 12.08
N LYS A 102 -13.25 -12.51 12.57
CA LYS A 102 -13.24 -11.19 13.18
C LYS A 102 -11.96 -10.48 12.85
N GLN A 103 -12.11 -9.34 12.26
CA GLN A 103 -11.02 -8.49 11.89
C GLN A 103 -10.74 -7.49 12.99
N ALA A 104 -9.53 -7.46 13.44
CA ALA A 104 -9.11 -6.48 14.41
C ALA A 104 -8.00 -5.66 13.79
N ASN A 105 -7.91 -4.41 14.14
CA ASN A 105 -6.88 -3.54 13.59
C ASN A 105 -6.01 -2.98 14.68
N SER A 106 -4.72 -3.04 14.46
CA SER A 106 -3.76 -2.53 15.40
C SER A 106 -2.70 -1.73 14.66
N PRO A 107 -2.27 -0.58 15.22
CA PRO A 107 -1.21 0.21 14.61
C PRO A 107 0.13 -0.53 14.62
N SER A 108 0.74 -0.62 13.48
CA SER A 108 2.00 -1.30 13.32
C SER A 108 2.83 -0.62 12.23
N THR A 109 4.02 -1.14 12.00
CA THR A 109 4.95 -0.69 10.97
C THR A 109 4.27 -0.55 9.60
N PRO A 110 4.61 0.53 8.85
CA PRO A 110 4.02 0.84 7.54
C PRO A 110 4.07 -0.32 6.55
N GLU A 111 5.06 -1.17 6.69
CA GLU A 111 5.22 -2.29 5.81
C GLU A 111 4.17 -3.40 6.07
N LEU A 112 3.65 -3.45 7.29
CA LEU A 112 2.61 -4.44 7.63
C LEU A 112 1.23 -3.78 7.71
N VAL A 113 1.21 -2.46 7.58
CA VAL A 113 -0.04 -1.72 7.58
C VAL A 113 -0.92 -2.17 6.42
N GLY A 114 -2.14 -2.51 6.73
CA GLY A 114 -3.06 -2.92 5.73
C GLY A 114 -3.02 -4.42 5.50
N LYS A 115 -2.18 -5.14 6.24
CA LYS A 115 -2.11 -6.58 6.05
C LYS A 115 -2.19 -7.31 7.37
N VAL A 116 -2.48 -8.58 7.28
CA VAL A 116 -2.66 -9.44 8.41
C VAL A 116 -1.35 -9.63 9.19
N ILE A 117 -1.43 -9.50 10.47
CA ILE A 117 -0.28 -9.67 11.34
C ILE A 117 -0.34 -11.09 11.92
N GLY A 118 -1.52 -11.65 11.95
CA GLY A 118 -1.68 -12.99 12.42
C GLY A 118 -3.11 -13.33 12.72
N THR A 119 -3.34 -14.59 12.95
CA THR A 119 -4.59 -15.10 13.35
C THR A 119 -4.37 -15.71 14.73
N ASN A 120 -5.29 -15.50 15.65
CA ASN A 120 -5.13 -16.08 16.99
C ASN A 120 -5.18 -17.62 16.94
N PRO A 121 -6.24 -18.25 16.35
CA PRO A 121 -6.21 -19.68 16.12
C PRO A 121 -5.29 -19.93 14.93
N PRO A 122 -4.24 -20.73 15.10
CA PRO A 122 -3.26 -20.95 14.05
C PRO A 122 -3.88 -21.60 12.82
N ALA A 123 -3.45 -21.12 11.66
CA ALA A 123 -3.91 -21.60 10.34
C ALA A 123 -3.29 -22.96 10.00
N ASN A 124 -2.71 -23.53 10.99
CA ASN A 124 -2.04 -24.79 10.92
C ASN A 124 -2.83 -25.81 11.70
N GLN A 125 -3.89 -25.34 12.36
CA GLN A 125 -4.68 -26.18 13.22
C GLN A 125 -6.09 -26.34 12.72
N THR A 126 -6.78 -27.23 13.35
CA THR A 126 -8.14 -27.56 13.01
C THR A 126 -9.08 -26.81 13.96
N SER A 127 -10.14 -26.27 13.44
CA SER A 127 -11.10 -25.54 14.22
C SER A 127 -12.51 -26.07 14.02
N ALA A 128 -13.31 -25.96 15.06
CA ALA A 128 -14.69 -26.39 15.02
C ALA A 128 -15.53 -25.43 14.19
N ILE A 129 -16.68 -25.87 13.74
CA ILE A 129 -17.56 -25.04 12.93
C ILE A 129 -18.24 -23.93 13.78
N THR A 130 -18.20 -24.12 15.07
CA THR A 130 -18.75 -23.12 15.98
C THR A 130 -17.60 -22.18 16.49
N ASN A 131 -16.41 -22.38 15.95
CA ASN A 131 -15.22 -21.65 16.39
C ASN A 131 -15.07 -20.35 15.60
N VAL A 132 -14.73 -19.27 16.28
CA VAL A 132 -14.55 -17.98 15.64
C VAL A 132 -13.06 -17.64 15.50
N VAL A 133 -12.65 -17.33 14.31
CA VAL A 133 -11.28 -17.01 14.04
C VAL A 133 -11.09 -15.50 14.05
N ILE A 134 -10.25 -15.03 14.93
CA ILE A 134 -9.96 -13.62 15.02
C ILE A 134 -8.61 -13.34 14.35
N ILE A 135 -8.65 -12.44 13.40
CA ILE A 135 -7.52 -12.07 12.59
C ILE A 135 -7.23 -10.59 12.76
N ILE A 136 -5.99 -10.28 13.06
CA ILE A 136 -5.57 -8.93 13.26
C ILE A 136 -4.82 -8.42 12.02
N VAL A 137 -5.29 -7.31 11.48
CA VAL A 137 -4.70 -6.68 10.32
C VAL A 137 -4.10 -5.35 10.79
N GLY A 138 -2.95 -5.03 10.31
CA GLY A 138 -2.26 -3.84 10.73
C GLY A 138 -2.84 -2.58 10.15
N SER A 139 -2.65 -1.52 10.85
CA SER A 139 -3.05 -0.20 10.43
C SER A 139 -1.95 0.75 10.86
N GLY A 140 -1.87 1.91 10.30
CA GLY A 140 -0.82 2.82 10.68
C GLY A 140 -0.91 4.12 9.97
N PRO A 141 0.21 4.85 9.85
CA PRO A 141 0.24 6.14 9.18
C PRO A 141 0.60 6.03 7.70
N ALA A 142 0.38 7.10 6.98
CA ALA A 142 0.74 7.16 5.59
C ALA A 142 2.11 7.82 5.46
N THR A 143 3.10 7.01 5.30
CA THR A 143 4.44 7.46 5.13
C THR A 143 4.96 7.04 3.76
N LYS A 144 5.74 7.89 3.15
CA LYS A 144 6.37 7.61 1.88
C LYS A 144 7.73 8.23 1.85
N ASP A 145 8.59 7.68 1.07
CA ASP A 145 9.90 8.24 0.90
C ASP A 145 9.89 9.13 -0.31
N ILE A 146 10.50 10.27 -0.17
CA ILE A 146 10.51 11.26 -1.21
C ILE A 146 11.47 10.90 -2.35
N PRO A 147 11.04 11.10 -3.59
CA PRO A 147 11.88 10.89 -4.76
C PRO A 147 12.70 12.16 -5.09
N ASP A 148 13.34 12.17 -6.23
CA ASP A 148 14.09 13.34 -6.64
C ASP A 148 13.23 14.22 -7.53
N VAL A 149 13.06 15.44 -7.13
CA VAL A 149 12.23 16.38 -7.86
C VAL A 149 13.09 17.51 -8.46
N ALA A 150 14.39 17.33 -8.34
CA ALA A 150 15.32 18.31 -8.84
C ALA A 150 15.37 18.25 -10.34
N GLY A 151 15.07 19.33 -10.95
CA GLY A 151 15.08 19.40 -12.38
C GLY A 151 13.76 19.86 -12.88
N GLN A 152 12.77 19.77 -12.03
CA GLN A 152 11.46 20.20 -12.38
C GLN A 152 11.26 21.62 -11.90
N THR A 153 10.17 22.21 -12.30
CA THR A 153 9.88 23.57 -11.93
C THR A 153 9.16 23.54 -10.57
N VAL A 154 9.24 24.63 -9.82
CA VAL A 154 8.62 24.76 -8.50
C VAL A 154 7.12 24.43 -8.53
N ASP A 155 6.45 24.92 -9.55
CA ASP A 155 5.01 24.71 -9.75
C ASP A 155 4.69 23.22 -9.89
N VAL A 156 5.52 22.53 -10.64
CA VAL A 156 5.34 21.13 -10.87
C VAL A 156 5.72 20.34 -9.63
N ALA A 157 6.79 20.76 -9.00
CA ALA A 157 7.31 20.11 -7.82
C ALA A 157 6.27 20.11 -6.69
N GLN A 158 5.71 21.29 -6.41
CA GLN A 158 4.73 21.41 -5.33
C GLN A 158 3.48 20.59 -5.64
N LYS A 159 3.11 20.56 -6.93
CA LYS A 159 1.96 19.83 -7.40
C LYS A 159 2.14 18.34 -7.12
N ASN A 160 3.32 17.81 -7.43
CA ASN A 160 3.61 16.40 -7.24
C ASN A 160 3.53 16.03 -5.78
N LEU A 161 4.18 16.84 -4.94
CA LEU A 161 4.16 16.59 -3.50
C LEU A 161 2.74 16.65 -2.96
N ASN A 162 1.98 17.68 -3.38
CA ASN A 162 0.60 17.86 -2.90
C ASN A 162 -0.29 16.71 -3.31
N VAL A 163 -0.08 16.21 -4.51
CA VAL A 163 -0.83 15.07 -5.01
C VAL A 163 -0.52 13.81 -4.18
N TYR A 164 0.71 13.68 -3.70
CA TYR A 164 1.10 12.51 -2.90
C TYR A 164 0.63 12.62 -1.46
N GLY A 165 0.15 13.77 -1.07
CA GLY A 165 -0.33 13.95 0.28
C GLY A 165 0.48 14.96 1.03
N PHE A 166 1.68 15.19 0.55
CA PHE A 166 2.60 16.13 1.16
C PHE A 166 2.17 17.53 0.74
N THR A 167 1.21 18.04 1.43
CA THR A 167 0.59 19.28 1.10
C THR A 167 1.28 20.48 1.71
N LYS A 168 2.21 20.24 2.60
CA LYS A 168 2.89 21.31 3.26
C LYS A 168 4.29 21.44 2.75
N PHE A 169 4.56 22.54 2.12
CA PHE A 169 5.86 22.79 1.56
C PHE A 169 6.38 24.14 1.97
N SER A 170 7.66 24.27 1.93
CA SER A 170 8.35 25.51 2.15
C SER A 170 9.36 25.65 1.03
N GLN A 171 9.53 26.83 0.50
CA GLN A 171 10.47 27.00 -0.56
C GLN A 171 11.58 27.94 -0.12
N ALA A 172 12.76 27.60 -0.49
CA ALA A 172 13.89 28.43 -0.25
C ALA A 172 14.43 28.85 -1.59
N SER A 173 14.55 30.13 -1.79
CA SER A 173 15.05 30.63 -3.03
C SER A 173 16.55 30.74 -2.93
N VAL A 174 17.24 29.96 -3.69
CA VAL A 174 18.68 29.94 -3.65
C VAL A 174 19.23 30.30 -5.02
N ASP A 175 20.49 30.60 -5.08
CA ASP A 175 21.10 30.87 -6.34
C ASP A 175 21.92 29.70 -6.76
N SER A 176 21.83 29.35 -8.01
CA SER A 176 22.55 28.19 -8.51
C SER A 176 22.88 28.40 -10.00
N PRO A 177 23.55 27.43 -10.67
CA PRO A 177 23.70 27.48 -12.12
C PRO A 177 22.42 26.96 -12.81
N ARG A 178 21.50 26.45 -12.01
CA ARG A 178 20.23 25.96 -12.49
C ARG A 178 19.29 27.16 -12.63
N PRO A 179 18.50 27.24 -13.73
CA PRO A 179 17.63 28.40 -14.04
C PRO A 179 16.57 28.73 -12.96
N ALA A 180 16.09 29.96 -13.02
CA ALA A 180 15.12 30.49 -12.09
C ALA A 180 13.78 29.80 -12.25
N GLY A 181 13.41 29.08 -11.22
CA GLY A 181 12.16 28.39 -11.23
C GLY A 181 12.37 26.90 -11.15
N GLU A 182 13.57 26.47 -11.49
CA GLU A 182 13.93 25.09 -11.46
C GLU A 182 14.32 24.72 -10.04
N VAL A 183 13.83 23.61 -9.58
CA VAL A 183 14.11 23.15 -8.24
C VAL A 183 15.49 22.47 -8.23
N THR A 184 16.35 22.92 -7.33
CA THR A 184 17.68 22.33 -7.22
C THR A 184 17.60 21.03 -6.39
N GLY A 185 16.52 20.88 -5.64
CA GLY A 185 16.29 19.68 -4.89
C GLY A 185 15.54 19.94 -3.63
N THR A 186 15.61 19.01 -2.72
CA THR A 186 14.95 19.10 -1.44
C THR A 186 16.00 19.11 -0.34
N ASN A 187 15.63 19.59 0.83
CA ASN A 187 16.54 19.58 1.97
C ASN A 187 16.80 18.14 2.44
N PRO A 188 15.74 17.34 2.78
CA PRO A 188 15.95 15.94 3.05
C PRO A 188 16.27 15.21 1.73
N PRO A 189 17.29 14.34 1.72
CA PRO A 189 17.68 13.61 0.52
C PRO A 189 16.61 12.61 0.06
N ALA A 190 16.66 12.25 -1.22
CA ALA A 190 15.72 11.30 -1.78
C ALA A 190 15.89 9.95 -1.09
N GLY A 191 14.78 9.35 -0.75
CA GLY A 191 14.80 8.09 -0.04
C GLY A 191 14.38 8.25 1.41
N THR A 192 14.34 9.49 1.87
CA THR A 192 13.93 9.79 3.22
C THR A 192 12.42 9.53 3.36
N THR A 193 12.06 8.64 4.26
CA THR A 193 10.70 8.30 4.47
C THR A 193 10.09 9.26 5.48
N VAL A 194 9.05 9.94 5.09
CA VAL A 194 8.39 10.90 5.92
C VAL A 194 6.88 10.69 5.85
N PRO A 195 6.13 11.10 6.89
CA PRO A 195 4.68 11.03 6.86
C PRO A 195 4.13 12.10 5.95
N VAL A 196 2.99 11.84 5.33
CA VAL A 196 2.33 12.80 4.43
C VAL A 196 1.98 14.12 5.14
N ASP A 197 1.92 14.07 6.46
CA ASP A 197 1.62 15.20 7.31
C ASP A 197 2.83 16.10 7.54
N SER A 198 3.96 15.81 6.92
CA SER A 198 5.17 16.58 7.15
C SER A 198 5.27 17.80 6.21
N VAL A 199 6.29 18.61 6.43
CA VAL A 199 6.54 19.78 5.62
C VAL A 199 7.83 19.57 4.82
N ILE A 200 7.72 19.59 3.51
CA ILE A 200 8.87 19.39 2.64
C ILE A 200 9.41 20.73 2.17
N GLU A 201 10.70 20.91 2.28
CA GLU A 201 11.35 22.11 1.86
C GLU A 201 12.05 21.92 0.53
N LEU A 202 11.60 22.68 -0.44
CA LEU A 202 12.13 22.69 -1.79
C LEU A 202 13.08 23.87 -1.94
N GLN A 203 14.23 23.64 -2.48
CA GLN A 203 15.10 24.75 -2.80
C GLN A 203 14.96 25.05 -4.27
N VAL A 204 14.51 26.22 -4.57
CA VAL A 204 14.30 26.63 -5.92
C VAL A 204 15.42 27.55 -6.30
N SER A 205 16.01 27.32 -7.41
CA SER A 205 17.14 28.05 -7.82
C SER A 205 16.82 29.21 -8.75
N LYS A 206 17.75 30.13 -8.76
CA LYS A 206 17.85 31.13 -9.75
C LYS A 206 19.12 30.84 -10.47
N GLY A 207 19.15 31.15 -11.74
CA GLY A 207 20.30 30.90 -12.55
C GLY A 207 21.40 31.88 -12.27
N ASN A 208 21.01 33.04 -11.72
CA ASN A 208 21.88 34.22 -11.53
C ASN A 208 22.12 34.87 -12.83
N GLN A 209 21.39 34.44 -13.81
CA GLN A 209 21.56 34.93 -15.13
C GLN A 209 20.24 35.38 -15.67
N PHE A 210 20.27 36.45 -16.40
CA PHE A 210 19.09 37.02 -16.98
C PHE A 210 19.40 37.49 -18.38
N VAL A 211 18.38 37.55 -19.21
CA VAL A 211 18.52 37.97 -20.60
C VAL A 211 19.01 39.42 -20.70
N MET A 212 20.03 39.63 -21.49
CA MET A 212 20.58 40.95 -21.71
C MET A 212 19.95 41.55 -22.96
N PRO A 213 19.39 42.76 -22.84
CA PRO A 213 18.83 43.49 -23.98
C PRO A 213 19.90 43.87 -25.02
N ASP A 214 19.45 44.34 -26.17
CA ASP A 214 20.32 44.73 -27.25
C ASP A 214 21.01 46.05 -26.96
N LEU A 215 22.30 46.09 -27.20
CA LEU A 215 23.13 47.26 -26.93
C LEU A 215 24.10 47.44 -28.11
N SER A 216 23.69 47.00 -29.26
CA SER A 216 24.55 47.02 -30.42
C SER A 216 24.63 48.43 -31.02
N GLY A 217 25.86 48.87 -31.26
CA GLY A 217 26.09 50.15 -31.90
C GLY A 217 25.67 51.32 -31.04
N MET A 218 25.90 51.22 -29.76
CA MET A 218 25.53 52.27 -28.85
C MET A 218 26.75 53.10 -28.55
N PHE A 219 26.54 54.22 -27.93
CA PHE A 219 27.59 55.12 -27.61
C PHE A 219 27.88 55.07 -26.13
N TRP A 220 29.12 55.31 -25.78
CA TRP A 220 29.60 55.28 -24.40
C TRP A 220 28.89 56.35 -23.57
N VAL A 221 28.40 57.40 -24.25
CA VAL A 221 27.69 58.51 -23.62
C VAL A 221 26.32 58.03 -23.10
N ASP A 222 25.83 56.94 -23.66
CA ASP A 222 24.58 56.36 -23.19
C ASP A 222 24.88 55.17 -22.32
N ALA A 223 25.99 54.52 -22.60
CA ALA A 223 26.44 53.36 -21.87
C ALA A 223 26.70 53.66 -20.42
N GLU A 224 27.47 54.72 -20.14
CA GLU A 224 27.78 55.09 -18.75
C GLU A 224 26.54 55.27 -17.86
N PRO A 225 25.52 56.12 -18.25
CA PRO A 225 24.28 56.27 -17.48
C PRO A 225 23.60 54.93 -17.23
N ARG A 226 23.51 54.11 -18.25
CA ARG A 226 22.87 52.81 -18.14
C ARG A 226 23.64 51.91 -17.17
N LEU A 227 24.96 51.96 -17.27
CA LEU A 227 25.84 51.11 -16.50
C LEU A 227 25.69 51.43 -15.01
N ARG A 228 25.76 52.70 -14.70
CA ARG A 228 25.61 53.14 -13.33
C ARG A 228 24.20 52.92 -12.79
N ALA A 229 23.20 53.12 -13.63
CA ALA A 229 21.80 52.98 -13.23
C ALA A 229 21.40 51.53 -12.98
N LEU A 230 21.89 50.61 -13.79
CA LEU A 230 21.54 49.20 -13.59
C LEU A 230 22.41 48.52 -12.56
N GLY A 231 23.36 49.28 -12.03
CA GLY A 231 24.23 48.78 -11.01
C GLY A 231 25.13 47.70 -11.51
N TRP A 232 25.76 47.95 -12.63
CA TRP A 232 26.67 46.98 -13.21
C TRP A 232 27.87 46.78 -12.28
N THR A 233 28.14 45.55 -11.94
CA THR A 233 29.19 45.21 -11.02
C THR A 233 30.16 44.19 -11.69
N GLY A 234 30.18 44.21 -13.02
CA GLY A 234 30.97 43.23 -13.76
C GLY A 234 32.36 43.71 -14.09
N MET A 235 33.04 42.95 -14.93
CA MET A 235 34.40 43.25 -15.33
C MET A 235 34.41 43.94 -16.67
N LEU A 236 35.04 45.07 -16.73
CA LEU A 236 35.17 45.80 -17.97
C LEU A 236 36.52 45.47 -18.58
N ASP A 237 36.50 44.62 -19.56
CA ASP A 237 37.73 44.22 -20.19
C ASP A 237 37.99 45.04 -21.44
N LYS A 238 38.86 46.01 -21.30
CA LYS A 238 39.24 46.87 -22.38
C LYS A 238 40.62 46.43 -22.84
N GLY A 239 40.69 45.94 -24.05
CA GLY A 239 41.96 45.55 -24.60
C GLY A 239 42.76 46.75 -25.03
N ALA A 240 42.57 47.18 -26.24
CA ALA A 240 43.31 48.32 -26.74
C ALA A 240 42.37 49.37 -27.27
N ASP A 241 42.82 50.59 -27.27
CA ASP A 241 42.06 51.67 -27.88
C ASP A 241 42.31 51.65 -29.37
N VAL A 242 41.29 51.91 -30.11
CA VAL A 242 41.39 51.86 -31.56
C VAL A 242 40.95 53.20 -32.12
N ASP A 243 41.84 53.89 -32.75
CA ASP A 243 41.47 55.13 -33.34
C ASP A 243 40.98 54.84 -34.75
N ALA A 244 39.70 54.94 -34.96
CA ALA A 244 39.14 54.66 -36.26
C ALA A 244 38.29 55.82 -36.74
N GLY A 245 38.34 56.92 -36.04
CA GLY A 245 37.59 58.08 -36.44
C GLY A 245 36.77 58.63 -35.31
N GLY A 246 36.22 59.80 -35.52
CA GLY A 246 35.44 60.50 -34.50
C GLY A 246 34.27 59.68 -33.99
N SER A 247 33.53 59.10 -34.91
CA SER A 247 32.36 58.31 -34.60
C SER A 247 32.76 57.05 -33.83
N GLN A 248 33.96 56.57 -34.10
CA GLN A 248 34.43 55.32 -33.55
C GLN A 248 35.07 55.48 -32.19
N HIS A 249 35.15 56.71 -31.70
CA HIS A 249 35.70 56.97 -30.38
C HIS A 249 34.84 56.32 -29.30
N ASN A 250 33.68 56.86 -29.08
CA ASN A 250 32.81 56.43 -27.99
C ASN A 250 31.80 55.42 -28.48
N ARG A 251 32.17 54.65 -29.44
CA ARG A 251 31.27 53.67 -30.02
C ARG A 251 31.64 52.30 -29.57
N VAL A 252 30.64 51.48 -29.28
CA VAL A 252 30.88 50.10 -28.94
C VAL A 252 31.25 49.38 -30.23
N VAL A 253 32.23 48.51 -30.16
CA VAL A 253 32.73 47.88 -31.36
C VAL A 253 32.03 46.56 -31.55
N TYR A 254 32.04 45.79 -30.53
CA TYR A 254 31.45 44.50 -30.54
C TYR A 254 30.89 44.23 -29.18
N GLN A 255 29.95 43.37 -29.12
CA GLN A 255 29.46 42.88 -27.88
C GLN A 255 29.65 41.39 -27.90
N ASN A 256 30.38 40.92 -26.94
CA ASN A 256 30.71 39.50 -26.84
C ASN A 256 29.45 38.61 -26.73
N PRO A 257 28.51 38.86 -25.78
CA PRO A 257 27.27 38.14 -25.75
C PRO A 257 26.24 38.83 -26.65
N PRO A 258 25.67 38.13 -27.64
CA PRO A 258 24.65 38.69 -28.52
C PRO A 258 23.38 39.05 -27.75
N ALA A 259 22.61 39.96 -28.27
CA ALA A 259 21.36 40.39 -27.66
C ALA A 259 20.42 39.20 -27.53
N GLY A 260 19.92 38.99 -26.34
CA GLY A 260 19.06 37.85 -26.10
C GLY A 260 19.77 36.76 -25.32
N THR A 261 21.06 36.94 -25.13
CA THR A 261 21.86 36.00 -24.37
C THR A 261 21.82 36.42 -22.91
N GLY A 262 22.07 35.50 -22.03
CA GLY A 262 21.99 35.80 -20.63
C GLY A 262 23.31 36.26 -20.06
N VAL A 263 23.24 37.19 -19.14
CA VAL A 263 24.39 37.66 -18.40
C VAL A 263 24.23 37.31 -16.93
N ASN A 264 25.31 36.93 -16.30
CA ASN A 264 25.35 36.50 -14.90
C ASN A 264 25.12 37.65 -13.91
N ARG A 265 25.15 37.33 -12.61
CA ARG A 265 24.95 38.28 -11.54
C ARG A 265 26.05 39.32 -11.57
N ASP A 266 27.23 38.87 -11.94
CA ASP A 266 28.36 39.77 -12.13
C ASP A 266 28.04 40.70 -13.28
N GLY A 267 27.42 40.18 -14.33
CA GLY A 267 27.02 41.00 -15.41
C GLY A 267 28.08 41.16 -16.43
N ILE A 268 29.02 40.23 -16.46
CA ILE A 268 30.20 40.44 -17.28
C ILE A 268 29.82 40.38 -18.77
N ILE A 269 30.05 41.49 -19.42
CA ILE A 269 29.78 41.67 -20.81
C ILE A 269 31.05 42.24 -21.42
N THR A 270 31.51 41.68 -22.50
CA THR A 270 32.71 42.18 -23.08
C THR A 270 32.36 43.05 -24.28
N LEU A 271 32.73 44.29 -24.17
CA LEU A 271 32.54 45.31 -25.16
C LEU A 271 33.78 46.11 -25.18
N ARG A 272 34.09 46.65 -26.28
CA ARG A 272 35.22 47.50 -26.38
C ARG A 272 34.75 48.67 -27.14
N PHE A 273 35.34 49.78 -26.91
CA PHE A 273 35.02 50.97 -27.61
C PHE A 273 36.28 51.43 -28.29
N GLY A 274 36.16 52.33 -29.21
CA GLY A 274 37.27 52.75 -30.02
C GLY A 274 38.30 53.57 -29.26
N GLN A 275 38.34 54.83 -29.56
CA GLN A 275 39.28 55.72 -28.93
C GLN A 275 38.63 56.37 -27.70
#